data_8XKS
#
_entry.id   8XKS
#
loop_
_entity.id
_entity.type
_entity.pdbx_description
1 polymer Ctap1
2 polymer Fhl2
3 polymer '4Fe-4S ferredoxin-type domain-containing protein'
4 polymer 'AAA+ ATPase domain-containing protein'
5 polymer 'Uncharacterized 341.7 kDa protein in psbD-psbC intergenic region'
6 polymer 'AAA+ ATPase domain-containing protein'
7 polymer 'Flagellar associated protein'
8 polymer Tic22
9 polymer FaxL
10 polymer 'Fatty acid desaturase domain-containing protein'
11 polymer Moc25
12 polymer Moc29
13 polymer Moc34
14 polymer Moc45
15 polymer PcyA1
16 polymer ADP-ribosylglycohydrolase
17 polymer 'Acyl carrier protein'
18 polymer Moc13
19 polymer Moc31
20 non-polymer 'ZINC ION'
21 non-polymer 'DIACYL GLYCEROL'
22 non-polymer 'DIGALACTOSYL DIACYL GLYCEROL (DGDG)'
23 non-polymer 1,2-DISTEAROYL-MONOGALACTOSYL-DIGLYCERIDE
24 non-polymer 'ARACHIDONIC ACID'
25 non-polymer 1,2-DI-O-ACYL-3-O-[6-DEOXY-6-SULFO-ALPHA-D-GLUCOPYRANOSYL]-SN-GLYCEROL
#
loop_
_entity_poly.entity_id
_entity_poly.type
_entity_poly.pdbx_seq_one_letter_code
_entity_poly.pdbx_strand_id
1 'polypeptide(L)'
;MRSAELGRPPRLAQSRLRNVSSHHVTNSCLWLRPPGCRRLVASCAASKESSSASLTAERFITDAKELNATGSGLPIIDGP
DWEEQHWAALKAMSAGRPVALPTPHAKFGPEDLQRIAASGPRLEDLTLEHAERLAGPGQLPTAPDGVALAFRYIPRSVLG
DFRQEVEPDWRSLPAMSPAELYAGLRARNWTSAHYDPAAEPWRLQVFSCDYKHTGVTGWPGYRVVVTSRGGRRRWVDLAE
EGELVQLTEQAPPASPADIGYSHVFAQLYQAYEPRYSPEALAALYGSSSSKGKAAAAAAAQHDTPALRHLDVSYHGTGSA
VAPGSGTAFLMQPSWDAVTGAIRWGLERSGLPELRALRDSLLPEWRPPALELNRSNNNLGVVYFAVCLTLGIVIPALRRS
RILDIRTLEEDPGAAMEFARSKSEARKEGLTGVEFRDVAGLGPILNEVVEVVEFLKDPGTFSKLGARPPKGILLEGDPGT
GKTLLAKALAGEAMVPFYQMSGTEFTEGIVGLGAARVRDLFKRARATAPCVIFVDEIDALGLRRAENDSAKTNEEREQTL
NQLLTEMDGFTPDTGVVFLGATNRADLLDPALMRPGRFDRKIRMPKPDTEGRLEILKLHLRNKQVAPDVDLLQLARDLPG
LVGADLANIVNEAAMTAVRSGRQQLTARDIYAGVDRFTQGEVRPSLPTAHKLPVLCFAAKEIGIALVAGELRDRYGRVEL
VERVSIQPKGRAYSRTMFQRGTDEEYQLMTRGRLLDRIRLALAGGFAVRTALGEETNFTAADIKRATRMAKKYVFYYGFS
EAGGAGITTWANQPYSGDFVIGQQRARKVVSTDAMDAFADWPTVSEDFRFDAPSPSDVTWHRYTDEVRRVLKGCSEDVLG
ILAERQEAMWAGIKALSDRKELLGSELRDIFDAHPAATSRDRDARAELAAAKLDMTIFTEGANSRWPYGIEWLDDAYPKP
YWVQQQEAEAAEAQAKQPAAAL
;
A
2 'polypeptide(L)'
;MKATGLPSLPARALGAAGCSTSPRPAALGWSSRGCASGRRRACARVHVADAEAVASGVAATEAAAAVPALPARATAVVAP
LPEKNYGSLRGGRWPFLYDNVYGLPVVRQVASYGEVLEGIRTGRISQVLWFQAPRAVTASAAAPPPGLGGPQQPQPPPLA
SPDGRCLVRFANGQVKQAVIPPGEPRISQALQQYGTAVSYIPLEPRYMPELAAMRARGAQEAVLGEVDTGAVATPVELPE
DERRGAAVGPTAFEAVAAYGSPEQLAAALDDNYQAAAGQVAALLAEREAWVAEQEALEAAARAERSMSDRAGGGGGGGGT
ALVPSGGFSVGAWLDSIQLTNEQQAMVLKYVPILGPILGSGFIIGLYLLARLVKGDLTDRLKMMDSEADKKKKTALKEAR
IAFLEEEVPGLVAKGASLDDVRKRVQPVNARLGTKLAIGDGEIQSTYEACRLLLSEGVDLSAASSTAASGALAQMESDER
RAAAGAAEGGGEGGDAMNAMMEMGKLNTARIRKATDPKIMDVKKRVRDVRRKLKRESKVQLSDEIIFFDDIAGNKQAKVE
LMEVVDFFRTPEKFKASGARAPKGVLLVGPPGNGKTLMARAVAGESGVAFISSSAAEFIEMYMGLGAARVRDLFNTARSV
APCIIFIDELDAVGRQRQGGGRSNDERDNTVNQLLTEMDGFEAEQQGIVVMGATNRKDVLDAALTRPGRFDRSIEVRRPD
FQGRLEAVKVHLRDKPVAAEIDYVSLASLMGGMSGAQIAGVANTACFLASRDGRSEVNQTDLTLAVEQAKYGRAYDQSRF
VGAGRKKRFAVMEASIALAATLLPAIEPVEYATIIPSTRSPLGRTVLKPHVGRYTTGVWTYRYLREQLLVALAGRAGEEL
VLGRDELSSLNQHRLQMARQVAWKIMNSGMSSHPDYQHLRGLGSNYFDGSSEPGRFQQTTVVMDANQTRSEAVDADMEVE
GLLNGGYKQVFELLVRNRAALDALTELLLEREKISGEEVVQVVEELGHPEDLARRAQWAGYELL
;
B
3 'polypeptide(L)'
;MGQFYSREFDGDPYVDLMRSLPERELVWWAQKVIWLAEGFTFVDHFARTYPRLLQHKCQRCKGAGVMTCPACLGDARVSG
GARRRAALAGLGGVAEGRSAHDHDHEAGADGGCRVCGTACAWDAESEWMERWGEWESRLAYYDKATGPLMDEWYEDVLNA
GNLEEDTPPVEDDPPGPEVTGRWAEHDRALHKDKKRMAALMRRWGHPYDADANLGYQIVDPTASMGENVWNMAQVYNSLP
PELNPLRTQHLADRGGGNTQAAVEAARSAFDAQVVMEAALLQNLEAAAQDLPKPHRLPPTAGTVACNECGGAAWGYSFFP
NTAVMFGLERPFWGDTLARLSKYWNPTQVADPARTGQLLPYGEGGLRRLLAAGGGGEDEEGGALEAVVGKAPATTGRYRR
DLELLLAHPELRDGALRVPGGWGPEGGLQTYLRGQQEEQARMQRRRDLAAEASPLELAPAGK
;
C
4 'polypeptide(L)'
;MHAQRPAGPPCSSAPSTSYPVAPSPVSSRSRGLHARRGVAEQRSLGCRSTGSSDQHSNTNDGASGPSRPEQGPELDWSGL
PRRQLAAMAMSPFAALSLPLVNDPAWQQSFETYGGKLREVLLGQQEAAKNVAKQLDEGVTYMDWTYRSTGVDLSAVWDPE
LWIRFREAVAQNEPAIFWNKLLDRVQYKENLPQAGLVGDMRISYAKFLELLKDQRVKRLVVYGDMRTAVVEVPHPWSASV
LGHPATHPFYEDSAHNRVSMLRPNPAAPEDVTQWFCAEMPEWDMEKYRFYVDLPGDFWESGVLQRHLAAQRAEGAVWDPA
SGQYILPYRAQKKVFQVSTEVQLLDPQESWDFLGWLLAPGRLEFYEKAACVAIALRVLGIVIAISTGSPLFKLVNVGWGK
LRGKGKKNATKDPKKMSKQEKKESQWERLTSSRAREFMTKDEKTGKMRDTGVRFEDIAGMEFLVTEMREIVRMLKGDEAY
KRVGAKCPKGIIFQGPPGTGKTYLARAIAGEAEVPFFSSVGSEFVEMFAGVAAARVNSLFYNARKKAPAIIFIDEIDAIG
RARSTLGGDPGSMERESALLAMLVQMDGIANKTEQVLTIGATNLAQELDAALLRPGRFEVVYEVPQPGPSARMAILRYHA
KGKPLEGDGQRLLLKTAEATQGWSAAALANLMNEAAILTVRRNVPAISLPMVLELVEGLNWGEQAPRIPDSEAKDRLALI
TAAKAVAFALTPGLEPIKSVTMWSGRRGLGPSVDFIAMEDKAAMDMHPEETELMGWRTNFKTNAAVVGDEPLGEFAHVAG
LLVPLYAGRAAEVALFGKDGASLATAQPLADCFEIAYYCVRNSQVHPRFKSLPPLHTTMWLGRDDAGRWRRDPLAIGFDE
ELGYHKLTLTLLKASWRRALRLVAQRRSAITKVAAEMLAAPEEKITGARLVEIIESTPLDDLGGEGLDGAAAAAVVEEAG
NEFLPLLKEVLGQVPGIILTGESLAQTDDQGRPLPPSSASTSSADAAASDAAASAGPATELRLDDATLAAVSRTLMGRLD
VVDLIGRNTAVEAAERVRDALLHPETRERLLAMRRWVEGGPGAPEFPPSPLSPEQTAAMSPSGPLYGNLALNLDWWRRRQ
DNVISWSAMEILMSRRQVDLYKQDADMTEGAIAKLGTPPAAPAAAIGSSSKSSSGQSS
;
D
5 'polypeptide(L)'
;MTFLNHYTYLFSIPEKQADKVSGILRLAQARPIETLQNERINKQLNAFLKTYKFEKLITNYKKMQSFIPNNSLNGNKTNS
STNKLYATSLNVFPENPPLMVRKAVSDEADKFSKFTYSKVQVVTNNLNNGMNSKEFIKANNLKPSLRAAESLVLNHLTYN
KFKENLYFKTNNIQPTKSKSTSLFFLNILSNSKPRTCSDFLSSPKIRKTWFRNTAWSLQTQQHRSSNGINLSLQLPYALG
PSVPAGASGQNMYELPVAQSSSRFGTYYFLQKLLSKYLDVWNASADNGSVLSNSENIKLNFSMVSLLDSKMAIQTPNSLY
FVFTQLNQKTFLSYWLLPVAGLALLTPTLLTLTGQSVSVQKFNSFINKKTDMMVLSNTEMPSKSFGTPTLFGTSVEIYLP
NSYMPKGEGESGINRVNSSINAVKKNTVTANLVLDSESQEVATSFQNDLISIKYCFNNLYNYISNKTALSTKNLFLFSAI
KSNATKHKRTQSFFSVENTTTLGNNSNFVKGHFKSSINAFSSYLPSTNVHSMIPLTSLPYLKAISPLYSKFMIDHSLKFI
TPKTTLKLLQHKLNKSPKQMYTKTQNFTGLRDLRALNSFSFGQVNFRTNHFLHSNSRPLNHYNQALKLINGYEQYKNNLQ
INCNKTLDLNTKNKLVYQVHKSHLFNQKCSQIVYKQSLYNRDLCTIRGTGTKVVDYFSHGDKLSNKNGIVLDYFVYSNLL
FDNKTNTIINKDGKQNITKLKLNLTKTTVPFKTLIKKYTSINSLVANEQTRNNLNLGLIHFNGHLSVVSNANLLTGRPVK
FIYYKFDKRLNSYLIYVNQNLKKFIQLNNNFLKPKPLSHQKNKPVEDFNQYATNNSSPPKTNVFEKSFVEDSSLRKPLTS
LRGSKQFLNSLTILFKHQKMFKKKTLKAHKWHSDTQGIFRKHTNSSFGSANFSNGPEESSLSTRLHIQKKRKAKKQRLET
RRQKKRTRFFPRPVWLRSRMFLNFLTERNKYYLNSTITKQGFSLPSKDVVTTKLDWLKEDMRPSSLGAYQYKSLLTQKAG
NKFQRQSFTEVVSTMEYINGIHKALNNSIFNKIVRKSLLSSSQNPLKLRLVANYSKMQFMHRVKLPFYRTLKHSEGTKNL
ANKKQNLRDIKIKANYNNFKSQKANNQPQQNDKDKDKDTMFRDFWVWSYNNTQTNAFNQNLWWLLPNLTTKQSNLEFLTS
TYPTAKETQRAKEEIHGNSIPTASKNQIALIRLNWALNKTNINTFTDYSKRNNLWTTQKLRNQSKNNKTKSLEKQFITNW
EKFFLNKNLNIFSKKIISKVKQKKQKLNYMTSYLNVQSEHNVKIFHNSWWTHLNIKNLVNNQDMVIPVREGYFSVGNFNS
EFINSAIIKSINNKTLVENYVYSPSSEKETMQLLLMSSSILLHLCAIISLVSISQVRCFVKFHLILLYKLSNVYNAILNQ
LSNKLQKNLPIYNNINKLNSRYFYMNHQKSQIKQRKKLLTYFSLTLLKKQFVTVKPLQIRNFASIKNQSSNNSNLTYTDM
LPLSLRANKFRGSKYDISIREEEGQSAHIKPSKSMYAKLNILSLKTIFLKQLLMNKKPSALPSNVGLKSNRETQKSQLIQ
RIKTKELQISLKKNIIGFSKVTKNHILKILFNVIEVFQTAVRNISSFFEKPAEFTTTWIAYGFLVEWSSDFITIIPENVD
IYIWNVFSKIYRTIPLSFISTTLGPASTVFDPVTNSTIPIQMGNFNYQKMVAFPILLSLSHLLHRRILYLFDTLFSTITQ
PDTDLIARQEKGTLFWDIWADFLVTAADYYNVNVAALSTIKAEQNSLIENISNDFDNLTMSSKKPFFMPNKGVSNIKNIF
WIKKLKEPQLPESIVQNREVFVRERKRTLKGLFNIYAPQEETLWNNPTSPKNLSDEKISFKLFNQLNLQLFAEKNKIKPY
FEAYFSTTQQKTNIMQSAFPEANLNRWSVNQFITYQSWHSHNGSNNSNGDLFIDYHPPKTFSHIPALKYNSILQQPIGSL
VCQIYSGLFNKQISKNILLVNPKTTSNNLVDYNVLLIQALAGETEMKIITDNAQRYALVNRGFAIGIKLLREVFDAIALN
TPCIFLLEDIHAIGERRPMLISDFGGGMSDDNGSFKEDFFGSQRDEVHEKNQVVYQLTRHAITHYKKPFKGDYSLAIPTN
LYVTDLFLKLPTQSISNLTNVENHNLSIKNKIQHNGTQSLTETKRNLGGDINKNSYLQLTQFTKTLAPPSTSPFSVLLLK
EEKRLKPNKIVEELPWTSLPGEQLATKPRTSYSVRAKVAMLAELSLSNLSAKLDMITDLLVIIDSVRSNKGFVVFATTDI
PHVLDPALRRPGRLDETICLPNIHTSNILNFTKNYEIFKSAKDTSNFGKKIILNEMQNLTTTSTQRDMYLSCLPTNNQTH
KTKREGVLTMNLKDYNILLNQVYFAEGTGGILNSQMHKDSLQKSLNFALISHSKKLKELNVSKLIGSNGTVSQGNVDQLG
VFAGQIVNKQKKSLQQHLPNSKKSFKKKYKDKAIIYYEVGKFVLNYFLNNQLTQSSIIDKPVSVTNKQTNDITIFGNDFL
NLKTINYLSLYNSKNKILLQLMLIFGGKISQLLSSKNLVKSLKQASINSYMVEEESGSISSAGMPLGQTHLLPKALSVLA
KPMIFSDGYNNQNLKTATTLLLSFIHKRYLYRKNLIVPKLLSFADGNILDEPPSPPFSSLLIPAKRFENYKRFFRDTLTG
DKMGQRKSQITLLEKLQYHMQLRSIKQLNATFSSQENLDFQSNAALTSQKLDTLMSLSTNNLLQNPTNINWYYQNRILKR
HGQYLTNQWWNGQLSEHNAETVFLSDIDWRSSFIKNKNINITKSKNLYRLTQQKNNTDGLDVLLDFPDTDQYYNPKRRRW
LLNNGSWNFWFNFDKLYSEEIVTTWILESLIQTYKYLHKNTELLDFVTNKFITLGYIAPENANLQNISGFPSQSELLSTK
EIILTNSFKRF
;
E
6 'polypeptide(L)'
;MQRRWSRAANVRTLATSRGEQPQDSGPSTSGRAELPLDSGIGKLISTTAKAIGLVGLMAVAVLSGPTRAAHARDRLSAQP
AAEALIHHQQPYQQPHHHQQQHRSAGAVANPVLSDLAAAPATLEPATLEPATSTTSALTPVEAAYSAYLRRIAEAYLAEH
PQMAAPEHAAHVARVVRSRALGTPLSFDELMRSAVPAPGEVPNRNSRGQVAEQVRAILDQYDREDFDLGIKQFMLEAKVK
AKLEAASRGTSRDRAAPKDYEEALAAELFAAEEGAAPKEKAKTEDMVDDAFTTEVVEEAMALFGDANSVKTAWRTQEVLR
ELSYTQLWALVGEGHVARVRFYGPEKNKVMATTRASAPGGERLCKVVLPPDPELLDHLVSNGVVVDTGVTEDDRLRASLL
VQMLRYTVPFMVISGLFWMIHTWILDPLPNKFRRQEFIRYRREMLHVASKLNFRTPAREVRIDTGSPDFIKWDDINGIDE
VKKEINEIIEYLRNPALLRSRGVARIGGVLLAGAPGTGKTLLAKAIAAEGGVRMFTCSGTDFYDVYSGVGARRVRETFDR
LRNAAPAILFIDEFDAMGAARGAQASGDESASIINELLVQMDGFEDNRGIVVLGATNRPGAIDSALIRPGRFDRIIYMPL
PDALGRAKIMQVHARNKAVDPNINWYEVARAMAGFTGADVMGLMARAARMAARQGRHAITEDDIYAAMENKTMEATLEAS
TAGDGGGLVGGEGVEGSPDPIPPQLRRAVSVYEAGKALLAYITPDYEEIARVSVCPLNVLTGFTLFVEDEDKNVNAILTR
SELEGRMVVHLAGRCAEKLVMGEGQMTGMGSPDLFHANLIAREMIMSMGMGRRTGPIDLLRVAATSEAASGADTLRAGPA
AADGDPFYYHTTDMSTEQARVALAEVVELLDAAEAKAMYGLAINWRALQALTQALLDRGTITGKEVAHILESNGVIHFPD
PYTTGFGWDPDGSLRYPFKPDTPPEGGSGGGGAAAEGSAPQTPDLSGARGKTWFAGTAYDAPRNADGTFKHGWHWNMPFS
VKTELPDWYKKEVERYSY
;
F,G
7 'polypeptide(L)'
;MATTSAPTSEPWTFDLVGQLRQKFGLGPENWDRFKGQAAEVPGADVPPSGAHVTLKDLSRPAESLPARADEAAVQAALAD
DGGWVGTPDPSKYAAGTTQLSARELQEEVAKGNVMTWKDFKQQVSGLQGPEREALLALVAQRVAAERMFFTLEDGSKVSL
WDLQQYVDNNPELAALAASVRRIAVADPEDPAGRPLPGGGASGLDRSRGLTGAAHMSGQEAEELELDWGQVGRGALWRRR
PTRWLLGGLDGVKDWELEAYAHEPLANQLLGAKYGGRDPRAVVADPAYAADVLRAGPLLGMTFVLRAARDLPLQEVASSW
RGLLGNYLQRQAPLSLPKAVRPAHLDPTDLNGVAWPALLSRPAAAAHAAAEAEAAGAVPDDEMGVAWRVQSGKEAAASVA
AAQQLLQSLPDALCPGPSPAAWPLTGTKLVDEGGRNWRRGGSVWVTLQPEGGVLVQAQTGGVVGEQESYLLTHVQGQEAL
AGAVMSAFMGPQPLDPELAAAARSVLLVPANGFTAANKERDPNHPLYPSFTGVRPGRAPRDVAAYTLAGGRTPLLAAGGP
GEAKLASELRTVMEAALAAAARAEAEALADAATSPSSTSSRAAPAAALAEAEAAEARRARGRAAAAAVMAEGLRRLGPDA
VAMLERTAAEAEAPQGGGAVVVAGAGSASGEKGVGLTSSDIFSLARTLEQE
;
H
8 'polypeptide(L)'
;MREGVTRWLERTPLAQIIRNAQEGVATQQRQRDQGPWAPMLASIAMSGAGPRPQPVMDLAMAKDEVKARLAPVPVYTVAN
PKNEFVLVAGENNTQLGFFFFRKEDAEALIEKIREENPRLARDSKILRVPMDNVYEVFTTPREQTGLQGIHFRFMPDMKQ
VAHALQLYKDAGVPTRQFIGVPVFQAEGLTVTTRDMQYVPLFLCKEDLDIAVQSAYVQRNAAQIKLYKDKADKYQADYDQ
IASQLEAAANGRERGGLESRLAKARVKLEAARDKVESVERAPLPKVEVGSFEEVVMRMTASAGNELAAWSQVMFVAPELL
RDSAGAGGKK
;
I
9 'polypeptide(L)'
;MSPGALYQLAPEQLRASSRRSAAATIFRRDRIRLLRCSAAAQPGEPGEAAGPSTSGSDNSNWWASINRKTGIRGPDPAPA
EEHTNGPARDIIGDRMSRRLEDINKAERQRVWDAMRVAAAHRYAAGQMPAWFDPEWLQQEEAPLNAMDRMRGEQRRIDEQ
QQQGEASSSDKLAMEGGGGDSGAGAGGWSGGGGGGGWWREDDPYWPLRDWGDHPMRWWTLAFAAIMAAGGLATSVATGYV
EPVQAGLGAGSLLALAGAAMSDARCVPGALGVKLAWAVCALIVLKEVSVGWQHKRKRRLAASAPRLELTGLAAAALCAGY
MLTDMSGLGEVALPPNPGAVFKSPDVAYRASVWQKWGYGQVQMRV
;
J
10 'polypeptide(L)'
;MNTTRQMAASTSCSSFTSLVAPGTRLRTTVRAPAMQLRNGQRESGAAGTAASASSSSCWRLAATALGQAQLHSGARVSCM
GGVIRSPAVLLRAGVPTRLPQSAHASPLAAVQPVTSTSGSVGELGAASRRTSSGAACSSSSSGSRSAVCTSGPVRGLGRP
LPSAGLRRRRGASPIAAVGTPAVGSGSGVADSGANGSTGSGNGADAAAAATAAAAPSNHHPPGSSNGDNGSSAAASASTS
SATAASASDPAPEPEPAAASTSLDGLPETQKYVYADEWGFSRVGADFPPGSHPSLFSQLLPQALFAFDARAAVAAVAVPL
AAMAAGYGWLWYMHSIAPVWQQALCAALIGTGYAGLFKVAHECAMMRFIPQMPGLQAALGTLLMAPALYSLPSWRLHHLH
HLLHTNMLWQDVWGWHPLTKVELADEMVRSGGSGGAAMAAARLVLTTPIKLFASVGHWLRSWDGLDLRHFHPASYVEVLS
GWAAPLAFAGLVLPAVVSAGGLSGFVSCYLAPWLVFHFWLSVLSLTAHTAPHIPWRAEGDGWDAGRAAVAGTVTLRLPRP
LEVLLNNANYMLPQAVAPGLPMWSAPAAYAVLAARLGPYLTEASMSLKLLTNHVTRWQIYDEEAHTYRPMEEVVDEIEAD
LQQLAAAAQQAQQQLAAQDQEARAQQVEGREEGSGGGVPAVA
;
K
11 'polypeptide(L)'
;MRPCPAVHRRVPPGPVAGHKQLLPLQRSCRGAPLVCRTAAPMAPSWAETRSAAASAPILEPDMLPSTSAPFISPMTPYVP
EEEPTRTPPSIKDTGTLRPASEWYPQWMQYRRREDNYVFWQDKFMRCSTDIPWAEKRWTLFSTVWYLVQQLRFVGTPPAL
RYVAFLGWRALMFQVYAAHKALVLWQCKLDAGLARIGSGGATATFSKTMALRRLHWRNSPLAEALYALNLYKTGRVHLLP
PVAKPIPRPTFFWLF
;
L
12 'polypeptide(L)'
;MQSAARGCHAPAGLSSSLLRSRTYVPPCAPSSSGRVVGSRHITARAAGGKGGGKDDKAKEKADFSALWALRIKNFFSSRR
KYLQQAEQVGDDDKEKAFKAEIAKEERSIRELKDELVAISMEEIEEQEKQGDPRPALAATDIAQARMDLQTSPLTRAVLA
VVRVRELLRALLLLPFSAVGGAVAAWQGLFNSQRYENFLMSEGERIWAWRNRSENERWFWEVFAWDRLIFPILVIVAWEY
LVPNHLVWAVLAPLALLTWMSGRLPTPATPEFWMLAYFGFYRKVWPDAAAWLQGYVVPLMGFA
;
M
13 'polypeptide(L)'
;MVHVPFFGIDLPEPRLAAVMPDAVYALVQGTHKLGEYAHDLVFPPTPEDLRKLEQQVNATIPREFDRVRQRYAEGKIAND
EQLSSELEDASFNWYRRQLRTSVVGATDEELEDVAVRKLRLEPPALQASLQERALAAAVTAAGGVDLAAEVADAAALAAL
AEQEAETRRLLAARQARLADLRKQLRPAHRQAIGTITNASAGMLVGVLVVKSVLTLVRRLFRKKRPAGAKAPAGAAARRQ
GSVQSSAAQLQSLAAPAARQQQQSAAAALASAQQAAMRPQAGASASAAAAASGKAAASKEQPKAGAAAAAADAGAKKTRI
VKKR
;
N
14 'polypeptide(L)'
;MQSSIAHRSLAACPVQRNRFVPARCKLASNRIGPKLLSAAIAGTPEQPATSTSTPSSEAGTKDAAVVVGPALVAKEVVST
SGHSDAVPDPNFPELPLSTNRAAGTQYLAIGAAYAVAAGAVAVAALQGPQLLLASPAAADPWSSVLLGCVAATYLRAAGV
FLQLKAASDAAELLCWRHQRLALTAAAYGMVAVLTQAAGLASPQLLGLQLLLSVASAAVVANVARSAWAVRPFVSSLTEG
RSPGGVLAAVAGAMTGSVSTVAGLLLTTTIVVSLYGLFAAVFAPAPALPVAVGAWPGTAAAAAVMDGSAAGLRRLAAGGL
LLTAAASHGLFDFAGSVKQQGPIDVAQAVKKMVVMDMAAPRIRTLKYFLPNPTIYSLLNLGFVAAAVLQSYFLYIAPAWG
VNVNWDTALWGPMYGTAFLGLVYGLVALTKFDWSSVVDAVLRVACWFAELTMWFWDTFVWKFSWSEKTRRA
;
O
15 'polypeptide(L)'
;MMSSIPKSIGAQRSAASTRAHALARPVVLAPAASIPARSQGVTSTSGRCLAPPPRAAAGAGAPGTAGPTNAGAAAHEVEV
DAVESPLSPEDIMRLVQQHEDVAAAAESEQLVAQFRDDPQGLYEYVNRAYAEGPRRVTTPISLLQEEITGAVTESYPAAV
ANDIIGMGSWRLKDDVDPVIEFLVARLEGCWREILDTDLCLYPREKWKEQGWDLVDSMDPHQELEGFSYADIPDPAKGEA
GYPRLQLENRVYCSKVFRKLHVEVGLRQDGLQVLHVVVYPRYSYDMPIFGMDIVMVDGRVTLAVVDCCPVRADLKLQPHY
METMALLQRTFLEGTDPALRRIPEWGSKIFSPLALCITPSGPEELAAFAKYAVALHRAYLTMSLNAVPVVAGPGDRREAA
RLQEIQDGQKRFCDNQLVNKKTRRVLEVAMGVEWTEAYMSQLMFDFDPKYEPPYFDASFEKLYTYFDENPSFGEMADEAM
ELERGAEAERANETMAAALSGRSVSREKLAMAMGFLFQNDATFRAAVQTLSGGQVDGNIEERLTDDLMQLLERSE
;
P
16 'polypeptide(L)'
;MRQSVRSPGTRASLQSGRAASSCLPVTPLCPLVASTTSAPATSISSSDALLRSTAVASTSTSSPATVPIAARRRHQPRSR
SVAAATPAAAPSPAAAAAPAWRGPGEVGDEDKAVGCLLGAAVGNVLAAPYQGDRHFEVIRLRRNGVTDFWKYDIGAQPVQ
YGQYTGDFANLLAVATSLSASRGVEPAHLLGALTRAYAEGGSSVEVEDASGGSSSGFLPARRYSPYDRLVMDAVLAGTDP
LKVPELAERYLAETTRRHASSSSDRPDREPHGPSDLGAAARAAPIGLAYRRAGGERLLAAVRRSLEFSHPTPLGLDAAHV
VAAAAAWCGRQQPGDAVGATPAALLSHLLNDVAVTAEQCGKLRLLRDNLFQLDEVTDWRAFYAGPQWARLTALFSRLSFH
GLATAGSEFASVVLLALLSSWGRPEQAVIVAASLGGHAPATAQTVGALAGTLYGQSWVPERWWRGLGEGVEGEAGREAVV
QAGRALAAVELADGL
;
Q
17 'polypeptide(L)'
;MALSMIRKSAAAPVRRAAAAPVVVRGRRVITFAAVDKAKVLEDVRSIISTQLGTELEKVAPEAKFVDLGAD(SEP)LDTV
EIMMALEEKFEIALEEEGAEKIATVQDAADMIAAQIAAKGN
;
R
18 'polypeptide(L)'
;MGGELAERKASSASAGPRVVQMRREAIPAELLLVKEDPSKLPAGVLQTREQLKQAQRDINWAGKREQVFAAVAAGWHLAS
FALNLAFWGVEGMPPDRYWPTSPRIRLQIRPGRYGNMDGGQRVYMDYLARSEGVPLN
;
S
19 'polypeptide(L)'
;MASTARRKPVPEAMSEDSVEQEFGGDYSEASLEYIRALGPKKGAPFAEVDPAEQAAALPPSQAECEAAKAVLENYKRDID
ALKTYRPSEQERAAIDARRALALEATPEELTWLKMREYYATQRAAAADGAASTSAPGAGDAASAAADNDVAALRAEMLRV
AMEALGSATETEELEARARSHLAASSAGRQWSRGVAGGAGAAASGEASAAVLAAAADAAVASVMVGTGARYRDDYLEEER
LTRQVAKQRGQRSQAFALSLAAAVGVSVARWWLRRGRGGAGAGGGSGGPSRSRSTQQMQ
;
T
#
# COMPACT_ATOMS: atom_id res chain seq x y z
N SER A 54 -35.16 51.39 -69.22
CA SER A 54 -34.47 50.23 -68.67
C SER A 54 -34.76 50.07 -67.18
N LEU A 55 -34.51 48.87 -66.66
CA LEU A 55 -34.75 48.61 -65.24
C LEU A 55 -33.77 49.35 -64.35
N THR A 56 -32.51 49.43 -64.75
CA THR A 56 -31.46 50.02 -63.93
C THR A 56 -31.52 51.55 -63.91
N ALA A 57 -32.33 52.16 -64.76
CA ALA A 57 -32.38 53.62 -64.83
C ALA A 57 -33.21 54.17 -63.68
N GLU A 58 -32.62 55.10 -62.93
CA GLU A 58 -33.32 55.84 -61.89
C GLU A 58 -33.66 57.23 -62.41
N ARG A 59 -34.90 57.66 -62.19
CA ARG A 59 -35.35 58.94 -62.67
C ARG A 59 -35.78 59.82 -61.50
N PHE A 60 -35.91 61.11 -61.78
CA PHE A 60 -36.36 62.09 -60.79
C PHE A 60 -37.70 62.65 -61.26
N ILE A 61 -38.72 62.47 -60.44
CA ILE A 61 -40.04 63.02 -60.70
C ILE A 61 -40.09 64.41 -60.08
N THR A 62 -40.30 65.42 -60.93
CA THR A 62 -40.46 66.80 -60.50
C THR A 62 -41.77 67.42 -60.94
N ASP A 63 -42.38 66.93 -62.02
CA ASP A 63 -43.65 67.47 -62.48
C ASP A 63 -44.76 67.16 -61.48
N ALA A 64 -45.61 68.15 -61.25
CA ALA A 64 -46.70 68.01 -60.29
C ALA A 64 -47.74 67.02 -60.82
N LYS A 65 -48.73 66.72 -59.95
CA LYS A 65 -49.81 65.74 -60.08
C LYS A 65 -49.30 64.30 -60.06
N GLU A 66 -47.97 64.14 -60.05
CA GLU A 66 -47.33 62.86 -59.72
C GLU A 66 -46.72 62.87 -58.34
N LEU A 67 -46.27 64.03 -57.86
CA LEU A 67 -45.87 64.15 -56.46
C LEU A 67 -47.05 64.11 -55.52
N ASN A 68 -48.25 64.47 -56.00
CA ASN A 68 -49.45 64.26 -55.21
C ASN A 68 -49.80 62.79 -55.09
N ALA A 69 -49.33 61.96 -56.04
CA ALA A 69 -49.57 60.53 -55.94
C ALA A 69 -48.72 59.89 -54.85
N THR A 70 -47.46 60.32 -54.72
CA THR A 70 -46.53 59.77 -53.74
C THR A 70 -46.29 60.83 -52.67
N GLY A 71 -46.94 60.68 -51.53
CA GLY A 71 -46.82 61.63 -50.43
C GLY A 71 -45.42 61.69 -49.85
N SER A 72 -44.97 60.60 -49.24
CA SER A 72 -43.59 60.48 -48.78
C SER A 72 -42.93 59.24 -49.37
N GLY A 73 -43.48 58.71 -50.45
CA GLY A 73 -43.01 57.46 -51.02
C GLY A 73 -44.16 56.52 -51.30
N LEU A 74 -43.97 55.61 -52.24
CA LEU A 74 -45.01 54.63 -52.54
C LEU A 74 -45.14 53.64 -51.39
N PRO A 75 -46.32 53.03 -51.21
CA PRO A 75 -46.49 52.07 -50.12
C PRO A 75 -45.72 50.80 -50.41
N ILE A 76 -44.88 50.41 -49.47
CA ILE A 76 -44.03 49.24 -49.64
C ILE A 76 -44.90 48.00 -49.53
N ILE A 77 -45.05 47.27 -50.64
CA ILE A 77 -45.90 46.09 -50.69
C ILE A 77 -45.19 44.96 -49.97
N ASP A 78 -45.73 44.56 -48.82
CA ASP A 78 -45.10 43.53 -48.00
C ASP A 78 -46.10 42.40 -47.73
N GLY A 79 -45.55 41.19 -47.59
CA GLY A 79 -46.35 40.01 -47.35
C GLY A 79 -45.51 38.90 -46.76
N PRO A 80 -45.88 37.65 -47.05
CA PRO A 80 -45.16 36.49 -46.49
C PRO A 80 -43.99 36.04 -47.35
N ASP A 81 -42.97 36.91 -47.45
CA ASP A 81 -41.70 36.68 -48.17
C ASP A 81 -42.01 36.40 -49.64
N TRP A 82 -41.15 35.63 -50.31
CA TRP A 82 -41.39 35.25 -51.69
C TRP A 82 -41.29 33.74 -51.86
N GLU A 83 -40.47 33.09 -51.02
CA GLU A 83 -40.35 31.64 -51.06
C GLU A 83 -41.53 30.96 -50.38
N GLU A 84 -42.11 31.59 -49.36
CA GLU A 84 -43.19 31.00 -48.58
C GLU A 84 -44.51 31.74 -48.77
N GLN A 85 -44.66 32.49 -49.86
CA GLN A 85 -45.88 33.25 -50.08
C GLN A 85 -46.99 32.42 -50.71
N HIS A 86 -46.72 31.17 -51.08
CA HIS A 86 -47.72 30.30 -51.65
C HIS A 86 -48.03 29.08 -50.78
N TRP A 87 -47.34 28.94 -49.65
CA TRP A 87 -47.48 27.72 -48.84
C TRP A 87 -48.85 27.63 -48.19
N ALA A 88 -49.31 28.73 -47.58
CA ALA A 88 -50.61 28.73 -46.93
C ALA A 88 -51.74 28.57 -47.93
N ALA A 89 -51.64 29.24 -49.08
CA ALA A 89 -52.66 29.11 -50.12
C ALA A 89 -52.70 27.70 -50.68
N LEU A 90 -51.54 27.08 -50.89
CA LEU A 90 -51.51 25.71 -51.41
C LEU A 90 -52.00 24.70 -50.37
N LYS A 91 -51.73 24.97 -49.08
CA LYS A 91 -52.27 24.12 -48.02
C LYS A 91 -53.79 24.23 -47.96
N ALA A 92 -54.32 25.43 -48.18
CA ALA A 92 -55.77 25.60 -48.24
C ALA A 92 -56.36 24.93 -49.47
N MET A 93 -55.64 24.99 -50.60
CA MET A 93 -56.16 24.43 -51.84
C MET A 93 -56.16 22.90 -51.82
N SER A 94 -55.11 22.30 -51.24
CA SER A 94 -55.14 20.88 -50.97
C SER A 94 -56.16 20.60 -49.87
N ALA A 95 -56.87 19.46 -50.00
CA ALA A 95 -58.07 19.16 -49.22
C ALA A 95 -59.08 20.32 -49.36
N GLY A 96 -59.57 20.43 -50.59
CA GLY A 96 -60.20 21.60 -51.17
C GLY A 96 -61.10 22.48 -50.32
N ARG A 97 -60.69 23.74 -50.17
CA ARG A 97 -61.40 24.81 -49.50
C ARG A 97 -61.43 26.02 -50.42
N PRO A 98 -62.43 26.89 -50.28
CA PRO A 98 -62.43 28.13 -51.07
C PRO A 98 -61.26 29.03 -50.69
N VAL A 99 -60.57 29.53 -51.71
CA VAL A 99 -59.42 30.39 -51.53
C VAL A 99 -59.67 31.71 -52.23
N ALA A 100 -59.02 32.76 -51.74
CA ALA A 100 -59.19 34.09 -52.32
C ALA A 100 -58.47 34.17 -53.66
N LEU A 101 -59.13 34.79 -54.63
CA LEU A 101 -58.52 34.96 -55.94
C LEU A 101 -57.48 36.08 -55.88
N PRO A 102 -56.25 35.83 -56.31
CA PRO A 102 -55.23 36.89 -56.31
C PRO A 102 -55.43 37.89 -57.43
N THR A 103 -56.20 38.93 -57.13
CA THR A 103 -56.53 39.96 -58.11
C THR A 103 -55.26 40.64 -58.62
N PRO A 104 -55.18 40.92 -59.92
CA PRO A 104 -53.92 41.42 -60.50
C PRO A 104 -53.62 42.85 -60.07
N HIS A 105 -52.41 43.27 -60.42
CA HIS A 105 -51.93 44.61 -60.12
C HIS A 105 -52.72 45.65 -60.89
N ALA A 106 -52.76 46.87 -60.35
CA ALA A 106 -53.51 47.96 -60.96
C ALA A 106 -52.74 48.66 -62.08
N LYS A 107 -51.51 48.22 -62.37
CA LYS A 107 -50.70 48.88 -63.40
C LYS A 107 -51.23 48.62 -64.80
N PHE A 108 -52.01 47.58 -65.01
CA PHE A 108 -52.50 47.24 -66.34
C PHE A 108 -54.01 47.07 -66.33
N GLY A 109 -54.61 47.25 -67.52
CA GLY A 109 -56.05 47.25 -67.66
C GLY A 109 -56.61 45.97 -68.25
N PRO A 110 -57.83 46.05 -68.77
CA PRO A 110 -58.51 44.81 -69.21
C PRO A 110 -57.92 44.20 -70.47
N GLU A 111 -57.52 45.02 -71.44
CA GLU A 111 -56.88 44.47 -72.64
C GLU A 111 -55.54 43.84 -72.31
N ASP A 112 -54.83 44.35 -71.30
CA ASP A 112 -53.60 43.72 -70.87
C ASP A 112 -53.85 42.45 -70.08
N LEU A 113 -54.94 42.40 -69.30
CA LEU A 113 -55.32 41.15 -68.66
C LEU A 113 -55.62 40.07 -69.70
N GLN A 114 -56.34 40.44 -70.76
CA GLN A 114 -56.63 39.50 -71.84
C GLN A 114 -55.35 39.08 -72.57
N ARG A 115 -54.42 40.02 -72.78
CA ARG A 115 -53.17 39.67 -73.44
C ARG A 115 -52.31 38.75 -72.59
N ILE A 116 -52.30 38.96 -71.27
CA ILE A 116 -51.57 38.08 -70.36
C ILE A 116 -52.20 36.69 -70.36
N ALA A 117 -53.54 36.62 -70.34
CA ALA A 117 -54.22 35.33 -70.36
C ALA A 117 -54.02 34.61 -71.69
N ALA A 118 -53.85 35.35 -72.79
CA ALA A 118 -53.69 34.73 -74.09
C ALA A 118 -52.25 34.27 -74.33
N SER A 119 -51.30 35.22 -74.31
CA SER A 119 -49.93 34.93 -74.70
C SER A 119 -49.01 34.64 -73.51
N GLY A 120 -48.97 35.53 -72.53
CA GLY A 120 -48.11 35.36 -71.38
C GLY A 120 -47.43 36.64 -70.98
N PRO A 121 -46.70 36.61 -69.88
CA PRO A 121 -46.04 37.82 -69.38
C PRO A 121 -44.90 38.28 -70.28
N ARG A 122 -44.71 39.59 -70.31
CA ARG A 122 -43.56 40.22 -70.94
C ARG A 122 -42.76 40.94 -69.87
N LEU A 123 -41.59 41.45 -70.27
CA LEU A 123 -40.73 42.15 -69.30
C LEU A 123 -41.33 43.47 -68.86
N GLU A 124 -42.19 44.08 -69.67
CA GLU A 124 -42.91 45.27 -69.23
C GLU A 124 -43.90 44.95 -68.12
N ASP A 125 -44.57 43.79 -68.21
CA ASP A 125 -45.63 43.46 -67.27
C ASP A 125 -45.11 43.07 -65.90
N LEU A 126 -43.86 42.62 -65.80
CA LEU A 126 -43.26 42.28 -64.51
C LEU A 126 -42.55 43.46 -63.87
N THR A 127 -42.58 44.62 -64.51
CA THR A 127 -41.81 45.78 -64.06
C THR A 127 -42.73 46.71 -63.28
N LEU A 128 -42.34 47.01 -62.04
CA LEU A 128 -43.04 47.93 -61.17
C LEU A 128 -42.15 49.14 -60.89
N GLU A 129 -42.78 50.30 -60.77
CA GLU A 129 -42.06 51.53 -60.45
C GLU A 129 -42.32 51.88 -58.99
N HIS A 130 -41.26 52.22 -58.26
CA HIS A 130 -41.37 52.69 -56.88
C HIS A 130 -40.67 54.03 -56.76
N ALA A 131 -41.36 54.99 -56.16
CA ALA A 131 -40.85 56.33 -55.98
C ALA A 131 -40.80 56.68 -54.49
N GLU A 132 -39.71 57.31 -54.08
CA GLU A 132 -39.52 57.77 -52.71
C GLU A 132 -39.20 59.26 -52.74
N ARG A 133 -39.88 60.03 -51.89
CA ARG A 133 -39.71 61.47 -51.87
C ARG A 133 -38.40 61.84 -51.18
N LEU A 134 -37.59 62.66 -51.85
CA LEU A 134 -36.32 63.11 -51.29
C LEU A 134 -36.47 64.41 -50.51
N ALA A 135 -37.21 65.37 -51.04
CA ALA A 135 -37.45 66.64 -50.38
C ALA A 135 -38.91 67.02 -50.55
N GLY A 136 -39.41 67.82 -49.61
CA GLY A 136 -40.78 68.28 -49.66
C GLY A 136 -40.93 69.51 -50.52
N PRO A 137 -42.11 70.13 -50.48
CA PRO A 137 -42.28 71.41 -51.18
C PRO A 137 -41.49 72.51 -50.49
N GLY A 138 -40.80 73.32 -51.31
CA GLY A 138 -39.95 74.36 -50.77
C GLY A 138 -38.47 74.04 -50.87
N GLN A 139 -38.05 73.48 -51.99
CA GLN A 139 -36.65 73.20 -52.28
C GLN A 139 -36.15 74.23 -53.28
N LEU A 140 -35.06 74.92 -52.92
CA LEU A 140 -34.62 76.10 -53.67
C LEU A 140 -34.27 75.85 -55.15
N PRO A 141 -33.57 74.76 -55.55
CA PRO A 141 -33.33 74.57 -56.99
C PRO A 141 -34.59 74.41 -57.85
N THR A 142 -35.68 73.87 -57.31
CA THR A 142 -36.87 73.62 -58.12
C THR A 142 -38.04 74.52 -57.76
N ALA A 143 -38.51 74.45 -56.48
CA ALA A 143 -39.56 75.13 -55.69
C ALA A 143 -40.86 74.31 -55.60
N PRO A 144 -41.61 74.01 -56.65
CA PRO A 144 -42.85 73.25 -56.44
C PRO A 144 -42.70 71.74 -56.60
N ASP A 145 -41.49 71.23 -56.69
CA ASP A 145 -41.23 69.84 -57.03
C ASP A 145 -40.75 69.08 -55.80
N GLY A 146 -41.34 67.92 -55.56
CA GLY A 146 -40.88 67.04 -54.51
C GLY A 146 -39.71 66.18 -54.89
N VAL A 147 -39.22 66.31 -56.13
CA VAL A 147 -37.97 65.77 -56.69
C VAL A 147 -37.76 64.29 -56.35
N ALA A 148 -38.84 63.53 -56.31
CA ALA A 148 -38.79 62.17 -55.79
C ALA A 148 -38.01 61.23 -56.72
N LEU A 149 -37.26 60.31 -56.12
CA LEU A 149 -36.47 59.37 -56.89
C LEU A 149 -37.28 58.11 -57.16
N ALA A 150 -37.39 57.74 -58.43
CA ALA A 150 -38.17 56.58 -58.85
C ALA A 150 -37.29 55.58 -59.56
N PHE A 151 -37.51 54.30 -59.26
CA PHE A 151 -36.75 53.22 -59.90
C PHE A 151 -37.69 52.08 -60.24
N ARG A 152 -37.38 51.40 -61.33
CA ARG A 152 -38.13 50.23 -61.77
C ARG A 152 -37.47 48.96 -61.23
N TYR A 153 -38.29 47.93 -61.01
CA TYR A 153 -37.80 46.69 -60.45
C TYR A 153 -38.73 45.55 -60.86
N ILE A 154 -38.21 44.34 -60.76
CA ILE A 154 -39.01 43.12 -60.84
C ILE A 154 -38.92 42.46 -59.47
N PRO A 155 -40.03 42.20 -58.79
CA PRO A 155 -39.95 41.61 -57.44
C PRO A 155 -39.46 40.18 -57.49
N ARG A 156 -38.93 39.73 -56.34
CA ARG A 156 -38.46 38.36 -56.21
C ARG A 156 -39.59 37.35 -56.17
N SER A 157 -40.85 37.81 -56.21
CA SER A 157 -41.98 36.96 -56.54
C SER A 157 -41.98 36.74 -58.05
N VAL A 158 -43.10 36.25 -58.59
CA VAL A 158 -43.36 35.78 -59.96
C VAL A 158 -42.28 34.78 -60.42
N LEU A 159 -41.57 34.20 -59.45
CA LEU A 159 -40.84 32.95 -59.59
C LEU A 159 -41.34 31.93 -58.58
N GLY A 160 -42.52 32.18 -58.01
CA GLY A 160 -42.90 31.49 -56.79
C GLY A 160 -43.15 30.01 -57.00
N ASP A 161 -42.98 29.27 -55.90
CA ASP A 161 -43.32 27.88 -55.65
C ASP A 161 -42.71 26.91 -56.67
N PHE A 162 -41.73 27.35 -57.46
CA PHE A 162 -41.01 26.46 -58.37
C PHE A 162 -39.87 25.73 -57.65
N ARG A 163 -38.92 26.50 -57.09
CA ARG A 163 -37.83 26.05 -56.22
C ARG A 163 -36.83 25.11 -56.89
N GLN A 164 -35.64 25.01 -56.31
CA GLN A 164 -34.62 24.14 -56.88
C GLN A 164 -34.87 22.69 -56.47
N GLU A 165 -34.10 21.78 -57.06
CA GLU A 165 -34.36 20.35 -56.91
C GLU A 165 -34.16 19.90 -55.48
N VAL A 166 -35.05 19.02 -55.01
CA VAL A 166 -34.97 18.47 -53.67
C VAL A 166 -33.67 17.69 -53.51
N GLU A 167 -32.92 18.01 -52.46
CA GLU A 167 -31.69 17.30 -52.16
C GLU A 167 -32.03 15.87 -51.75
N PRO A 168 -31.53 14.86 -52.46
CA PRO A 168 -31.96 13.49 -52.19
C PRO A 168 -31.32 12.94 -50.92
N ASP A 169 -31.82 11.77 -50.51
CA ASP A 169 -31.21 11.03 -49.43
C ASP A 169 -29.90 10.43 -49.91
N TRP A 170 -28.78 11.01 -49.49
CA TRP A 170 -27.48 10.55 -49.96
C TRP A 170 -27.14 9.16 -49.45
N ARG A 171 -27.62 8.81 -48.26
CA ARG A 171 -27.32 7.51 -47.67
C ARG A 171 -28.13 6.37 -48.27
N SER A 172 -29.13 6.67 -49.09
CA SER A 172 -29.97 5.63 -49.70
C SER A 172 -29.81 5.52 -51.21
N LEU A 173 -29.35 6.57 -51.88
CA LEU A 173 -29.16 6.50 -53.32
C LEU A 173 -27.95 5.63 -53.66
N PRO A 174 -27.99 4.91 -54.78
CA PRO A 174 -26.79 4.18 -55.23
C PRO A 174 -25.68 5.14 -55.62
N ALA A 175 -24.45 4.76 -55.30
CA ALA A 175 -23.30 5.61 -55.54
C ALA A 175 -22.62 5.24 -56.85
N MET A 176 -22.06 6.25 -57.50
CA MET A 176 -21.27 6.06 -58.72
C MET A 176 -19.92 6.71 -58.53
N SER A 177 -18.88 6.05 -59.03
CA SER A 177 -17.51 6.51 -58.84
C SER A 177 -17.27 7.79 -59.65
N PRO A 178 -16.40 8.68 -59.16
CA PRO A 178 -15.95 9.81 -59.99
C PRO A 178 -15.27 9.39 -61.27
N ALA A 179 -14.57 8.25 -61.25
CA ALA A 179 -13.99 7.71 -62.47
C ALA A 179 -15.07 7.30 -63.48
N GLU A 180 -16.15 6.67 -63.00
CA GLU A 180 -17.23 6.29 -63.89
C GLU A 180 -17.98 7.52 -64.42
N LEU A 181 -18.16 8.54 -63.57
CA LEU A 181 -18.75 9.79 -64.03
C LEU A 181 -17.88 10.45 -65.08
N TYR A 182 -16.56 10.46 -64.87
CA TYR A 182 -15.64 11.06 -65.82
C TYR A 182 -15.65 10.30 -67.14
N ALA A 183 -15.72 8.97 -67.09
CA ALA A 183 -15.79 8.17 -68.31
C ALA A 183 -17.10 8.43 -69.06
N GLY A 184 -18.22 8.56 -68.34
CA GLY A 184 -19.47 8.88 -69.00
C GLY A 184 -19.49 10.27 -69.61
N LEU A 185 -18.90 11.24 -68.91
CA LEU A 185 -18.81 12.60 -69.45
C LEU A 185 -17.90 12.66 -70.67
N ARG A 186 -16.83 11.86 -70.67
CA ARG A 186 -15.98 11.74 -71.85
C ARG A 186 -16.73 11.08 -73.01
N ALA A 187 -17.55 10.07 -72.71
CA ALA A 187 -18.33 9.40 -73.75
C ALA A 187 -19.41 10.30 -74.32
N ARG A 188 -19.88 11.28 -73.55
CA ARG A 188 -20.84 12.25 -74.06
C ARG A 188 -20.18 13.54 -74.53
N ASN A 189 -18.85 13.59 -74.52
CA ASN A 189 -18.08 14.73 -75.00
C ASN A 189 -17.68 14.46 -76.44
N TRP A 190 -18.22 15.26 -77.38
CA TRP A 190 -17.92 15.03 -78.79
C TRP A 190 -16.51 15.48 -79.16
N THR A 191 -15.89 16.33 -78.34
CA THR A 191 -14.54 16.78 -78.60
C THR A 191 -13.47 15.79 -78.15
N SER A 192 -13.86 14.72 -77.47
CA SER A 192 -12.91 13.76 -76.91
C SER A 192 -12.78 12.54 -77.82
N ALA A 193 -11.66 11.84 -77.66
CA ALA A 193 -11.39 10.66 -78.48
C ALA A 193 -12.27 9.47 -78.08
N HIS A 194 -12.79 9.46 -76.85
CA HIS A 194 -13.64 8.38 -76.38
C HIS A 194 -15.13 8.68 -76.56
N TYR A 195 -15.47 9.48 -77.56
CA TYR A 195 -16.86 9.86 -77.79
C TYR A 195 -17.67 8.67 -78.27
N ASP A 196 -18.86 8.50 -77.70
CA ASP A 196 -19.80 7.46 -78.14
C ASP A 196 -21.10 8.15 -78.55
N PRO A 197 -21.39 8.24 -79.85
CA PRO A 197 -22.68 8.82 -80.28
C PRO A 197 -23.89 8.05 -79.79
N ALA A 198 -23.78 6.73 -79.66
CA ALA A 198 -24.88 5.90 -79.16
C ALA A 198 -24.75 5.74 -77.65
N ALA A 199 -24.99 6.85 -76.95
CA ALA A 199 -24.92 6.91 -75.50
C ALA A 199 -26.26 7.39 -74.95
N GLU A 200 -26.70 6.76 -73.86
CA GLU A 200 -27.95 7.16 -73.24
C GLU A 200 -27.83 8.56 -72.65
N PRO A 201 -28.88 9.37 -72.72
CA PRO A 201 -28.81 10.71 -72.14
C PRO A 201 -28.71 10.66 -70.62
N TRP A 202 -27.91 11.57 -70.07
CA TRP A 202 -27.71 11.70 -68.65
C TRP A 202 -28.23 13.06 -68.19
N ARG A 203 -28.92 13.07 -67.06
CA ARG A 203 -29.32 14.32 -66.43
C ARG A 203 -28.42 14.53 -65.22
N LEU A 204 -27.58 15.54 -65.28
CA LEU A 204 -26.61 15.83 -64.22
C LEU A 204 -27.12 17.01 -63.39
N GLN A 205 -27.24 16.80 -62.09
CA GLN A 205 -27.65 17.85 -61.16
C GLN A 205 -26.57 17.98 -60.10
N VAL A 206 -25.86 19.11 -60.11
CA VAL A 206 -24.73 19.33 -59.22
C VAL A 206 -25.24 20.07 -57.99
N PHE A 207 -24.98 19.50 -56.81
CA PHE A 207 -25.40 20.05 -55.54
C PHE A 207 -24.18 20.51 -54.77
N SER A 208 -24.29 21.69 -54.18
CA SER A 208 -23.30 22.22 -53.25
C SER A 208 -23.97 22.35 -51.89
N CYS A 209 -23.31 21.88 -50.85
CA CYS A 209 -23.89 21.87 -49.51
C CYS A 209 -23.99 23.29 -48.96
N ASP A 210 -25.15 23.64 -48.41
CA ASP A 210 -25.38 24.94 -47.81
C ASP A 210 -25.57 24.86 -46.30
N TYR A 211 -25.47 23.67 -45.71
CA TYR A 211 -25.48 23.50 -44.27
C TYR A 211 -24.12 23.07 -43.75
N LYS A 212 -23.05 23.53 -44.42
CA LYS A 212 -21.70 23.21 -43.99
C LYS A 212 -21.38 23.83 -42.65
N HIS A 213 -21.81 25.07 -42.42
CA HIS A 213 -21.54 25.78 -41.18
C HIS A 213 -22.75 25.90 -40.28
N THR A 214 -23.96 25.59 -40.78
CA THR A 214 -25.16 25.61 -39.96
C THR A 214 -25.53 24.22 -39.43
N GLY A 215 -25.45 23.20 -40.27
CA GLY A 215 -25.72 21.83 -39.86
C GLY A 215 -24.47 21.15 -39.34
N VAL A 216 -24.59 19.83 -39.17
CA VAL A 216 -23.48 19.03 -38.66
C VAL A 216 -23.05 17.96 -39.64
N THR A 217 -23.84 17.69 -40.69
CA THR A 217 -23.55 16.65 -41.67
C THR A 217 -23.08 17.23 -43.00
N GLY A 218 -22.47 18.40 -42.97
CA GLY A 218 -22.07 19.07 -44.20
C GLY A 218 -20.92 18.38 -44.88
N TRP A 219 -20.80 18.64 -46.19
CA TRP A 219 -19.79 18.02 -47.02
C TRP A 219 -19.12 19.10 -47.88
N PRO A 220 -17.81 18.96 -48.16
CA PRO A 220 -17.05 20.10 -48.70
C PRO A 220 -17.21 20.36 -50.19
N GLY A 221 -17.34 19.31 -51.01
CA GLY A 221 -17.24 19.51 -52.44
C GLY A 221 -18.56 19.65 -53.17
N TYR A 222 -18.79 18.77 -54.14
CA TYR A 222 -20.01 18.75 -54.92
C TYR A 222 -20.57 17.33 -54.93
N ARG A 223 -21.85 17.22 -55.20
CA ARG A 223 -22.50 15.92 -55.34
C ARG A 223 -23.34 15.94 -56.61
N VAL A 224 -23.04 15.06 -57.53
CA VAL A 224 -23.70 15.04 -58.83
C VAL A 224 -24.70 13.91 -58.85
N VAL A 225 -25.98 14.25 -58.92
CA VAL A 225 -27.04 13.26 -59.12
C VAL A 225 -27.20 13.06 -60.61
N VAL A 226 -27.01 11.81 -61.05
CA VAL A 226 -27.07 11.45 -62.45
C VAL A 226 -28.31 10.60 -62.66
N THR A 227 -29.21 11.08 -63.51
CA THR A 227 -30.43 10.37 -63.87
C THR A 227 -30.25 9.76 -65.25
N SER A 228 -30.46 8.45 -65.34
CA SER A 228 -30.24 7.71 -66.57
C SER A 228 -31.52 7.72 -67.41
N ARG A 229 -31.56 6.86 -68.45
CA ARG A 229 -32.69 6.84 -69.37
C ARG A 229 -33.96 6.34 -68.70
N GLY A 230 -33.86 5.33 -67.84
CA GLY A 230 -35.03 4.77 -67.21
C GLY A 230 -35.50 5.46 -65.96
N GLY A 231 -34.97 6.64 -65.65
CA GLY A 231 -35.29 7.32 -64.42
C GLY A 231 -34.45 6.90 -63.23
N ARG A 232 -33.51 5.97 -63.41
CA ARG A 232 -32.64 5.55 -62.33
C ARG A 232 -31.67 6.68 -61.97
N ARG A 233 -31.54 6.95 -60.68
CA ARG A 233 -30.71 8.04 -60.19
C ARG A 233 -29.58 7.49 -59.33
N ARG A 234 -28.36 7.84 -59.68
CA ARG A 234 -27.19 7.57 -58.87
C ARG A 234 -26.56 8.88 -58.45
N TRP A 235 -25.56 8.83 -57.58
CA TRP A 235 -24.89 10.05 -57.16
C TRP A 235 -23.38 9.84 -57.10
N VAL A 236 -22.65 10.92 -57.33
CA VAL A 236 -21.20 10.96 -57.33
C VAL A 236 -20.76 12.00 -56.30
N ASP A 237 -19.79 11.63 -55.47
CA ASP A 237 -19.28 12.52 -54.42
C ASP A 237 -17.95 13.10 -54.87
N LEU A 238 -17.98 14.29 -55.47
CA LEU A 238 -16.76 15.00 -55.81
C LEU A 238 -16.37 15.90 -54.64
N ALA A 239 -15.93 15.24 -53.56
CA ALA A 239 -15.70 15.92 -52.29
C ALA A 239 -14.49 16.85 -52.34
N GLU A 240 -13.48 16.49 -53.12
CA GLU A 240 -12.27 17.29 -53.21
C GLU A 240 -11.92 17.54 -54.66
N GLU A 241 -11.27 18.67 -54.90
CA GLU A 241 -10.73 18.96 -56.22
C GLU A 241 -9.51 18.09 -56.46
N GLY A 242 -9.52 17.34 -57.55
CA GLY A 242 -8.45 16.40 -57.82
C GLY A 242 -7.26 17.07 -58.46
N GLU A 243 -6.77 16.50 -59.55
CA GLU A 243 -5.73 17.16 -60.34
C GLU A 243 -6.30 18.43 -60.94
N LEU A 244 -5.87 19.59 -60.44
CA LEU A 244 -6.36 20.87 -60.90
C LEU A 244 -5.97 21.09 -62.36
N VAL A 245 -6.95 21.09 -63.26
CA VAL A 245 -6.67 21.22 -64.68
C VAL A 245 -7.51 22.38 -65.21
N GLN A 246 -7.10 22.87 -66.37
CA GLN A 246 -7.90 23.87 -67.06
C GLN A 246 -9.11 23.21 -67.71
N LEU A 247 -10.08 24.04 -68.11
CA LEU A 247 -11.33 23.53 -68.66
C LEU A 247 -11.15 22.91 -70.04
N THR A 248 -10.02 23.15 -70.69
CA THR A 248 -9.75 22.60 -72.01
C THR A 248 -8.83 21.39 -71.97
N GLU A 249 -8.54 20.86 -70.79
CA GLU A 249 -7.66 19.70 -70.65
C GLU A 249 -8.42 18.43 -71.00
N GLN A 250 -7.80 17.58 -71.81
CA GLN A 250 -8.42 16.34 -72.24
C GLN A 250 -7.69 15.09 -71.77
N ALA A 251 -6.46 15.20 -71.29
CA ALA A 251 -5.71 14.03 -70.86
C ALA A 251 -6.25 13.53 -69.52
N PRO A 252 -6.57 12.25 -69.40
CA PRO A 252 -6.95 11.71 -68.10
C PRO A 252 -5.75 11.71 -67.17
N PRO A 253 -5.96 11.93 -65.88
CA PRO A 253 -4.83 12.00 -64.95
C PRO A 253 -4.31 10.61 -64.61
N ALA A 254 -3.02 10.57 -64.30
CA ALA A 254 -2.45 9.36 -63.71
C ALA A 254 -3.02 9.18 -62.31
N SER A 255 -3.09 7.90 -61.88
CA SER A 255 -3.72 7.49 -60.62
C SER A 255 -5.15 8.00 -60.54
N PRO A 256 -6.12 7.32 -61.23
CA PRO A 256 -7.50 7.82 -61.36
C PRO A 256 -8.21 8.36 -60.12
N ALA A 257 -7.75 8.00 -58.93
CA ALA A 257 -8.28 8.59 -57.70
C ALA A 257 -7.94 10.08 -57.54
N ASP A 258 -7.26 10.68 -58.51
CA ASP A 258 -7.08 12.11 -58.61
C ASP A 258 -8.12 12.77 -59.49
N ILE A 259 -9.19 12.07 -59.83
CA ILE A 259 -10.31 12.66 -60.56
C ILE A 259 -11.23 13.32 -59.53
N GLY A 260 -11.19 14.64 -59.46
CA GLY A 260 -12.05 15.43 -58.61
C GLY A 260 -13.14 16.11 -59.42
N TYR A 261 -13.59 17.27 -58.94
CA TYR A 261 -14.58 18.02 -59.70
C TYR A 261 -13.97 18.93 -60.75
N SER A 262 -12.66 19.17 -60.70
CA SER A 262 -12.01 19.97 -61.75
C SER A 262 -12.07 19.26 -63.09
N HIS A 263 -11.77 17.95 -63.11
CA HIS A 263 -11.86 17.19 -64.36
C HIS A 263 -13.31 17.06 -64.82
N VAL A 264 -14.24 16.91 -63.89
CA VAL A 264 -15.66 16.81 -64.23
C VAL A 264 -16.16 18.10 -64.86
N PHE A 265 -15.77 19.26 -64.29
CA PHE A 265 -16.17 20.54 -64.85
C PHE A 265 -15.47 20.81 -66.17
N ALA A 266 -14.23 20.34 -66.34
CA ALA A 266 -13.56 20.45 -67.63
C ALA A 266 -14.30 19.66 -68.70
N GLN A 267 -14.75 18.44 -68.36
CA GLN A 267 -15.51 17.65 -69.31
C GLN A 267 -16.87 18.27 -69.61
N LEU A 268 -17.50 18.86 -68.60
CA LEU A 268 -18.78 19.54 -68.81
C LEU A 268 -18.61 20.76 -69.72
N TYR A 269 -17.53 21.50 -69.54
CA TYR A 269 -17.23 22.63 -70.42
C TYR A 269 -16.95 22.16 -71.85
N GLN A 270 -16.17 21.08 -71.99
CA GLN A 270 -15.79 20.62 -73.32
C GLN A 270 -16.94 19.98 -74.05
N ALA A 271 -17.88 19.37 -73.32
CA ALA A 271 -19.01 18.73 -73.98
C ALA A 271 -19.82 19.77 -74.77
N TYR A 272 -20.17 20.87 -74.12
CA TYR A 272 -21.06 21.87 -74.69
C TYR A 272 -20.41 22.75 -75.78
N GLU A 273 -19.26 22.34 -76.31
CA GLU A 273 -18.63 23.09 -77.39
C GLU A 273 -19.43 22.93 -78.67
N PRO A 274 -19.70 24.01 -79.41
CA PRO A 274 -20.46 23.88 -80.66
C PRO A 274 -19.66 23.16 -81.74
N ARG A 275 -20.37 22.37 -82.54
CA ARG A 275 -19.79 21.61 -83.65
C ARG A 275 -20.21 22.26 -84.96
N TYR A 276 -19.25 22.46 -85.85
CA TYR A 276 -19.48 23.21 -87.08
C TYR A 276 -19.44 22.31 -88.31
N SER A 277 -20.31 22.61 -89.30
CA SER A 277 -20.38 21.93 -90.60
C SER A 277 -19.10 22.23 -91.43
N PRO A 278 -18.71 21.40 -92.49
CA PRO A 278 -17.37 21.65 -93.01
C PRO A 278 -17.33 22.83 -93.99
N GLU A 279 -17.74 23.99 -93.51
CA GLU A 279 -17.72 25.21 -94.28
C GLU A 279 -16.53 26.08 -93.92
N ALA A 280 -15.67 25.61 -93.01
CA ALA A 280 -14.46 26.36 -92.66
C ALA A 280 -13.51 26.44 -93.85
N LEU A 281 -13.56 25.46 -94.75
CA LEU A 281 -12.81 25.53 -95.99
C LEU A 281 -13.28 26.69 -96.86
N ALA A 282 -14.53 27.12 -96.69
CA ALA A 282 -15.04 28.34 -97.30
C ALA A 282 -15.14 29.49 -96.31
N ALA A 283 -14.67 29.32 -95.07
CA ALA A 283 -14.75 30.37 -94.07
C ALA A 283 -13.40 30.78 -93.51
N LEU A 284 -12.51 29.82 -93.24
CA LEU A 284 -11.16 30.18 -92.80
C LEU A 284 -10.34 30.80 -93.92
N TYR A 285 -10.67 30.51 -95.18
CA TYR A 285 -10.07 31.17 -96.33
C TYR A 285 -10.97 32.26 -96.88
N GLY A 286 -12.20 31.91 -97.25
CA GLY A 286 -13.18 32.89 -97.69
C GLY A 286 -12.86 33.47 -99.07
N SER A 287 -13.62 34.51 -99.42
CA SER A 287 -13.41 35.24 -100.65
C SER A 287 -12.98 36.68 -100.40
N SER A 288 -13.77 37.45 -99.66
CA SER A 288 -13.51 38.86 -99.38
C SER A 288 -14.46 39.30 -98.27
N SER A 289 -14.44 40.60 -97.97
CA SER A 289 -15.38 41.28 -97.08
C SER A 289 -15.38 40.71 -95.65
N SER A 290 -16.48 40.91 -94.94
CA SER A 290 -16.66 40.37 -93.60
C SER A 290 -17.19 38.95 -93.74
N LYS A 291 -16.25 38.00 -93.93
CA LYS A 291 -16.63 36.61 -94.17
C LYS A 291 -17.26 35.98 -92.95
N GLY A 292 -16.87 36.41 -91.74
CA GLY A 292 -17.43 35.85 -90.53
C GLY A 292 -18.90 36.17 -90.32
N LYS A 293 -19.40 37.23 -90.95
CA LYS A 293 -20.81 37.59 -90.87
C LYS A 293 -21.54 37.43 -92.19
N ALA A 294 -20.84 37.20 -93.30
CA ALA A 294 -21.47 37.02 -94.60
C ALA A 294 -21.48 35.58 -95.08
N ALA A 295 -20.56 34.74 -94.61
CA ALA A 295 -20.51 33.34 -95.01
C ALA A 295 -20.39 32.37 -93.84
N ALA A 296 -19.93 32.82 -92.67
CA ALA A 296 -19.84 31.95 -91.50
C ALA A 296 -21.08 32.04 -90.63
N ALA A 297 -21.56 33.26 -90.37
CA ALA A 297 -22.75 33.45 -89.54
C ALA A 297 -23.99 32.84 -90.17
N ALA A 298 -24.04 32.78 -91.50
CA ALA A 298 -25.06 32.00 -92.19
C ALA A 298 -24.57 30.59 -92.46
N ALA A 299 -24.06 29.92 -91.42
CA ALA A 299 -23.57 28.55 -91.54
C ALA A 299 -24.08 27.62 -90.46
N ALA A 300 -24.58 28.13 -89.33
CA ALA A 300 -25.18 27.39 -88.23
C ALA A 300 -24.24 26.38 -87.58
N GLN A 301 -24.73 25.67 -86.57
CA GLN A 301 -23.92 24.72 -85.84
C GLN A 301 -24.84 23.72 -85.15
N HIS A 302 -24.25 22.59 -84.76
CA HIS A 302 -24.94 21.57 -83.98
C HIS A 302 -24.38 21.60 -82.57
N ASP A 303 -25.22 21.61 -81.53
CA ASP A 303 -24.61 21.59 -80.17
C ASP A 303 -23.96 20.21 -79.95
N THR A 304 -24.76 19.14 -79.86
CA THR A 304 -24.25 17.76 -79.71
C THR A 304 -24.47 17.23 -78.27
N PRO A 305 -24.31 18.03 -77.19
CA PRO A 305 -24.60 17.56 -75.85
C PRO A 305 -26.09 17.72 -75.51
N ALA A 306 -26.80 18.57 -76.24
CA ALA A 306 -28.21 18.82 -75.91
C ALA A 306 -29.06 17.60 -76.29
N LEU A 307 -28.46 16.60 -76.94
CA LEU A 307 -29.20 15.38 -77.34
C LEU A 307 -28.60 14.21 -76.57
N ARG A 308 -27.67 14.50 -75.67
CA ARG A 308 -27.00 13.48 -74.85
C ARG A 308 -26.72 13.93 -73.43
N HIS A 309 -26.66 15.22 -73.14
CA HIS A 309 -26.48 15.74 -71.79
C HIS A 309 -27.69 16.56 -71.41
N LEU A 310 -27.95 16.65 -70.12
CA LEU A 310 -28.84 17.70 -69.61
C LEU A 310 -28.05 18.78 -68.89
N ASP A 311 -27.32 18.40 -67.83
CA ASP A 311 -26.62 19.35 -66.94
C ASP A 311 -27.54 20.49 -66.54
N VAL A 312 -28.77 20.11 -66.18
CA VAL A 312 -29.91 21.02 -66.30
C VAL A 312 -29.79 22.18 -65.33
N SER A 313 -29.14 21.99 -64.18
CA SER A 313 -28.84 23.09 -63.29
C SER A 313 -27.72 22.70 -62.35
N TYR A 314 -27.27 23.69 -61.60
CA TYR A 314 -26.40 23.52 -60.44
C TYR A 314 -27.23 23.96 -59.24
N HIS A 315 -27.60 23.00 -58.39
CA HIS A 315 -28.52 23.28 -57.31
C HIS A 315 -27.77 23.53 -56.00
N GLY A 316 -28.54 23.92 -55.00
CA GLY A 316 -28.03 24.01 -53.64
C GLY A 316 -28.98 23.30 -52.71
N THR A 317 -28.40 22.68 -51.68
CA THR A 317 -29.19 21.94 -50.71
C THR A 317 -29.95 22.89 -49.80
N GLY A 318 -31.10 22.44 -49.31
CA GLY A 318 -31.84 23.22 -48.34
C GLY A 318 -31.13 23.26 -47.00
N SER A 319 -31.25 24.41 -46.33
CA SER A 319 -30.69 24.60 -45.00
C SER A 319 -31.86 24.78 -44.04
N ALA A 320 -32.27 23.70 -43.38
CA ALA A 320 -33.41 23.76 -42.48
C ALA A 320 -33.09 24.48 -41.18
N VAL A 321 -31.81 24.62 -40.84
CA VAL A 321 -31.39 25.33 -39.63
C VAL A 321 -30.91 26.72 -40.03
N ALA A 322 -31.52 27.74 -39.43
CA ALA A 322 -31.10 29.11 -39.70
C ALA A 322 -29.69 29.33 -39.16
N PRO A 323 -28.86 30.11 -39.85
CA PRO A 323 -27.46 30.26 -39.43
C PRO A 323 -27.28 30.99 -38.11
N GLY A 324 -28.27 31.75 -37.65
CA GLY A 324 -28.16 32.46 -36.39
C GLY A 324 -29.27 32.13 -35.42
N SER A 325 -29.69 30.87 -35.38
CA SER A 325 -30.81 30.45 -34.55
C SER A 325 -30.34 29.74 -33.30
N GLY A 326 -31.28 29.53 -32.38
CA GLY A 326 -30.99 28.76 -31.18
C GLY A 326 -30.66 27.31 -31.47
N THR A 327 -31.28 26.74 -32.51
CA THR A 327 -30.94 25.39 -32.92
C THR A 327 -29.51 25.32 -33.44
N ALA A 328 -29.08 26.32 -34.20
CA ALA A 328 -27.69 26.39 -34.65
C ALA A 328 -26.73 26.59 -33.49
N PHE A 329 -27.14 27.37 -32.48
CA PHE A 329 -26.33 27.53 -31.28
C PHE A 329 -26.19 26.20 -30.52
N LEU A 330 -27.27 25.44 -30.43
CA LEU A 330 -27.20 24.13 -29.78
C LEU A 330 -26.36 23.15 -30.59
N MET A 331 -26.38 23.27 -31.92
CA MET A 331 -25.54 22.41 -32.75
C MET A 331 -24.06 22.73 -32.59
N GLN A 332 -23.70 24.01 -32.69
CA GLN A 332 -22.30 24.44 -32.62
C GLN A 332 -22.18 25.54 -31.57
N PRO A 333 -22.08 25.16 -30.30
CA PRO A 333 -21.96 26.17 -29.24
C PRO A 333 -20.59 26.85 -29.27
N SER A 334 -20.58 28.11 -28.80
CA SER A 334 -19.36 28.87 -28.71
C SER A 334 -19.55 29.95 -27.65
N TRP A 335 -18.44 30.30 -26.99
CA TRP A 335 -18.50 31.31 -25.94
C TRP A 335 -18.84 32.69 -26.50
N ASP A 336 -18.45 32.96 -27.76
CA ASP A 336 -18.87 34.19 -28.41
C ASP A 336 -20.38 34.23 -28.59
N ALA A 337 -20.99 33.10 -28.95
CA ALA A 337 -22.44 33.03 -29.07
C ALA A 337 -23.10 33.17 -27.69
N VAL A 338 -22.49 32.62 -26.65
CA VAL A 338 -23.03 32.78 -25.30
C VAL A 338 -23.00 34.23 -24.86
N THR A 339 -21.89 34.93 -25.12
CA THR A 339 -21.80 36.35 -24.78
C THR A 339 -22.74 37.19 -25.63
N GLY A 340 -22.96 36.81 -26.89
CA GLY A 340 -23.96 37.49 -27.70
C GLY A 340 -25.36 37.31 -27.17
N ALA A 341 -25.68 36.11 -26.69
CA ALA A 341 -26.99 35.89 -26.07
C ALA A 341 -27.12 36.66 -24.76
N ILE A 342 -26.03 36.77 -24.01
CA ILE A 342 -26.04 37.55 -22.76
C ILE A 342 -26.30 39.02 -23.06
N ARG A 343 -25.65 39.56 -24.10
CA ARG A 343 -25.90 40.94 -24.50
C ARG A 343 -27.30 41.10 -25.09
N TRP A 344 -27.86 40.06 -25.70
CA TRP A 344 -29.25 40.09 -26.14
C TRP A 344 -30.22 40.01 -24.97
N GLY A 345 -29.77 39.53 -23.81
CA GLY A 345 -30.63 39.49 -22.63
C GLY A 345 -30.87 40.83 -21.95
N LEU A 346 -30.66 41.92 -22.69
CA LEU A 346 -30.88 43.30 -22.24
C LEU A 346 -32.35 43.69 -22.37
N GLU A 347 -32.61 45.00 -22.35
CA GLU A 347 -33.92 45.66 -22.37
C GLU A 347 -34.65 45.53 -21.05
N ARG A 348 -33.89 45.28 -19.97
CA ARG A 348 -34.41 45.36 -18.62
C ARG A 348 -33.67 46.35 -17.75
N SER A 349 -32.46 46.74 -18.12
CA SER A 349 -31.59 47.59 -17.32
C SER A 349 -31.53 49.01 -17.88
N GLY A 350 -32.67 49.52 -18.37
CA GLY A 350 -32.72 50.87 -18.89
C GLY A 350 -32.71 51.93 -17.81
N LEU A 351 -31.59 52.02 -17.10
CA LEU A 351 -31.38 52.90 -15.96
C LEU A 351 -30.05 53.62 -16.15
N PRO A 352 -29.83 54.74 -15.44
CA PRO A 352 -28.49 55.34 -15.43
C PRO A 352 -27.48 54.47 -14.70
N GLU A 353 -27.04 53.40 -15.35
CA GLU A 353 -26.22 52.36 -14.73
C GLU A 353 -24.77 52.43 -15.18
N LEU A 354 -24.28 53.63 -15.49
CA LEU A 354 -22.93 53.83 -15.99
C LEU A 354 -22.10 54.58 -14.96
N ARG A 355 -20.95 54.01 -14.60
CA ARG A 355 -19.86 54.65 -13.86
C ARG A 355 -20.20 54.93 -12.39
N ALA A 356 -21.44 54.68 -11.98
CA ALA A 356 -21.85 54.98 -10.61
C ALA A 356 -23.06 54.13 -10.25
N LEU A 357 -22.87 53.24 -9.26
CA LEU A 357 -23.92 52.40 -8.68
C LEU A 357 -24.64 51.54 -9.71
N ARG A 358 -25.84 51.07 -9.35
CA ARG A 358 -26.72 50.26 -10.19
C ARG A 358 -26.03 49.00 -10.71
N ASP A 359 -25.58 49.03 -11.97
CA ASP A 359 -24.90 47.88 -12.55
C ASP A 359 -23.46 47.76 -12.11
N SER A 360 -22.94 48.73 -11.35
CA SER A 360 -21.69 48.56 -10.63
C SER A 360 -21.90 47.87 -9.29
N LEU A 361 -23.15 47.60 -8.91
CA LEU A 361 -23.47 46.90 -7.67
C LEU A 361 -24.40 45.72 -7.84
N LEU A 362 -25.19 45.65 -8.93
CA LEU A 362 -26.07 44.48 -9.11
C LEU A 362 -25.30 43.18 -9.35
N PRO A 363 -24.27 43.11 -10.21
CA PRO A 363 -23.50 41.85 -10.28
C PRO A 363 -22.57 41.62 -9.10
N GLU A 364 -22.50 42.55 -8.14
CA GLU A 364 -21.82 42.28 -6.88
C GLU A 364 -22.80 41.83 -5.79
N TRP A 365 -24.05 42.25 -5.89
CA TRP A 365 -25.11 41.83 -4.98
C TRP A 365 -25.88 40.62 -5.51
N ARG A 366 -25.49 40.10 -6.67
CA ARG A 366 -25.98 38.82 -7.18
C ARG A 366 -25.31 37.60 -6.54
N PRO A 367 -23.98 37.55 -6.32
CA PRO A 367 -23.39 36.36 -5.64
C PRO A 367 -23.91 36.13 -4.22
N PRO A 368 -24.26 37.16 -3.41
CA PRO A 368 -24.96 36.83 -2.15
C PRO A 368 -26.34 36.23 -2.34
N ALA A 369 -26.95 36.39 -3.53
CA ALA A 369 -28.11 35.61 -3.89
C ALA A 369 -27.73 34.29 -4.56
N LEU A 370 -26.43 34.05 -4.78
CA LEU A 370 -25.95 32.79 -5.35
C LEU A 370 -25.11 32.00 -4.37
N GLU A 371 -24.01 32.58 -3.85
CA GLU A 371 -23.09 31.82 -3.03
C GLU A 371 -23.67 31.50 -1.67
N LEU A 372 -24.51 32.38 -1.13
CA LEU A 372 -25.22 32.07 0.11
C LEU A 372 -26.25 30.97 -0.12
N ASN A 373 -26.94 31.01 -1.26
CA ASN A 373 -27.90 29.97 -1.61
C ASN A 373 -27.24 28.80 -2.32
N ARG A 374 -25.93 28.85 -2.54
CA ARG A 374 -25.21 27.70 -3.10
C ARG A 374 -25.19 26.53 -2.14
N SER A 375 -25.27 26.81 -0.83
CA SER A 375 -25.29 25.74 0.15
C SER A 375 -26.64 25.02 0.11
N ASN A 376 -26.68 23.85 0.77
CA ASN A 376 -27.83 22.96 0.88
C ASN A 376 -28.31 22.43 -0.47
N ASN A 377 -29.38 21.64 -0.47
CA ASN A 377 -29.88 21.01 -1.68
C ASN A 377 -31.29 21.46 -2.04
N ASN A 378 -32.22 21.45 -1.09
CA ASN A 378 -33.59 21.85 -1.39
C ASN A 378 -33.67 23.34 -1.72
N LEU A 379 -32.91 24.16 -1.00
CA LEU A 379 -32.87 25.59 -1.31
C LEU A 379 -32.25 25.85 -2.68
N GLY A 380 -31.19 25.12 -3.01
CA GLY A 380 -30.60 25.26 -4.34
C GLY A 380 -31.54 24.80 -5.44
N VAL A 381 -32.31 23.73 -5.18
CA VAL A 381 -33.27 23.23 -6.16
C VAL A 381 -34.39 24.24 -6.39
N VAL A 382 -34.93 24.82 -5.31
CA VAL A 382 -36.02 25.78 -5.48
C VAL A 382 -35.51 27.08 -6.09
N TYR A 383 -34.27 27.48 -5.79
CA TYR A 383 -33.71 28.67 -6.44
C TYR A 383 -33.48 28.42 -7.93
N PHE A 384 -33.01 27.22 -8.29
CA PHE A 384 -32.84 26.87 -9.69
C PHE A 384 -34.18 26.86 -10.43
N ALA A 385 -35.23 26.33 -9.79
CA ALA A 385 -36.55 26.30 -10.40
C ALA A 385 -37.10 27.71 -10.60
N VAL A 386 -36.95 28.57 -9.59
CA VAL A 386 -37.44 29.94 -9.68
C VAL A 386 -36.69 30.70 -10.78
N CYS A 387 -35.36 30.56 -10.82
CA CYS A 387 -34.57 31.24 -11.83
C CYS A 387 -34.88 30.72 -13.24
N LEU A 388 -35.09 29.41 -13.38
CA LEU A 388 -35.44 28.85 -14.68
C LEU A 388 -36.79 29.35 -15.16
N THR A 389 -37.78 29.41 -14.26
CA THR A 389 -39.09 29.92 -14.65
C THR A 389 -39.03 31.41 -15.01
N LEU A 390 -38.26 32.19 -14.25
CA LEU A 390 -38.11 33.61 -14.56
C LEU A 390 -37.41 33.83 -15.90
N GLY A 391 -36.36 33.06 -16.16
CA GLY A 391 -35.66 33.17 -17.44
C GLY A 391 -36.44 32.62 -18.61
N ILE A 392 -37.40 31.74 -18.36
CA ILE A 392 -38.31 31.33 -19.42
C ILE A 392 -39.33 32.42 -19.71
N VAL A 393 -39.89 33.04 -18.67
CA VAL A 393 -40.98 33.98 -18.90
C VAL A 393 -40.50 35.38 -19.30
N ILE A 394 -39.24 35.75 -19.03
CA ILE A 394 -38.85 37.16 -19.20
C ILE A 394 -38.49 37.50 -20.66
N PRO A 395 -37.65 36.77 -21.43
CA PRO A 395 -37.71 36.93 -22.89
C PRO A 395 -39.07 36.83 -23.51
N ALA A 396 -40.01 36.09 -22.93
CA ALA A 396 -41.32 35.93 -23.59
C ALA A 396 -42.12 37.23 -23.66
N LEU A 397 -41.86 38.15 -22.74
CA LEU A 397 -42.47 39.47 -22.74
C LEU A 397 -41.53 40.56 -23.25
N ARG A 398 -40.29 40.56 -22.77
CA ARG A 398 -39.27 41.59 -23.07
C ARG A 398 -39.77 43.00 -22.77
N PRO A 605 -16.82 28.63 65.09
CA PRO A 605 -17.89 28.33 66.06
C PRO A 605 -19.28 28.38 65.43
N LYS A 606 -19.86 27.20 65.19
CA LYS A 606 -21.21 27.15 64.65
C LYS A 606 -22.22 27.56 65.71
N PRO A 607 -23.26 28.32 65.35
CA PRO A 607 -24.29 28.69 66.32
C PRO A 607 -25.12 27.49 66.75
N ASP A 608 -25.59 27.54 67.99
CA ASP A 608 -26.42 26.48 68.53
C ASP A 608 -27.28 27.04 69.64
N THR A 609 -28.41 26.36 69.88
CA THR A 609 -29.40 26.68 70.91
C THR A 609 -29.88 28.12 70.83
N GLU A 610 -29.29 29.01 71.64
CA GLU A 610 -29.71 30.41 71.65
C GLU A 610 -29.30 31.10 70.35
N GLY A 611 -28.13 30.77 69.81
CA GLY A 611 -27.74 31.33 68.53
C GLY A 611 -28.62 30.87 67.39
N ARG A 612 -29.03 29.60 67.41
CA ARG A 612 -29.96 29.08 66.41
C ARG A 612 -31.33 29.75 66.56
N LEU A 613 -31.75 30.00 67.80
CA LEU A 613 -32.99 30.74 68.03
C LEU A 613 -32.91 32.15 67.46
N GLU A 614 -31.77 32.82 67.67
CA GLU A 614 -31.58 34.16 67.13
C GLU A 614 -31.57 34.16 65.61
N ILE A 615 -30.94 33.16 64.99
CA ILE A 615 -30.92 33.06 63.54
C ILE A 615 -32.31 32.78 62.98
N LEU A 616 -33.06 31.90 63.63
CA LEU A 616 -34.42 31.59 63.17
C LEU A 616 -35.35 32.79 63.35
N LYS A 617 -35.18 33.56 64.44
CA LYS A 617 -35.98 34.76 64.63
C LYS A 617 -35.59 35.84 63.63
N LEU A 618 -34.31 35.93 63.27
CA LEU A 618 -33.87 36.90 62.27
C LEU A 618 -34.42 36.56 60.89
N HIS A 619 -34.43 35.28 60.54
CA HIS A 619 -34.96 34.87 59.24
C HIS A 619 -36.48 34.77 59.24
N LEU A 620 -37.12 34.83 60.40
CA LEU A 620 -38.58 34.87 60.50
C LEU A 620 -39.08 36.18 61.08
N ARG A 621 -38.27 37.25 61.00
CA ARG A 621 -38.66 38.55 61.53
C ARG A 621 -39.65 39.30 60.64
N ASN A 622 -39.86 38.83 59.41
CA ASN A 622 -40.80 39.47 58.48
C ASN A 622 -41.88 38.51 57.99
N LYS A 623 -41.93 37.29 58.53
CA LYS A 623 -42.90 36.29 58.10
C LYS A 623 -43.74 35.86 59.29
N GLN A 624 -45.04 35.68 59.06
CA GLN A 624 -45.95 35.26 60.11
C GLN A 624 -45.72 33.81 60.47
N VAL A 625 -45.60 33.54 61.78
CA VAL A 625 -45.34 32.20 62.29
C VAL A 625 -46.52 31.78 63.17
N ALA A 626 -47.03 30.59 62.92
CA ALA A 626 -48.08 30.04 63.77
C ALA A 626 -47.50 29.68 65.14
N PRO A 627 -48.31 29.79 66.20
CA PRO A 627 -47.80 29.48 67.55
C PRO A 627 -47.50 28.00 67.78
N ASP A 628 -48.02 27.10 66.94
CA ASP A 628 -47.78 25.67 67.15
C ASP A 628 -46.37 25.25 66.80
N VAL A 629 -45.63 26.07 66.05
CA VAL A 629 -44.25 25.76 65.68
C VAL A 629 -43.36 26.15 66.85
N ASP A 630 -42.83 25.16 67.57
CA ASP A 630 -41.96 25.40 68.71
C ASP A 630 -40.58 25.79 68.19
N LEU A 631 -40.23 27.07 68.34
CA LEU A 631 -38.94 27.55 67.86
C LEU A 631 -37.78 26.95 68.65
N LEU A 632 -37.94 26.81 69.97
CA LEU A 632 -36.89 26.21 70.79
C LEU A 632 -36.67 24.74 70.44
N GLN A 633 -37.76 23.99 70.24
CA GLN A 633 -37.64 22.59 69.85
C GLN A 633 -37.03 22.45 68.46
N LEU A 634 -37.39 23.35 67.55
CA LEU A 634 -36.81 23.32 66.21
C LEU A 634 -35.32 23.66 66.24
N ALA A 635 -34.93 24.59 67.10
CA ALA A 635 -33.50 24.94 67.21
C ALA A 635 -32.71 23.81 67.85
N ARG A 636 -33.27 23.14 68.87
CA ARG A 636 -32.55 22.05 69.50
C ARG A 636 -32.54 20.80 68.63
N ASP A 637 -33.52 20.66 67.74
CA ASP A 637 -33.63 19.48 66.89
C ASP A 637 -32.85 19.60 65.59
N LEU A 638 -32.12 20.70 65.39
CA LEU A 638 -31.34 20.93 64.18
C LEU A 638 -29.91 21.28 64.57
N PRO A 639 -29.17 20.33 65.14
CA PRO A 639 -27.84 20.67 65.67
C PRO A 639 -26.78 20.72 64.57
N GLY A 640 -25.79 21.58 64.81
CA GLY A 640 -24.68 21.72 63.88
C GLY A 640 -24.97 22.53 62.64
N LEU A 641 -26.21 22.95 62.44
CA LEU A 641 -26.59 23.71 61.26
C LEU A 641 -26.25 25.18 61.45
N VAL A 642 -25.97 25.85 60.34
CA VAL A 642 -25.56 27.25 60.37
C VAL A 642 -26.64 28.10 59.72
N GLY A 643 -26.43 29.42 59.71
CA GLY A 643 -27.36 30.31 59.04
C GLY A 643 -27.44 30.05 57.55
N ALA A 644 -26.34 29.62 56.94
CA ALA A 644 -26.27 29.29 55.52
C ALA A 644 -27.04 28.03 55.16
N ASP A 645 -27.67 27.35 56.13
CA ASP A 645 -28.66 26.31 55.89
C ASP A 645 -30.02 26.60 56.50
N LEU A 646 -30.07 27.32 57.62
CA LEU A 646 -31.34 27.71 58.21
C LEU A 646 -32.07 28.73 57.35
N ALA A 647 -31.34 29.57 56.61
CA ALA A 647 -31.96 30.47 55.65
C ALA A 647 -32.68 29.70 54.55
N ASN A 648 -32.04 28.65 54.03
CA ASN A 648 -32.68 27.78 53.05
C ASN A 648 -33.89 27.06 53.63
N ILE A 649 -33.80 26.62 54.89
CA ILE A 649 -34.92 25.92 55.51
C ILE A 649 -36.12 26.85 55.66
N VAL A 650 -35.90 28.08 56.13
CA VAL A 650 -36.98 29.06 56.24
C VAL A 650 -37.51 29.44 54.87
N ASN A 651 -36.61 29.53 53.87
CA ASN A 651 -37.01 29.82 52.50
C ASN A 651 -37.94 28.74 51.97
N GLU A 652 -37.57 27.47 52.13
CA GLU A 652 -38.40 26.39 51.60
C GLU A 652 -39.69 26.23 52.41
N ALA A 653 -39.67 26.55 53.71
CA ALA A 653 -40.92 26.59 54.47
C ALA A 653 -41.86 27.66 53.93
N ALA A 654 -41.32 28.84 53.60
CA ALA A 654 -42.14 29.91 53.02
C ALA A 654 -42.69 29.52 51.65
N MET A 655 -41.86 28.90 50.81
CA MET A 655 -42.34 28.49 49.49
C MET A 655 -43.36 27.35 49.58
N THR A 656 -43.20 26.44 50.54
CA THR A 656 -44.18 25.38 50.72
C THR A 656 -45.50 25.93 51.24
N ALA A 657 -45.44 26.94 52.12
CA ALA A 657 -46.67 27.61 52.55
C ALA A 657 -47.34 28.35 51.40
N VAL A 658 -46.54 28.97 50.52
CA VAL A 658 -47.10 29.68 49.37
C VAL A 658 -47.75 28.69 48.40
N ARG A 659 -47.08 27.57 48.12
CA ARG A 659 -47.63 26.56 47.23
C ARG A 659 -48.82 25.83 47.85
N SER A 660 -48.94 25.81 49.18
CA SER A 660 -50.07 25.18 49.84
C SER A 660 -51.34 26.02 49.76
N GLY A 661 -51.26 27.25 49.28
CA GLY A 661 -52.45 28.08 49.13
C GLY A 661 -52.98 28.67 50.41
N ARG A 662 -52.15 28.82 51.43
CA ARG A 662 -52.56 29.40 52.70
C ARG A 662 -51.39 30.14 53.31
N GLN A 663 -51.60 30.66 54.52
CA GLN A 663 -50.53 31.31 55.26
C GLN A 663 -49.66 30.25 55.95
N GLN A 664 -48.63 30.71 56.66
CA GLN A 664 -47.68 29.81 57.32
C GLN A 664 -48.26 29.36 58.66
N LEU A 665 -49.31 28.56 58.58
CA LEU A 665 -49.86 27.85 59.73
C LEU A 665 -49.37 26.42 59.68
N THR A 666 -49.58 25.70 60.79
CA THR A 666 -49.23 24.30 61.09
C THR A 666 -47.72 24.04 61.03
N ALA A 667 -47.27 22.94 61.62
CA ALA A 667 -45.85 22.61 61.65
C ALA A 667 -45.43 21.71 60.49
N ARG A 668 -46.38 21.29 59.65
CA ARG A 668 -46.05 20.35 58.59
C ARG A 668 -45.21 21.00 57.50
N ASP A 669 -45.49 22.27 57.17
CA ASP A 669 -44.68 22.95 56.17
C ASP A 669 -43.27 23.22 56.69
N ILE A 670 -43.14 23.54 57.97
CA ILE A 670 -41.82 23.72 58.59
C ILE A 670 -41.05 22.41 58.58
N TYR A 671 -41.72 21.31 58.90
CA TYR A 671 -41.07 20.00 58.89
C TYR A 671 -40.69 19.58 57.48
N ALA A 672 -41.52 19.91 56.49
CA ALA A 672 -41.16 19.64 55.10
C ALA A 672 -39.96 20.47 54.67
N GLY A 673 -39.89 21.72 55.12
CA GLY A 673 -38.74 22.55 54.82
C GLY A 673 -37.45 22.05 55.47
N VAL A 674 -37.56 21.54 56.69
CA VAL A 674 -36.40 20.91 57.34
C VAL A 674 -36.00 19.64 56.61
N ASP A 675 -36.98 18.83 56.21
CA ASP A 675 -36.70 17.55 55.56
C ASP A 675 -36.09 17.74 54.18
N ARG A 676 -36.48 18.79 53.46
CA ARG A 676 -35.98 19.04 52.11
C ARG A 676 -34.47 19.23 52.09
N PHE A 677 -33.87 19.68 53.19
CA PHE A 677 -32.43 19.87 53.23
C PHE A 677 -31.72 18.95 54.21
N THR A 678 -32.43 18.29 55.11
CA THR A 678 -31.75 17.29 55.93
C THR A 678 -31.76 15.91 55.26
N GLN A 679 -32.86 15.55 54.62
CA GLN A 679 -32.97 14.33 53.83
C GLN A 679 -33.39 14.77 52.43
N GLY A 680 -32.40 15.10 51.62
CA GLY A 680 -32.65 15.88 50.42
C GLY A 680 -33.50 15.15 49.40
N GLU A 681 -34.21 15.95 48.59
CA GLU A 681 -35.11 15.52 47.52
C GLU A 681 -36.30 14.72 48.03
N VAL A 682 -37.22 14.41 47.12
CA VAL A 682 -38.41 13.62 47.44
C VAL A 682 -38.50 12.51 46.41
N ARG A 683 -38.34 11.27 46.86
CA ARG A 683 -38.51 10.12 45.99
C ARG A 683 -39.99 9.85 45.77
N PRO A 684 -40.35 9.09 44.73
CA PRO A 684 -41.73 8.63 44.59
C PRO A 684 -42.16 7.78 45.78
N SER A 685 -43.45 7.83 46.08
CA SER A 685 -44.00 7.16 47.25
C SER A 685 -43.98 5.65 47.06
N LEU A 686 -44.26 4.94 48.16
CA LEU A 686 -44.35 3.49 48.12
C LEU A 686 -45.56 3.07 47.29
N PRO A 687 -45.45 2.00 46.49
CA PRO A 687 -46.56 1.61 45.62
C PRO A 687 -47.75 1.09 46.41
N THR A 688 -48.95 1.38 45.90
CA THR A 688 -50.17 0.85 46.46
C THR A 688 -50.47 -0.56 45.99
N ALA A 689 -49.80 -1.04 44.94
CA ALA A 689 -49.92 -2.42 44.54
C ALA A 689 -49.23 -3.30 45.56
N HIS A 690 -49.94 -4.34 46.02
CA HIS A 690 -49.55 -5.29 47.06
C HIS A 690 -49.48 -4.64 48.43
N LYS A 691 -49.84 -5.39 49.47
CA LYS A 691 -49.92 -4.86 50.82
C LYS A 691 -48.64 -5.05 51.62
N LEU A 692 -47.56 -5.49 50.98
CA LEU A 692 -46.31 -5.73 51.71
C LEU A 692 -45.54 -4.45 52.06
N PRO A 693 -45.16 -3.56 51.12
CA PRO A 693 -44.25 -2.47 51.52
C PRO A 693 -44.92 -1.40 52.36
N VAL A 694 -46.20 -1.11 52.11
CA VAL A 694 -46.92 -0.14 52.92
C VAL A 694 -47.10 -0.68 54.34
N LEU A 695 -47.21 -1.99 54.50
CA LEU A 695 -47.30 -2.56 55.85
C LEU A 695 -45.95 -2.57 56.55
N CYS A 696 -44.87 -2.95 55.86
CA CYS A 696 -43.57 -3.02 56.51
C CYS A 696 -43.05 -1.64 56.89
N PHE A 697 -43.01 -0.72 55.90
CA PHE A 697 -42.60 0.66 56.19
C PHE A 697 -43.75 1.51 56.68
N ALA A 698 -44.57 0.96 57.54
CA ALA A 698 -45.40 1.64 58.53
C ALA A 698 -45.31 0.93 59.86
N ALA A 699 -45.22 -0.40 59.84
CA ALA A 699 -45.14 -1.18 61.06
C ALA A 699 -43.85 -0.93 61.81
N LYS A 700 -42.73 -0.79 61.09
CA LYS A 700 -41.47 -0.54 61.79
C LYS A 700 -41.49 0.80 62.52
N GLU A 701 -42.00 1.85 61.87
CA GLU A 701 -42.00 3.16 62.50
C GLU A 701 -43.09 3.28 63.58
N ILE A 702 -44.23 2.63 63.37
CA ILE A 702 -45.27 2.58 64.39
C ILE A 702 -44.76 1.87 65.64
N GLY A 703 -44.06 0.74 65.45
CA GLY A 703 -43.51 0.04 66.59
C GLY A 703 -42.42 0.80 67.30
N ILE A 704 -41.57 1.51 66.55
CA ILE A 704 -40.54 2.33 67.18
C ILE A 704 -41.17 3.45 68.00
N ALA A 705 -42.18 4.12 67.45
CA ALA A 705 -42.86 5.19 68.19
C ALA A 705 -43.61 4.65 69.40
N LEU A 706 -44.22 3.47 69.26
CA LEU A 706 -44.94 2.86 70.37
C LEU A 706 -44.00 2.46 71.50
N VAL A 707 -42.87 1.84 71.16
CA VAL A 707 -41.88 1.48 72.18
C VAL A 707 -41.27 2.72 72.80
N ALA A 708 -41.08 3.79 72.01
CA ALA A 708 -40.60 5.05 72.56
C ALA A 708 -41.58 5.64 73.56
N GLY A 709 -42.87 5.58 73.25
CA GLY A 709 -43.87 6.04 74.21
C GLY A 709 -43.94 5.19 75.46
N GLU A 710 -43.82 3.87 75.30
CA GLU A 710 -43.87 2.97 76.45
C GLU A 710 -42.66 3.13 77.35
N LEU A 711 -41.49 3.40 76.77
CA LEU A 711 -40.30 3.67 77.56
C LEU A 711 -40.28 5.10 78.10
N ARG A 712 -41.01 6.01 77.48
CA ARG A 712 -41.27 7.32 78.09
C ARG A 712 -42.14 7.15 79.34
N ASP A 713 -43.09 6.23 79.30
CA ASP A 713 -43.73 5.78 80.52
C ASP A 713 -42.74 4.97 81.34
N ARG A 714 -43.06 4.80 82.63
CA ARG A 714 -42.25 4.08 83.62
C ARG A 714 -40.89 4.75 83.84
N TYR A 715 -40.01 4.67 82.84
CA TYR A 715 -38.64 5.15 82.98
C TYR A 715 -38.51 6.65 82.70
N GLY A 716 -38.91 7.08 81.50
CA GLY A 716 -38.87 8.48 81.14
C GLY A 716 -37.60 8.94 80.45
N ARG A 717 -36.66 8.03 80.18
CA ARG A 717 -35.39 8.42 79.56
C ARG A 717 -35.54 8.67 78.07
N VAL A 718 -36.45 7.98 77.40
CA VAL A 718 -36.59 8.09 75.95
C VAL A 718 -37.32 9.38 75.61
N GLU A 719 -36.74 10.16 74.70
CA GLU A 719 -37.34 11.41 74.27
C GLU A 719 -38.59 11.14 73.43
N LEU A 720 -39.42 12.18 73.31
CA LEU A 720 -40.68 12.06 72.59
C LEU A 720 -40.45 11.99 71.08
N VAL A 721 -41.41 11.39 70.39
CA VAL A 721 -41.35 11.22 68.94
C VAL A 721 -41.91 12.49 68.28
N GLU A 722 -41.11 13.09 67.39
CA GLU A 722 -41.57 14.25 66.64
C GLU A 722 -42.56 13.84 65.56
N ARG A 723 -42.14 13.00 64.62
CA ARG A 723 -42.99 12.62 63.51
C ARG A 723 -42.50 11.31 62.92
N VAL A 724 -43.40 10.65 62.19
CA VAL A 724 -43.08 9.49 61.36
C VAL A 724 -43.55 9.81 59.94
N SER A 725 -42.71 9.53 58.96
CA SER A 725 -42.90 10.06 57.61
C SER A 725 -43.48 9.03 56.63
N ILE A 726 -42.79 7.91 56.44
CA ILE A 726 -43.02 6.81 55.48
C ILE A 726 -43.23 7.29 54.04
N GLN A 727 -42.91 8.55 53.76
CA GLN A 727 -42.82 9.05 52.40
C GLN A 727 -41.34 9.16 52.05
N PRO A 728 -40.85 8.45 51.04
CA PRO A 728 -39.41 8.39 50.77
C PRO A 728 -38.87 9.74 50.32
N LYS A 729 -38.01 10.34 51.13
CA LYS A 729 -37.34 11.59 50.79
C LYS A 729 -35.84 11.37 50.90
N GLY A 730 -35.26 10.75 49.87
CA GLY A 730 -33.82 10.68 49.73
C GLY A 730 -33.22 9.56 50.54
N ARG A 731 -32.59 8.58 49.88
CA ARG A 731 -31.77 7.53 50.46
C ARG A 731 -32.49 6.67 51.51
N ALA A 732 -33.82 6.79 51.62
CA ALA A 732 -34.57 6.07 52.64
C ALA A 732 -36.03 6.02 52.23
N TYR A 733 -36.76 5.07 52.81
CA TYR A 733 -38.18 4.91 52.54
C TYR A 733 -39.07 5.37 53.67
N SER A 734 -38.59 5.29 54.92
CA SER A 734 -39.39 5.71 56.06
C SER A 734 -38.45 6.25 57.12
N ARG A 735 -39.01 7.07 58.02
CA ARG A 735 -38.23 7.70 59.06
C ARG A 735 -39.05 7.74 60.34
N THR A 736 -38.33 7.86 61.46
CA THR A 736 -38.91 8.27 62.73
C THR A 736 -38.00 9.32 63.34
N MET A 737 -38.54 10.52 63.49
CA MET A 737 -37.78 11.61 64.06
C MET A 737 -38.02 11.67 65.55
N PHE A 738 -36.96 11.88 66.30
CA PHE A 738 -37.05 11.98 67.75
C PHE A 738 -36.82 13.43 68.16
N GLN A 739 -37.68 13.91 69.06
CA GLN A 739 -37.53 15.27 69.57
C GLN A 739 -36.28 15.29 70.44
N ARG A 740 -35.15 15.70 69.84
CA ARG A 740 -33.86 15.76 70.50
C ARG A 740 -33.96 16.54 71.80
N GLY A 741 -33.71 15.88 72.91
CA GLY A 741 -33.69 16.56 74.18
C GLY A 741 -32.55 17.54 74.27
N THR A 742 -32.60 18.38 75.30
CA THR A 742 -31.58 19.37 75.58
C THR A 742 -30.21 18.73 75.69
N ASP A 743 -29.14 19.48 75.46
CA ASP A 743 -27.81 18.96 75.69
C ASP A 743 -27.61 18.82 77.20
N GLU A 744 -26.50 18.20 77.62
CA GLU A 744 -26.15 17.76 78.97
C GLU A 744 -26.98 16.51 79.36
N GLU A 745 -27.97 16.17 78.55
CA GLU A 745 -28.58 14.86 78.66
C GLU A 745 -27.92 13.86 77.74
N TYR A 746 -27.09 14.33 76.81
CA TYR A 746 -26.37 13.50 75.87
C TYR A 746 -24.88 13.43 76.16
N GLN A 747 -24.40 14.22 77.12
CA GLN A 747 -23.00 14.26 77.52
C GLN A 747 -22.59 13.09 78.41
N LEU A 748 -23.48 12.14 78.63
CA LEU A 748 -23.25 11.04 79.55
C LEU A 748 -24.22 9.91 79.25
N MET A 749 -23.70 8.71 79.00
CA MET A 749 -24.53 7.56 78.68
C MET A 749 -24.76 6.73 79.93
N THR A 750 -26.03 6.54 80.28
CA THR A 750 -26.43 5.80 81.47
C THR A 750 -26.82 4.38 81.06
N ARG A 751 -26.78 3.46 82.03
CA ARG A 751 -27.14 2.07 81.78
C ARG A 751 -28.59 1.95 81.32
N GLY A 752 -29.50 2.64 81.99
CA GLY A 752 -30.89 2.62 81.57
C GLY A 752 -31.12 3.25 80.21
N ARG A 753 -30.38 4.33 79.92
CA ARG A 753 -30.46 4.96 78.60
C ARG A 753 -29.98 4.02 77.52
N LEU A 754 -28.89 3.29 77.76
CA LEU A 754 -28.39 2.34 76.77
C LEU A 754 -29.35 1.17 76.58
N LEU A 755 -29.96 0.70 77.67
CA LEU A 755 -30.96 -0.37 77.56
C LEU A 755 -32.16 0.10 76.73
N ASP A 756 -32.61 1.33 76.97
CA ASP A 756 -33.72 1.89 76.20
C ASP A 756 -33.35 2.06 74.74
N ARG A 757 -32.10 2.43 74.46
CA ARG A 757 -31.66 2.56 73.07
C ARG A 757 -31.60 1.21 72.36
N ILE A 758 -31.16 0.16 73.07
CA ILE A 758 -31.17 -1.18 72.50
C ILE A 758 -32.59 -1.63 72.21
N ARG A 759 -33.51 -1.36 73.14
CA ARG A 759 -34.92 -1.70 72.92
C ARG A 759 -35.50 -0.95 71.73
N LEU A 760 -35.19 0.34 71.61
CA LEU A 760 -35.67 1.13 70.48
C LEU A 760 -35.08 0.66 69.17
N ALA A 761 -33.85 0.15 69.20
CA ALA A 761 -33.26 -0.45 67.99
C ALA A 761 -34.03 -1.70 67.59
N LEU A 762 -34.26 -2.62 68.53
CA LEU A 762 -34.94 -3.87 68.21
C LEU A 762 -36.42 -3.68 67.88
N ALA A 763 -36.99 -2.53 68.25
CA ALA A 763 -38.44 -2.31 68.16
C ALA A 763 -38.95 -2.39 66.73
N GLY A 764 -38.24 -1.78 65.77
CA GLY A 764 -38.74 -1.75 64.40
C GLY A 764 -38.83 -3.12 63.76
N GLY A 765 -37.77 -3.92 63.90
CA GLY A 765 -37.78 -5.27 63.35
C GLY A 765 -38.80 -6.16 64.04
N PHE A 766 -38.91 -6.06 65.37
CA PHE A 766 -39.88 -6.91 66.04
C PHE A 766 -41.31 -6.44 65.80
N ALA A 767 -41.52 -5.16 65.49
CA ALA A 767 -42.85 -4.70 65.11
C ALA A 767 -43.23 -5.18 63.72
N VAL A 768 -42.28 -5.20 62.79
CA VAL A 768 -42.55 -5.77 61.47
C VAL A 768 -42.86 -7.26 61.60
N ARG A 769 -42.12 -7.96 62.45
CA ARG A 769 -42.37 -9.38 62.69
C ARG A 769 -43.74 -9.60 63.32
N THR A 770 -44.13 -8.75 64.27
CA THR A 770 -45.43 -8.89 64.91
C THR A 770 -46.58 -8.57 63.95
N ALA A 771 -46.39 -7.60 63.06
CA ALA A 771 -47.42 -7.26 62.09
C ALA A 771 -47.60 -8.37 61.06
N LEU A 772 -46.50 -8.84 60.49
CA LEU A 772 -46.59 -9.82 59.42
C LEU A 772 -46.79 -11.24 59.91
N GLY A 773 -46.52 -11.50 61.18
CA GLY A 773 -46.47 -12.88 61.65
C GLY A 773 -45.32 -13.65 61.06
N GLU A 774 -44.24 -12.96 60.70
CA GLU A 774 -43.16 -13.58 59.93
C GLU A 774 -41.89 -12.76 60.11
N GLU A 775 -40.77 -13.46 60.22
CA GLU A 775 -39.48 -12.79 60.27
C GLU A 775 -39.12 -12.25 58.88
N THR A 776 -38.54 -11.05 58.87
CA THR A 776 -38.12 -10.40 57.63
C THR A 776 -36.64 -10.05 57.73
N ASN A 777 -36.16 -9.35 56.70
CA ASN A 777 -34.81 -8.79 56.73
C ASN A 777 -34.77 -7.43 57.40
N PHE A 778 -35.92 -6.93 57.87
CA PHE A 778 -35.95 -5.67 58.60
C PHE A 778 -35.28 -5.77 59.96
N THR A 779 -35.14 -6.97 60.50
CA THR A 779 -34.45 -7.15 61.76
C THR A 779 -32.93 -7.13 61.60
N ALA A 780 -32.41 -7.18 60.36
CA ALA A 780 -30.97 -7.28 60.17
C ALA A 780 -30.25 -6.00 60.59
N ALA A 781 -30.74 -4.84 60.15
CA ALA A 781 -30.12 -3.57 60.53
C ALA A 781 -30.28 -3.30 62.01
N ASP A 782 -31.46 -3.64 62.56
CA ASP A 782 -31.70 -3.46 63.99
C ASP A 782 -30.79 -4.35 64.82
N ILE A 783 -30.57 -5.59 64.38
CA ILE A 783 -29.68 -6.51 65.06
C ILE A 783 -28.23 -6.01 64.96
N LYS A 784 -27.86 -5.46 63.80
CA LYS A 784 -26.51 -4.93 63.62
C LYS A 784 -26.25 -3.75 64.55
N ARG A 785 -27.26 -2.89 64.74
CA ARG A 785 -27.09 -1.76 65.66
C ARG A 785 -27.11 -2.22 67.12
N ALA A 786 -28.04 -3.12 67.45
CA ALA A 786 -28.22 -3.53 68.84
C ALA A 786 -27.07 -4.39 69.34
N THR A 787 -26.43 -5.17 68.46
CA THR A 787 -25.29 -5.96 68.89
C THR A 787 -24.09 -5.07 69.21
N ARG A 788 -23.87 -4.04 68.41
CA ARG A 788 -22.80 -3.08 68.69
C ARG A 788 -23.08 -2.33 69.99
N MET A 789 -24.34 -1.92 70.20
CA MET A 789 -24.70 -1.24 71.44
C MET A 789 -24.57 -2.17 72.65
N ALA A 790 -24.91 -3.45 72.49
CA ALA A 790 -24.77 -4.39 73.59
C ALA A 790 -23.32 -4.71 73.89
N LYS A 791 -22.46 -4.74 72.86
CA LYS A 791 -21.04 -4.92 73.11
C LYS A 791 -20.45 -3.72 73.84
N LYS A 792 -20.88 -2.50 73.48
CA LYS A 792 -20.48 -1.33 74.24
C LYS A 792 -21.04 -1.35 75.66
N TYR A 793 -22.23 -1.91 75.83
CA TYR A 793 -22.86 -2.06 77.14
C TYR A 793 -22.05 -3.00 78.04
N VAL A 794 -21.62 -4.13 77.49
CA VAL A 794 -21.02 -5.17 78.30
C VAL A 794 -19.53 -4.90 78.51
N PHE A 795 -18.80 -4.60 77.44
CA PHE A 795 -17.35 -4.53 77.51
C PHE A 795 -16.84 -3.17 77.95
N TYR A 796 -17.15 -2.12 77.18
CA TYR A 796 -16.51 -0.82 77.38
C TYR A 796 -17.06 -0.12 78.61
N TYR A 797 -18.39 0.10 78.65
CA TYR A 797 -18.98 0.82 79.78
C TYR A 797 -19.04 -0.05 81.03
N GLY A 798 -19.10 -1.37 80.87
CA GLY A 798 -19.18 -2.27 82.02
C GLY A 798 -20.48 -2.20 82.78
N PHE A 799 -21.61 -2.12 82.08
CA PHE A 799 -22.91 -2.06 82.73
C PHE A 799 -23.49 -3.43 83.07
N SER A 800 -22.90 -4.51 82.55
CA SER A 800 -23.45 -5.84 82.70
C SER A 800 -23.10 -6.45 84.05
N GLU A 801 -23.27 -7.77 84.19
CA GLU A 801 -22.89 -8.50 85.38
C GLU A 801 -21.81 -9.54 85.08
N ALA A 802 -21.03 -9.34 84.03
CA ALA A 802 -20.01 -10.31 83.62
C ALA A 802 -18.89 -10.35 84.65
N GLY A 803 -18.65 -11.54 85.19
CA GLY A 803 -17.71 -11.72 86.28
C GLY A 803 -18.28 -11.47 87.66
N GLY A 804 -19.55 -11.08 87.77
CA GLY A 804 -20.18 -10.83 89.03
C GLY A 804 -20.26 -9.36 89.41
N ALA A 805 -19.44 -8.51 88.78
CA ALA A 805 -19.52 -7.07 88.99
C ALA A 805 -19.56 -6.29 87.69
N GLY A 806 -19.46 -6.96 86.53
CA GLY A 806 -19.57 -6.32 85.25
C GLY A 806 -18.25 -5.89 84.62
N ILE A 807 -17.14 -5.99 85.34
CA ILE A 807 -15.85 -5.58 84.79
C ILE A 807 -15.25 -6.77 84.06
N THR A 808 -15.24 -6.70 82.74
CA THR A 808 -14.56 -7.69 81.93
C THR A 808 -13.07 -7.40 81.86
N THR A 809 -12.30 -8.39 81.43
CA THR A 809 -10.86 -8.23 81.29
C THR A 809 -10.45 -7.57 79.98
N TRP A 810 -11.40 -7.27 79.11
CA TRP A 810 -11.10 -6.73 77.79
C TRP A 810 -12.22 -5.78 77.38
N ALA A 811 -11.84 -4.68 76.74
CA ALA A 811 -12.80 -3.71 76.24
C ALA A 811 -12.20 -3.02 75.02
N ASN A 812 -13.02 -2.81 74.00
CA ASN A 812 -12.60 -2.17 72.77
C ASN A 812 -12.95 -0.68 72.86
N GLN A 813 -11.99 0.10 73.33
CA GLN A 813 -12.16 1.54 73.37
C GLN A 813 -12.20 2.10 71.95
N PRO A 814 -13.15 2.97 71.63
CA PRO A 814 -13.19 3.54 70.27
C PRO A 814 -12.01 4.44 69.99
N TYR A 815 -11.62 4.50 68.72
CA TYR A 815 -10.55 5.37 68.29
C TYR A 815 -11.12 6.71 67.82
N SER A 816 -10.23 7.65 67.54
CA SER A 816 -10.63 8.98 67.12
C SER A 816 -11.04 8.98 65.66
N GLY A 817 -11.71 10.05 65.25
CA GLY A 817 -12.02 10.27 63.85
C GLY A 817 -10.87 10.75 63.01
N ASP A 818 -9.78 11.19 63.65
CA ASP A 818 -8.60 11.67 62.93
C ASP A 818 -7.90 10.56 62.16
N PHE A 819 -8.19 9.30 62.45
CA PHE A 819 -7.68 8.18 61.70
C PHE A 819 -8.61 7.77 60.55
N VAL A 820 -9.71 8.50 60.35
CA VAL A 820 -10.65 8.15 59.29
C VAL A 820 -10.08 8.52 57.92
N ILE A 821 -9.39 9.66 57.84
CA ILE A 821 -8.76 10.23 56.64
C ILE A 821 -9.78 10.66 55.60
N GLY A 822 -10.60 9.72 55.13
CA GLY A 822 -11.54 10.01 54.04
C GLY A 822 -12.54 11.08 54.40
N GLN A 823 -13.25 10.89 55.52
CA GLN A 823 -14.14 11.88 56.13
C GLN A 823 -15.22 12.35 55.14
N GLN A 824 -16.09 11.40 54.81
CA GLN A 824 -17.17 11.64 53.85
C GLN A 824 -18.09 12.76 54.33
N ARG A 825 -18.31 13.76 53.46
CA ARG A 825 -18.96 15.01 53.85
C ARG A 825 -20.48 14.86 53.70
N ALA A 826 -21.09 14.19 54.66
CA ALA A 826 -22.55 14.15 54.72
C ALA A 826 -23.09 15.50 55.15
N ARG A 827 -22.51 16.09 56.20
CA ARG A 827 -22.80 17.41 56.76
C ARG A 827 -24.19 17.52 57.39
N LYS A 828 -24.32 18.46 58.34
CA LYS A 828 -25.58 18.83 58.99
C LYS A 828 -26.27 17.65 59.67
N VAL A 829 -27.60 17.76 59.83
CA VAL A 829 -28.49 16.73 60.37
C VAL A 829 -28.12 16.37 61.80
N VAL A 830 -26.98 15.69 61.98
CA VAL A 830 -26.46 15.17 63.24
C VAL A 830 -27.49 14.24 63.89
N SER A 831 -27.40 12.96 63.53
CA SER A 831 -28.22 11.88 64.07
C SER A 831 -27.71 11.43 65.42
N THR A 832 -28.04 10.19 65.81
CA THR A 832 -27.65 9.56 67.08
C THR A 832 -26.13 9.57 67.36
N ASP A 833 -25.31 10.00 66.38
CA ASP A 833 -23.95 10.46 66.67
C ASP A 833 -23.89 11.41 67.86
N ALA A 834 -24.91 12.27 68.01
CA ALA A 834 -24.96 13.22 69.12
C ALA A 834 -25.04 12.51 70.47
N MET A 835 -25.63 11.31 70.52
CA MET A 835 -25.60 10.52 71.75
C MET A 835 -24.42 9.56 71.81
N ASP A 836 -23.83 9.23 70.67
CA ASP A 836 -22.81 8.19 70.63
C ASP A 836 -21.42 8.75 70.90
N ALA A 837 -21.00 9.76 70.13
CA ALA A 837 -19.65 10.29 70.29
C ALA A 837 -19.52 11.25 71.46
N PHE A 838 -20.63 11.74 72.01
CA PHE A 838 -20.54 12.73 73.08
C PHE A 838 -20.14 12.08 74.40
N ALA A 839 -20.64 10.88 74.69
CA ALA A 839 -20.28 10.17 75.90
C ALA A 839 -19.00 9.37 75.75
N ASP A 840 -18.66 8.94 74.54
CA ASP A 840 -17.43 8.19 74.31
C ASP A 840 -16.24 9.15 74.25
N TRP A 841 -15.15 8.75 74.89
CA TRP A 841 -13.91 9.49 74.83
C TRP A 841 -12.88 8.67 74.05
N PRO A 842 -12.57 9.03 72.80
CA PRO A 842 -11.69 8.20 71.99
C PRO A 842 -10.22 8.26 72.39
N THR A 843 -9.37 7.61 71.58
CA THR A 843 -7.99 7.37 71.97
C THR A 843 -7.09 8.57 71.65
N VAL A 844 -7.10 9.04 70.40
CA VAL A 844 -6.37 10.17 69.82
C VAL A 844 -4.84 10.09 69.93
N SER A 845 -4.31 9.36 70.92
CA SER A 845 -2.86 9.28 71.14
C SER A 845 -2.44 7.81 71.15
N GLU A 846 -1.86 7.36 70.03
CA GLU A 846 -1.41 5.98 69.89
C GLU A 846 -0.34 5.61 70.90
N ASP A 847 0.40 6.58 71.42
CA ASP A 847 1.40 6.32 72.44
C ASP A 847 0.79 5.89 73.77
N PHE A 848 -0.49 6.20 74.01
CA PHE A 848 -1.14 5.88 75.27
C PHE A 848 -2.45 5.14 75.00
N ARG A 849 -2.40 4.16 74.12
CA ARG A 849 -3.56 3.34 73.79
C ARG A 849 -3.47 2.01 74.52
N PHE A 850 -4.50 1.70 75.29
CA PHE A 850 -4.59 0.42 75.99
C PHE A 850 -5.63 -0.45 75.31
N ASP A 851 -5.23 -1.67 74.94
CA ASP A 851 -6.12 -2.59 74.25
C ASP A 851 -6.36 -3.89 74.99
N ALA A 852 -5.51 -4.24 75.99
CA ALA A 852 -5.53 -5.43 76.83
C ALA A 852 -5.25 -6.70 76.01
N PRO A 853 -4.78 -7.78 76.63
CA PRO A 853 -4.69 -9.05 75.91
C PRO A 853 -6.07 -9.51 75.45
N SER A 854 -6.12 -10.05 74.25
CA SER A 854 -7.38 -10.55 73.71
C SER A 854 -7.85 -11.74 74.52
N PRO A 855 -9.11 -11.78 74.93
CA PRO A 855 -9.58 -12.87 75.80
C PRO A 855 -9.59 -14.19 75.06
N SER A 856 -9.44 -15.26 75.84
CA SER A 856 -9.41 -16.62 75.30
C SER A 856 -10.79 -17.00 74.75
N ASP A 857 -10.87 -18.17 74.14
CA ASP A 857 -12.13 -18.61 73.55
C ASP A 857 -13.19 -18.89 74.62
N VAL A 858 -12.78 -19.42 75.77
CA VAL A 858 -13.75 -19.75 76.82
C VAL A 858 -14.34 -18.48 77.44
N THR A 859 -13.48 -17.52 77.77
CA THR A 859 -13.99 -16.28 78.36
C THR A 859 -14.68 -15.41 77.31
N TRP A 860 -14.28 -15.53 76.04
CA TRP A 860 -15.03 -14.88 74.97
C TRP A 860 -16.41 -15.50 74.82
N HIS A 861 -16.51 -16.81 75.00
CA HIS A 861 -17.80 -17.49 75.02
C HIS A 861 -18.67 -16.97 76.14
N ARG A 862 -18.09 -16.81 77.34
CA ARG A 862 -18.85 -16.28 78.47
C ARG A 862 -19.29 -14.83 78.23
N TYR A 863 -18.40 -14.00 77.67
CA TYR A 863 -18.73 -12.59 77.48
C TYR A 863 -19.77 -12.40 76.37
N THR A 864 -19.65 -13.15 75.28
CA THR A 864 -20.67 -13.10 74.24
C THR A 864 -21.97 -13.71 74.73
N ASP A 865 -21.92 -14.65 75.68
CA ASP A 865 -23.14 -15.13 76.31
C ASP A 865 -23.79 -14.03 77.14
N GLU A 866 -22.99 -13.20 77.81
CA GLU A 866 -23.56 -12.05 78.52
C GLU A 866 -24.19 -11.05 77.56
N VAL A 867 -23.55 -10.82 76.41
CA VAL A 867 -24.12 -9.97 75.37
C VAL A 867 -25.45 -10.54 74.87
N ARG A 868 -25.49 -11.86 74.66
CA ARG A 868 -26.71 -12.52 74.25
C ARG A 868 -27.80 -12.41 75.31
N ARG A 869 -27.41 -12.46 76.58
CA ARG A 869 -28.38 -12.30 77.66
C ARG A 869 -29.00 -10.90 77.66
N VAL A 870 -28.16 -9.88 77.45
CA VAL A 870 -28.67 -8.50 77.37
C VAL A 870 -29.61 -8.34 76.18
N LEU A 871 -29.21 -8.88 75.02
CA LEU A 871 -30.04 -8.80 73.83
C LEU A 871 -31.35 -9.57 73.99
N LYS A 872 -31.30 -10.73 74.64
CA LYS A 872 -32.50 -11.52 74.88
C LYS A 872 -33.47 -10.80 75.82
N GLY A 873 -32.95 -10.18 76.88
CA GLY A 873 -33.81 -9.44 77.78
C GLY A 873 -34.49 -8.26 77.12
N CYS A 874 -33.70 -7.47 76.37
CA CYS A 874 -34.27 -6.32 75.67
C CYS A 874 -35.28 -6.77 74.59
N SER A 875 -34.96 -7.85 73.89
CA SER A 875 -35.85 -8.36 72.85
C SER A 875 -37.15 -8.88 73.44
N GLU A 876 -37.08 -9.58 74.57
CA GLU A 876 -38.29 -10.08 75.21
C GLU A 876 -39.16 -8.94 75.73
N ASP A 877 -38.53 -7.89 76.27
CA ASP A 877 -39.30 -6.73 76.70
C ASP A 877 -40.01 -6.04 75.52
N VAL A 878 -39.29 -5.89 74.40
CA VAL A 878 -39.86 -5.26 73.22
C VAL A 878 -41.01 -6.11 72.66
N LEU A 879 -40.82 -7.43 72.59
CA LEU A 879 -41.85 -8.32 72.10
C LEU A 879 -43.07 -8.35 73.02
N GLY A 880 -42.86 -8.27 74.33
CA GLY A 880 -43.99 -8.17 75.24
C GLY A 880 -44.78 -6.89 75.06
N ILE A 881 -44.08 -5.77 74.88
CA ILE A 881 -44.76 -4.50 74.65
C ILE A 881 -45.58 -4.54 73.36
N LEU A 882 -44.96 -5.03 72.28
CA LEU A 882 -45.65 -5.06 70.99
C LEU A 882 -46.75 -6.10 70.95
N ALA A 883 -46.66 -7.15 71.78
CA ALA A 883 -47.75 -8.10 71.87
C ALA A 883 -48.91 -7.56 72.70
N GLU A 884 -48.63 -6.75 73.73
CA GLU A 884 -49.71 -6.20 74.53
C GLU A 884 -50.36 -4.97 73.89
N ARG A 885 -49.70 -4.31 72.94
CA ARG A 885 -50.27 -3.14 72.29
C ARG A 885 -50.52 -3.37 70.80
N GLN A 886 -51.04 -4.54 70.45
CA GLN A 886 -51.30 -4.87 69.06
C GLN A 886 -52.38 -3.99 68.45
N GLU A 887 -53.42 -3.67 69.23
CA GLU A 887 -54.51 -2.85 68.72
C GLU A 887 -54.04 -1.43 68.42
N ALA A 888 -53.24 -0.84 69.33
CA ALA A 888 -52.70 0.48 69.08
C ALA A 888 -51.73 0.49 67.92
N MET A 889 -50.91 -0.57 67.80
CA MET A 889 -49.99 -0.67 66.68
C MET A 889 -50.74 -0.77 65.34
N TRP A 890 -51.82 -1.54 65.30
CA TRP A 890 -52.58 -1.68 64.07
C TRP A 890 -53.33 -0.40 63.71
N ALA A 891 -53.85 0.31 64.72
CA ALA A 891 -54.50 1.59 64.47
C ALA A 891 -53.50 2.61 63.95
N GLY A 892 -52.28 2.63 64.51
CA GLY A 892 -51.25 3.52 64.01
C GLY A 892 -50.81 3.17 62.60
N ILE A 893 -50.75 1.87 62.29
CA ILE A 893 -50.40 1.43 60.94
C ILE A 893 -51.46 1.88 59.94
N LYS A 894 -52.74 1.74 60.31
CA LYS A 894 -53.82 2.18 59.42
C LYS A 894 -53.78 3.70 59.22
N ALA A 895 -53.54 4.46 60.29
CA ALA A 895 -53.44 5.90 60.16
C ALA A 895 -52.24 6.31 59.31
N LEU A 896 -51.11 5.61 59.45
CA LEU A 896 -49.94 5.89 58.64
C LEU A 896 -50.19 5.60 57.16
N SER A 897 -50.84 4.47 56.87
CA SER A 897 -51.16 4.14 55.48
C SER A 897 -52.17 5.12 54.89
N ASP A 898 -53.09 5.64 55.72
CA ASP A 898 -54.09 6.57 55.21
C ASP A 898 -53.51 7.95 54.96
N ARG A 899 -52.67 8.46 55.88
CA ARG A 899 -52.26 9.86 55.83
C ARG A 899 -50.78 10.06 55.49
N LYS A 900 -50.05 9.01 55.13
CA LYS A 900 -48.62 9.06 54.80
C LYS A 900 -47.81 9.65 55.94
N GLU A 901 -47.54 10.95 55.89
CA GLU A 901 -46.85 11.61 56.98
C GLU A 901 -47.78 11.72 58.19
N LEU A 902 -47.18 11.69 59.39
CA LEU A 902 -47.98 11.77 60.60
C LEU A 902 -47.07 12.33 61.71
N LEU A 903 -47.67 13.10 62.62
CA LEU A 903 -46.93 13.73 63.71
C LEU A 903 -46.95 12.87 64.97
N GLY A 904 -45.98 13.11 65.85
CA GLY A 904 -45.94 12.36 67.09
C GLY A 904 -47.09 12.70 68.02
N SER A 905 -47.61 13.93 67.90
CA SER A 905 -48.78 14.31 68.69
C SER A 905 -49.95 13.38 68.38
N GLU A 906 -50.38 13.36 67.10
CA GLU A 906 -51.51 12.54 66.66
C GLU A 906 -51.30 11.05 66.91
N LEU A 907 -50.04 10.60 66.84
CA LEU A 907 -49.72 9.23 67.23
C LEU A 907 -49.98 9.01 68.73
N ARG A 908 -49.66 9.99 69.57
CA ARG A 908 -49.97 9.86 70.99
C ARG A 908 -51.48 9.84 71.22
N ASP A 909 -52.24 10.66 70.47
CA ASP A 909 -53.71 10.57 70.59
C ASP A 909 -54.24 9.21 70.17
N ILE A 910 -53.70 8.64 69.08
CA ILE A 910 -54.17 7.33 68.61
C ILE A 910 -53.83 6.24 69.63
N PHE A 911 -52.61 6.27 70.16
CA PHE A 911 -52.19 5.24 71.13
C PHE A 911 -52.93 5.39 72.45
N ASP A 912 -53.30 6.62 72.83
CA ASP A 912 -54.15 6.80 74.01
C ASP A 912 -55.58 6.33 73.73
N ALA A 913 -56.07 6.52 72.51
CA ALA A 913 -57.42 6.09 72.15
C ALA A 913 -57.52 4.57 72.05
N HIS A 914 -56.41 3.88 71.83
CA HIS A 914 -56.37 2.42 71.82
C HIS A 914 -55.41 1.95 72.90
N PRO A 915 -55.85 1.83 74.14
CA PRO A 915 -54.98 1.38 75.22
C PRO A 915 -54.93 -0.14 75.27
N ALA A 916 -54.12 -0.64 76.20
CA ALA A 916 -54.04 -2.08 76.42
C ALA A 916 -55.34 -2.61 77.01
N ALA A 917 -55.66 -3.86 76.69
CA ALA A 917 -56.91 -4.47 77.13
C ALA A 917 -56.76 -5.14 78.50
N THR A 918 -56.21 -4.39 79.46
CA THR A 918 -55.99 -4.81 80.85
C THR A 918 -55.26 -6.14 80.93
N SER A 919 -56.00 -7.21 81.20
CA SER A 919 -55.48 -8.57 81.20
C SER A 919 -56.12 -9.34 80.07
N ARG A 920 -55.29 -9.96 79.22
CA ARG A 920 -55.79 -10.67 78.05
C ARG A 920 -56.37 -12.03 78.40
N ASP A 921 -56.08 -12.55 79.59
CA ASP A 921 -56.70 -13.74 80.16
C ASP A 921 -56.42 -15.01 79.34
N ARG A 922 -57.01 -15.10 78.16
CA ARG A 922 -56.83 -16.27 77.31
C ARG A 922 -56.93 -15.83 75.85
N ASP A 923 -56.48 -16.71 74.95
CA ASP A 923 -56.46 -16.52 73.50
C ASP A 923 -55.61 -15.32 73.09
N ALA A 924 -56.01 -14.12 73.48
CA ALA A 924 -55.13 -12.96 73.36
C ALA A 924 -53.93 -13.05 74.28
N ARG A 925 -54.05 -13.80 75.39
CA ARG A 925 -52.90 -14.07 76.24
C ARG A 925 -51.86 -14.95 75.54
N ALA A 926 -52.28 -15.74 74.55
CA ALA A 926 -51.36 -16.58 73.79
C ALA A 926 -50.46 -15.79 72.86
N GLU A 927 -50.68 -14.48 72.69
CA GLU A 927 -49.72 -13.64 72.00
C GLU A 927 -48.60 -13.20 72.93
N LEU A 928 -48.93 -12.86 74.18
CA LEU A 928 -47.91 -12.58 75.19
C LEU A 928 -47.11 -13.84 75.50
N ALA A 929 -47.79 -14.96 75.65
CA ALA A 929 -47.11 -16.25 75.70
C ALA A 929 -46.51 -16.56 74.34
N ALA A 930 -45.39 -17.31 74.36
CA ALA A 930 -44.60 -17.68 73.19
C ALA A 930 -44.07 -16.48 72.41
N ALA A 931 -44.12 -15.28 72.98
CA ALA A 931 -43.40 -14.13 72.47
C ALA A 931 -41.99 -14.06 73.06
N LYS A 932 -41.69 -14.87 74.06
CA LYS A 932 -40.33 -15.03 74.53
C LYS A 932 -39.50 -15.76 73.46
N LEU A 933 -38.21 -15.49 73.47
CA LEU A 933 -37.31 -16.09 72.49
C LEU A 933 -36.82 -17.44 72.98
N ASP A 934 -36.53 -18.32 72.03
CA ASP A 934 -35.94 -19.62 72.33
C ASP A 934 -34.43 -19.62 72.21
N MET A 935 -33.83 -18.43 72.09
CA MET A 935 -32.39 -18.33 71.91
C MET A 935 -31.66 -18.82 73.16
N THR A 936 -30.50 -19.43 72.93
CA THR A 936 -29.82 -20.19 73.98
C THR A 936 -28.84 -19.30 74.73
N ILE A 937 -29.02 -19.23 76.04
CA ILE A 937 -28.03 -18.64 76.93
C ILE A 937 -27.25 -19.80 77.52
N PHE A 938 -25.97 -19.89 77.16
CA PHE A 938 -25.19 -21.07 77.51
C PHE A 938 -24.85 -21.09 78.99
N THR A 939 -24.43 -19.95 79.52
CA THR A 939 -24.02 -19.86 80.93
C THR A 939 -25.14 -19.26 81.77
N GLU A 940 -26.21 -20.02 81.93
CA GLU A 940 -27.38 -19.55 82.66
C GLU A 940 -27.38 -20.00 84.13
N GLY A 941 -27.41 -21.30 84.38
CA GLY A 941 -27.52 -21.81 85.73
C GLY A 941 -26.30 -22.56 86.21
N ALA A 942 -26.38 -23.89 86.16
CA ALA A 942 -25.26 -24.74 86.56
C ALA A 942 -24.10 -24.70 85.57
N ASN A 943 -24.31 -24.17 84.37
CA ASN A 943 -23.24 -24.06 83.38
C ASN A 943 -22.46 -22.76 83.54
N SER A 944 -21.99 -22.48 84.76
CA SER A 944 -21.23 -21.26 85.01
C SER A 944 -20.05 -21.52 85.94
N ARG A 945 -19.49 -22.73 85.91
CA ARG A 945 -18.34 -23.06 86.73
C ARG A 945 -17.10 -23.35 85.90
N TRP A 946 -17.16 -24.31 84.98
CA TRP A 946 -16.04 -24.52 84.05
C TRP A 946 -16.46 -25.12 82.71
N PRO A 947 -17.25 -26.22 82.64
CA PRO A 947 -17.65 -26.68 81.30
C PRO A 947 -18.52 -25.68 80.55
N TYR A 948 -19.35 -24.91 81.26
CA TYR A 948 -20.23 -23.88 80.69
C TYR A 948 -21.14 -24.46 79.61
N GLY A 949 -21.64 -25.67 79.84
CA GLY A 949 -22.50 -26.32 78.88
C GLY A 949 -21.81 -26.77 77.62
N ILE A 950 -20.50 -26.97 77.67
CA ILE A 950 -19.72 -27.45 76.53
C ILE A 950 -19.29 -28.88 76.82
N GLU A 951 -19.69 -29.81 75.97
CA GLU A 951 -19.33 -31.20 76.15
C GLU A 951 -17.93 -31.53 75.65
N TRP A 952 -17.32 -30.64 74.87
CA TRP A 952 -16.01 -30.91 74.30
C TRP A 952 -14.87 -30.16 74.99
N LEU A 953 -15.19 -29.27 75.94
CA LEU A 953 -14.17 -28.43 76.55
C LEU A 953 -13.14 -29.26 77.31
N ASP A 954 -13.60 -30.26 78.06
CA ASP A 954 -12.69 -31.16 78.76
C ASP A 954 -11.87 -32.02 77.82
N ASP A 955 -12.26 -32.14 76.55
CA ASP A 955 -11.47 -32.83 75.55
C ASP A 955 -10.52 -31.89 74.82
N ALA A 956 -10.52 -30.60 75.16
CA ALA A 956 -9.63 -29.66 74.47
C ALA A 956 -8.77 -28.84 75.41
N TYR A 957 -9.30 -28.46 76.56
CA TYR A 957 -8.59 -27.60 77.51
C TYR A 957 -8.30 -28.36 78.79
N PRO A 958 -7.05 -28.42 79.24
CA PRO A 958 -6.69 -29.31 80.36
C PRO A 958 -6.84 -28.65 81.74
N LYS A 959 -8.10 -28.30 82.10
CA LYS A 959 -8.53 -28.00 83.46
C LYS A 959 -7.70 -26.93 84.16
N PRO A 960 -7.93 -25.64 83.86
CA PRO A 960 -7.12 -24.55 84.46
C PRO A 960 -7.03 -24.54 85.97
N TYR A 961 -5.98 -23.89 86.48
CA TYR A 961 -5.66 -23.93 87.91
C TYR A 961 -6.75 -23.27 88.75
N TRP A 962 -7.28 -22.13 88.29
CA TRP A 962 -8.35 -21.48 89.04
C TRP A 962 -9.65 -22.26 88.95
N VAL A 963 -9.84 -23.02 87.87
CA VAL A 963 -10.96 -23.95 87.79
C VAL A 963 -10.82 -25.04 88.85
N GLN A 964 -9.61 -25.58 89.01
CA GLN A 964 -9.37 -26.58 90.04
C GLN A 964 -9.56 -25.99 91.43
N GLN A 965 -9.16 -24.73 91.62
CA GLN A 965 -9.39 -24.05 92.88
C GLN A 965 -10.88 -23.85 93.15
N GLN A 966 -11.65 -23.53 92.11
CA GLN A 966 -13.10 -23.40 92.28
C GLN A 966 -13.75 -24.73 92.62
N GLU A 967 -13.31 -25.81 91.98
CA GLU A 967 -13.91 -27.12 92.21
C GLU A 967 -13.39 -27.80 93.48
N ALA A 968 -12.31 -27.30 94.08
CA ALA A 968 -11.77 -27.89 95.30
C ALA A 968 -12.02 -27.07 96.55
N GLU A 969 -11.74 -25.77 96.51
CA GLU A 969 -11.94 -24.93 97.69
C GLU A 969 -13.42 -24.68 97.93
N ALA A 970 -14.16 -24.32 96.88
CA ALA A 970 -15.60 -24.08 97.03
C ALA A 970 -16.38 -25.39 96.97
N ALA A 971 -16.35 -26.06 95.83
CA ALA A 971 -17.01 -27.35 95.71
C ALA A 971 -16.20 -28.42 96.41
N GLU A 972 -16.91 -29.49 96.83
CA GLU A 972 -16.35 -30.63 97.55
C GLU A 972 -15.69 -30.25 98.88
N ALA A 973 -15.95 -29.04 99.38
CA ALA A 973 -15.43 -28.62 100.67
C ALA A 973 -16.42 -27.79 101.47
N GLN A 974 -17.65 -27.62 100.99
CA GLN A 974 -18.65 -26.84 101.70
C GLN A 974 -19.18 -27.60 102.90
N LEU B 70 -63.09 48.86 -54.67
CA LEU B 70 -62.98 48.89 -56.13
C LEU B 70 -62.38 47.63 -56.79
N PRO B 71 -61.28 47.06 -56.28
CA PRO B 71 -60.79 45.81 -56.87
C PRO B 71 -61.71 44.64 -56.54
N ALA B 72 -61.50 43.54 -57.27
CA ALA B 72 -62.32 42.36 -57.08
C ALA B 72 -62.03 41.71 -55.74
N ARG B 73 -63.01 40.96 -55.24
CA ARG B 73 -62.90 40.23 -53.98
C ARG B 73 -63.44 38.83 -54.15
N ALA B 74 -63.12 38.20 -55.28
CA ALA B 74 -63.63 36.86 -55.57
C ALA B 74 -62.94 35.81 -54.69
N THR B 75 -63.67 34.73 -54.43
CA THR B 75 -63.16 33.63 -53.62
C THR B 75 -63.83 32.35 -54.11
N ALA B 76 -63.01 31.38 -54.52
CA ALA B 76 -63.54 30.14 -55.09
C ALA B 76 -62.57 29.01 -54.78
N VAL B 77 -63.08 27.79 -54.87
CA VAL B 77 -62.27 26.60 -54.69
C VAL B 77 -61.61 26.24 -56.02
N VAL B 78 -60.28 26.15 -56.01
CA VAL B 78 -59.48 25.87 -57.20
C VAL B 78 -58.65 24.63 -56.94
N ALA B 79 -58.62 23.72 -57.91
CA ALA B 79 -57.75 22.57 -57.82
C ALA B 79 -56.33 22.98 -58.24
N PRO B 80 -55.32 22.79 -57.38
CA PRO B 80 -53.96 23.14 -57.78
C PRO B 80 -53.45 22.24 -58.89
N LEU B 81 -52.56 22.81 -59.71
CA LEU B 81 -52.02 22.09 -60.85
C LEU B 81 -51.09 20.97 -60.36
N PRO B 82 -50.89 19.93 -61.18
CA PRO B 82 -49.94 18.88 -60.80
C PRO B 82 -48.53 19.44 -60.69
N GLU B 83 -47.78 18.91 -59.72
CA GLU B 83 -46.41 19.36 -59.51
C GLU B 83 -45.52 18.87 -60.65
N LYS B 84 -44.83 19.81 -61.29
CA LYS B 84 -43.98 19.49 -62.41
C LYS B 84 -42.58 19.12 -61.92
N ASN B 85 -41.69 18.83 -62.88
CA ASN B 85 -40.27 18.66 -62.58
C ASN B 85 -39.50 18.97 -63.85
N TYR B 86 -39.01 20.21 -63.96
CA TYR B 86 -38.26 20.63 -65.13
C TYR B 86 -36.78 20.32 -65.03
N GLY B 87 -36.33 19.71 -63.93
CA GLY B 87 -34.92 19.45 -63.73
C GLY B 87 -34.23 20.61 -63.06
N SER B 88 -34.19 21.77 -63.74
CA SER B 88 -33.51 22.93 -63.20
C SER B 88 -34.29 23.55 -62.05
N LEU B 89 -35.59 23.73 -62.24
CA LEU B 89 -36.49 24.23 -61.21
C LEU B 89 -37.55 23.17 -60.99
N ARG B 90 -37.73 22.74 -59.75
CA ARG B 90 -38.47 21.49 -59.53
C ARG B 90 -39.97 21.67 -59.63
N GLY B 91 -40.57 22.41 -58.70
CA GLY B 91 -42.00 22.34 -58.55
C GLY B 91 -42.80 23.22 -59.49
N GLY B 92 -43.78 23.90 -58.92
CA GLY B 92 -44.64 24.82 -59.64
C GLY B 92 -46.03 24.25 -59.84
N ARG B 93 -46.94 24.54 -58.92
CA ARG B 93 -48.34 24.19 -59.15
C ARG B 93 -49.17 25.43 -59.47
N TRP B 94 -49.41 26.27 -58.44
CA TRP B 94 -49.98 27.62 -58.44
C TRP B 94 -51.00 27.87 -59.55
N PRO B 95 -52.23 27.37 -59.43
CA PRO B 95 -53.17 27.42 -60.56
C PRO B 95 -53.61 28.82 -60.98
N PHE B 96 -53.15 29.87 -60.30
CA PHE B 96 -53.49 31.23 -60.65
C PHE B 96 -52.47 31.83 -61.60
N LEU B 97 -52.95 32.69 -62.49
CA LEU B 97 -52.07 33.37 -63.43
C LEU B 97 -51.23 34.43 -62.73
N TYR B 98 -51.79 35.09 -61.72
CA TYR B 98 -51.12 36.14 -60.98
C TYR B 98 -50.87 35.67 -59.56
N ASP B 99 -49.73 36.07 -59.00
CA ASP B 99 -49.45 35.70 -57.61
C ASP B 99 -50.17 36.65 -56.66
N ASN B 100 -50.07 36.34 -55.38
CA ASN B 100 -50.57 37.24 -54.34
C ASN B 100 -49.53 38.34 -54.10
N VAL B 101 -49.71 39.09 -53.01
CA VAL B 101 -48.82 40.18 -52.58
C VAL B 101 -48.76 41.29 -53.63
N TYR B 102 -48.12 41.01 -54.77
CA TYR B 102 -47.93 42.02 -55.80
C TYR B 102 -49.06 41.99 -56.84
N GLY B 103 -49.29 40.83 -57.45
CA GLY B 103 -50.30 40.69 -58.47
C GLY B 103 -49.80 40.77 -59.90
N LEU B 104 -48.57 40.42 -60.14
CA LEU B 104 -47.92 40.37 -61.44
C LEU B 104 -47.93 38.94 -61.97
N PRO B 105 -47.87 38.74 -63.29
CA PRO B 105 -47.95 37.37 -63.82
C PRO B 105 -46.73 36.53 -63.46
N VAL B 106 -47.00 35.33 -62.93
CA VAL B 106 -45.93 34.41 -62.57
C VAL B 106 -45.30 33.82 -63.83
N VAL B 107 -43.98 33.76 -63.85
CA VAL B 107 -43.25 33.20 -64.99
C VAL B 107 -43.32 31.68 -64.88
N ARG B 108 -44.29 31.08 -65.57
CA ARG B 108 -44.53 29.64 -65.48
C ARG B 108 -43.54 28.82 -66.29
N GLN B 109 -42.88 29.42 -67.29
CA GLN B 109 -41.99 28.69 -68.16
C GLN B 109 -40.58 28.68 -67.60
N VAL B 110 -39.94 27.52 -67.66
CA VAL B 110 -38.59 27.32 -67.12
C VAL B 110 -37.68 26.91 -68.27
N ALA B 111 -36.60 27.66 -68.46
CA ALA B 111 -35.63 27.41 -69.52
C ALA B 111 -34.45 26.63 -68.95
N SER B 112 -34.08 25.53 -69.61
CA SER B 112 -32.97 24.72 -69.16
C SER B 112 -31.65 25.38 -69.52
N TYR B 113 -30.56 24.84 -68.96
CA TYR B 113 -29.24 25.41 -69.16
C TYR B 113 -28.79 25.28 -70.62
N GLY B 114 -28.98 24.11 -71.22
CA GLY B 114 -28.64 23.93 -72.62
C GLY B 114 -29.50 24.77 -73.55
N GLU B 115 -30.78 24.91 -73.22
CA GLU B 115 -31.67 25.75 -74.01
C GLU B 115 -31.27 27.22 -73.93
N VAL B 116 -30.87 27.69 -72.75
CA VAL B 116 -30.39 29.06 -72.59
C VAL B 116 -29.10 29.27 -73.37
N LEU B 117 -28.19 28.29 -73.31
CA LEU B 117 -26.93 28.40 -74.05
C LEU B 117 -27.17 28.44 -75.55
N GLU B 118 -28.06 27.58 -76.07
CA GLU B 118 -28.34 27.57 -77.50
C GLU B 118 -29.12 28.82 -77.93
N GLY B 119 -29.97 29.35 -77.07
CA GLY B 119 -30.65 30.59 -77.40
C GLY B 119 -29.72 31.79 -77.44
N ILE B 120 -28.72 31.82 -76.56
CA ILE B 120 -27.70 32.87 -76.63
C ILE B 120 -26.86 32.71 -77.90
N ARG B 121 -26.49 31.47 -78.23
CA ARG B 121 -25.66 31.21 -79.40
C ARG B 121 -26.38 31.59 -80.69
N THR B 122 -27.65 31.20 -80.82
CA THR B 122 -28.40 31.42 -82.05
C THR B 122 -29.08 32.78 -82.08
N GLY B 123 -28.99 33.56 -81.01
CA GLY B 123 -29.59 34.89 -80.97
C GLY B 123 -31.05 34.93 -80.64
N ARG B 124 -31.67 33.78 -80.34
CA ARG B 124 -33.10 33.77 -79.99
C ARG B 124 -33.35 34.40 -78.63
N ILE B 125 -32.35 34.50 -77.77
CA ILE B 125 -32.47 35.10 -76.46
C ILE B 125 -31.95 36.53 -76.54
N SER B 126 -32.80 37.48 -76.19
CA SER B 126 -32.45 38.90 -76.29
C SER B 126 -31.91 39.48 -75.00
N GLN B 127 -32.25 38.92 -73.84
CA GLN B 127 -31.79 39.49 -72.59
C GLN B 127 -31.76 38.43 -71.50
N VAL B 128 -30.77 38.54 -70.61
CA VAL B 128 -30.69 37.75 -69.40
C VAL B 128 -30.64 38.70 -68.22
N LEU B 129 -31.59 38.58 -67.29
CA LEU B 129 -31.69 39.47 -66.14
C LEU B 129 -31.53 38.64 -64.87
N TRP B 130 -30.47 38.88 -64.13
CA TRP B 130 -30.23 38.19 -62.88
C TRP B 130 -30.89 38.93 -61.74
N PHE B 131 -31.49 38.17 -60.82
CA PHE B 131 -31.97 38.78 -59.59
C PHE B 131 -30.79 39.11 -58.69
N GLN B 132 -31.05 39.95 -57.70
CA GLN B 132 -30.00 40.44 -56.82
C GLN B 132 -30.38 40.16 -55.37
N ALA B 133 -29.35 40.07 -54.54
CA ALA B 133 -29.50 39.93 -53.11
C ALA B 133 -28.71 41.03 -52.42
N PRO B 134 -29.24 41.60 -51.32
CA PRO B 134 -28.52 42.67 -50.64
C PRO B 134 -27.23 42.16 -50.02
N ARG B 135 -26.22 43.04 -50.03
CA ARG B 135 -24.91 42.70 -49.51
C ARG B 135 -24.74 43.22 -48.09
N ALA B 136 -24.08 42.43 -47.27
CA ALA B 136 -23.88 42.80 -45.86
C ALA B 136 -22.90 43.95 -45.75
N VAL B 137 -23.17 44.84 -44.79
CA VAL B 137 -22.32 46.01 -44.58
C VAL B 137 -20.90 45.58 -44.19
N THR B 138 -20.80 44.59 -43.30
CA THR B 138 -19.50 44.05 -42.92
C THR B 138 -18.81 43.34 -44.07
N ALA B 139 -19.52 43.03 -45.16
CA ALA B 139 -18.92 42.46 -46.35
C ALA B 139 -18.45 43.51 -47.34
N SER B 140 -18.52 44.79 -46.96
CA SER B 140 -18.07 45.87 -47.83
C SER B 140 -16.63 46.24 -47.51
N ALA B 141 -15.78 46.27 -48.53
CA ALA B 141 -14.37 46.60 -48.37
C ALA B 141 -14.04 48.03 -48.77
N ALA B 142 -15.04 48.84 -49.08
CA ALA B 142 -14.83 50.21 -49.55
C ALA B 142 -14.63 51.20 -48.41
N ALA B 143 -14.57 50.72 -47.18
CA ALA B 143 -14.45 51.57 -46.01
C ALA B 143 -13.80 50.75 -44.91
N PRO B 144 -13.36 51.40 -43.83
CA PRO B 144 -13.02 50.65 -42.63
C PRO B 144 -14.26 49.91 -42.10
N PRO B 145 -14.06 48.80 -41.41
CA PRO B 145 -15.21 48.00 -40.95
C PRO B 145 -16.06 48.78 -39.99
N PRO B 146 -17.38 48.56 -40.00
CA PRO B 146 -18.28 49.31 -39.12
C PRO B 146 -18.06 49.06 -37.63
N GLY B 147 -17.35 47.99 -37.26
CA GLY B 147 -16.96 47.80 -35.88
C GLY B 147 -16.06 48.91 -35.37
N LEU B 148 -15.18 49.42 -36.23
CA LEU B 148 -14.42 50.62 -35.90
C LEU B 148 -15.35 51.82 -35.92
N GLY B 149 -15.14 52.73 -34.98
CA GLY B 149 -15.99 53.91 -34.88
C GLY B 149 -15.78 54.83 -36.07
N GLY B 150 -16.85 55.16 -36.78
CA GLY B 150 -16.76 56.01 -37.93
C GLY B 150 -18.14 56.37 -38.45
N PRO B 151 -18.20 57.01 -39.61
CA PRO B 151 -19.49 57.29 -40.24
C PRO B 151 -20.18 56.00 -40.65
N GLN B 152 -21.52 56.08 -40.74
CA GLN B 152 -22.33 54.88 -40.97
C GLN B 152 -22.10 54.29 -42.35
N GLN B 153 -21.71 55.12 -43.33
CA GLN B 153 -21.41 54.81 -44.73
C GLN B 153 -22.65 54.38 -45.51
N PRO B 154 -22.72 54.67 -46.80
CA PRO B 154 -23.86 54.20 -47.60
C PRO B 154 -23.83 52.70 -47.78
N GLN B 155 -24.99 52.16 -48.14
CA GLN B 155 -25.13 50.72 -48.32
C GLN B 155 -24.28 50.24 -49.48
N PRO B 156 -23.58 49.10 -49.33
CA PRO B 156 -22.79 48.58 -50.43
C PRO B 156 -23.68 48.14 -51.59
N PRO B 157 -23.16 48.11 -52.81
CA PRO B 157 -23.97 47.69 -53.95
C PRO B 157 -24.40 46.26 -53.81
N PRO B 158 -25.60 45.92 -54.27
CA PRO B 158 -26.12 44.56 -54.07
C PRO B 158 -25.37 43.52 -54.86
N LEU B 159 -25.29 42.33 -54.28
CA LEU B 159 -24.70 41.17 -54.93
C LEU B 159 -25.66 40.60 -55.96
N ALA B 160 -25.09 39.91 -56.94
CA ALA B 160 -25.90 39.03 -57.76
C ALA B 160 -26.38 37.86 -56.90
N SER B 161 -27.55 37.33 -57.26
CA SER B 161 -28.20 36.33 -56.42
C SER B 161 -27.40 35.03 -56.40
N PRO B 162 -26.98 34.55 -55.23
CA PRO B 162 -26.20 33.30 -55.19
C PRO B 162 -27.00 32.05 -55.55
N ASP B 163 -28.34 32.10 -55.49
CA ASP B 163 -29.13 30.97 -55.93
C ASP B 163 -29.22 30.87 -57.44
N GLY B 164 -28.79 31.89 -58.17
CA GLY B 164 -28.73 31.83 -59.61
C GLY B 164 -30.04 32.04 -60.32
N ARG B 165 -31.09 32.46 -59.62
CA ARG B 165 -32.39 32.67 -60.26
C ARG B 165 -32.31 33.85 -61.22
N CYS B 166 -32.81 33.65 -62.43
CA CYS B 166 -32.75 34.71 -63.43
C CYS B 166 -33.90 34.55 -64.40
N LEU B 167 -34.25 35.66 -65.04
CA LEU B 167 -35.26 35.71 -66.07
C LEU B 167 -34.58 35.80 -67.43
N VAL B 168 -35.13 35.11 -68.42
CA VAL B 168 -34.59 35.08 -69.77
C VAL B 168 -35.66 35.63 -70.71
N ARG B 169 -35.37 36.77 -71.33
CA ARG B 169 -36.28 37.41 -72.25
C ARG B 169 -35.87 37.04 -73.68
N PHE B 170 -36.76 36.34 -74.37
CA PHE B 170 -36.53 35.90 -75.74
C PHE B 170 -36.84 37.02 -76.72
N ALA B 171 -36.48 36.79 -77.98
CA ALA B 171 -36.70 37.81 -79.01
C ALA B 171 -38.17 37.96 -79.39
N ASN B 172 -39.01 36.97 -79.08
CA ASN B 172 -40.44 37.06 -79.35
C ASN B 172 -41.23 37.60 -78.17
N GLY B 173 -40.54 38.11 -77.14
CA GLY B 173 -41.19 38.66 -75.97
C GLY B 173 -41.46 37.69 -74.85
N GLN B 174 -41.22 36.39 -75.07
CA GLN B 174 -41.45 35.40 -74.03
C GLN B 174 -40.42 35.56 -72.92
N VAL B 175 -40.89 35.40 -71.68
CA VAL B 175 -40.04 35.45 -70.50
C VAL B 175 -40.05 34.07 -69.86
N LYS B 176 -38.87 33.52 -69.62
CA LYS B 176 -38.73 32.20 -69.01
C LYS B 176 -37.89 32.32 -67.75
N GLN B 177 -37.94 31.28 -66.92
CA GLN B 177 -37.14 31.19 -65.71
C GLN B 177 -35.92 30.31 -65.95
N ALA B 178 -34.84 30.62 -65.25
CA ALA B 178 -33.64 29.80 -65.32
C ALA B 178 -32.88 29.90 -64.01
N VAL B 179 -32.09 28.86 -63.74
CA VAL B 179 -31.11 28.88 -62.65
C VAL B 179 -29.75 28.80 -63.30
N ILE B 180 -29.09 29.95 -63.43
CA ILE B 180 -27.74 30.03 -63.97
C ILE B 180 -26.85 30.60 -62.88
N PRO B 181 -25.81 29.90 -62.45
CA PRO B 181 -24.89 30.43 -61.45
C PRO B 181 -24.12 31.61 -62.01
N PRO B 182 -24.10 32.74 -61.30
CA PRO B 182 -23.30 33.87 -61.76
C PRO B 182 -21.81 33.57 -61.66
N GLY B 183 -21.17 33.36 -62.80
CA GLY B 183 -19.77 32.98 -62.84
C GLY B 183 -19.55 31.67 -63.57
N GLU B 184 -20.60 31.14 -64.19
CA GLU B 184 -20.47 29.90 -64.96
C GLU B 184 -19.66 30.16 -66.22
N PRO B 185 -18.63 29.34 -66.51
CA PRO B 185 -17.71 29.64 -67.62
C PRO B 185 -18.35 29.64 -69.00
N ARG B 186 -19.13 28.60 -69.33
CA ARG B 186 -19.70 28.49 -70.68
C ARG B 186 -20.75 29.57 -70.93
N ILE B 187 -21.65 29.79 -69.96
CA ILE B 187 -22.67 30.81 -70.11
C ILE B 187 -22.05 32.20 -70.16
N SER B 188 -21.09 32.46 -69.28
CA SER B 188 -20.43 33.77 -69.27
C SER B 188 -19.66 34.01 -70.56
N GLN B 189 -19.02 32.97 -71.12
CA GLN B 189 -18.32 33.10 -72.39
C GLN B 189 -19.29 33.39 -73.52
N ALA B 190 -20.43 32.70 -73.56
CA ALA B 190 -21.41 32.96 -74.61
C ALA B 190 -21.99 34.37 -74.50
N LEU B 191 -22.27 34.81 -73.27
CA LEU B 191 -22.80 36.16 -73.05
C LEU B 191 -21.75 37.22 -73.37
N GLN B 192 -20.47 36.89 -73.23
CA GLN B 192 -19.42 37.83 -73.63
C GLN B 192 -19.32 37.91 -75.15
N GLN B 193 -19.14 36.76 -75.83
CA GLN B 193 -18.98 36.77 -77.28
C GLN B 193 -20.25 37.23 -78.01
N TYR B 194 -21.30 36.42 -77.96
CA TYR B 194 -22.60 36.87 -78.46
C TYR B 194 -23.12 37.96 -77.53
N GLY B 195 -23.32 39.16 -78.06
CA GLY B 195 -23.61 40.31 -77.23
C GLY B 195 -25.04 40.36 -76.70
N THR B 196 -25.41 39.37 -75.90
CA THR B 196 -26.71 39.36 -75.25
C THR B 196 -26.67 40.27 -74.02
N ALA B 197 -27.66 41.15 -73.90
CA ALA B 197 -27.72 42.13 -72.82
C ALA B 197 -27.87 41.44 -71.46
N VAL B 198 -26.87 41.60 -70.61
CA VAL B 198 -26.89 41.03 -69.26
C VAL B 198 -27.22 42.15 -68.28
N SER B 199 -28.36 42.03 -67.63
CA SER B 199 -28.82 43.04 -66.69
C SER B 199 -28.97 42.41 -65.30
N TYR B 200 -29.14 43.28 -64.31
CA TYR B 200 -29.38 42.87 -62.94
C TYR B 200 -30.61 43.61 -62.44
N ILE B 201 -31.64 42.86 -62.06
CA ILE B 201 -32.87 43.41 -61.51
C ILE B 201 -32.53 44.07 -60.18
N PRO B 202 -32.88 45.38 -59.99
CA PRO B 202 -32.22 46.17 -58.94
C PRO B 202 -32.33 45.64 -57.52
N LEU B 203 -33.54 45.61 -56.97
CA LEU B 203 -33.94 44.93 -55.72
C LEU B 203 -35.42 45.24 -55.50
N GLU B 204 -36.00 44.57 -54.53
CA GLU B 204 -37.33 44.91 -54.10
C GLU B 204 -37.28 46.04 -53.07
N PRO B 205 -38.28 46.93 -53.06
CA PRO B 205 -38.34 47.95 -52.01
C PRO B 205 -38.48 47.37 -50.61
N ARG B 206 -39.16 46.24 -50.46
CA ARG B 206 -39.24 45.60 -49.15
C ARG B 206 -37.98 44.82 -48.80
N TYR B 207 -37.11 44.55 -49.77
CA TYR B 207 -35.84 43.89 -49.53
C TYR B 207 -34.65 44.82 -49.65
N MET B 208 -34.87 46.08 -50.04
CA MET B 208 -33.78 47.04 -50.06
C MET B 208 -33.44 47.44 -48.63
N PRO B 209 -32.18 47.34 -48.21
CA PRO B 209 -31.81 47.78 -46.86
C PRO B 209 -31.98 49.27 -46.63
N GLU B 210 -32.01 50.08 -47.68
CA GLU B 210 -32.27 51.51 -47.52
C GLU B 210 -33.72 51.78 -47.14
N LEU B 211 -34.65 50.94 -47.61
CA LEU B 211 -36.07 51.09 -47.32
C LEU B 211 -36.56 50.12 -46.26
N ALA B 212 -35.65 49.48 -45.53
CA ALA B 212 -36.05 48.57 -44.46
C ALA B 212 -36.75 49.33 -43.33
N ALA B 213 -36.29 50.54 -43.02
CA ALA B 213 -36.94 51.34 -42.01
C ALA B 213 -38.35 51.76 -42.45
N MET B 214 -38.51 52.11 -43.73
CA MET B 214 -39.83 52.47 -44.23
C MET B 214 -40.78 51.28 -44.23
N ARG B 215 -40.27 50.10 -44.60
CA ARG B 215 -41.08 48.88 -44.54
C ARG B 215 -41.49 48.56 -43.11
N ALA B 216 -40.55 48.69 -42.17
CA ALA B 216 -40.86 48.44 -40.76
C ALA B 216 -41.88 49.45 -40.24
N ARG B 217 -41.73 50.73 -40.58
CA ARG B 217 -42.68 51.71 -40.07
C ARG B 217 -44.06 51.53 -40.69
N GLY B 218 -44.14 51.20 -41.98
CA GLY B 218 -45.41 50.91 -42.60
C GLY B 218 -46.07 49.63 -42.12
N ALA B 219 -45.27 48.69 -41.59
CA ALA B 219 -45.85 47.47 -41.03
C ALA B 219 -46.26 47.64 -39.56
N GLN B 220 -45.50 48.40 -38.77
CA GLN B 220 -45.75 48.56 -37.34
C GLN B 220 -46.57 49.79 -37.01
N GLU B 221 -46.98 50.60 -37.99
CA GLU B 221 -47.86 51.71 -37.67
C GLU B 221 -49.18 51.61 -38.44
N ALA B 222 -50.03 52.62 -38.30
CA ALA B 222 -51.32 52.64 -38.96
C ALA B 222 -51.17 53.13 -40.40
N VAL B 223 -52.27 53.17 -41.13
CA VAL B 223 -52.22 53.58 -42.54
C VAL B 223 -53.17 54.74 -42.80
N LEU B 224 -54.24 54.84 -42.02
CA LEU B 224 -55.21 55.89 -42.29
C LEU B 224 -55.73 56.60 -41.04
N GLY B 225 -55.79 55.87 -39.91
CA GLY B 225 -56.43 56.33 -38.68
C GLY B 225 -57.77 57.04 -38.81
N GLU B 226 -58.54 56.72 -39.85
CA GLU B 226 -59.74 57.43 -40.29
C GLU B 226 -59.56 58.94 -40.20
N VAL B 227 -58.62 59.51 -40.92
CA VAL B 227 -58.34 60.93 -40.82
C VAL B 227 -58.97 61.70 -41.97
N ASP B 228 -58.58 61.37 -43.21
CA ASP B 228 -59.31 62.01 -44.29
C ASP B 228 -60.07 61.01 -45.15
N THR B 229 -59.34 60.29 -46.01
CA THR B 229 -59.87 59.61 -47.20
C THR B 229 -58.72 58.80 -47.81
N GLY B 230 -59.06 57.99 -48.82
CA GLY B 230 -58.07 57.18 -49.54
C GLY B 230 -57.48 57.75 -50.82
N ALA B 231 -56.58 58.76 -50.79
CA ALA B 231 -55.91 59.21 -52.01
C ALA B 231 -54.58 59.92 -51.77
N VAL B 232 -53.48 59.15 -51.70
CA VAL B 232 -52.09 59.58 -51.59
C VAL B 232 -51.25 58.30 -51.71
N ALA B 233 -50.00 58.33 -51.22
CA ALA B 233 -49.25 57.12 -50.88
C ALA B 233 -48.29 57.35 -49.72
N THR B 234 -48.46 56.62 -48.60
CA THR B 234 -47.63 56.69 -47.39
C THR B 234 -47.44 58.13 -46.91
N PRO B 235 -48.49 58.77 -46.39
CA PRO B 235 -48.40 60.20 -46.08
C PRO B 235 -47.91 60.47 -44.65
N VAL B 236 -46.65 60.11 -44.36
CA VAL B 236 -46.09 60.49 -43.07
C VAL B 236 -45.66 61.94 -43.05
N GLU B 237 -45.55 62.59 -44.21
CA GLU B 237 -45.35 64.03 -44.25
C GLU B 237 -46.64 64.77 -43.93
N LEU B 238 -47.74 64.40 -44.61
CA LEU B 238 -49.07 64.98 -44.37
C LEU B 238 -49.89 63.92 -43.65
N PRO B 239 -49.90 63.91 -42.30
CA PRO B 239 -50.24 62.69 -41.55
C PRO B 239 -51.63 62.12 -41.79
N GLU B 240 -51.65 60.96 -42.44
CA GLU B 240 -52.84 60.13 -42.68
C GLU B 240 -53.99 60.88 -43.34
N GLY B 553 18.16 31.99 86.28
CA GLY B 553 17.31 32.09 85.11
C GLY B 553 17.95 31.54 83.84
N ASN B 554 17.10 31.23 82.86
CA ASN B 554 17.51 30.68 81.56
C ASN B 554 18.31 29.39 81.72
N LYS B 555 17.92 28.59 82.71
CA LYS B 555 18.55 27.31 83.10
C LYS B 555 20.03 27.59 83.42
N GLN B 556 20.95 26.74 82.97
CA GLN B 556 22.38 26.95 83.15
C GLN B 556 23.05 27.50 81.90
N ALA B 557 22.26 28.04 80.96
CA ALA B 557 22.80 28.48 79.68
C ALA B 557 23.58 29.78 79.80
N LYS B 558 23.46 30.51 80.91
CA LYS B 558 24.09 31.82 81.02
C LYS B 558 25.61 31.72 81.09
N VAL B 559 26.15 30.65 81.67
CA VAL B 559 27.59 30.44 81.67
C VAL B 559 28.10 30.23 80.25
N GLU B 560 27.38 29.44 79.46
CA GLU B 560 27.76 29.22 78.06
C GLU B 560 27.66 30.52 77.25
N LEU B 561 26.62 31.32 77.51
CA LEU B 561 26.49 32.61 76.83
C LEU B 561 27.60 33.57 77.22
N MET B 562 28.02 33.53 78.50
CA MET B 562 29.18 34.30 78.93
C MET B 562 30.41 33.84 78.19
N GLU B 563 30.59 32.53 78.03
CA GLU B 563 31.74 32.02 77.28
C GLU B 563 31.69 32.51 75.84
N VAL B 564 30.49 32.55 75.26
CA VAL B 564 30.33 32.99 73.87
C VAL B 564 30.71 34.46 73.72
N VAL B 565 30.20 35.32 74.60
CA VAL B 565 30.53 36.73 74.49
C VAL B 565 31.99 36.98 74.86
N ASP B 566 32.56 36.15 75.74
CA ASP B 566 33.95 36.34 76.16
C ASP B 566 34.91 36.03 75.02
N PHE B 567 34.74 34.88 74.35
CA PHE B 567 35.65 34.64 73.24
C PHE B 567 35.25 35.44 72.00
N PHE B 568 34.05 36.03 71.98
CA PHE B 568 33.71 36.96 70.90
C PHE B 568 34.49 38.26 71.02
N ARG B 569 34.49 38.87 72.21
CA ARG B 569 35.07 40.21 72.32
C ARG B 569 36.46 40.25 72.93
N THR B 570 36.72 39.48 74.01
CA THR B 570 38.02 39.52 74.69
C THR B 570 38.45 38.08 74.98
N PRO B 571 39.16 37.43 74.05
CA PRO B 571 39.55 36.02 74.26
C PRO B 571 40.48 35.83 75.44
N GLU B 572 41.65 36.48 75.40
CA GLU B 572 42.63 36.54 76.50
C GLU B 572 42.99 35.18 77.06
N LYS B 573 42.21 34.71 78.04
CA LYS B 573 42.50 33.45 78.71
C LYS B 573 42.33 32.25 77.77
N PHE B 574 41.37 32.32 76.85
CA PHE B 574 41.20 31.24 75.87
C PHE B 574 42.39 31.17 74.92
N LYS B 575 42.91 32.32 74.49
CA LYS B 575 44.10 32.33 73.66
C LYS B 575 45.33 31.88 74.43
N ALA B 576 45.38 32.16 75.74
CA ALA B 576 46.48 31.66 76.56
C ALA B 576 46.40 30.15 76.73
N SER B 577 45.19 29.61 76.88
CA SER B 577 45.01 28.17 77.03
C SER B 577 45.10 27.41 75.71
N GLY B 578 45.00 28.11 74.58
CA GLY B 578 45.16 27.49 73.29
C GLY B 578 43.87 27.16 72.56
N ALA B 579 42.72 27.46 73.14
CA ALA B 579 41.44 27.25 72.46
C ALA B 579 41.29 28.24 71.32
N ARG B 580 40.70 27.78 70.21
CA ARG B 580 40.58 28.66 69.03
C ARG B 580 39.26 29.42 69.03
N ALA B 581 38.13 28.72 68.89
CA ALA B 581 36.79 29.30 68.81
C ALA B 581 35.70 28.23 68.79
N PRO B 582 34.61 28.38 69.52
CA PRO B 582 33.34 27.83 69.06
C PRO B 582 32.89 28.52 67.78
N LYS B 583 32.19 27.77 66.92
CA LYS B 583 31.70 28.33 65.67
C LYS B 583 30.22 28.06 65.45
N GLY B 584 29.50 27.65 66.49
CA GLY B 584 28.08 27.40 66.37
C GLY B 584 27.39 27.14 67.68
N VAL B 585 26.15 27.62 67.80
CA VAL B 585 25.34 27.41 68.99
C VAL B 585 23.98 26.90 68.55
N LEU B 586 23.52 25.80 69.14
CA LEU B 586 22.22 25.20 68.79
C LEU B 586 21.36 25.19 70.04
N LEU B 587 20.51 26.21 70.20
CA LEU B 587 19.62 26.30 71.33
C LEU B 587 18.47 25.30 71.15
N VAL B 588 18.46 24.26 71.97
CA VAL B 588 17.46 23.22 71.94
C VAL B 588 16.53 23.41 73.13
N GLY B 589 15.23 23.37 72.88
CA GLY B 589 14.25 23.54 73.92
C GLY B 589 12.93 24.07 73.39
N PRO B 590 11.86 23.92 74.17
CA PRO B 590 10.55 24.38 73.71
C PRO B 590 10.49 25.89 73.63
N PRO B 591 9.67 26.44 72.73
CA PRO B 591 9.54 27.91 72.67
C PRO B 591 8.84 28.46 73.90
N GLY B 592 9.12 29.72 74.18
CA GLY B 592 8.58 30.38 75.35
C GLY B 592 9.54 30.57 76.50
N ASN B 593 10.82 30.27 76.32
CA ASN B 593 11.82 30.43 77.36
C ASN B 593 12.88 31.46 76.96
N GLY B 594 12.51 32.39 76.08
CA GLY B 594 13.42 33.43 75.64
C GLY B 594 14.59 32.95 74.83
N LYS B 595 14.34 32.06 73.87
CA LYS B 595 15.42 31.53 73.04
C LYS B 595 16.02 32.61 72.15
N THR B 596 15.18 33.44 71.53
CA THR B 596 15.68 34.57 70.75
C THR B 596 16.18 35.70 71.64
N LEU B 597 15.61 35.84 72.84
CA LEU B 597 16.03 36.89 73.76
C LEU B 597 17.45 36.66 74.24
N MET B 598 17.83 35.40 74.45
CA MET B 598 19.19 35.09 74.86
C MET B 598 20.19 35.43 73.77
N ALA B 599 19.87 35.16 72.52
CA ALA B 599 20.77 35.53 71.44
C ALA B 599 20.84 37.03 71.26
N ARG B 600 19.72 37.73 71.45
CA ARG B 600 19.73 39.19 71.42
C ARG B 600 20.62 39.75 72.51
N ALA B 601 20.54 39.17 73.72
CA ALA B 601 21.40 39.59 74.82
C ALA B 601 22.86 39.28 74.55
N VAL B 602 23.14 38.15 73.90
CA VAL B 602 24.52 37.81 73.54
C VAL B 602 25.08 38.81 72.53
N ALA B 603 24.27 39.17 71.52
CA ALA B 603 24.70 40.16 70.54
C ALA B 603 24.89 41.54 71.19
N GLY B 604 24.01 41.91 72.13
CA GLY B 604 24.17 43.18 72.82
C GLY B 604 25.39 43.20 73.71
N GLU B 605 25.71 42.08 74.36
CA GLU B 605 26.90 42.01 75.20
C GLU B 605 28.17 42.02 74.36
N SER B 606 28.13 41.40 73.18
CA SER B 606 29.30 41.36 72.31
C SER B 606 29.44 42.61 71.44
N GLY B 607 28.41 43.46 71.40
CA GLY B 607 28.47 44.66 70.56
C GLY B 607 28.46 44.38 69.08
N VAL B 608 27.60 43.47 68.62
CA VAL B 608 27.45 43.15 67.20
C VAL B 608 25.99 43.31 66.81
N ALA B 609 25.75 43.30 65.51
CA ALA B 609 24.40 43.52 64.99
C ALA B 609 23.59 42.23 65.00
N PHE B 610 22.27 42.39 64.88
CA PHE B 610 21.33 41.28 64.86
C PHE B 610 20.35 41.49 63.73
N ILE B 611 20.18 40.47 62.88
CA ILE B 611 19.20 40.48 61.81
C ILE B 611 18.23 39.33 62.05
N SER B 612 16.94 39.65 62.14
CA SER B 612 15.92 38.66 62.44
C SER B 612 15.57 37.88 61.17
N SER B 613 15.78 36.57 61.20
CA SER B 613 15.41 35.70 60.08
C SER B 613 15.07 34.33 60.61
N SER B 614 14.28 33.60 59.82
CA SER B 614 13.88 32.24 60.17
C SER B 614 14.03 31.37 58.94
N ALA B 615 14.10 30.05 59.17
CA ALA B 615 14.26 29.11 58.07
C ALA B 615 13.01 28.99 57.20
N ALA B 616 11.84 29.33 57.73
CA ALA B 616 10.62 29.28 56.95
C ALA B 616 10.63 30.32 55.82
N GLU B 617 11.16 31.51 56.10
CA GLU B 617 11.22 32.57 55.09
C GLU B 617 12.11 32.21 53.91
N PHE B 618 13.05 31.28 54.11
CA PHE B 618 13.88 30.82 52.99
C PHE B 618 13.12 29.88 52.06
N ILE B 619 11.98 29.33 52.51
CA ILE B 619 11.20 28.41 51.69
C ILE B 619 10.45 29.24 50.66
N GLU B 620 10.96 29.27 49.44
CA GLU B 620 10.38 30.07 48.36
C GLU B 620 10.04 29.18 47.16
N MET B 621 8.98 29.54 46.46
CA MET B 621 8.53 28.80 45.29
C MET B 621 9.44 29.00 44.08
N TYR B 622 10.33 29.99 44.11
CA TYR B 622 11.33 30.17 43.08
C TYR B 622 12.55 29.33 43.43
N MET B 623 12.99 28.50 42.49
CA MET B 623 14.08 27.57 42.74
C MET B 623 15.40 28.31 42.84
N GLY B 624 16.18 27.98 43.87
CA GLY B 624 17.44 28.64 44.14
C GLY B 624 17.33 29.92 44.93
N LEU B 625 16.11 30.40 45.20
CA LEU B 625 15.94 31.67 45.90
C LEU B 625 16.35 31.56 47.37
N GLY B 626 16.01 30.44 48.01
CA GLY B 626 16.41 30.25 49.40
C GLY B 626 17.90 30.10 49.58
N ALA B 627 18.55 29.34 48.69
CA ALA B 627 20.00 29.22 48.73
C ALA B 627 20.68 30.55 48.44
N ALA B 628 20.12 31.32 47.50
CA ALA B 628 20.64 32.66 47.21
C ALA B 628 20.49 33.57 48.42
N ARG B 629 19.35 33.48 49.13
CA ARG B 629 19.15 34.30 50.32
C ARG B 629 20.11 33.92 51.43
N VAL B 630 20.37 32.63 51.62
CA VAL B 630 21.32 32.18 52.64
C VAL B 630 22.72 32.66 52.30
N ARG B 631 23.11 32.53 51.03
CA ARG B 631 24.42 32.99 50.59
C ARG B 631 24.55 34.50 50.75
N ASP B 632 23.50 35.23 50.40
CA ASP B 632 23.55 36.68 50.55
C ASP B 632 23.64 37.08 52.02
N LEU B 633 22.89 36.39 52.90
CA LEU B 633 22.95 36.70 54.33
C LEU B 633 24.36 36.46 54.88
N PHE B 634 25.00 35.38 54.47
CA PHE B 634 26.36 35.11 54.95
C PHE B 634 27.37 36.07 54.32
N ASN B 635 27.16 36.50 53.08
CA ASN B 635 28.01 37.52 52.49
C ASN B 635 27.92 38.85 53.21
N THR B 636 26.71 39.29 53.57
CA THR B 636 26.58 40.49 54.39
C THR B 636 27.15 40.30 55.79
N ALA B 637 27.09 39.09 56.32
CA ALA B 637 27.74 38.82 57.61
C ALA B 637 29.25 38.99 57.52
N ARG B 638 29.85 38.44 56.46
CA ARG B 638 31.29 38.60 56.24
C ARG B 638 31.66 40.07 55.98
N SER B 639 30.76 40.81 55.33
CA SER B 639 30.99 42.24 55.12
C SER B 639 30.93 43.00 56.43
N VAL B 640 30.00 42.62 57.32
CA VAL B 640 29.84 43.33 58.58
C VAL B 640 31.05 43.07 59.48
N ALA B 641 31.45 41.79 59.66
CA ALA B 641 32.73 41.38 60.21
C ALA B 641 33.08 42.00 61.57
N PRO B 642 32.52 41.53 62.69
CA PRO B 642 31.66 40.35 62.84
C PRO B 642 30.21 40.66 63.20
N CYS B 643 29.38 39.62 63.22
CA CYS B 643 28.01 39.69 63.70
C CYS B 643 27.61 38.29 64.18
N ILE B 644 26.32 38.12 64.46
CA ILE B 644 25.77 36.85 64.89
C ILE B 644 24.59 36.51 63.98
N ILE B 645 24.58 35.30 63.45
CA ILE B 645 23.60 34.87 62.48
C ILE B 645 22.60 33.99 63.19
N PHE B 646 21.35 34.39 63.19
CA PHE B 646 20.29 33.64 63.83
C PHE B 646 19.41 33.00 62.75
N ILE B 647 19.21 31.70 62.88
CA ILE B 647 18.30 30.94 62.03
C ILE B 647 17.25 30.28 62.92
N ASP B 648 16.00 30.69 62.75
CA ASP B 648 14.92 30.20 63.58
C ASP B 648 14.11 29.15 62.83
N GLU B 649 13.51 28.23 63.60
CA GLU B 649 12.66 27.15 63.09
C GLU B 649 13.42 26.28 62.08
N LEU B 650 14.57 25.76 62.50
CA LEU B 650 15.37 24.89 61.66
C LEU B 650 14.73 23.52 61.45
N ASP B 651 13.69 23.19 62.22
CA ASP B 651 12.98 21.93 62.07
C ASP B 651 11.99 21.94 60.91
N ALA B 652 11.81 23.07 60.24
CA ALA B 652 10.94 23.14 59.07
C ALA B 652 11.69 22.96 57.76
N VAL B 653 13.02 23.03 57.78
CA VAL B 653 13.83 22.92 56.56
C VAL B 653 14.80 21.76 56.69
N GLY B 654 15.68 21.81 57.69
CA GLY B 654 16.71 20.81 57.82
C GLY B 654 16.22 19.52 58.47
N ARG B 655 15.52 18.69 57.69
CA ARG B 655 14.95 17.43 58.21
C ARG B 655 15.05 16.36 57.15
N GLN B 656 16.02 15.45 57.31
CA GLN B 656 16.03 14.12 56.68
C GLN B 656 16.00 14.20 55.14
N ARG B 657 17.12 14.67 54.59
CA ARG B 657 17.26 14.82 53.14
C ARG B 657 17.34 13.45 52.49
N GLN B 658 16.18 12.84 52.28
CA GLN B 658 16.08 11.56 51.61
C GLN B 658 15.33 11.61 50.29
N GLY B 659 14.67 12.73 49.99
CA GLY B 659 13.93 12.87 48.76
C GLY B 659 12.48 12.42 48.89
N GLY B 660 11.69 12.81 47.90
CA GLY B 660 10.28 12.45 47.87
C GLY B 660 9.35 13.64 47.87
N GLY B 661 8.50 13.74 46.86
CA GLY B 661 7.57 14.85 46.77
C GLY B 661 8.17 16.05 46.07
N ARG B 662 7.30 16.83 45.43
CA ARG B 662 7.73 18.03 44.71
C ARG B 662 7.67 19.27 45.60
N SER B 663 8.24 19.14 46.81
CA SER B 663 8.31 20.26 47.74
C SER B 663 9.62 20.34 48.50
N ASN B 664 10.55 19.41 48.28
CA ASN B 664 11.75 19.30 49.09
C ASN B 664 13.03 19.51 48.29
N ASP B 665 12.93 19.75 46.98
CA ASP B 665 14.14 20.00 46.20
C ASP B 665 14.80 21.29 46.65
N GLU B 666 14.04 22.40 46.64
CA GLU B 666 14.59 23.68 47.11
C GLU B 666 14.99 23.62 48.58
N ARG B 667 14.26 22.82 49.38
CA ARG B 667 14.59 22.64 50.79
C ARG B 667 15.95 21.97 50.96
N ASP B 668 16.22 20.93 50.17
CA ASP B 668 17.52 20.25 50.21
C ASP B 668 18.63 21.17 49.70
N ASN B 669 18.35 21.96 48.67
CA ASN B 669 19.30 23.01 48.23
C ASN B 669 19.64 24.00 49.32
N THR B 670 18.64 24.45 50.09
CA THR B 670 18.90 25.37 51.18
C THR B 670 19.72 24.73 52.29
N VAL B 671 19.45 23.45 52.60
CA VAL B 671 20.23 22.77 53.62
C VAL B 671 21.69 22.60 53.16
N ASN B 672 21.90 22.27 51.88
CA ASN B 672 23.25 22.13 51.37
C ASN B 672 23.97 23.48 51.34
N GLN B 673 23.26 24.56 51.03
CA GLN B 673 23.85 25.89 51.08
C GLN B 673 24.23 26.28 52.50
N LEU B 674 23.39 25.94 53.48
CA LEU B 674 23.74 26.19 54.87
C LEU B 674 24.94 25.36 55.31
N LEU B 675 25.02 24.11 54.82
CA LEU B 675 26.16 23.25 55.13
C LEU B 675 27.45 23.81 54.57
N THR B 676 27.42 24.32 53.33
CA THR B 676 28.62 24.87 52.72
C THR B 676 28.91 26.31 53.14
N GLU B 677 27.98 26.97 53.83
CA GLU B 677 28.27 28.27 54.43
C GLU B 677 28.79 28.14 55.86
N MET B 678 28.36 27.12 56.58
CA MET B 678 28.84 26.91 57.95
C MET B 678 30.22 26.26 57.96
N ASP B 679 30.52 25.45 56.92
CA ASP B 679 31.78 24.72 56.80
C ASP B 679 32.18 24.85 55.33
N GLY B 680 33.02 23.97 54.82
CA GLY B 680 33.43 24.08 53.43
C GLY B 680 34.78 24.75 53.33
N PHE B 681 35.20 24.99 52.07
CA PHE B 681 36.45 25.70 51.78
C PHE B 681 36.48 27.02 52.51
N GLU B 682 37.49 27.19 53.38
CA GLU B 682 37.52 28.30 54.33
C GLU B 682 37.41 29.65 53.63
N ALA B 683 36.26 30.30 53.84
CA ALA B 683 35.96 31.59 53.28
C ALA B 683 35.45 32.59 54.31
N GLU B 684 35.09 32.13 55.52
CA GLU B 684 34.75 33.07 56.57
C GLU B 684 35.75 33.05 57.73
N GLN B 685 35.89 31.91 58.43
CA GLN B 685 36.67 31.78 59.66
C GLN B 685 36.30 32.90 60.64
N GLN B 686 37.31 33.54 61.24
CA GLN B 686 37.19 34.76 62.02
C GLN B 686 36.32 34.57 63.27
N GLY B 687 35.90 35.67 63.88
CA GLY B 687 35.05 35.60 65.05
C GLY B 687 33.58 35.68 64.71
N ILE B 688 33.08 34.69 63.97
CA ILE B 688 31.68 34.67 63.54
C ILE B 688 31.01 33.44 64.13
N VAL B 689 29.90 33.66 64.84
CA VAL B 689 29.14 32.62 65.50
C VAL B 689 27.73 32.61 64.94
N VAL B 690 27.25 31.43 64.56
CA VAL B 690 25.90 31.26 64.04
C VAL B 690 25.08 30.49 65.09
N MET B 691 23.90 31.01 65.40
CA MET B 691 23.02 30.43 66.40
C MET B 691 21.74 29.95 65.71
N GLY B 692 21.32 28.73 66.06
CA GLY B 692 20.07 28.19 65.58
C GLY B 692 19.17 27.84 66.75
N ALA B 693 17.86 27.79 66.51
CA ALA B 693 16.89 27.49 67.57
C ALA B 693 15.99 26.35 67.11
N THR B 694 16.00 25.25 67.86
CA THR B 694 15.15 24.10 67.56
C THR B 694 14.45 23.66 68.84
N ASN B 695 13.33 22.97 68.67
CA ASN B 695 12.61 22.40 69.81
C ASN B 695 13.02 20.97 70.12
N ARG B 696 13.79 20.33 69.26
CA ARG B 696 14.20 18.95 69.43
C ARG B 696 15.72 18.84 69.38
N LYS B 697 16.26 17.82 70.05
CA LYS B 697 17.71 17.69 70.17
C LYS B 697 18.34 17.26 68.85
N ASP B 698 18.02 16.06 68.38
CA ASP B 698 18.57 15.52 67.13
C ASP B 698 17.43 15.03 66.23
N VAL B 699 16.85 15.96 65.49
CA VAL B 699 15.98 15.63 64.36
C VAL B 699 16.52 16.18 63.05
N LEU B 700 17.53 17.05 63.10
CA LEU B 700 18.06 17.70 61.92
C LEU B 700 18.99 16.74 61.17
N ASP B 701 19.71 17.27 60.19
CA ASP B 701 20.66 16.46 59.44
C ASP B 701 21.85 16.08 60.32
N ALA B 702 22.49 14.98 59.95
CA ALA B 702 23.69 14.54 60.68
C ALA B 702 24.82 15.54 60.49
N ALA B 703 24.95 16.13 59.30
CA ALA B 703 25.96 17.16 59.08
C ALA B 703 25.59 18.47 59.75
N LEU B 704 24.30 18.79 59.85
CA LEU B 704 23.88 20.01 60.50
C LEU B 704 24.10 19.95 62.01
N THR B 705 23.84 18.80 62.61
CA THR B 705 24.08 18.59 64.04
C THR B 705 25.50 18.11 64.32
N ARG B 706 26.34 18.00 63.29
CA ARG B 706 27.73 17.61 63.48
C ARG B 706 28.47 18.67 64.30
N PRO B 707 29.32 18.27 65.26
CA PRO B 707 30.04 19.24 66.10
C PRO B 707 31.22 19.94 65.41
N GLY B 708 31.00 20.39 64.19
CA GLY B 708 31.94 21.27 63.51
C GLY B 708 31.19 22.47 62.94
N ARG B 709 29.87 22.34 62.87
CA ARG B 709 28.96 23.42 62.52
C ARG B 709 28.23 23.92 63.76
N PHE B 710 27.52 23.05 64.46
CA PHE B 710 26.92 23.46 65.72
C PHE B 710 27.57 22.62 66.80
N ASP B 711 28.71 23.09 67.31
CA ASP B 711 29.52 22.35 68.26
C ASP B 711 29.15 22.62 69.71
N ARG B 712 28.15 23.46 69.96
CA ARG B 712 27.67 23.74 71.31
C ARG B 712 26.20 23.36 71.36
N SER B 713 25.89 22.33 72.15
CA SER B 713 24.50 21.89 72.33
C SER B 713 23.95 22.49 73.61
N ILE B 714 23.77 23.81 73.57
CA ILE B 714 23.23 24.55 74.71
C ILE B 714 21.73 24.29 74.79
N GLU B 715 21.26 23.81 75.93
CA GLU B 715 19.88 23.43 76.12
C GLU B 715 19.22 24.33 77.15
N VAL B 716 18.03 24.82 76.82
CA VAL B 716 17.17 25.54 77.77
C VAL B 716 15.86 24.78 77.90
N ARG B 717 15.20 24.95 79.02
CA ARG B 717 13.95 24.27 79.33
C ARG B 717 13.07 25.25 80.12
N ARG B 718 12.01 24.71 80.72
CA ARG B 718 11.16 25.51 81.58
C ARG B 718 11.92 25.92 82.84
N PRO B 719 11.65 27.11 83.38
CA PRO B 719 12.39 27.58 84.54
C PRO B 719 12.15 26.73 85.78
N ASP B 720 13.20 26.63 86.60
CA ASP B 720 13.16 25.91 87.86
C ASP B 720 12.61 26.80 88.96
N PHE B 721 12.79 26.38 90.23
CA PHE B 721 12.27 27.15 91.35
C PHE B 721 12.91 28.53 91.41
N GLN B 722 14.24 28.60 91.35
CA GLN B 722 14.91 29.90 91.40
C GLN B 722 14.64 30.72 90.14
N GLY B 723 14.51 30.07 88.99
CA GLY B 723 14.17 30.79 87.77
C GLY B 723 12.80 31.41 87.81
N ARG B 724 11.83 30.70 88.39
CA ARG B 724 10.48 31.26 88.54
C ARG B 724 10.43 32.31 89.64
N LEU B 725 11.31 32.20 90.64
CA LEU B 725 11.46 33.26 91.62
C LEU B 725 11.98 34.53 90.97
N GLU B 726 12.96 34.40 90.07
CA GLU B 726 13.50 35.57 89.39
C GLU B 726 12.51 36.12 88.37
N ALA B 727 11.73 35.27 87.73
CA ALA B 727 10.76 35.70 86.73
C ALA B 727 9.46 34.91 86.85
N SER B 745 6.40 30.94 97.38
CA SER B 745 4.99 30.57 97.43
C SER B 745 4.36 30.65 96.05
N LEU B 746 4.80 31.63 95.26
CA LEU B 746 4.28 31.78 93.90
C LEU B 746 4.77 30.65 93.00
N ALA B 747 6.08 30.35 93.04
CA ALA B 747 6.63 29.33 92.17
C ALA B 747 6.14 27.93 92.51
N SER B 748 5.66 27.71 93.73
CA SER B 748 4.94 26.48 94.03
C SER B 748 3.64 26.39 93.24
N LEU B 749 2.93 27.52 93.11
CA LEU B 749 1.65 27.51 92.42
C LEU B 749 1.81 27.43 90.90
N MET B 750 2.68 28.27 90.33
CA MET B 750 2.90 28.28 88.89
C MET B 750 4.19 27.58 88.50
N GLY B 751 4.48 26.45 89.13
CA GLY B 751 5.64 25.66 88.76
C GLY B 751 5.34 24.60 87.72
N GLY B 752 5.98 24.70 86.56
CA GLY B 752 5.83 23.67 85.55
C GLY B 752 5.45 24.17 84.16
N MET B 753 5.63 25.46 83.88
CA MET B 753 5.35 26.00 82.56
C MET B 753 6.41 27.04 82.19
N SER B 754 6.42 27.39 80.90
CA SER B 754 7.46 28.22 80.33
C SER B 754 7.22 29.70 80.65
N GLY B 755 8.24 30.51 80.33
CA GLY B 755 8.20 31.93 80.68
C GLY B 755 7.17 32.73 79.91
N ALA B 756 6.84 32.31 78.68
CA ALA B 756 5.76 32.96 77.95
C ALA B 756 4.43 32.77 78.65
N GLN B 757 4.15 31.55 79.13
CA GLN B 757 2.94 31.31 79.89
C GLN B 757 2.99 32.00 81.24
N ILE B 758 4.18 32.14 81.83
CA ILE B 758 4.32 32.89 83.08
C ILE B 758 3.96 34.35 82.88
N ALA B 759 4.44 34.95 81.78
CA ALA B 759 4.11 36.34 81.47
C ALA B 759 2.64 36.49 81.13
N GLY B 760 2.06 35.51 80.45
CA GLY B 760 0.62 35.54 80.20
C GLY B 760 -0.20 35.45 81.48
N VAL B 761 0.25 34.63 82.43
CA VAL B 761 -0.40 34.53 83.74
C VAL B 761 -0.31 35.85 84.49
N ALA B 762 0.86 36.49 84.45
CA ALA B 762 1.02 37.79 85.09
C ALA B 762 0.15 38.85 84.45
N ASN B 763 0.04 38.84 83.12
CA ASN B 763 -0.82 39.79 82.42
C ASN B 763 -2.29 39.55 82.73
N THR B 764 -2.71 38.28 82.83
CA THR B 764 -4.09 37.98 83.20
C THR B 764 -4.39 38.38 84.63
N ALA B 765 -3.43 38.20 85.54
CA ALA B 765 -3.60 38.63 86.92
C ALA B 765 -3.68 40.15 87.03
N CYS B 766 -2.90 40.86 86.22
CA CYS B 766 -3.02 42.32 86.17
C CYS B 766 -4.34 42.76 85.55
N PHE B 767 -4.83 42.01 84.55
CA PHE B 767 -6.11 42.33 83.92
C PHE B 767 -7.27 42.08 84.86
N LEU B 768 -7.15 41.11 85.76
CA LEU B 768 -8.22 40.82 86.73
C LEU B 768 -8.38 41.96 87.73
N THR B 783 -4.22 35.11 92.94
CA THR B 783 -3.61 34.12 92.06
C THR B 783 -4.67 33.35 91.30
N LEU B 784 -5.73 34.05 90.88
CA LEU B 784 -6.78 33.42 90.09
C LEU B 784 -6.28 33.08 88.68
N ALA B 785 -5.28 33.82 88.19
CA ALA B 785 -4.76 33.57 86.84
C ALA B 785 -4.04 32.22 86.75
N VAL B 786 -3.34 31.81 87.81
CA VAL B 786 -2.69 30.51 87.82
C VAL B 786 -3.72 29.39 87.76
N GLU B 787 -4.81 29.53 88.54
CA GLU B 787 -5.87 28.52 88.53
C GLU B 787 -6.59 28.48 87.19
N GLN B 788 -6.77 29.65 86.57
CA GLN B 788 -7.46 29.69 85.27
C GLN B 788 -6.59 29.11 84.16
N ALA B 789 -5.27 29.37 84.20
CA ALA B 789 -4.38 28.82 83.20
C ALA B 789 -4.15 27.33 83.39
N LYS B 790 -4.17 26.86 84.63
CA LYS B 790 -4.02 25.44 84.91
C LYS B 790 -5.38 24.75 84.93
N PHE B 800 -22.58 25.86 83.56
CA PHE B 800 -21.89 24.98 82.61
C PHE B 800 -22.12 23.50 82.97
N VAL B 801 -22.28 23.22 84.26
CA VAL B 801 -22.50 21.86 84.77
C VAL B 801 -23.80 21.88 85.56
N GLY B 802 -24.72 21.00 85.24
CA GLY B 802 -25.98 21.00 85.94
C GLY B 802 -25.93 20.20 87.22
N ALA B 803 -27.12 20.09 87.82
CA ALA B 803 -27.22 19.54 89.17
C ALA B 803 -26.94 18.05 89.18
N GLY B 804 -27.52 17.30 88.24
CA GLY B 804 -27.32 15.87 88.22
C GLY B 804 -25.89 15.46 87.91
N ARG B 805 -25.29 16.10 86.90
CA ARG B 805 -23.89 15.80 86.56
C ARG B 805 -22.93 16.29 87.64
N LYS B 806 -23.24 17.42 88.29
CA LYS B 806 -22.42 17.89 89.39
C LYS B 806 -22.49 16.95 90.58
N LYS B 807 -23.69 16.41 90.86
CA LYS B 807 -23.83 15.41 91.92
C LYS B 807 -23.07 14.14 91.59
N ARG B 808 -23.12 13.70 90.33
CA ARG B 808 -22.40 12.50 89.93
C ARG B 808 -20.89 12.71 90.03
N PHE B 809 -20.41 13.90 89.63
CA PHE B 809 -18.99 14.24 89.79
C PHE B 809 -18.59 14.23 91.25
N ALA B 810 -19.43 14.82 92.11
CA ALA B 810 -19.14 14.88 93.54
C ALA B 810 -19.10 13.49 94.15
N VAL B 811 -20.03 12.62 93.76
CA VAL B 811 -20.07 11.25 94.28
C VAL B 811 -18.83 10.48 93.84
N MET B 812 -18.47 10.59 92.55
CA MET B 812 -17.32 9.86 92.02
C MET B 812 -16.01 10.32 92.67
N GLU B 813 -15.79 11.63 92.75
CA GLU B 813 -14.55 12.13 93.33
C GLU B 813 -14.52 11.92 94.84
N ALA B 814 -15.67 11.97 95.52
CA ALA B 814 -15.70 11.68 96.94
C ALA B 814 -15.38 10.23 97.22
N SER B 815 -15.88 9.31 96.38
CA SER B 815 -15.55 7.90 96.54
C SER B 815 -14.07 7.65 96.30
N ILE B 816 -13.51 8.27 95.25
CA ILE B 816 -12.10 8.10 94.95
C ILE B 816 -11.22 8.66 96.07
N ALA B 817 -11.56 9.85 96.57
CA ALA B 817 -10.78 10.47 97.64
C ALA B 817 -10.91 9.69 98.95
N LEU B 818 -12.11 9.17 99.24
CA LEU B 818 -12.30 8.37 100.45
C LEU B 818 -11.50 7.08 100.39
N ALA B 819 -11.49 6.40 99.24
CA ALA B 819 -10.70 5.18 99.10
C ALA B 819 -9.21 5.49 99.17
N ALA B 820 -8.77 6.59 98.55
CA ALA B 820 -7.36 6.96 98.59
C ALA B 820 -6.90 7.32 99.99
N THR B 821 -7.78 7.94 100.79
CA THR B 821 -7.43 8.24 102.17
C THR B 821 -7.40 6.96 103.01
N LEU B 822 -8.40 6.09 102.85
CA LEU B 822 -8.53 4.93 103.72
C LEU B 822 -7.49 3.85 103.42
N LEU B 823 -7.12 3.68 102.15
CA LEU B 823 -6.15 2.65 101.80
C LEU B 823 -4.75 3.09 102.22
N PRO B 824 -3.98 2.22 102.87
CA PRO B 824 -2.70 2.64 103.45
C PRO B 824 -1.61 3.00 102.45
N ALA B 825 -1.32 2.11 101.49
CA ALA B 825 -0.18 2.39 100.61
C ALA B 825 -0.51 3.43 99.56
N ILE B 826 -1.79 3.72 99.33
CA ILE B 826 -2.15 4.82 98.43
C ILE B 826 -1.75 6.13 99.09
N GLU B 827 -1.11 7.00 98.31
CA GLU B 827 -0.62 8.27 98.81
C GLU B 827 -1.78 9.17 99.23
N PRO B 828 -1.55 10.07 100.20
CA PRO B 828 -2.62 10.97 100.63
C PRO B 828 -3.04 11.92 99.51
N VAL B 829 -4.31 12.31 99.57
CA VAL B 829 -4.89 13.17 98.53
C VAL B 829 -4.30 14.56 98.63
N GLU B 830 -3.84 15.10 97.50
CA GLU B 830 -3.41 16.49 97.46
C GLU B 830 -4.61 17.42 97.42
N TYR B 831 -5.50 17.24 96.45
CA TYR B 831 -6.76 17.96 96.41
C TYR B 831 -7.76 17.18 95.57
N ALA B 832 -9.01 17.64 95.57
CA ALA B 832 -10.07 17.03 94.80
C ALA B 832 -10.99 18.12 94.28
N THR B 833 -11.40 18.00 93.01
CA THR B 833 -12.26 19.00 92.41
C THR B 833 -13.19 18.34 91.41
N ILE B 834 -14.37 18.93 91.26
CA ILE B 834 -15.38 18.44 90.31
C ILE B 834 -15.62 19.43 89.19
N ILE B 835 -14.89 20.53 89.14
CA ILE B 835 -15.01 21.49 88.05
C ILE B 835 -14.27 20.91 86.84
N PRO B 836 -14.95 20.65 85.73
CA PRO B 836 -14.26 20.12 84.55
C PRO B 836 -13.33 21.15 83.94
N SER B 837 -12.21 20.68 83.41
CA SER B 837 -11.28 21.53 82.70
C SER B 837 -11.65 21.53 81.21
N THR B 838 -10.79 22.11 80.38
CA THR B 838 -11.04 22.12 78.95
C THR B 838 -10.81 20.75 78.31
N ARG B 839 -10.18 19.82 79.02
CA ARG B 839 -9.89 18.50 78.46
C ARG B 839 -10.17 17.37 79.44
N SER B 840 -10.73 17.65 80.62
CA SER B 840 -11.04 16.65 81.64
C SER B 840 -12.48 16.85 82.08
N PRO B 841 -13.45 16.37 81.31
CA PRO B 841 -14.86 16.66 81.63
C PRO B 841 -15.48 15.72 82.64
N LEU B 842 -14.76 15.39 83.71
CA LEU B 842 -15.33 14.53 84.74
C LEU B 842 -14.89 14.87 86.16
N GLY B 843 -14.08 15.90 86.37
CA GLY B 843 -13.55 16.19 87.70
C GLY B 843 -12.41 15.26 88.08
N ARG B 844 -11.42 15.77 88.80
CA ARG B 844 -10.22 14.99 89.11
C ARG B 844 -9.90 15.06 90.59
N THR B 845 -9.38 13.95 91.11
CA THR B 845 -8.79 13.88 92.44
C THR B 845 -7.30 13.61 92.28
N VAL B 846 -6.48 14.52 92.79
CA VAL B 846 -5.03 14.45 92.64
C VAL B 846 -4.43 14.12 94.00
N LEU B 847 -3.55 13.12 94.04
CA LEU B 847 -2.85 12.70 95.23
C LEU B 847 -1.48 13.36 95.32
N LYS B 848 -0.92 13.33 96.52
CA LYS B 848 0.43 13.81 96.73
C LYS B 848 1.41 12.81 96.13
N PRO B 849 2.24 13.19 95.16
CA PRO B 849 3.10 12.21 94.50
C PRO B 849 4.21 11.70 95.40
N HIS B 850 4.57 10.44 95.21
CA HIS B 850 5.61 9.79 96.00
C HIS B 850 6.94 9.92 95.25
N VAL B 851 7.85 10.69 95.83
CA VAL B 851 9.14 10.97 95.20
C VAL B 851 9.96 9.70 95.06
N GLY B 852 9.99 8.87 96.11
CA GLY B 852 10.79 7.66 96.07
C GLY B 852 10.27 6.66 95.05
N ARG B 853 8.96 6.46 95.01
CA ARG B 853 8.37 5.57 94.01
C ARG B 853 8.60 6.07 92.59
N TYR B 854 8.42 7.38 92.37
CA TYR B 854 8.57 7.92 91.03
C TYR B 854 10.03 7.93 90.58
N THR B 855 10.97 8.05 91.51
CA THR B 855 12.38 8.04 91.15
C THR B 855 12.95 6.65 90.98
N THR B 856 12.52 5.68 91.79
CA THR B 856 13.15 4.36 91.80
C THR B 856 12.35 3.30 91.06
N GLY B 857 11.08 3.55 90.74
CA GLY B 857 10.28 2.52 90.10
C GLY B 857 9.90 1.39 91.02
N VAL B 858 9.95 1.60 92.33
CA VAL B 858 9.58 0.57 93.30
C VAL B 858 8.07 0.73 93.54
N TRP B 859 7.29 0.01 92.74
CA TRP B 859 5.84 -0.01 92.85
C TRP B 859 5.45 -1.40 93.35
N THR B 860 5.16 -1.50 94.64
CA THR B 860 4.97 -2.80 95.28
C THR B 860 3.65 -3.44 94.87
N TYR B 861 3.56 -4.74 95.14
CA TYR B 861 2.35 -5.50 94.84
C TYR B 861 1.16 -5.01 95.65
N ARG B 862 1.39 -4.69 96.93
CA ARG B 862 0.34 -4.16 97.78
C ARG B 862 -0.14 -2.80 97.28
N TYR B 863 0.78 -1.96 96.82
CA TYR B 863 0.39 -0.69 96.22
C TYR B 863 -0.41 -0.90 94.94
N LEU B 864 -0.02 -1.89 94.12
CA LEU B 864 -0.76 -2.13 92.89
C LEU B 864 -2.18 -2.63 93.17
N ARG B 865 -2.33 -3.50 94.18
CA ARG B 865 -3.66 -3.96 94.56
C ARG B 865 -4.53 -2.81 95.06
N GLU B 866 -3.97 -1.96 95.92
CA GLU B 866 -4.75 -0.82 96.41
C GLU B 866 -4.99 0.23 95.33
N GLN B 867 -4.12 0.30 94.32
CA GLN B 867 -4.36 1.20 93.20
C GLN B 867 -5.48 0.67 92.31
N LEU B 868 -5.57 -0.64 92.17
CA LEU B 868 -6.72 -1.25 91.50
C LEU B 868 -8.01 -0.94 92.25
N LEU B 869 -7.96 -1.00 93.58
CA LEU B 869 -9.09 -0.60 94.41
C LEU B 869 -9.48 0.86 94.17
N VAL B 870 -8.48 1.75 94.14
CA VAL B 870 -8.74 3.18 93.95
C VAL B 870 -9.31 3.44 92.57
N ALA B 871 -8.85 2.70 91.56
CA ALA B 871 -9.39 2.84 90.21
C ALA B 871 -10.85 2.40 90.14
N LEU B 872 -11.21 1.35 90.87
CA LEU B 872 -12.61 0.92 90.88
C LEU B 872 -13.48 1.70 91.86
N ALA B 873 -12.88 2.57 92.67
CA ALA B 873 -13.61 3.31 93.70
C ALA B 873 -14.70 4.21 93.12
N GLY B 874 -14.41 4.87 91.99
CA GLY B 874 -15.41 5.77 91.41
C GLY B 874 -16.65 5.04 90.95
N ARG B 875 -16.49 3.91 90.26
CA ARG B 875 -17.63 3.09 89.84
C ARG B 875 -18.37 2.54 91.04
N ALA B 876 -17.64 2.07 92.06
CA ALA B 876 -18.30 1.50 93.23
C ALA B 876 -19.12 2.55 93.98
N GLY B 877 -18.56 3.74 94.18
CA GLY B 877 -19.30 4.77 94.86
C GLY B 877 -20.48 5.30 94.08
N GLU B 878 -20.32 5.44 92.76
CA GLU B 878 -21.43 5.87 91.91
C GLU B 878 -22.57 4.87 91.95
N GLU B 879 -22.25 3.57 91.87
CA GLU B 879 -23.28 2.54 91.97
C GLU B 879 -23.95 2.54 93.33
N LEU B 880 -23.17 2.67 94.41
CA LEU B 880 -23.72 2.64 95.75
C LEU B 880 -24.64 3.82 96.01
N VAL B 881 -24.26 5.01 95.57
CA VAL B 881 -25.07 6.19 95.87
C VAL B 881 -26.28 6.28 94.94
N LEU B 882 -26.07 6.18 93.63
CA LEU B 882 -27.15 6.46 92.68
C LEU B 882 -27.90 5.21 92.24
N GLY B 883 -27.57 4.03 92.73
CA GLY B 883 -28.21 2.83 92.27
C GLY B 883 -27.55 2.27 91.02
N ARG B 884 -27.84 1.01 90.73
CA ARG B 884 -27.21 0.33 89.59
C ARG B 884 -27.70 0.90 88.26
N ASP B 885 -29.00 1.18 88.16
CA ASP B 885 -29.58 1.66 86.91
C ASP B 885 -29.09 3.05 86.52
N GLU B 886 -28.46 3.78 87.45
CA GLU B 886 -27.84 5.06 87.14
C GLU B 886 -26.34 4.94 86.91
N LEU B 887 -25.85 3.73 86.62
CA LEU B 887 -24.45 3.57 86.23
C LEU B 887 -24.21 4.27 84.90
N SER B 888 -23.14 5.05 84.84
CA SER B 888 -22.90 5.94 83.72
C SER B 888 -21.62 5.55 82.99
N SER B 889 -21.38 6.24 81.88
CA SER B 889 -20.16 6.08 81.09
C SER B 889 -19.01 6.90 81.64
N LEU B 890 -19.15 7.46 82.84
CA LEU B 890 -18.09 8.27 83.43
C LEU B 890 -16.90 7.44 83.86
N ASN B 891 -17.05 6.13 84.03
CA ASN B 891 -16.00 5.26 84.49
C ASN B 891 -15.37 4.45 83.35
N GLN B 892 -15.59 4.86 82.10
CA GLN B 892 -15.06 4.13 80.95
C GLN B 892 -13.54 4.15 80.89
N HIS B 893 -12.90 5.15 81.51
CA HIS B 893 -11.45 5.20 81.60
C HIS B 893 -10.93 4.67 82.93
N ARG B 894 -11.74 4.76 83.99
CA ARG B 894 -11.37 4.12 85.25
C ARG B 894 -11.32 2.61 85.09
N LEU B 895 -12.24 2.04 84.30
CA LEU B 895 -12.20 0.61 84.00
C LEU B 895 -10.95 0.24 83.21
N GLN B 896 -10.56 1.09 82.24
CA GLN B 896 -9.35 0.84 81.48
C GLN B 896 -8.11 0.91 82.37
N MET B 897 -8.08 1.86 83.31
CA MET B 897 -6.98 1.96 84.25
C MET B 897 -6.92 0.74 85.17
N ALA B 898 -8.09 0.26 85.62
CA ALA B 898 -8.12 -0.94 86.46
C ALA B 898 -7.64 -2.17 85.69
N ARG B 899 -8.03 -2.27 84.42
CA ARG B 899 -7.53 -3.36 83.57
C ARG B 899 -6.03 -3.25 83.37
N GLN B 900 -5.52 -2.02 83.22
CA GLN B 900 -4.08 -1.80 83.12
C GLN B 900 -3.36 -2.28 84.36
N VAL B 901 -3.89 -1.96 85.54
CA VAL B 901 -3.26 -2.37 86.79
C VAL B 901 -3.30 -3.88 86.95
N ALA B 902 -4.44 -4.51 86.63
CA ALA B 902 -4.55 -5.96 86.77
C ALA B 902 -3.63 -6.70 85.78
N TRP B 903 -3.57 -6.23 84.54
CA TRP B 903 -2.70 -6.88 83.56
C TRP B 903 -1.24 -6.60 83.83
N LYS B 904 -0.92 -5.45 84.45
CA LYS B 904 0.47 -5.20 84.87
C LYS B 904 0.85 -6.10 86.03
N ILE B 905 -0.10 -6.37 86.94
CA ILE B 905 0.15 -7.32 88.02
C ILE B 905 0.42 -8.71 87.45
N MET B 906 -0.37 -9.12 86.45
CA MET B 906 -0.15 -10.42 85.82
C MET B 906 1.16 -10.47 85.05
N ASN B 907 1.50 -9.38 84.33
CA ASN B 907 2.69 -9.33 83.49
C ASN B 907 3.97 -9.08 84.27
N SER B 908 3.87 -8.67 85.52
CA SER B 908 5.04 -8.36 86.33
C SER B 908 5.46 -9.50 87.24
N GLY B 909 4.84 -10.67 87.10
CA GLY B 909 5.15 -11.80 87.96
C GLY B 909 4.73 -11.55 89.40
N MET B 910 3.49 -11.13 89.60
CA MET B 910 2.92 -10.93 90.92
C MET B 910 1.64 -11.72 91.14
N SER B 911 1.25 -12.55 90.19
CA SER B 911 0.00 -13.28 90.30
C SER B 911 0.16 -14.44 91.29
N SER B 912 -0.97 -15.06 91.64
CA SER B 912 -1.00 -16.17 92.57
C SER B 912 -0.97 -17.52 91.88
N HIS B 913 -0.90 -17.56 90.56
CA HIS B 913 -0.80 -18.80 89.83
C HIS B 913 0.57 -19.43 90.08
N PRO B 914 0.64 -20.74 90.37
CA PRO B 914 1.95 -21.35 90.69
C PRO B 914 2.95 -21.32 89.54
N ASP B 915 2.49 -21.40 88.31
CA ASP B 915 3.36 -21.29 87.14
C ASP B 915 3.64 -19.84 86.75
N TYR B 916 3.06 -18.88 87.46
CA TYR B 916 3.20 -17.47 87.15
C TYR B 916 3.59 -16.62 88.35
N GLN B 917 3.84 -17.23 89.51
CA GLN B 917 3.89 -16.48 90.77
C GLN B 917 5.11 -15.57 90.84
N HIS B 918 6.31 -16.15 90.79
CA HIS B 918 7.53 -15.37 90.85
C HIS B 918 8.49 -15.76 89.73
N LEU B 919 7.97 -16.36 88.67
CA LEU B 919 8.78 -16.86 87.57
C LEU B 919 8.63 -16.04 86.30
N ARG B 920 7.42 -15.81 85.84
CA ARG B 920 7.17 -15.32 84.50
C ARG B 920 6.23 -14.13 84.51
N GLY B 921 6.30 -13.36 83.44
CA GLY B 921 5.25 -12.46 83.03
C GLY B 921 4.42 -13.09 81.93
N LEU B 922 3.83 -12.24 81.09
CA LEU B 922 3.05 -12.77 79.97
C LEU B 922 3.93 -13.17 78.78
N GLY B 923 5.20 -12.80 78.78
CA GLY B 923 6.15 -13.31 77.81
C GLY B 923 6.83 -12.20 77.02
N SER B 924 7.84 -12.62 76.24
CA SER B 924 8.53 -11.82 75.23
C SER B 924 9.20 -10.57 75.79
N ASN B 925 8.41 -9.53 76.07
CA ASN B 925 8.84 -8.27 76.66
C ASN B 925 9.87 -7.54 75.78
N TYR B 926 9.40 -7.12 74.62
CA TYR B 926 10.21 -6.29 73.73
C TYR B 926 9.97 -4.81 74.01
N PHE B 927 10.92 -3.99 73.59
CA PHE B 927 10.92 -2.57 73.94
C PHE B 927 11.10 -1.73 72.68
N ASP B 928 10.53 -0.53 72.72
CA ASP B 928 10.58 0.41 71.61
C ASP B 928 11.02 1.77 72.13
N GLY B 929 11.72 2.50 71.27
CA GLY B 929 12.16 3.84 71.62
C GLY B 929 11.05 4.86 71.45
N SER B 930 10.62 5.46 72.56
CA SER B 930 9.55 6.44 72.52
C SER B 930 10.08 7.79 72.06
N SER B 931 9.23 8.81 72.13
CA SER B 931 9.53 10.15 71.61
C SER B 931 10.71 10.82 72.32
N GLU B 932 10.57 11.08 73.62
CA GLU B 932 11.66 11.70 74.35
C GLU B 932 12.77 10.70 74.62
N PRO B 933 14.02 11.15 74.69
CA PRO B 933 15.11 10.23 75.06
C PRO B 933 14.97 9.72 76.48
N GLY B 934 15.33 8.45 76.68
CA GLY B 934 15.18 7.79 77.95
C GLY B 934 13.83 7.13 78.17
N ARG B 935 12.88 7.33 77.26
CA ARG B 935 11.54 6.79 77.40
C ARG B 935 11.38 5.59 76.48
N PHE B 936 10.86 4.49 77.03
CA PHE B 936 10.71 3.24 76.30
C PHE B 936 9.28 2.72 76.46
N GLN B 937 8.74 2.18 75.38
CA GLN B 937 7.41 1.57 75.39
C GLN B 937 7.55 0.06 75.37
N GLN B 938 6.82 -0.62 76.24
CA GLN B 938 6.90 -2.07 76.41
C GLN B 938 5.79 -2.76 75.62
N THR B 939 6.18 -3.74 74.81
CA THR B 939 5.25 -4.56 74.05
C THR B 939 5.46 -6.02 74.40
N THR B 940 4.38 -6.70 74.78
CA THR B 940 4.44 -8.09 75.23
C THR B 940 3.76 -8.98 74.19
N VAL B 941 4.47 -10.02 73.74
CA VAL B 941 3.98 -10.93 72.71
C VAL B 941 3.74 -12.29 73.37
N VAL B 942 2.51 -12.78 73.25
CA VAL B 942 2.09 -14.03 73.88
C VAL B 942 1.58 -14.94 72.76
N MET B 943 2.40 -15.90 72.33
CA MET B 943 2.04 -16.77 71.20
C MET B 943 2.37 -18.23 71.48
N ASP B 944 1.44 -18.94 72.14
CA ASP B 944 1.36 -20.41 72.08
C ASP B 944 2.61 -21.17 72.56
N ALA B 945 3.63 -20.45 72.95
CA ALA B 945 4.92 -20.91 73.46
C ALA B 945 5.26 -20.26 74.79
N ASN B 946 4.88 -18.98 74.95
CA ASN B 946 4.89 -18.34 76.26
C ASN B 946 3.64 -18.66 77.07
N GLN B 947 2.65 -19.31 76.46
CA GLN B 947 1.39 -19.58 77.14
C GLN B 947 0.77 -20.83 76.55
N THR B 948 0.09 -21.58 77.40
CA THR B 948 -0.72 -22.70 76.94
C THR B 948 -2.18 -22.28 76.88
N ARG B 949 -3.00 -23.15 76.26
CA ARG B 949 -4.41 -22.83 76.07
C ARG B 949 -5.15 -22.74 77.40
N SER B 950 -4.77 -23.57 78.39
CA SER B 950 -5.33 -23.46 79.72
C SER B 950 -4.74 -22.28 80.49
N GLU B 951 -3.49 -21.93 80.21
CA GLU B 951 -2.88 -20.79 80.90
C GLU B 951 -3.49 -19.47 80.46
N ALA B 952 -3.94 -19.37 79.21
CA ALA B 952 -4.65 -18.17 78.77
C ALA B 952 -5.96 -17.99 79.52
N VAL B 953 -6.71 -19.09 79.69
CA VAL B 953 -7.95 -19.04 80.46
C VAL B 953 -7.65 -18.75 81.94
N ASP B 954 -6.54 -19.30 82.45
CA ASP B 954 -6.16 -19.03 83.84
C ASP B 954 -5.83 -17.56 84.05
N ALA B 955 -5.10 -16.95 83.12
CA ALA B 955 -4.76 -15.54 83.22
C ALA B 955 -6.00 -14.66 83.12
N ASP B 956 -6.90 -14.98 82.19
CA ASP B 956 -8.13 -14.21 82.06
C ASP B 956 -9.00 -14.34 83.30
N MET B 957 -9.09 -15.55 83.86
CA MET B 957 -9.87 -15.77 85.07
C MET B 957 -9.25 -15.04 86.26
N GLU B 958 -7.93 -15.00 86.34
CA GLU B 958 -7.27 -14.28 87.42
C GLU B 958 -7.49 -12.77 87.31
N VAL B 959 -7.43 -12.22 86.10
CA VAL B 959 -7.69 -10.80 85.92
C VAL B 959 -9.13 -10.47 86.27
N GLU B 960 -10.07 -11.31 85.84
CA GLU B 960 -11.48 -11.12 86.17
C GLU B 960 -11.71 -11.20 87.67
N GLY B 961 -11.07 -12.16 88.34
CA GLY B 961 -11.18 -12.27 89.78
C GLY B 961 -10.58 -11.07 90.50
N LEU B 962 -9.44 -10.57 90.01
CA LEU B 962 -8.82 -9.39 90.59
C LEU B 962 -9.75 -8.18 90.49
N LEU B 963 -10.29 -7.94 89.29
CA LEU B 963 -11.16 -6.78 89.07
C LEU B 963 -12.45 -6.90 89.89
N ASN B 964 -13.09 -8.06 89.86
CA ASN B 964 -14.39 -8.18 90.50
C ASN B 964 -14.27 -8.27 92.02
N GLY B 965 -13.26 -8.99 92.54
CA GLY B 965 -13.01 -8.98 93.96
C GLY B 965 -12.59 -7.62 94.47
N GLY B 966 -11.83 -6.87 93.67
CA GLY B 966 -11.52 -5.49 94.04
C GLY B 966 -12.75 -4.61 94.08
N TYR B 967 -13.66 -4.80 93.13
CA TYR B 967 -14.92 -4.05 93.14
C TYR B 967 -15.75 -4.39 94.37
N LYS B 968 -15.82 -5.67 94.74
CA LYS B 968 -16.58 -6.07 95.93
C LYS B 968 -15.95 -5.51 97.20
N GLN B 969 -14.61 -5.53 97.28
CA GLN B 969 -13.92 -4.99 98.44
C GLN B 969 -14.14 -3.49 98.58
N VAL B 970 -14.06 -2.75 97.47
CA VAL B 970 -14.28 -1.32 97.52
C VAL B 970 -15.74 -1.00 97.83
N PHE B 971 -16.67 -1.78 97.28
CA PHE B 971 -18.08 -1.57 97.58
C PHE B 971 -18.37 -1.79 99.06
N GLU B 972 -17.77 -2.82 99.66
CA GLU B 972 -17.95 -3.04 101.09
C GLU B 972 -17.31 -1.93 101.91
N LEU B 973 -16.14 -1.44 101.48
CA LEU B 973 -15.48 -0.35 102.18
C LEU B 973 -16.30 0.94 102.15
N LEU B 974 -16.87 1.26 100.98
CA LEU B 974 -17.69 2.46 100.86
C LEU B 974 -19.07 2.28 101.51
N VAL B 975 -19.56 1.05 101.61
CA VAL B 975 -20.78 0.78 102.36
C VAL B 975 -20.56 1.02 103.85
N ARG B 976 -19.44 0.54 104.38
CA ARG B 976 -19.15 0.74 105.79
C ARG B 976 -18.58 2.12 106.11
N ASN B 977 -18.27 2.92 105.09
CA ASN B 977 -17.90 4.31 105.27
C ASN B 977 -18.87 5.23 104.54
N ARG B 978 -20.17 4.90 104.64
CA ARG B 978 -21.19 5.63 103.91
C ARG B 978 -21.36 7.04 104.45
N ALA B 979 -21.25 7.22 105.76
CA ALA B 979 -21.37 8.56 106.35
C ALA B 979 -20.24 9.48 105.89
N ALA B 980 -19.01 8.95 105.85
CA ALA B 980 -17.89 9.75 105.36
C ALA B 980 -18.04 10.03 103.86
N LEU B 981 -18.53 9.06 103.10
CA LEU B 981 -18.77 9.28 101.68
C LEU B 981 -19.81 10.38 101.44
N ASP B 982 -20.89 10.35 102.21
CA ASP B 982 -21.93 11.37 102.08
C ASP B 982 -21.42 12.74 102.49
N ALA B 983 -20.66 12.82 103.59
CA ALA B 983 -20.13 14.10 104.04
C ALA B 983 -19.15 14.69 103.03
N LEU B 984 -18.30 13.84 102.45
CA LEU B 984 -17.39 14.30 101.41
C LEU B 984 -18.15 14.74 100.18
N THR B 985 -19.25 14.06 99.84
CA THR B 985 -20.06 14.45 98.69
C THR B 985 -20.68 15.83 98.90
N GLU B 986 -21.23 16.09 100.09
CA GLU B 986 -21.85 17.40 100.32
C GLU B 986 -20.79 18.50 100.41
N LEU B 987 -19.62 18.19 100.99
CA LEU B 987 -18.55 19.19 101.04
C LEU B 987 -18.03 19.52 99.64
N LEU B 988 -17.89 18.50 98.79
CA LEU B 988 -17.51 18.72 97.40
C LEU B 988 -18.56 19.54 96.65
N LEU B 989 -19.84 19.25 96.90
CA LEU B 989 -20.90 20.03 96.26
C LEU B 989 -20.90 21.48 96.73
N GLU B 990 -20.53 21.72 98.00
CA GLU B 990 -20.48 23.08 98.51
C GLU B 990 -19.29 23.85 97.95
N ARG B 991 -18.11 23.24 97.96
CA ARG B 991 -16.88 24.00 97.73
C ARG B 991 -16.30 23.86 96.33
N GLU B 992 -16.54 22.73 95.65
CA GLU B 992 -16.11 22.40 94.29
C GLU B 992 -14.59 22.21 94.16
N LYS B 993 -13.83 22.48 95.22
CA LYS B 993 -12.39 22.23 95.23
C LYS B 993 -11.96 22.13 96.69
N ILE B 994 -11.75 20.92 97.18
CA ILE B 994 -11.35 20.70 98.56
C ILE B 994 -9.90 20.27 98.59
N SER B 995 -9.22 20.57 99.68
CA SER B 995 -7.85 20.16 99.89
C SER B 995 -7.80 18.81 100.59
N GLY B 996 -6.59 18.24 100.65
CA GLY B 996 -6.45 16.92 101.25
C GLY B 996 -6.62 16.92 102.74
N GLU B 997 -6.34 18.04 103.41
CA GLU B 997 -6.53 18.13 104.85
C GLU B 997 -8.01 18.04 105.22
N GLU B 998 -8.87 18.66 104.43
CA GLU B 998 -10.31 18.55 104.66
C GLU B 998 -10.81 17.13 104.46
N VAL B 999 -10.28 16.43 103.44
CA VAL B 999 -10.63 15.04 103.21
C VAL B 999 -10.21 14.18 104.39
N VAL B 1000 -8.98 14.39 104.87
CA VAL B 1000 -8.45 13.63 106.01
C VAL B 1000 -9.28 13.90 107.25
N GLN B 1001 -9.67 15.16 107.47
CA GLN B 1001 -10.48 15.51 108.63
C GLN B 1001 -11.86 14.84 108.57
N VAL B 1002 -12.52 14.90 107.40
CA VAL B 1002 -13.84 14.28 107.26
C VAL B 1002 -13.76 12.77 107.47
N VAL B 1003 -12.72 12.14 106.92
CA VAL B 1003 -12.54 10.69 107.07
C VAL B 1003 -12.30 10.33 108.54
N GLU B 1004 -11.43 11.09 109.22
CA GLU B 1004 -11.10 10.74 110.59
C GLU B 1004 -12.24 11.05 111.56
N GLU B 1005 -13.16 11.95 111.22
CA GLU B 1005 -14.31 12.17 112.08
C GLU B 1005 -15.51 11.29 111.75
N LEU B 1006 -15.61 10.76 110.53
CA LEU B 1006 -16.80 9.98 110.16
C LEU B 1006 -16.44 8.64 109.55
N GLY B 1007 -15.30 8.06 109.93
CA GLY B 1007 -14.85 6.81 109.36
C GLY B 1007 -15.20 5.59 110.20
N HIS B 1008 -15.05 4.43 109.57
CA HIS B 1008 -15.25 3.17 110.26
C HIS B 1008 -14.08 2.90 111.21
N PRO B 1009 -14.33 2.36 112.40
CA PRO B 1009 -13.23 2.09 113.34
C PRO B 1009 -12.21 1.09 112.83
N GLU B 1010 -12.63 0.07 112.07
CA GLU B 1010 -11.67 -0.90 111.54
C GLU B 1010 -10.75 -0.28 110.50
N ASP B 1011 -11.33 0.51 109.58
CA ASP B 1011 -10.51 1.19 108.57
C ASP B 1011 -9.60 2.23 109.20
N LEU B 1012 -10.09 2.93 110.23
CA LEU B 1012 -9.25 3.90 110.93
C LEU B 1012 -8.11 3.22 111.66
N ALA B 1013 -8.37 2.05 112.27
CA ALA B 1013 -7.31 1.30 112.94
C ALA B 1013 -6.29 0.79 111.95
N ARG B 1014 -6.72 0.33 110.78
CA ARG B 1014 -5.78 -0.09 109.73
C ARG B 1014 -4.93 1.09 109.25
N ARG B 1015 -5.56 2.25 109.07
CA ARG B 1015 -4.84 3.45 108.66
C ARG B 1015 -3.82 3.87 109.70
N ALA B 1016 -4.19 3.81 110.99
CA ALA B 1016 -3.26 4.16 112.06
C ALA B 1016 -2.18 3.11 112.24
N GLN B 1017 -2.44 1.85 111.89
CA GLN B 1017 -1.41 0.83 111.95
C GLN B 1017 -0.36 1.05 110.86
N TRP B 1018 -0.80 1.29 109.62
CA TRP B 1018 0.12 1.46 108.51
C TRP B 1018 0.43 2.93 108.22
N ALA B 1019 0.36 3.79 109.22
CA ALA B 1019 0.75 5.19 109.07
C ALA B 1019 2.23 5.36 109.41
N GLY B 1020 2.76 6.51 109.03
CA GLY B 1020 4.16 6.80 109.33
C GLY B 1020 5.12 6.23 108.32
N TYR B 1021 5.03 4.91 108.10
CA TYR B 1021 5.73 4.20 107.03
C TYR B 1021 5.58 4.93 105.70
N GLU B 1022 6.68 5.16 105.00
CA GLU B 1022 6.62 5.75 103.68
C GLU B 1022 6.32 4.72 102.60
N LEU B 1023 6.03 3.49 103.02
CA LEU B 1023 5.60 2.35 102.20
C LEU B 1023 6.44 2.15 100.94
N LEU B 1024 7.76 2.16 101.13
CA LEU B 1024 8.71 1.59 100.18
C LEU B 1024 8.71 2.28 98.81
N MET C 1 16.36 42.89 2.88
CA MET C 1 15.63 44.14 3.03
C MET C 1 15.22 44.36 4.48
N GLY C 2 15.90 43.67 5.40
CA GLY C 2 15.58 43.71 6.80
C GLY C 2 14.65 42.61 7.26
N GLN C 3 14.02 41.90 6.33
CA GLN C 3 13.09 40.83 6.67
C GLN C 3 13.86 39.58 7.07
N PHE C 4 13.13 38.48 7.26
CA PHE C 4 13.66 37.21 7.73
C PHE C 4 14.41 37.39 9.06
N TYR C 5 13.67 37.82 10.06
CA TYR C 5 14.22 37.97 11.41
C TYR C 5 13.32 37.44 12.51
N SER C 6 12.02 37.28 12.26
CA SER C 6 11.08 36.92 13.31
C SER C 6 11.14 35.42 13.61
N ARG C 7 10.23 34.98 14.47
CA ARG C 7 10.04 33.56 14.74
C ARG C 7 9.36 32.83 13.61
N GLU C 8 8.59 33.55 12.81
CA GLU C 8 7.84 32.99 11.69
C GLU C 8 8.76 32.38 10.63
N PHE C 9 10.04 32.74 10.64
CA PHE C 9 11.04 32.20 9.73
C PHE C 9 12.06 31.35 10.46
N ASP C 10 11.66 30.73 11.58
CA ASP C 10 12.53 29.85 12.34
C ASP C 10 12.29 28.40 11.92
N GLY C 11 13.36 27.71 11.54
CA GLY C 11 13.26 26.31 11.15
C GLY C 11 14.11 25.94 9.96
N ASP C 12 14.33 26.88 9.05
CA ASP C 12 15.15 26.62 7.87
C ASP C 12 16.59 27.03 8.16
N PRO C 13 17.56 26.13 8.04
CA PRO C 13 18.96 26.49 8.32
C PRO C 13 19.53 27.55 7.38
N TYR C 14 19.11 27.58 6.12
CA TYR C 14 19.60 28.64 5.24
C TYR C 14 19.01 29.99 5.62
N VAL C 15 17.77 30.01 6.10
CA VAL C 15 17.21 31.26 6.64
C VAL C 15 17.94 31.66 7.91
N ASP C 16 18.33 30.68 8.73
CA ASP C 16 19.14 30.95 9.92
C ASP C 16 20.49 31.54 9.53
N LEU C 17 21.04 31.11 8.40
CA LEU C 17 22.24 31.73 7.86
C LEU C 17 21.96 33.17 7.44
N MET C 18 20.87 33.38 6.69
CA MET C 18 20.53 34.71 6.18
C MET C 18 20.10 35.69 7.26
N ARG C 19 19.89 35.24 8.50
CA ARG C 19 19.65 36.18 9.61
C ARG C 19 20.79 37.16 9.75
N SER C 20 22.03 36.66 9.80
CA SER C 20 23.19 37.47 10.11
C SER C 20 23.96 37.93 8.88
N LEU C 21 23.46 37.64 7.68
CA LEU C 21 24.12 38.04 6.44
C LEU C 21 23.14 38.82 5.57
N PRO C 22 23.13 40.15 5.69
CA PRO C 22 22.27 40.98 4.82
C PRO C 22 22.59 40.85 3.35
N GLU C 23 23.86 40.60 2.99
CA GLU C 23 24.19 40.36 1.59
C GLU C 23 23.54 39.07 1.08
N ARG C 24 23.49 38.03 1.92
CA ARG C 24 22.75 36.82 1.55
C ARG C 24 21.25 37.08 1.43
N GLU C 25 20.70 37.89 2.31
CA GLU C 25 19.29 38.23 2.21
C GLU C 25 18.98 38.97 0.91
N LEU C 26 19.83 39.93 0.54
CA LEU C 26 19.63 40.69 -0.69
C LEU C 26 19.82 39.80 -1.92
N VAL C 27 20.79 38.89 -1.86
CA VAL C 27 21.00 37.93 -2.94
C VAL C 27 19.79 37.03 -3.11
N TRP C 28 19.20 36.58 -2.00
CA TRP C 28 17.99 35.77 -2.04
C TRP C 28 16.83 36.54 -2.66
N TRP C 29 16.65 37.82 -2.27
CA TRP C 29 15.56 38.62 -2.80
C TRP C 29 15.69 38.84 -4.30
N ALA C 30 16.89 39.24 -4.74
CA ALA C 30 17.12 39.47 -6.17
C ALA C 30 16.99 38.18 -6.97
N GLN C 31 17.48 37.07 -6.42
CA GLN C 31 17.39 35.79 -7.11
C GLN C 31 15.94 35.33 -7.22
N LYS C 32 15.12 35.56 -6.19
CA LYS C 32 13.73 35.18 -6.26
C LYS C 32 12.96 36.02 -7.28
N VAL C 33 13.28 37.32 -7.37
CA VAL C 33 12.66 38.16 -8.39
C VAL C 33 13.06 37.69 -9.79
N ILE C 34 14.34 37.37 -9.98
CA ILE C 34 14.81 36.92 -11.29
C ILE C 34 14.20 35.57 -11.66
N TRP C 35 14.07 34.66 -10.69
CA TRP C 35 13.44 33.37 -10.93
C TRP C 35 11.98 33.51 -11.31
N LEU C 36 11.26 34.41 -10.63
CA LEU C 36 9.86 34.64 -10.98
C LEU C 36 9.73 35.22 -12.39
N ALA C 37 10.61 36.15 -12.75
CA ALA C 37 10.57 36.69 -14.11
C ALA C 37 10.94 35.66 -15.16
N GLU C 38 11.87 34.75 -14.84
CA GLU C 38 12.20 33.66 -15.74
C GLU C 38 11.02 32.71 -15.93
N GLY C 39 10.27 32.45 -14.85
CA GLY C 39 9.06 31.65 -14.99
C GLY C 39 8.01 32.33 -15.85
N PHE C 40 7.87 33.66 -15.70
CA PHE C 40 6.99 34.43 -16.57
C PHE C 40 7.42 34.32 -18.03
N THR C 41 8.74 34.38 -18.28
CA THR C 41 9.27 34.27 -19.65
C THR C 41 8.97 32.89 -20.24
N PHE C 42 9.18 31.83 -19.45
CA PHE C 42 8.91 30.47 -19.92
C PHE C 42 7.43 30.29 -20.26
N VAL C 43 6.55 30.78 -19.38
CA VAL C 43 5.11 30.60 -19.58
C VAL C 43 4.63 31.43 -20.77
N ASP C 44 5.15 32.65 -20.93
CA ASP C 44 4.76 33.47 -22.08
C ASP C 44 5.26 32.89 -23.38
N HIS C 45 6.47 32.30 -23.39
CA HIS C 45 6.95 31.65 -24.60
C HIS C 45 6.10 30.44 -24.96
N PHE C 46 5.71 29.65 -23.96
CA PHE C 46 4.82 28.52 -24.22
C PHE C 46 3.48 28.99 -24.77
N ALA C 47 2.91 30.04 -24.16
CA ALA C 47 1.63 30.58 -24.60
C ALA C 47 1.71 31.23 -25.96
N ARG C 48 2.89 31.66 -26.40
CA ARG C 48 3.05 32.18 -27.74
C ARG C 48 3.20 31.07 -28.77
N THR C 49 3.99 30.05 -28.46
CA THR C 49 4.36 29.06 -29.48
C THR C 49 3.38 27.90 -29.59
N TYR C 50 2.71 27.51 -28.50
CA TYR C 50 1.82 26.36 -28.57
C TYR C 50 0.54 26.57 -29.39
N PRO C 51 -0.07 27.76 -29.44
CA PRO C 51 -1.17 27.96 -30.41
C PRO C 51 -0.78 27.79 -31.87
N ARG C 52 0.50 27.90 -32.22
CA ARG C 52 0.90 27.70 -33.61
C ARG C 52 0.74 26.24 -34.04
N LEU C 53 0.80 25.31 -33.10
CA LEU C 53 0.57 23.91 -33.42
C LEU C 53 -0.89 23.63 -33.72
N LEU C 54 -1.80 24.44 -33.18
CA LEU C 54 -3.22 24.19 -33.29
C LEU C 54 -3.88 24.89 -34.46
N GLN C 55 -3.12 25.67 -35.24
CA GLN C 55 -3.69 26.41 -36.36
C GLN C 55 -3.78 25.51 -37.58
N HIS C 56 -4.96 25.44 -38.18
CA HIS C 56 -5.15 24.74 -39.44
C HIS C 56 -5.82 25.67 -40.43
N LYS C 57 -5.32 25.68 -41.66
CA LYS C 57 -5.87 26.50 -42.73
C LYS C 57 -6.80 25.67 -43.60
N CYS C 58 -7.70 26.36 -44.29
CA CYS C 58 -8.52 25.77 -45.33
C CYS C 58 -7.68 25.20 -46.48
N GLN C 59 -8.01 23.98 -46.90
CA GLN C 59 -7.26 23.33 -47.96
C GLN C 59 -7.65 23.82 -49.34
N ARG C 60 -8.80 24.48 -49.48
CA ARG C 60 -9.23 24.94 -50.79
C ARG C 60 -8.59 26.29 -51.13
N CYS C 61 -8.62 27.23 -50.19
CA CYS C 61 -8.08 28.56 -50.40
C CYS C 61 -6.66 28.72 -49.89
N LYS C 62 -6.05 27.64 -49.39
CA LYS C 62 -4.69 27.62 -48.84
C LYS C 62 -4.50 28.66 -47.74
N GLY C 63 -5.56 28.93 -46.98
CA GLY C 63 -5.50 29.90 -45.92
C GLY C 63 -5.72 31.34 -46.32
N ALA C 64 -6.09 31.60 -47.59
CA ALA C 64 -6.28 32.98 -48.02
C ALA C 64 -7.64 33.52 -47.62
N GLY C 65 -8.69 32.71 -47.76
CA GLY C 65 -10.05 33.14 -47.49
C GLY C 65 -10.73 33.83 -48.65
N VAL C 66 -10.02 34.11 -49.73
CA VAL C 66 -10.58 34.74 -50.91
C VAL C 66 -10.09 33.96 -52.11
N MET C 67 -10.96 33.83 -53.10
CA MET C 67 -10.67 33.18 -54.36
C MET C 67 -10.82 34.18 -55.50
N THR C 68 -10.13 33.89 -56.61
CA THR C 68 -10.27 34.71 -57.79
C THR C 68 -11.72 34.65 -58.29
N CYS C 69 -12.20 35.79 -58.77
CA CYS C 69 -13.58 36.00 -59.19
C CYS C 69 -14.01 34.99 -60.25
N PRO C 70 -15.15 34.31 -60.07
CA PRO C 70 -15.61 33.35 -61.08
C PRO C 70 -15.96 33.99 -62.42
N ALA C 71 -16.82 35.00 -62.40
CA ALA C 71 -17.00 35.84 -63.56
C ALA C 71 -15.87 36.86 -63.65
N CYS C 72 -15.65 37.36 -64.86
CA CYS C 72 -14.83 38.53 -65.17
C CYS C 72 -13.33 38.31 -64.97
N LEU C 73 -12.91 37.19 -64.40
CA LEU C 73 -11.50 36.88 -64.14
C LEU C 73 -11.18 35.41 -64.41
N CYS C 113 -18.97 43.79 -61.41
CA CYS C 113 -19.18 42.41 -61.82
C CYS C 113 -20.40 41.86 -61.08
N ARG C 114 -20.71 42.51 -59.94
CA ARG C 114 -21.85 42.25 -59.06
C ARG C 114 -21.70 40.97 -58.25
N VAL C 115 -20.63 40.21 -58.50
CA VAL C 115 -20.30 39.07 -57.65
C VAL C 115 -18.98 39.25 -56.91
N CYS C 116 -18.21 40.29 -57.25
CA CYS C 116 -16.94 40.56 -56.60
C CYS C 116 -17.17 41.21 -55.24
N GLY C 117 -16.11 41.75 -54.65
CA GLY C 117 -16.23 42.66 -53.54
C GLY C 117 -16.54 44.07 -54.04
N THR C 118 -16.51 45.00 -53.10
CA THR C 118 -16.95 46.38 -53.36
C THR C 118 -15.78 47.36 -53.39
N ALA C 119 -14.66 46.94 -53.97
CA ALA C 119 -13.44 47.74 -54.11
C ALA C 119 -12.93 48.24 -52.77
N CYS C 120 -12.08 49.27 -52.77
CA CYS C 120 -11.70 49.94 -51.54
C CYS C 120 -11.65 51.43 -51.79
N ALA C 121 -11.25 52.18 -50.76
CA ALA C 121 -11.22 53.63 -50.87
C ALA C 121 -10.05 54.11 -51.70
N TRP C 122 -8.95 53.33 -51.74
CA TRP C 122 -7.73 53.75 -52.40
C TRP C 122 -7.61 53.23 -53.83
N ASP C 123 -8.62 52.52 -54.37
CA ASP C 123 -8.52 52.11 -55.77
C ASP C 123 -8.81 53.24 -56.69
N ALA C 124 -9.57 54.24 -56.25
CA ALA C 124 -9.92 55.38 -57.08
C ALA C 124 -8.67 56.24 -57.28
N GLU C 125 -8.06 56.12 -58.47
CA GLU C 125 -6.80 56.81 -58.75
C GLU C 125 -6.96 58.32 -58.83
N SER C 126 -8.19 58.81 -59.09
CA SER C 126 -8.40 60.24 -59.20
C SER C 126 -8.28 60.97 -57.87
N GLU C 127 -8.44 60.26 -56.74
CA GLU C 127 -8.40 60.88 -55.42
C GLU C 127 -7.13 60.52 -54.65
N TRP C 128 -6.14 59.91 -55.32
CA TRP C 128 -4.90 59.49 -54.65
C TRP C 128 -4.14 60.69 -54.10
N MET C 129 -3.97 61.73 -54.92
CA MET C 129 -3.15 62.87 -54.51
C MET C 129 -3.86 63.71 -53.46
N GLU C 130 -5.20 63.81 -53.54
CA GLU C 130 -5.95 64.52 -52.50
C GLU C 130 -5.88 63.79 -51.17
N ARG C 131 -6.05 62.45 -51.20
CA ARG C 131 -5.97 61.66 -49.98
C ARG C 131 -4.58 61.76 -49.36
N TRP C 132 -3.54 61.67 -50.18
CA TRP C 132 -2.19 61.77 -49.66
C TRP C 132 -1.86 63.18 -49.18
N GLY C 133 -2.42 64.20 -49.82
CA GLY C 133 -2.20 65.56 -49.35
C GLY C 133 -2.83 65.81 -47.99
N GLU C 134 -4.06 65.32 -47.79
CA GLU C 134 -4.68 65.47 -46.48
C GLU C 134 -3.97 64.62 -45.42
N TRP C 135 -3.46 63.44 -45.80
CA TRP C 135 -2.72 62.62 -44.84
C TRP C 135 -1.38 63.27 -44.48
N GLU C 136 -0.69 63.86 -45.46
CA GLU C 136 0.57 64.55 -45.19
C GLU C 136 0.35 65.78 -44.33
N SER C 137 -0.75 66.50 -44.55
CA SER C 137 -1.07 67.63 -43.70
C SER C 137 -1.38 67.19 -42.28
N ARG C 138 -1.99 66.02 -42.11
CA ARG C 138 -2.21 65.49 -40.77
C ARG C 138 -0.90 65.05 -40.11
N LEU C 139 0.00 64.43 -40.89
CA LEU C 139 1.25 63.92 -40.33
C LEU C 139 2.24 65.03 -40.00
N ALA C 140 2.12 66.19 -40.66
CA ALA C 140 2.99 67.32 -40.35
C ALA C 140 2.75 67.86 -38.94
N TYR C 141 1.57 67.62 -38.37
CA TYR C 141 1.32 67.98 -36.97
C TYR C 141 2.19 67.15 -36.04
N TYR C 142 2.23 65.84 -36.27
CA TYR C 142 2.98 64.95 -35.38
C TYR C 142 4.47 65.01 -35.61
N ASP C 143 4.90 65.33 -36.84
CA ASP C 143 6.31 65.22 -37.23
C ASP C 143 7.24 66.10 -36.42
N LYS C 144 8.11 65.47 -35.61
CA LYS C 144 9.13 66.15 -34.84
C LYS C 144 10.53 65.88 -35.38
N ALA C 145 10.65 65.72 -36.70
CA ALA C 145 11.97 65.54 -37.32
C ALA C 145 12.80 66.80 -37.19
N THR C 146 12.17 67.97 -37.34
CA THR C 146 12.81 69.26 -37.13
C THR C 146 12.66 69.74 -35.69
N GLY C 147 12.53 68.80 -34.75
CA GLY C 147 12.26 69.07 -33.36
C GLY C 147 13.22 70.00 -32.65
N PRO C 148 14.52 69.65 -32.60
CA PRO C 148 15.49 70.57 -31.97
C PRO C 148 15.59 71.93 -32.64
N LEU C 149 15.42 72.00 -33.96
CA LEU C 149 15.47 73.29 -34.65
C LEU C 149 14.29 74.17 -34.25
N MET C 150 13.08 73.61 -34.23
CA MET C 150 11.92 74.39 -33.78
C MET C 150 12.00 74.70 -32.30
N ASP C 151 12.65 73.84 -31.50
CA ASP C 151 12.84 74.12 -30.09
C ASP C 151 13.78 75.30 -29.87
N GLU C 152 14.87 75.36 -30.62
CA GLU C 152 15.78 76.50 -30.50
C GLU C 152 15.16 77.78 -31.06
N TRP C 153 14.30 77.66 -32.08
CA TRP C 153 13.55 78.82 -32.55
C TRP C 153 12.55 79.30 -31.50
N TYR C 154 11.92 78.35 -30.79
CA TYR C 154 11.01 78.70 -29.71
C TYR C 154 11.75 79.38 -28.57
N GLU C 155 12.94 78.90 -28.23
CA GLU C 155 13.74 79.55 -27.20
C GLU C 155 14.17 80.94 -27.63
N ASP C 156 14.52 81.12 -28.91
CA ASP C 156 14.90 82.42 -29.42
C ASP C 156 13.73 83.42 -29.37
N VAL C 157 12.53 82.97 -29.73
CA VAL C 157 11.38 83.88 -29.67
C VAL C 157 10.84 84.04 -28.26
N LEU C 158 11.17 83.14 -27.34
CA LEU C 158 10.79 83.33 -25.95
C LEU C 158 11.70 84.34 -25.28
N ASN C 159 13.00 84.08 -25.24
CA ASN C 159 13.97 85.03 -24.69
C ASN C 159 14.65 85.75 -25.85
N ALA C 160 14.21 86.98 -26.12
CA ALA C 160 14.81 87.81 -27.16
C ALA C 160 15.97 88.64 -26.62
N GLY C 161 16.90 87.96 -25.95
CA GLY C 161 18.05 88.59 -25.35
C GLY C 161 19.31 87.80 -25.59
N ASN C 162 19.40 87.18 -26.77
CA ASN C 162 20.45 86.22 -27.08
C ASN C 162 21.81 86.90 -27.19
N LEU C 163 22.83 86.07 -27.39
CA LEU C 163 24.23 86.49 -27.36
C LEU C 163 24.96 85.56 -28.33
N GLU C 164 26.29 85.45 -28.18
CA GLU C 164 27.19 84.55 -28.93
C GLU C 164 27.03 84.71 -30.45
N GLU C 165 27.16 85.95 -30.90
CA GLU C 165 27.18 86.27 -32.32
C GLU C 165 28.59 86.15 -32.89
N ASP C 166 29.53 86.94 -32.35
CA ASP C 166 30.98 86.79 -32.47
C ASP C 166 31.55 87.19 -33.82
N THR C 167 30.69 87.37 -34.83
CA THR C 167 31.07 87.90 -36.13
C THR C 167 29.80 88.31 -36.85
N PRO C 168 29.67 89.55 -37.28
CA PRO C 168 28.53 89.93 -38.11
C PRO C 168 28.73 89.42 -39.52
N PRO C 169 27.71 88.77 -40.08
CA PRO C 169 27.76 88.43 -41.51
C PRO C 169 27.81 89.70 -42.36
N VAL C 170 28.60 89.65 -43.42
CA VAL C 170 28.76 90.80 -44.30
C VAL C 170 27.53 90.93 -45.19
N GLU C 171 27.36 89.96 -46.09
CA GLU C 171 26.11 89.64 -46.80
C GLU C 171 25.41 90.88 -47.37
N ASP C 172 26.18 91.74 -48.04
CA ASP C 172 25.66 93.01 -48.53
C ASP C 172 25.86 93.10 -50.05
N ASP C 173 24.91 92.53 -50.80
CA ASP C 173 24.84 92.70 -52.24
C ASP C 173 23.45 92.41 -52.78
N PRO C 174 22.47 93.28 -52.57
CA PRO C 174 21.26 93.27 -53.40
C PRO C 174 21.39 94.29 -54.53
N PRO C 175 22.18 94.00 -55.56
CA PRO C 175 22.61 95.08 -56.46
C PRO C 175 21.54 95.51 -57.45
N GLY C 176 20.89 96.64 -57.15
CA GLY C 176 19.98 97.28 -58.06
C GLY C 176 18.67 96.55 -58.30
N PRO C 177 17.63 97.30 -58.65
CA PRO C 177 16.45 96.69 -59.26
C PRO C 177 16.60 96.48 -60.75
N GLU C 178 17.75 96.82 -61.32
CA GLU C 178 18.00 96.70 -62.75
C GLU C 178 18.51 95.30 -63.06
N VAL C 179 19.04 95.14 -64.29
CA VAL C 179 19.53 93.94 -64.98
C VAL C 179 18.59 92.74 -64.90
N THR C 180 18.95 91.66 -65.59
CA THR C 180 18.06 90.53 -65.82
C THR C 180 18.81 89.25 -65.47
N GLY C 181 18.24 88.12 -65.88
CA GLY C 181 18.81 86.83 -65.63
C GLY C 181 18.09 86.12 -64.50
N ARG C 182 18.72 85.04 -64.04
CA ARG C 182 18.21 84.28 -62.90
C ARG C 182 18.96 84.58 -61.61
N TRP C 183 20.24 84.95 -61.71
CA TRP C 183 21.02 85.22 -60.51
C TRP C 183 20.47 86.41 -59.74
N ALA C 184 20.14 87.50 -60.45
CA ALA C 184 19.67 88.71 -59.78
C ALA C 184 18.33 88.46 -59.10
N GLU C 185 17.42 87.74 -59.77
CA GLU C 185 16.12 87.43 -59.19
C GLU C 185 16.25 86.54 -57.96
N HIS C 186 17.07 85.49 -58.05
CA HIS C 186 17.26 84.61 -56.90
C HIS C 186 17.96 85.32 -55.76
N ASP C 187 18.90 86.22 -56.07
CA ASP C 187 19.63 86.94 -55.03
C ASP C 187 18.74 87.96 -54.33
N ARG C 188 17.86 88.63 -55.08
CA ARG C 188 16.90 89.53 -54.44
C ARG C 188 15.92 88.77 -53.56
N ALA C 189 15.42 87.62 -54.05
CA ALA C 189 14.51 86.80 -53.25
C ALA C 189 15.20 86.23 -52.02
N LEU C 190 16.51 85.99 -52.09
CA LEU C 190 17.26 85.55 -50.92
C LEU C 190 17.56 86.70 -49.96
N HIS C 191 17.71 87.92 -50.48
CA HIS C 191 18.01 89.05 -49.63
C HIS C 191 16.77 89.64 -48.96
N LYS C 192 15.57 89.30 -49.45
CA LYS C 192 14.34 89.71 -48.77
C LYS C 192 13.94 88.77 -47.63
N ASP C 193 14.88 87.94 -47.17
CA ASP C 193 14.58 86.88 -46.22
C ASP C 193 14.15 87.43 -44.86
N LYS C 194 14.80 88.49 -44.40
CA LYS C 194 14.51 89.02 -43.06
C LYS C 194 13.11 89.61 -42.98
N LYS C 195 12.76 90.46 -43.96
CA LYS C 195 11.42 91.06 -43.96
C LYS C 195 10.35 90.00 -44.21
N ARG C 196 10.63 89.04 -45.10
CA ARG C 196 9.64 87.99 -45.35
C ARG C 196 9.47 87.08 -44.14
N MET C 197 10.55 86.86 -43.36
CA MET C 197 10.43 86.08 -42.13
C MET C 197 9.66 86.84 -41.06
N ALA C 198 9.84 88.18 -41.02
CA ALA C 198 9.02 88.98 -40.12
C ALA C 198 7.55 88.91 -40.49
N ALA C 199 7.25 88.94 -41.79
CA ALA C 199 5.86 88.77 -42.24
C ALA C 199 5.30 87.42 -41.87
N LEU C 200 6.12 86.37 -42.03
CA LEU C 200 5.68 85.03 -41.66
C LEU C 200 5.39 84.93 -40.18
N MET C 201 6.28 85.47 -39.34
CA MET C 201 6.09 85.42 -37.90
C MET C 201 4.97 86.34 -37.43
N ARG C 202 4.58 87.33 -38.23
CA ARG C 202 3.43 88.14 -37.86
C ARG C 202 2.12 87.50 -38.31
N ARG C 203 2.09 86.90 -39.51
CA ARG C 203 0.86 86.30 -39.99
C ARG C 203 0.55 84.99 -39.28
N TRP C 204 1.54 84.14 -39.08
CA TRP C 204 1.32 82.82 -38.51
C TRP C 204 1.95 82.63 -37.15
N GLY C 205 3.09 83.25 -36.88
CA GLY C 205 3.76 83.05 -35.62
C GLY C 205 4.46 81.71 -35.54
N HIS C 206 4.97 81.41 -34.35
CA HIS C 206 5.59 80.12 -34.13
C HIS C 206 4.52 79.02 -34.14
N PRO C 207 4.83 77.86 -34.73
CA PRO C 207 3.89 76.74 -34.68
C PRO C 207 3.59 76.26 -33.27
N TYR C 208 4.53 76.40 -32.34
CA TYR C 208 4.31 75.96 -30.98
C TYR C 208 3.36 76.91 -30.25
N ASP C 209 3.32 78.18 -30.65
CA ASP C 209 2.41 79.16 -30.07
C ASP C 209 1.03 79.13 -30.71
N ALA C 210 0.85 78.37 -31.78
CA ALA C 210 -0.45 78.25 -32.44
C ALA C 210 -0.89 76.79 -32.56
N ASP C 211 -0.18 75.87 -31.91
CA ASP C 211 -0.49 74.43 -31.89
C ASP C 211 -0.48 73.81 -33.28
N ALA C 212 0.28 74.38 -34.22
CA ALA C 212 0.39 73.78 -35.53
C ALA C 212 1.20 72.50 -35.48
N ASN C 213 2.28 72.49 -34.71
CA ASN C 213 3.05 71.29 -34.43
C ASN C 213 2.58 70.73 -33.10
N LEU C 214 3.31 69.73 -32.59
CA LEU C 214 2.95 69.12 -31.32
C LEU C 214 3.22 70.01 -30.12
N GLY C 215 3.98 71.09 -30.30
CA GLY C 215 4.33 71.97 -29.21
C GLY C 215 5.76 71.79 -28.76
N TYR C 216 6.02 72.22 -27.53
CA TYR C 216 7.35 72.15 -26.96
C TYR C 216 7.64 70.70 -26.54
N GLN C 217 8.64 70.50 -25.69
CA GLN C 217 9.08 69.15 -25.35
C GLN C 217 7.98 68.38 -24.63
N ILE C 218 7.31 67.51 -25.39
CA ILE C 218 6.19 66.71 -24.94
C ILE C 218 6.58 65.25 -25.18
N VAL C 219 7.11 64.98 -26.36
CA VAL C 219 7.58 63.65 -26.73
C VAL C 219 9.07 63.75 -27.01
N ASP C 220 9.87 63.35 -26.03
CA ASP C 220 11.30 63.28 -26.19
C ASP C 220 11.75 61.83 -26.09
N PRO C 221 12.48 61.32 -27.07
CA PRO C 221 13.08 59.99 -26.93
C PRO C 221 14.13 59.98 -25.83
N THR C 222 14.51 58.76 -25.43
CA THR C 222 15.37 58.39 -24.32
C THR C 222 14.78 58.71 -22.95
N ALA C 223 13.53 59.19 -22.86
CA ALA C 223 12.98 59.44 -21.53
C ALA C 223 12.41 58.16 -20.93
N SER C 224 11.27 57.69 -21.46
CA SER C 224 10.67 56.39 -21.18
C SER C 224 9.45 56.20 -22.08
N MET C 225 9.25 55.00 -22.60
CA MET C 225 7.96 54.71 -23.21
C MET C 225 6.91 54.64 -22.12
N GLY C 226 6.14 55.72 -21.96
CA GLY C 226 5.13 55.81 -20.92
C GLY C 226 5.03 57.20 -20.31
N GLU C 227 6.16 57.90 -20.19
CA GLU C 227 6.10 59.33 -19.92
C GLU C 227 5.66 60.09 -21.15
N ASN C 228 6.16 59.72 -22.32
CA ASN C 228 5.68 60.30 -23.56
C ASN C 228 4.25 59.86 -23.86
N VAL C 229 3.87 58.65 -23.46
CA VAL C 229 2.48 58.23 -23.58
C VAL C 229 1.57 59.05 -22.67
N TRP C 230 2.03 59.36 -21.45
CA TRP C 230 1.25 60.22 -20.57
C TRP C 230 1.12 61.63 -21.15
N ASN C 231 2.22 62.18 -21.67
CA ASN C 231 2.18 63.52 -22.25
C ASN C 231 1.31 63.57 -23.50
N MET C 232 1.29 62.48 -24.28
CA MET C 232 0.41 62.41 -25.45
C MET C 232 -1.05 62.30 -25.04
N ALA C 233 -1.33 61.53 -23.98
CA ALA C 233 -2.70 61.44 -23.49
C ALA C 233 -3.16 62.71 -22.82
N GLN C 234 -2.23 63.55 -22.35
CA GLN C 234 -2.58 64.85 -21.82
C GLN C 234 -3.20 65.71 -22.91
N VAL C 235 -4.16 66.55 -22.50
CA VAL C 235 -5.21 67.18 -23.31
C VAL C 235 -5.59 66.28 -24.49
N TYR C 236 -5.49 66.81 -25.70
CA TYR C 236 -5.77 66.03 -26.90
C TYR C 236 -4.60 66.10 -27.86
N ASN C 237 -3.39 65.83 -27.34
CA ASN C 237 -2.17 65.92 -28.13
C ASN C 237 -2.08 64.84 -29.20
N SER C 238 -2.90 63.80 -29.12
CA SER C 238 -2.91 62.75 -30.14
C SER C 238 -3.72 63.13 -31.37
N LEU C 239 -4.38 64.29 -31.36
CA LEU C 239 -5.19 64.74 -32.48
C LEU C 239 -4.68 66.08 -32.99
N PRO C 240 -4.72 66.30 -34.30
CA PRO C 240 -4.44 67.63 -34.84
C PRO C 240 -5.55 68.59 -34.48
N PRO C 241 -5.29 69.90 -34.50
CA PRO C 241 -6.35 70.87 -34.14
C PRO C 241 -7.54 70.86 -35.07
N GLU C 242 -7.40 70.35 -36.30
CA GLU C 242 -8.56 70.21 -37.19
C GLU C 242 -9.56 69.19 -36.66
N LEU C 243 -9.13 68.27 -35.79
CA LEU C 243 -10.01 67.30 -35.17
C LEU C 243 -10.04 67.42 -33.65
N ASN C 244 -9.44 68.46 -33.10
CA ASN C 244 -9.39 68.61 -31.65
C ASN C 244 -10.76 69.03 -31.12
N PRO C 245 -11.32 68.31 -30.14
CA PRO C 245 -12.61 68.71 -29.58
C PRO C 245 -12.58 70.04 -28.83
N LEU C 246 -11.46 70.42 -28.23
CA LEU C 246 -11.38 71.69 -27.50
C LEU C 246 -10.99 72.84 -28.42
N ARG C 247 -11.67 72.95 -29.56
CA ARG C 247 -11.47 74.07 -30.46
C ARG C 247 -12.82 74.62 -30.92
N THR C 248 -13.83 73.76 -30.92
CA THR C 248 -15.16 74.11 -31.41
C THR C 248 -16.24 73.98 -30.35
N GLN C 249 -15.85 73.68 -29.10
CA GLN C 249 -16.82 73.59 -28.02
C GLN C 249 -17.50 74.93 -27.73
N HIS C 250 -16.81 76.03 -28.05
CA HIS C 250 -17.40 77.36 -27.96
C HIS C 250 -18.61 77.52 -28.88
N LEU C 251 -18.70 76.69 -29.94
CA LEU C 251 -19.87 76.65 -30.80
C LEU C 251 -20.87 75.60 -30.36
N ALA C 252 -20.93 75.29 -29.05
CA ALA C 252 -21.81 74.25 -28.55
C ALA C 252 -23.29 74.58 -28.70
N ASP C 253 -23.64 75.86 -28.84
CA ASP C 253 -25.03 76.24 -29.01
C ASP C 253 -25.51 75.90 -30.42
N ARG C 254 -26.62 75.16 -30.50
CA ARG C 254 -27.38 74.81 -31.70
C ARG C 254 -26.58 74.02 -32.73
N GLY C 255 -25.35 73.61 -32.42
CA GLY C 255 -24.52 72.90 -33.36
C GLY C 255 -23.71 73.84 -34.23
N GLY C 256 -24.40 74.64 -35.04
CA GLY C 256 -23.73 75.63 -35.87
C GLY C 256 -22.98 75.03 -37.04
N GLY C 257 -21.65 75.03 -36.96
CA GLY C 257 -20.81 74.52 -38.02
C GLY C 257 -20.57 73.03 -37.92
N ASN C 258 -21.51 72.33 -37.29
CA ASN C 258 -21.49 70.87 -37.13
C ASN C 258 -20.24 70.40 -36.41
N THR C 259 -20.09 70.87 -35.17
CA THR C 259 -18.97 70.44 -34.33
C THR C 259 -19.17 69.01 -33.83
N GLN C 260 -20.40 68.49 -33.89
CA GLN C 260 -20.69 67.11 -33.55
C GLN C 260 -21.09 66.28 -34.76
N ALA C 261 -21.21 66.92 -35.94
CA ALA C 261 -21.62 66.21 -37.14
C ALA C 261 -20.57 66.24 -38.26
N ALA C 262 -19.67 67.22 -38.27
CA ALA C 262 -18.60 67.28 -39.25
C ALA C 262 -17.23 67.07 -38.63
N VAL C 263 -16.92 67.79 -37.55
CA VAL C 263 -15.65 67.58 -36.85
C VAL C 263 -15.63 66.22 -36.18
N GLU C 264 -16.75 65.82 -35.57
CA GLU C 264 -16.83 64.50 -34.94
C GLU C 264 -16.76 63.39 -35.97
N ALA C 265 -17.42 63.58 -37.12
CA ALA C 265 -17.33 62.60 -38.19
C ALA C 265 -15.91 62.48 -38.74
N ALA C 266 -15.23 63.62 -38.90
CA ALA C 266 -13.85 63.60 -39.38
C ALA C 266 -12.92 62.92 -38.38
N ARG C 267 -13.11 63.20 -37.09
CA ARG C 267 -12.28 62.56 -36.06
C ARG C 267 -12.54 61.06 -35.99
N SER C 268 -13.80 60.64 -36.11
CA SER C 268 -14.12 59.22 -36.10
C SER C 268 -13.55 58.52 -37.32
N ALA C 269 -13.63 59.15 -38.49
CA ALA C 269 -13.05 58.55 -39.70
C ALA C 269 -11.54 58.43 -39.58
N PHE C 270 -10.88 59.46 -39.02
CA PHE C 270 -9.44 59.42 -38.82
C PHE C 270 -9.03 58.31 -37.86
N ASP C 271 -9.79 58.15 -36.75
CA ASP C 271 -9.51 57.09 -35.80
C ASP C 271 -9.72 55.72 -36.42
N ALA C 272 -10.78 55.56 -37.23
CA ALA C 272 -11.01 54.30 -37.91
C ALA C 272 -9.89 53.99 -38.89
N GLN C 273 -9.38 55.01 -39.57
CA GLN C 273 -8.28 54.80 -40.50
C GLN C 273 -7.00 54.37 -39.79
N VAL C 274 -6.68 55.00 -38.65
CA VAL C 274 -5.45 54.59 -37.96
C VAL C 274 -5.59 53.22 -37.32
N VAL C 275 -6.80 52.87 -36.84
CA VAL C 275 -7.03 51.53 -36.31
C VAL C 275 -6.92 50.48 -37.41
N MET C 276 -7.45 50.79 -38.60
CA MET C 276 -7.33 49.89 -39.74
C MET C 276 -5.88 49.77 -40.21
N GLU C 277 -5.09 50.84 -40.07
CA GLU C 277 -3.67 50.76 -40.37
C GLU C 277 -2.95 49.83 -39.40
N ALA C 278 -3.32 49.89 -38.11
CA ALA C 278 -2.76 48.95 -37.14
C ALA C 278 -3.15 47.51 -37.47
N ALA C 279 -4.38 47.30 -37.91
CA ALA C 279 -4.82 45.96 -38.34
C ALA C 279 -4.02 45.48 -39.55
N LEU C 280 -3.79 46.36 -40.52
CA LEU C 280 -2.99 46.00 -41.69
C LEU C 280 -1.56 45.66 -41.31
N LEU C 281 -0.98 46.40 -40.36
CA LEU C 281 0.38 46.12 -39.92
C LEU C 281 0.46 44.79 -39.18
N GLN C 282 -0.57 44.47 -38.39
CA GLN C 282 -0.61 43.16 -37.73
C GLN C 282 -0.73 42.03 -38.75
N ASN C 283 -1.53 42.25 -39.81
CA ASN C 283 -1.65 41.24 -40.87
C ASN C 283 -0.33 41.06 -41.60
N LEU C 284 0.39 42.17 -41.86
CA LEU C 284 1.70 42.08 -42.50
C LEU C 284 2.71 41.36 -41.62
N GLU C 285 2.67 41.63 -40.31
CA GLU C 285 3.57 40.96 -39.38
C GLU C 285 3.30 39.46 -39.32
N ALA C 286 2.02 39.07 -39.35
CA ALA C 286 1.69 37.65 -39.38
C ALA C 286 2.06 37.00 -40.70
N ALA C 287 1.97 37.76 -41.81
CA ALA C 287 2.34 37.20 -43.11
C ALA C 287 3.84 37.10 -43.27
N ALA C 288 4.60 37.92 -42.54
CA ALA C 288 6.06 37.91 -42.69
C ALA C 288 6.68 36.64 -42.12
N GLN C 289 6.04 36.00 -41.14
CA GLN C 289 6.56 34.80 -40.51
C GLN C 289 5.82 33.55 -40.95
N ASP C 290 5.13 33.59 -42.11
CA ASP C 290 4.37 32.50 -42.72
C ASP C 290 3.15 32.10 -41.91
N LEU C 291 2.78 32.85 -40.88
CA LEU C 291 1.63 32.52 -40.04
C LEU C 291 0.33 32.95 -40.72
N PRO C 292 -0.78 32.31 -40.39
CA PRO C 292 -2.07 32.80 -40.88
C PRO C 292 -2.43 34.15 -40.29
N LYS C 293 -3.08 34.96 -41.11
CA LYS C 293 -3.38 36.34 -40.72
C LYS C 293 -4.50 36.37 -39.69
N PRO C 294 -4.40 37.21 -38.67
CA PRO C 294 -5.43 37.23 -37.62
C PRO C 294 -6.71 37.92 -38.06
N HIS C 295 -6.60 38.94 -38.90
CA HIS C 295 -7.75 39.74 -39.32
C HIS C 295 -8.19 39.29 -40.71
N ARG C 296 -9.40 38.74 -40.80
CA ARG C 296 -9.95 38.25 -42.06
C ARG C 296 -10.75 39.37 -42.69
N LEU C 297 -10.14 40.06 -43.64
CA LEU C 297 -10.73 41.22 -44.28
C LEU C 297 -11.77 40.78 -45.32
N PRO C 298 -12.74 41.65 -45.63
CA PRO C 298 -13.76 41.29 -46.61
C PRO C 298 -13.15 41.17 -48.00
N PRO C 299 -13.77 40.39 -48.90
CA PRO C 299 -13.26 40.27 -50.26
C PRO C 299 -13.34 41.60 -51.01
N THR C 300 -12.36 41.82 -51.87
CA THR C 300 -12.23 43.05 -52.64
C THR C 300 -12.73 42.84 -54.06
N ALA C 301 -12.51 43.84 -54.93
CA ALA C 301 -13.16 43.90 -56.23
C ALA C 301 -12.68 42.85 -57.22
N GLY C 302 -11.65 42.08 -56.89
CA GLY C 302 -11.23 41.00 -57.77
C GLY C 302 -11.41 39.64 -57.16
N THR C 303 -11.92 39.59 -55.94
CA THR C 303 -11.98 38.36 -55.16
C THR C 303 -13.40 38.11 -54.67
N VAL C 304 -13.65 36.84 -54.38
CA VAL C 304 -14.87 36.39 -53.72
C VAL C 304 -14.48 35.61 -52.48
N ALA C 305 -15.45 35.37 -51.60
CA ALA C 305 -15.20 34.54 -50.44
C ALA C 305 -14.98 33.09 -50.85
N CYS C 306 -14.21 32.37 -50.04
CA CYS C 306 -13.94 30.96 -50.29
C CYS C 306 -15.24 30.16 -50.18
N ASN C 307 -15.31 29.09 -50.98
CA ASN C 307 -16.50 28.25 -50.98
C ASN C 307 -16.68 27.53 -49.66
N GLU C 308 -15.58 27.03 -49.09
CA GLU C 308 -15.68 26.21 -47.89
C GLU C 308 -15.65 27.06 -46.63
N CYS C 309 -14.69 27.98 -46.51
CA CYS C 309 -14.61 28.81 -45.30
C CYS C 309 -15.71 29.85 -45.26
N GLY C 310 -15.95 30.53 -46.38
CA GLY C 310 -16.67 31.77 -46.36
C GLY C 310 -15.82 32.97 -45.99
N GLY C 311 -14.54 32.77 -45.71
CA GLY C 311 -13.65 33.86 -45.38
C GLY C 311 -12.86 33.66 -44.09
N ALA C 312 -13.13 32.55 -43.39
CA ALA C 312 -12.43 32.29 -42.13
C ALA C 312 -10.96 31.94 -42.37
N ALA C 313 -10.72 31.06 -43.34
CA ALA C 313 -9.44 30.71 -43.95
C ALA C 313 -8.52 29.88 -43.05
N TRP C 314 -8.83 29.79 -41.76
CA TRP C 314 -8.02 29.05 -40.79
C TRP C 314 -8.73 29.12 -39.46
N GLY C 315 -8.29 28.28 -38.54
CA GLY C 315 -8.86 28.25 -37.21
C GLY C 315 -8.06 27.35 -36.31
N TYR C 316 -8.26 27.54 -35.01
CA TYR C 316 -7.66 26.66 -34.02
C TYR C 316 -8.49 25.39 -33.90
N SER C 317 -7.84 24.34 -33.41
CA SER C 317 -8.54 23.09 -33.16
C SER C 317 -7.82 22.32 -32.07
N PHE C 318 -8.52 21.31 -31.55
CA PHE C 318 -7.93 20.42 -30.56
C PHE C 318 -6.80 19.59 -31.18
N PHE C 319 -6.97 19.17 -32.42
CA PHE C 319 -5.96 18.36 -33.09
C PHE C 319 -4.78 19.23 -33.52
N PRO C 320 -3.57 18.89 -33.13
CA PRO C 320 -2.41 19.67 -33.57
C PRO C 320 -2.14 19.48 -35.05
N ASN C 321 -1.50 20.48 -35.64
CA ASN C 321 -1.14 20.44 -37.05
C ASN C 321 0.12 19.62 -37.23
N THR C 322 0.02 18.56 -38.03
CA THR C 322 1.19 17.73 -38.34
C THR C 322 2.01 18.29 -39.49
N ALA C 323 1.60 19.43 -40.07
CA ALA C 323 2.44 20.17 -41.00
C ALA C 323 3.26 21.23 -40.28
N VAL C 324 2.67 21.90 -39.29
CA VAL C 324 3.44 22.81 -38.46
C VAL C 324 4.47 22.05 -37.64
N MET C 325 4.05 20.96 -37.00
CA MET C 325 4.99 19.98 -36.49
C MET C 325 5.64 19.26 -37.67
N PHE C 326 6.84 18.74 -37.43
CA PHE C 326 7.68 18.02 -38.39
C PHE C 326 8.10 18.88 -39.59
N GLY C 327 7.79 20.17 -39.58
CA GLY C 327 8.27 21.10 -40.59
C GLY C 327 7.75 20.90 -41.99
N LEU C 328 6.72 20.08 -42.18
CA LEU C 328 6.19 19.81 -43.52
C LEU C 328 5.05 20.73 -43.89
N GLU C 329 5.24 22.04 -43.71
CA GLU C 329 4.17 22.99 -43.91
C GLU C 329 4.13 23.56 -45.32
N ARG C 330 5.29 23.78 -45.92
CA ARG C 330 5.42 24.40 -47.23
C ARG C 330 5.77 23.36 -48.29
N PRO C 331 5.20 23.48 -49.49
CA PRO C 331 5.45 22.48 -50.53
C PRO C 331 6.84 22.61 -51.12
N PHE C 332 7.28 21.53 -51.75
CA PHE C 332 8.56 21.53 -52.46
C PHE C 332 8.45 22.37 -53.73
N TRP C 333 9.53 23.07 -54.05
CA TRP C 333 9.54 24.00 -55.18
C TRP C 333 9.37 23.25 -56.51
N GLY C 334 10.01 22.09 -56.64
CA GLY C 334 9.83 21.30 -57.85
C GLY C 334 8.41 20.78 -58.01
N ASP C 335 7.78 20.39 -56.89
CA ASP C 335 6.39 19.94 -56.94
C ASP C 335 5.46 21.07 -57.34
N THR C 336 5.68 22.27 -56.80
CA THR C 336 4.87 23.43 -57.20
C THR C 336 5.09 23.76 -58.67
N LEU C 337 6.34 23.65 -59.14
CA LEU C 337 6.63 23.90 -60.55
C LEU C 337 5.93 22.89 -61.45
N ALA C 338 5.95 21.61 -61.07
CA ALA C 338 5.29 20.59 -61.87
C ALA C 338 3.78 20.81 -61.90
N ARG C 339 3.18 21.15 -60.76
CA ARG C 339 1.75 21.46 -60.70
C ARG C 339 1.41 22.66 -61.58
N LEU C 340 2.21 23.72 -61.52
CA LEU C 340 1.88 24.90 -62.31
C LEU C 340 2.10 24.66 -63.80
N SER C 341 3.13 23.89 -64.17
CA SER C 341 3.38 23.60 -65.57
C SER C 341 2.27 22.74 -66.15
N LYS C 342 1.85 21.69 -65.42
CA LYS C 342 0.75 20.86 -65.91
C LYS C 342 -0.55 21.65 -65.98
N TYR C 343 -0.74 22.60 -65.07
CA TYR C 343 -1.98 23.38 -65.06
C TYR C 343 -2.00 24.39 -66.18
N TRP C 344 -0.85 24.97 -66.50
CA TRP C 344 -0.76 25.98 -67.54
C TRP C 344 -0.61 25.39 -68.93
N ASN C 345 -0.33 24.09 -69.05
CA ASN C 345 -0.14 23.45 -70.35
C ASN C 345 -1.12 22.29 -70.48
N PRO C 346 -2.38 22.57 -70.81
CA PRO C 346 -3.30 21.47 -71.13
C PRO C 346 -2.95 20.86 -72.47
N THR C 347 -3.23 19.56 -72.59
CA THR C 347 -2.95 18.83 -73.82
C THR C 347 -4.24 18.23 -74.37
N GLN C 348 -4.26 18.08 -75.69
CA GLN C 348 -5.39 17.47 -76.38
C GLN C 348 -5.01 16.06 -76.79
N VAL C 349 -5.73 15.06 -76.27
CA VAL C 349 -5.46 13.68 -76.59
C VAL C 349 -6.31 13.19 -77.76
N ALA C 350 -7.06 14.09 -78.39
CA ALA C 350 -7.86 13.77 -79.56
C ALA C 350 -7.38 14.64 -80.73
N ASP C 351 -7.06 14.00 -81.85
CA ASP C 351 -6.71 14.75 -83.04
C ASP C 351 -7.94 15.49 -83.57
N PRO C 352 -7.80 16.75 -83.98
CA PRO C 352 -8.97 17.52 -84.42
C PRO C 352 -9.36 17.25 -85.86
N ALA C 353 -9.35 15.99 -86.26
CA ALA C 353 -9.85 15.52 -87.54
C ALA C 353 -10.82 14.36 -87.39
N ARG C 354 -10.59 13.47 -86.42
CA ARG C 354 -11.54 12.40 -86.15
C ARG C 354 -12.77 12.94 -85.42
N THR C 355 -12.57 13.88 -84.49
CA THR C 355 -13.67 14.45 -83.72
C THR C 355 -14.39 15.57 -84.46
N GLY C 356 -13.86 16.03 -85.59
CA GLY C 356 -14.52 17.07 -86.34
C GLY C 356 -14.41 18.46 -85.77
N GLN C 357 -13.49 18.69 -84.84
CA GLN C 357 -13.29 20.00 -84.25
C GLN C 357 -12.33 20.82 -85.10
N LEU C 358 -12.74 22.04 -85.45
CA LEU C 358 -11.93 22.91 -86.28
C LEU C 358 -11.51 24.20 -85.59
N LEU C 359 -12.01 24.47 -84.39
CA LEU C 359 -11.78 25.72 -83.68
C LEU C 359 -11.35 25.41 -82.25
N PRO C 360 -10.65 26.33 -81.60
CA PRO C 360 -10.33 26.15 -80.17
C PRO C 360 -11.57 26.26 -79.31
N TYR C 361 -11.42 25.84 -78.05
CA TYR C 361 -12.52 25.88 -77.10
C TYR C 361 -12.91 27.32 -76.79
N GLY C 362 -14.21 27.55 -76.71
CA GLY C 362 -14.73 28.89 -76.48
C GLY C 362 -15.96 29.17 -77.31
N GLU C 363 -16.50 30.37 -77.18
CA GLU C 363 -17.72 30.75 -77.87
C GLU C 363 -17.42 31.76 -78.97
N GLY C 364 -18.39 31.95 -79.86
CA GLY C 364 -18.18 32.78 -81.03
C GLY C 364 -17.47 32.00 -82.13
N GLY C 365 -16.21 31.69 -81.89
CA GLY C 365 -15.46 30.80 -82.77
C GLY C 365 -14.90 31.46 -84.01
N LEU C 366 -15.75 31.71 -85.00
CA LEU C 366 -15.30 32.25 -86.27
C LEU C 366 -15.08 33.75 -86.17
N ARG C 367 -13.98 34.22 -86.75
CA ARG C 367 -13.65 35.64 -86.73
C ARG C 367 -14.35 36.37 -87.87
N ALA C 383 0.64 51.59 -87.52
CA ALA C 383 1.76 52.17 -86.78
C ALA C 383 1.45 52.22 -85.30
N LEU C 384 0.81 51.18 -84.79
CA LEU C 384 0.40 51.16 -83.39
C LEU C 384 0.27 49.72 -82.94
N GLU C 385 0.53 49.51 -81.64
CA GLU C 385 0.42 48.25 -80.90
C GLU C 385 1.41 47.18 -81.36
N ALA C 386 2.20 47.44 -82.41
CA ALA C 386 3.25 46.54 -82.86
C ALA C 386 4.57 47.25 -83.08
N VAL C 387 4.58 48.57 -83.23
CA VAL C 387 5.81 49.35 -83.28
C VAL C 387 6.10 49.99 -81.93
N VAL C 388 5.09 50.65 -81.36
CA VAL C 388 5.25 51.36 -80.10
C VAL C 388 4.77 50.53 -78.92
N GLY C 389 3.65 49.82 -79.07
CA GLY C 389 3.19 48.91 -78.05
C GLY C 389 2.17 49.52 -77.12
N LYS C 390 0.90 49.17 -77.31
CA LYS C 390 -0.21 49.52 -76.43
C LYS C 390 -0.37 51.02 -76.21
N ALA C 391 -1.14 51.38 -75.18
CA ALA C 391 -1.34 52.75 -74.73
C ALA C 391 -1.76 52.67 -73.28
N PRO C 392 -1.25 53.53 -72.40
CA PRO C 392 -1.61 53.44 -70.98
C PRO C 392 -3.10 53.72 -70.75
N ALA C 393 -3.69 52.96 -69.83
CA ALA C 393 -5.11 53.06 -69.52
C ALA C 393 -5.39 53.82 -68.24
N THR C 394 -4.61 53.60 -67.19
CA THR C 394 -4.74 54.38 -65.97
C THR C 394 -4.35 55.83 -66.17
N THR C 395 -3.49 56.10 -67.15
CA THR C 395 -3.09 57.44 -67.54
C THR C 395 -4.17 58.05 -68.45
N GLY C 396 -4.27 59.39 -68.41
CA GLY C 396 -5.23 60.11 -69.21
C GLY C 396 -5.81 61.28 -68.45
N ARG C 397 -5.88 61.15 -67.13
CA ARG C 397 -6.27 62.28 -66.29
C ARG C 397 -5.15 63.29 -66.12
N TYR C 398 -3.91 62.90 -66.40
CA TYR C 398 -2.76 63.80 -66.32
C TYR C 398 -2.41 64.40 -67.68
N ARG C 399 -3.27 64.22 -68.69
CA ARG C 399 -2.97 64.72 -70.02
C ARG C 399 -2.90 66.25 -70.05
N ARG C 400 -3.83 66.92 -69.37
CA ARG C 400 -3.84 68.37 -69.35
C ARG C 400 -2.63 68.92 -68.61
N ASP C 401 -2.23 68.27 -67.51
CA ASP C 401 -1.05 68.72 -66.78
C ASP C 401 0.23 68.49 -67.58
N LEU C 402 0.31 67.37 -68.31
CA LEU C 402 1.46 67.12 -69.18
C LEU C 402 1.53 68.16 -70.29
N GLU C 403 0.38 68.48 -70.90
CA GLU C 403 0.34 69.48 -71.96
C GLU C 403 0.73 70.86 -71.43
N LEU C 404 0.27 71.21 -70.24
CA LEU C 404 0.62 72.51 -69.67
C LEU C 404 2.09 72.57 -69.25
N LEU C 405 2.63 71.46 -68.76
CA LEU C 405 4.05 71.40 -68.43
C LEU C 405 4.92 71.52 -69.67
N LEU C 406 4.45 70.98 -70.80
CA LEU C 406 5.16 71.16 -72.06
C LEU C 406 5.01 72.59 -72.59
N ALA C 407 3.82 73.18 -72.42
CA ALA C 407 3.56 74.51 -72.96
C ALA C 407 4.32 75.59 -72.19
N HIS C 408 4.42 75.45 -70.88
CA HIS C 408 5.15 76.41 -70.04
C HIS C 408 6.36 75.71 -69.44
N PRO C 409 7.54 75.84 -70.04
CA PRO C 409 8.74 75.21 -69.47
C PRO C 409 9.22 75.87 -68.18
N GLU C 410 8.78 77.09 -67.89
CA GLU C 410 9.18 77.77 -66.66
C GLU C 410 8.66 77.06 -65.41
N LEU C 411 7.58 76.27 -65.54
CA LEU C 411 7.11 75.44 -64.44
C LEU C 411 8.13 74.39 -64.03
N ARG C 412 9.10 74.09 -64.89
CA ARG C 412 10.21 73.21 -64.53
C ARG C 412 11.30 73.92 -63.72
N ASP C 413 11.04 75.12 -63.21
CA ASP C 413 12.04 75.80 -62.41
C ASP C 413 12.28 75.07 -61.09
N GLY C 414 13.55 75.02 -60.68
CA GLY C 414 13.90 74.33 -59.45
C GLY C 414 13.47 75.07 -58.19
N ALA C 415 13.24 76.38 -58.29
CA ALA C 415 12.78 77.16 -57.15
C ALA C 415 11.29 77.02 -56.90
N LEU C 416 10.54 76.43 -57.83
CA LEU C 416 9.09 76.32 -57.74
C LEU C 416 8.72 74.93 -57.24
N ARG C 417 7.83 74.88 -56.25
CA ARG C 417 7.36 73.62 -55.68
C ARG C 417 5.86 73.73 -55.43
N VAL C 418 5.07 73.21 -56.36
CA VAL C 418 3.61 73.22 -56.27
C VAL C 418 3.17 72.08 -55.34
N PRO C 419 1.99 72.16 -54.72
CA PRO C 419 1.56 71.08 -53.82
C PRO C 419 1.43 69.71 -54.47
N GLY C 420 0.98 69.65 -55.71
CA GLY C 420 0.81 68.36 -56.35
C GLY C 420 -0.66 68.03 -56.57
N GLY C 421 -0.96 67.47 -57.73
CA GLY C 421 -2.32 67.15 -58.09
C GLY C 421 -2.44 67.01 -59.59
N TRP C 422 -3.65 66.65 -60.02
CA TRP C 422 -3.88 66.39 -61.44
C TRP C 422 -5.03 67.22 -61.98
N GLY C 423 -5.98 67.59 -61.13
CA GLY C 423 -7.18 68.25 -61.58
C GLY C 423 -6.95 69.73 -61.84
N PRO C 424 -8.04 70.41 -62.23
CA PRO C 424 -8.00 71.88 -62.25
C PRO C 424 -7.73 72.50 -60.90
N GLU C 425 -8.17 71.85 -59.83
CA GLU C 425 -7.91 72.30 -58.46
C GLU C 425 -6.73 71.51 -57.92
N GLY C 426 -5.57 72.17 -57.79
CA GLY C 426 -4.41 71.54 -57.19
C GLY C 426 -3.18 71.51 -58.06
N GLY C 427 -2.09 72.08 -57.56
CA GLY C 427 -0.79 71.92 -58.17
C GLY C 427 -0.49 72.85 -59.33
N LEU C 428 -0.25 72.24 -60.51
CA LEU C 428 0.19 73.00 -61.68
C LEU C 428 -0.89 73.95 -62.17
N GLN C 429 -2.14 73.46 -62.27
CA GLN C 429 -3.21 74.31 -62.77
C GLN C 429 -3.57 75.39 -61.77
N THR C 430 -3.50 75.09 -60.47
CA THR C 430 -3.73 76.11 -59.45
C THR C 430 -2.66 77.20 -59.51
N TYR C 431 -1.39 76.81 -59.67
CA TYR C 431 -0.31 77.78 -59.76
C TYR C 431 -0.44 78.63 -61.04
N LEU C 432 -0.81 77.99 -62.15
CA LEU C 432 -0.98 78.74 -63.40
C LEU C 432 -2.16 79.70 -63.32
N ARG C 433 -3.25 79.28 -62.70
CA ARG C 433 -4.39 80.18 -62.51
C ARG C 433 -4.04 81.33 -61.58
N GLY C 434 -3.25 81.07 -60.54
CA GLY C 434 -2.81 82.15 -59.66
C GLY C 434 -1.90 83.14 -60.37
N GLN C 435 -0.97 82.64 -61.18
CA GLN C 435 -0.10 83.53 -61.94
C GLN C 435 -0.89 84.34 -62.96
N GLN C 436 -1.87 83.72 -63.64
CA GLN C 436 -2.67 84.43 -64.61
C GLN C 436 -3.57 85.47 -63.94
N GLU C 437 -4.13 85.15 -62.77
CA GLU C 437 -4.94 86.12 -62.04
C GLU C 437 -4.09 87.28 -61.55
N GLU C 438 -2.88 87.00 -61.07
CA GLU C 438 -1.98 88.06 -60.66
C GLU C 438 -1.59 88.94 -61.85
N GLN C 439 -1.29 88.34 -62.99
CA GLN C 439 -0.92 89.11 -64.17
C GLN C 439 -2.09 89.92 -64.71
N ALA C 440 -3.31 89.42 -64.57
CA ALA C 440 -4.47 90.19 -65.01
C ALA C 440 -4.77 91.33 -64.06
N ARG C 441 -4.62 91.11 -62.75
CA ARG C 441 -4.95 92.13 -61.77
C ARG C 441 -3.84 93.15 -61.55
N MET C 442 -2.63 92.89 -62.03
CA MET C 442 -1.58 93.92 -61.97
C MET C 442 -1.72 94.96 -63.07
N GLN C 443 -2.50 94.68 -64.12
CA GLN C 443 -2.78 95.71 -65.12
C GLN C 443 -3.80 96.72 -64.60
N ARG C 444 -4.66 96.30 -63.67
CA ARG C 444 -5.64 97.19 -63.06
C ARG C 444 -5.13 97.85 -61.78
N ARG C 445 -3.90 97.57 -61.38
CA ARG C 445 -3.31 98.19 -60.20
C ARG C 445 -1.89 98.66 -60.47
N GLU D 119 50.27 29.01 -33.30
CA GLU D 119 51.06 28.33 -32.27
C GLU D 119 52.32 27.75 -32.85
N VAL D 120 52.18 26.97 -33.92
CA VAL D 120 53.30 26.31 -34.55
C VAL D 120 53.73 27.13 -35.77
N LEU D 121 54.91 26.82 -36.31
CA LEU D 121 55.49 27.58 -37.41
C LEU D 121 55.77 26.71 -38.63
N LEU D 122 55.11 25.56 -38.76
CA LEU D 122 55.31 24.68 -39.91
C LEU D 122 54.44 25.17 -41.06
N GLY D 123 55.02 26.03 -41.89
CA GLY D 123 54.31 26.59 -43.03
C GLY D 123 54.27 25.67 -44.22
N GLN D 124 53.43 24.64 -44.15
CA GLN D 124 53.30 23.67 -45.22
C GLN D 124 52.65 24.31 -46.45
N GLN D 125 53.14 23.93 -47.63
CA GLN D 125 52.62 24.43 -48.90
C GLN D 125 52.04 23.27 -49.70
N GLU D 126 50.79 23.43 -50.14
CA GLU D 126 50.13 22.43 -50.96
C GLU D 126 48.98 23.12 -51.70
N ALA D 127 48.77 22.73 -52.95
CA ALA D 127 47.71 23.30 -53.77
C ALA D 127 46.39 22.55 -53.64
N ALA D 128 46.36 21.45 -52.87
CA ALA D 128 45.10 20.76 -52.58
C ALA D 128 44.34 21.41 -51.43
N LYS D 129 44.96 22.34 -50.70
CA LYS D 129 44.26 23.04 -49.63
C LYS D 129 43.19 23.98 -50.17
N ASN D 130 43.36 24.47 -51.41
CA ASN D 130 42.28 25.19 -52.07
C ASN D 130 41.09 24.28 -52.31
N VAL D 131 41.35 23.04 -52.70
CA VAL D 131 40.27 22.07 -52.90
C VAL D 131 39.61 21.73 -51.57
N ALA D 132 40.39 21.66 -50.49
CA ALA D 132 39.80 21.42 -49.17
C ALA D 132 38.93 22.59 -48.71
N LYS D 133 39.39 23.82 -48.95
CA LYS D 133 38.60 25.00 -48.62
C LYS D 133 37.31 25.06 -49.43
N GLN D 134 37.39 24.69 -50.71
CA GLN D 134 36.18 24.55 -51.52
C GLN D 134 35.28 23.43 -51.00
N LEU D 135 35.87 22.37 -50.46
CA LEU D 135 35.10 21.29 -49.84
C LEU D 135 34.48 21.72 -48.53
N ASP D 136 34.94 22.82 -47.94
CA ASP D 136 34.30 23.41 -46.76
C ASP D 136 33.09 24.29 -47.10
N GLU D 137 32.51 24.10 -48.29
CA GLU D 137 31.18 24.62 -48.61
C GLU D 137 30.09 23.93 -47.81
N GLY D 138 30.39 22.75 -47.25
CA GLY D 138 29.46 22.12 -46.33
C GLY D 138 29.30 22.90 -45.04
N VAL D 139 30.32 23.67 -44.65
CA VAL D 139 30.15 24.61 -43.53
C VAL D 139 29.14 25.67 -43.89
N THR D 140 29.12 26.12 -45.14
CA THR D 140 28.21 27.17 -45.57
C THR D 140 26.78 26.66 -45.66
N TYR D 141 26.58 25.47 -46.23
CA TYR D 141 25.21 25.05 -46.55
C TYR D 141 24.64 24.02 -45.58
N MET D 142 25.47 23.26 -44.87
CA MET D 142 25.06 22.25 -43.89
C MET D 142 24.13 21.21 -44.49
N ASP D 143 24.34 20.89 -45.77
CA ASP D 143 23.55 19.88 -46.47
C ASP D 143 24.06 18.45 -46.20
N TRP D 144 25.22 18.32 -45.58
CA TRP D 144 25.81 17.04 -45.22
C TRP D 144 25.34 16.54 -43.86
N THR D 145 24.57 17.34 -43.13
CA THR D 145 24.38 17.09 -41.70
C THR D 145 23.44 15.91 -41.46
N TYR D 146 22.43 15.73 -42.29
CA TYR D 146 21.48 14.65 -42.06
C TYR D 146 22.11 13.29 -42.29
N ARG D 147 22.80 13.11 -43.43
CA ARG D 147 23.41 11.83 -43.75
C ARG D 147 24.60 11.50 -42.87
N SER D 148 25.12 12.47 -42.12
CA SER D 148 26.26 12.24 -41.24
C SER D 148 25.89 12.13 -39.78
N THR D 149 24.82 12.80 -39.33
CA THR D 149 24.49 12.84 -37.91
C THR D 149 23.05 12.41 -37.64
N GLY D 150 22.16 12.65 -38.59
CA GLY D 150 20.73 12.44 -38.39
C GLY D 150 19.94 13.70 -38.17
N VAL D 151 20.59 14.82 -37.92
CA VAL D 151 19.93 16.10 -37.67
C VAL D 151 20.12 16.97 -38.90
N ASP D 152 19.01 17.37 -39.52
CA ASP D 152 19.04 18.15 -40.77
C ASP D 152 19.21 19.63 -40.43
N LEU D 153 20.46 20.00 -40.13
CA LEU D 153 20.77 21.37 -39.73
C LEU D 153 20.53 22.38 -40.84
N SER D 154 20.47 21.92 -42.09
CA SER D 154 20.12 22.79 -43.21
C SER D 154 18.70 23.35 -43.09
N ALA D 155 17.84 22.73 -42.28
CA ALA D 155 16.53 23.29 -42.02
C ALA D 155 16.59 24.53 -41.15
N VAL D 156 17.66 24.72 -40.37
CA VAL D 156 17.76 25.87 -39.49
C VAL D 156 18.98 26.74 -39.76
N TRP D 157 19.99 26.24 -40.47
CA TRP D 157 21.16 27.03 -40.77
C TRP D 157 20.84 28.14 -41.75
N ASP D 158 21.53 29.27 -41.61
CA ASP D 158 21.36 30.40 -42.51
C ASP D 158 22.62 30.56 -43.34
N PRO D 159 22.67 30.04 -44.56
CA PRO D 159 23.86 30.19 -45.40
C PRO D 159 24.16 31.62 -45.77
N GLU D 160 23.13 32.45 -45.97
CA GLU D 160 23.38 33.86 -46.26
C GLU D 160 24.02 34.56 -45.07
N LEU D 161 23.57 34.26 -43.86
CA LEU D 161 24.17 34.85 -42.68
C LEU D 161 25.59 34.37 -42.46
N TRP D 162 25.86 33.09 -42.75
CA TRP D 162 27.23 32.59 -42.67
C TRP D 162 28.13 33.27 -43.70
N ILE D 163 27.61 33.47 -44.92
CA ILE D 163 28.40 34.12 -45.97
C ILE D 163 28.68 35.57 -45.61
N ARG D 164 27.69 36.27 -45.04
CA ARG D 164 27.90 37.65 -44.60
C ARG D 164 28.91 37.72 -43.46
N PHE D 165 28.84 36.76 -42.52
CA PHE D 165 29.82 36.72 -41.44
C PHE D 165 31.22 36.47 -41.97
N ARG D 166 31.35 35.55 -42.93
CA ARG D 166 32.64 35.25 -43.54
C ARG D 166 33.22 36.45 -44.27
N GLU D 167 32.37 37.17 -45.02
CA GLU D 167 32.82 38.37 -45.72
C GLU D 167 33.20 39.48 -44.76
N ALA D 168 32.42 39.64 -43.67
CA ALA D 168 32.75 40.64 -42.67
C ALA D 168 34.07 40.33 -41.98
N VAL D 169 34.32 39.06 -41.68
CA VAL D 169 35.59 38.65 -41.07
C VAL D 169 36.75 38.89 -42.03
N ALA D 170 36.56 38.54 -43.32
CA ALA D 170 37.63 38.68 -44.30
C ALA D 170 37.95 40.15 -44.56
N GLN D 171 36.96 41.02 -44.61
CA GLN D 171 37.17 42.42 -44.95
C GLN D 171 37.34 43.32 -43.73
N ASN D 172 37.19 42.78 -42.52
CA ASN D 172 37.20 43.55 -41.26
C ASN D 172 36.15 44.67 -41.30
N GLU D 173 34.96 44.33 -41.79
CA GLU D 173 33.84 45.26 -41.89
C GLU D 173 32.65 44.62 -41.19
N PRO D 174 32.54 44.78 -39.87
CA PRO D 174 31.50 44.06 -39.11
C PRO D 174 30.08 44.49 -39.40
N ALA D 175 29.89 45.62 -40.08
CA ALA D 175 28.54 46.06 -40.44
C ALA D 175 27.85 45.11 -41.40
N ILE D 176 28.62 44.42 -42.25
CA ILE D 176 28.06 43.49 -43.22
C ILE D 176 27.31 42.35 -42.52
N PHE D 177 27.88 41.83 -41.44
CA PHE D 177 27.22 40.77 -40.69
C PHE D 177 26.20 41.34 -39.71
N TRP D 178 26.52 42.49 -39.09
CA TRP D 178 25.65 43.03 -38.05
C TRP D 178 24.33 43.53 -38.61
N ASN D 179 24.34 44.16 -39.79
CA ASN D 179 23.10 44.65 -40.39
C ASN D 179 22.17 43.51 -40.75
N LYS D 180 22.71 42.42 -41.30
CA LYS D 180 21.88 41.27 -41.63
C LYS D 180 21.32 40.59 -40.38
N LEU D 181 22.15 40.47 -39.33
CA LEU D 181 21.69 39.89 -38.08
C LEU D 181 20.60 40.73 -37.43
N LEU D 182 20.77 42.06 -37.45
CA LEU D 182 19.77 42.95 -36.86
C LEU D 182 18.50 42.99 -37.69
N ASP D 183 18.61 42.86 -39.01
CA ASP D 183 17.42 42.77 -39.85
C ASP D 183 16.66 41.48 -39.57
N ARG D 184 17.38 40.38 -39.32
CA ARG D 184 16.72 39.14 -38.97
C ARG D 184 16.04 39.23 -37.62
N VAL D 185 16.68 39.86 -36.64
CA VAL D 185 16.12 39.92 -35.29
C VAL D 185 14.94 40.89 -35.23
N GLN D 186 15.18 42.14 -35.64
CA GLN D 186 14.15 43.18 -35.61
C GLN D 186 13.47 43.27 -36.97
N TYR D 187 12.74 42.21 -37.31
CA TYR D 187 12.03 42.16 -38.58
C TYR D 187 10.77 43.02 -38.56
N LYS D 188 10.07 43.09 -37.42
CA LYS D 188 8.83 43.86 -37.33
C LYS D 188 9.08 45.34 -37.57
N GLU D 189 10.17 45.87 -37.01
CA GLU D 189 10.58 47.25 -37.25
C GLU D 189 11.00 47.49 -38.69
N ASN D 190 11.23 46.44 -39.48
CA ASN D 190 11.49 46.59 -40.90
C ASN D 190 10.21 46.56 -41.74
N LEU D 191 9.05 46.41 -41.11
CA LEU D 191 7.80 46.44 -41.83
C LEU D 191 7.53 47.86 -42.35
N PRO D 192 6.81 47.99 -43.48
CA PRO D 192 6.64 49.32 -44.09
C PRO D 192 5.78 50.26 -43.25
N GLN D 193 6.43 51.26 -42.67
CA GLN D 193 5.75 52.27 -41.85
C GLN D 193 5.79 53.65 -42.49
N ALA D 194 6.28 53.75 -43.72
CA ALA D 194 6.28 54.99 -44.47
C ALA D 194 5.58 54.75 -45.80
N GLY D 195 4.60 55.58 -46.11
CA GLY D 195 3.80 55.41 -47.31
C GLY D 195 2.65 54.44 -47.17
N LEU D 196 2.50 53.79 -46.02
CA LEU D 196 1.36 52.93 -45.70
C LEU D 196 0.70 53.55 -44.47
N VAL D 197 -0.17 54.53 -44.71
CA VAL D 197 -0.82 55.29 -43.64
C VAL D 197 -2.33 55.15 -43.81
N GLY D 198 -2.99 54.55 -42.82
CA GLY D 198 -4.43 54.63 -42.75
C GLY D 198 -5.21 53.88 -43.81
N ASP D 199 -5.24 52.55 -43.72
CA ASP D 199 -6.05 51.68 -44.59
C ASP D 199 -5.62 51.84 -46.06
N MET D 200 -4.39 51.42 -46.33
CA MET D 200 -3.84 51.48 -47.68
C MET D 200 -4.03 50.12 -48.36
N ARG D 201 -5.28 49.85 -48.70
CA ARG D 201 -5.63 48.70 -49.50
C ARG D 201 -6.20 49.20 -50.80
N ILE D 202 -5.68 48.61 -51.87
CA ILE D 202 -6.30 48.99 -53.12
C ILE D 202 -7.41 47.98 -53.44
N SER D 203 -7.12 46.81 -53.98
CA SER D 203 -8.09 45.79 -54.40
C SER D 203 -7.24 44.66 -54.90
N TYR D 204 -7.84 43.52 -55.23
CA TYR D 204 -7.13 42.61 -56.11
C TYR D 204 -7.23 43.06 -57.55
N ALA D 205 -8.41 43.55 -57.95
CA ALA D 205 -8.64 43.96 -59.33
C ALA D 205 -7.85 45.20 -59.68
N LYS D 206 -7.75 46.16 -58.76
CA LYS D 206 -6.94 47.34 -59.09
C LYS D 206 -5.47 46.99 -59.13
N PHE D 207 -5.03 46.14 -58.21
CA PHE D 207 -3.65 45.71 -58.26
C PHE D 207 -3.36 45.04 -59.61
N LEU D 208 -4.30 44.22 -60.11
CA LEU D 208 -4.11 43.60 -61.41
C LEU D 208 -4.11 44.63 -62.54
N GLU D 209 -4.97 45.64 -62.43
CA GLU D 209 -5.01 46.70 -63.44
C GLU D 209 -3.73 47.53 -63.43
N LEU D 210 -3.21 47.85 -62.24
CA LEU D 210 -1.96 48.59 -62.14
C LEU D 210 -0.79 47.77 -62.64
N LEU D 211 -0.79 46.47 -62.36
CA LEU D 211 0.26 45.58 -62.85
C LEU D 211 0.22 45.47 -64.37
N LYS D 212 -0.98 45.38 -64.95
CA LYS D 212 -1.10 45.30 -66.40
C LYS D 212 -0.75 46.61 -67.08
N ASP D 213 -0.92 47.73 -66.38
CA ASP D 213 -0.54 49.04 -66.92
C ASP D 213 0.92 49.37 -66.67
N GLN D 214 1.66 48.49 -66.00
CA GLN D 214 3.07 48.70 -65.61
C GLN D 214 3.23 49.95 -64.76
N ARG D 215 2.27 50.19 -63.88
CA ARG D 215 2.32 51.31 -62.95
C ARG D 215 2.86 50.92 -61.58
N VAL D 216 3.26 49.67 -61.41
CA VAL D 216 3.73 49.16 -60.12
C VAL D 216 5.25 49.13 -60.15
N LYS D 217 5.88 49.87 -59.23
CA LYS D 217 7.34 49.87 -59.18
C LYS D 217 7.87 48.63 -58.48
N ARG D 218 7.32 48.29 -57.32
CA ARG D 218 7.80 47.14 -56.56
C ARG D 218 6.63 46.30 -56.11
N LEU D 219 6.81 44.98 -56.13
CA LEU D 219 5.82 44.04 -55.61
C LEU D 219 6.55 43.14 -54.62
N VAL D 220 6.32 43.38 -53.33
CA VAL D 220 6.96 42.62 -52.27
C VAL D 220 5.95 41.57 -51.81
N VAL D 221 6.17 40.33 -52.20
CA VAL D 221 5.33 39.23 -51.76
C VAL D 221 5.92 38.68 -50.47
N TYR D 222 5.06 38.50 -49.46
CA TYR D 222 5.53 38.12 -48.14
C TYR D 222 5.71 36.61 -48.05
N GLY D 223 5.98 36.13 -46.83
CA GLY D 223 6.36 34.73 -46.66
C GLY D 223 5.25 33.75 -46.97
N ASP D 224 4.03 34.10 -46.60
CA ASP D 224 2.89 33.20 -46.79
C ASP D 224 2.42 33.11 -48.23
N MET D 225 2.96 33.96 -49.13
CA MET D 225 2.61 34.02 -50.55
C MET D 225 1.13 34.32 -50.78
N ARG D 226 0.51 35.02 -49.82
CA ARG D 226 -0.89 35.41 -49.93
C ARG D 226 -1.11 36.88 -49.59
N THR D 227 -0.06 37.61 -49.24
CA THR D 227 -0.16 39.02 -48.89
C THR D 227 0.98 39.75 -49.57
N ALA D 228 0.65 40.82 -50.30
CA ALA D 228 1.64 41.59 -51.02
C ALA D 228 1.60 43.05 -50.61
N VAL D 229 2.77 43.67 -50.64
CA VAL D 229 2.90 45.12 -50.54
C VAL D 229 3.23 45.64 -51.92
N VAL D 230 2.40 46.54 -52.42
CA VAL D 230 2.50 47.06 -53.77
C VAL D 230 3.01 48.49 -53.68
N GLU D 231 4.28 48.70 -54.04
CA GLU D 231 4.88 50.02 -54.06
C GLU D 231 4.62 50.63 -55.44
N VAL D 232 3.61 51.47 -55.50
CA VAL D 232 3.25 52.20 -56.72
C VAL D 232 3.75 53.63 -56.57
N PRO D 233 4.56 54.15 -57.49
CA PRO D 233 5.10 55.50 -57.34
C PRO D 233 4.01 56.55 -57.41
N HIS D 234 4.29 57.69 -56.77
CA HIS D 234 3.49 58.87 -57.03
C HIS D 234 3.65 59.23 -58.51
N PRO D 235 2.58 59.66 -59.18
CA PRO D 235 2.64 59.78 -60.66
C PRO D 235 3.74 60.71 -61.16
N TRP D 236 3.89 61.89 -60.57
CA TRP D 236 4.93 62.79 -61.00
C TRP D 236 6.32 62.32 -60.58
N SER D 237 6.40 61.40 -59.63
CA SER D 237 7.66 60.74 -59.28
C SER D 237 7.88 59.47 -60.08
N ALA D 238 6.95 59.10 -60.98
CA ALA D 238 7.09 57.85 -61.71
C ALA D 238 8.14 57.94 -62.81
N SER D 239 8.43 59.14 -63.30
CA SER D 239 9.40 59.31 -64.38
C SER D 239 10.00 60.70 -64.30
N VAL D 240 11.05 60.92 -65.08
CA VAL D 240 11.77 62.18 -65.07
C VAL D 240 11.04 63.15 -65.99
N LEU D 241 10.06 63.86 -65.43
CA LEU D 241 9.21 64.76 -66.21
C LEU D 241 9.48 66.23 -65.95
N GLY D 242 10.09 66.58 -64.83
CA GLY D 242 10.28 67.97 -64.48
C GLY D 242 9.08 68.63 -63.86
N HIS D 243 8.13 67.85 -63.37
CA HIS D 243 6.96 68.43 -62.70
C HIS D 243 7.39 69.10 -61.40
N PRO D 244 6.90 70.32 -61.11
CA PRO D 244 7.36 71.02 -59.91
C PRO D 244 6.83 70.46 -58.61
N ALA D 245 5.90 69.51 -58.64
CA ALA D 245 5.45 68.86 -57.42
C ALA D 245 6.57 68.04 -56.79
N THR D 246 7.39 67.40 -57.62
CA THR D 246 8.49 66.58 -57.14
C THR D 246 9.61 67.45 -56.60
N HIS D 247 10.43 66.84 -55.75
CA HIS D 247 11.63 67.50 -55.26
C HIS D 247 12.61 67.69 -56.41
N PRO D 248 13.26 68.86 -56.52
CA PRO D 248 14.19 69.08 -57.63
C PRO D 248 15.46 68.26 -57.49
N PHE D 249 15.34 66.94 -57.65
CA PHE D 249 16.52 66.09 -57.65
C PHE D 249 17.42 66.40 -58.85
N TYR D 250 16.82 66.65 -60.01
CA TYR D 250 17.53 66.66 -61.29
C TYR D 250 17.43 68.05 -61.92
N GLU D 251 18.50 68.84 -61.79
CA GLU D 251 18.51 70.21 -62.28
C GLU D 251 19.73 70.45 -63.17
N ASP D 252 19.57 71.29 -64.18
CA ASP D 252 20.69 71.69 -65.00
C ASP D 252 21.35 72.93 -64.40
N SER D 253 22.29 73.54 -65.13
CA SER D 253 22.99 74.72 -64.61
C SER D 253 22.10 75.95 -64.60
N ALA D 254 20.97 75.92 -65.29
CA ALA D 254 19.99 76.99 -65.23
C ALA D 254 19.00 76.81 -64.09
N HIS D 255 19.25 75.83 -63.20
CA HIS D 255 18.39 75.50 -62.08
C HIS D 255 16.97 75.15 -62.52
N ASN D 256 16.86 74.45 -63.65
CA ASN D 256 15.59 73.98 -64.18
C ASN D 256 15.52 72.46 -64.05
N ARG D 257 14.35 71.96 -63.67
CA ARG D 257 14.16 70.51 -63.57
C ARG D 257 14.30 69.87 -64.96
N VAL D 258 15.02 68.77 -65.03
CA VAL D 258 15.33 68.13 -66.30
C VAL D 258 14.15 67.27 -66.73
N SER D 259 13.67 67.51 -67.96
CA SER D 259 12.61 66.71 -68.55
C SER D 259 13.18 65.86 -69.66
N MET D 260 12.85 64.58 -69.66
CA MET D 260 13.34 63.62 -70.64
C MET D 260 12.19 62.98 -71.40
N LEU D 261 11.22 63.80 -71.81
CA LEU D 261 10.01 63.32 -72.47
C LEU D 261 10.25 63.32 -73.98
N ARG D 262 10.61 62.15 -74.51
CA ARG D 262 10.78 62.01 -75.95
C ARG D 262 9.41 61.83 -76.61
N PRO D 263 9.13 62.55 -77.68
CA PRO D 263 7.82 62.44 -78.32
C PRO D 263 7.61 61.09 -78.99
N ASN D 264 6.35 60.68 -79.06
CA ASN D 264 5.98 59.46 -79.75
C ASN D 264 5.64 59.79 -81.20
N PRO D 265 6.40 59.28 -82.18
CA PRO D 265 6.06 59.55 -83.59
C PRO D 265 4.80 58.83 -84.06
N ALA D 266 4.31 57.85 -83.30
CA ALA D 266 3.07 57.17 -83.62
C ALA D 266 1.85 57.85 -83.00
N ALA D 267 2.04 58.82 -82.12
CA ALA D 267 0.93 59.51 -81.45
C ALA D 267 1.38 60.91 -81.05
N PRO D 268 1.42 61.85 -82.01
CA PRO D 268 1.83 63.21 -81.66
C PRO D 268 0.74 64.01 -80.97
N GLU D 269 -0.51 63.57 -81.04
CA GLU D 269 -1.63 64.28 -80.42
C GLU D 269 -1.92 63.81 -79.00
N ASP D 270 -1.25 62.75 -78.54
CA ASP D 270 -1.52 62.15 -77.22
C ASP D 270 -0.21 62.12 -76.44
N VAL D 271 0.02 63.15 -75.63
CA VAL D 271 1.25 63.28 -74.86
C VAL D 271 1.38 62.15 -73.84
N THR D 272 0.25 61.60 -73.38
CA THR D 272 0.26 60.47 -72.46
C THR D 272 0.78 59.20 -73.10
N GLN D 273 0.88 59.14 -74.43
CA GLN D 273 1.52 58.02 -75.09
C GLN D 273 2.99 58.29 -75.41
N TRP D 274 3.52 59.42 -74.97
CA TRP D 274 4.91 59.74 -75.24
C TRP D 274 5.84 58.90 -74.36
N PHE D 275 7.13 58.93 -74.68
CA PHE D 275 8.10 58.08 -74.01
C PHE D 275 8.87 58.89 -72.98
N CYS D 276 9.18 58.25 -71.85
CA CYS D 276 9.90 58.92 -70.78
C CYS D 276 10.70 57.89 -70.01
N ALA D 277 11.92 58.26 -69.63
CA ALA D 277 12.75 57.39 -68.80
C ALA D 277 12.23 57.41 -67.38
N GLU D 278 12.15 56.23 -66.77
CA GLU D 278 11.65 56.13 -65.41
C GLU D 278 12.66 56.70 -64.43
N MET D 279 12.15 57.17 -63.30
CA MET D 279 13.01 57.75 -62.28
C MET D 279 13.82 56.64 -61.59
N PRO D 280 14.99 56.99 -61.04
CA PRO D 280 15.65 56.05 -60.13
C PRO D 280 14.78 55.74 -58.93
N GLU D 281 14.74 54.46 -58.56
CA GLU D 281 13.82 53.98 -57.55
C GLU D 281 14.08 54.64 -56.20
N TRP D 282 15.35 54.85 -55.86
CA TRP D 282 15.70 55.51 -54.60
C TRP D 282 15.21 56.95 -54.52
N ASP D 283 14.94 57.59 -55.66
CA ASP D 283 14.40 58.94 -55.66
C ASP D 283 12.89 58.97 -55.79
N MET D 284 12.24 57.82 -55.85
CA MET D 284 10.80 57.78 -56.02
C MET D 284 10.07 57.98 -54.69
N GLU D 285 8.86 58.52 -54.79
CA GLU D 285 7.92 58.55 -53.67
C GLU D 285 6.79 57.59 -54.01
N LYS D 286 6.57 56.61 -53.14
CA LYS D 286 5.74 55.46 -53.47
C LYS D 286 4.65 55.26 -52.43
N TYR D 287 3.41 55.18 -52.88
CA TYR D 287 2.36 54.58 -52.07
C TYR D 287 2.66 53.12 -51.86
N ARG D 288 2.50 52.65 -50.63
CA ARG D 288 2.69 51.25 -50.29
C ARG D 288 1.32 50.68 -49.95
N PHE D 289 0.71 50.01 -50.92
CA PHE D 289 -0.61 49.45 -50.75
C PHE D 289 -0.54 48.02 -50.24
N TYR D 290 -1.58 47.62 -49.53
CA TYR D 290 -1.71 46.27 -49.00
C TYR D 290 -2.70 45.50 -49.87
N VAL D 291 -2.28 44.35 -50.39
CA VAL D 291 -3.14 43.53 -51.23
C VAL D 291 -3.22 42.13 -50.62
N ASP D 292 -4.45 41.68 -50.38
CA ASP D 292 -4.70 40.30 -49.95
C ASP D 292 -4.85 39.45 -51.20
N LEU D 293 -3.82 38.66 -51.50
CA LEU D 293 -3.84 37.83 -52.69
C LEU D 293 -4.75 36.62 -52.47
N PRO D 294 -5.36 36.10 -53.53
CA PRO D 294 -6.16 34.89 -53.40
C PRO D 294 -5.27 33.65 -53.24
N GLY D 295 -5.92 32.53 -52.92
CA GLY D 295 -5.16 31.30 -52.76
C GLY D 295 -4.74 30.66 -54.06
N ASP D 296 -5.36 31.04 -55.18
CA ASP D 296 -4.96 30.60 -56.51
C ASP D 296 -4.22 31.70 -57.27
N PHE D 297 -3.51 32.56 -56.55
CA PHE D 297 -2.79 33.65 -57.20
C PHE D 297 -1.66 33.14 -58.08
N TRP D 298 -0.93 32.14 -57.61
CA TRP D 298 0.13 31.55 -58.42
C TRP D 298 -0.42 30.61 -59.48
N GLU D 299 -1.55 29.95 -59.21
CA GLU D 299 -2.16 29.07 -60.20
C GLU D 299 -2.71 29.86 -61.38
N SER D 300 -3.30 31.03 -61.11
CA SER D 300 -3.85 31.85 -62.19
C SER D 300 -2.76 32.41 -63.08
N GLY D 301 -1.55 32.60 -62.54
CA GLY D 301 -0.41 33.00 -63.34
C GLY D 301 -0.46 34.42 -63.86
N VAL D 302 -1.09 35.34 -63.13
CA VAL D 302 -1.12 36.73 -63.58
C VAL D 302 0.25 37.37 -63.43
N LEU D 303 0.94 37.11 -62.31
CA LEU D 303 2.30 37.61 -62.13
C LEU D 303 3.25 36.98 -63.13
N GLN D 304 3.07 35.68 -63.39
CA GLN D 304 3.89 34.99 -64.38
C GLN D 304 3.68 35.58 -65.78
N ARG D 305 2.43 35.87 -66.12
CA ARG D 305 2.15 36.48 -67.43
C ARG D 305 2.72 37.89 -67.52
N HIS D 306 2.67 38.65 -66.43
CA HIS D 306 3.26 39.99 -66.44
C HIS D 306 4.78 39.93 -66.60
N LEU D 307 5.43 39.00 -65.89
CA LEU D 307 6.87 38.84 -66.02
C LEU D 307 7.25 38.38 -67.42
N ALA D 308 6.49 37.45 -67.98
CA ALA D 308 6.75 36.99 -69.35
C ALA D 308 6.52 38.08 -70.38
N ALA D 309 5.58 38.99 -70.11
CA ALA D 309 5.39 40.13 -71.01
C ALA D 309 6.53 41.12 -70.88
N GLN D 310 7.06 41.30 -69.66
CA GLN D 310 8.11 42.28 -69.45
C GLN D 310 9.48 41.82 -69.96
N ARG D 311 9.78 40.52 -69.86
CA ARG D 311 11.08 40.02 -70.25
C ARG D 311 11.13 39.52 -71.70
N ALA D 312 10.12 39.84 -72.51
CA ALA D 312 10.03 39.32 -73.86
C ALA D 312 10.67 40.21 -74.92
N GLU D 313 11.26 41.34 -74.52
CA GLU D 313 11.75 42.28 -75.52
C GLU D 313 12.88 43.12 -74.93
N GLY D 314 13.66 43.71 -75.82
CA GLY D 314 14.77 44.56 -75.42
C GLY D 314 16.06 44.26 -76.16
N ALA D 315 16.69 45.31 -76.70
CA ALA D 315 18.02 45.27 -77.34
C ALA D 315 18.03 44.28 -78.52
N VAL D 316 17.26 44.64 -79.55
CA VAL D 316 17.06 43.81 -80.73
C VAL D 316 18.00 44.29 -81.83
N TRP D 317 18.76 43.36 -82.41
CA TRP D 317 19.58 43.69 -83.57
C TRP D 317 18.71 43.87 -84.80
N ASP D 318 19.02 44.88 -85.60
CA ASP D 318 18.25 45.21 -86.80
C ASP D 318 19.14 45.14 -88.03
N PRO D 319 19.08 44.06 -88.81
CA PRO D 319 19.94 43.96 -89.99
C PRO D 319 19.53 44.87 -91.15
N ALA D 320 18.28 45.35 -91.16
CA ALA D 320 17.82 46.18 -92.28
C ALA D 320 18.47 47.56 -92.28
N SER D 321 19.02 48.00 -91.15
CA SER D 321 19.64 49.31 -91.07
C SER D 321 20.93 49.31 -90.26
N GLY D 322 21.40 48.17 -89.78
CA GLY D 322 22.50 48.15 -88.86
C GLY D 322 22.05 48.59 -87.48
N GLN D 323 23.03 48.61 -86.56
CA GLN D 323 22.90 49.05 -85.17
C GLN D 323 22.00 48.15 -84.33
N TYR D 324 22.24 48.13 -83.02
CA TYR D 324 21.31 47.54 -82.09
C TYR D 324 20.24 48.58 -81.76
N ILE D 325 18.98 48.17 -81.81
CA ILE D 325 17.86 49.07 -81.57
C ILE D 325 17.12 48.58 -80.34
N LEU D 326 16.94 49.45 -79.37
CA LEU D 326 15.97 49.19 -78.32
C LEU D 326 14.60 49.57 -78.86
N PRO D 327 13.67 48.63 -79.01
CA PRO D 327 12.38 48.95 -79.64
C PRO D 327 11.53 49.82 -78.73
N TYR D 328 10.56 50.49 -79.37
CA TYR D 328 9.64 51.33 -78.62
C TYR D 328 8.76 50.52 -77.68
N ARG D 329 8.53 49.25 -78.01
CA ARG D 329 7.84 48.35 -77.09
C ARG D 329 8.66 48.06 -75.85
N ALA D 330 9.99 48.07 -75.98
CA ALA D 330 10.87 47.87 -74.83
C ALA D 330 11.05 49.12 -73.98
N GLN D 331 10.64 50.28 -74.48
CA GLN D 331 10.74 51.52 -73.72
C GLN D 331 9.46 51.75 -72.93
N LYS D 332 9.55 52.68 -71.97
CA LYS D 332 8.45 52.98 -71.08
C LYS D 332 7.72 54.25 -71.53
N LYS D 333 6.42 54.31 -71.23
CA LYS D 333 5.62 55.49 -71.48
C LYS D 333 5.83 56.52 -70.38
N VAL D 334 4.94 57.51 -70.30
CA VAL D 334 5.14 58.64 -69.39
C VAL D 334 5.10 58.19 -67.93
N PHE D 335 4.14 57.36 -67.57
CA PHE D 335 3.98 56.97 -66.17
C PHE D 335 4.20 55.48 -65.95
N GLN D 336 4.87 54.82 -66.89
CA GLN D 336 5.09 53.37 -66.82
C GLN D 336 6.47 53.11 -66.25
N VAL D 337 6.54 52.18 -65.30
CA VAL D 337 7.77 51.83 -64.62
C VAL D 337 8.01 50.33 -64.76
N SER D 338 9.24 49.92 -64.50
CA SER D 338 9.60 48.51 -64.56
C SER D 338 9.29 47.85 -63.23
N THR D 339 8.43 46.83 -63.26
CA THR D 339 7.99 46.18 -62.03
C THR D 339 9.11 45.31 -61.45
N GLU D 340 9.38 45.50 -60.16
CA GLU D 340 10.43 44.79 -59.45
C GLU D 340 9.77 43.82 -58.47
N VAL D 341 9.77 42.55 -58.80
CA VAL D 341 9.11 41.52 -57.99
C VAL D 341 10.12 40.95 -57.01
N GLN D 342 9.89 41.15 -55.72
CA GLN D 342 10.76 40.63 -54.68
C GLN D 342 9.94 39.80 -53.71
N LEU D 343 10.39 38.57 -53.47
CA LEU D 343 9.74 37.68 -52.52
C LEU D 343 10.49 37.71 -51.20
N LEU D 344 9.75 37.52 -50.12
CA LEU D 344 10.31 37.52 -48.78
C LEU D 344 10.45 36.11 -48.25
N ASP D 345 11.48 35.89 -47.44
CA ASP D 345 11.73 34.59 -46.84
C ASP D 345 11.26 34.62 -45.39
N PRO D 346 10.27 33.81 -45.01
CA PRO D 346 9.82 33.79 -43.60
C PRO D 346 10.90 33.35 -42.63
N GLN D 347 11.89 32.58 -43.08
CA GLN D 347 13.02 32.21 -42.22
C GLN D 347 13.88 33.42 -41.86
N GLU D 348 13.76 34.52 -42.58
CA GLU D 348 14.43 35.76 -42.18
C GLU D 348 13.70 36.47 -41.05
N SER D 349 12.51 36.01 -40.68
CA SER D 349 11.77 36.60 -39.57
C SER D 349 12.07 35.77 -38.32
N TRP D 350 13.04 36.24 -37.53
CA TRP D 350 13.46 35.52 -36.31
C TRP D 350 12.57 35.97 -35.16
N ASP D 351 11.38 35.35 -35.10
CA ASP D 351 10.35 35.81 -34.16
C ASP D 351 10.73 35.55 -32.71
N PHE D 352 11.30 34.37 -32.43
CA PHE D 352 11.66 34.05 -31.05
C PHE D 352 12.78 34.97 -30.54
N LEU D 353 13.78 35.24 -31.37
CA LEU D 353 14.87 36.11 -30.94
C LEU D 353 14.42 37.57 -30.84
N GLY D 354 13.54 37.99 -31.75
CA GLY D 354 12.97 39.32 -31.64
C GLY D 354 12.09 39.49 -30.43
N TRP D 355 11.40 38.43 -30.01
CA TRP D 355 10.58 38.47 -28.80
C TRP D 355 11.45 38.45 -27.55
N LEU D 356 12.50 37.62 -27.54
CA LEU D 356 13.38 37.52 -26.38
C LEU D 356 14.20 38.79 -26.18
N LEU D 357 14.61 39.42 -27.28
CA LEU D 357 15.37 40.66 -27.22
C LEU D 357 14.50 41.89 -27.46
N ALA D 358 13.25 41.84 -27.02
CA ALA D 358 12.37 43.00 -27.07
C ALA D 358 12.92 44.08 -26.13
N PRO D 359 12.64 45.36 -26.42
CA PRO D 359 13.22 46.45 -25.60
C PRO D 359 12.85 46.41 -24.13
N GLY D 360 11.62 46.02 -23.78
CA GLY D 360 11.27 45.91 -22.38
C GLY D 360 12.01 44.80 -21.68
N ARG D 361 12.19 43.66 -22.36
CA ARG D 361 12.96 42.57 -21.78
C ARG D 361 14.44 42.95 -21.67
N LEU D 362 14.96 43.71 -22.64
CA LEU D 362 16.33 44.19 -22.56
C LEU D 362 16.50 45.15 -21.38
N GLU D 363 15.50 46.00 -21.13
CA GLU D 363 15.52 46.87 -19.96
C GLU D 363 15.51 46.06 -18.67
N PHE D 364 14.71 44.99 -18.61
CA PHE D 364 14.73 44.14 -17.43
C PHE D 364 16.08 43.45 -17.24
N TYR D 365 16.69 42.98 -18.34
CA TYR D 365 17.99 42.33 -18.23
C TYR D 365 19.06 43.32 -17.79
N GLU D 366 18.96 44.57 -18.23
CA GLU D 366 19.88 45.61 -17.75
C GLU D 366 19.71 45.86 -16.26
N LYS D 367 18.45 45.95 -15.79
CA LYS D 367 18.20 46.14 -14.37
C LYS D 367 18.70 44.97 -13.54
N ALA D 368 18.44 43.75 -14.00
CA ALA D 368 18.86 42.56 -13.26
C ALA D 368 20.38 42.41 -13.27
N ALA D 369 21.04 42.78 -14.38
CA ALA D 369 22.50 42.76 -14.41
C ALA D 369 23.08 43.81 -13.47
N CYS D 370 22.43 44.98 -13.39
CA CYS D 370 22.86 46.01 -12.44
C CYS D 370 22.77 45.50 -11.01
N VAL D 371 21.63 44.91 -10.66
CA VAL D 371 21.43 44.41 -9.29
C VAL D 371 22.39 43.26 -8.98
N ALA D 372 22.59 42.36 -9.94
CA ALA D 372 23.49 41.22 -9.74
C ALA D 372 24.93 41.66 -9.59
N ILE D 373 25.37 42.64 -10.39
CA ILE D 373 26.73 43.15 -10.28
C ILE D 373 26.93 43.89 -8.97
N ALA D 374 25.93 44.68 -8.55
CA ALA D 374 26.03 45.41 -7.29
C ALA D 374 26.05 44.47 -6.09
N LEU D 375 25.27 43.38 -6.14
CA LEU D 375 25.25 42.41 -5.05
C LEU D 375 26.38 41.40 -5.14
N ARG D 376 27.11 41.34 -6.26
CA ARG D 376 28.34 40.57 -6.30
C ARG D 376 29.52 41.39 -5.78
N VAL D 377 29.51 42.71 -6.07
CA VAL D 377 30.52 43.59 -5.49
C VAL D 377 30.32 43.71 -3.99
N LEU D 378 29.09 43.95 -3.54
CA LEU D 378 28.76 43.91 -2.13
C LEU D 378 28.73 42.44 -1.69
N GLY D 379 29.85 41.96 -1.17
CA GLY D 379 30.04 40.55 -0.92
C GLY D 379 31.48 40.17 -1.20
N ILE D 380 32.15 41.01 -1.97
CA ILE D 380 33.59 40.92 -2.15
C ILE D 380 34.31 42.08 -1.46
N VAL D 381 33.74 43.29 -1.53
CA VAL D 381 34.30 44.44 -0.82
C VAL D 381 33.96 44.45 0.65
N ILE D 382 33.26 43.43 1.16
CA ILE D 382 32.93 43.33 2.58
C ILE D 382 34.07 42.62 3.31
N ALA D 383 35.18 42.37 2.61
CA ALA D 383 36.35 41.73 3.20
C ALA D 383 37.17 42.80 3.93
N ILE D 384 36.69 43.18 5.10
CA ILE D 384 37.34 44.19 5.91
C ILE D 384 37.12 43.91 7.39
N GLU D 420 25.05 45.39 23.99
CA GLU D 420 26.24 45.11 24.77
C GLU D 420 25.91 45.00 26.27
N LYS D 421 24.63 45.21 26.59
CA LYS D 421 24.18 45.23 27.98
C LYS D 421 23.48 43.95 28.41
N LYS D 422 22.60 43.40 27.56
CA LYS D 422 21.87 42.19 27.93
C LYS D 422 22.79 40.98 27.94
N GLU D 423 23.72 40.89 26.98
CA GLU D 423 24.70 39.81 26.98
C GLU D 423 25.62 39.90 28.20
N SER D 424 26.02 41.11 28.57
CA SER D 424 26.85 41.31 29.76
C SER D 424 26.09 40.93 31.02
N GLN D 425 24.79 41.27 31.08
CA GLN D 425 23.98 40.89 32.23
C GLN D 425 23.81 39.38 32.33
N TRP D 426 23.60 38.71 31.17
CA TRP D 426 23.51 37.25 31.17
C TRP D 426 24.80 36.60 31.59
N GLU D 427 25.94 37.14 31.14
CA GLU D 427 27.24 36.63 31.56
C GLU D 427 27.47 36.82 33.05
N ARG D 428 27.07 37.99 33.58
CA ARG D 428 27.19 38.24 35.01
C ARG D 428 26.32 37.29 35.82
N LEU D 429 25.12 37.00 35.31
CA LEU D 429 24.20 36.13 36.04
C LEU D 429 24.67 34.67 36.02
N THR D 430 25.10 34.18 34.85
CA THR D 430 25.34 32.74 34.68
C THR D 430 26.81 32.40 34.45
N SER D 431 27.74 33.26 34.84
CA SER D 431 29.14 33.00 34.60
C SER D 431 29.97 33.25 35.84
N SER D 432 30.99 32.40 36.04
CA SER D 432 32.05 32.58 37.04
C SER D 432 31.49 32.68 38.46
N ARG D 433 30.54 31.80 38.79
CA ARG D 433 29.98 31.75 40.14
C ARG D 433 30.67 30.63 40.93
N ALA D 434 31.93 30.89 41.27
CA ALA D 434 32.76 29.97 42.03
C ALA D 434 33.87 30.78 42.69
N ARG D 435 34.85 30.09 43.27
CA ARG D 435 36.03 30.72 43.84
C ARG D 435 37.27 30.07 43.23
N GLU D 436 38.33 30.86 43.11
CA GLU D 436 39.59 30.38 42.58
C GLU D 436 40.66 30.43 43.67
N PHE D 437 41.49 29.39 43.71
CA PHE D 437 42.53 29.24 44.71
C PHE D 437 43.84 28.86 44.04
N MET D 438 44.93 29.12 44.77
CA MET D 438 46.31 28.91 44.30
C MET D 438 46.61 29.71 43.03
N THR D 439 46.02 30.90 42.96
CA THR D 439 46.31 31.87 41.91
C THR D 439 46.38 33.24 42.55
N LYS D 440 47.04 34.17 41.86
CA LYS D 440 47.08 35.55 42.32
C LYS D 440 45.70 36.19 42.22
N ASP D 441 45.44 37.12 43.14
CA ASP D 441 44.15 37.80 43.16
C ASP D 441 44.01 38.71 41.94
N GLU D 442 42.78 38.79 41.43
CA GLU D 442 42.51 39.58 40.23
C GLU D 442 42.50 41.08 40.49
N LYS D 443 42.45 41.51 41.74
CA LYS D 443 42.43 42.93 42.10
C LYS D 443 43.65 43.36 42.89
N THR D 444 44.12 42.54 43.83
CA THR D 444 45.25 42.89 44.67
C THR D 444 46.50 42.08 44.39
N GLY D 445 46.40 40.95 43.70
CA GLY D 445 47.53 40.10 43.43
C GLY D 445 47.92 39.16 44.55
N LYS D 446 47.15 39.10 45.62
CA LYS D 446 47.45 38.20 46.73
C LYS D 446 47.23 36.75 46.32
N MET D 447 48.16 35.89 46.71
CA MET D 447 48.05 34.46 46.43
C MET D 447 46.92 33.86 47.26
N ARG D 448 45.89 33.35 46.58
CA ARG D 448 44.74 32.74 47.25
C ARG D 448 45.14 31.34 47.71
N ASP D 449 45.72 31.26 48.89
CA ASP D 449 46.20 30.01 49.45
C ASP D 449 45.25 29.50 50.54
N THR D 450 45.44 28.24 50.93
CA THR D 450 44.67 27.64 52.01
C THR D 450 45.47 27.50 53.30
N GLY D 451 46.79 27.34 53.21
CA GLY D 451 47.64 27.22 54.37
C GLY D 451 47.74 25.83 54.96
N VAL D 452 47.07 24.84 54.38
CA VAL D 452 47.03 23.48 54.92
C VAL D 452 47.65 22.54 53.89
N ARG D 453 48.62 21.74 54.34
CA ARG D 453 49.32 20.78 53.52
C ARG D 453 49.02 19.37 54.04
N PHE D 454 49.73 18.38 53.51
CA PHE D 454 49.52 16.99 53.91
C PHE D 454 50.26 16.65 55.19
N GLU D 455 50.10 17.48 56.22
CA GLU D 455 50.63 17.20 57.55
C GLU D 455 49.64 17.48 58.67
N ASP D 456 48.63 18.31 58.44
CA ASP D 456 47.62 18.63 59.43
C ASP D 456 46.37 17.78 59.30
N ILE D 457 46.36 16.80 58.40
CA ILE D 457 45.18 15.96 58.17
C ILE D 457 45.50 14.52 58.52
N ALA D 458 46.37 14.33 59.52
CA ALA D 458 46.82 13.00 59.90
C ALA D 458 45.66 12.18 60.49
N GLY D 459 45.54 10.94 60.05
CA GLY D 459 44.45 10.07 60.45
C GLY D 459 43.89 9.30 59.27
N MET D 460 44.31 9.67 58.06
CA MET D 460 43.82 9.06 56.83
C MET D 460 45.00 8.77 55.90
N GLU D 461 46.04 8.12 56.45
CA GLU D 461 47.36 8.11 55.81
C GLU D 461 47.36 7.41 54.45
N PHE D 462 46.58 6.34 54.31
CA PHE D 462 46.49 5.66 53.02
C PHE D 462 45.87 6.58 51.96
N LEU D 463 44.81 7.30 52.33
CA LEU D 463 44.19 8.22 51.39
C LEU D 463 45.10 9.41 51.12
N VAL D 464 45.89 9.83 52.11
CA VAL D 464 46.86 10.91 51.92
C VAL D 464 47.93 10.48 50.92
N THR D 465 48.40 9.24 51.03
CA THR D 465 49.36 8.71 50.07
C THR D 465 48.75 8.63 48.67
N GLU D 466 47.49 8.23 48.58
CA GLU D 466 46.81 8.16 47.29
C GLU D 466 46.67 9.55 46.66
N MET D 467 46.29 10.55 47.46
CA MET D 467 46.14 11.90 46.93
C MET D 467 47.49 12.52 46.57
N ARG D 468 48.55 12.19 47.33
CA ARG D 468 49.89 12.65 46.98
C ARG D 468 50.36 12.02 45.66
N GLU D 469 50.04 10.73 45.46
CA GLU D 469 50.34 10.08 44.19
C GLU D 469 49.58 10.73 43.05
N ILE D 470 48.31 11.08 43.27
CA ILE D 470 47.51 11.73 42.24
C ILE D 470 48.08 13.11 41.90
N VAL D 471 48.48 13.86 42.92
CA VAL D 471 49.05 15.20 42.69
C VAL D 471 50.39 15.11 41.95
N ARG D 472 51.25 14.19 42.36
CA ARG D 472 52.56 14.06 41.71
C ARG D 472 52.42 13.50 40.30
N MET D 473 51.38 12.72 40.01
CA MET D 473 51.11 12.29 38.65
C MET D 473 50.51 13.40 37.81
N LEU D 474 49.74 14.29 38.42
CA LEU D 474 49.23 15.46 37.74
C LEU D 474 50.32 16.48 37.44
N LYS D 475 51.40 16.47 38.23
CA LYS D 475 52.50 17.41 38.03
C LYS D 475 53.48 16.96 36.94
N GLY D 476 53.24 15.82 36.30
CA GLY D 476 54.08 15.38 35.20
C GLY D 476 55.11 14.34 35.57
N ASP D 477 54.70 13.31 36.32
CA ASP D 477 55.60 12.23 36.68
C ASP D 477 55.68 11.21 35.55
N GLU D 478 56.91 10.81 35.22
CA GLU D 478 57.16 9.85 34.16
C GLU D 478 57.50 8.46 34.70
N ALA D 479 57.32 8.24 36.01
CA ALA D 479 57.72 6.98 36.62
C ALA D 479 56.77 5.84 36.28
N TYR D 480 55.52 6.13 35.93
CA TYR D 480 54.53 5.09 35.66
C TYR D 480 53.89 5.21 34.28
N LYS D 481 54.39 6.10 33.42
CA LYS D 481 53.84 6.26 32.09
C LYS D 481 54.35 5.21 31.11
N ARG D 482 55.33 4.40 31.50
CA ARG D 482 55.83 3.35 30.61
C ARG D 482 54.85 2.19 30.47
N VAL D 483 53.95 2.01 31.44
CA VAL D 483 52.98 0.93 31.39
C VAL D 483 51.60 1.40 30.95
N GLY D 484 51.46 2.67 30.57
CA GLY D 484 50.19 3.18 30.12
C GLY D 484 49.17 3.43 31.22
N ALA D 485 49.61 3.64 32.46
CA ALA D 485 48.69 3.93 33.55
C ALA D 485 48.05 5.29 33.35
N LYS D 486 46.75 5.39 33.67
CA LYS D 486 45.97 6.61 33.44
C LYS D 486 45.48 7.16 34.78
N CYS D 487 45.67 8.46 34.99
CA CYS D 487 45.25 9.12 36.26
C CYS D 487 43.72 9.27 36.29
N PRO D 488 43.03 8.75 37.33
CA PRO D 488 41.56 8.80 37.36
C PRO D 488 41.08 10.21 36.99
N LYS D 489 40.03 10.28 36.17
CA LYS D 489 39.50 11.59 35.71
C LYS D 489 38.70 12.25 36.84
N GLY D 490 37.68 11.58 37.36
CA GLY D 490 36.92 12.14 38.47
C GLY D 490 37.10 11.28 39.71
N ILE D 491 37.11 11.94 40.86
CA ILE D 491 37.32 11.27 42.14
C ILE D 491 36.23 11.70 43.11
N ILE D 492 35.55 10.72 43.70
CA ILE D 492 34.44 10.96 44.62
C ILE D 492 34.89 10.59 46.03
N PHE D 493 34.67 11.51 46.97
CA PHE D 493 34.92 11.26 48.39
C PHE D 493 33.57 11.07 49.07
N GLN D 494 33.29 9.85 49.49
CA GLN D 494 32.05 9.51 50.17
C GLN D 494 32.34 9.07 51.60
N GLY D 495 31.34 9.24 52.46
CA GLY D 495 31.45 8.87 53.86
C GLY D 495 30.47 9.61 54.73
N PRO D 496 30.50 9.34 56.03
CA PRO D 496 29.63 10.06 56.96
C PRO D 496 30.13 11.49 57.17
N PRO D 497 29.26 12.40 57.62
CA PRO D 497 29.71 13.78 57.84
C PRO D 497 30.72 13.89 58.97
N GLY D 498 31.61 14.86 58.83
CA GLY D 498 32.61 15.14 59.84
C GLY D 498 33.91 14.37 59.71
N THR D 499 34.12 13.65 58.62
CA THR D 499 35.34 12.88 58.44
C THR D 499 36.50 13.69 57.88
N GLY D 500 36.24 14.89 57.38
CA GLY D 500 37.29 15.75 56.90
C GLY D 500 37.54 15.72 55.41
N LYS D 501 36.51 15.47 54.59
CA LYS D 501 36.67 15.52 53.14
C LYS D 501 36.98 16.94 52.68
N THR D 502 36.35 17.93 53.33
CA THR D 502 36.60 19.33 52.99
C THR D 502 38.03 19.76 53.35
N TYR D 503 38.48 19.44 54.56
CA TYR D 503 39.85 19.76 54.95
C TYR D 503 40.86 19.01 54.09
N LEU D 504 40.50 17.79 53.67
CA LEU D 504 41.31 17.04 52.71
C LEU D 504 41.40 17.77 51.37
N ALA D 505 40.29 18.32 50.89
CA ALA D 505 40.31 19.08 49.65
C ALA D 505 41.10 20.38 49.79
N ARG D 506 41.03 21.01 50.96
CA ARG D 506 41.88 22.18 51.20
C ARG D 506 43.36 21.80 51.22
N ALA D 507 43.68 20.63 51.78
CA ALA D 507 45.06 20.15 51.76
C ALA D 507 45.53 19.87 50.34
N ILE D 508 44.67 19.26 49.51
CA ILE D 508 45.06 19.00 48.13
C ILE D 508 45.18 20.31 47.36
N ALA D 509 44.40 21.33 47.73
CA ALA D 509 44.58 22.67 47.17
C ALA D 509 45.94 23.23 47.51
N GLY D 510 46.29 23.22 48.80
CA GLY D 510 47.56 23.77 49.24
C GLY D 510 48.77 22.99 48.74
N GLU D 511 48.60 21.72 48.40
CA GLU D 511 49.73 20.91 47.96
C GLU D 511 49.87 20.80 46.44
N ALA D 512 48.78 20.96 45.68
CA ALA D 512 48.86 20.73 44.24
C ALA D 512 49.52 21.89 43.49
N GLU D 513 49.37 23.12 43.99
CA GLU D 513 49.89 24.34 43.35
C GLU D 513 49.39 24.50 41.91
N VAL D 514 48.12 24.19 41.68
CA VAL D 514 47.49 24.26 40.38
C VAL D 514 46.30 25.21 40.50
N PRO D 515 45.81 25.81 39.40
CA PRO D 515 44.61 26.65 39.55
C PRO D 515 43.39 25.86 39.99
N PHE D 516 42.91 26.21 41.17
CA PHE D 516 41.86 25.43 41.82
C PHE D 516 40.55 26.18 41.66
N PHE D 517 39.53 25.46 41.24
CA PHE D 517 38.18 26.00 41.08
C PHE D 517 37.25 25.32 42.09
N SER D 518 36.91 26.05 43.14
CA SER D 518 36.03 25.54 44.20
C SER D 518 34.62 26.04 44.00
N SER D 519 33.66 25.13 44.06
CA SER D 519 32.26 25.45 43.90
C SER D 519 31.43 24.52 44.79
N VAL D 520 30.12 24.77 44.80
CA VAL D 520 29.16 23.95 45.53
C VAL D 520 28.09 23.49 44.55
N GLY D 521 27.56 22.28 44.79
CA GLY D 521 26.44 21.81 43.99
C GLY D 521 25.19 22.64 44.16
N SER D 522 24.98 23.21 45.36
CA SER D 522 23.84 24.09 45.59
C SER D 522 23.99 25.44 44.90
N GLU D 523 25.20 25.81 44.52
CA GLU D 523 25.42 27.09 43.82
C GLU D 523 25.01 27.05 42.37
N PHE D 524 24.66 25.88 41.83
CA PHE D 524 24.31 25.74 40.42
C PHE D 524 22.79 25.73 40.20
N VAL D 525 22.04 26.36 41.10
CA VAL D 525 20.58 26.33 41.06
C VAL D 525 20.08 27.76 40.96
N GLU D 526 19.16 28.00 40.01
CA GLU D 526 18.50 29.28 39.88
C GLU D 526 17.13 29.06 39.24
N MET D 527 16.25 30.05 39.40
CA MET D 527 14.90 29.94 38.89
C MET D 527 14.82 30.14 37.37
N PHE D 528 15.82 30.76 36.77
CA PHE D 528 15.80 31.00 35.33
C PHE D 528 16.36 29.78 34.60
N ALA D 529 15.65 29.35 33.55
CA ALA D 529 16.03 28.16 32.82
C ALA D 529 17.25 28.45 31.95
N GLY D 530 18.31 27.68 32.16
CA GLY D 530 19.55 27.85 31.41
C GLY D 530 20.74 28.13 32.29
N VAL D 531 20.50 28.80 33.41
CA VAL D 531 21.52 29.26 34.35
C VAL D 531 22.38 28.11 34.85
N ALA D 532 21.73 27.02 35.28
CA ALA D 532 22.40 25.82 35.79
C ALA D 532 23.45 25.27 34.82
N ALA D 533 23.00 24.97 33.60
CA ALA D 533 23.89 24.45 32.57
C ALA D 533 24.98 25.46 32.22
N ALA D 534 24.62 26.73 32.12
CA ALA D 534 25.60 27.77 31.79
C ALA D 534 26.68 27.88 32.86
N ARG D 535 26.29 27.80 34.13
CA ARG D 535 27.24 27.94 35.23
C ARG D 535 28.20 26.76 35.27
N VAL D 536 27.67 25.53 35.17
CA VAL D 536 28.57 24.37 35.24
C VAL D 536 29.47 24.33 34.00
N ASN D 537 28.93 24.71 32.84
CA ASN D 537 29.73 24.81 31.62
C ASN D 537 30.87 25.80 31.79
N SER D 538 30.55 27.02 32.24
CA SER D 538 31.53 28.08 32.42
C SER D 538 32.62 27.72 33.42
N LEU D 539 32.22 27.11 34.54
CA LEU D 539 33.18 26.62 35.52
C LEU D 539 34.17 25.65 34.89
N PHE D 540 33.62 24.63 34.22
CA PHE D 540 34.48 23.64 33.59
C PHE D 540 35.35 24.27 32.51
N TYR D 541 34.81 25.23 31.75
CA TYR D 541 35.57 25.87 30.68
C TYR D 541 36.75 26.64 31.22
N ASN D 542 36.54 27.39 32.30
CA ASN D 542 37.65 28.08 32.97
C ASN D 542 38.71 27.10 33.44
N ALA D 543 38.27 25.95 33.96
CA ALA D 543 39.21 24.90 34.36
C ALA D 543 40.03 24.38 33.17
N ARG D 544 39.34 24.14 32.04
CA ARG D 544 40.01 23.63 30.84
C ARG D 544 41.02 24.62 30.27
N LYS D 545 40.69 25.91 30.26
CA LYS D 545 41.67 26.90 29.81
C LYS D 545 42.86 26.95 30.76
N LYS D 546 42.60 26.98 32.07
CA LYS D 546 43.69 26.98 33.05
C LYS D 546 44.18 25.57 33.40
N ALA D 547 44.58 24.77 32.41
CA ALA D 547 45.00 23.41 32.66
C ALA D 547 46.48 23.36 33.06
N PRO D 548 46.89 22.39 33.90
CA PRO D 548 46.08 21.38 34.61
C PRO D 548 45.37 21.98 35.81
N ALA D 549 44.12 21.61 36.10
CA ALA D 549 43.34 22.26 37.15
C ALA D 549 42.62 21.20 37.96
N ILE D 550 42.26 21.56 39.19
CA ILE D 550 41.49 20.70 40.08
C ILE D 550 40.18 21.40 40.42
N ILE D 551 39.08 20.71 40.18
CA ILE D 551 37.74 21.22 40.46
C ILE D 551 37.16 20.47 41.64
N PHE D 552 36.69 21.21 42.65
CA PHE D 552 36.03 20.63 43.80
C PHE D 552 34.61 21.18 43.88
N ILE D 553 33.63 20.30 43.85
CA ILE D 553 32.22 20.65 44.02
C ILE D 553 31.75 19.94 45.28
N ASP D 554 31.63 20.68 46.38
CA ASP D 554 31.14 20.12 47.62
C ASP D 554 29.65 19.78 47.49
N GLU D 555 29.28 18.60 48.00
CA GLU D 555 27.91 18.09 48.02
C GLU D 555 27.32 18.05 46.60
N ILE D 556 27.93 17.18 45.79
CA ILE D 556 27.49 16.98 44.41
C ILE D 556 26.12 16.35 44.30
N ASP D 557 25.58 15.80 45.40
CA ASP D 557 24.25 15.20 45.40
C ASP D 557 23.15 16.20 45.08
N ALA D 558 23.37 17.50 45.35
CA ALA D 558 22.43 18.52 44.94
C ALA D 558 22.39 18.67 43.43
N ILE D 559 23.48 18.34 42.77
CA ILE D 559 23.50 18.25 41.31
C ILE D 559 23.25 16.80 40.87
N GLY D 560 24.11 15.88 41.28
CA GLY D 560 24.03 14.54 40.73
C GLY D 560 22.93 13.59 41.20
N ARG D 561 21.83 14.14 41.73
CA ARG D 561 20.75 13.30 42.22
C ARG D 561 20.03 12.60 41.08
N ALA D 562 19.67 11.34 41.31
CA ALA D 562 18.95 10.56 40.31
C ALA D 562 17.51 11.04 40.18
N ARG D 563 16.91 10.72 39.03
CA ARG D 563 15.52 11.08 38.79
C ARG D 563 14.59 10.19 39.59
N SER D 564 13.70 10.80 40.37
CA SER D 564 12.82 10.06 41.27
C SER D 564 11.48 9.72 40.63
N THR D 565 11.52 9.20 39.40
CA THR D 565 10.46 8.42 38.74
C THR D 565 9.18 9.23 38.45
N LEU D 566 9.09 10.46 38.95
CA LEU D 566 7.87 11.27 38.85
C LEU D 566 8.19 12.68 39.30
N GLY D 567 7.59 13.67 38.62
CA GLY D 567 7.77 15.05 39.01
C GLY D 567 8.01 16.01 37.87
N GLY D 568 7.37 17.17 37.90
CA GLY D 568 7.57 18.20 36.91
C GLY D 568 8.10 19.49 37.50
N ASP D 569 9.02 19.37 38.44
CA ASP D 569 9.53 20.53 39.18
C ASP D 569 10.49 21.36 38.34
N PRO D 570 10.39 22.70 38.40
CA PRO D 570 11.45 23.54 37.79
C PRO D 570 12.83 23.30 38.33
N GLY D 571 12.94 23.00 39.63
CA GLY D 571 14.20 22.56 40.18
C GLY D 571 14.65 21.25 39.57
N SER D 572 13.70 20.35 39.26
CA SER D 572 14.06 19.09 38.61
C SER D 572 14.59 19.33 37.20
N MET D 573 13.95 20.24 36.45
CA MET D 573 14.51 20.66 35.17
C MET D 573 15.91 21.23 35.27
N GLU D 574 16.13 22.13 36.24
CA GLU D 574 17.44 22.74 36.40
C GLU D 574 18.48 21.70 36.79
N ARG D 575 18.11 20.80 37.69
CA ARG D 575 19.02 19.74 38.12
C ARG D 575 19.37 18.85 36.94
N GLU D 576 18.36 18.44 36.14
CA GLU D 576 18.63 17.60 34.97
C GLU D 576 19.54 18.29 33.96
N SER D 577 19.28 19.57 33.69
CA SER D 577 20.09 20.32 32.71
C SER D 577 21.53 20.48 33.20
N ALA D 578 21.68 20.80 34.49
CA ALA D 578 23.01 20.91 35.09
C ALA D 578 23.73 19.58 35.02
N LEU D 579 23.02 18.48 35.28
CA LEU D 579 23.60 17.16 35.08
C LEU D 579 24.10 17.00 33.68
N LEU D 580 23.21 17.14 32.70
CA LEU D 580 23.50 16.91 31.27
C LEU D 580 24.74 17.65 30.80
N ALA D 581 24.77 18.96 31.11
CA ALA D 581 25.95 19.77 30.84
C ALA D 581 27.20 19.22 31.53
N MET D 582 27.08 18.85 32.82
CA MET D 582 28.22 18.34 33.57
C MET D 582 28.74 17.02 32.98
N LEU D 583 27.83 16.11 32.62
CA LEU D 583 28.16 14.83 32.01
C LEU D 583 28.95 15.07 30.73
N VAL D 584 28.50 16.02 29.90
CA VAL D 584 29.20 16.42 28.69
C VAL D 584 30.58 17.04 28.96
N GLN D 585 30.66 17.95 29.94
CA GLN D 585 31.98 18.52 30.20
C GLN D 585 32.93 17.45 30.72
N MET D 586 32.41 16.53 31.53
CA MET D 586 33.18 15.43 32.10
C MET D 586 33.72 14.50 31.02
N ASP D 587 32.87 14.11 30.04
CA ASP D 587 33.35 13.17 29.04
C ASP D 587 34.32 13.90 28.10
N GLY D 588 34.19 15.24 27.98
CA GLY D 588 35.16 16.07 27.27
C GLY D 588 36.63 15.93 27.66
N ILE D 589 36.94 16.09 28.97
CA ILE D 589 38.28 15.97 29.53
C ILE D 589 38.95 14.67 29.14
N ALA D 590 38.16 13.60 29.05
CA ALA D 590 38.65 12.26 28.71
C ALA D 590 39.32 12.18 27.34
N ASN D 591 38.66 12.75 26.31
CA ASN D 591 39.02 12.59 24.89
C ASN D 591 40.50 12.69 24.56
N LYS D 592 41.15 13.82 24.83
CA LYS D 592 42.60 13.85 24.86
C LYS D 592 43.14 14.27 26.23
N THR D 593 42.68 15.37 26.84
CA THR D 593 42.22 16.67 26.34
C THR D 593 43.06 17.80 26.93
N GLU D 594 42.99 17.94 28.25
CA GLU D 594 43.81 18.92 28.95
C GLU D 594 44.28 18.44 30.32
N GLN D 595 43.97 17.18 30.69
CA GLN D 595 44.33 16.58 31.97
C GLN D 595 43.79 17.38 33.16
N VAL D 596 42.47 17.42 33.25
CA VAL D 596 41.76 18.15 34.29
C VAL D 596 41.14 17.14 35.26
N LEU D 597 41.45 17.28 36.54
CA LEU D 597 40.95 16.38 37.57
C LEU D 597 39.81 17.04 38.34
N THR D 598 38.67 16.36 38.41
CA THR D 598 37.51 16.85 39.13
C THR D 598 37.28 16.01 40.38
N ILE D 599 36.98 16.68 41.49
CA ILE D 599 36.77 16.04 42.78
C ILE D 599 35.38 16.40 43.27
N GLY D 600 34.60 15.39 43.65
CA GLY D 600 33.30 15.61 44.25
C GLY D 600 33.18 14.91 45.58
N ALA D 601 32.92 15.67 46.64
CA ALA D 601 32.76 15.10 47.99
C ALA D 601 31.29 15.19 48.38
N THR D 602 30.76 14.08 48.88
CA THR D 602 29.36 14.02 49.30
C THR D 602 29.20 12.97 50.38
N ASN D 603 28.10 13.08 51.11
CA ASN D 603 27.73 12.08 52.12
C ASN D 603 26.60 11.17 51.68
N LEU D 604 25.68 11.66 50.86
CA LEU D 604 24.59 10.84 50.31
C LEU D 604 24.94 10.33 48.92
N ALA D 605 26.05 9.57 48.85
CA ALA D 605 26.51 9.03 47.57
C ALA D 605 25.51 8.07 46.97
N GLN D 606 24.76 7.34 47.81
CA GLN D 606 23.72 6.45 47.33
C GLN D 606 22.57 7.19 46.66
N GLU D 607 22.46 8.50 46.87
CA GLU D 607 21.47 9.31 46.18
C GLU D 607 22.00 9.89 44.87
N LEU D 608 23.21 9.51 44.46
CA LEU D 608 23.72 9.92 43.16
C LEU D 608 23.03 9.12 42.06
N ASP D 609 23.23 9.56 40.82
CA ASP D 609 22.57 8.94 39.69
C ASP D 609 23.33 7.68 39.26
N ALA D 610 22.95 7.12 38.10
CA ALA D 610 23.58 5.92 37.57
C ALA D 610 24.61 6.22 36.48
N ALA D 611 25.01 7.48 36.34
CA ALA D 611 25.94 7.88 35.31
C ALA D 611 27.25 8.42 35.83
N LEU D 612 27.27 9.02 37.03
CA LEU D 612 28.53 9.54 37.58
C LEU D 612 29.51 8.42 37.91
N LEU D 613 28.99 7.25 38.31
CA LEU D 613 29.84 6.11 38.67
C LEU D 613 30.52 5.49 37.45
N ARG D 614 30.06 5.79 36.25
CA ARG D 614 30.50 5.10 35.05
C ARG D 614 31.92 5.53 34.66
N PRO D 615 32.64 4.68 33.91
CA PRO D 615 34.00 5.04 33.47
C PRO D 615 34.02 6.23 32.52
N GLY D 616 35.11 6.97 32.57
CA GLY D 616 35.25 8.26 31.90
C GLY D 616 34.79 9.39 32.79
N ARG D 617 33.71 9.14 33.53
CA ARG D 617 33.12 10.00 34.55
C ARG D 617 33.83 9.76 35.87
N PHE D 618 33.17 10.08 36.99
CA PHE D 618 33.77 9.94 38.32
C PHE D 618 33.96 8.45 38.60
N GLU D 619 35.08 7.91 38.10
CA GLU D 619 35.37 6.49 38.16
C GLU D 619 36.01 6.08 39.47
N VAL D 620 36.44 7.02 40.30
CA VAL D 620 37.04 6.71 41.59
C VAL D 620 36.10 7.21 42.68
N VAL D 621 35.68 6.31 43.56
CA VAL D 621 34.87 6.64 44.72
C VAL D 621 35.65 6.19 45.94
N TYR D 622 36.32 7.13 46.59
CA TYR D 622 37.10 6.83 47.78
C TYR D 622 36.18 6.83 48.99
N GLU D 623 36.12 5.71 49.70
CA GLU D 623 35.32 5.62 50.92
C GLU D 623 36.12 6.22 52.07
N VAL D 624 35.57 7.27 52.68
CA VAL D 624 36.19 7.92 53.84
C VAL D 624 35.39 7.55 55.07
N PRO D 625 35.72 6.46 55.75
CA PRO D 625 34.90 6.00 56.87
C PRO D 625 35.17 6.81 58.13
N GLN D 626 34.48 6.44 59.20
CA GLN D 626 34.75 7.03 60.50
C GLN D 626 36.15 6.65 60.96
N PRO D 627 36.83 7.54 61.68
CA PRO D 627 38.19 7.23 62.15
C PRO D 627 38.22 6.05 63.10
N GLY D 628 39.23 5.21 62.93
CA GLY D 628 39.43 4.07 63.79
C GLY D 628 40.20 4.47 65.03
N PRO D 629 40.75 3.49 65.75
CA PRO D 629 41.56 3.81 66.93
C PRO D 629 42.86 4.54 66.61
N SER D 630 43.62 4.04 65.62
CA SER D 630 44.86 4.70 65.24
C SER D 630 44.60 6.07 64.63
N ALA D 631 43.54 6.18 63.83
CA ALA D 631 43.14 7.47 63.29
C ALA D 631 42.72 8.43 64.40
N ARG D 632 42.04 7.91 65.42
CA ARG D 632 41.69 8.70 66.59
C ARG D 632 42.94 9.21 67.29
N MET D 633 43.93 8.33 67.46
CA MET D 633 45.20 8.72 68.08
C MET D 633 45.89 9.83 67.29
N ALA D 634 45.92 9.69 65.96
CA ALA D 634 46.56 10.70 65.12
C ALA D 634 45.82 12.04 65.17
N ILE D 635 44.49 12.01 65.12
CA ILE D 635 43.70 13.25 65.11
C ILE D 635 43.81 13.97 66.46
N LEU D 636 43.70 13.22 67.56
CA LEU D 636 43.82 13.84 68.88
C LEU D 636 45.25 14.33 69.13
N ARG D 637 46.26 13.62 68.63
CA ARG D 637 47.64 14.08 68.77
C ARG D 637 47.88 15.36 67.99
N TYR D 638 47.32 15.47 66.78
CA TYR D 638 47.47 16.70 66.01
C TYR D 638 46.73 17.85 66.66
N HIS D 639 45.48 17.62 67.08
CA HIS D 639 44.68 18.72 67.62
C HIS D 639 45.03 19.05 69.07
N ALA D 640 45.85 18.25 69.73
CA ALA D 640 46.27 18.56 71.10
C ALA D 640 47.43 19.54 71.15
N LYS D 641 47.99 19.93 70.00
CA LYS D 641 49.07 20.91 69.98
C LYS D 641 48.55 22.29 70.37
N GLY D 642 49.34 23.00 71.18
CA GLY D 642 48.95 24.30 71.67
C GLY D 642 48.12 24.27 72.95
N LYS D 643 47.84 23.09 73.48
CA LYS D 643 47.05 22.95 74.70
C LYS D 643 47.86 22.29 75.80
N PRO D 644 47.71 22.71 77.05
CA PRO D 644 48.46 22.08 78.14
C PRO D 644 47.78 20.82 78.66
N LEU D 645 48.46 19.68 78.54
CA LEU D 645 47.95 18.40 79.01
C LEU D 645 48.68 18.01 80.29
N GLU D 646 47.91 17.71 81.33
CA GLU D 646 48.49 17.41 82.64
C GLU D 646 49.12 16.03 82.64
N GLY D 647 50.29 15.92 83.29
CA GLY D 647 50.99 14.66 83.40
C GLY D 647 51.50 14.17 82.05
N ASP D 648 51.56 12.85 81.91
CA ASP D 648 51.91 12.26 80.63
C ASP D 648 50.74 12.38 79.67
N GLY D 649 50.94 13.11 78.58
CA GLY D 649 49.89 13.28 77.60
C GLY D 649 49.58 12.04 76.80
N GLN D 650 50.53 11.10 76.71
CA GLN D 650 50.31 9.87 75.97
C GLN D 650 49.22 9.02 76.61
N ARG D 651 49.22 8.94 77.94
CA ARG D 651 48.16 8.20 78.64
C ARG D 651 46.80 8.86 78.45
N LEU D 652 46.76 10.20 78.51
CA LEU D 652 45.50 10.92 78.32
C LEU D 652 44.94 10.71 76.91
N LEU D 653 45.81 10.78 75.89
CA LEU D 653 45.37 10.52 74.53
C LEU D 653 44.96 9.06 74.34
N LEU D 654 45.65 8.13 75.01
CA LEU D 654 45.27 6.73 74.95
C LEU D 654 43.86 6.50 75.50
N LYS D 655 43.58 7.09 76.68
CA LYS D 655 42.27 6.90 77.28
C LYS D 655 41.18 7.59 76.48
N THR D 656 41.43 8.80 75.98
CA THR D 656 40.41 9.50 75.21
C THR D 656 40.29 8.99 73.78
N ALA D 657 41.22 8.15 73.31
CA ALA D 657 41.04 7.42 72.07
C ALA D 657 40.32 6.10 72.29
N GLU D 658 40.51 5.48 73.45
CA GLU D 658 39.74 4.27 73.78
C GLU D 658 38.29 4.59 74.10
N ALA D 659 38.02 5.80 74.60
CA ALA D 659 36.70 6.14 75.13
C ALA D 659 35.86 6.97 74.17
N THR D 660 36.25 7.07 72.90
CA THR D 660 35.53 7.88 71.91
C THR D 660 35.28 7.08 70.64
N GLN D 661 34.77 5.86 70.80
CA GLN D 661 34.51 4.99 69.66
C GLN D 661 33.36 5.51 68.82
N GLY D 662 33.52 5.45 67.50
CA GLY D 662 32.53 5.93 66.57
C GLY D 662 32.60 7.41 66.27
N TRP D 663 33.47 8.16 66.94
CA TRP D 663 33.53 9.60 66.77
C TRP D 663 34.15 9.97 65.43
N SER D 664 33.77 11.14 64.93
CA SER D 664 34.34 11.67 63.71
C SER D 664 35.53 12.59 64.02
N ALA D 665 36.27 12.94 62.97
CA ALA D 665 37.45 13.78 63.12
C ALA D 665 37.08 15.16 63.64
N ALA D 666 35.99 15.74 63.12
CA ALA D 666 35.51 17.01 63.64
C ALA D 666 35.03 16.90 65.08
N ALA D 667 34.44 15.76 65.45
CA ALA D 667 34.04 15.53 66.83
C ALA D 667 35.25 15.50 67.76
N LEU D 668 36.33 14.84 67.33
CA LEU D 668 37.55 14.81 68.14
C LEU D 668 38.18 16.19 68.23
N ALA D 669 38.17 16.95 67.13
CA ALA D 669 38.67 18.32 67.14
C ALA D 669 37.87 19.20 68.09
N ASN D 670 36.54 19.02 68.09
CA ASN D 670 35.69 19.76 69.01
C ASN D 670 35.97 19.37 70.45
N LEU D 671 36.10 18.07 70.73
CA LEU D 671 36.37 17.61 72.09
C LEU D 671 37.69 18.15 72.59
N MET D 672 38.70 18.17 71.73
CA MET D 672 39.96 18.78 72.10
C MET D 672 39.85 20.27 72.31
N ASN D 673 39.07 20.95 71.47
CA ASN D 673 38.88 22.38 71.62
C ASN D 673 38.10 22.72 72.87
N GLU D 674 37.01 22.00 73.13
CA GLU D 674 36.12 22.32 74.26
C GLU D 674 36.81 22.13 75.59
N ALA D 675 37.79 21.24 75.65
CA ALA D 675 38.58 21.09 76.86
C ALA D 675 39.40 22.33 77.15
N ALA D 676 39.99 22.92 76.11
CA ALA D 676 40.76 24.16 76.29
C ALA D 676 39.87 25.38 76.47
N ILE D 677 38.63 25.33 75.98
CA ILE D 677 37.65 26.37 76.32
C ILE D 677 37.31 26.30 77.80
N LEU D 678 37.36 25.10 78.37
CA LEU D 678 37.26 24.91 79.82
C LEU D 678 38.65 25.23 80.41
N THR D 679 38.86 24.91 81.70
CA THR D 679 40.06 25.26 82.47
C THR D 679 40.26 26.77 82.54
N VAL D 680 39.18 27.53 82.41
CA VAL D 680 39.17 28.97 82.61
C VAL D 680 38.18 29.36 83.72
N ARG D 681 36.94 28.88 83.61
CA ARG D 681 35.99 29.02 84.71
C ARG D 681 36.42 28.18 85.91
N ARG D 682 36.94 26.98 85.66
CA ARG D 682 37.43 26.11 86.73
C ARG D 682 38.84 26.44 87.17
N ASN D 683 39.57 27.25 86.39
CA ASN D 683 40.92 27.73 86.71
C ASN D 683 41.90 26.58 86.94
N VAL D 684 41.90 25.64 86.01
CA VAL D 684 42.83 24.50 86.03
C VAL D 684 44.01 24.85 85.13
N PRO D 685 45.25 24.71 85.60
CA PRO D 685 46.41 25.03 84.74
C PRO D 685 46.57 24.11 83.54
N ALA D 686 46.03 22.90 83.58
CA ALA D 686 46.25 21.95 82.49
C ALA D 686 45.03 21.06 82.33
N ILE D 687 44.89 20.50 81.12
CA ILE D 687 43.80 19.59 80.80
C ILE D 687 44.11 18.22 81.39
N SER D 688 43.14 17.66 82.11
CA SER D 688 43.34 16.40 82.81
C SER D 688 42.32 15.36 82.39
N LEU D 689 42.65 14.11 82.70
CA LEU D 689 41.83 12.97 82.29
C LEU D 689 40.41 12.94 82.88
N PRO D 690 40.17 13.20 84.18
CA PRO D 690 38.76 13.22 84.64
C PRO D 690 37.91 14.26 83.95
N MET D 691 38.46 15.45 83.70
CA MET D 691 37.68 16.45 82.98
C MET D 691 37.47 16.03 81.53
N VAL D 692 38.47 15.38 80.92
CA VAL D 692 38.34 14.89 79.55
C VAL D 692 37.22 13.85 79.45
N LEU D 693 37.17 12.93 80.41
CA LEU D 693 36.08 11.97 80.45
C LEU D 693 34.74 12.64 80.74
N GLU D 694 34.75 13.74 81.51
CA GLU D 694 33.53 14.50 81.74
C GLU D 694 32.98 15.05 80.43
N LEU D 695 33.84 15.64 79.59
CA LEU D 695 33.32 16.14 78.31
C LEU D 695 32.98 15.00 77.37
N VAL D 696 33.69 13.87 77.46
CA VAL D 696 33.39 12.71 76.62
C VAL D 696 32.00 12.19 76.91
N GLU D 697 31.64 12.10 78.20
CA GLU D 697 30.27 11.76 78.56
C GLU D 697 29.28 12.84 78.15
N GLY D 698 29.68 14.11 78.30
CA GLY D 698 28.75 15.20 78.07
C GLY D 698 28.32 15.34 76.63
N LEU D 699 29.27 15.28 75.69
CA LEU D 699 28.93 15.54 74.29
C LEU D 699 28.14 14.43 73.62
N ASN D 700 27.98 13.27 74.25
CA ASN D 700 27.13 12.24 73.70
C ASN D 700 25.98 11.81 74.59
N TRP D 701 25.92 12.27 75.85
CA TRP D 701 24.78 11.95 76.70
C TRP D 701 24.02 13.18 77.20
N GLY D 702 24.49 14.38 76.94
CA GLY D 702 23.76 15.58 77.34
C GLY D 702 24.08 15.98 78.77
N GLU D 703 23.03 16.15 79.57
CA GLU D 703 23.18 16.59 80.94
C GLU D 703 23.81 15.50 81.81
N GLN D 704 24.55 15.94 82.83
CA GLN D 704 25.20 14.99 83.74
C GLN D 704 24.18 14.21 84.57
N ALA D 705 22.98 14.78 84.77
CA ALA D 705 21.80 14.25 85.48
C ALA D 705 22.05 14.13 86.98
N PRO D 706 21.05 14.38 87.81
CA PRO D 706 21.23 14.25 89.26
C PRO D 706 21.00 12.83 89.75
N ARG D 707 21.63 12.53 90.89
CA ARG D 707 21.48 11.23 91.50
C ARG D 707 20.08 11.08 92.11
N ILE D 708 19.70 9.83 92.36
CA ILE D 708 18.39 9.54 92.93
C ILE D 708 18.33 10.05 94.36
N PRO D 709 17.30 10.81 94.74
CA PRO D 709 17.22 11.29 96.13
C PRO D 709 17.06 10.16 97.13
N ASP D 710 17.61 10.38 98.33
CA ASP D 710 17.66 9.33 99.33
C ASP D 710 16.29 9.08 99.92
N SER D 711 15.90 7.81 99.94
CA SER D 711 14.60 7.41 100.46
C SER D 711 14.62 5.93 100.74
N GLU D 712 13.51 5.46 101.31
CA GLU D 712 13.35 4.04 101.60
C GLU D 712 13.28 3.24 100.32
N ALA D 713 12.61 3.78 99.31
CA ALA D 713 12.60 3.15 97.99
C ALA D 713 13.97 3.16 97.35
N LYS D 714 14.77 4.20 97.62
CA LYS D 714 16.15 4.23 97.13
C LYS D 714 16.99 3.14 97.79
N ASP D 715 16.78 2.92 99.09
CA ASP D 715 17.47 1.84 99.78
C ASP D 715 17.06 0.48 99.24
N ARG D 716 15.77 0.31 98.93
CA ARG D 716 15.32 -0.93 98.31
C ARG D 716 15.92 -1.13 96.93
N LEU D 717 16.04 -0.06 96.15
CA LEU D 717 16.67 -0.18 94.83
C LEU D 717 18.15 -0.52 94.97
N ALA D 718 18.81 0.03 95.98
CA ALA D 718 20.20 -0.33 96.26
C ALA D 718 20.31 -1.80 96.64
N LEU D 719 19.37 -2.30 97.44
CA LEU D 719 19.37 -3.72 97.81
C LEU D 719 19.13 -4.61 96.59
N ILE D 720 18.21 -4.20 95.71
CA ILE D 720 17.92 -4.99 94.51
C ILE D 720 19.14 -5.03 93.59
N THR D 721 19.78 -3.87 93.39
CA THR D 721 20.98 -3.81 92.56
C THR D 721 22.12 -4.60 93.19
N ALA D 722 22.24 -4.58 94.52
CA ALA D 722 23.28 -5.35 95.19
C ALA D 722 23.06 -6.85 95.04
N ALA D 723 21.80 -7.30 95.15
CA ALA D 723 21.50 -8.71 94.94
C ALA D 723 21.78 -9.13 93.50
N LYS D 724 21.40 -8.28 92.55
CA LYS D 724 21.68 -8.58 91.14
C LYS D 724 23.17 -8.64 90.87
N ALA D 725 23.94 -7.71 91.45
CA ALA D 725 25.38 -7.69 91.27
C ALA D 725 26.05 -8.90 91.91
N VAL D 726 25.59 -9.28 93.11
CA VAL D 726 26.16 -10.45 93.79
C VAL D 726 25.87 -11.72 93.02
N ALA D 727 24.65 -11.85 92.50
CA ALA D 727 24.33 -13.05 91.70
C ALA D 727 25.03 -13.03 90.35
N PHE D 728 25.30 -11.85 89.78
CA PHE D 728 26.11 -11.77 88.57
C PHE D 728 27.54 -12.19 88.85
N ALA D 729 28.09 -11.79 89.98
CA ALA D 729 29.47 -12.15 90.32
C ALA D 729 29.58 -13.62 90.71
N LEU D 730 28.51 -14.22 91.23
CA LEU D 730 28.53 -15.62 91.63
C LEU D 730 28.11 -16.56 90.50
N THR D 731 27.88 -16.03 89.31
CA THR D 731 27.47 -16.85 88.18
C THR D 731 28.70 -17.39 87.45
N PRO D 732 28.88 -18.71 87.37
CA PRO D 732 30.03 -19.24 86.64
C PRO D 732 29.93 -18.96 85.14
N GLY D 733 31.09 -18.76 84.54
CA GLY D 733 31.13 -18.56 83.11
C GLY D 733 30.68 -17.20 82.63
N LEU D 734 30.91 -16.15 83.41
CA LEU D 734 30.54 -14.79 83.03
C LEU D 734 31.77 -13.92 82.95
N GLU D 735 31.66 -12.84 82.19
CA GLU D 735 32.74 -11.88 82.07
C GLU D 735 32.92 -11.12 83.39
N PRO D 736 34.13 -10.60 83.64
CA PRO D 736 34.34 -9.81 84.86
C PRO D 736 33.49 -8.56 84.91
N ILE D 737 33.04 -8.23 86.11
CA ILE D 737 32.21 -7.05 86.31
C ILE D 737 33.12 -5.83 86.49
N LYS D 738 32.90 -4.80 85.68
CA LYS D 738 33.70 -3.58 85.80
C LYS D 738 33.28 -2.78 87.02
N SER D 739 32.01 -2.37 87.08
CA SER D 739 31.56 -1.54 88.19
C SER D 739 30.04 -1.65 88.33
N VAL D 740 29.58 -1.60 89.57
CA VAL D 740 28.16 -1.56 89.89
C VAL D 740 27.85 -0.18 90.47
N THR D 741 26.98 0.57 89.80
CA THR D 741 26.70 1.94 90.22
C THR D 741 25.24 2.10 90.60
N MET D 742 25.00 3.03 91.51
CA MET D 742 23.65 3.48 91.87
C MET D 742 23.27 4.76 91.15
N TRP D 743 24.25 5.57 90.78
CA TRP D 743 24.05 6.85 90.11
C TRP D 743 24.55 6.74 88.68
N SER D 744 23.68 7.06 87.72
CA SER D 744 24.03 7.07 86.31
C SER D 744 23.60 8.40 85.71
N GLY D 745 23.99 8.59 84.45
CA GLY D 745 23.55 9.74 83.68
C GLY D 745 22.21 9.48 83.05
N ARG D 746 21.89 10.30 82.04
CA ARG D 746 20.68 10.22 81.23
C ARG D 746 19.40 10.35 82.06
N ARG D 747 18.25 10.07 81.44
CA ARG D 747 16.96 10.35 82.06
C ARG D 747 16.25 9.10 82.55
N GLY D 748 16.11 8.08 81.71
CA GLY D 748 15.30 6.94 82.05
C GLY D 748 16.06 5.76 82.62
N LEU D 749 17.28 5.99 83.09
CA LEU D 749 18.13 4.93 83.61
C LEU D 749 18.49 5.19 85.07
N GLY D 750 18.71 4.12 85.81
CA GLY D 750 19.08 4.21 87.20
C GLY D 750 20.35 3.45 87.51
N PRO D 751 20.29 2.58 88.51
CA PRO D 751 21.46 1.76 88.87
C PRO D 751 21.78 0.76 87.76
N SER D 752 23.06 0.42 87.67
CA SER D 752 23.51 -0.41 86.57
C SER D 752 24.66 -1.29 87.00
N VAL D 753 24.84 -2.39 86.28
CA VAL D 753 25.97 -3.30 86.44
C VAL D 753 26.71 -3.30 85.12
N ASP D 754 27.81 -2.55 85.05
CA ASP D 754 28.61 -2.47 83.84
C ASP D 754 29.73 -3.49 83.89
N PHE D 755 29.86 -4.28 82.82
CA PHE D 755 30.91 -5.27 82.67
C PHE D 755 32.10 -4.66 81.92
N ILE D 756 33.18 -5.44 81.83
CA ILE D 756 34.38 -4.96 81.15
C ILE D 756 34.13 -4.86 79.65
N ALA D 757 34.81 -3.92 79.01
CA ALA D 757 34.65 -3.61 77.60
C ALA D 757 35.90 -4.03 76.83
N MET D 758 35.93 -3.69 75.52
CA MET D 758 37.08 -3.96 74.67
C MET D 758 38.36 -3.36 75.24
N GLU D 759 38.28 -2.09 75.67
CA GLU D 759 39.41 -1.36 76.23
C GLU D 759 39.87 -1.96 77.56
N ASP D 760 39.08 -2.87 78.12
CA ASP D 760 39.49 -3.66 79.27
C ASP D 760 39.92 -5.07 78.88
N LYS D 761 39.29 -5.65 77.86
CA LYS D 761 39.70 -6.98 77.40
C LYS D 761 41.01 -6.93 76.64
N ALA D 762 41.43 -5.75 76.19
CA ALA D 762 42.72 -5.57 75.54
C ALA D 762 43.87 -5.77 76.51
N ALA D 763 43.89 -4.96 77.58
CA ALA D 763 44.94 -4.95 78.61
C ALA D 763 45.21 -6.34 79.17
N MET D 764 44.22 -6.93 79.82
CA MET D 764 44.29 -8.35 80.16
C MET D 764 43.94 -9.16 78.90
N ASP D 765 44.96 -9.46 78.09
CA ASP D 765 44.78 -10.10 76.79
C ASP D 765 43.90 -11.34 76.87
N MET D 766 42.74 -11.25 76.27
CA MET D 766 41.67 -12.24 76.41
C MET D 766 40.97 -12.36 75.07
N HIS D 767 40.47 -13.55 74.78
CA HIS D 767 39.74 -13.78 73.54
C HIS D 767 38.48 -12.92 73.53
N PRO D 768 38.10 -12.34 72.39
CA PRO D 768 36.84 -11.58 72.34
C PRO D 768 35.62 -12.43 72.67
N GLU D 769 35.61 -13.68 72.23
CA GLU D 769 34.52 -14.61 72.51
C GLU D 769 34.79 -15.42 73.75
N GLU D 770 35.46 -14.81 74.73
CA GLU D 770 35.76 -15.47 75.99
C GLU D 770 34.49 -15.92 76.69
N THR D 771 33.39 -15.17 76.56
CA THR D 771 32.11 -15.60 77.11
C THR D 771 31.64 -16.93 76.52
N GLU D 772 31.85 -17.12 75.21
CA GLU D 772 31.57 -18.40 74.59
C GLU D 772 32.57 -19.47 75.03
N LEU D 773 33.83 -19.08 75.25
CA LEU D 773 34.85 -20.02 75.71
C LEU D 773 34.64 -20.40 77.18
N MET D 774 33.80 -19.68 77.93
CA MET D 774 33.69 -19.91 79.37
C MET D 774 32.97 -21.22 79.69
N GLY D 775 32.25 -21.80 78.72
CA GLY D 775 31.58 -23.05 78.97
C GLY D 775 32.56 -24.20 79.15
N TRP D 776 33.42 -24.42 78.15
CA TRP D 776 34.29 -25.58 78.13
C TRP D 776 35.61 -25.37 78.84
N ARG D 777 35.89 -24.15 79.32
CA ARG D 777 37.09 -23.94 80.12
C ARG D 777 36.90 -24.52 81.52
N THR D 778 37.97 -25.09 82.07
CA THR D 778 37.94 -25.74 83.36
C THR D 778 38.99 -25.12 84.28
N ASN D 779 38.73 -25.28 85.59
CA ASN D 779 39.65 -24.89 86.66
C ASN D 779 40.02 -23.40 86.60
N PHE D 780 39.03 -22.57 86.33
CA PHE D 780 39.25 -21.12 86.28
C PHE D 780 38.37 -20.44 87.32
N LYS D 781 38.52 -19.13 87.43
CA LYS D 781 37.70 -18.36 88.36
C LYS D 781 37.42 -16.99 87.75
N THR D 782 36.15 -16.63 87.70
CA THR D 782 35.74 -15.30 87.25
C THR D 782 34.87 -14.67 88.31
N ASN D 783 35.16 -13.41 88.63
CA ASN D 783 34.53 -12.66 89.71
C ASN D 783 34.63 -13.42 91.02
N ALA D 784 33.51 -13.96 91.49
CA ALA D 784 33.48 -14.76 92.71
C ALA D 784 33.06 -16.19 92.47
N ALA D 785 33.01 -16.62 91.21
CA ALA D 785 32.57 -17.96 90.84
C ALA D 785 33.73 -18.75 90.28
N VAL D 786 33.96 -19.93 90.86
CA VAL D 786 35.03 -20.83 90.42
C VAL D 786 34.41 -21.98 89.65
N VAL D 787 35.17 -22.50 88.68
CA VAL D 787 34.77 -23.67 87.90
C VAL D 787 35.92 -24.66 87.97
N GLY D 788 35.62 -25.87 88.42
CA GLY D 788 36.62 -26.91 88.62
C GLY D 788 36.87 -27.71 87.37
N ASP D 789 37.17 -28.99 87.57
CA ASP D 789 37.58 -29.86 86.47
C ASP D 789 36.41 -30.24 85.56
N GLU D 790 35.18 -30.18 86.05
CA GLU D 790 34.03 -30.47 85.21
C GLU D 790 33.58 -29.21 84.49
N PRO D 791 33.64 -29.16 83.16
CA PRO D 791 33.19 -27.96 82.44
C PRO D 791 31.68 -27.82 82.48
N LEU D 792 31.23 -26.59 82.34
CA LEU D 792 29.81 -26.30 82.20
C LEU D 792 29.39 -26.54 80.76
N GLY D 793 28.29 -27.25 80.57
CA GLY D 793 27.74 -27.42 79.24
C GLY D 793 27.09 -26.13 78.76
N GLU D 794 26.61 -26.16 77.53
CA GLU D 794 25.84 -25.03 77.03
C GLU D 794 24.54 -24.88 77.81
N PHE D 795 23.91 -25.99 78.15
CA PHE D 795 22.66 -25.96 78.91
C PHE D 795 22.87 -25.31 80.28
N ALA D 796 23.86 -25.79 81.04
CA ALA D 796 24.11 -25.22 82.36
C ALA D 796 24.66 -23.80 82.27
N HIS D 797 25.42 -23.50 81.22
CA HIS D 797 25.99 -22.17 81.05
C HIS D 797 24.91 -21.13 80.79
N VAL D 798 23.95 -21.43 79.92
CA VAL D 798 22.88 -20.47 79.66
C VAL D 798 21.83 -20.51 80.78
N ALA D 799 21.62 -21.67 81.40
CA ALA D 799 20.67 -21.75 82.52
C ALA D 799 21.21 -21.11 83.78
N GLY D 800 22.52 -20.85 83.85
CA GLY D 800 23.06 -20.07 84.94
C GLY D 800 22.74 -18.59 84.87
N LEU D 801 22.26 -18.10 83.72
CA LEU D 801 21.86 -16.71 83.58
C LEU D 801 20.53 -16.41 84.23
N LEU D 802 19.74 -17.44 84.57
CA LEU D 802 18.42 -17.21 85.15
C LEU D 802 18.52 -16.73 86.59
N VAL D 803 19.54 -17.16 87.31
CA VAL D 803 19.73 -16.80 88.73
C VAL D 803 19.98 -15.31 88.92
N PRO D 804 20.85 -14.62 88.16
CA PRO D 804 20.95 -13.15 88.35
C PRO D 804 19.66 -12.41 88.01
N LEU D 805 18.89 -12.90 87.05
CA LEU D 805 17.64 -12.25 86.70
C LEU D 805 16.57 -12.51 87.75
N TYR D 806 16.62 -13.67 88.41
CA TYR D 806 15.67 -13.98 89.46
C TYR D 806 16.07 -13.42 90.81
N ALA D 807 17.33 -13.02 90.98
CA ALA D 807 17.82 -12.58 92.29
C ALA D 807 17.19 -11.28 92.74
N GLY D 808 16.82 -10.40 91.81
CA GLY D 808 16.14 -9.18 92.19
C GLY D 808 14.80 -9.42 92.84
N ARG D 809 14.01 -10.32 92.25
CA ARG D 809 12.75 -10.70 92.87
C ARG D 809 12.97 -11.55 94.13
N ALA D 810 13.99 -12.40 94.13
CA ALA D 810 14.25 -13.27 95.27
C ALA D 810 14.67 -12.49 96.49
N ALA D 811 15.43 -11.39 96.32
CA ALA D 811 15.79 -10.55 97.44
C ALA D 811 14.57 -9.92 98.09
N GLU D 812 13.64 -9.39 97.28
CA GLU D 812 12.44 -8.77 97.83
C GLU D 812 11.53 -9.79 98.47
N VAL D 813 11.41 -10.98 97.88
CA VAL D 813 10.54 -12.01 98.46
C VAL D 813 11.14 -12.55 99.75
N ALA D 814 12.46 -12.72 99.80
CA ALA D 814 13.09 -13.27 100.99
C ALA D 814 13.14 -12.25 102.12
N LEU D 815 13.33 -10.97 101.79
CA LEU D 815 13.53 -9.95 102.81
C LEU D 815 12.25 -9.23 103.22
N PHE D 816 11.21 -9.27 102.40
CA PHE D 816 10.00 -8.50 102.67
C PHE D 816 8.72 -9.33 102.58
N GLY D 817 8.66 -10.28 101.67
CA GLY D 817 7.49 -11.11 101.48
C GLY D 817 6.93 -10.96 100.07
N LYS D 818 5.72 -11.50 99.88
CA LYS D 818 5.04 -11.38 98.60
C LYS D 818 4.66 -9.94 98.30
N ASP D 819 4.18 -9.21 99.30
CA ASP D 819 3.82 -7.80 99.11
C ASP D 819 5.03 -6.91 98.91
N GLY D 820 6.24 -7.39 99.22
CA GLY D 820 7.45 -6.63 98.93
C GLY D 820 7.91 -6.69 97.49
N ALA D 821 7.30 -7.56 96.68
CA ALA D 821 7.64 -7.63 95.27
C ALA D 821 7.19 -6.36 94.55
N SER D 822 8.09 -5.79 93.75
CA SER D 822 7.87 -4.49 93.14
C SER D 822 8.02 -4.58 91.63
N LEU D 823 7.79 -3.44 90.97
CA LEU D 823 8.01 -3.33 89.53
C LEU D 823 9.47 -3.12 89.16
N ALA D 824 10.33 -2.91 90.16
CA ALA D 824 11.76 -2.77 89.88
C ALA D 824 12.36 -4.09 89.41
N THR D 825 11.83 -5.21 89.87
CA THR D 825 12.36 -6.54 89.57
C THR D 825 11.42 -7.34 88.68
N ALA D 826 10.70 -6.68 87.79
CA ALA D 826 9.71 -7.35 86.96
C ALA D 826 10.18 -7.59 85.52
N GLN D 827 11.02 -6.72 84.99
CA GLN D 827 11.55 -6.92 83.65
C GLN D 827 12.44 -8.16 83.48
N PRO D 828 13.38 -8.50 84.38
CA PRO D 828 14.15 -9.74 84.17
C PRO D 828 13.32 -11.03 84.20
N LEU D 829 12.22 -11.06 84.96
CA LEU D 829 11.40 -12.27 85.01
C LEU D 829 10.76 -12.57 83.67
N ALA D 830 10.48 -11.55 82.86
CA ALA D 830 9.86 -11.77 81.57
C ALA D 830 10.84 -12.30 80.52
N ASP D 831 12.14 -12.12 80.73
CA ASP D 831 13.15 -12.69 79.85
C ASP D 831 13.70 -14.02 80.34
N CYS D 832 13.47 -14.33 81.63
CA CYS D 832 13.80 -15.65 82.15
C CYS D 832 13.14 -16.76 81.34
N PHE D 833 11.87 -16.56 80.96
CA PHE D 833 11.16 -17.61 80.21
C PHE D 833 11.76 -17.81 78.83
N GLU D 834 12.16 -16.74 78.14
CA GLU D 834 12.71 -16.94 76.81
C GLU D 834 14.10 -17.57 76.87
N ILE D 835 14.88 -17.25 77.91
CA ILE D 835 16.17 -17.91 78.08
C ILE D 835 15.98 -19.40 78.37
N ALA D 836 15.04 -19.73 79.27
CA ALA D 836 14.80 -21.14 79.58
C ALA D 836 14.15 -21.89 78.42
N TYR D 837 13.35 -21.20 77.61
CA TYR D 837 12.75 -21.82 76.44
C TYR D 837 13.81 -22.16 75.40
N TYR D 838 14.80 -21.27 75.23
CA TYR D 838 15.96 -21.62 74.41
C TYR D 838 16.69 -22.81 75.01
N CYS D 839 16.86 -22.83 76.34
CA CYS D 839 17.63 -23.89 76.99
C CYS D 839 16.98 -25.26 76.80
N VAL D 840 15.65 -25.32 76.87
CA VAL D 840 14.98 -26.61 76.83
C VAL D 840 14.45 -27.02 75.45
N ARG D 841 14.26 -26.06 74.53
CA ARG D 841 13.69 -26.41 73.23
C ARG D 841 14.66 -26.17 72.08
N ASN D 842 15.18 -24.94 71.92
CA ASN D 842 15.92 -24.61 70.71
C ASN D 842 17.36 -25.07 70.75
N SER D 843 17.97 -25.12 71.93
CA SER D 843 19.40 -25.39 72.02
C SER D 843 19.74 -26.84 71.68
N GLN D 844 18.78 -27.76 71.86
CA GLN D 844 18.94 -29.20 71.61
C GLN D 844 20.07 -29.80 72.43
N VAL D 845 20.31 -29.26 73.63
CA VAL D 845 21.26 -29.81 74.57
C VAL D 845 20.59 -30.23 75.87
N HIS D 846 19.27 -30.27 75.88
CA HIS D 846 18.55 -30.81 77.03
C HIS D 846 18.77 -32.31 77.10
N PRO D 847 19.07 -32.87 78.27
CA PRO D 847 19.34 -34.31 78.36
C PRO D 847 18.13 -35.19 78.04
N ARG D 848 16.92 -34.65 78.07
CA ARG D 848 15.75 -35.44 77.74
C ARG D 848 15.71 -35.78 76.26
N PHE D 849 16.06 -34.83 75.40
CA PHE D 849 15.90 -34.97 73.96
C PHE D 849 17.19 -35.36 73.24
N LYS D 850 18.25 -35.65 73.98
CA LYS D 850 19.49 -36.09 73.35
C LYS D 850 19.41 -37.53 72.86
N SER D 851 18.66 -38.38 73.57
CA SER D 851 18.51 -39.78 73.21
C SER D 851 17.39 -40.02 72.21
N LEU D 852 16.71 -38.96 71.78
CA LEU D 852 15.65 -39.08 70.78
C LEU D 852 16.24 -39.38 69.40
N PRO D 853 15.43 -39.91 68.49
CA PRO D 853 15.86 -39.99 67.10
C PRO D 853 16.10 -38.60 66.54
N PRO D 854 17.04 -38.46 65.59
CA PRO D 854 17.46 -37.13 65.15
C PRO D 854 16.40 -36.38 64.35
N LEU D 855 15.31 -36.00 65.00
CA LEU D 855 14.22 -35.28 64.37
C LEU D 855 14.20 -33.85 64.88
N HIS D 856 14.08 -32.91 63.95
CA HIS D 856 14.01 -31.49 64.27
C HIS D 856 12.55 -31.13 64.53
N THR D 857 12.21 -30.89 65.79
CA THR D 857 10.85 -30.57 66.19
C THR D 857 10.56 -29.07 66.17
N THR D 858 11.56 -28.24 65.90
CA THR D 858 11.44 -26.79 65.99
C THR D 858 11.64 -26.14 64.62
N MET D 859 11.19 -26.79 63.56
CA MET D 859 11.45 -26.31 62.21
C MET D 859 10.44 -25.27 61.76
N TRP D 860 10.93 -24.34 60.94
CA TRP D 860 10.09 -23.40 60.22
C TRP D 860 10.65 -23.29 58.80
N LEU D 861 9.82 -23.62 57.82
CA LEU D 861 10.29 -23.81 56.44
C LEU D 861 10.16 -22.51 55.67
N GLY D 862 11.18 -21.67 55.77
CA GLY D 862 11.25 -20.47 54.96
C GLY D 862 10.45 -19.31 55.52
N ARG D 863 10.51 -18.20 54.78
CA ARG D 863 9.86 -16.97 55.24
C ARG D 863 8.94 -16.36 54.19
N ASP D 864 9.25 -16.57 52.90
CA ASP D 864 8.41 -16.23 51.75
C ASP D 864 8.32 -14.71 51.55
N ASP D 865 7.97 -14.29 50.34
CA ASP D 865 7.65 -12.89 50.10
C ASP D 865 6.47 -12.46 50.95
N ALA D 866 6.50 -11.19 51.39
CA ALA D 866 5.70 -10.59 52.45
C ALA D 866 5.98 -11.19 53.83
N GLY D 867 7.04 -11.98 53.96
CA GLY D 867 7.57 -12.41 55.25
C GLY D 867 6.66 -13.24 56.12
N ARG D 868 6.02 -14.26 55.56
CA ARG D 868 5.10 -15.11 56.29
C ARG D 868 5.74 -16.48 56.48
N TRP D 869 6.12 -16.79 57.72
CA TRP D 869 6.80 -18.04 58.03
C TRP D 869 5.85 -19.22 57.87
N ARG D 870 6.45 -20.40 57.67
CA ARG D 870 5.71 -21.64 57.50
C ARG D 870 6.22 -22.67 58.49
N ARG D 871 5.33 -23.14 59.38
CA ARG D 871 5.68 -24.22 60.28
C ARG D 871 5.84 -25.52 59.51
N ASP D 872 6.70 -26.40 60.02
CA ASP D 872 6.87 -27.74 59.50
C ASP D 872 5.53 -28.49 59.56
N PRO D 873 5.04 -29.02 58.44
CA PRO D 873 3.68 -29.61 58.43
C PRO D 873 3.51 -30.82 59.33
N LEU D 874 4.59 -31.53 59.67
CA LEU D 874 4.48 -32.68 60.54
C LEU D 874 4.37 -32.30 62.01
N ALA D 875 4.57 -31.03 62.35
CA ALA D 875 4.68 -30.59 63.75
C ALA D 875 3.30 -30.32 64.35
N ILE D 876 2.46 -31.33 64.30
CA ILE D 876 1.12 -31.27 64.89
C ILE D 876 1.22 -31.76 66.32
N GLY D 877 1.04 -30.84 67.27
CA GLY D 877 1.11 -31.19 68.68
C GLY D 877 2.50 -31.48 69.18
N PHE D 878 3.55 -31.01 68.48
CA PHE D 878 4.92 -31.29 68.86
C PHE D 878 5.27 -30.63 70.19
N ASP D 879 4.99 -29.32 70.30
CA ASP D 879 5.33 -28.59 71.52
C ASP D 879 4.51 -29.06 72.71
N GLU D 880 3.23 -29.38 72.49
CA GLU D 880 2.37 -29.82 73.57
C GLU D 880 2.76 -31.22 74.05
N GLU D 881 3.06 -32.12 73.10
CA GLU D 881 3.35 -33.50 73.49
C GLU D 881 4.75 -33.65 74.06
N LEU D 882 5.74 -32.95 73.52
CA LEU D 882 7.10 -33.12 74.02
C LEU D 882 7.34 -32.41 75.35
N GLY D 883 6.34 -31.71 75.89
CA GLY D 883 6.42 -31.10 77.20
C GLY D 883 7.40 -29.95 77.30
N TYR D 884 7.51 -29.14 76.25
CA TYR D 884 8.44 -28.02 76.25
C TYR D 884 8.06 -26.97 77.29
N HIS D 885 6.76 -26.67 77.40
CA HIS D 885 6.31 -25.66 78.36
C HIS D 885 6.52 -26.12 79.79
N LYS D 886 6.21 -27.38 80.10
CA LYS D 886 6.40 -27.87 81.45
C LYS D 886 7.88 -28.02 81.80
N LEU D 887 8.73 -28.37 80.83
CA LEU D 887 10.16 -28.41 81.10
C LEU D 887 10.72 -27.01 81.31
N THR D 888 10.21 -26.02 80.57
CA THR D 888 10.59 -24.64 80.80
C THR D 888 10.17 -24.18 82.19
N LEU D 889 8.97 -24.55 82.62
CA LEU D 889 8.51 -24.23 83.96
C LEU D 889 9.36 -24.92 85.03
N THR D 890 9.77 -26.15 84.78
CA THR D 890 10.64 -26.87 85.71
C THR D 890 11.98 -26.17 85.86
N LEU D 891 12.58 -25.76 84.73
CA LEU D 891 13.85 -25.03 84.79
C LEU D 891 13.70 -23.69 85.49
N LEU D 892 12.60 -22.98 85.23
CA LEU D 892 12.40 -21.69 85.87
C LEU D 892 12.15 -21.82 87.37
N LYS D 893 11.40 -22.85 87.78
CA LYS D 893 11.17 -23.08 89.21
C LYS D 893 12.47 -23.46 89.93
N ALA D 894 13.29 -24.31 89.29
CA ALA D 894 14.57 -24.67 89.88
C ALA D 894 15.49 -23.47 89.99
N SER D 895 15.49 -22.60 88.97
CA SER D 895 16.32 -21.41 89.02
C SER D 895 15.83 -20.41 90.06
N TRP D 896 14.50 -20.33 90.26
CA TRP D 896 13.97 -19.47 91.32
C TRP D 896 14.36 -19.98 92.70
N ARG D 897 14.33 -21.31 92.89
CA ARG D 897 14.79 -21.88 94.15
C ARG D 897 16.28 -21.63 94.37
N ARG D 898 17.07 -21.71 93.29
CA ARG D 898 18.50 -21.41 93.39
C ARG D 898 18.74 -19.96 93.74
N ALA D 899 17.95 -19.04 93.17
CA ALA D 899 18.09 -17.62 93.50
C ALA D 899 17.70 -17.35 94.95
N LEU D 900 16.65 -18.03 95.44
CA LEU D 900 16.28 -17.90 96.84
C LEU D 900 17.38 -18.41 97.76
N ARG D 901 18.02 -19.54 97.40
CA ARG D 901 19.15 -20.04 98.16
C ARG D 901 20.32 -19.06 98.14
N LEU D 902 20.57 -18.45 96.99
CA LEU D 902 21.67 -17.50 96.85
C LEU D 902 21.45 -16.28 97.73
N VAL D 903 20.22 -15.74 97.73
CA VAL D 903 19.93 -14.57 98.55
C VAL D 903 19.98 -14.93 100.03
N ALA D 904 19.53 -16.14 100.38
CA ALA D 904 19.63 -16.63 101.76
C ALA D 904 21.07 -16.70 102.23
N GLN D 905 21.93 -17.31 101.43
CA GLN D 905 23.30 -17.54 101.86
C GLN D 905 24.15 -16.28 101.81
N ARG D 906 23.86 -15.37 100.88
CA ARG D 906 24.64 -14.16 100.70
C ARG D 906 23.85 -12.91 101.10
N ARG D 907 23.02 -13.03 102.14
CA ARG D 907 22.21 -11.90 102.59
C ARG D 907 23.08 -10.79 103.17
N SER D 908 24.06 -11.15 104.01
CA SER D 908 24.96 -10.15 104.56
C SER D 908 25.85 -9.54 103.48
N ALA D 909 26.25 -10.34 102.49
CA ALA D 909 27.04 -9.82 101.39
C ALA D 909 26.24 -8.81 100.57
N ILE D 910 24.97 -9.12 100.30
CA ILE D 910 24.11 -8.20 99.54
C ILE D 910 23.88 -6.91 100.33
N THR D 911 23.65 -7.03 101.63
CA THR D 911 23.48 -5.85 102.47
C THR D 911 24.74 -5.00 102.50
N LYS D 912 25.91 -5.63 102.56
CA LYS D 912 27.16 -4.90 102.57
C LYS D 912 27.42 -4.20 101.24
N VAL D 913 27.12 -4.86 100.13
CA VAL D 913 27.28 -4.23 98.81
C VAL D 913 26.34 -3.04 98.67
N ALA D 914 25.09 -3.19 99.14
CA ALA D 914 24.14 -2.08 99.09
C ALA D 914 24.60 -0.90 99.94
N ALA D 915 25.11 -1.19 101.15
CA ALA D 915 25.59 -0.11 102.02
C ALA D 915 26.81 0.59 101.44
N GLU D 916 27.74 -0.18 100.87
CA GLU D 916 28.94 0.41 100.28
C GLU D 916 28.62 1.22 99.03
N MET D 917 27.61 0.79 98.26
CA MET D 917 27.17 1.58 97.13
C MET D 917 26.46 2.86 97.59
N LEU D 918 25.70 2.77 98.68
CA LEU D 918 25.00 3.94 99.19
C LEU D 918 25.93 4.95 99.84
N ALA D 919 27.09 4.50 100.33
CA ALA D 919 28.06 5.38 100.98
C ALA D 919 29.32 5.53 100.14
N ALA D 920 29.16 5.67 98.83
CA ALA D 920 30.27 5.82 97.90
C ALA D 920 30.32 7.26 97.36
N PRO D 921 31.51 7.76 96.99
CA PRO D 921 31.60 9.15 96.49
C PRO D 921 30.79 9.43 95.24
N GLU D 922 30.70 8.46 94.31
CA GLU D 922 29.86 8.59 93.13
C GLU D 922 28.74 7.55 93.13
N GLU D 923 28.44 6.98 94.29
CA GLU D 923 27.45 5.90 94.46
C GLU D 923 27.77 4.72 93.55
N LYS D 924 29.06 4.43 93.40
CA LYS D 924 29.55 3.40 92.49
C LYS D 924 30.62 2.59 93.19
N ILE D 925 30.50 1.27 93.12
CA ILE D 925 31.51 0.35 93.63
C ILE D 925 32.13 -0.37 92.43
N THR D 926 33.34 -0.89 92.64
CA THR D 926 34.04 -1.59 91.58
C THR D 926 33.82 -3.09 91.69
N GLY D 927 34.16 -3.80 90.60
CA GLY D 927 34.00 -5.24 90.59
C GLY D 927 34.92 -5.95 91.57
N ALA D 928 36.16 -5.47 91.69
CA ALA D 928 37.10 -6.07 92.63
C ALA D 928 36.65 -5.91 94.07
N ARG D 929 36.11 -4.73 94.42
CA ARG D 929 35.60 -4.53 95.77
C ARG D 929 34.35 -5.37 96.04
N LEU D 930 33.50 -5.54 95.01
CA LEU D 930 32.33 -6.39 95.15
C LEU D 930 32.73 -7.85 95.39
N VAL D 931 33.75 -8.32 94.66
CA VAL D 931 34.25 -9.68 94.85
C VAL D 931 34.89 -9.82 96.23
N GLU D 932 35.61 -8.78 96.68
CA GLU D 932 36.21 -8.80 98.01
C GLU D 932 35.14 -8.88 99.10
N ILE D 933 34.05 -8.13 98.94
CA ILE D 933 32.94 -8.18 99.89
C ILE D 933 32.32 -9.57 99.91
N ILE D 934 32.10 -10.15 98.72
CA ILE D 934 31.46 -11.47 98.62
C ILE D 934 32.32 -12.53 99.28
N GLU D 935 33.64 -12.50 99.04
CA GLU D 935 34.51 -13.51 99.62
C GLU D 935 34.77 -13.29 101.10
N SER D 936 34.88 -12.04 101.55
CA SER D 936 35.17 -11.78 102.96
C SER D 936 33.95 -12.02 103.84
N THR D 937 32.76 -11.67 103.38
CA THR D 937 31.56 -11.86 104.17
C THR D 937 31.24 -13.35 104.26
N PRO D 938 31.08 -13.91 105.46
CA PRO D 938 30.83 -15.34 105.59
C PRO D 938 29.46 -15.73 105.07
N LEU D 939 29.33 -17.01 104.72
CA LEU D 939 28.07 -17.54 104.22
C LEU D 939 27.03 -17.57 105.34
N ASP D 940 25.96 -16.81 105.16
CA ASP D 940 24.85 -16.84 106.11
C ASP D 940 24.17 -18.20 106.08
N ASP D 941 23.63 -18.60 107.22
CA ASP D 941 22.84 -19.82 107.27
C ASP D 941 21.55 -19.63 106.49
N LEU D 942 21.26 -20.57 105.58
CA LEU D 942 20.02 -20.49 104.83
C LEU D 942 18.80 -20.84 105.69
N GLY D 943 19.01 -21.44 106.86
CA GLY D 943 17.92 -21.67 107.78
C GLY D 943 17.55 -20.43 108.56
N GLY D 944 17.24 -20.59 109.85
CA GLY D 944 16.90 -19.46 110.68
C GLY D 944 15.62 -18.74 110.30
N GLU D 945 14.57 -19.51 109.96
CA GLU D 945 13.23 -19.07 109.53
C GLU D 945 13.38 -18.01 108.42
N GLY D 946 12.67 -16.89 108.48
CA GLY D 946 12.74 -15.84 107.47
C GLY D 946 14.11 -15.24 107.21
N LEU D 947 14.39 -14.96 105.95
CA LEU D 947 15.71 -14.54 105.50
C LEU D 947 15.72 -13.02 105.40
N ASP D 948 15.66 -12.39 106.59
CA ASP D 948 15.43 -10.99 106.90
C ASP D 948 13.94 -10.63 106.68
N GLY D 949 13.13 -11.54 106.13
CA GLY D 949 11.70 -11.37 106.05
C GLY D 949 11.01 -12.57 106.66
N ALA D 950 10.14 -13.22 105.90
CA ALA D 950 9.49 -14.47 106.32
C ALA D 950 8.89 -15.21 105.14
N ALA D 951 8.49 -16.47 105.37
CA ALA D 951 7.84 -17.40 104.44
C ALA D 951 8.77 -17.84 103.31
N ALA D 952 9.97 -17.26 103.24
CA ALA D 952 11.01 -17.74 102.34
C ALA D 952 11.87 -18.79 103.00
N ALA D 953 11.58 -19.15 104.26
CA ALA D 953 12.28 -20.22 104.98
C ALA D 953 12.20 -21.55 104.25
N ALA D 954 11.22 -21.68 103.34
CA ALA D 954 11.12 -22.78 102.39
C ALA D 954 12.45 -23.08 101.71
N VAL D 955 13.36 -22.09 101.63
CA VAL D 955 14.75 -22.19 101.13
C VAL D 955 15.46 -23.45 101.63
N VAL D 956 15.06 -23.96 102.80
CA VAL D 956 15.58 -25.23 103.33
C VAL D 956 15.08 -26.44 102.53
N GLU D 957 14.41 -26.24 101.39
CA GLU D 957 13.82 -27.32 100.61
C GLU D 957 14.84 -28.22 99.94
N GLU D 958 15.65 -28.89 100.76
CA GLU D 958 16.80 -29.67 100.34
C GLU D 958 17.59 -29.03 99.20
N ALA D 959 17.76 -29.75 98.09
CA ALA D 959 18.14 -29.17 96.80
C ALA D 959 17.70 -30.03 95.62
N GLY D 960 17.96 -31.33 95.78
CA GLY D 960 17.74 -32.35 94.80
C GLY D 960 18.39 -32.10 93.45
N ASN D 961 19.66 -31.68 93.45
CA ASN D 961 20.33 -31.30 92.22
C ASN D 961 21.45 -32.24 91.80
N GLU D 962 21.84 -33.18 92.65
CA GLU D 962 22.98 -34.05 92.37
C GLU D 962 22.50 -35.38 91.79
N PHE D 963 23.13 -35.80 90.70
CA PHE D 963 22.75 -37.02 89.99
C PHE D 963 23.29 -38.28 90.65
N LEU D 964 24.40 -38.18 91.39
CA LEU D 964 24.98 -39.36 92.02
C LEU D 964 24.09 -40.00 93.09
N PRO D 965 23.42 -39.28 94.01
CA PRO D 965 22.48 -39.98 94.91
C PRO D 965 21.32 -40.66 94.17
N LEU D 966 20.79 -40.03 93.11
CA LEU D 966 19.73 -40.66 92.34
C LEU D 966 20.21 -41.92 91.63
N LEU D 967 21.43 -41.86 91.08
CA LEU D 967 22.01 -43.04 90.44
C LEU D 967 22.26 -44.15 91.45
N LYS D 968 22.76 -43.82 92.65
CA LYS D 968 22.99 -44.82 93.67
C LYS D 968 21.67 -45.42 94.13
N GLU D 969 20.66 -44.55 94.26
CA GLU D 969 19.33 -45.03 94.60
C GLU D 969 18.81 -45.97 93.52
N VAL D 970 19.01 -45.66 92.24
CA VAL D 970 18.54 -46.56 91.17
C VAL D 970 19.31 -47.89 91.17
N LEU D 971 20.63 -47.82 91.35
CA LEU D 971 21.46 -49.02 91.35
C LEU D 971 21.19 -49.90 92.56
N GLY D 972 20.64 -49.34 93.65
CA GLY D 972 20.28 -50.14 94.81
C GLY D 972 19.22 -51.20 94.55
N GLN D 973 18.34 -50.98 93.57
CA GLN D 973 17.33 -51.96 93.16
C GLN D 973 17.91 -53.12 92.41
N VAL D 974 19.08 -52.93 91.80
CA VAL D 974 19.73 -54.02 91.09
C VAL D 974 20.46 -54.88 92.12
N PRO D 975 20.16 -56.18 92.19
CA PRO D 975 20.78 -57.02 93.22
C PRO D 975 22.25 -57.27 92.95
N GLY D 976 23.03 -57.30 94.02
CA GLY D 976 24.46 -57.53 93.93
C GLY D 976 25.24 -56.44 93.23
N ILE D 977 24.95 -55.18 93.52
CA ILE D 977 25.65 -54.08 92.88
C ILE D 977 26.90 -53.68 93.65
N ILE D 978 26.85 -53.74 94.99
CA ILE D 978 27.96 -53.49 95.90
C ILE D 978 28.61 -52.14 95.63
N LEU D 979 27.96 -51.06 96.07
CA LEU D 979 28.47 -49.72 95.86
C LEU D 979 29.34 -49.31 97.05
N THR D 980 30.52 -48.76 96.77
CA THR D 980 31.43 -48.32 97.82
C THR D 980 31.58 -46.80 97.84
N GLY D 981 32.01 -46.21 96.74
CA GLY D 981 32.19 -44.77 96.67
C GLY D 981 33.57 -44.34 97.07
N GLU D 982 34.36 -43.85 96.10
CA GLU D 982 35.71 -43.34 96.32
C GLU D 982 36.62 -44.36 97.00
N SER D 983 36.49 -45.63 96.60
CA SER D 983 37.28 -46.70 97.20
C SER D 983 38.14 -47.39 96.16
N ALA D 1018 25.54 -62.70 88.24
CA ALA D 1018 25.49 -61.51 89.08
C ALA D 1018 26.81 -61.31 89.82
N THR D 1019 27.75 -60.63 89.18
CA THR D 1019 29.04 -60.35 89.79
C THR D 1019 28.90 -59.30 90.89
N GLU D 1020 29.95 -59.17 91.69
CA GLU D 1020 29.97 -58.16 92.75
C GLU D 1020 29.94 -56.75 92.17
N LEU D 1021 30.74 -56.50 91.13
CA LEU D 1021 30.79 -55.23 90.40
C LEU D 1021 31.09 -54.05 91.34
N ARG D 1022 32.29 -54.09 91.92
CA ARG D 1022 32.71 -53.08 92.89
C ARG D 1022 32.98 -51.77 92.15
N LEU D 1023 31.91 -51.03 91.91
CA LEU D 1023 31.99 -49.76 91.19
C LEU D 1023 32.31 -48.62 92.15
N ASP D 1024 33.21 -47.74 91.72
CA ASP D 1024 33.62 -46.61 92.51
C ASP D 1024 32.84 -45.35 92.12
N ASP D 1025 32.95 -44.33 92.97
CA ASP D 1025 32.36 -43.04 92.69
C ASP D 1025 32.96 -42.42 91.44
N ALA D 1026 34.26 -42.63 91.21
CA ALA D 1026 34.90 -42.13 89.99
C ALA D 1026 34.34 -42.80 88.74
N THR D 1027 34.12 -44.12 88.79
CA THR D 1027 33.54 -44.83 87.66
C THR D 1027 32.11 -44.38 87.40
N LEU D 1028 31.31 -44.23 88.47
CA LEU D 1028 29.94 -43.77 88.32
C LEU D 1028 29.89 -42.35 87.75
N ALA D 1029 30.76 -41.46 88.24
CA ALA D 1029 30.80 -40.09 87.75
C ALA D 1029 31.24 -40.03 86.31
N ALA D 1030 32.21 -40.86 85.91
CA ALA D 1030 32.68 -40.86 84.54
C ALA D 1030 31.60 -41.36 83.58
N VAL D 1031 30.91 -42.44 83.93
CA VAL D 1031 29.85 -42.95 83.06
C VAL D 1031 28.69 -41.97 83.00
N SER D 1032 28.35 -41.34 84.13
CA SER D 1032 27.26 -40.37 84.16
C SER D 1032 27.60 -39.11 83.36
N ARG D 1033 28.85 -38.65 83.44
CA ARG D 1033 29.25 -37.49 82.65
C ARG D 1033 29.32 -37.82 81.16
N THR D 1034 29.64 -39.07 80.83
CA THR D 1034 29.68 -39.45 79.41
C THR D 1034 28.27 -39.57 78.83
N LEU D 1035 27.33 -40.12 79.59
CA LEU D 1035 25.99 -40.37 79.05
C LEU D 1035 25.02 -39.23 79.35
N MET D 1036 24.78 -38.98 80.63
CA MET D 1036 23.89 -37.88 81.01
C MET D 1036 24.47 -36.51 80.72
N GLY D 1037 25.72 -36.29 81.04
CA GLY D 1037 26.38 -35.04 80.66
C GLY D 1037 26.88 -34.22 81.82
N ARG D 1038 26.09 -34.12 82.89
CA ARG D 1038 26.49 -33.34 84.05
C ARG D 1038 25.78 -33.88 85.28
N LEU D 1039 26.29 -33.51 86.46
CA LEU D 1039 25.79 -34.07 87.71
C LEU D 1039 24.98 -33.10 88.55
N ASP D 1040 25.18 -31.79 88.40
CA ASP D 1040 24.54 -30.79 89.25
C ASP D 1040 23.48 -30.00 88.51
N VAL D 1041 22.72 -30.64 87.64
CA VAL D 1041 21.66 -29.98 86.89
C VAL D 1041 20.36 -30.76 86.97
N VAL D 1042 20.23 -31.59 88.02
CA VAL D 1042 19.08 -32.50 88.12
C VAL D 1042 17.79 -31.73 88.34
N ASP D 1043 17.81 -30.73 89.22
CA ASP D 1043 16.62 -29.90 89.42
C ASP D 1043 16.27 -29.10 88.17
N LEU D 1044 17.29 -28.68 87.40
CA LEU D 1044 17.05 -27.95 86.16
C LEU D 1044 16.40 -28.85 85.11
N ILE D 1045 16.84 -30.10 85.01
CA ILE D 1045 16.33 -30.95 83.95
C ILE D 1045 15.07 -31.73 84.32
N GLY D 1046 14.77 -31.89 85.59
CA GLY D 1046 13.58 -32.66 85.96
C GLY D 1046 13.94 -34.03 86.51
N ARG D 1047 13.17 -34.47 87.50
CA ARG D 1047 13.42 -35.77 88.12
C ARG D 1047 13.13 -36.92 87.16
N ASN D 1048 12.14 -36.76 86.28
CA ASN D 1048 11.86 -37.80 85.28
C ASN D 1048 13.02 -37.97 84.32
N THR D 1049 13.59 -36.84 83.86
CA THR D 1049 14.76 -36.88 82.99
C THR D 1049 15.95 -37.50 83.71
N ALA D 1050 16.14 -37.16 84.99
CA ALA D 1050 17.23 -37.74 85.76
C ALA D 1050 17.04 -39.25 85.97
N VAL D 1051 15.79 -39.70 86.16
CA VAL D 1051 15.52 -41.12 86.35
C VAL D 1051 15.75 -41.88 85.04
N GLU D 1052 15.35 -41.31 83.91
CA GLU D 1052 15.61 -41.95 82.62
C GLU D 1052 17.10 -42.05 82.34
N ALA D 1053 17.83 -41.00 82.67
CA ALA D 1053 19.27 -41.05 82.52
C ALA D 1053 19.92 -42.07 83.43
N ALA D 1054 19.42 -42.16 84.67
CA ALA D 1054 19.94 -43.15 85.59
C ALA D 1054 19.69 -44.56 85.07
N GLU D 1055 18.52 -44.79 84.45
CA GLU D 1055 18.26 -46.10 83.85
C GLU D 1055 19.21 -46.38 82.68
N ARG D 1056 19.48 -45.36 81.85
CA ARG D 1056 20.42 -45.55 80.75
C ARG D 1056 21.83 -45.82 81.27
N VAL D 1057 22.25 -45.10 82.31
CA VAL D 1057 23.58 -45.29 82.89
C VAL D 1057 23.68 -46.67 83.54
N ARG D 1058 22.61 -47.13 84.18
CA ARG D 1058 22.59 -48.48 84.75
C ARG D 1058 22.70 -49.54 83.66
N ASP D 1059 21.97 -49.37 82.56
CA ASP D 1059 22.03 -50.33 81.45
C ASP D 1059 23.41 -50.35 80.82
N ALA D 1060 24.09 -49.20 80.76
CA ALA D 1060 25.46 -49.18 80.26
C ALA D 1060 26.44 -49.79 81.27
N LEU D 1061 26.20 -49.61 82.57
CA LEU D 1061 27.10 -50.13 83.58
C LEU D 1061 27.01 -51.64 83.69
N LEU D 1062 25.85 -52.23 83.35
CA LEU D 1062 25.70 -53.66 83.42
C LEU D 1062 26.55 -54.40 82.38
N HIS D 1063 26.95 -53.72 81.31
CA HIS D 1063 27.79 -54.34 80.28
C HIS D 1063 29.24 -53.91 80.48
N PRO D 1064 30.15 -54.85 80.74
CA PRO D 1064 31.55 -54.45 80.99
C PRO D 1064 32.24 -53.82 79.81
N GLU D 1065 31.97 -54.28 78.59
CA GLU D 1065 32.59 -53.71 77.40
C GLU D 1065 32.14 -52.26 77.20
N THR D 1066 30.83 -52.02 77.33
CA THR D 1066 30.31 -50.66 77.21
C THR D 1066 30.82 -49.77 78.32
N ARG D 1067 30.92 -50.31 79.55
CA ARG D 1067 31.42 -49.53 80.67
C ARG D 1067 32.88 -49.13 80.47
N GLU D 1068 33.71 -50.06 79.99
CA GLU D 1068 35.11 -49.75 79.77
C GLU D 1068 35.29 -48.78 78.61
N ARG D 1069 34.48 -48.92 77.56
CA ARG D 1069 34.54 -47.96 76.46
C ARG D 1069 34.14 -46.57 76.94
N LEU D 1070 33.09 -46.48 77.77
CA LEU D 1070 32.65 -45.19 78.30
C LEU D 1070 33.69 -44.55 79.19
N LEU D 1071 34.35 -45.35 80.03
CA LEU D 1071 35.44 -44.84 80.87
C LEU D 1071 36.59 -44.31 80.02
N ALA D 1072 36.95 -45.05 78.96
CA ALA D 1072 38.06 -44.62 78.11
C ALA D 1072 37.73 -43.34 77.34
N MET D 1073 36.48 -43.21 76.85
CA MET D 1073 36.18 -41.98 76.11
C MET D 1073 36.00 -40.80 77.06
N ARG D 1074 35.54 -41.04 78.30
CA ARG D 1074 35.55 -39.98 79.29
C ARG D 1074 36.96 -39.53 79.61
N ARG D 1075 37.90 -40.47 79.67
CA ARG D 1075 39.30 -40.14 79.88
C ARG D 1075 39.86 -39.32 78.73
N TRP D 1076 39.48 -39.66 77.49
CA TRP D 1076 39.97 -38.89 76.34
C TRP D 1076 39.35 -37.49 76.30
N VAL D 1077 38.07 -37.37 76.66
CA VAL D 1077 37.42 -36.06 76.70
C VAL D 1077 38.06 -35.17 77.75
N GLU D 1078 38.32 -35.73 78.94
CA GLU D 1078 38.99 -34.96 79.99
C GLU D 1078 40.43 -34.64 79.62
N GLY D 1079 41.09 -35.51 78.86
CA GLY D 1079 42.46 -35.25 78.47
C GLY D 1079 43.45 -35.49 79.60
N GLY D 1080 44.50 -34.67 79.61
CA GLY D 1080 45.52 -34.77 80.62
C GLY D 1080 46.55 -35.84 80.30
N PRO D 1081 47.48 -36.07 81.23
CA PRO D 1081 48.48 -37.13 81.01
C PRO D 1081 47.90 -38.53 81.02
N GLY D 1082 46.74 -38.75 81.62
CA GLY D 1082 46.13 -40.05 81.70
C GLY D 1082 45.28 -40.45 80.52
N ALA D 1083 45.18 -39.60 79.50
CA ALA D 1083 44.34 -39.90 78.34
C ALA D 1083 44.99 -41.00 77.50
N PRO D 1084 44.31 -42.13 77.28
CA PRO D 1084 44.91 -43.25 76.54
C PRO D 1084 44.67 -43.16 75.03
N GLU D 1085 45.04 -42.02 74.45
CA GLU D 1085 44.85 -41.67 73.04
C GLU D 1085 43.37 -41.76 72.71
N PHE D 1086 43.05 -42.07 71.45
CA PHE D 1086 41.67 -42.11 70.99
C PHE D 1086 40.90 -43.23 71.71
N PRO D 1087 39.59 -43.05 71.93
CA PRO D 1087 38.78 -44.09 72.55
C PRO D 1087 38.73 -45.34 71.69
N PRO D 1088 38.36 -46.50 72.28
CA PRO D 1088 38.33 -47.73 71.48
C PRO D 1088 37.24 -47.74 70.42
N SER D 1089 37.14 -48.87 69.71
CA SER D 1089 36.24 -49.00 68.59
C SER D 1089 34.78 -48.87 69.05
N PRO D 1090 33.93 -48.20 68.25
CA PRO D 1090 32.59 -47.85 68.75
C PRO D 1090 31.64 -49.03 68.71
N LEU D 1091 31.87 -50.00 69.61
CA LEU D 1091 31.13 -51.25 69.77
C LEU D 1091 31.25 -52.16 68.56
N SER D 1092 32.08 -51.82 67.58
CA SER D 1092 32.38 -52.67 66.43
C SER D 1092 33.79 -53.19 66.59
N PRO D 1093 33.99 -54.43 67.06
CA PRO D 1093 35.35 -54.93 67.29
C PRO D 1093 36.11 -55.13 65.99
N GLU D 1094 37.36 -55.61 66.12
CA GLU D 1094 38.16 -55.91 64.94
C GLU D 1094 37.57 -57.07 64.15
N GLN D 1095 36.82 -57.96 64.78
CA GLN D 1095 36.17 -59.06 64.08
C GLN D 1095 34.93 -58.61 63.31
N THR D 1096 34.29 -57.52 63.73
CA THR D 1096 33.13 -56.99 63.02
C THR D 1096 33.52 -55.89 62.04
N ALA D 1097 34.69 -55.27 62.25
CA ALA D 1097 35.23 -54.32 61.29
C ALA D 1097 35.97 -55.03 60.17
N ALA D 1098 36.68 -56.12 60.46
CA ALA D 1098 37.23 -57.01 59.46
C ALA D 1098 36.15 -57.90 58.83
N MET D 1099 34.94 -57.91 59.41
CA MET D 1099 33.83 -58.65 58.80
C MET D 1099 33.39 -58.00 57.52
N SER D 1100 33.52 -56.68 57.42
CA SER D 1100 33.17 -55.95 56.21
C SER D 1100 34.10 -54.77 55.89
N PRO D 1101 35.45 -55.00 55.52
CA PRO D 1101 35.99 -54.09 54.47
C PRO D 1101 35.57 -54.46 53.09
N SER D 1102 36.24 -53.85 52.12
CA SER D 1102 36.01 -54.11 50.72
C SER D 1102 36.30 -55.56 50.30
N GLY D 1103 36.71 -56.41 51.25
CA GLY D 1103 36.93 -57.80 51.01
C GLY D 1103 35.74 -58.68 51.39
N PRO D 1104 35.81 -59.32 52.56
CA PRO D 1104 34.78 -60.30 52.94
C PRO D 1104 33.44 -59.64 53.23
N LEU D 1105 32.38 -60.44 53.04
CA LEU D 1105 30.97 -60.05 53.18
C LEU D 1105 30.65 -58.83 52.32
N TYR D 1106 30.66 -57.63 52.93
CA TYR D 1106 30.44 -56.34 52.27
C TYR D 1106 29.04 -56.25 51.65
N GLY D 1107 28.74 -55.13 51.01
CA GLY D 1107 27.51 -54.98 50.26
C GLY D 1107 26.29 -54.62 51.08
N ASN D 1108 26.33 -54.77 52.40
CA ASN D 1108 25.19 -54.36 53.22
C ASN D 1108 25.11 -52.85 53.34
N LEU D 1109 26.25 -52.16 53.25
CA LEU D 1109 26.23 -50.70 53.22
C LEU D 1109 25.77 -50.16 51.87
N ALA D 1110 25.73 -51.00 50.84
CA ALA D 1110 25.23 -50.59 49.53
C ALA D 1110 23.71 -50.55 49.49
N LEU D 1111 23.03 -51.20 50.42
CA LEU D 1111 21.58 -51.19 50.44
C LEU D 1111 21.06 -49.82 50.84
N ASN D 1112 19.83 -49.52 50.42
CA ASN D 1112 19.26 -48.22 50.72
C ASN D 1112 18.90 -48.12 52.20
N LEU D 1113 18.56 -46.90 52.61
CA LEU D 1113 18.41 -46.59 54.03
C LEU D 1113 17.30 -47.39 54.68
N ASP D 1114 16.27 -47.76 53.92
CA ASP D 1114 15.18 -48.54 54.48
C ASP D 1114 15.65 -49.91 54.98
N TRP D 1115 16.70 -50.47 54.37
CA TRP D 1115 17.26 -51.71 54.87
C TRP D 1115 17.96 -51.55 56.22
N TRP D 1116 18.34 -50.32 56.57
CA TRP D 1116 18.86 -50.01 57.90
C TRP D 1116 17.76 -49.64 58.88
N ARG D 1117 16.50 -49.78 58.47
CA ARG D 1117 15.36 -49.41 59.32
C ARG D 1117 15.25 -50.42 60.46
N ARG D 1118 15.72 -50.03 61.64
CA ARG D 1118 15.73 -50.91 62.80
C ARG D 1118 14.46 -50.87 63.62
N ARG D 1119 13.58 -49.89 63.39
CA ARG D 1119 12.31 -49.79 64.08
C ARG D 1119 11.19 -49.73 63.06
N GLN D 1120 10.20 -50.60 63.22
CA GLN D 1120 9.07 -50.65 62.30
C GLN D 1120 7.82 -51.07 63.06
N ASP D 1121 6.80 -50.21 63.06
CA ASP D 1121 5.53 -50.51 63.68
C ASP D 1121 4.42 -50.30 62.65
N ASN D 1122 3.55 -51.29 62.52
CA ASN D 1122 2.45 -51.20 61.56
C ASN D 1122 1.28 -50.37 62.07
N VAL D 1123 1.21 -50.11 63.37
CA VAL D 1123 0.15 -49.32 63.96
C VAL D 1123 0.76 -48.00 64.40
N ILE D 1124 0.56 -46.97 63.59
CA ILE D 1124 1.07 -45.64 63.89
C ILE D 1124 0.10 -44.96 64.85
N SER D 1125 0.63 -44.42 65.95
CA SER D 1125 -0.21 -43.83 66.97
C SER D 1125 -0.78 -42.49 66.50
N TRP D 1126 -1.75 -41.99 67.27
CA TRP D 1126 -2.34 -40.68 67.02
C TRP D 1126 -1.51 -39.54 67.55
N SER D 1127 -0.45 -39.82 68.31
CA SER D 1127 0.36 -38.79 68.95
C SER D 1127 1.82 -38.99 68.58
N ALA D 1128 2.54 -37.87 68.48
CA ALA D 1128 3.92 -37.89 68.01
C ALA D 1128 4.90 -38.39 69.07
N MET D 1129 4.55 -38.27 70.36
CA MET D 1129 5.44 -38.74 71.41
C MET D 1129 5.60 -40.26 71.39
N GLU D 1130 4.53 -40.98 71.04
CA GLU D 1130 4.64 -42.43 70.92
C GLU D 1130 5.54 -42.84 69.75
N ILE D 1131 5.48 -42.10 68.65
CA ILE D 1131 6.35 -42.39 67.51
C ILE D 1131 7.80 -42.05 67.84
N LEU D 1132 8.03 -40.92 68.50
CA LEU D 1132 9.39 -40.46 68.76
C LEU D 1132 10.06 -41.27 69.87
N MET D 1133 9.49 -41.23 71.08
CA MET D 1133 10.11 -41.86 72.23
C MET D 1133 9.73 -43.33 72.32
N SER D 1134 10.54 -44.07 73.09
CA SER D 1134 10.28 -45.48 73.34
C SER D 1134 9.20 -45.62 74.40
N ARG D 1135 8.78 -46.88 74.65
CA ARG D 1135 7.70 -47.15 75.59
C ARG D 1135 8.07 -46.73 77.01
N ARG D 1136 9.30 -47.04 77.44
CA ARG D 1136 9.76 -46.64 78.76
C ARG D 1136 9.86 -45.12 78.88
N GLN D 1137 10.31 -44.45 77.82
CA GLN D 1137 10.40 -43.00 77.83
C GLN D 1137 9.02 -42.35 77.91
N VAL D 1138 8.04 -42.89 77.18
CA VAL D 1138 6.69 -42.34 77.23
C VAL D 1138 6.07 -42.58 78.60
N ASP D 1139 6.33 -43.76 79.19
CA ASP D 1139 5.81 -44.05 80.52
C ASP D 1139 6.42 -43.14 81.58
N LEU D 1140 7.73 -42.86 81.49
CA LEU D 1140 8.37 -42.00 82.46
C LEU D 1140 7.95 -40.55 82.28
N TYR D 1141 7.94 -40.07 81.04
CA TYR D 1141 7.46 -38.75 80.67
C TYR D 1141 5.95 -38.80 80.53
N LYS D 1142 5.36 -37.83 79.80
CA LYS D 1142 3.97 -37.63 79.40
C LYS D 1142 3.12 -37.09 80.54
N GLN D 1143 3.64 -36.98 81.76
CA GLN D 1143 3.03 -36.10 82.73
C GLN D 1143 3.47 -34.66 82.52
N ASP D 1144 4.51 -34.43 81.71
CA ASP D 1144 4.91 -33.09 81.30
C ASP D 1144 4.18 -32.62 80.04
N ALA D 1145 3.41 -33.49 79.41
CA ALA D 1145 2.70 -33.11 78.19
C ALA D 1145 1.52 -32.20 78.52
N ASP D 1146 1.22 -31.29 77.58
CA ASP D 1146 0.13 -30.33 77.75
C ASP D 1146 -1.11 -30.89 77.06
N MET D 1147 -1.70 -31.91 77.68
CA MET D 1147 -2.88 -32.59 77.16
C MET D 1147 -3.87 -32.85 78.29
N THR D 1148 -5.13 -33.06 77.91
CA THR D 1148 -6.21 -33.14 78.90
C THR D 1148 -6.34 -34.52 79.52
N GLU D 1149 -6.77 -35.50 78.73
CA GLU D 1149 -6.89 -36.89 79.16
C GLU D 1149 -6.30 -37.84 78.15
N GLY D 1150 -5.55 -37.32 77.17
CA GLY D 1150 -4.77 -38.21 76.33
C GLY D 1150 -3.64 -38.84 77.09
N ALA D 1151 -3.17 -38.18 78.14
CA ALA D 1151 -2.01 -38.60 78.92
C ALA D 1151 -2.32 -39.74 79.89
N ILE D 1152 -3.41 -40.46 79.64
CA ILE D 1152 -3.70 -41.73 80.29
C ILE D 1152 -3.95 -42.76 79.20
N ALA D 1153 -4.22 -42.30 77.98
CA ALA D 1153 -4.44 -43.16 76.82
C ALA D 1153 -3.17 -43.37 76.01
N LYS D 1154 -2.01 -43.31 76.65
CA LYS D 1154 -0.74 -43.29 75.93
C LYS D 1154 0.32 -44.14 76.61
N LEU D 1155 0.37 -45.41 76.23
CA LEU D 1155 1.42 -46.37 76.53
C LEU D 1155 1.51 -46.73 78.01
N GLY D 1156 1.74 -48.01 78.30
CA GLY D 1156 1.71 -48.47 79.67
C GLY D 1156 0.32 -48.35 80.27
N THR D 1157 -0.65 -48.92 79.57
CA THR D 1157 -2.05 -48.79 79.95
C THR D 1157 -2.31 -49.50 81.27
N PRO D 1158 -2.87 -48.82 82.29
CA PRO D 1158 -3.16 -49.42 83.59
C PRO D 1158 -4.40 -50.31 83.56
N GLY E 265 -1.34 -55.71 -13.75
CA GLY E 265 -1.51 -55.87 -15.18
C GLY E 265 -1.09 -57.24 -15.69
N THR E 266 -1.23 -57.45 -17.00
CA THR E 266 -0.85 -58.72 -17.60
C THR E 266 0.66 -58.90 -17.60
N TYR E 267 1.42 -57.84 -17.87
CA TYR E 267 2.87 -57.90 -17.85
C TYR E 267 3.45 -57.23 -16.61
N TYR E 268 2.69 -57.13 -15.53
CA TYR E 268 3.17 -56.51 -14.30
C TYR E 268 4.33 -57.32 -13.71
N PHE E 269 4.13 -58.62 -13.54
CA PHE E 269 5.15 -59.46 -12.93
C PHE E 269 6.31 -59.71 -13.88
N LEU E 270 6.04 -59.84 -15.18
CA LEU E 270 7.12 -60.00 -16.14
C LEU E 270 7.99 -58.75 -16.23
N GLN E 271 7.36 -57.58 -16.21
CA GLN E 271 8.10 -56.32 -16.23
C GLN E 271 8.91 -56.15 -14.95
N LYS E 272 8.33 -56.53 -13.81
CA LYS E 272 9.08 -56.53 -12.56
C LYS E 272 10.27 -57.50 -12.64
N LEU E 273 10.06 -58.69 -13.21
CA LEU E 273 11.16 -59.64 -13.29
C LEU E 273 12.29 -59.13 -14.17
N LEU E 274 11.97 -58.57 -15.34
CA LEU E 274 13.03 -58.12 -16.23
C LEU E 274 13.61 -56.77 -15.84
N SER E 275 12.92 -55.99 -15.00
CA SER E 275 13.52 -54.76 -14.51
C SER E 275 14.36 -55.01 -13.28
N LYS E 276 14.11 -56.11 -12.57
CA LYS E 276 14.99 -56.54 -11.49
C LYS E 276 16.00 -57.58 -11.97
N TYR E 277 16.04 -57.83 -13.28
CA TYR E 277 17.02 -58.70 -13.94
C TYR E 277 16.98 -60.12 -13.38
N LEU E 278 15.81 -60.76 -13.54
CA LEU E 278 15.58 -62.16 -13.15
C LEU E 278 15.92 -62.46 -11.70
N ASN E 317 19.64 -14.99 -14.65
CA ASN E 317 19.68 -16.22 -13.86
C ASN E 317 18.50 -16.30 -12.91
N SER E 318 18.61 -15.63 -11.77
CA SER E 318 17.56 -15.62 -10.75
C SER E 318 16.50 -14.56 -11.01
N LEU E 319 16.64 -13.78 -12.08
CA LEU E 319 15.65 -12.77 -12.44
C LEU E 319 14.85 -13.24 -13.64
N TYR E 320 13.69 -12.63 -13.83
CA TYR E 320 12.81 -12.95 -14.94
C TYR E 320 13.19 -12.13 -16.17
N PHE E 321 12.74 -12.60 -17.33
CA PHE E 321 12.98 -11.91 -18.60
C PHE E 321 11.89 -10.87 -18.82
N VAL E 322 11.93 -9.83 -17.99
CA VAL E 322 10.91 -8.79 -17.97
C VAL E 322 11.58 -7.43 -18.06
N PHE E 323 10.81 -6.44 -18.53
CA PHE E 323 11.34 -5.10 -18.68
C PHE E 323 11.42 -4.40 -17.32
N THR E 324 12.02 -3.22 -17.34
CA THR E 324 12.06 -2.33 -16.19
C THR E 324 11.28 -1.06 -16.54
N GLN E 325 10.60 -0.50 -15.55
CA GLN E 325 9.80 0.70 -15.79
C GLN E 325 10.71 1.89 -16.06
N LEU E 326 10.33 2.71 -17.04
CA LEU E 326 11.09 3.89 -17.41
C LEU E 326 10.50 5.17 -16.85
N ASN E 327 9.33 5.10 -16.22
CA ASN E 327 8.70 6.27 -15.62
C ASN E 327 9.08 6.46 -14.16
N GLN E 328 9.97 5.62 -13.62
CA GLN E 328 10.42 5.79 -12.24
C GLN E 328 11.33 6.99 -12.06
N LYS E 329 11.90 7.51 -13.14
CA LYS E 329 12.80 8.65 -13.08
C LYS E 329 12.31 9.85 -13.86
N THR E 330 11.75 9.65 -15.06
CA THR E 330 11.34 10.74 -15.91
C THR E 330 9.98 10.44 -16.55
N PHE E 331 9.29 11.50 -16.93
CA PHE E 331 8.11 11.42 -17.79
C PHE E 331 8.46 11.56 -19.26
N LEU E 332 9.73 11.82 -19.58
CA LEU E 332 10.14 12.17 -20.94
C LEU E 332 9.93 11.05 -21.95
N SER E 333 9.91 9.80 -21.49
CA SER E 333 9.62 8.68 -22.38
C SER E 333 8.17 8.70 -22.88
N TYR E 334 7.29 9.43 -22.20
CA TYR E 334 5.91 9.58 -22.65
C TYR E 334 5.77 10.53 -23.83
N TRP E 335 6.82 11.25 -24.19
CA TRP E 335 6.77 12.14 -25.35
C TRP E 335 6.82 11.39 -26.67
N LEU E 336 7.31 10.14 -26.68
CA LEU E 336 7.43 9.41 -27.93
C LEU E 336 6.08 8.92 -28.43
N LEU E 337 5.16 8.60 -27.52
CA LEU E 337 3.84 8.08 -27.91
C LEU E 337 3.03 9.04 -28.77
N PRO E 338 2.78 10.31 -28.41
CA PRO E 338 1.96 11.14 -29.30
C PRO E 338 2.69 11.54 -30.57
N VAL E 339 4.01 11.75 -30.50
CA VAL E 339 4.78 12.10 -31.68
C VAL E 339 4.77 10.96 -32.69
N ALA E 340 4.93 9.71 -32.24
CA ALA E 340 4.87 8.58 -33.15
C ALA E 340 3.45 8.31 -33.63
N GLY E 341 2.44 8.54 -32.78
CA GLY E 341 1.07 8.38 -33.23
C GLY E 341 0.68 9.38 -34.31
N LEU E 342 1.13 10.62 -34.17
CA LEU E 342 0.86 11.63 -35.20
C LEU E 342 1.77 11.46 -36.42
N ALA E 343 2.97 10.90 -36.24
CA ALA E 343 3.84 10.62 -37.37
C ALA E 343 3.35 9.45 -38.19
N LEU E 344 2.65 8.50 -37.55
CA LEU E 344 1.95 7.47 -38.32
C LEU E 344 0.80 8.06 -39.11
N LEU E 345 0.15 9.09 -38.57
CA LEU E 345 -0.98 9.74 -39.23
C LEU E 345 -0.57 10.91 -40.10
N THR E 346 0.72 11.27 -40.12
CA THR E 346 1.13 12.45 -40.88
C THR E 346 0.94 12.32 -42.40
N PRO E 347 1.36 11.22 -43.07
CA PRO E 347 1.09 11.14 -44.52
C PRO E 347 -0.39 11.11 -44.88
N THR E 348 -1.21 10.53 -44.01
CA THR E 348 -2.66 10.60 -44.12
C THR E 348 -3.20 12.02 -43.99
N LEU E 349 -2.77 12.73 -42.95
CA LEU E 349 -3.31 14.04 -42.65
C LEU E 349 -2.86 15.09 -43.65
N LEU E 350 -1.64 14.95 -44.19
CA LEU E 350 -1.09 15.93 -45.12
C LEU E 350 -1.65 15.68 -46.52
N THR E 351 -2.92 16.03 -46.68
CA THR E 351 -3.63 15.87 -47.94
C THR E 351 -4.72 16.90 -48.07
N ASN E 447 31.49 -3.62 -67.13
CA ASN E 447 32.23 -4.06 -68.31
C ASN E 447 31.47 -3.76 -69.58
N ASP E 448 32.10 -3.03 -70.50
CA ASP E 448 31.49 -2.70 -71.78
C ASP E 448 31.62 -3.82 -72.81
N LEU E 449 32.40 -4.87 -72.52
CA LEU E 449 32.55 -5.96 -73.47
C LEU E 449 31.28 -6.79 -73.58
N ILE E 450 30.46 -6.83 -72.53
CA ILE E 450 29.17 -7.51 -72.60
C ILE E 450 28.23 -6.76 -73.54
N SER E 451 28.22 -5.43 -73.45
CA SER E 451 27.46 -4.62 -74.41
C SER E 451 28.04 -4.75 -75.81
N ILE E 452 29.36 -4.96 -75.92
CA ILE E 452 29.97 -5.24 -77.22
C ILE E 452 29.44 -6.53 -77.82
N LYS E 453 29.35 -7.58 -77.00
CA LYS E 453 28.81 -8.86 -77.47
C LYS E 453 27.35 -8.72 -77.88
N TYR E 454 26.56 -7.97 -77.11
CA TYR E 454 25.16 -7.74 -77.47
C TYR E 454 25.03 -6.95 -78.77
N CYS E 455 25.89 -5.93 -78.95
CA CYS E 455 25.88 -5.14 -80.18
C CYS E 455 26.27 -5.98 -81.39
N PHE E 456 27.26 -6.87 -81.21
CA PHE E 456 27.64 -7.76 -82.30
C PHE E 456 26.53 -8.76 -82.64
N ASN E 457 25.81 -9.23 -81.62
CA ASN E 457 24.64 -10.06 -81.86
C ASN E 457 23.60 -9.33 -82.70
N ASN E 458 23.30 -8.08 -82.33
CA ASN E 458 22.32 -7.29 -83.07
C ASN E 458 22.79 -7.01 -84.50
N LEU E 459 24.07 -6.71 -84.67
CA LEU E 459 24.62 -6.41 -85.99
C LEU E 459 24.59 -7.62 -86.90
N TYR E 460 24.99 -8.79 -86.38
CA TYR E 460 24.95 -10.00 -87.20
C TYR E 460 23.52 -10.40 -87.53
N ASN E 461 22.60 -10.25 -86.58
CA ASN E 461 21.20 -10.57 -86.86
C ASN E 461 20.63 -9.63 -87.92
N TYR E 462 20.98 -8.34 -87.85
CA TYR E 462 20.53 -7.38 -88.86
C TYR E 462 21.06 -7.72 -90.24
N ILE E 463 22.35 -8.08 -90.33
CA ILE E 463 22.94 -8.41 -91.63
C ILE E 463 22.33 -9.70 -92.18
N SER E 464 22.16 -10.72 -91.32
CA SER E 464 21.59 -11.98 -91.78
C SER E 464 20.13 -11.83 -92.20
N ASN E 465 19.35 -11.02 -91.47
CA ASN E 465 17.96 -10.78 -91.84
C ASN E 465 17.88 -10.02 -93.16
N LYS E 466 18.77 -9.03 -93.37
CA LYS E 466 18.81 -8.32 -94.64
C LYS E 466 19.14 -9.25 -95.78
N THR E 467 20.11 -10.15 -95.58
CA THR E 467 20.50 -11.09 -96.63
C THR E 467 19.38 -12.07 -96.95
N ALA E 468 18.75 -12.65 -95.92
CA ALA E 468 17.67 -13.60 -96.14
C ALA E 468 16.47 -12.95 -96.81
N LEU E 469 16.12 -11.73 -96.40
CA LEU E 469 15.04 -11.01 -97.05
C LEU E 469 15.39 -10.64 -98.49
N SER E 470 16.68 -10.36 -98.75
CA SER E 470 17.09 -10.05 -100.12
C SER E 470 16.94 -11.26 -101.03
N THR E 471 17.38 -12.44 -100.57
CA THR E 471 17.22 -13.64 -101.39
C THR E 471 15.76 -14.04 -101.54
N LYS E 472 14.94 -13.83 -100.51
CA LYS E 472 13.54 -14.19 -100.64
C LYS E 472 12.77 -13.19 -101.52
N ASN E 473 13.21 -11.92 -101.55
CA ASN E 473 12.58 -10.95 -102.42
C ASN E 473 13.01 -11.13 -103.87
N LEU E 474 14.27 -11.48 -104.09
CA LEU E 474 14.80 -11.65 -105.44
C LEU E 474 14.75 -13.11 -105.87
N LEU E 538 26.80 4.79 -69.70
CA LEU E 538 26.70 4.12 -71.00
C LEU E 538 27.81 4.61 -71.93
N PRO E 539 28.62 3.69 -72.44
CA PRO E 539 29.80 4.07 -73.20
C PRO E 539 29.45 4.36 -74.66
N TYR E 540 30.47 4.80 -75.41
CA TYR E 540 30.43 5.03 -76.86
C TYR E 540 29.40 6.08 -77.27
N LEU E 541 29.05 6.99 -76.36
CA LEU E 541 28.07 8.03 -76.64
C LEU E 541 28.71 9.42 -76.71
N LYS E 542 30.02 9.49 -76.86
CA LYS E 542 30.74 10.76 -76.89
C LYS E 542 31.21 11.06 -78.30
N ALA E 543 31.14 12.33 -78.68
CA ALA E 543 31.62 12.80 -79.97
C ALA E 543 32.51 14.01 -79.73
N ILE E 544 33.72 13.96 -80.25
CA ILE E 544 34.66 15.07 -80.15
C ILE E 544 35.09 15.49 -81.55
N SER E 545 35.67 16.68 -81.61
CA SER E 545 36.23 17.21 -82.86
C SER E 545 37.55 17.92 -82.56
N PRO E 546 38.67 17.20 -82.57
CA PRO E 546 39.96 17.87 -82.37
C PRO E 546 40.38 18.72 -83.57
N LEU E 547 40.20 18.20 -84.77
CA LEU E 547 40.36 18.96 -86.00
C LEU E 547 38.99 19.20 -86.62
N TYR E 548 38.99 19.82 -87.79
CA TYR E 548 37.76 19.99 -88.53
C TYR E 548 37.56 18.81 -89.46
N SER E 549 36.31 18.32 -89.52
CA SER E 549 36.03 17.08 -90.23
C SER E 549 36.27 17.21 -91.73
N LYS E 550 35.96 18.38 -92.30
CA LYS E 550 36.24 18.62 -93.71
C LYS E 550 37.74 18.56 -94.00
N PHE E 551 38.54 19.16 -93.12
CA PHE E 551 39.99 19.13 -93.31
C PHE E 551 40.54 17.71 -93.15
N MET E 552 39.99 16.95 -92.19
CA MET E 552 40.48 15.59 -92.01
C MET E 552 40.12 14.69 -93.19
N ILE E 553 38.91 14.85 -93.74
CA ILE E 553 38.52 14.09 -94.92
C ILE E 553 39.38 14.48 -96.11
N ASP E 554 39.65 15.77 -96.28
CA ASP E 554 40.50 16.21 -97.39
C ASP E 554 41.94 15.74 -97.22
N HIS E 555 42.44 15.69 -95.98
CA HIS E 555 43.82 15.26 -95.76
C HIS E 555 43.96 13.75 -95.94
N SER E 556 42.96 12.98 -95.52
CA SER E 556 43.02 11.53 -95.63
C SER E 556 42.53 10.99 -96.96
N LEU E 557 41.89 11.83 -97.79
CA LEU E 557 41.45 11.41 -99.11
C LEU E 557 42.53 11.59 -100.17
N LYS E 558 43.70 12.09 -99.79
CA LYS E 558 44.85 12.08 -100.68
C LYS E 558 45.52 10.71 -100.76
N PHE E 559 45.00 9.73 -100.03
CA PHE E 559 45.52 8.37 -100.07
C PHE E 559 44.47 7.35 -100.49
N ILE E 560 43.20 7.73 -100.58
CA ILE E 560 42.10 6.81 -100.81
C ILE E 560 41.59 6.99 -102.23
N THR E 561 41.52 5.89 -102.98
CA THR E 561 40.84 5.89 -104.27
C THR E 561 39.50 5.17 -104.13
N PRO E 562 38.42 5.92 -103.91
CA PRO E 562 37.11 5.29 -103.63
C PRO E 562 36.40 4.93 -104.93
N LYS E 563 36.10 3.65 -105.10
CA LYS E 563 35.28 3.23 -106.23
C LYS E 563 33.80 3.52 -106.02
N THR E 564 33.39 3.77 -104.78
CA THR E 564 32.03 4.19 -104.48
C THR E 564 32.03 4.97 -103.17
N THR E 565 31.16 5.97 -103.10
CA THR E 565 31.01 6.75 -101.87
C THR E 565 30.03 6.02 -100.95
N LEU E 566 30.44 5.75 -99.72
CA LEU E 566 29.63 4.97 -98.81
C LEU E 566 28.61 5.86 -98.12
N LYS E 567 27.95 5.32 -97.08
CA LYS E 567 26.75 5.96 -96.53
C LYS E 567 27.10 7.24 -95.77
N LEU E 568 28.11 7.19 -94.89
CA LEU E 568 28.40 8.34 -94.05
C LEU E 568 29.03 9.47 -94.86
N LEU E 569 29.95 9.15 -95.76
CA LEU E 569 30.53 10.17 -96.62
C LEU E 569 29.50 10.73 -97.61
N GLN E 570 28.55 9.89 -98.04
CA GLN E 570 27.46 10.38 -98.88
C GLN E 570 26.56 11.33 -98.11
N HIS E 571 26.32 11.05 -96.83
CA HIS E 571 25.54 11.97 -95.99
C HIS E 571 26.27 13.30 -95.82
N LYS E 572 27.60 13.24 -95.60
CA LYS E 572 28.39 14.47 -95.50
C LYS E 572 28.37 15.25 -96.80
N LEU E 573 28.39 14.55 -97.93
CA LEU E 573 28.29 15.21 -99.24
C LEU E 573 26.93 15.86 -99.43
N ASN E 574 25.86 15.17 -99.02
CA ASN E 574 24.51 15.71 -99.19
C ASN E 574 24.28 16.93 -98.30
N LYS E 575 24.83 16.93 -97.09
CA LYS E 575 24.76 18.11 -96.24
C LYS E 575 25.84 19.12 -96.60
N ASN E 615 12.87 32.26 -92.86
CA ASN E 615 14.12 31.79 -93.46
C ASN E 615 15.23 31.81 -92.44
N SER E 616 16.48 31.74 -92.89
CA SER E 616 17.64 31.67 -92.00
C SER E 616 18.73 32.68 -92.31
N ARG E 617 18.68 33.34 -93.46
CA ARG E 617 19.66 34.36 -93.85
C ARG E 617 19.68 35.56 -92.88
N PRO E 618 18.52 36.19 -92.50
CA PRO E 618 18.62 37.29 -91.53
C PRO E 618 18.90 36.83 -90.11
N LEU E 619 18.43 35.63 -89.75
CA LEU E 619 18.61 35.10 -88.40
C LEU E 619 20.08 35.05 -87.97
N ASN E 620 20.92 34.42 -88.78
CA ASN E 620 22.36 34.34 -88.48
C ASN E 620 23.08 35.55 -89.06
N HIS E 621 22.65 36.73 -88.60
CA HIS E 621 23.27 37.98 -89.02
C HIS E 621 23.58 38.94 -87.89
N TYR E 622 23.46 38.55 -86.62
CA TYR E 622 24.12 39.29 -85.55
C TYR E 622 25.60 39.45 -85.87
N ASN E 623 26.16 40.57 -85.42
CA ASN E 623 27.60 40.82 -85.47
C ASN E 623 28.34 39.66 -84.80
N GLN E 624 27.73 39.14 -83.74
CA GLN E 624 28.17 37.92 -83.08
C GLN E 624 28.22 36.74 -84.05
N ALA E 625 27.16 36.55 -84.85
CA ALA E 625 27.12 35.41 -85.76
C ALA E 625 28.01 35.60 -86.97
N LEU E 626 28.39 36.84 -87.28
CA LEU E 626 29.35 37.11 -88.34
C LEU E 626 30.76 37.27 -87.81
N LYS E 627 30.96 37.10 -86.51
CA LYS E 627 32.29 36.97 -85.91
C LYS E 627 32.64 35.55 -85.50
N LEU E 628 31.65 34.77 -85.04
CA LEU E 628 31.91 33.38 -84.68
C LEU E 628 32.35 32.55 -85.89
N ILE E 629 31.75 32.82 -87.06
CA ILE E 629 32.21 32.12 -88.27
C ILE E 629 33.60 32.59 -88.67
N ASN E 630 33.95 33.84 -88.34
CA ASN E 630 35.31 34.30 -88.61
C ASN E 630 36.30 33.61 -87.68
N GLY E 631 35.91 33.39 -86.43
CA GLY E 631 36.73 32.62 -85.52
C GLY E 631 36.87 31.18 -85.97
N TYR E 632 35.81 30.63 -86.56
CA TYR E 632 35.90 29.31 -87.18
C TYR E 632 36.92 29.30 -88.31
N GLU E 633 36.91 30.33 -89.16
CA GLU E 633 37.85 30.38 -90.27
C GLU E 633 39.28 30.66 -89.81
N GLN E 634 39.45 31.40 -88.72
CA GLN E 634 40.79 31.58 -88.16
C GLN E 634 41.30 30.29 -87.54
N TYR E 635 40.41 29.52 -86.91
CA TYR E 635 40.74 28.16 -86.48
C TYR E 635 41.13 27.30 -87.68
N LYS E 636 40.42 27.47 -88.80
CA LYS E 636 40.73 26.74 -90.02
C LYS E 636 42.13 27.03 -90.52
N ASN E 637 42.48 28.32 -90.60
CA ASN E 637 43.80 28.69 -91.07
C ASN E 637 44.89 28.31 -90.08
N ASN E 638 44.60 28.34 -88.78
CA ASN E 638 45.57 27.88 -87.79
C ASN E 638 45.85 26.39 -87.93
N LEU E 639 44.81 25.58 -88.13
CA LEU E 639 45.01 24.15 -88.34
C LEU E 639 45.76 23.88 -89.64
N GLN E 640 45.44 24.62 -90.71
CA GLN E 640 46.13 24.44 -91.98
C GLN E 640 47.61 24.83 -91.88
N ILE E 641 47.91 25.95 -91.22
CA ILE E 641 49.28 26.39 -91.10
C ILE E 641 50.06 25.57 -90.08
N ASN E 642 49.38 24.88 -89.17
CA ASN E 642 50.08 23.93 -88.31
C ASN E 642 50.37 22.63 -89.06
N CYS E 643 49.46 22.21 -89.94
CA CYS E 643 49.74 21.07 -90.80
C CYS E 643 50.88 21.36 -91.77
N ASN E 644 50.93 22.58 -92.30
CA ASN E 644 51.98 22.99 -93.23
C ASN E 644 53.29 23.22 -92.49
N ILE E 737 52.97 25.80 -76.20
CA ILE E 737 51.74 26.32 -75.64
C ILE E 737 51.21 27.48 -76.48
N THR E 738 50.08 27.26 -77.14
CA THR E 738 49.34 28.32 -77.82
C THR E 738 47.88 28.17 -77.45
N LYS E 739 47.31 29.21 -76.85
CA LYS E 739 45.90 29.17 -76.46
C LYS E 739 45.02 29.18 -77.71
N LEU E 740 44.20 28.15 -77.86
CA LEU E 740 43.33 28.05 -79.03
C LEU E 740 42.25 29.12 -78.98
N LYS E 741 41.85 29.56 -80.18
CA LYS E 741 40.83 30.62 -80.27
C LYS E 741 39.48 30.13 -79.78
N LEU E 742 39.21 28.83 -79.87
CA LEU E 742 37.98 28.25 -79.39
C LEU E 742 38.27 26.96 -78.65
N ASN E 743 37.40 26.62 -77.71
CA ASN E 743 37.56 25.40 -76.93
C ASN E 743 37.34 24.18 -77.81
N LEU E 744 38.12 23.14 -77.56
CA LEU E 744 37.93 21.87 -78.26
C LEU E 744 36.62 21.24 -77.82
N THR E 745 35.88 20.68 -78.77
CA THR E 745 34.49 20.33 -78.57
C THR E 745 34.38 18.83 -78.27
N LYS E 746 33.81 18.52 -77.10
CA LYS E 746 33.62 17.15 -76.60
C LYS E 746 32.23 17.07 -75.99
N THR E 747 31.31 16.37 -76.67
CA THR E 747 29.90 16.35 -76.30
C THR E 747 29.41 14.94 -76.11
N THR E 748 28.23 14.83 -75.51
CA THR E 748 27.52 13.58 -75.31
C THR E 748 26.20 13.62 -76.08
N VAL E 749 25.78 12.46 -76.56
CA VAL E 749 24.54 12.30 -77.31
C VAL E 749 23.63 11.38 -76.48
N PRO E 750 22.33 11.66 -76.37
CA PRO E 750 21.45 10.77 -75.60
C PRO E 750 21.36 9.38 -76.22
N PHE E 751 21.23 8.38 -75.35
CA PHE E 751 21.20 6.99 -75.81
C PHE E 751 19.85 6.62 -76.40
N LYS E 752 18.76 7.12 -75.81
CA LYS E 752 17.42 6.79 -76.27
C LYS E 752 16.82 8.00 -76.97
N THR E 753 16.47 7.84 -78.24
CA THR E 753 15.85 8.91 -79.02
C THR E 753 14.65 8.38 -79.77
N LEU E 754 14.06 9.20 -80.64
CA LEU E 754 12.92 8.81 -81.45
C LEU E 754 13.24 9.06 -82.91
N ILE E 755 12.57 8.31 -83.79
CA ILE E 755 12.81 8.45 -85.22
C ILE E 755 12.27 9.79 -85.72
N LYS E 756 12.72 10.18 -86.90
CA LYS E 756 12.31 11.45 -87.51
C LYS E 756 10.88 11.38 -88.02
N LEU E 785 -19.66 29.29 -59.80
CA LEU E 785 -20.76 28.46 -59.36
C LEU E 785 -21.23 28.87 -57.97
N SER E 786 -21.12 27.94 -57.02
CA SER E 786 -21.44 28.15 -55.60
C SER E 786 -22.89 28.57 -55.41
N VAL E 787 -23.80 27.67 -55.78
CA VAL E 787 -25.22 27.96 -55.79
C VAL E 787 -25.83 27.59 -54.45
N VAL E 788 -26.65 28.48 -53.91
CA VAL E 788 -27.42 28.22 -52.72
C VAL E 788 -28.85 27.91 -53.13
N SER E 789 -29.62 27.34 -52.19
CA SER E 789 -31.03 27.07 -52.47
C SER E 789 -31.87 28.33 -52.40
N ASN E 790 -31.54 29.22 -51.47
CA ASN E 790 -32.29 30.46 -51.29
C ASN E 790 -31.31 31.55 -50.90
N ALA E 791 -31.34 32.68 -51.60
CA ALA E 791 -30.47 33.79 -51.29
C ALA E 791 -30.89 34.43 -49.97
N ASN E 792 -29.91 34.90 -49.21
CA ASN E 792 -30.18 35.59 -47.95
C ASN E 792 -30.49 37.06 -48.27
N LEU E 793 -31.75 37.44 -48.08
CA LEU E 793 -32.18 38.81 -48.33
C LEU E 793 -32.06 39.70 -47.09
N LEU E 794 -31.46 39.17 -46.01
CA LEU E 794 -31.21 39.91 -44.76
C LEU E 794 -32.51 40.46 -44.17
N THR E 795 -33.56 39.66 -44.23
CA THR E 795 -34.88 40.09 -43.76
C THR E 795 -34.94 40.19 -42.25
N LYS E 808 -32.03 53.04 -35.52
CA LYS E 808 -30.75 52.59 -36.04
C LYS E 808 -30.84 52.31 -37.54
N ARG E 809 -31.99 51.82 -37.98
CA ARG E 809 -32.23 51.58 -39.40
C ARG E 809 -32.73 52.83 -40.13
N LEU E 810 -33.06 53.89 -39.38
CA LEU E 810 -33.46 55.14 -40.00
C LEU E 810 -32.30 55.81 -40.71
N ASN E 811 -31.09 55.65 -40.17
CA ASN E 811 -29.90 56.31 -40.70
C ASN E 811 -29.60 55.87 -42.13
N SER E 812 -29.81 54.59 -42.44
CA SER E 812 -29.58 54.12 -43.80
C SER E 812 -30.55 54.75 -44.79
N TYR E 813 -31.82 54.92 -44.38
CA TYR E 813 -32.79 55.62 -45.21
C TYR E 813 -32.40 57.08 -45.38
N LEU E 814 -31.89 57.70 -44.32
CA LEU E 814 -31.43 59.09 -44.40
C LEU E 814 -30.26 59.23 -45.37
N ILE E 815 -29.32 58.28 -45.34
CA ILE E 815 -28.17 58.34 -46.24
C ILE E 815 -28.61 58.13 -47.69
N TYR E 816 -29.55 57.21 -47.92
CA TYR E 816 -30.14 57.02 -49.24
C TYR E 816 -30.76 58.32 -49.76
N VAL E 817 -31.57 58.97 -48.91
CA VAL E 817 -32.27 60.20 -49.29
C VAL E 817 -31.27 61.31 -49.58
N ASN E 818 -30.30 61.53 -48.69
CA ASN E 818 -29.33 62.60 -48.87
C ASN E 818 -28.45 62.38 -50.09
N GLN E 819 -28.00 61.14 -50.31
CA GLN E 819 -27.14 60.86 -51.45
C GLN E 819 -27.88 61.08 -52.77
N ASN E 820 -29.12 60.62 -52.86
CA ASN E 820 -29.87 60.83 -54.10
C ASN E 820 -30.29 62.28 -54.27
N LEU E 821 -30.53 62.98 -53.15
CA LEU E 821 -30.79 64.42 -53.20
C LEU E 821 -29.59 65.18 -53.72
N LYS E 822 -28.39 64.80 -53.27
CA LYS E 822 -27.15 65.37 -53.78
C LYS E 822 -26.99 65.11 -55.27
N LYS E 823 -27.30 63.88 -55.70
CA LYS E 823 -27.26 63.55 -57.12
C LYS E 823 -28.20 64.42 -57.93
N PHE E 824 -29.39 64.72 -57.39
CA PHE E 824 -30.30 65.63 -58.06
C PHE E 824 -29.77 67.06 -58.09
N ILE E 825 -29.30 67.55 -56.94
CA ILE E 825 -28.80 68.92 -56.75
C ILE E 825 -27.67 69.21 -57.73
N GLN E 826 -26.76 68.24 -57.90
CA GLN E 826 -25.67 68.44 -58.85
C GLN E 826 -26.17 68.40 -60.29
N LEU E 827 -27.05 67.45 -60.61
CA LEU E 827 -27.64 67.31 -61.95
C LEU E 827 -28.26 68.60 -62.47
N ASN E 828 -29.18 69.20 -61.70
CA ASN E 828 -29.75 70.47 -62.14
C ASN E 828 -28.90 71.66 -61.69
N ASN E 829 -27.58 71.56 -61.88
CA ASN E 829 -26.58 72.58 -61.55
C ASN E 829 -26.77 73.25 -60.18
N THR E 879 -4.82 83.46 -50.42
CA THR E 879 -5.62 83.00 -51.55
C THR E 879 -5.07 81.70 -52.12
N SER E 880 -5.59 80.59 -51.60
CA SER E 880 -5.24 79.22 -51.99
C SER E 880 -3.78 78.87 -51.75
N LEU E 881 -3.41 77.61 -52.01
CA LEU E 881 -2.06 77.12 -51.78
C LEU E 881 -1.41 76.84 -53.13
N ARG E 882 -0.25 77.46 -53.36
CA ARG E 882 0.50 77.28 -54.60
C ARG E 882 1.97 77.54 -54.32
N GLY E 883 2.82 77.08 -55.22
CA GLY E 883 4.23 77.34 -55.10
C GLY E 883 4.59 78.74 -55.55
N SER E 884 5.85 79.11 -55.30
CA SER E 884 6.39 80.37 -55.77
C SER E 884 7.85 80.19 -56.15
N LYS E 885 8.29 80.96 -57.13
CA LYS E 885 9.71 81.04 -57.44
C LYS E 885 10.48 81.80 -56.38
N GLN E 886 9.80 82.62 -55.59
CA GLN E 886 10.43 83.35 -54.49
C GLN E 886 10.71 82.46 -53.29
N PHE E 887 10.10 81.27 -53.23
CA PHE E 887 10.34 80.37 -52.12
C PHE E 887 11.75 79.78 -52.19
N LEU E 888 12.28 79.60 -53.39
CA LEU E 888 13.63 79.08 -53.65
C LEU E 888 13.83 77.71 -53.01
N ASN E 889 13.05 76.75 -53.50
CA ASN E 889 13.02 75.41 -52.94
C ASN E 889 14.27 74.59 -53.23
N SER E 890 15.14 75.05 -54.12
CA SER E 890 16.28 74.27 -54.57
C SER E 890 17.48 74.52 -53.67
N LEU E 891 18.01 73.42 -53.09
CA LEU E 891 19.23 73.51 -52.29
C LEU E 891 20.43 73.92 -53.14
N THR E 892 20.42 73.56 -54.42
CA THR E 892 21.49 73.99 -55.32
C THR E 892 21.48 75.51 -55.49
N ILE E 893 20.30 76.11 -55.60
CA ILE E 893 20.19 77.57 -55.63
C ILE E 893 20.66 78.16 -54.31
N LEU E 894 20.16 77.62 -53.20
CA LEU E 894 20.48 78.15 -51.88
C LEU E 894 21.94 77.96 -51.50
N PHE E 895 22.66 77.07 -52.16
CA PHE E 895 24.08 76.85 -51.87
C PHE E 895 25.02 77.52 -52.86
N LYS E 896 24.68 77.54 -54.16
CA LYS E 896 25.48 78.30 -55.11
C LYS E 896 25.29 79.80 -54.94
N HIS E 897 24.23 80.22 -54.24
CA HIS E 897 24.04 81.64 -53.98
C HIS E 897 24.59 82.09 -52.64
N GLN E 898 24.70 81.21 -51.66
CA GLN E 898 24.93 81.66 -50.29
C GLN E 898 26.14 81.00 -49.63
N LYS E 899 26.44 79.75 -49.95
CA LYS E 899 27.46 79.03 -49.20
C LYS E 899 28.62 78.52 -50.04
N MET E 900 28.36 77.96 -51.21
CA MET E 900 29.39 77.33 -52.03
C MET E 900 29.74 78.22 -53.22
N PHE E 901 31.01 78.61 -53.30
CA PHE E 901 31.52 79.48 -54.37
C PHE E 901 32.83 78.89 -54.88
N LYS E 902 32.74 78.07 -55.92
CA LYS E 902 33.89 77.45 -56.55
C LYS E 902 33.88 77.77 -58.04
N LYS E 903 34.91 77.31 -58.74
CA LYS E 903 35.04 77.56 -60.17
C LYS E 903 35.18 76.23 -60.89
N LYS E 904 34.39 76.05 -61.95
CA LYS E 904 34.34 74.81 -62.72
C LYS E 904 34.92 75.05 -64.10
N THR E 905 35.86 74.20 -64.51
CA THR E 905 36.52 74.29 -65.81
C THR E 905 36.25 73.01 -66.60
N LEU E 906 35.24 73.05 -67.46
CA LEU E 906 34.93 71.95 -68.37
C LEU E 906 34.01 72.49 -69.46
N LYS E 907 33.71 71.62 -70.44
CA LYS E 907 32.75 71.91 -71.49
C LYS E 907 31.56 70.96 -71.36
N ALA E 908 30.36 71.48 -71.62
CA ALA E 908 29.15 70.69 -71.48
C ALA E 908 29.04 69.67 -72.60
N HIS E 909 28.51 68.50 -72.27
CA HIS E 909 28.28 67.43 -73.24
C HIS E 909 26.83 67.04 -73.37
N LYS E 910 26.09 66.99 -72.28
CA LYS E 910 24.69 66.58 -72.29
C LYS E 910 23.81 67.80 -72.05
N TRP E 911 23.03 68.16 -73.07
CA TRP E 911 22.07 69.27 -73.05
C TRP E 911 22.70 70.60 -72.63
N PRO E 936 27.47 83.42 -63.18
CA PRO E 936 26.36 83.80 -62.30
C PRO E 936 26.75 84.93 -61.36
N GLU E 937 27.14 86.08 -61.93
CA GLU E 937 27.77 87.18 -61.21
C GLU E 937 29.05 86.70 -60.52
N GLU E 938 30.03 86.34 -61.33
CA GLU E 938 31.36 85.88 -60.92
C GLU E 938 32.04 86.85 -59.97
N SER E 939 31.82 88.15 -60.16
CA SER E 939 32.35 89.19 -59.29
C SER E 939 31.89 88.99 -57.86
N SER E 940 30.56 88.95 -57.68
CA SER E 940 29.98 88.67 -56.38
C SER E 940 30.47 87.34 -55.85
N LEU E 941 30.53 86.30 -56.71
CA LEU E 941 31.00 84.99 -56.24
C LEU E 941 32.42 85.04 -55.67
N SER E 942 33.30 85.78 -56.34
CA SER E 942 34.68 85.89 -55.87
C SER E 942 34.75 86.66 -54.55
N THR E 943 33.97 87.74 -54.42
CA THR E 943 33.92 88.46 -53.16
C THR E 943 33.42 87.58 -52.01
N ARG E 944 32.32 86.85 -52.24
CA ARG E 944 31.78 85.94 -51.21
C ARG E 944 32.76 84.83 -50.86
N LEU E 945 33.48 84.29 -51.87
CA LEU E 945 34.50 83.29 -51.58
C LEU E 945 35.62 83.86 -50.72
N HIS E 946 36.05 85.09 -50.98
CA HIS E 946 37.12 85.69 -50.19
C HIS E 946 36.67 85.96 -48.76
N ILE E 947 35.44 86.44 -48.59
CA ILE E 947 34.84 86.63 -47.25
C ILE E 947 34.79 85.29 -46.52
N GLN E 948 34.40 84.23 -47.25
CA GLN E 948 34.37 82.89 -46.68
C GLN E 948 35.76 82.44 -46.22
N LYS E 949 36.78 82.74 -47.03
CA LYS E 949 38.15 82.38 -46.69
C LYS E 949 38.63 83.12 -45.45
N LYS E 950 38.36 84.43 -45.38
CA LYS E 950 38.72 85.23 -44.20
C LYS E 950 38.03 84.71 -42.96
N ARG E 951 36.75 84.36 -43.08
CA ARG E 951 36.00 83.82 -41.94
C ARG E 951 36.58 82.49 -41.47
N LYS E 952 36.88 81.59 -42.41
CA LYS E 952 37.46 80.29 -42.07
C LYS E 952 38.82 80.45 -41.40
N ALA E 953 39.66 81.34 -41.96
CA ALA E 953 40.96 81.67 -41.40
C ALA E 953 40.85 82.17 -39.97
N LYS E 954 39.96 83.14 -39.74
CA LYS E 954 39.74 83.70 -38.41
C LYS E 954 39.27 82.62 -37.43
N LYS E 955 38.38 81.74 -37.89
CA LYS E 955 37.94 80.62 -37.06
C LYS E 955 39.05 79.59 -36.84
N GLN E 956 40.05 79.55 -37.71
CA GLN E 956 41.13 78.59 -37.57
C GLN E 956 42.23 79.04 -36.60
N ARG E 957 42.48 80.36 -36.51
CA ARG E 957 43.44 80.89 -35.56
C ARG E 957 42.80 81.24 -34.22
N LEU E 958 41.57 80.77 -33.99
CA LEU E 958 40.76 80.98 -32.79
C LEU E 958 40.75 82.45 -32.37
N GLU E 959 40.46 83.34 -33.31
CA GLU E 959 40.39 84.77 -33.03
C GLU E 959 38.99 85.22 -32.64
N THR E 960 38.04 84.29 -32.58
CA THR E 960 36.67 84.56 -32.18
C THR E 960 36.56 84.38 -30.67
N ARG E 961 35.55 85.03 -30.06
CA ARG E 961 35.26 84.88 -28.64
C ARG E 961 35.14 83.43 -28.22
N ARG E 962 34.27 82.68 -28.90
CA ARG E 962 34.33 81.23 -28.82
C ARG E 962 35.65 80.78 -29.42
N GLN E 963 36.57 80.31 -28.58
CA GLN E 963 37.90 79.92 -29.04
C GLN E 963 37.89 78.43 -29.42
N LYS E 964 37.02 78.11 -30.37
CA LYS E 964 36.95 76.78 -30.97
C LYS E 964 36.93 76.95 -32.49
N LYS E 965 37.52 75.97 -33.19
CA LYS E 965 37.55 76.03 -34.65
C LYS E 965 36.15 75.86 -35.23
N ARG E 966 35.36 74.98 -34.65
CA ARG E 966 33.99 74.74 -35.10
C ARG E 966 33.06 74.78 -33.89
N THR E 967 32.01 75.59 -33.98
CA THR E 967 31.04 75.73 -32.91
C THR E 967 29.67 75.97 -33.53
N ARG E 968 28.72 76.41 -32.72
CA ARG E 968 27.37 76.72 -33.20
C ARG E 968 27.14 78.22 -33.09
N PHE E 969 27.05 78.88 -34.24
CA PHE E 969 26.73 80.30 -34.29
C PHE E 969 25.28 80.53 -33.86
N PHE E 970 25.04 81.62 -33.15
CA PHE E 970 23.65 82.00 -32.96
C PHE E 970 23.25 83.41 -33.38
N PRO E 971 23.77 83.97 -34.49
CA PRO E 971 22.87 84.69 -35.42
C PRO E 971 22.40 83.71 -36.49
N ARG E 972 21.39 82.92 -36.13
CA ARG E 972 21.01 81.78 -36.94
C ARG E 972 20.50 82.24 -38.31
N PRO E 973 20.83 81.51 -39.38
CA PRO E 973 20.55 81.98 -40.74
C PRO E 973 19.06 82.12 -41.01
N VAL E 974 18.64 83.35 -41.30
CA VAL E 974 17.27 83.62 -41.71
C VAL E 974 16.98 82.94 -43.04
N TRP E 975 17.96 82.87 -43.92
CA TRP E 975 17.80 82.23 -45.23
C TRP E 975 17.58 80.73 -45.13
N LEU E 976 17.75 80.13 -43.95
CA LEU E 976 17.48 78.72 -43.71
C LEU E 976 16.27 78.49 -42.83
N ARG E 977 16.14 79.30 -41.76
CA ARG E 977 14.97 79.21 -40.89
C ARG E 977 13.70 79.58 -41.63
N SER E 978 13.77 80.57 -42.53
CA SER E 978 12.61 80.97 -43.31
C SER E 978 12.13 79.86 -44.24
N ARG E 979 13.06 79.15 -44.88
CA ARG E 979 12.64 78.05 -45.77
C ARG E 979 12.13 76.86 -44.98
N MET E 980 12.69 76.60 -43.80
CA MET E 980 12.12 75.55 -42.95
C MET E 980 10.69 75.87 -42.55
N PHE E 981 10.45 77.13 -42.16
CA PHE E 981 9.09 77.55 -41.82
C PHE E 981 8.17 77.52 -43.04
N LEU E 982 8.69 77.87 -44.21
CA LEU E 982 7.90 77.80 -45.44
C LEU E 982 7.49 76.37 -45.76
N ASN E 983 8.42 75.42 -45.60
CA ASN E 983 8.10 74.01 -45.81
C ASN E 983 7.04 73.53 -44.84
N PHE E 984 7.16 73.92 -43.57
CA PHE E 984 6.16 73.51 -42.58
C PHE E 984 4.79 74.13 -42.88
N LEU E 985 4.76 75.41 -43.29
CA LEU E 985 3.50 76.07 -43.58
C LEU E 985 2.82 75.46 -44.81
N THR E 986 3.58 75.18 -45.86
CA THR E 986 3.02 74.56 -47.05
C THR E 986 2.58 73.12 -46.77
N GLU E 987 3.24 72.44 -45.83
CA GLU E 987 2.80 71.09 -45.49
C GLU E 987 1.52 71.10 -44.67
N ARG E 988 1.42 72.00 -43.69
CA ARG E 988 0.23 72.05 -42.84
C ARG E 988 -0.94 72.77 -43.46
N ASN E 989 -0.73 73.52 -44.54
CA ASN E 989 -1.81 74.23 -45.21
C ASN E 989 -2.46 73.41 -46.32
N LYS E 990 -2.06 72.15 -46.49
CA LYS E 990 -2.70 71.26 -47.46
C LYS E 990 -4.09 70.83 -47.04
N TYR E 991 -4.47 71.09 -45.78
CA TYR E 991 -5.81 70.78 -45.29
C TYR E 991 -6.88 71.52 -46.08
N TYR E 992 -6.54 72.67 -46.66
CA TYR E 992 -7.45 73.43 -47.50
C TYR E 992 -7.39 73.03 -48.96
N LEU E 993 -6.86 71.85 -49.28
CA LEU E 993 -6.79 71.36 -50.64
C LEU E 993 -7.69 70.14 -50.85
N ASN E 994 -8.87 70.15 -50.24
CA ASN E 994 -9.79 69.03 -50.31
C ASN E 994 -10.71 69.17 -51.52
N SER E 995 -11.57 68.17 -51.69
CA SER E 995 -12.59 68.11 -52.75
C SER E 995 -12.03 68.25 -54.15
N ASP E 1158 -2.12 66.65 -9.54
CA ASP E 1158 -2.33 65.27 -9.96
C ASP E 1158 -1.01 64.61 -10.36
N THR E 1159 0.07 65.02 -9.70
CA THR E 1159 1.39 64.47 -10.01
C THR E 1159 1.57 63.06 -9.46
N MET E 1160 0.90 62.74 -8.35
CA MET E 1160 1.04 61.41 -7.74
C MET E 1160 0.46 60.33 -8.65
N PHE E 1161 -0.72 60.59 -9.24
CA PHE E 1161 -1.31 59.63 -10.16
C PHE E 1161 -0.46 59.47 -11.42
N ARG E 1162 0.10 60.57 -11.92
CA ARG E 1162 0.97 60.50 -13.09
C ARG E 1162 2.22 59.68 -12.81
N ASP E 1163 2.84 59.90 -11.65
CA ASP E 1163 4.04 59.13 -11.29
C ASP E 1163 3.71 57.66 -11.10
N PHE E 1164 2.59 57.35 -10.44
CA PHE E 1164 2.19 55.95 -10.25
C PHE E 1164 1.91 55.28 -11.59
N TRP E 1165 1.22 55.98 -12.50
CA TRP E 1165 0.90 55.39 -13.80
C TRP E 1165 2.14 55.17 -14.64
N VAL E 1166 3.07 56.14 -14.68
CA VAL E 1166 4.26 55.94 -15.49
C VAL E 1166 5.16 54.86 -14.90
N TRP E 1167 5.24 54.77 -13.56
CA TRP E 1167 6.03 53.70 -12.95
C TRP E 1167 5.43 52.33 -13.24
N SER E 1168 4.11 52.19 -13.10
CA SER E 1168 3.46 50.91 -13.35
C SER E 1168 3.54 50.51 -14.81
N TYR E 1169 3.34 51.47 -15.72
CA TYR E 1169 3.45 51.19 -17.15
C TYR E 1169 4.87 50.79 -17.53
N ASN E 1170 5.88 51.46 -16.97
CA ASN E 1170 7.25 51.12 -17.31
C ASN E 1170 7.66 49.77 -16.73
N ASN E 1171 7.22 49.47 -15.50
CA ASN E 1171 7.65 48.23 -14.86
C ASN E 1171 6.91 47.01 -15.40
N THR E 1172 5.66 47.17 -15.82
CA THR E 1172 4.90 46.05 -16.38
C THR E 1172 4.81 46.12 -17.89
N GLN E 1173 5.89 46.55 -18.55
CA GLN E 1173 5.85 46.86 -19.98
C GLN E 1173 5.65 45.60 -20.82
N THR E 1174 6.53 44.61 -20.65
CA THR E 1174 6.48 43.40 -21.47
C THR E 1174 5.72 42.30 -20.71
N ASN E 1175 4.43 42.52 -20.56
CA ASN E 1175 3.56 41.57 -19.88
C ASN E 1175 2.13 41.80 -20.35
N ALA E 1176 1.28 40.79 -20.14
CA ALA E 1176 -0.14 40.91 -20.43
C ALA E 1176 -0.84 41.85 -19.46
N PHE E 1177 -0.24 42.14 -18.31
CA PHE E 1177 -0.78 43.10 -17.35
C PHE E 1177 -0.24 44.52 -17.62
N ASN E 1178 -0.39 44.96 -18.86
CA ASN E 1178 -0.05 46.32 -19.25
C ASN E 1178 -1.24 46.95 -19.94
N GLN E 1179 -2.10 46.12 -20.50
CA GLN E 1179 -3.35 46.51 -21.15
C GLN E 1179 -4.44 46.76 -20.19
N ASN E 1180 -4.06 46.80 -18.91
CA ASN E 1180 -4.98 47.24 -17.89
C ASN E 1180 -4.66 48.60 -17.30
N LEU E 1181 -3.49 49.17 -17.59
CA LEU E 1181 -3.18 50.55 -17.23
C LEU E 1181 -3.61 51.54 -18.30
N TRP E 1182 -3.69 51.07 -19.55
CA TRP E 1182 -4.18 51.87 -20.68
C TRP E 1182 -5.58 52.42 -20.44
N TRP E 1183 -6.39 51.74 -19.63
CA TRP E 1183 -7.75 52.15 -19.35
C TRP E 1183 -7.85 53.07 -18.15
N LEU E 1184 -6.72 53.59 -17.67
CA LEU E 1184 -6.68 54.46 -16.50
C LEU E 1184 -6.05 55.81 -16.80
N LEU E 1185 -6.13 56.23 -18.04
CA LEU E 1185 -5.61 57.52 -18.52
C LEU E 1185 -6.75 58.55 -18.46
N PRO E 1186 -6.46 59.88 -18.63
CA PRO E 1186 -7.51 60.79 -19.02
C PRO E 1186 -8.32 60.37 -20.23
N ASN E 1187 -9.39 61.16 -20.44
CA ASN E 1187 -10.54 60.92 -21.29
C ASN E 1187 -10.23 60.34 -22.66
N LEU E 1188 -9.35 61.02 -23.40
CA LEU E 1188 -8.72 60.52 -24.63
C LEU E 1188 -9.69 60.30 -25.79
N THR E 1189 -10.97 60.55 -25.59
CA THR E 1189 -12.03 60.17 -26.53
C THR E 1189 -11.90 60.78 -27.92
N ILE E 1220 -21.19 52.16 -31.72
CA ILE E 1220 -20.18 51.36 -31.04
C ILE E 1220 -20.17 51.70 -29.54
N PRO E 1221 -19.82 50.73 -28.70
CA PRO E 1221 -19.80 50.98 -27.26
C PRO E 1221 -18.68 51.93 -26.86
N THR E 1222 -18.82 52.47 -25.64
CA THR E 1222 -17.82 53.39 -25.11
C THR E 1222 -16.48 52.68 -24.86
N ALA E 1223 -16.51 51.39 -24.54
CA ALA E 1223 -15.28 50.65 -24.35
C ALA E 1223 -14.55 50.47 -25.67
N SER E 1224 -15.31 50.23 -26.73
CA SER E 1224 -14.73 50.17 -28.07
C SER E 1224 -14.17 51.52 -28.49
N LYS E 1225 -14.88 52.60 -28.16
CA LYS E 1225 -14.37 53.94 -28.49
C LYS E 1225 -13.09 54.26 -27.73
N ASN E 1226 -13.02 53.86 -26.45
CA ASN E 1226 -11.81 54.06 -25.66
C ASN E 1226 -10.66 53.23 -26.21
N GLN E 1227 -10.93 51.99 -26.64
CA GLN E 1227 -9.87 51.16 -27.22
C GLN E 1227 -9.37 51.74 -28.54
N ILE E 1228 -10.29 52.25 -29.37
CA ILE E 1228 -9.91 52.90 -30.62
C ILE E 1228 -9.07 54.14 -30.34
N ALA E 1229 -9.43 54.89 -29.28
CA ALA E 1229 -8.65 56.05 -28.88
C ALA E 1229 -7.25 55.67 -28.41
N LEU E 1230 -7.13 54.56 -27.69
CA LEU E 1230 -5.81 54.12 -27.25
C LEU E 1230 -4.96 53.63 -28.42
N ILE E 1231 -5.59 52.98 -29.40
CA ILE E 1231 -4.86 52.59 -30.61
C ILE E 1231 -4.41 53.82 -31.38
N ARG E 1232 -5.24 54.86 -31.42
CA ARG E 1232 -4.82 56.11 -32.05
C ARG E 1232 -3.70 56.79 -31.27
N LEU E 1233 -3.73 56.69 -29.95
CA LEU E 1233 -2.65 57.24 -29.12
C LEU E 1233 -1.34 56.49 -29.33
N ASN E 1234 -1.42 55.19 -29.60
CA ASN E 1234 -0.22 54.42 -29.95
C ASN E 1234 0.23 54.68 -31.38
N TRP E 1235 -0.71 54.98 -32.28
CA TRP E 1235 -0.36 55.34 -33.64
C TRP E 1235 0.38 56.67 -33.68
N ALA E 1236 -0.11 57.65 -32.94
CA ALA E 1236 0.70 58.82 -32.64
C ALA E 1236 1.84 58.43 -31.71
N LEU E 1237 2.88 59.28 -31.68
CA LEU E 1237 4.17 59.09 -31.01
C LEU E 1237 5.04 58.08 -31.75
N ASN E 1238 4.44 57.38 -32.72
CA ASN E 1238 5.18 56.73 -33.79
C ASN E 1238 5.24 57.62 -35.01
N LYS E 1239 4.24 58.47 -35.19
CA LYS E 1239 4.23 59.47 -36.23
C LYS E 1239 5.04 60.71 -35.85
N THR E 1240 5.54 60.78 -34.62
CA THR E 1240 6.48 61.82 -34.23
C THR E 1240 7.89 61.54 -34.75
N ASN E 1241 8.15 60.30 -35.20
CA ASN E 1241 9.43 59.89 -35.76
C ASN E 1241 10.59 60.10 -34.78
N ILE E 1242 10.35 59.76 -33.52
CA ILE E 1242 11.39 59.74 -32.50
C ILE E 1242 11.74 58.33 -32.08
N ASN E 1243 11.10 57.32 -32.66
CA ASN E 1243 11.27 55.94 -32.18
C ASN E 1243 12.61 55.36 -32.57
N THR E 1244 13.17 55.79 -33.71
CA THR E 1244 14.43 55.21 -34.17
C THR E 1244 15.64 55.85 -33.52
N PHE E 1245 15.48 56.94 -32.79
CA PHE E 1245 16.62 57.62 -32.17
C PHE E 1245 17.14 56.80 -30.99
N THR E 1246 18.44 56.55 -31.00
CA THR E 1246 19.13 55.90 -29.90
C THR E 1246 20.38 56.70 -29.61
N ASP E 1247 20.65 56.96 -28.33
CA ASP E 1247 21.82 57.73 -27.93
C ASP E 1247 23.13 56.97 -28.16
N TYR E 1248 23.06 55.68 -28.47
CA TYR E 1248 24.23 54.83 -28.68
C TYR E 1248 24.40 54.42 -30.12
N SER E 1249 23.66 55.04 -31.03
CA SER E 1249 23.79 54.76 -32.46
C SER E 1249 25.15 55.17 -32.97
N LYS E 1250 25.68 54.40 -33.92
CA LYS E 1250 26.93 54.76 -34.58
C LYS E 1250 26.83 56.10 -35.29
N ARG E 1251 25.63 56.47 -35.75
CA ARG E 1251 25.41 57.79 -36.33
C ARG E 1251 25.67 58.89 -35.31
N ASN E 1252 25.13 58.75 -34.09
CA ASN E 1252 25.38 59.75 -33.07
C ASN E 1252 26.84 59.73 -32.61
N ASN E 1253 27.47 58.55 -32.57
CA ASN E 1253 28.89 58.50 -32.23
C ASN E 1253 29.77 59.10 -33.32
N LEU E 1254 29.25 59.25 -34.54
CA LEU E 1254 30.02 59.89 -35.60
C LEU E 1254 30.14 61.40 -35.41
N TRP E 1255 29.06 62.07 -35.03
CA TRP E 1255 29.11 63.53 -34.85
C TRP E 1255 29.39 63.90 -33.40
N THR E 1256 28.46 63.51 -32.52
CA THR E 1256 28.41 63.89 -31.12
C THR E 1256 29.67 63.47 -30.40
N THR E 1257 29.92 62.17 -30.31
CA THR E 1257 31.01 61.65 -29.50
C THR E 1257 32.35 61.79 -30.23
N GLN E 1258 32.36 62.47 -31.37
CA GLN E 1258 33.61 62.80 -32.04
C GLN E 1258 34.02 64.25 -31.84
N LYS E 1259 33.08 65.17 -31.74
CA LYS E 1259 33.47 66.52 -31.33
C LYS E 1259 33.52 66.64 -29.81
N LEU E 1260 32.80 65.79 -29.11
CA LEU E 1260 32.68 65.81 -27.67
C LEU E 1260 33.67 65.03 -26.89
N ARG E 1261 34.51 64.31 -27.58
CA ARG E 1261 35.50 63.51 -26.92
C ARG E 1261 36.84 64.22 -26.86
N ASN E 1262 37.18 64.97 -27.92
CA ASN E 1262 38.44 65.70 -27.95
C ASN E 1262 38.59 66.65 -26.77
N GLN E 1263 37.57 67.50 -26.56
CA GLN E 1263 37.36 68.38 -25.39
C GLN E 1263 38.60 69.19 -25.00
N SER E 1264 38.68 69.60 -23.73
CA SER E 1264 39.87 70.31 -23.26
C SER E 1264 41.05 69.36 -23.11
N LYS E 1265 40.82 68.21 -22.47
CA LYS E 1265 41.84 67.19 -22.17
C LYS E 1265 43.06 67.77 -21.45
N LEU E 1289 48.75 50.63 -43.39
CA LEU E 1289 50.21 50.76 -43.38
C LEU E 1289 50.66 51.70 -42.27
N ASN E 1290 51.70 51.26 -41.55
CA ASN E 1290 52.23 51.85 -40.31
C ASN E 1290 51.14 52.38 -39.37
N ILE E 1291 51.35 53.59 -38.84
CA ILE E 1291 50.40 54.20 -37.93
C ILE E 1291 49.74 55.42 -38.55
N PHE E 1292 50.52 56.26 -39.26
CA PHE E 1292 49.99 57.48 -39.85
C PHE E 1292 48.94 57.18 -40.90
N SER E 1293 49.28 56.32 -41.84
CA SER E 1293 48.32 55.90 -42.86
C SER E 1293 47.39 54.81 -42.36
N LYS E 1294 47.40 54.55 -41.05
CA LYS E 1294 46.31 53.83 -40.40
C LYS E 1294 45.35 54.78 -39.68
N LYS E 1295 45.82 55.97 -39.33
CA LYS E 1295 44.96 57.01 -38.78
C LYS E 1295 44.24 57.79 -39.88
N ILE E 1296 44.94 58.05 -41.00
CA ILE E 1296 44.34 58.78 -42.11
C ILE E 1296 43.17 58.00 -42.71
N ILE E 1297 43.35 56.70 -42.89
CA ILE E 1297 42.29 55.86 -43.45
C ILE E 1297 41.12 55.75 -42.48
N SER E 1298 41.40 55.68 -41.18
CA SER E 1298 40.32 55.64 -40.18
C SER E 1298 39.51 56.94 -40.19
N LYS E 1299 40.19 58.08 -40.26
CA LYS E 1299 39.48 59.36 -40.34
C LYS E 1299 38.67 59.46 -41.63
N VAL E 1300 39.23 58.99 -42.75
CA VAL E 1300 38.53 59.04 -44.03
C VAL E 1300 37.31 58.14 -44.00
N LYS E 1301 37.40 56.97 -43.37
CA LYS E 1301 36.25 56.08 -43.23
C LYS E 1301 35.17 56.70 -42.36
N GLN E 1302 35.57 57.38 -41.29
CA GLN E 1302 34.59 58.06 -40.44
C GLN E 1302 33.85 59.16 -41.20
N LYS E 1303 34.60 59.96 -41.98
CA LYS E 1303 33.94 61.00 -42.77
C LYS E 1303 33.10 60.40 -43.89
N LYS E 1304 33.50 59.24 -44.43
CA LYS E 1304 32.70 58.56 -45.44
C LYS E 1304 31.38 58.09 -44.87
N GLN E 1305 31.38 57.56 -43.65
CA GLN E 1305 30.13 57.17 -42.99
C GLN E 1305 29.27 58.40 -42.70
N LYS E 1306 29.89 59.51 -42.30
CA LYS E 1306 29.14 60.75 -42.08
C LYS E 1306 28.52 61.26 -43.38
N LEU E 1307 29.23 61.12 -44.50
CA LEU E 1307 28.71 61.54 -45.79
C LEU E 1307 27.58 60.63 -46.24
N ASN E 1308 27.71 59.32 -46.01
CA ASN E 1308 26.65 58.38 -46.38
C ASN E 1308 25.39 58.65 -45.57
N TYR E 1309 25.54 58.97 -44.29
CA TYR E 1309 24.37 59.26 -43.46
C TYR E 1309 23.68 60.57 -43.83
N MET E 1310 24.29 61.39 -44.66
CA MET E 1310 23.77 62.70 -45.02
C MET E 1310 23.47 62.87 -46.49
N THR E 1311 24.29 62.28 -47.37
CA THR E 1311 24.29 62.66 -48.78
C THR E 1311 23.99 61.47 -49.69
N SER E 1312 24.13 61.69 -50.99
CA SER E 1312 24.09 60.61 -51.97
C SER E 1312 25.48 60.07 -52.25
N TYR E 1313 26.20 59.73 -51.18
CA TYR E 1313 27.52 59.15 -51.34
C TYR E 1313 27.40 57.67 -51.74
N LEU E 1314 28.43 57.18 -52.42
CA LEU E 1314 28.39 55.87 -53.04
C LEU E 1314 29.42 54.94 -52.41
N ASN E 1315 29.14 53.64 -52.54
CA ASN E 1315 30.03 52.55 -52.12
C ASN E 1315 30.30 52.56 -50.62
N VAL E 1316 29.38 53.09 -49.82
CA VAL E 1316 29.48 53.10 -48.37
C VAL E 1316 28.28 52.36 -47.80
N GLN E 1317 28.54 51.43 -46.89
CA GLN E 1317 27.49 50.69 -46.21
C GLN E 1317 27.35 51.20 -44.79
N SER E 1318 26.11 51.46 -44.37
CA SER E 1318 25.83 52.03 -43.06
C SER E 1318 25.75 50.93 -42.00
N GLU E 1319 25.94 51.36 -40.75
CA GLU E 1319 25.85 50.48 -39.59
C GLU E 1319 24.57 50.80 -38.83
N HIS E 1320 23.76 49.78 -38.57
CA HIS E 1320 22.45 49.98 -37.98
C HIS E 1320 22.53 50.06 -36.46
N ASN E 1321 21.39 50.35 -35.85
CA ASN E 1321 21.29 50.46 -34.40
C ASN E 1321 20.05 49.72 -33.93
N VAL E 1322 20.08 49.26 -32.69
CA VAL E 1322 18.95 48.55 -32.10
C VAL E 1322 17.90 49.58 -31.70
N LYS E 1323 16.70 49.43 -32.26
CA LYS E 1323 15.59 50.29 -31.88
C LYS E 1323 15.02 49.82 -30.54
N ILE E 1324 14.92 50.75 -29.59
CA ILE E 1324 14.52 50.42 -28.23
C ILE E 1324 13.33 51.22 -27.74
N PHE E 1325 12.80 52.13 -28.55
CA PHE E 1325 11.67 52.97 -28.16
C PHE E 1325 10.53 52.77 -29.15
N HIS E 1326 9.37 52.34 -28.64
CA HIS E 1326 8.12 52.26 -29.40
C HIS E 1326 8.29 51.39 -30.66
N ASN E 1327 8.83 50.19 -30.45
CA ASN E 1327 9.34 49.40 -31.57
C ASN E 1327 8.23 48.91 -32.48
N SER E 1328 7.19 48.30 -31.91
CA SER E 1328 6.05 47.80 -32.68
C SER E 1328 4.80 48.26 -31.95
N TRP E 1329 4.32 49.45 -32.31
CA TRP E 1329 3.15 50.02 -31.65
C TRP E 1329 1.87 49.25 -31.95
N TRP E 1330 1.84 48.50 -33.05
CA TRP E 1330 0.65 47.75 -33.42
C TRP E 1330 0.56 46.39 -32.72
N THR E 1331 1.60 45.99 -31.99
CA THR E 1331 1.60 44.65 -31.40
C THR E 1331 0.83 44.61 -30.09
N HIS E 1332 1.03 45.59 -29.22
CA HIS E 1332 0.39 45.58 -27.90
C HIS E 1332 -0.99 46.21 -27.93
N LEU E 1333 -1.79 45.81 -28.91
CA LEU E 1333 -3.16 46.27 -29.08
C LEU E 1333 -4.03 45.07 -29.41
N ASN E 1334 -5.27 45.10 -28.94
CA ASN E 1334 -6.25 44.06 -29.29
C ASN E 1334 -7.25 44.68 -30.25
N ILE E 1335 -6.91 44.63 -31.54
CA ILE E 1335 -7.77 45.17 -32.59
C ILE E 1335 -8.72 44.12 -33.13
N LYS E 1336 -8.66 42.88 -32.61
CA LYS E 1336 -9.43 41.77 -33.17
C LYS E 1336 -10.93 42.00 -33.00
N ASN E 1337 -11.36 42.35 -31.79
CA ASN E 1337 -12.77 42.53 -31.49
C ASN E 1337 -13.39 43.72 -32.22
N LEU E 1338 -12.57 44.65 -32.69
CA LEU E 1338 -13.05 45.77 -33.50
C LEU E 1338 -13.08 45.42 -34.98
N VAL E 1339 -12.05 44.70 -35.46
CA VAL E 1339 -11.96 44.40 -36.89
C VAL E 1339 -13.00 43.36 -37.29
N ASN E 1340 -13.24 42.35 -36.45
CA ASN E 1340 -14.22 41.33 -36.83
C ASN E 1340 -15.66 41.78 -36.64
N ASN E 1341 -15.89 43.07 -36.39
CA ASN E 1341 -17.20 43.69 -36.26
C ASN E 1341 -17.99 43.13 -35.08
N GLN E 1342 -17.27 42.67 -34.06
CA GLN E 1342 -17.90 42.38 -32.78
C GLN E 1342 -18.17 43.68 -32.03
N ASP E 1343 -18.99 43.57 -30.98
CA ASP E 1343 -19.44 44.63 -30.08
C ASP E 1343 -20.37 45.63 -30.76
N MET E 1344 -20.54 45.53 -32.08
CA MET E 1344 -21.49 46.36 -32.82
C MET E 1344 -22.81 45.62 -33.04
N VAL E 1345 -22.75 44.48 -33.75
CA VAL E 1345 -23.86 43.54 -33.95
C VAL E 1345 -25.17 44.18 -34.41
N PHE E 1358 -16.81 35.19 -39.63
CA PHE E 1358 -16.06 33.97 -39.92
C PHE E 1358 -16.47 32.85 -38.96
N ASN E 1359 -16.42 31.61 -39.44
CA ASN E 1359 -16.80 30.46 -38.64
C ASN E 1359 -15.79 29.34 -38.84
N SER E 1360 -15.32 28.77 -37.73
CA SER E 1360 -14.43 27.62 -37.73
C SER E 1360 -15.20 26.32 -37.90
N GLU E 1361 -14.56 25.20 -37.56
CA GLU E 1361 -15.07 23.82 -37.46
C GLU E 1361 -15.18 23.14 -38.83
N PHE E 1362 -14.67 23.76 -39.89
CA PHE E 1362 -14.30 22.98 -41.07
C PHE E 1362 -13.04 22.17 -40.81
N ILE E 1363 -12.29 22.54 -39.79
CA ILE E 1363 -10.98 21.95 -39.53
C ILE E 1363 -11.10 20.50 -39.10
N ASN E 1364 -11.87 20.25 -38.03
CA ASN E 1364 -11.99 18.90 -37.52
C ASN E 1364 -12.75 18.00 -38.48
N SER E 1365 -13.72 18.55 -39.20
CA SER E 1365 -14.42 17.79 -40.22
C SER E 1365 -13.46 17.35 -41.33
N ALA E 1366 -12.59 18.28 -41.78
CA ALA E 1366 -11.61 17.93 -42.80
C ALA E 1366 -10.59 16.93 -42.27
N ILE E 1367 -10.19 17.06 -41.00
CA ILE E 1367 -9.20 16.16 -40.41
C ILE E 1367 -9.75 14.74 -40.34
N ILE E 1368 -10.95 14.57 -39.79
CA ILE E 1368 -11.54 13.24 -39.68
C ILE E 1368 -11.89 12.69 -41.06
N LYS E 1369 -12.26 13.57 -42.01
CA LYS E 1369 -12.52 13.12 -43.37
C LYS E 1369 -11.27 12.59 -44.04
N SER E 1370 -10.13 13.26 -43.83
CA SER E 1370 -8.86 12.76 -44.38
C SER E 1370 -8.44 11.46 -43.70
N ILE E 1371 -8.68 11.36 -42.39
CA ILE E 1371 -8.37 10.13 -41.64
C ILE E 1371 -9.16 8.96 -42.24
N ASN E 1372 -10.46 9.16 -42.46
CA ASN E 1372 -11.28 8.13 -43.06
C ASN E 1372 -10.85 7.82 -44.49
N ASN E 1373 -10.60 8.86 -45.29
CA ASN E 1373 -10.35 8.70 -46.72
C ASN E 1373 -9.02 8.06 -47.01
N LYS E 1374 -8.08 8.09 -46.09
CA LYS E 1374 -6.80 7.47 -46.37
C LYS E 1374 -6.53 6.28 -45.45
N THR E 1375 -6.57 6.49 -44.13
CA THR E 1375 -6.61 5.50 -43.04
C THR E 1375 -5.40 4.55 -42.96
N LEU E 1376 -4.46 4.68 -43.89
CA LEU E 1376 -3.15 4.03 -43.96
C LEU E 1376 -3.24 2.53 -44.27
N VAL E 1377 -4.45 1.96 -44.20
CA VAL E 1377 -4.76 0.56 -44.51
C VAL E 1377 -3.97 -0.44 -43.67
N GLU E 1378 -4.66 -1.15 -42.78
CA GLU E 1378 -4.02 -2.18 -41.96
C GLU E 1378 -4.05 -3.52 -42.70
N ASN E 1379 -3.30 -3.57 -43.81
CA ASN E 1379 -3.18 -4.80 -44.59
C ASN E 1379 -2.49 -5.92 -43.82
N TYR E 1380 -1.72 -5.58 -42.78
CA TYR E 1380 -1.15 -6.58 -41.90
C TYR E 1380 -2.21 -7.30 -41.08
N VAL E 1381 -3.39 -6.69 -40.92
CA VAL E 1381 -4.53 -7.35 -40.28
C VAL E 1381 -5.55 -7.52 -41.39
N TYR E 1382 -5.04 -7.71 -42.61
CA TYR E 1382 -5.79 -7.98 -43.85
C TYR E 1382 -6.98 -7.04 -44.05
N SER E 1383 -6.74 -5.74 -43.81
CA SER E 1383 -7.71 -4.65 -43.96
C SER E 1383 -8.99 -4.92 -43.18
N PRO E 1384 -8.97 -4.79 -41.86
CA PRO E 1384 -10.16 -5.10 -41.06
C PRO E 1384 -11.29 -4.10 -41.30
N SER E 1385 -12.47 -4.46 -40.81
CA SER E 1385 -13.67 -3.68 -41.09
C SER E 1385 -13.68 -2.35 -40.36
N SER E 1386 -13.30 -2.35 -39.08
CA SER E 1386 -13.38 -1.14 -38.25
C SER E 1386 -12.47 -0.04 -38.78
N GLU E 1387 -11.17 -0.29 -38.69
CA GLU E 1387 -10.12 0.49 -39.30
C GLU E 1387 -10.16 2.00 -39.06
N LYS E 1388 -11.18 2.67 -39.63
CA LYS E 1388 -11.34 4.11 -39.44
C LYS E 1388 -11.55 4.46 -37.97
N GLU E 1389 -12.26 3.59 -37.25
CA GLU E 1389 -12.42 3.77 -35.81
C GLU E 1389 -11.07 3.70 -35.09
N THR E 1390 -10.22 2.77 -35.49
CA THR E 1390 -8.88 2.65 -34.90
C THR E 1390 -8.04 3.90 -35.19
N MET E 1391 -8.11 4.42 -36.42
CA MET E 1391 -7.30 5.59 -36.77
C MET E 1391 -7.81 6.84 -36.04
N GLN E 1392 -9.13 6.98 -35.90
CA GLN E 1392 -9.69 8.11 -35.16
C GLN E 1392 -9.33 8.02 -33.68
N LEU E 1393 -9.35 6.81 -33.11
CA LEU E 1393 -8.95 6.62 -31.72
C LEU E 1393 -7.48 6.97 -31.53
N LEU E 1394 -6.63 6.57 -32.49
CA LEU E 1394 -5.21 6.91 -32.42
C LEU E 1394 -5.00 8.40 -32.50
N LEU E 1395 -5.76 9.10 -33.36
CA LEU E 1395 -5.63 10.55 -33.47
C LEU E 1395 -6.05 11.25 -32.19
N MET E 1396 -7.17 10.84 -31.59
CA MET E 1396 -7.63 11.45 -30.35
C MET E 1396 -6.65 11.18 -29.21
N SER E 1397 -6.13 9.95 -29.12
CA SER E 1397 -5.17 9.61 -28.07
C SER E 1397 -3.88 10.40 -28.23
N SER E 1398 -3.40 10.54 -29.47
CA SER E 1398 -2.17 11.29 -29.72
C SER E 1398 -2.35 12.77 -29.40
N SER E 1399 -3.50 13.35 -29.74
CA SER E 1399 -3.74 14.76 -29.44
C SER E 1399 -3.82 15.01 -27.93
N ILE E 1400 -4.56 14.15 -27.21
CA ILE E 1400 -4.70 14.30 -25.77
C ILE E 1400 -3.35 14.12 -25.09
N LEU E 1401 -2.59 13.11 -25.51
CA LEU E 1401 -1.29 12.85 -24.90
C LEU E 1401 -0.28 13.94 -25.23
N LEU E 1402 -0.34 14.52 -26.43
CA LEU E 1402 0.56 15.63 -26.76
C LEU E 1402 0.27 16.86 -25.91
N HIS E 1403 -1.01 17.20 -25.73
CA HIS E 1403 -1.36 18.35 -24.89
C HIS E 1403 -0.93 18.12 -23.44
N LEU E 1404 -1.19 16.92 -22.91
CA LEU E 1404 -0.84 16.64 -21.52
C LEU E 1404 0.67 16.58 -21.33
N CYS E 1405 1.40 16.04 -22.30
CA CYS E 1405 2.86 16.01 -22.22
C CYS E 1405 3.45 17.41 -22.29
N ALA E 1406 2.86 18.28 -23.11
CA ALA E 1406 3.31 19.68 -23.17
C ALA E 1406 3.08 20.37 -21.83
N ILE E 1407 1.93 20.13 -21.20
CA ILE E 1407 1.65 20.77 -19.91
C ILE E 1407 2.60 20.25 -18.82
N ILE E 1408 2.83 18.93 -18.80
CA ILE E 1408 3.70 18.34 -17.78
C ILE E 1408 5.14 18.80 -17.98
N SER E 1409 5.62 18.85 -19.22
CA SER E 1409 6.96 19.33 -19.49
C SER E 1409 7.10 20.81 -19.20
N LEU E 1410 6.04 21.60 -19.36
CA LEU E 1410 6.09 23.00 -19.00
C LEU E 1410 6.20 23.18 -17.49
N VAL E 1411 5.37 22.45 -16.73
CA VAL E 1411 5.41 22.60 -15.28
C VAL E 1411 6.57 21.87 -14.64
N SER E 1412 7.33 21.09 -15.40
CA SER E 1412 8.53 20.46 -14.86
C SER E 1412 9.69 21.45 -14.67
N ILE E 1413 9.56 22.68 -15.15
CA ILE E 1413 10.59 23.69 -14.96
C ILE E 1413 10.35 24.39 -13.63
N SER E 1414 11.43 24.54 -12.86
CA SER E 1414 11.31 25.04 -11.49
C SER E 1414 10.89 26.51 -11.46
N GLN E 1415 11.30 27.30 -12.44
CA GLN E 1415 10.83 28.68 -12.51
C GLN E 1415 9.36 28.76 -12.86
N VAL E 1416 8.86 27.82 -13.67
CA VAL E 1416 7.43 27.74 -13.94
C VAL E 1416 6.69 27.36 -12.67
N ARG E 1417 7.28 26.51 -11.84
CA ARG E 1417 6.67 26.19 -10.55
C ARG E 1417 6.66 27.40 -9.61
N CYS E 1418 7.72 28.22 -9.66
CA CYS E 1418 7.75 29.48 -8.92
C CYS E 1418 6.63 30.41 -9.38
N PHE E 1419 6.43 30.50 -10.70
CA PHE E 1419 5.36 31.31 -11.28
C PHE E 1419 3.99 30.82 -10.82
N VAL E 1420 3.79 29.50 -10.82
CA VAL E 1420 2.52 28.91 -10.40
C VAL E 1420 2.27 29.19 -8.92
N LYS E 1421 3.32 29.11 -8.11
CA LYS E 1421 3.20 29.36 -6.69
C LYS E 1421 2.83 30.81 -6.41
N PHE E 1422 3.46 31.74 -7.14
CA PHE E 1422 3.16 33.17 -7.00
C PHE E 1422 1.71 33.47 -7.39
N HIS E 1423 1.25 32.87 -8.49
CA HIS E 1423 -0.13 33.08 -8.91
C HIS E 1423 -1.12 32.47 -7.93
N LEU E 1424 -0.78 31.31 -7.34
CA LEU E 1424 -1.65 30.70 -6.35
C LEU E 1424 -1.75 31.53 -5.08
N ILE E 1425 -0.63 32.12 -4.64
CA ILE E 1425 -0.65 33.00 -3.47
C ILE E 1425 -1.51 34.23 -3.75
N LEU E 1426 -1.33 34.84 -4.92
CA LEU E 1426 -2.13 36.01 -5.27
C LEU E 1426 -3.61 35.67 -5.33
N LEU E 1427 -3.96 34.52 -5.93
CA LEU E 1427 -5.35 34.13 -6.00
C LEU E 1427 -5.92 33.79 -4.62
N TYR E 1428 -5.09 33.27 -3.71
CA TYR E 1428 -5.57 33.00 -2.35
C TYR E 1428 -5.90 34.29 -1.62
N LYS E 1429 -5.01 35.29 -1.67
CA LYS E 1429 -5.29 36.56 -1.01
C LYS E 1429 -6.49 37.26 -1.63
N LEU E 1430 -6.62 37.20 -2.96
CA LEU E 1430 -7.75 37.84 -3.61
C LEU E 1430 -9.05 37.10 -3.36
N SER E 1431 -8.98 35.78 -3.23
CA SER E 1431 -10.13 35.00 -2.83
C SER E 1431 -10.54 35.31 -1.41
N ASN E 1432 -9.57 35.58 -0.53
CA ASN E 1432 -9.88 36.03 0.82
C ASN E 1432 -10.60 37.38 0.80
N VAL E 1433 -10.18 38.28 -0.08
CA VAL E 1433 -10.87 39.56 -0.21
C VAL E 1433 -12.31 39.37 -0.68
N TYR E 1434 -12.48 38.58 -1.75
CA TYR E 1434 -13.80 38.21 -2.25
C TYR E 1434 -14.66 37.58 -1.16
N ASN E 1435 -14.09 36.63 -0.42
CA ASN E 1435 -14.79 35.91 0.64
C ASN E 1435 -15.20 36.85 1.77
N ALA E 1436 -14.28 37.72 2.21
CA ALA E 1436 -14.56 38.75 3.20
C ALA E 1436 -15.77 39.57 2.82
N ILE E 1437 -15.74 40.16 1.63
CA ILE E 1437 -16.82 41.03 1.15
C ILE E 1437 -18.13 40.26 1.02
N LEU E 1438 -18.09 39.13 0.31
CA LEU E 1438 -19.29 38.35 0.04
C LEU E 1438 -19.97 37.80 1.28
N ASN E 1439 -19.20 37.11 2.13
CA ASN E 1439 -19.77 36.51 3.31
C ASN E 1439 -20.11 37.56 4.37
N GLN E 1440 -19.44 38.71 4.38
CA GLN E 1440 -19.89 39.80 5.25
C GLN E 1440 -21.25 40.34 4.80
N LEU E 1441 -21.43 40.50 3.48
CA LEU E 1441 -22.73 40.91 2.96
C LEU E 1441 -23.79 39.86 3.24
N SER E 1442 -23.51 38.60 2.97
CA SER E 1442 -24.45 37.50 3.19
C SER E 1442 -24.49 37.09 4.67
N ASN E 1443 -23.76 37.81 5.52
CA ASN E 1443 -23.83 37.69 6.96
C ASN E 1443 -24.77 38.75 7.55
N LYS E 1444 -24.64 40.00 7.11
CA LYS E 1444 -25.57 41.03 7.54
C LYS E 1444 -26.89 40.99 6.78
N LEU E 1445 -26.96 40.23 5.69
CA LEU E 1445 -28.15 40.13 4.87
C LEU E 1445 -29.00 38.91 5.23
N GLN E 1446 -28.50 38.05 6.12
CA GLN E 1446 -29.17 36.83 6.60
C GLN E 1446 -30.62 37.09 6.99
N LYS E 1447 -31.53 36.42 6.27
CA LYS E 1447 -32.98 36.64 6.37
C LYS E 1447 -33.29 38.12 6.15
N ASN E 1448 -33.10 38.58 4.92
CA ASN E 1448 -33.54 39.90 4.45
C ASN E 1448 -33.71 39.91 2.94
N TRP E 1658 4.65 43.29 8.48
CA TRP E 1658 3.40 42.72 8.02
C TRP E 1658 3.67 41.66 6.95
N ILE E 1659 4.78 41.83 6.22
CA ILE E 1659 5.10 40.99 5.08
C ILE E 1659 5.26 39.54 5.51
N ALA E 1660 5.65 39.32 6.78
CA ALA E 1660 5.70 38.01 7.42
C ALA E 1660 4.41 37.25 7.19
N TYR E 1661 3.28 37.83 7.59
CA TYR E 1661 2.02 37.18 7.27
C TYR E 1661 1.61 37.44 5.84
N GLY E 1662 1.95 38.60 5.30
CA GLY E 1662 1.59 38.99 3.95
C GLY E 1662 2.60 38.61 2.90
N PHE E 1663 2.64 37.32 2.54
CA PHE E 1663 3.44 36.81 1.41
C PHE E 1663 4.93 36.99 1.74
N LEU E 1664 5.39 36.36 2.81
CA LEU E 1664 6.81 36.02 2.85
C LEU E 1664 7.01 34.61 3.35
N VAL E 1665 6.23 34.24 4.37
CA VAL E 1665 6.29 32.90 4.93
C VAL E 1665 5.55 31.91 4.06
N GLU E 1666 4.79 32.40 3.09
CA GLU E 1666 4.20 31.57 2.04
C GLU E 1666 5.10 31.51 0.82
N TRP E 1667 5.69 32.63 0.42
CA TRP E 1667 6.57 32.63 -0.74
C TRP E 1667 7.90 31.92 -0.48
N SER E 1668 8.33 31.83 0.78
CA SER E 1668 9.60 31.23 1.12
C SER E 1668 9.49 29.80 1.63
N SER E 1669 8.28 29.27 1.75
CA SER E 1669 8.08 27.93 2.29
C SER E 1669 7.74 26.96 1.17
N ASP E 1670 8.11 25.70 1.37
CA ASP E 1670 7.70 24.63 0.47
C ASP E 1670 6.20 24.45 0.54
N PHE E 1671 5.52 24.53 -0.61
CA PHE E 1671 4.06 24.52 -0.64
C PHE E 1671 3.44 23.17 -0.30
N ILE E 1672 4.26 22.13 -0.18
CA ILE E 1672 3.78 20.90 0.43
C ILE E 1672 3.45 21.13 1.90
N THR E 1673 4.22 22.00 2.57
CA THR E 1673 3.96 22.30 3.97
C THR E 1673 2.64 23.07 4.16
N ILE E 1674 2.54 24.28 3.58
CA ILE E 1674 1.31 25.08 3.76
C ILE E 1674 0.25 24.77 2.69
N ILE E 1675 -0.25 23.55 2.73
CA ILE E 1675 -1.38 23.18 1.90
C ILE E 1675 -2.00 22.01 2.64
N PRO E 1676 -3.28 22.07 2.98
CA PRO E 1676 -3.88 20.93 3.67
C PRO E 1676 -3.94 19.72 2.76
N GLU E 1677 -3.90 18.54 3.38
CA GLU E 1677 -4.20 17.34 2.62
C GLU E 1677 -5.67 17.26 2.23
N ASN E 1678 -6.52 18.11 2.85
CA ASN E 1678 -7.93 18.18 2.50
C ASN E 1678 -8.13 18.57 1.04
N VAL E 1679 -7.38 19.56 0.56
CA VAL E 1679 -7.58 19.98 -0.83
C VAL E 1679 -7.03 18.94 -1.80
N ASP E 1680 -5.96 18.23 -1.43
CA ASP E 1680 -5.46 17.15 -2.29
C ASP E 1680 -6.47 16.02 -2.38
N ILE E 1681 -7.06 15.64 -1.24
CA ILE E 1681 -8.09 14.60 -1.22
C ILE E 1681 -9.33 15.06 -2.00
N TYR E 1682 -9.68 16.35 -1.88
CA TYR E 1682 -10.82 16.89 -2.60
C TYR E 1682 -10.61 16.86 -4.11
N ILE E 1683 -9.42 17.27 -4.57
CA ILE E 1683 -9.13 17.26 -6.00
C ILE E 1683 -9.08 15.83 -6.54
N TRP E 1684 -8.50 14.91 -5.76
CA TRP E 1684 -8.47 13.52 -6.19
C TRP E 1684 -9.87 12.92 -6.25
N ASN E 1685 -10.73 13.25 -5.29
CA ASN E 1685 -12.11 12.75 -5.31
C ASN E 1685 -12.89 13.32 -6.49
N VAL E 1686 -12.70 14.60 -6.80
CA VAL E 1686 -13.36 15.21 -7.96
C VAL E 1686 -12.89 14.54 -9.25
N PHE E 1687 -11.58 14.32 -9.37
CA PHE E 1687 -11.01 13.69 -10.55
C PHE E 1687 -11.53 12.26 -10.73
N SER E 1688 -11.55 11.49 -9.64
CA SER E 1688 -11.97 10.10 -9.72
C SER E 1688 -13.48 9.98 -9.92
N LYS E 1689 -14.24 10.98 -9.47
CA LYS E 1689 -15.67 10.98 -9.75
C LYS E 1689 -15.95 11.35 -11.20
N ILE E 1690 -15.18 12.28 -11.76
CA ILE E 1690 -15.36 12.65 -13.16
C ILE E 1690 -15.00 11.48 -14.07
N TYR E 1691 -13.82 10.91 -13.88
CA TYR E 1691 -13.33 9.84 -14.77
C TYR E 1691 -13.57 8.47 -14.14
N ARG E 1692 -14.86 8.16 -13.94
CA ARG E 1692 -15.28 6.89 -13.37
C ARG E 1692 -16.06 6.04 -14.34
N THR E 1693 -16.70 6.65 -15.34
CA THR E 1693 -17.47 5.94 -16.35
C THR E 1693 -16.67 5.71 -17.62
N ILE E 1694 -15.36 5.95 -17.57
CA ILE E 1694 -14.53 5.81 -18.76
C ILE E 1694 -14.47 4.37 -19.29
N PRO E 1695 -14.28 3.32 -18.47
CA PRO E 1695 -14.33 1.96 -19.04
C PRO E 1695 -15.66 1.60 -19.69
N LEU E 1696 -16.78 1.91 -19.03
CA LEU E 1696 -18.08 1.56 -19.59
C LEU E 1696 -18.41 2.37 -20.83
N SER E 1697 -18.02 3.65 -20.86
CA SER E 1697 -18.29 4.46 -22.04
C SER E 1697 -17.38 4.06 -23.20
N PHE E 1698 -16.14 3.67 -22.92
CA PHE E 1698 -15.26 3.16 -23.97
C PHE E 1698 -15.79 1.86 -24.55
N ILE E 1699 -16.28 0.96 -23.68
CA ILE E 1699 -16.86 -0.29 -24.16
C ILE E 1699 -18.13 -0.03 -24.97
N SER E 1700 -18.94 0.94 -24.54
CA SER E 1700 -20.17 1.24 -25.26
C SER E 1700 -19.89 1.88 -26.62
N THR E 1701 -18.85 2.71 -26.72
CA THR E 1701 -18.50 3.30 -28.00
C THR E 1701 -17.90 2.26 -28.95
N THR E 1702 -16.96 1.47 -28.46
CA THR E 1702 -16.26 0.54 -29.34
C THR E 1702 -17.11 -0.69 -29.69
N LEU E 1703 -18.04 -1.07 -28.82
CA LEU E 1703 -18.92 -2.20 -29.07
C LEU E 1703 -20.21 -1.79 -29.77
N GLY E 1704 -20.38 -0.51 -30.09
CA GLY E 1704 -21.53 -0.06 -30.82
C GLY E 1704 -21.38 -0.26 -32.32
N PRO E 1705 -22.25 0.36 -33.11
CA PRO E 1705 -22.18 0.27 -34.57
C PRO E 1705 -20.95 0.98 -35.14
N ASN E 1726 -16.00 -16.68 -37.74
CA ASN E 1726 -15.82 -16.60 -36.30
C ASN E 1726 -14.85 -15.47 -35.96
N TYR E 1727 -14.58 -15.31 -34.66
CA TYR E 1727 -13.58 -14.43 -34.04
C TYR E 1727 -13.93 -12.94 -34.09
N GLN E 1728 -15.03 -12.54 -34.73
CA GLN E 1728 -15.32 -11.15 -35.08
C GLN E 1728 -15.44 -10.24 -33.84
N LYS E 1729 -16.46 -10.43 -33.02
CA LYS E 1729 -16.52 -9.84 -31.68
C LYS E 1729 -16.09 -10.86 -30.64
N MET E 1730 -14.97 -11.51 -30.91
CA MET E 1730 -14.37 -12.45 -29.98
C MET E 1730 -12.90 -12.15 -29.73
N VAL E 1731 -12.16 -11.71 -30.75
CA VAL E 1731 -10.81 -11.21 -30.54
C VAL E 1731 -10.80 -9.72 -30.24
N ALA E 1732 -11.98 -9.08 -30.19
CA ALA E 1732 -12.09 -7.65 -29.91
C ALA E 1732 -12.44 -7.38 -28.45
N PHE E 1733 -13.39 -8.13 -27.89
CA PHE E 1733 -13.89 -7.82 -26.55
C PHE E 1733 -12.84 -7.92 -25.44
N PRO E 1734 -11.98 -8.95 -25.36
CA PRO E 1734 -10.88 -8.87 -24.37
C PRO E 1734 -9.91 -7.73 -24.63
N ILE E 1735 -9.64 -7.42 -25.91
CA ILE E 1735 -8.71 -6.35 -26.24
C ILE E 1735 -9.32 -4.99 -25.91
N LEU E 1736 -10.61 -4.80 -26.21
CA LEU E 1736 -11.26 -3.53 -25.87
C LEU E 1736 -11.43 -3.39 -24.35
N LEU E 1737 -11.67 -4.50 -23.65
CA LEU E 1737 -11.72 -4.49 -22.20
C LEU E 1737 -10.38 -4.06 -21.60
N SER E 1738 -9.29 -4.65 -22.11
CA SER E 1738 -7.96 -4.29 -21.65
C SER E 1738 -7.63 -2.84 -21.97
N LEU E 1739 -8.05 -2.37 -23.15
CA LEU E 1739 -7.80 -0.98 -23.52
C LEU E 1739 -8.56 -0.02 -22.63
N SER E 1740 -9.82 -0.33 -22.28
CA SER E 1740 -10.58 0.53 -21.39
C SER E 1740 -9.96 0.57 -19.99
N HIS E 1741 -9.56 -0.58 -19.46
CA HIS E 1741 -8.94 -0.63 -18.14
C HIS E 1741 -7.60 0.12 -18.13
N LEU E 1742 -6.77 -0.11 -19.14
CA LEU E 1742 -5.47 0.55 -19.21
C LEU E 1742 -5.63 2.03 -19.42
N LEU E 1743 -6.63 2.44 -20.21
CA LEU E 1743 -6.87 3.86 -20.42
C LEU E 1743 -7.29 4.53 -19.13
N HIS E 1744 -8.20 3.92 -18.36
CA HIS E 1744 -8.62 4.53 -17.10
C HIS E 1744 -7.46 4.63 -16.11
N ARG E 1745 -6.65 3.57 -15.98
CA ARG E 1745 -5.50 3.62 -15.09
C ARG E 1745 -4.46 4.62 -15.58
N ARG E 1746 -4.35 4.81 -16.90
CA ARG E 1746 -3.42 5.79 -17.44
C ARG E 1746 -3.88 7.21 -17.18
N ILE E 1747 -5.18 7.49 -17.23
CA ILE E 1747 -5.69 8.81 -16.84
C ILE E 1747 -5.44 9.07 -15.36
N LEU E 1748 -5.67 8.07 -14.50
CA LEU E 1748 -5.38 8.24 -13.08
C LEU E 1748 -3.88 8.49 -12.83
N TYR E 1749 -3.02 7.76 -13.54
CA TYR E 1749 -1.58 7.97 -13.40
C TYR E 1749 -1.11 9.26 -14.04
N LEU E 1750 -1.83 9.77 -15.05
CA LEU E 1750 -1.51 11.08 -15.59
C LEU E 1750 -1.82 12.18 -14.58
N PHE E 1751 -2.94 12.03 -13.85
CA PHE E 1751 -3.17 12.92 -12.71
C PHE E 1751 -2.07 12.78 -11.67
N ASP E 1752 -1.63 11.54 -11.42
CA ASP E 1752 -0.59 11.31 -10.42
C ASP E 1752 0.73 11.98 -10.80
N THR E 1753 1.13 11.87 -12.07
CA THR E 1753 2.38 12.49 -12.48
C THR E 1753 2.26 14.00 -12.60
N LEU E 1754 1.07 14.52 -12.93
CA LEU E 1754 0.89 15.97 -12.90
C LEU E 1754 0.99 16.51 -11.48
N PHE E 1755 0.39 15.80 -10.51
CA PHE E 1755 0.48 16.20 -9.11
C PHE E 1755 1.91 16.10 -8.60
N SER E 1756 2.62 15.02 -8.97
CA SER E 1756 4.00 14.85 -8.52
C SER E 1756 4.93 15.87 -9.15
N THR E 1757 4.65 16.28 -10.39
CA THR E 1757 5.48 17.29 -11.03
C THR E 1757 5.20 18.68 -10.49
N ILE E 1758 3.93 19.03 -10.27
CA ILE E 1758 3.62 20.38 -9.82
C ILE E 1758 3.92 20.56 -8.33
N THR E 1759 3.87 19.48 -7.55
CA THR E 1759 4.17 19.55 -6.11
C THR E 1759 5.62 19.12 -5.87
N GLN E 1760 6.52 19.83 -6.53
CA GLN E 1760 7.95 19.61 -6.46
C GLN E 1760 8.61 20.91 -6.02
N PRO E 1761 9.83 20.84 -5.44
CA PRO E 1761 10.50 22.07 -5.02
C PRO E 1761 10.78 23.00 -6.19
N ASP E 1762 10.63 24.29 -5.94
CA ASP E 1762 10.87 25.32 -6.94
C ASP E 1762 12.34 25.72 -6.90
N THR E 1763 12.67 26.82 -7.58
CA THR E 1763 14.05 27.29 -7.65
C THR E 1763 14.59 27.66 -6.29
N ASP E 1764 13.79 28.33 -5.46
CA ASP E 1764 14.24 28.74 -4.14
C ASP E 1764 14.53 27.54 -3.25
N LEU E 1765 13.66 26.53 -3.27
CA LEU E 1765 13.86 25.36 -2.43
C LEU E 1765 15.01 24.49 -2.94
N ILE E 1766 15.17 24.40 -4.26
CA ILE E 1766 16.28 23.61 -4.81
C ILE E 1766 17.61 24.29 -4.53
N ALA E 1767 17.68 25.62 -4.70
CA ALA E 1767 18.91 26.35 -4.42
C ALA E 1767 19.23 26.36 -2.94
N ARG E 1768 18.22 26.39 -2.08
CA ARG E 1768 18.47 26.27 -0.65
C ARG E 1768 18.76 24.84 -0.21
N GLN E 1769 18.71 23.88 -1.14
CA GLN E 1769 19.03 22.50 -0.84
C GLN E 1769 20.48 22.13 -1.19
N GLU E 1770 21.10 22.85 -2.12
CA GLU E 1770 22.50 22.61 -2.46
C GLU E 1770 23.45 23.51 -1.69
N LYS E 1771 23.09 24.79 -1.53
CA LYS E 1771 23.89 25.67 -0.69
C LYS E 1771 23.77 25.29 0.78
N GLY E 1772 22.56 24.91 1.21
CA GLY E 1772 22.40 24.43 2.57
C GLY E 1772 23.19 23.16 2.83
N THR E 1773 23.21 22.25 1.87
CA THR E 1773 24.04 21.05 1.97
C THR E 1773 25.52 21.43 2.02
N LEU E 1774 25.93 22.36 1.16
CA LEU E 1774 27.33 22.78 1.09
C LEU E 1774 27.79 23.43 2.38
N PHE E 1775 26.91 24.18 3.05
CA PHE E 1775 27.31 24.88 4.27
C PHE E 1775 27.18 23.99 5.50
N TRP E 1776 25.98 23.49 5.78
CA TRP E 1776 25.74 22.73 7.00
C TRP E 1776 26.03 21.25 6.87
N ASP E 1777 26.50 20.78 5.72
CA ASP E 1777 26.59 19.35 5.44
C ASP E 1777 27.95 18.96 4.86
N ILE E 1778 28.57 19.86 4.12
CA ILE E 1778 29.85 19.57 3.47
C ILE E 1778 31.00 20.26 4.18
N TRP E 1779 30.84 21.54 4.50
CA TRP E 1779 31.86 22.30 5.22
C TRP E 1779 31.59 22.33 6.72
N ALA E 1780 30.62 21.55 7.18
CA ALA E 1780 30.44 21.26 8.60
C ALA E 1780 31.25 20.04 9.04
N ASP E 1781 32.04 19.47 8.13
CA ASP E 1781 33.03 18.45 8.48
C ASP E 1781 34.23 19.04 9.21
N PHE E 1782 34.28 20.36 9.41
CA PHE E 1782 35.31 21.01 10.18
C PHE E 1782 35.16 20.77 11.67
N LEU E 1783 34.08 20.10 12.08
CA LEU E 1783 33.96 19.63 13.45
C LEU E 1783 35.06 18.65 13.81
N VAL E 1784 35.46 17.79 12.88
CA VAL E 1784 36.56 16.86 13.18
C VAL E 1784 37.88 17.62 13.29
N THR E 1785 38.07 18.66 12.46
CA THR E 1785 39.27 19.48 12.56
C THR E 1785 39.29 20.21 13.90
N ALA E 1786 38.26 21.00 14.16
CA ALA E 1786 38.23 21.76 15.41
C ALA E 1786 38.16 20.86 16.65
N ALA E 1787 37.70 19.62 16.50
CA ALA E 1787 37.71 18.69 17.63
C ALA E 1787 39.09 18.16 17.90
N ASP E 1788 39.87 17.86 16.84
CA ASP E 1788 41.23 17.39 17.11
C ASP E 1788 42.12 18.52 17.61
N TYR E 1789 41.89 19.76 17.15
CA TYR E 1789 42.69 20.85 17.70
C TYR E 1789 42.17 21.29 19.07
N TYR E 1790 40.98 21.90 19.12
CA TYR E 1790 40.29 22.25 20.36
C TYR E 1790 38.85 22.68 20.07
N ASN E 1791 37.89 22.05 20.74
CA ASN E 1791 36.55 22.60 20.84
C ASN E 1791 36.10 22.61 22.29
N VAL E 1792 35.09 23.43 22.53
CA VAL E 1792 34.29 23.34 23.75
C VAL E 1792 32.86 22.99 23.36
N ASN E 1793 32.45 23.40 22.15
CA ASN E 1793 31.06 23.44 21.70
C ASN E 1793 30.14 24.12 22.70
N VAL E 1794 28.83 23.84 22.61
CA VAL E 1794 27.81 24.34 23.53
C VAL E 1794 27.86 25.86 23.67
N ALA E 1795 28.81 26.34 24.48
CA ALA E 1795 29.02 27.77 24.62
C ALA E 1795 29.87 28.36 23.51
N ALA E 1796 30.26 27.56 22.52
CA ALA E 1796 30.85 28.09 21.29
C ALA E 1796 29.84 28.87 20.45
N LEU E 1797 28.59 28.95 20.90
CA LEU E 1797 27.61 29.90 20.40
C LEU E 1797 27.93 31.28 20.99
N SER E 1798 27.06 32.26 20.67
CA SER E 1798 27.09 33.63 21.22
C SER E 1798 28.42 34.30 20.91
N THR E 1799 29.15 34.83 21.90
CA THR E 1799 30.38 35.60 21.69
C THR E 1799 31.48 35.13 22.64
N ILE E 1800 31.73 33.82 22.67
CA ILE E 1800 32.70 33.22 23.58
C ILE E 1800 34.13 33.72 23.29
N LYS E 1801 34.38 34.18 22.06
CA LYS E 1801 35.64 34.72 21.51
C LYS E 1801 36.67 33.62 21.26
N ALA E 1802 36.35 32.36 21.54
CA ALA E 1802 37.16 31.24 21.09
C ALA E 1802 36.84 30.82 19.66
N GLU E 1803 35.71 31.28 19.13
CA GLU E 1803 35.41 31.06 17.72
C GLU E 1803 36.42 31.76 16.83
N GLN E 1804 36.81 32.98 17.19
CA GLN E 1804 37.81 33.71 16.41
C GLN E 1804 39.15 33.02 16.43
N ASN E 1805 39.57 32.54 17.61
CA ASN E 1805 40.84 31.82 17.72
C ASN E 1805 40.80 30.51 16.95
N SER E 1806 39.68 29.78 17.01
CA SER E 1806 39.54 28.54 16.24
C SER E 1806 39.55 28.82 14.74
N LEU E 1807 38.92 29.91 14.31
CA LEU E 1807 38.89 30.25 12.89
C LEU E 1807 40.27 30.64 12.37
N ILE E 1808 41.01 31.47 13.12
CA ILE E 1808 42.34 31.86 12.66
C ILE E 1808 43.30 30.67 12.76
N GLU E 1809 43.09 29.76 13.71
CA GLU E 1809 43.89 28.54 13.74
C GLU E 1809 43.57 27.63 12.57
N ASN E 1810 42.32 27.63 12.12
CA ASN E 1810 41.96 26.87 10.92
C ASN E 1810 42.60 27.47 9.68
N ILE E 1811 42.66 28.80 9.60
CA ILE E 1811 43.35 29.46 8.49
C ILE E 1811 44.85 29.14 8.52
N SER E 1812 45.45 29.20 9.71
CA SER E 1812 46.89 28.98 9.82
C SER E 1812 47.26 27.52 9.57
N ASN E 1813 46.39 26.60 9.98
CA ASN E 1813 46.59 25.15 9.84
C ASN E 1813 47.89 24.66 10.47
N LEU E 1944 13.34 -1.00 -7.43
CA LEU E 1944 12.63 -0.18 -8.41
C LEU E 1944 11.81 0.90 -7.71
N ASN E 1945 10.55 0.60 -7.47
CA ASN E 1945 9.64 1.51 -6.77
C ASN E 1945 9.07 0.81 -5.55
N ARG E 1946 8.97 1.56 -4.45
CA ARG E 1946 8.49 0.98 -3.19
C ARG E 1946 7.00 0.69 -3.25
N TRP E 1947 6.21 1.60 -3.83
CA TRP E 1947 4.76 1.43 -3.90
C TRP E 1947 4.33 0.36 -4.90
N SER E 1948 5.23 -0.07 -5.79
CA SER E 1948 4.89 -1.14 -6.71
C SER E 1948 4.79 -2.49 -6.02
N VAL E 1949 5.44 -2.64 -4.86
CA VAL E 1949 5.47 -3.91 -4.14
C VAL E 1949 4.94 -3.77 -2.72
N ASN E 1950 5.34 -2.71 -2.01
CA ASN E 1950 4.95 -2.51 -0.62
C ASN E 1950 3.97 -1.34 -0.55
N GLN E 1951 2.69 -1.66 -0.38
CA GLN E 1951 1.66 -0.66 -0.18
C GLN E 1951 1.40 -0.39 1.30
N PHE E 1952 2.25 -0.91 2.18
CA PHE E 1952 2.09 -0.75 3.62
C PHE E 1952 2.85 0.50 4.04
N ILE E 1953 2.12 1.53 4.50
CA ILE E 1953 2.70 2.83 4.79
C ILE E 1953 2.19 3.30 6.15
N THR E 1954 2.96 4.19 6.79
CA THR E 1954 2.72 4.62 8.17
C THR E 1954 2.76 6.15 8.24
N TYR E 1955 1.97 6.80 7.39
CA TYR E 1955 1.89 8.25 7.33
C TYR E 1955 1.36 8.84 8.64
N GLN E 1956 1.54 10.15 8.77
CA GLN E 1956 1.05 10.91 9.92
C GLN E 1956 -0.45 11.13 9.78
N SER E 1957 -1.02 11.97 10.65
CA SER E 1957 -2.45 12.22 10.61
C SER E 1957 -2.82 13.08 9.40
N TRP E 1958 -4.12 13.18 9.14
CA TRP E 1958 -4.61 14.04 8.07
C TRP E 1958 -4.32 15.50 8.38
N HIS E 1959 -4.45 15.90 9.65
CA HIS E 1959 -4.06 17.25 10.06
C HIS E 1959 -2.54 17.43 9.96
N SER E 1960 -1.79 16.47 10.51
CA SER E 1960 -0.32 16.41 10.47
C SER E 1960 0.26 17.67 11.10
N HIS E 1961 1.04 18.47 10.39
CA HIS E 1961 1.65 19.67 10.96
C HIS E 1961 0.70 20.85 10.89
N GLY E 1969 1.71 13.95 20.15
CA GLY E 1969 0.58 13.57 19.32
C GLY E 1969 0.98 12.60 18.22
N ASP E 1970 0.81 13.02 16.96
CA ASP E 1970 1.20 12.26 15.78
C ASP E 1970 0.50 10.91 15.74
N LEU E 1971 -0.82 10.98 15.48
CA LEU E 1971 -1.76 9.86 15.45
C LEU E 1971 -1.25 8.60 14.77
N PHE E 1972 -0.41 8.75 13.73
CA PHE E 1972 0.30 7.65 13.07
C PHE E 1972 -0.66 6.65 12.44
N ILE E 1973 -1.41 7.13 11.45
CA ILE E 1973 -2.34 6.27 10.73
C ILE E 1973 -1.57 5.23 9.93
N ASP E 1974 -1.94 3.97 10.08
CA ASP E 1974 -1.28 2.86 9.41
C ASP E 1974 -2.13 2.43 8.22
N TYR E 1975 -1.57 2.49 7.02
CA TYR E 1975 -2.31 2.20 5.81
C TYR E 1975 -1.94 0.81 5.31
N HIS E 1976 -2.94 -0.04 5.13
CA HIS E 1976 -2.86 -1.37 4.53
C HIS E 1976 -1.78 -2.26 5.15
N PRO E 1977 -1.98 -2.78 6.36
CA PRO E 1977 -1.00 -3.69 6.93
C PRO E 1977 -0.93 -4.98 6.12
N PRO E 1978 0.24 -5.63 6.06
CA PRO E 1978 0.40 -6.84 5.25
C PRO E 1978 -0.05 -8.12 5.96
N LYS E 1979 -1.29 -8.11 6.45
CA LYS E 1979 -1.83 -9.24 7.20
C LYS E 1979 -3.16 -9.67 6.62
N THR E 1980 -3.46 -10.97 6.78
CA THR E 1980 -4.74 -11.53 6.38
C THR E 1980 -5.25 -12.44 7.47
N PHE E 1981 -6.48 -12.92 7.31
CA PHE E 1981 -7.04 -13.86 8.26
C PHE E 1981 -6.37 -15.21 8.21
N SER E 1982 -5.64 -15.51 7.13
CA SER E 1982 -4.76 -16.68 7.10
C SER E 1982 -3.65 -16.59 8.14
N HIS E 1983 -3.35 -15.39 8.63
CA HIS E 1983 -2.43 -15.23 9.75
C HIS E 1983 -3.01 -15.79 11.04
N ILE E 1984 -4.33 -15.92 11.16
CA ILE E 1984 -4.97 -16.50 12.33
C ILE E 1984 -5.79 -17.69 11.89
N PRO E 1985 -5.24 -18.90 12.00
CA PRO E 1985 -6.09 -20.09 11.91
C PRO E 1985 -6.90 -20.35 13.17
N ALA E 1986 -6.66 -19.58 14.23
CA ALA E 1986 -7.46 -19.66 15.45
C ALA E 1986 -8.73 -18.85 15.35
N LEU E 1987 -8.98 -18.18 14.23
CA LEU E 1987 -10.21 -17.42 14.05
C LEU E 1987 -11.36 -18.28 13.53
N LYS E 1988 -11.06 -19.24 12.66
CA LYS E 1988 -12.09 -20.09 12.08
C LYS E 1988 -12.65 -21.11 13.08
N TYR E 1989 -12.01 -21.29 14.23
CA TYR E 1989 -12.48 -22.22 15.25
C TYR E 1989 -13.07 -21.51 16.46
N ASN E 1990 -13.36 -20.22 16.33
CA ASN E 1990 -13.95 -19.41 17.40
C ASN E 1990 -15.35 -18.98 16.98
N SER E 1991 -16.35 -19.48 17.69
CA SER E 1991 -17.74 -19.16 17.35
C SER E 1991 -18.08 -17.71 17.67
N ILE E 1992 -17.38 -17.11 18.63
CA ILE E 1992 -17.70 -15.76 19.06
C ILE E 1992 -17.26 -14.74 18.01
N LEU E 1993 -16.13 -14.99 17.35
CA LEU E 1993 -15.50 -13.99 16.48
C LEU E 1993 -16.20 -13.83 15.14
N GLN E 1994 -16.87 -14.89 14.66
CA GLN E 1994 -17.29 -14.96 13.26
C GLN E 1994 -18.29 -13.86 12.92
N GLN E 1995 -19.35 -13.72 13.72
CA GLN E 1995 -20.36 -12.72 13.42
C GLN E 1995 -19.85 -11.28 13.45
N PRO E 1996 -19.18 -10.78 14.50
CA PRO E 1996 -18.74 -9.38 14.44
C PRO E 1996 -17.64 -9.13 13.42
N ILE E 1997 -16.68 -10.05 13.28
CA ILE E 1997 -15.60 -9.80 12.34
C ILE E 1997 -16.10 -9.88 10.89
N GLY E 1998 -16.95 -10.86 10.57
CA GLY E 1998 -17.51 -10.95 9.24
C GLY E 1998 -18.45 -9.80 8.92
N SER E 1999 -19.23 -9.36 9.91
CA SER E 1999 -20.09 -8.20 9.70
C SER E 1999 -19.27 -6.94 9.41
N LEU E 2000 -18.16 -6.75 10.14
CA LEU E 2000 -17.31 -5.60 9.89
C LEU E 2000 -16.65 -5.66 8.52
N VAL E 2001 -16.19 -6.85 8.11
CA VAL E 2001 -15.53 -6.98 6.82
C VAL E 2001 -16.52 -6.74 5.68
N CYS E 2002 -17.72 -7.28 5.80
CA CYS E 2002 -18.69 -7.08 4.73
C CYS E 2002 -19.21 -5.64 4.71
N GLN E 2003 -19.32 -4.99 5.88
CA GLN E 2003 -19.68 -3.57 5.91
C GLN E 2003 -18.60 -2.70 5.29
N ILE E 2004 -17.34 -3.06 5.50
CA ILE E 2004 -16.25 -2.30 4.89
C ILE E 2004 -16.24 -2.49 3.38
N TYR E 2005 -16.35 -3.73 2.91
CA TYR E 2005 -16.29 -4.00 1.48
C TYR E 2005 -17.53 -3.48 0.74
N SER E 2006 -18.66 -3.37 1.43
CA SER E 2006 -19.84 -2.77 0.81
C SER E 2006 -19.77 -1.25 0.77
N GLY E 2007 -18.91 -0.63 1.57
CA GLY E 2007 -18.86 0.80 1.71
C GLY E 2007 -19.72 1.35 2.83
N LEU E 2008 -20.65 0.55 3.36
CA LEU E 2008 -21.57 1.03 4.39
C LEU E 2008 -20.85 1.40 5.68
N PHE E 2009 -19.69 0.78 5.93
CA PHE E 2009 -18.88 1.13 7.09
C PHE E 2009 -18.43 2.58 7.05
N ASN E 2010 -18.34 3.17 5.86
CA ASN E 2010 -18.08 4.60 5.76
C ASN E 2010 -19.20 5.41 6.41
N LYS E 2011 -20.46 5.06 6.16
CA LYS E 2011 -21.58 5.85 6.62
C LYS E 2011 -22.29 5.23 7.83
N GLN E 2012 -21.65 4.28 8.50
CA GLN E 2012 -22.25 3.61 9.64
C GLN E 2012 -21.96 4.37 10.94
N ILE E 2013 -22.76 4.07 11.95
CA ILE E 2013 -22.57 4.66 13.28
C ILE E 2013 -21.35 4.03 13.93
N SER E 2014 -20.48 4.87 14.50
CA SER E 2014 -19.28 4.38 15.16
C SER E 2014 -19.64 3.57 16.41
N LYS E 2015 -18.85 2.53 16.66
CA LYS E 2015 -19.12 1.64 17.79
C LYS E 2015 -17.81 1.27 18.47
N ASN E 2016 -17.93 0.92 19.75
CA ASN E 2016 -16.83 0.46 20.57
C ASN E 2016 -17.00 -1.03 20.84
N ILE E 2017 -15.92 -1.79 20.66
CA ILE E 2017 -15.91 -3.23 20.87
C ILE E 2017 -14.78 -3.56 21.82
N LEU E 2018 -15.10 -4.30 22.88
CA LEU E 2018 -14.09 -4.75 23.84
C LEU E 2018 -13.54 -6.11 23.42
N LEU E 2019 -12.22 -6.24 23.50
CA LEU E 2019 -11.52 -7.48 23.19
C LEU E 2019 -10.81 -7.97 24.45
N VAL E 2020 -10.90 -9.27 24.68
CA VAL E 2020 -10.34 -9.91 25.87
C VAL E 2020 -9.41 -11.02 25.42
N ASN E 2021 -8.12 -10.85 25.68
CA ASN E 2021 -7.14 -11.93 25.52
C ASN E 2021 -6.44 -12.11 26.86
N PRO E 2022 -6.73 -13.21 27.58
CA PRO E 2022 -6.24 -13.33 28.95
C PRO E 2022 -4.72 -13.42 29.04
N LYS E 2023 -4.20 -12.97 30.18
CA LYS E 2023 -2.76 -12.77 30.38
C LYS E 2023 -2.08 -14.11 30.58
N THR E 2024 -1.67 -14.73 29.48
CA THR E 2024 -0.87 -15.94 29.51
C THR E 2024 0.34 -15.90 28.59
N THR E 2025 0.46 -14.88 27.73
CA THR E 2025 1.60 -14.79 26.83
C THR E 2025 2.85 -14.38 27.60
N SER E 2026 3.97 -15.03 27.28
CA SER E 2026 5.24 -14.68 27.90
C SER E 2026 5.77 -13.40 27.28
N ASN E 2027 5.92 -12.37 28.11
CA ASN E 2027 6.40 -11.03 27.73
C ASN E 2027 5.45 -10.46 26.68
N ASN E 2028 5.93 -10.04 25.51
CA ASN E 2028 5.09 -9.47 24.46
C ASN E 2028 5.32 -10.21 23.15
N LEU E 2029 5.27 -11.54 23.21
CA LEU E 2029 5.52 -12.38 22.04
C LEU E 2029 4.25 -12.44 21.19
N VAL E 2030 4.04 -11.37 20.43
CA VAL E 2030 2.95 -11.19 19.47
C VAL E 2030 1.58 -11.28 20.15
N ASP E 2031 1.01 -10.12 20.48
CA ASP E 2031 -0.31 -10.10 21.10
C ASP E 2031 -1.39 -10.42 20.08
N TYR E 2032 -2.31 -11.32 20.45
CA TYR E 2032 -3.29 -11.78 19.49
C TYR E 2032 -4.41 -10.77 19.24
N ASN E 2033 -4.65 -9.84 20.18
CA ASN E 2033 -5.65 -8.81 19.93
C ASN E 2033 -5.20 -7.86 18.82
N VAL E 2034 -3.98 -7.34 18.93
CA VAL E 2034 -3.44 -6.49 17.87
C VAL E 2034 -3.21 -7.30 16.61
N LEU E 2035 -2.89 -8.59 16.74
CA LEU E 2035 -2.73 -9.42 15.55
C LEU E 2035 -4.07 -9.54 14.81
N LEU E 2036 -5.16 -9.77 15.54
CA LEU E 2036 -6.47 -9.93 14.92
C LEU E 2036 -6.95 -8.63 14.29
N ILE E 2037 -6.75 -7.50 14.98
CA ILE E 2037 -7.21 -6.22 14.44
C ILE E 2037 -6.37 -5.82 13.23
N GLN E 2038 -5.06 -6.10 13.25
CA GLN E 2038 -4.22 -5.84 12.10
C GLN E 2038 -4.58 -6.75 10.93
N ALA E 2039 -4.97 -8.00 11.20
CA ALA E 2039 -5.43 -8.87 10.12
C ALA E 2039 -6.75 -8.38 9.54
N LEU E 2040 -7.65 -7.89 10.39
CA LEU E 2040 -8.90 -7.28 9.93
C LEU E 2040 -8.63 -6.10 9.00
N ALA E 2041 -7.74 -5.20 9.43
CA ALA E 2041 -7.44 -4.01 8.65
C ALA E 2041 -6.68 -4.37 7.37
N GLY E 2042 -5.81 -5.37 7.42
CA GLY E 2042 -5.06 -5.75 6.23
C GLY E 2042 -5.90 -6.51 5.22
N GLU E 2043 -6.81 -7.36 5.69
CA GLU E 2043 -7.74 -8.04 4.80
C GLU E 2043 -8.69 -7.04 4.16
N THR E 2044 -9.16 -6.05 4.93
CA THR E 2044 -10.08 -5.06 4.39
C THR E 2044 -9.37 -3.92 3.66
N GLU E 2045 -8.04 -3.83 3.77
CA GLU E 2045 -7.24 -2.73 3.21
C GLU E 2045 -7.74 -1.37 3.72
N MET E 2046 -7.66 -1.22 5.04
CA MET E 2046 -8.28 -0.11 5.75
C MET E 2046 -7.28 0.51 6.70
N LYS E 2047 -7.39 1.82 6.90
CA LYS E 2047 -6.56 2.53 7.86
C LYS E 2047 -6.78 2.00 9.27
N ILE E 2048 -5.68 1.72 9.97
CA ILE E 2048 -5.73 1.31 11.36
C ILE E 2048 -4.84 2.23 12.17
N ILE E 2049 -5.41 2.84 13.21
CA ILE E 2049 -4.69 3.74 14.10
C ILE E 2049 -4.61 3.05 15.46
N THR E 2050 -3.40 2.75 15.91
CA THR E 2050 -3.21 2.07 17.17
C THR E 2050 -2.69 3.04 18.23
N ASP E 2051 -2.99 2.72 19.48
CA ASP E 2051 -2.55 3.52 20.61
C ASP E 2051 -2.60 2.65 21.86
N ASN E 2052 -1.86 3.07 22.88
CA ASN E 2052 -1.84 2.40 24.16
C ASN E 2052 -2.41 3.35 25.22
N ALA E 2053 -3.34 2.83 26.03
CA ALA E 2053 -3.98 3.64 27.05
C ALA E 2053 -3.10 3.85 28.28
N GLN E 2054 -1.95 3.18 28.35
CA GLN E 2054 -0.99 3.45 29.44
C GLN E 2054 -0.43 4.87 29.32
N ARG E 2055 -0.20 5.32 28.09
CA ARG E 2055 0.38 6.65 27.86
C ARG E 2055 -0.54 7.78 28.30
N TYR E 2056 -1.82 7.50 28.52
CA TYR E 2056 -2.77 8.48 29.02
C TYR E 2056 -3.06 8.30 30.51
N ALA E 2057 -2.28 7.46 31.19
CA ALA E 2057 -2.42 7.29 32.65
C ALA E 2057 -1.57 8.36 33.35
N LEU E 2058 -2.05 9.59 33.26
CA LEU E 2058 -1.34 10.75 33.78
C LEU E 2058 -2.24 11.54 34.71
N VAL E 2059 -1.80 11.75 35.95
CA VAL E 2059 -2.45 12.64 36.90
C VAL E 2059 -1.35 13.47 37.55
N ASN E 2060 -1.36 14.78 37.33
CA ASN E 2060 -0.34 15.68 37.87
C ASN E 2060 -1.01 16.89 38.48
N ARG E 2061 -0.62 17.21 39.72
CA ARG E 2061 -1.11 18.39 40.46
C ARG E 2061 -2.63 18.39 40.60
N GLY E 2062 -3.23 17.21 40.71
CA GLY E 2062 -4.67 17.10 40.77
C GLY E 2062 -5.38 17.16 39.43
N PHE E 2063 -4.66 17.29 38.33
CA PHE E 2063 -5.23 17.38 37.00
C PHE E 2063 -4.74 16.20 36.16
N ALA E 2064 -5.60 15.73 35.26
CA ALA E 2064 -5.32 14.58 34.41
C ALA E 2064 -5.01 15.07 33.00
N ILE E 2065 -3.72 15.15 32.68
CA ILE E 2065 -3.31 15.56 31.34
C ILE E 2065 -3.61 14.47 30.32
N GLY E 2066 -3.53 13.20 30.74
CA GLY E 2066 -3.83 12.10 29.83
C GLY E 2066 -5.27 12.08 29.36
N ILE E 2067 -6.19 12.59 30.17
CA ILE E 2067 -7.59 12.71 29.74
C ILE E 2067 -7.72 13.71 28.60
N LYS E 2068 -7.06 14.86 28.71
CA LYS E 2068 -7.09 15.85 27.64
C LYS E 2068 -6.42 15.31 26.38
N LEU E 2069 -5.32 14.56 26.56
CA LEU E 2069 -4.65 13.95 25.41
C LEU E 2069 -5.54 12.91 24.73
N LEU E 2070 -6.23 12.08 25.51
CA LEU E 2070 -7.11 11.06 24.94
C LEU E 2070 -8.32 11.69 24.27
N ARG E 2071 -8.84 12.78 24.84
CA ARG E 2071 -9.94 13.50 24.20
C ARG E 2071 -9.50 14.11 22.88
N GLU E 2072 -8.28 14.67 22.84
CA GLU E 2072 -7.74 15.19 21.58
C GLU E 2072 -7.56 14.09 20.55
N VAL E 2073 -7.10 12.91 20.99
CA VAL E 2073 -6.92 11.78 20.07
C VAL E 2073 -8.26 11.30 19.54
N PHE E 2074 -9.27 11.19 20.42
CA PHE E 2074 -10.59 10.73 20.00
C PHE E 2074 -11.29 11.74 19.11
N ASP E 2075 -10.98 13.02 19.26
CA ASP E 2075 -11.54 14.03 18.37
C ASP E 2075 -10.77 14.12 17.06
N ALA E 2076 -9.48 13.77 17.07
CA ALA E 2076 -8.68 13.78 15.85
C ALA E 2076 -8.95 12.56 14.97
N ILE E 2077 -9.29 11.41 15.57
CA ILE E 2077 -9.57 10.23 14.76
C ILE E 2077 -10.91 10.35 14.07
N ALA E 2078 -11.77 11.27 14.54
CA ALA E 2078 -13.05 11.54 13.91
C ALA E 2078 -12.91 12.11 12.51
N LEU E 2079 -11.71 12.56 12.12
CA LEU E 2079 -11.51 13.25 10.86
C LEU E 2079 -10.90 12.35 9.79
N ASN E 2080 -10.30 11.22 10.19
CA ASN E 2080 -9.59 10.31 9.28
C ASN E 2080 -10.44 9.09 8.92
N THR E 2081 -11.76 9.26 8.83
CA THR E 2081 -12.64 8.14 8.59
C THR E 2081 -12.60 7.71 7.12
N PRO E 2082 -12.82 6.42 6.82
CA PRO E 2082 -13.05 5.29 7.74
C PRO E 2082 -11.76 4.74 8.33
N CYS E 2083 -11.79 4.28 9.59
CA CYS E 2083 -10.57 3.78 10.22
C CYS E 2083 -10.93 2.86 11.38
N ILE E 2084 -9.91 2.14 11.85
CA ILE E 2084 -10.04 1.21 12.96
C ILE E 2084 -9.13 1.69 14.06
N PHE E 2085 -9.70 2.23 15.13
CA PHE E 2085 -8.96 2.55 16.34
C PHE E 2085 -8.65 1.27 17.10
N LEU E 2086 -7.44 1.19 17.65
CA LEU E 2086 -7.01 0.05 18.45
C LEU E 2086 -6.39 0.60 19.73
N LEU E 2087 -7.21 0.74 20.77
CA LEU E 2087 -6.76 1.23 22.07
C LEU E 2087 -6.44 0.03 22.95
N GLU E 2088 -5.16 -0.22 23.17
CA GLU E 2088 -4.73 -1.37 23.94
C GLU E 2088 -4.61 -1.01 25.42
N ASP E 2089 -4.82 -2.02 26.27
CA ASP E 2089 -4.71 -1.91 27.73
C ASP E 2089 -5.65 -0.85 28.29
N ILE E 2090 -6.95 -1.04 28.02
CA ILE E 2090 -7.97 -0.15 28.55
C ILE E 2090 -8.13 -0.30 30.06
N HIS E 2091 -7.60 -1.38 30.64
CA HIS E 2091 -7.63 -1.56 32.09
C HIS E 2091 -6.70 -0.60 32.81
N ALA E 2092 -5.71 -0.03 32.11
CA ALA E 2092 -4.75 0.87 32.76
C ALA E 2092 -5.41 2.17 33.19
N ILE E 2093 -6.34 2.69 32.39
CA ILE E 2093 -7.07 3.90 32.75
C ILE E 2093 -8.50 3.62 33.19
N GLY E 2094 -9.09 2.49 32.80
CA GLY E 2094 -10.44 2.19 33.18
C GLY E 2094 -10.55 1.29 34.40
N GLU E 2095 -9.71 1.54 35.40
CA GLU E 2095 -9.71 0.72 36.60
C GLU E 2095 -10.93 1.04 37.47
N ARG E 2096 -11.16 0.18 38.46
CA ARG E 2096 -12.28 0.38 39.38
C ARG E 2096 -12.01 1.54 40.31
N ARG E 2097 -13.06 2.31 40.58
CA ARG E 2097 -12.95 3.46 41.48
C ARG E 2097 -13.26 3.03 42.91
N PRO E 2098 -12.35 3.23 43.87
CA PRO E 2098 -12.59 2.88 45.27
C PRO E 2098 -13.56 3.84 45.95
N GLY E 2113 -19.62 0.96 54.24
CA GLY E 2113 -18.70 1.23 55.33
C GLY E 2113 -19.14 0.59 56.63
N SER E 2114 -18.29 -0.29 57.17
CA SER E 2114 -18.62 -1.00 58.39
C SER E 2114 -17.50 -1.01 59.43
N PHE E 2115 -16.28 -0.62 59.08
CA PHE E 2115 -15.22 -0.58 60.08
C PHE E 2115 -15.16 0.76 60.81
N LYS E 2116 -15.57 1.84 60.13
CA LYS E 2116 -15.49 3.16 60.74
C LYS E 2116 -16.44 3.26 61.93
N GLU E 2117 -17.70 2.84 61.71
CA GLU E 2117 -18.70 2.88 62.76
C GLU E 2117 -18.43 1.87 63.86
N ASP E 2118 -17.64 0.85 63.58
CA ASP E 2118 -17.37 -0.17 64.57
C ASP E 2118 -16.13 0.12 65.41
N PHE E 2119 -15.12 0.77 64.82
CA PHE E 2119 -13.86 1.02 65.50
C PHE E 2119 -13.63 2.48 65.84
N PHE E 2120 -13.78 3.37 64.87
CA PHE E 2120 -13.38 4.77 65.04
C PHE E 2120 -14.53 5.65 65.48
N GLY E 2121 -15.68 5.08 65.76
CA GLY E 2121 -16.85 5.88 66.07
C GLY E 2121 -17.45 6.44 64.80
N SER E 2122 -16.72 7.32 64.10
CA SER E 2122 -17.09 7.98 62.85
C SER E 2122 -18.53 8.49 62.79
N GLN E 2123 -19.47 7.56 62.58
CA GLN E 2123 -20.92 7.83 62.51
C GLN E 2123 -21.23 8.64 61.26
N ARG E 2124 -21.97 9.74 61.45
CA ARG E 2124 -22.35 10.69 60.41
C ARG E 2124 -23.15 10.00 59.30
N ASP E 2125 -24.20 9.34 59.75
CA ASP E 2125 -25.17 8.70 58.89
C ASP E 2125 -26.44 8.45 59.69
N GLU E 2126 -27.55 9.02 59.24
CA GLU E 2126 -28.82 8.83 59.94
C GLU E 2126 -29.21 7.37 59.96
N VAL E 2127 -29.86 6.97 61.06
CA VAL E 2127 -30.22 5.57 61.33
C VAL E 2127 -31.31 5.07 60.41
N HIS E 2128 -31.87 5.96 59.59
CA HIS E 2128 -32.84 5.59 58.57
C HIS E 2128 -32.17 5.24 57.24
N GLU E 2129 -31.24 6.09 56.79
CA GLU E 2129 -30.50 5.79 55.57
C GLU E 2129 -29.53 4.64 55.78
N LYS E 2130 -28.96 4.50 56.98
CA LYS E 2130 -28.15 3.32 57.30
C LYS E 2130 -28.97 2.05 57.18
N ASN E 2131 -30.18 2.06 57.74
CA ASN E 2131 -31.05 0.89 57.65
C ASN E 2131 -31.47 0.61 56.22
N GLN E 2132 -31.74 1.66 55.43
CA GLN E 2132 -32.10 1.48 54.03
C GLN E 2132 -30.94 0.86 53.25
N VAL E 2133 -29.71 1.31 53.52
CA VAL E 2133 -28.53 0.75 52.87
C VAL E 2133 -28.35 -0.71 53.25
N VAL E 2134 -28.58 -1.05 54.53
CA VAL E 2134 -28.46 -2.43 54.97
C VAL E 2134 -29.52 -3.32 54.31
N TYR E 2135 -30.76 -2.84 54.22
CA TYR E 2135 -31.83 -3.61 53.58
C TYR E 2135 -31.55 -3.83 52.11
N GLN E 2136 -31.10 -2.78 51.41
CA GLN E 2136 -30.80 -2.91 49.99
C GLN E 2136 -29.61 -3.82 49.74
N LEU E 2137 -28.59 -3.76 50.62
CA LEU E 2137 -27.44 -4.63 50.50
C LEU E 2137 -27.81 -6.09 50.77
N THR E 2138 -28.70 -6.31 51.74
CA THR E 2138 -29.18 -7.67 52.02
C THR E 2138 -29.97 -8.23 50.84
N ARG E 2139 -30.85 -7.42 50.26
CA ARG E 2139 -31.61 -7.86 49.08
C ARG E 2139 -30.70 -8.11 47.89
N HIS E 2140 -29.69 -7.26 47.71
CA HIS E 2140 -28.72 -7.45 46.63
C HIS E 2140 -27.86 -8.68 46.82
N ALA E 2141 -27.51 -9.01 48.07
CA ALA E 2141 -26.70 -10.18 48.34
C ALA E 2141 -27.50 -11.46 48.14
N ILE E 2142 -28.72 -11.51 48.67
CA ILE E 2142 -29.51 -12.73 48.59
C ILE E 2142 -30.11 -12.90 47.21
N THR E 2143 -30.95 -11.95 46.79
CA THR E 2143 -31.48 -11.96 45.43
C THR E 2143 -30.46 -11.32 44.49
N HIS E 2144 -30.90 -10.96 43.29
CA HIS E 2144 -30.08 -10.32 42.26
C HIS E 2144 -28.92 -11.19 41.78
N TYR E 2145 -28.96 -12.49 42.06
CA TYR E 2145 -27.93 -13.41 41.61
C TYR E 2145 -28.36 -13.99 40.26
N LYS E 2146 -27.45 -13.91 39.28
CA LYS E 2146 -27.72 -14.27 37.89
C LYS E 2146 -28.90 -13.47 37.32
N LYS E 2147 -28.99 -12.20 37.68
CA LYS E 2147 -29.98 -11.32 37.10
C LYS E 2147 -29.44 -10.71 35.81
N PRO E 2148 -30.34 -10.29 34.89
CA PRO E 2148 -29.90 -9.69 33.62
C PRO E 2148 -28.93 -8.52 33.71
N PHE E 2149 -29.28 -7.45 34.44
CA PHE E 2149 -28.42 -6.28 34.50
C PHE E 2149 -28.08 -5.82 35.91
N LYS E 2150 -28.76 -6.32 36.93
CA LYS E 2150 -28.58 -5.83 38.29
C LYS E 2150 -27.44 -6.55 39.01
N GLY E 2151 -27.30 -7.86 38.78
CA GLY E 2151 -26.21 -8.61 39.37
C GLY E 2151 -25.16 -9.01 38.35
N ASP E 2152 -24.81 -8.06 37.47
CA ASP E 2152 -23.89 -8.30 36.36
C ASP E 2152 -22.50 -8.72 36.80
N TYR E 2153 -21.77 -7.81 37.44
CA TYR E 2153 -20.41 -8.06 37.87
C TYR E 2153 -20.15 -7.73 39.33
N SER E 2154 -21.12 -7.14 40.02
CA SER E 2154 -21.01 -6.62 41.38
C SER E 2154 -20.34 -7.57 42.36
N LEU E 2155 -19.32 -7.08 43.05
CA LEU E 2155 -18.55 -7.88 43.99
C LEU E 2155 -19.19 -7.92 45.37
N ALA E 2156 -20.40 -7.36 45.50
CA ALA E 2156 -21.17 -7.44 46.73
C ALA E 2156 -21.98 -8.71 46.85
N ILE E 2157 -22.28 -9.37 45.72
CA ILE E 2157 -22.92 -10.67 45.74
C ILE E 2157 -21.85 -11.70 46.07
N PRO E 2158 -21.96 -12.41 47.19
CA PRO E 2158 -20.91 -13.38 47.57
C PRO E 2158 -20.84 -14.59 46.65
N THR E 2159 -21.95 -14.95 46.00
CA THR E 2159 -21.94 -16.12 45.14
C THR E 2159 -21.14 -15.87 43.87
N ASN E 2160 -21.11 -14.62 43.38
CA ASN E 2160 -20.25 -14.29 42.26
C ASN E 2160 -18.77 -14.45 42.63
N LEU E 2161 -18.41 -14.05 43.84
CA LEU E 2161 -17.05 -14.24 44.32
C LEU E 2161 -16.70 -15.71 44.52
N TYR E 2162 -17.66 -16.51 44.98
CA TYR E 2162 -17.43 -17.95 45.08
C TYR E 2162 -17.25 -18.57 43.71
N VAL E 2163 -18.01 -18.09 42.71
CA VAL E 2163 -17.88 -18.61 41.34
C VAL E 2163 -16.51 -18.26 40.77
N THR E 2164 -16.04 -17.03 41.00
CA THR E 2164 -14.71 -16.65 40.55
C THR E 2164 -13.63 -17.48 41.21
N ASP E 2165 -13.75 -17.70 42.54
CA ASP E 2165 -12.78 -18.54 43.24
C ASP E 2165 -12.80 -19.98 42.72
N LEU E 2166 -14.00 -20.52 42.50
CA LEU E 2166 -14.16 -21.90 42.06
C LEU E 2166 -13.60 -22.11 40.66
N PHE E 2167 -13.77 -21.14 39.77
CA PHE E 2167 -13.37 -21.33 38.38
C PHE E 2167 -11.98 -20.78 38.06
N LEU E 2168 -11.36 -19.99 38.94
CA LEU E 2168 -10.06 -19.43 38.65
C LEU E 2168 -8.97 -19.80 39.64
N LYS E 2169 -9.31 -20.36 40.81
CA LYS E 2169 -8.32 -20.62 41.83
C LYS E 2169 -8.06 -22.12 41.96
N LEU E 2170 -6.92 -22.43 42.57
CA LEU E 2170 -6.53 -23.81 42.81
C LEU E 2170 -7.04 -24.26 44.17
N PRO E 2171 -7.94 -25.28 44.22
CA PRO E 2171 -8.75 -25.59 45.41
C PRO E 2171 -9.02 -24.49 46.44
N THR E 2172 -9.11 -24.87 47.70
CA THR E 2172 -9.37 -23.88 48.75
C THR E 2172 -8.40 -23.98 49.92
N GLN E 2173 -8.02 -25.20 50.33
CA GLN E 2173 -7.17 -25.54 51.47
C GLN E 2173 -7.84 -25.18 52.80
N SER E 2174 -7.88 -26.14 53.73
CA SER E 2174 -8.59 -25.98 54.98
C SER E 2174 -7.64 -25.52 56.09
N ILE E 2175 -8.15 -25.53 57.32
CA ILE E 2175 -7.44 -24.97 58.47
C ILE E 2175 -6.40 -25.97 58.96
N SER E 2176 -5.19 -25.48 59.24
CA SER E 2176 -4.13 -26.32 59.77
C SER E 2176 -4.36 -26.65 61.23
N ASN E 2177 -3.68 -27.70 61.71
CA ASN E 2177 -3.72 -28.11 63.11
C ASN E 2177 -2.42 -27.78 63.83
N LEU E 2178 -1.72 -26.74 63.38
CA LEU E 2178 -0.43 -26.35 63.95
C LEU E 2178 -0.58 -25.15 64.86
N THR E 2179 0.41 -24.95 65.71
CA THR E 2179 0.46 -23.81 66.60
C THR E 2179 1.44 -22.77 66.09
N ASN E 2180 1.39 -21.58 66.71
CA ASN E 2180 2.15 -20.38 66.32
C ASN E 2180 1.90 -19.96 64.87
N VAL E 2181 0.75 -20.34 64.32
CA VAL E 2181 0.32 -19.95 62.99
C VAL E 2181 -1.08 -19.35 63.13
N GLU E 2182 -1.50 -18.62 62.09
CA GLU E 2182 -2.75 -17.87 62.24
C GLU E 2182 -3.97 -18.75 62.03
N ASN E 2183 -4.22 -19.18 60.79
CA ASN E 2183 -5.28 -20.15 60.53
C ASN E 2183 -4.74 -21.35 59.78
N HIS E 2184 -4.05 -21.08 58.67
CA HIS E 2184 -3.39 -22.10 57.88
C HIS E 2184 -1.93 -22.17 58.32
N ASN E 2185 -1.10 -22.89 57.56
CA ASN E 2185 0.33 -23.00 57.87
C ASN E 2185 1.08 -21.74 57.44
N LEU E 2186 0.69 -20.61 58.05
CA LEU E 2186 1.21 -19.30 57.71
C LEU E 2186 1.14 -18.41 58.94
N SER E 2187 2.00 -17.39 58.95
CA SER E 2187 1.99 -16.41 60.03
C SER E 2187 1.05 -15.26 59.65
N ILE E 2188 1.03 -14.21 60.45
CA ILE E 2188 0.13 -13.08 60.21
C ILE E 2188 0.65 -12.25 59.06
N LYS E 2189 -0.28 -11.69 58.28
CA LYS E 2189 0.05 -10.84 57.14
C LYS E 2189 0.71 -9.54 57.60
N ASN E 2190 1.33 -8.85 56.65
CA ASN E 2190 2.22 -7.73 56.89
C ASN E 2190 1.52 -6.44 57.32
N LYS E 2191 0.22 -6.44 57.66
CA LYS E 2191 -0.49 -5.28 58.18
C LYS E 2191 -0.53 -4.13 57.16
N ILE E 2192 0.61 -3.49 56.93
CA ILE E 2192 0.75 -2.48 55.88
C ILE E 2192 1.33 -3.17 54.65
N GLN E 2193 0.58 -3.16 53.56
CA GLN E 2193 1.04 -3.74 52.31
C GLN E 2193 1.68 -2.65 51.46
N HIS E 2194 3.00 -2.72 51.32
CA HIS E 2194 3.81 -1.80 50.52
C HIS E 2194 3.61 -0.33 50.93
N PHE E 2234 29.55 -0.03 41.78
CA PHE E 2234 30.62 -0.04 42.76
C PHE E 2234 30.06 0.19 44.17
N SER E 2235 30.67 1.13 44.89
CA SER E 2235 30.24 1.41 46.27
C SER E 2235 28.90 2.14 46.30
N VAL E 2236 28.60 2.92 45.26
CA VAL E 2236 27.33 3.66 45.22
C VAL E 2236 26.16 2.69 45.13
N LEU E 2237 26.24 1.71 44.21
CA LEU E 2237 25.21 0.69 44.10
C LEU E 2237 25.13 -0.18 45.34
N LEU E 2238 26.29 -0.47 45.96
CA LEU E 2238 26.30 -1.26 47.18
C LEU E 2238 25.58 -0.53 48.32
N LEU E 2239 25.82 0.77 48.47
CA LEU E 2239 25.14 1.55 49.50
C LEU E 2239 23.65 1.69 49.19
N LYS E 2240 23.31 1.86 47.90
CA LYS E 2240 21.92 1.99 47.50
C LYS E 2240 21.13 0.73 47.78
N GLU E 2241 21.72 -0.44 47.52
CA GLU E 2241 21.07 -1.69 47.88
C GLU E 2241 21.13 -1.98 49.38
N GLU E 2242 22.13 -1.42 50.08
CA GLU E 2242 22.25 -1.66 51.51
C GLU E 2242 21.17 -0.91 52.29
N LYS E 2243 20.83 0.30 51.86
CA LYS E 2243 19.77 1.07 52.52
C LYS E 2243 18.85 1.66 51.44
N ARG E 2244 17.83 0.90 51.04
CA ARG E 2244 16.88 1.42 50.05
C ARG E 2244 15.47 1.56 50.60
N LEU E 2245 14.82 0.47 50.99
CA LEU E 2245 13.45 0.63 51.48
C LEU E 2245 13.17 -0.16 52.73
N LYS E 2246 13.71 -1.40 52.78
CA LYS E 2246 13.57 -2.29 53.97
C LYS E 2246 12.11 -2.48 54.37
N PRO E 2247 11.26 -3.17 53.57
CA PRO E 2247 9.84 -3.31 53.89
C PRO E 2247 9.63 -4.37 54.97
N ASN E 2248 9.68 -5.64 54.58
CA ASN E 2248 9.45 -6.75 55.53
C ASN E 2248 10.49 -6.72 56.64
N LYS E 2249 11.68 -7.23 56.36
CA LYS E 2249 12.74 -7.39 57.36
C LYS E 2249 12.29 -7.55 58.81
N ILE E 2250 13.18 -7.20 59.74
CA ILE E 2250 12.93 -7.25 61.18
C ILE E 2250 13.74 -6.12 61.82
N VAL E 2251 13.06 -5.29 62.61
CA VAL E 2251 13.67 -4.09 63.18
C VAL E 2251 14.58 -4.46 64.34
N GLU E 2252 15.81 -3.96 64.31
CA GLU E 2252 16.77 -4.18 65.38
C GLU E 2252 16.38 -3.41 66.64
N GLU E 2253 16.99 -3.77 67.76
CA GLU E 2253 16.73 -3.15 69.04
C GLU E 2253 17.97 -2.39 69.52
N LEU E 2254 17.76 -1.15 69.94
CA LEU E 2254 18.81 -0.35 70.53
C LEU E 2254 19.05 -0.76 71.99
N PRO E 2255 20.25 -0.56 72.50
CA PRO E 2255 20.48 -0.78 73.94
C PRO E 2255 19.71 0.22 74.78
N TRP E 2256 19.48 -0.16 76.04
CA TRP E 2256 18.79 0.73 76.97
C TRP E 2256 19.63 1.96 77.34
N THR E 2257 20.95 1.86 77.22
CA THR E 2257 21.82 3.02 77.34
C THR E 2257 21.92 3.80 76.04
N SER E 2258 21.20 3.36 75.01
CA SER E 2258 21.17 3.96 73.67
C SER E 2258 22.54 3.93 73.01
N LEU E 2259 22.64 4.50 71.83
CA LEU E 2259 23.95 4.58 71.24
C LEU E 2259 24.47 6.00 71.34
N PRO E 2260 25.77 6.17 71.59
CA PRO E 2260 26.36 7.51 71.64
C PRO E 2260 26.12 8.25 70.32
N GLY E 2261 25.78 9.54 70.42
CA GLY E 2261 25.11 10.35 69.41
C GLY E 2261 25.44 10.13 67.95
N GLU E 2262 26.74 10.04 67.66
CA GLU E 2262 27.24 9.75 66.31
C GLU E 2262 26.70 8.42 65.76
N GLN E 2263 26.82 7.34 66.54
CA GLN E 2263 26.39 6.03 66.08
C GLN E 2263 24.87 5.97 65.96
N LEU E 2264 24.17 6.79 66.73
CA LEU E 2264 22.73 6.96 66.55
C LEU E 2264 22.42 7.79 65.31
N ALA E 2265 23.29 8.73 64.96
CA ALA E 2265 23.10 9.56 63.78
C ALA E 2265 23.39 8.81 62.49
N THR E 2266 24.19 7.75 62.54
CA THR E 2266 24.22 6.78 61.45
C THR E 2266 23.18 5.70 61.73
N LYS E 2267 23.14 4.65 60.88
CA LYS E 2267 22.18 3.55 60.97
C LYS E 2267 20.74 4.04 60.96
N PRO E 2268 20.15 4.26 59.77
CA PRO E 2268 18.84 4.92 59.63
C PRO E 2268 17.76 4.47 60.61
N ARG E 2269 16.87 5.40 60.97
CA ARG E 2269 15.87 5.18 62.01
C ARG E 2269 14.93 4.03 61.67
N THR E 2270 14.67 3.83 60.36
CA THR E 2270 13.85 2.71 59.88
C THR E 2270 14.42 1.37 60.31
N SER E 2271 15.73 1.31 60.58
CA SER E 2271 16.39 0.09 61.02
C SER E 2271 16.24 -0.19 62.52
N TYR E 2272 15.90 0.81 63.35
CA TYR E 2272 15.87 0.51 64.78
C TYR E 2272 14.68 1.06 65.55
N SER E 2273 13.86 1.94 64.98
CA SER E 2273 12.94 2.73 65.80
C SER E 2273 11.51 2.21 65.82
N VAL E 2274 11.17 1.20 65.02
CA VAL E 2274 9.83 0.60 64.91
C VAL E 2274 8.78 1.64 64.52
N ARG E 2275 8.60 2.68 65.34
CA ARG E 2275 7.68 3.77 65.03
C ARG E 2275 8.08 4.48 63.75
N ALA E 2276 9.38 4.73 63.56
CA ALA E 2276 9.85 5.37 62.33
C ALA E 2276 9.62 4.48 61.12
N LYS E 2277 9.90 3.18 61.24
CA LYS E 2277 9.68 2.26 60.12
C LYS E 2277 8.20 2.17 59.75
N VAL E 2278 7.33 2.09 60.77
CA VAL E 2278 5.90 2.01 60.53
C VAL E 2278 5.38 3.31 59.92
N ALA E 2279 5.91 4.45 60.37
CA ALA E 2279 5.54 5.73 59.79
C ALA E 2279 5.97 5.84 58.33
N MET E 2280 7.16 5.35 58.00
CA MET E 2280 7.61 5.35 56.60
C MET E 2280 6.73 4.45 55.74
N LEU E 2281 6.40 3.25 56.24
CA LEU E 2281 5.54 2.35 55.50
C LEU E 2281 4.15 2.94 55.31
N ALA E 2282 3.63 3.61 56.34
CA ALA E 2282 2.35 4.29 56.24
C ALA E 2282 2.38 5.42 55.22
N GLU E 2283 3.47 6.19 55.20
CA GLU E 2283 3.59 7.29 54.24
C GLU E 2283 3.63 6.78 52.82
N LEU E 2284 4.38 5.70 52.56
CA LEU E 2284 4.40 5.13 51.22
C LEU E 2284 3.04 4.55 50.83
N SER E 2285 2.37 3.86 51.75
CA SER E 2285 1.08 3.27 51.44
C SER E 2285 0.04 4.34 51.13
N LEU E 2286 0.04 5.43 51.91
CA LEU E 2286 -0.89 6.52 51.63
C LEU E 2286 -0.52 7.28 50.36
N SER E 2287 0.77 7.37 50.03
CA SER E 2287 1.18 8.01 48.79
C SER E 2287 0.74 7.17 47.58
N ASN E 2288 0.84 5.85 47.69
CA ASN E 2288 0.33 4.99 46.62
C ASN E 2288 -1.19 5.04 46.53
N LEU E 2289 -1.87 5.18 47.67
CA LEU E 2289 -3.33 5.30 47.66
C LEU E 2289 -3.78 6.62 47.03
N SER E 2290 -3.06 7.71 47.28
CA SER E 2290 -3.47 9.04 46.83
C SER E 2290 -3.17 9.24 45.35
N ALA E 2291 -3.86 8.45 44.53
CA ALA E 2291 -3.88 8.62 43.08
C ALA E 2291 -5.28 9.06 42.69
N LYS E 2292 -5.41 10.26 42.14
CA LYS E 2292 -6.72 10.82 41.82
C LYS E 2292 -7.31 10.07 40.64
N LEU E 2293 -8.36 9.30 40.90
CA LEU E 2293 -9.00 8.46 39.88
C LEU E 2293 -10.25 9.11 39.31
N ASP E 2294 -10.22 10.44 39.17
CA ASP E 2294 -11.29 11.17 38.49
C ASP E 2294 -11.26 10.99 36.98
N MET E 2295 -10.24 10.32 36.44
CA MET E 2295 -10.15 10.06 35.01
C MET E 2295 -11.21 9.09 34.52
N ILE E 2296 -11.82 8.31 35.42
CA ILE E 2296 -12.83 7.33 35.02
C ILE E 2296 -14.09 8.05 34.52
N THR E 2297 -14.52 9.08 35.25
CA THR E 2297 -15.74 9.80 34.89
C THR E 2297 -15.57 10.67 33.65
N ASP E 2298 -14.34 10.90 33.19
CA ASP E 2298 -14.10 11.55 31.91
C ASP E 2298 -13.91 10.54 30.80
N LEU E 2299 -13.32 9.38 31.11
CA LEU E 2299 -13.25 8.29 30.14
C LEU E 2299 -14.64 7.79 29.76
N LEU E 2300 -15.58 7.84 30.71
CA LEU E 2300 -16.97 7.49 30.40
C LEU E 2300 -17.56 8.41 29.36
N VAL E 2301 -17.32 9.72 29.51
CA VAL E 2301 -17.83 10.70 28.54
C VAL E 2301 -17.14 10.54 27.19
N ILE E 2302 -15.83 10.28 27.22
CA ILE E 2302 -15.06 10.10 25.98
C ILE E 2302 -15.58 8.89 25.20
N ILE E 2303 -15.84 7.78 25.89
CA ILE E 2303 -16.35 6.58 25.23
C ILE E 2303 -17.80 6.79 24.78
N ASP E 2304 -18.60 7.50 25.57
CA ASP E 2304 -19.99 7.76 25.19
C ASP E 2304 -20.09 8.72 24.01
N SER E 2305 -19.06 9.52 23.75
CA SER E 2305 -19.10 10.45 22.63
C SER E 2305 -18.85 9.79 21.29
N VAL E 2306 -18.44 8.52 21.27
CA VAL E 2306 -18.15 7.83 20.02
C VAL E 2306 -19.44 7.56 19.23
N ARG E 2307 -20.56 7.34 19.93
CA ARG E 2307 -21.81 7.01 19.25
C ARG E 2307 -22.32 8.17 18.40
N SER E 2308 -22.07 9.41 18.82
CA SER E 2308 -22.45 10.56 18.01
C SER E 2308 -21.63 10.64 16.74
N ASN E 2309 -20.42 10.08 16.75
CA ASN E 2309 -19.54 10.05 15.61
C ASN E 2309 -19.97 8.97 14.61
N LYS E 2310 -19.35 8.99 13.44
CA LYS E 2310 -19.67 8.05 12.38
C LYS E 2310 -18.43 7.74 11.56
N GLY E 2311 -18.32 6.49 11.10
CA GLY E 2311 -17.36 6.12 10.08
C GLY E 2311 -16.23 5.23 10.56
N PHE E 2312 -15.92 5.21 11.85
CA PHE E 2312 -14.79 4.44 12.35
C PHE E 2312 -15.28 3.44 13.39
N VAL E 2313 -14.40 2.51 13.76
CA VAL E 2313 -14.73 1.54 14.81
C VAL E 2313 -13.58 1.48 15.80
N VAL E 2314 -13.92 1.49 17.10
CA VAL E 2314 -12.92 1.48 18.16
C VAL E 2314 -12.87 0.07 18.76
N PHE E 2315 -11.66 -0.45 18.93
CA PHE E 2315 -11.43 -1.74 19.59
C PHE E 2315 -10.58 -1.48 20.83
N ALA E 2316 -11.17 -1.65 22.01
CA ALA E 2316 -10.46 -1.50 23.26
C ALA E 2316 -10.09 -2.89 23.78
N THR E 2317 -8.80 -3.16 23.91
CA THR E 2317 -8.33 -4.48 24.30
C THR E 2317 -7.85 -4.48 25.75
N THR E 2318 -8.11 -5.58 26.43
CA THR E 2318 -7.65 -5.75 27.81
C THR E 2318 -7.48 -7.23 28.09
N ASP E 2319 -6.62 -7.53 29.08
CA ASP E 2319 -6.44 -8.89 29.54
C ASP E 2319 -7.15 -9.16 30.85
N ILE E 2320 -7.59 -8.12 31.54
CA ILE E 2320 -8.25 -8.23 32.84
C ILE E 2320 -9.59 -7.49 32.82
N PRO E 2321 -10.69 -8.16 32.45
CA PRO E 2321 -11.98 -7.46 32.41
C PRO E 2321 -12.67 -7.36 33.76
N HIS E 2322 -12.18 -8.05 34.79
CA HIS E 2322 -12.83 -7.99 36.10
C HIS E 2322 -12.55 -6.68 36.81
N VAL E 2323 -11.36 -6.11 36.63
CA VAL E 2323 -11.00 -4.84 37.28
C VAL E 2323 -11.59 -3.66 36.51
N LEU E 2324 -12.12 -3.90 35.31
CA LEU E 2324 -12.77 -2.86 34.54
C LEU E 2324 -13.97 -2.30 35.28
N ASP E 2325 -14.19 -1.00 35.12
CA ASP E 2325 -15.27 -0.32 35.81
C ASP E 2325 -16.62 -0.80 35.29
N PRO E 2326 -17.54 -1.21 36.16
CA PRO E 2326 -18.87 -1.65 35.68
C PRO E 2326 -19.63 -0.57 34.95
N ALA E 2327 -19.40 0.71 35.30
CA ALA E 2327 -19.97 1.81 34.53
C ALA E 2327 -19.47 1.76 33.08
N LEU E 2328 -18.19 1.44 32.89
CA LEU E 2328 -17.65 1.26 31.54
C LEU E 2328 -18.30 0.10 30.80
N ARG E 2329 -18.90 -0.85 31.51
CA ARG E 2329 -19.59 -1.95 30.88
C ARG E 2329 -21.07 -1.67 30.65
N ARG E 2330 -21.54 -0.47 30.96
CA ARG E 2330 -22.94 -0.14 30.74
C ARG E 2330 -23.21 0.09 29.26
N PRO E 2331 -24.45 -0.10 28.81
CA PRO E 2331 -24.78 0.13 27.40
C PRO E 2331 -24.56 1.57 26.98
N GLY E 2332 -24.17 1.74 25.71
CA GLY E 2332 -23.64 2.99 25.22
C GLY E 2332 -22.15 3.13 25.41
N ARG E 2333 -21.51 2.17 26.07
CA ARG E 2333 -20.09 2.19 26.37
C ARG E 2333 -19.55 0.84 25.90
N LEU E 2334 -18.37 0.45 26.39
CA LEU E 2334 -17.76 -0.82 25.98
C LEU E 2334 -18.55 -2.00 26.52
N ASP E 2335 -19.71 -2.27 25.93
CA ASP E 2335 -20.61 -3.33 26.34
C ASP E 2335 -20.40 -4.60 25.52
N GLU E 2336 -20.32 -4.46 24.20
CA GLU E 2336 -20.08 -5.61 23.33
C GLU E 2336 -18.68 -6.13 23.53
N THR E 2337 -18.56 -7.42 23.82
CA THR E 2337 -17.28 -8.03 24.18
C THR E 2337 -17.07 -9.27 23.34
N ILE E 2338 -15.89 -9.38 22.77
CA ILE E 2338 -15.49 -10.58 22.07
C ILE E 2338 -14.31 -11.17 22.83
N CYS E 2339 -14.61 -12.18 23.66
CA CYS E 2339 -13.56 -12.86 24.41
C CYS E 2339 -12.74 -13.72 23.46
N LEU E 2340 -11.42 -13.56 23.51
CA LEU E 2340 -10.53 -14.39 22.70
C LEU E 2340 -9.81 -15.33 23.66
N PRO E 2341 -10.26 -16.58 23.79
CA PRO E 2341 -9.60 -17.51 24.73
C PRO E 2341 -8.16 -17.81 24.37
N ASN E 2342 -7.40 -18.38 25.30
CA ASN E 2342 -5.96 -18.59 25.15
C ASN E 2342 -5.61 -19.51 24.00
N ILE E 2343 -4.44 -19.31 23.41
CA ILE E 2343 -4.00 -20.03 22.22
C ILE E 2343 -2.90 -21.04 22.52
N HIS E 2344 -2.33 -21.01 23.72
CA HIS E 2344 -1.22 -21.89 24.06
C HIS E 2344 -1.73 -23.30 24.34
N THR E 2345 -2.33 -23.89 23.34
CA THR E 2345 -2.94 -25.22 23.38
C THR E 2345 -2.05 -26.15 22.58
N SER E 2346 -1.37 -27.06 23.28
CA SER E 2346 -0.27 -27.89 22.78
C SER E 2346 -0.51 -28.56 21.43
N ASN E 2347 -1.65 -29.24 21.22
CA ASN E 2347 -1.88 -29.85 19.92
C ASN E 2347 -2.73 -28.99 19.00
N ILE E 2348 -3.98 -28.78 19.41
CA ILE E 2348 -5.02 -28.04 18.70
C ILE E 2348 -4.58 -26.69 18.16
N LEU E 2349 -4.49 -25.70 19.01
CA LEU E 2349 -4.17 -24.39 18.47
C LEU E 2349 -2.68 -24.18 18.52
N ASN E 2350 -1.92 -25.22 18.20
CA ASN E 2350 -0.52 -25.05 17.90
C ASN E 2350 -0.21 -25.74 16.57
N PHE E 2351 -0.61 -27.02 16.46
CA PHE E 2351 -0.30 -27.75 15.23
C PHE E 2351 -1.18 -27.29 14.09
N THR E 2352 -2.48 -27.19 14.35
CA THR E 2352 -3.40 -26.72 13.34
C THR E 2352 -3.07 -25.28 12.95
N LYS E 2353 -2.78 -24.42 13.94
CA LYS E 2353 -2.43 -23.03 13.69
C LYS E 2353 -1.20 -22.90 12.81
N ASN E 2354 -0.08 -23.51 13.24
CA ASN E 2354 1.15 -23.50 12.46
C ASN E 2354 0.99 -24.16 11.11
N TYR E 2355 0.13 -25.18 11.02
CA TYR E 2355 -0.05 -25.93 9.78
C TYR E 2355 -0.79 -25.11 8.73
N GLU E 2356 -1.92 -24.51 9.11
CA GLU E 2356 -2.63 -23.64 8.16
C GLU E 2356 -1.82 -22.39 7.82
N ILE E 2357 -1.02 -21.88 8.77
CA ILE E 2357 -0.15 -20.74 8.46
C ILE E 2357 0.90 -21.15 7.42
N PHE E 2358 1.49 -22.34 7.58
CA PHE E 2358 2.47 -22.82 6.61
C PHE E 2358 1.83 -23.12 5.26
N LYS E 2359 0.66 -23.75 5.26
CA LYS E 2359 0.03 -24.17 4.01
C LYS E 2359 -0.64 -23.02 3.26
N SER E 2360 -0.91 -21.90 3.94
CA SER E 2360 -1.52 -20.76 3.28
C SER E 2360 -0.50 -19.90 2.54
N ALA E 2361 0.79 -20.12 2.74
CA ALA E 2361 1.81 -19.28 2.15
C ALA E 2361 2.25 -19.74 0.76
N LYS E 2362 1.99 -20.99 0.40
CA LYS E 2362 2.45 -21.53 -0.87
C LYS E 2362 1.52 -22.65 -1.31
N ASP E 2363 1.65 -23.04 -2.57
CA ASP E 2363 0.81 -24.12 -3.10
C ASP E 2363 1.16 -25.45 -2.46
N THR E 2364 2.44 -25.79 -2.41
CA THR E 2364 2.96 -27.06 -1.88
C THR E 2364 2.30 -28.27 -2.53
N SER E 2365 2.10 -28.19 -3.84
CA SER E 2365 1.51 -29.28 -4.62
C SER E 2365 2.58 -29.84 -5.57
N ASN E 2366 2.79 -31.14 -5.49
CA ASN E 2366 3.87 -31.80 -6.22
C ASN E 2366 3.35 -33.01 -6.98
N PHE E 2367 2.24 -32.82 -7.70
CA PHE E 2367 1.68 -33.91 -8.49
C PHE E 2367 2.56 -34.24 -9.69
N GLY E 2368 3.00 -33.22 -10.41
CA GLY E 2368 3.83 -33.44 -11.61
C GLY E 2368 5.15 -34.09 -11.30
N LYS E 2369 5.71 -33.83 -10.11
CA LYS E 2369 6.94 -34.46 -9.68
C LYS E 2369 6.80 -35.96 -9.46
N LYS E 2370 5.58 -36.49 -9.45
CA LYS E 2370 5.37 -37.93 -9.43
C LYS E 2370 5.65 -38.60 -10.77
N ILE E 2371 5.98 -37.83 -11.82
CA ILE E 2371 6.24 -38.40 -13.14
C ILE E 2371 7.41 -39.39 -13.11
N ILE E 2372 8.38 -39.17 -12.21
CA ILE E 2372 9.53 -40.08 -12.15
C ILE E 2372 9.11 -41.45 -11.62
N LEU E 2373 7.99 -41.54 -10.91
CA LEU E 2373 7.49 -42.85 -10.51
C LEU E 2373 7.03 -43.68 -11.70
N ASN E 2374 6.82 -43.04 -12.85
CA ASN E 2374 6.53 -43.73 -14.10
C ASN E 2374 7.74 -43.84 -15.01
N GLU E 2375 8.94 -43.53 -14.50
CA GLU E 2375 10.15 -43.67 -15.31
C GLU E 2375 11.16 -44.57 -14.61
N MET E 2376 10.71 -45.73 -14.12
CA MET E 2376 11.55 -46.58 -13.31
C MET E 2376 11.92 -47.91 -13.91
N GLN E 2377 11.20 -48.38 -14.92
CA GLN E 2377 11.48 -49.69 -15.50
C GLN E 2377 11.94 -49.57 -16.95
N ASN E 2378 12.40 -48.39 -17.35
CA ASN E 2378 13.03 -48.23 -18.64
C ASN E 2378 14.36 -48.97 -18.61
N LEU E 2379 14.51 -50.01 -19.45
CA LEU E 2379 15.76 -50.77 -19.50
C LEU E 2379 16.74 -50.07 -20.42
N THR E 2380 17.18 -48.90 -19.96
CA THR E 2380 18.04 -47.98 -20.68
C THR E 2380 18.90 -47.26 -19.66
N THR E 2381 19.48 -46.12 -20.05
CA THR E 2381 20.21 -45.29 -19.10
C THR E 2381 19.43 -44.05 -18.67
N THR E 2382 18.58 -43.49 -19.55
CA THR E 2382 17.87 -42.26 -19.22
C THR E 2382 16.65 -42.13 -20.11
N SER E 2383 15.72 -41.26 -19.71
CA SER E 2383 14.54 -40.96 -20.49
C SER E 2383 14.22 -39.47 -20.42
N LYS E 2401 20.47 -38.89 -10.59
CA LYS E 2401 19.71 -37.67 -10.30
C LYS E 2401 20.35 -36.79 -9.22
N THR E 2402 19.77 -35.61 -8.99
CA THR E 2402 20.39 -34.51 -8.27
C THR E 2402 19.33 -33.71 -7.51
N LYS E 2403 19.60 -32.43 -7.27
CA LYS E 2403 18.72 -31.52 -6.54
C LYS E 2403 17.38 -31.24 -7.21
N ARG E 2404 17.06 -31.97 -8.28
CA ARG E 2404 15.72 -31.95 -8.88
C ARG E 2404 14.62 -32.35 -7.89
N GLU E 2405 14.96 -33.02 -6.79
CA GLU E 2405 14.01 -33.33 -5.73
C GLU E 2405 13.61 -32.04 -5.03
N GLY E 2406 12.42 -31.54 -5.35
CA GLY E 2406 11.92 -30.34 -4.70
C GLY E 2406 10.79 -30.64 -3.74
N VAL E 2407 10.84 -31.82 -3.12
CA VAL E 2407 9.80 -32.29 -2.23
C VAL E 2407 10.33 -32.29 -0.80
N LEU E 2408 9.49 -31.83 0.14
CA LEU E 2408 9.85 -31.81 1.55
C LEU E 2408 9.44 -33.13 2.18
N THR E 2409 10.43 -33.98 2.47
CA THR E 2409 10.19 -35.28 3.07
C THR E 2409 10.17 -35.24 4.59
N MET E 2410 9.92 -34.07 5.17
CA MET E 2410 9.87 -33.89 6.62
C MET E 2410 8.44 -33.64 7.06
N ASN E 2411 8.04 -34.29 8.15
CA ASN E 2411 6.75 -34.01 8.75
C ASN E 2411 6.81 -32.66 9.47
N LEU E 2412 5.79 -31.83 9.25
CA LEU E 2412 5.71 -30.56 9.97
C LEU E 2412 5.40 -30.75 11.44
N LYS E 2413 4.89 -31.93 11.81
CA LYS E 2413 4.66 -32.25 13.21
C LYS E 2413 5.96 -32.24 14.00
N ASP E 2414 7.06 -32.70 13.40
CA ASP E 2414 8.35 -32.70 14.09
C ASP E 2414 8.86 -31.28 14.33
N TYR E 2415 8.73 -30.41 13.32
CA TYR E 2415 9.11 -29.01 13.51
C TYR E 2415 8.23 -28.34 14.55
N ASN E 2416 6.95 -28.71 14.61
CA ASN E 2416 6.10 -28.15 15.64
C ASN E 2416 6.44 -28.70 17.02
N ILE E 2417 6.89 -29.95 17.08
CA ILE E 2417 7.37 -30.51 18.35
C ILE E 2417 8.58 -29.72 18.83
N LEU E 2418 9.47 -29.35 17.91
CA LEU E 2418 10.62 -28.52 18.27
C LEU E 2418 10.17 -27.13 18.74
N LEU E 2419 9.25 -26.52 18.00
CA LEU E 2419 8.74 -25.18 18.34
C LEU E 2419 7.86 -25.18 19.58
N ASN E 2420 7.46 -26.35 20.07
CA ASN E 2420 6.80 -26.44 21.37
C ASN E 2420 7.74 -26.84 22.48
N GLN E 2421 8.84 -27.52 22.16
CA GLN E 2421 9.88 -27.76 23.14
C GLN E 2421 10.58 -26.47 23.52
N VAL E 2422 10.75 -25.57 22.55
CA VAL E 2422 11.25 -24.24 22.83
C VAL E 2422 10.07 -23.27 22.81
N TYR E 2423 10.29 -22.09 23.40
CA TYR E 2423 9.33 -20.96 23.38
C TYR E 2423 7.98 -21.33 24.00
N PHE E 2424 7.99 -22.29 24.93
CA PHE E 2424 6.78 -22.89 25.48
C PHE E 2424 7.14 -23.76 26.67
N ALA E 2425 7.44 -25.04 26.40
CA ALA E 2425 7.82 -25.98 27.46
C ALA E 2425 9.20 -25.64 28.01
N LYS E 2443 9.07 -17.23 17.09
CA LYS E 2443 9.38 -18.11 15.97
C LYS E 2443 8.19 -19.01 15.64
N SER E 2444 7.94 -19.20 14.36
CA SER E 2444 6.82 -20.01 13.88
C SER E 2444 7.32 -20.99 12.84
N LEU E 2445 6.39 -21.75 12.27
CA LEU E 2445 6.70 -22.77 11.26
C LEU E 2445 6.65 -22.11 9.90
N ASN E 2446 7.81 -21.72 9.38
CA ASN E 2446 7.91 -21.13 8.05
C ASN E 2446 9.03 -21.78 7.27
N PHE E 2447 9.35 -21.25 6.10
CA PHE E 2447 10.43 -21.79 5.29
C PHE E 2447 11.81 -21.41 5.82
N ALA E 2448 11.90 -20.35 6.64
CA ALA E 2448 13.19 -19.99 7.23
C ALA E 2448 13.68 -21.06 8.20
N LEU E 2449 12.75 -21.67 8.95
CA LEU E 2449 13.11 -22.77 9.85
C LEU E 2449 13.63 -23.97 9.07
N ILE E 2450 12.99 -24.29 7.94
CA ILE E 2450 13.43 -25.41 7.12
C ILE E 2450 14.79 -25.12 6.48
N SER E 2451 15.01 -23.87 6.07
CA SER E 2451 16.31 -23.48 5.53
C SER E 2451 17.39 -23.56 6.60
N HIS E 2452 17.07 -23.16 7.83
CA HIS E 2452 18.04 -23.27 8.92
C HIS E 2452 18.35 -24.72 9.24
N SER E 2453 17.34 -25.59 9.21
CA SER E 2453 17.58 -27.02 9.43
C SER E 2453 18.45 -27.62 8.33
N LYS E 2454 18.21 -27.24 7.07
CA LYS E 2454 19.05 -27.72 5.98
C LYS E 2454 20.47 -27.21 6.11
N LYS E 2455 20.64 -25.95 6.50
CA LYS E 2455 21.97 -25.39 6.71
C LYS E 2455 22.71 -26.12 7.83
N LEU E 2456 22.03 -26.37 8.95
CA LEU E 2456 22.64 -27.11 10.05
C LEU E 2456 22.98 -28.54 9.66
N LYS E 2457 22.17 -29.15 8.79
CA LYS E 2457 22.53 -30.46 8.26
C LYS E 2457 23.77 -30.40 7.38
N GLU E 2458 23.89 -29.33 6.57
CA GLU E 2458 25.04 -29.22 5.68
C GLU E 2458 26.34 -28.95 6.45
N LEU E 2459 26.27 -28.17 7.53
CA LEU E 2459 27.47 -27.96 8.35
C LEU E 2459 27.83 -29.18 9.19
N ASN E 2460 26.95 -30.17 9.29
CA ASN E 2460 27.19 -31.39 10.04
C ASN E 2460 27.12 -32.61 9.14
N VAL E 2461 27.68 -32.50 7.94
CA VAL E 2461 27.66 -33.60 6.99
C VAL E 2461 29.09 -33.95 6.55
N LYS E 2503 31.54 -46.59 36.14
CA LYS E 2503 31.49 -45.28 35.49
C LYS E 2503 30.39 -45.22 34.43
N SER E 2504 30.30 -46.26 33.60
CA SER E 2504 29.31 -46.34 32.55
C SER E 2504 28.09 -47.16 32.95
N PHE E 2505 28.17 -47.92 34.05
CA PHE E 2505 27.00 -48.64 34.54
C PHE E 2505 25.96 -47.67 35.08
N LYS E 2506 26.40 -46.58 35.73
CA LYS E 2506 25.47 -45.55 36.17
C LYS E 2506 24.81 -44.87 34.98
N LYS E 2507 25.57 -44.65 33.91
CA LYS E 2507 25.01 -44.13 32.67
C LYS E 2507 23.98 -45.09 32.08
N LYS E 2508 24.27 -46.40 32.12
CA LYS E 2508 23.33 -47.39 31.61
C LYS E 2508 22.05 -47.42 32.43
N TYR E 2509 22.17 -47.36 33.77
CA TYR E 2509 20.99 -47.34 34.63
C TYR E 2509 20.13 -46.10 34.39
N LYS E 2510 20.78 -44.93 34.30
CA LYS E 2510 20.06 -43.68 34.08
C LYS E 2510 19.38 -43.66 32.72
N ASP E 2511 20.11 -44.09 31.68
CA ASP E 2511 19.55 -44.12 30.33
C ASP E 2511 18.38 -45.08 30.25
N LYS E 2512 18.51 -46.26 30.87
CA LYS E 2512 17.43 -47.25 30.85
C LYS E 2512 16.19 -46.72 31.56
N ALA E 2513 16.38 -46.04 32.70
CA ALA E 2513 15.25 -45.47 33.41
C ALA E 2513 14.54 -44.41 32.58
N ILE E 2514 15.31 -43.54 31.91
CA ILE E 2514 14.72 -42.47 31.12
C ILE E 2514 13.95 -43.03 29.92
N ILE E 2515 14.56 -43.97 29.19
CA ILE E 2515 13.91 -44.50 28.01
C ILE E 2515 12.69 -45.35 28.37
N TYR E 2516 12.73 -46.05 29.51
CA TYR E 2516 11.56 -46.83 29.90
C TYR E 2516 10.44 -45.95 30.41
N TYR E 2517 10.77 -44.83 31.06
CA TYR E 2517 9.76 -43.84 31.41
C TYR E 2517 9.06 -43.30 30.16
N GLU E 2518 9.84 -42.89 29.15
CA GLU E 2518 9.25 -42.35 27.93
C GLU E 2518 8.43 -43.41 27.18
N VAL E 2519 8.96 -44.63 27.09
CA VAL E 2519 8.26 -45.71 26.39
C VAL E 2519 6.95 -46.04 27.06
N GLY E 2520 6.95 -46.16 28.40
CA GLY E 2520 5.74 -46.47 29.11
C GLY E 2520 4.70 -45.36 29.02
N LYS E 2521 5.16 -44.10 29.07
CA LYS E 2521 4.23 -42.97 28.94
C LYS E 2521 3.54 -42.98 27.59
N PHE E 2522 4.30 -43.20 26.51
CA PHE E 2522 3.68 -43.18 25.19
C PHE E 2522 2.88 -44.46 24.91
N VAL E 2523 3.26 -45.58 25.51
CA VAL E 2523 2.45 -46.80 25.41
C VAL E 2523 1.10 -46.59 26.06
N LEU E 2524 1.08 -45.96 27.24
CA LEU E 2524 -0.18 -45.71 27.93
C LEU E 2524 -1.02 -44.72 27.15
N ASN E 2525 -0.38 -43.70 26.58
CA ASN E 2525 -1.09 -42.73 25.78
C ASN E 2525 -1.75 -43.37 24.57
N TYR E 2526 -1.01 -44.24 23.85
CA TYR E 2526 -1.59 -44.91 22.69
C TYR E 2526 -2.73 -45.85 23.09
N PHE E 2527 -2.54 -46.62 24.16
CA PHE E 2527 -3.57 -47.58 24.55
C PHE E 2527 -4.84 -46.88 24.98
N LEU E 2528 -4.73 -45.81 25.77
CA LEU E 2528 -5.93 -45.13 26.24
C LEU E 2528 -6.60 -44.35 25.12
N ASN E 2529 -5.82 -43.68 24.26
CA ASN E 2529 -6.41 -42.79 23.27
C ASN E 2529 -6.80 -43.49 21.97
N ASN E 2530 -6.30 -44.69 21.72
CA ASN E 2530 -6.59 -45.32 20.44
C ASN E 2530 -7.14 -46.74 20.57
N GLN E 2531 -6.67 -47.51 21.54
CA GLN E 2531 -7.13 -48.88 21.74
C GLN E 2531 -8.20 -48.95 22.84
N LEU E 2532 -9.31 -48.26 22.59
CA LEU E 2532 -10.43 -48.30 23.53
C LEU E 2532 -11.76 -48.23 22.79
N THR E 2549 -14.50 -41.40 11.66
CA THR E 2549 -14.70 -41.14 13.09
C THR E 2549 -13.82 -42.05 13.93
N ASN E 2550 -12.89 -41.45 14.67
CA ASN E 2550 -11.94 -42.14 15.54
C ASN E 2550 -11.14 -43.17 14.73
N ASP E 2551 -10.66 -42.73 13.57
CA ASP E 2551 -9.94 -43.60 12.64
C ASP E 2551 -8.45 -43.33 12.64
N ILE E 2552 -8.04 -42.08 12.43
CA ILE E 2552 -6.62 -41.76 12.39
C ILE E 2552 -6.05 -41.84 13.80
N THR E 2553 -4.86 -42.43 13.92
CA THR E 2553 -4.17 -42.54 15.19
C THR E 2553 -3.86 -41.14 15.73
N ILE E 2554 -4.27 -40.89 16.96
CA ILE E 2554 -4.00 -39.62 17.63
C ILE E 2554 -3.16 -39.90 18.86
N PHE E 2555 -2.10 -39.12 19.03
CA PHE E 2555 -1.25 -39.17 20.21
C PHE E 2555 -1.55 -37.94 21.03
N GLY E 2556 -2.52 -38.06 21.94
CA GLY E 2556 -2.89 -37.00 22.84
C GLY E 2556 -1.74 -36.59 23.73
N ASN E 2557 -1.78 -35.36 24.24
CA ASN E 2557 -0.66 -34.79 24.96
C ASN E 2557 -1.05 -34.51 26.41
N ASP E 2558 -0.05 -34.58 27.28
CA ASP E 2558 -0.19 -34.34 28.71
C ASP E 2558 -0.09 -32.85 28.98
N PHE E 2559 0.20 -32.48 30.24
CA PHE E 2559 0.14 -31.12 30.76
C PHE E 2559 -1.29 -30.57 30.65
N LEU E 2560 -2.15 -31.16 31.47
CA LEU E 2560 -3.44 -30.58 31.74
C LEU E 2560 -3.27 -29.25 32.45
N ASN E 2561 -3.92 -28.21 31.96
CA ASN E 2561 -3.84 -26.90 32.59
C ASN E 2561 -4.95 -26.77 33.62
N LEU E 2562 -5.11 -25.57 34.18
CA LEU E 2562 -6.15 -25.36 35.18
C LEU E 2562 -7.54 -25.44 34.56
N LYS E 2563 -7.68 -25.00 33.31
CA LYS E 2563 -8.96 -25.10 32.61
C LYS E 2563 -9.36 -26.55 32.39
N THR E 2564 -8.41 -27.38 31.94
CA THR E 2564 -8.67 -28.81 31.75
C THR E 2564 -8.95 -29.50 33.08
N ILE E 2565 -8.21 -29.13 34.13
CA ILE E 2565 -8.41 -29.71 35.45
C ILE E 2565 -9.80 -29.36 35.98
N ASN E 2566 -10.22 -28.10 35.78
CA ASN E 2566 -11.55 -27.68 36.20
C ASN E 2566 -12.64 -28.41 35.44
N TYR E 2567 -12.45 -28.60 34.13
CA TYR E 2567 -13.45 -29.33 33.35
C TYR E 2567 -13.56 -30.78 33.80
N LEU E 2568 -12.43 -31.46 33.98
CA LEU E 2568 -12.45 -32.85 34.39
C LEU E 2568 -12.89 -33.05 35.83
N SER E 2569 -12.74 -32.04 36.67
CA SER E 2569 -13.14 -32.15 38.06
C SER E 2569 -14.62 -31.82 38.26
N LEU E 2570 -15.12 -30.78 37.59
CA LEU E 2570 -16.52 -30.41 37.74
C LEU E 2570 -17.44 -31.26 36.86
N TYR E 2571 -16.92 -31.84 35.78
CA TYR E 2571 -17.72 -32.67 34.89
C TYR E 2571 -17.03 -34.01 34.73
N ASN E 2572 -17.47 -34.82 33.77
CA ASN E 2572 -16.99 -36.18 33.54
C ASN E 2572 -17.21 -37.05 34.77
N SER E 2573 -16.43 -38.14 34.91
CA SER E 2573 -16.69 -39.11 35.96
C SER E 2573 -15.37 -39.61 36.54
N LYS E 2574 -15.51 -40.54 37.50
CA LYS E 2574 -14.35 -41.12 38.18
C LYS E 2574 -13.49 -41.90 37.19
N ASN E 2575 -14.11 -42.63 36.27
CA ASN E 2575 -13.36 -43.37 35.26
C ASN E 2575 -12.59 -42.43 34.34
N LYS E 2576 -13.21 -41.32 33.95
CA LYS E 2576 -12.55 -40.38 33.06
C LYS E 2576 -11.45 -39.59 33.76
N ILE E 2577 -11.54 -39.42 35.08
CA ILE E 2577 -10.41 -38.86 35.83
C ILE E 2577 -9.29 -39.88 35.98
N LEU E 2578 -9.67 -41.14 36.23
CA LEU E 2578 -8.69 -42.20 36.39
C LEU E 2578 -7.92 -42.45 35.10
N LEU E 2579 -8.55 -42.23 33.94
CA LEU E 2579 -7.83 -42.35 32.68
C LEU E 2579 -6.69 -41.33 32.57
N GLN E 2580 -6.96 -40.08 32.97
CA GLN E 2580 -5.91 -39.06 32.97
C GLN E 2580 -4.82 -39.38 33.98
N LEU E 2581 -5.21 -39.95 35.12
CA LEU E 2581 -4.20 -40.34 36.11
C LEU E 2581 -3.33 -41.48 35.60
N MET E 2582 -3.91 -42.43 34.85
CA MET E 2582 -3.12 -43.48 34.20
C MET E 2582 -2.17 -42.89 33.17
N LEU E 2583 -2.65 -41.91 32.39
CA LEU E 2583 -1.79 -41.19 31.44
C LEU E 2583 -0.62 -40.54 32.16
N ILE E 2584 -0.86 -40.02 33.36
CA ILE E 2584 0.20 -39.39 34.15
C ILE E 2584 1.22 -40.43 34.62
N PHE E 2585 0.76 -41.56 35.16
CA PHE E 2585 1.63 -42.47 35.90
C PHE E 2585 2.15 -43.65 35.09
N GLY E 2586 1.85 -43.72 33.79
CA GLY E 2586 2.34 -44.83 32.98
C GLY E 2586 3.84 -44.95 32.91
N GLY E 2587 4.54 -43.82 32.82
CA GLY E 2587 5.99 -43.86 32.73
C GLY E 2587 6.66 -44.39 33.99
N LYS E 2588 6.20 -43.94 35.15
CA LYS E 2588 6.73 -44.46 36.41
C LYS E 2588 6.37 -45.93 36.60
N ILE E 2589 5.19 -46.35 36.13
CA ILE E 2589 4.82 -47.76 36.23
C ILE E 2589 5.75 -48.62 35.38
N SER E 2590 6.06 -48.17 34.16
CA SER E 2590 7.00 -48.94 33.32
C SER E 2590 8.41 -48.92 33.90
N GLN E 2591 8.82 -47.80 34.52
CA GLN E 2591 10.12 -47.75 35.20
C GLN E 2591 10.19 -48.75 36.35
N LEU E 2592 9.09 -48.88 37.10
CA LEU E 2592 9.06 -49.87 38.17
C LEU E 2592 9.07 -51.30 37.62
N LEU E 2593 8.36 -51.52 36.51
CA LEU E 2593 8.30 -52.87 35.94
C LEU E 2593 9.59 -53.29 35.27
N SER E 2594 10.44 -52.34 34.88
CA SER E 2594 11.66 -52.63 34.14
C SER E 2594 12.92 -52.35 34.94
N SER E 2595 12.89 -52.61 36.24
CA SER E 2595 14.00 -52.29 37.12
C SER E 2595 14.50 -53.53 37.83
N LYS E 2596 15.81 -53.66 37.92
CA LYS E 2596 16.43 -54.83 38.54
C LYS E 2596 16.49 -54.63 40.05
N ASN E 2597 15.98 -55.62 40.78
CA ASN E 2597 16.05 -55.60 42.24
C ASN E 2597 17.44 -56.06 42.68
N LEU E 2598 18.19 -55.17 43.31
CA LEU E 2598 19.59 -55.43 43.62
C LEU E 2598 19.78 -56.11 44.98
N VAL E 2599 18.71 -56.37 45.73
CA VAL E 2599 18.88 -57.04 47.03
C VAL E 2599 19.33 -58.48 46.84
N LYS E 2600 18.78 -59.16 45.82
CA LYS E 2600 19.15 -60.53 45.52
C LYS E 2600 20.49 -60.65 44.81
N SER E 2601 21.05 -59.53 44.36
CA SER E 2601 22.40 -59.48 43.82
C SER E 2601 23.42 -58.97 44.82
N LEU E 2602 22.97 -58.37 45.91
CA LEU E 2602 23.85 -57.84 46.95
C LEU E 2602 23.98 -58.77 48.15
N LYS E 2603 22.86 -59.16 48.75
CA LYS E 2603 22.91 -59.96 49.97
C LYS E 2603 23.31 -61.41 49.64
N GLN E 2604 24.25 -61.94 50.41
CA GLN E 2604 24.78 -63.27 50.23
C GLN E 2604 24.29 -64.19 51.35
N ALA E 2605 24.80 -65.42 51.36
CA ALA E 2605 24.43 -66.39 52.39
C ALA E 2605 25.34 -66.27 53.60
N THR E 2629 16.99 -68.30 60.91
CA THR E 2629 15.76 -67.53 61.11
C THR E 2629 15.50 -66.62 59.92
N HIS E 2630 14.46 -66.95 59.16
CA HIS E 2630 14.04 -66.21 57.96
C HIS E 2630 15.16 -66.11 56.94
N LEU E 2631 15.73 -67.26 56.59
CA LEU E 2631 16.81 -67.34 55.61
C LEU E 2631 16.21 -67.45 54.20
N LEU E 2632 17.07 -67.77 53.20
CA LEU E 2632 16.82 -68.01 51.77
C LEU E 2632 16.47 -66.71 51.04
N PRO E 2633 16.89 -66.47 49.74
CA PRO E 2633 16.67 -65.18 49.11
C PRO E 2633 15.29 -65.11 48.44
N LYS E 2634 14.28 -65.58 49.15
CA LYS E 2634 12.88 -65.44 48.80
C LYS E 2634 12.12 -64.72 49.91
N ALA E 2635 12.41 -65.05 51.16
CA ALA E 2635 11.93 -64.28 52.30
C ALA E 2635 12.96 -63.28 52.81
N LEU E 2636 14.24 -63.49 52.51
CA LEU E 2636 15.27 -62.51 52.91
C LEU E 2636 15.18 -61.24 52.08
N SER E 2637 14.83 -61.36 50.80
CA SER E 2637 14.78 -60.20 49.92
C SER E 2637 13.55 -59.33 50.14
N VAL E 2638 12.48 -59.87 50.73
CA VAL E 2638 11.24 -59.12 50.91
C VAL E 2638 11.16 -58.48 52.29
N LEU E 2639 12.23 -58.54 53.09
CA LEU E 2639 12.22 -57.93 54.41
C LEU E 2639 12.18 -56.42 54.35
N ALA E 2640 12.58 -55.82 53.23
CA ALA E 2640 12.67 -54.38 53.11
C ALA E 2640 12.43 -54.00 51.65
N LYS E 2641 12.41 -52.69 51.39
CA LYS E 2641 12.00 -52.19 50.08
C LYS E 2641 12.99 -52.61 48.99
N PRO E 2642 12.50 -52.98 47.80
CA PRO E 2642 13.40 -53.33 46.70
C PRO E 2642 14.27 -52.17 46.27
N MET E 2643 15.48 -52.49 45.80
CA MET E 2643 16.43 -51.49 45.34
C MET E 2643 16.15 -51.17 43.88
N ILE E 2644 15.12 -50.36 43.68
CA ILE E 2644 14.86 -49.76 42.37
C ILE E 2644 15.78 -48.55 42.22
N PHE E 2645 16.42 -48.44 41.05
CA PHE E 2645 17.43 -47.39 40.86
C PHE E 2645 16.81 -46.00 40.91
N SER E 2646 15.74 -45.79 40.15
CA SER E 2646 15.19 -44.44 40.02
C SER E 2646 14.37 -44.06 41.26
N ASP E 2647 13.25 -44.77 41.48
CA ASP E 2647 12.30 -44.53 42.56
C ASP E 2647 11.73 -43.11 42.57
N GLY E 2648 10.89 -42.81 43.55
CA GLY E 2648 10.35 -41.48 43.68
C GLY E 2648 9.41 -41.11 42.54
N TYR E 2649 9.08 -39.82 42.51
CA TYR E 2649 8.18 -39.28 41.49
C TYR E 2649 8.70 -37.91 41.07
N ASN E 2650 8.02 -37.33 40.07
CA ASN E 2650 8.57 -36.18 39.37
C ASN E 2650 8.31 -34.84 40.06
N ASN E 2651 7.36 -34.78 41.00
CA ASN E 2651 6.85 -33.60 41.73
C ASN E 2651 6.08 -32.65 40.78
N GLN E 2652 6.01 -32.96 39.49
CA GLN E 2652 5.08 -32.27 38.60
C GLN E 2652 3.89 -33.14 38.26
N ASN E 2653 4.13 -34.44 38.05
CA ASN E 2653 3.06 -35.41 37.94
C ASN E 2653 2.24 -35.47 39.22
N LEU E 2654 2.92 -35.43 40.36
CA LEU E 2654 2.24 -35.40 41.66
C LEU E 2654 1.41 -34.14 41.81
N LYS E 2655 1.96 -33.00 41.36
CA LYS E 2655 1.23 -31.74 41.43
C LYS E 2655 -0.04 -31.79 40.58
N THR E 2656 0.06 -32.32 39.36
CA THR E 2656 -1.12 -32.43 38.51
C THR E 2656 -2.16 -33.38 39.07
N ALA E 2657 -1.72 -34.54 39.59
CA ALA E 2657 -2.66 -35.52 40.13
C ALA E 2657 -3.36 -35.00 41.38
N THR E 2658 -2.59 -34.41 42.30
CA THR E 2658 -3.18 -33.86 43.51
C THR E 2658 -4.09 -32.67 43.21
N THR E 2659 -3.71 -31.83 42.24
CA THR E 2659 -4.57 -30.71 41.84
C THR E 2659 -5.87 -31.20 41.25
N LEU E 2660 -5.81 -32.25 40.40
CA LEU E 2660 -7.03 -32.80 39.81
C LEU E 2660 -7.95 -33.39 40.86
N LEU E 2661 -7.40 -34.16 41.81
CA LEU E 2661 -8.25 -34.80 42.80
C LEU E 2661 -8.79 -33.80 43.83
N LEU E 2662 -7.98 -32.82 44.22
CA LEU E 2662 -8.46 -31.79 45.13
C LEU E 2662 -9.47 -30.88 44.47
N SER E 2663 -9.34 -30.62 43.17
CA SER E 2663 -10.36 -29.88 42.45
C SER E 2663 -11.63 -30.71 42.29
N PHE E 2664 -11.51 -32.04 42.25
CA PHE E 2664 -12.70 -32.87 42.25
C PHE E 2664 -13.44 -32.80 43.57
N ILE E 2665 -12.71 -32.92 44.69
CA ILE E 2665 -13.38 -33.05 45.98
C ILE E 2665 -13.74 -31.72 46.64
N HIS E 2666 -13.05 -30.63 46.29
CA HIS E 2666 -13.32 -29.35 46.91
C HIS E 2666 -14.25 -28.47 46.07
N LYS E 2667 -14.65 -28.93 44.89
CA LYS E 2667 -15.46 -28.11 43.99
C LYS E 2667 -16.72 -28.79 43.48
N ARG E 2668 -16.92 -30.08 43.73
CA ARG E 2668 -18.09 -30.77 43.22
C ARG E 2668 -19.12 -31.10 44.28
N TYR E 2669 -18.67 -31.43 45.50
CA TYR E 2669 -19.53 -31.86 46.62
C TYR E 2669 -20.41 -33.03 46.20
N LEU E 2670 -19.77 -34.09 45.72
CA LEU E 2670 -20.49 -35.22 45.16
C LEU E 2670 -21.25 -35.99 46.24
N TYR E 2671 -20.66 -36.13 47.41
CA TYR E 2671 -21.29 -36.91 48.48
C TYR E 2671 -21.63 -36.09 49.71
N ARG E 2672 -20.74 -35.21 50.15
CA ARG E 2672 -20.95 -34.39 51.34
C ARG E 2672 -21.18 -32.95 50.91
N LYS E 2673 -22.44 -32.52 50.90
CA LYS E 2673 -22.76 -31.15 50.53
C LYS E 2673 -22.65 -30.18 51.72
N ASN E 2674 -22.79 -30.67 52.95
CA ASN E 2674 -22.76 -29.80 54.13
C ASN E 2674 -21.39 -29.17 54.34
N LEU E 2675 -20.35 -29.70 53.69
CA LEU E 2675 -19.03 -29.08 53.73
C LEU E 2675 -18.98 -27.74 53.00
N ILE E 2676 -20.01 -27.37 52.25
CA ILE E 2676 -20.09 -26.01 51.73
C ILE E 2676 -20.52 -25.01 52.78
N VAL E 2677 -20.89 -25.48 53.98
CA VAL E 2677 -21.33 -24.56 55.05
C VAL E 2677 -20.25 -23.57 55.49
N PRO E 2678 -18.98 -24.00 55.78
CA PRO E 2678 -18.00 -22.98 56.18
C PRO E 2678 -17.24 -22.35 55.02
N LYS E 2679 -17.74 -22.52 53.80
CA LYS E 2679 -17.07 -21.95 52.64
C LYS E 2679 -17.20 -20.42 52.64
N LEU E 2680 -16.08 -19.75 52.32
CA LEU E 2680 -15.99 -18.29 52.28
C LEU E 2680 -16.38 -17.65 53.61
N LEU E 2681 -15.94 -18.25 54.71
CA LEU E 2681 -16.26 -17.75 56.04
C LEU E 2681 -15.08 -18.00 56.96
N SER E 2682 -14.49 -16.93 57.47
CA SER E 2682 -13.39 -17.04 58.42
C SER E 2682 -13.92 -17.20 59.83
N PHE E 2683 -13.07 -17.73 60.70
CA PHE E 2683 -13.46 -18.00 62.09
C PHE E 2683 -12.54 -17.34 63.11
N ALA E 2684 -11.60 -16.49 62.67
CA ALA E 2684 -10.72 -15.70 63.52
C ALA E 2684 -9.93 -16.60 64.48
N ASP E 2685 -9.07 -17.41 63.86
CA ASP E 2685 -8.36 -18.45 64.61
C ASP E 2685 -7.20 -17.87 65.42
N GLY E 2686 -6.20 -17.29 64.76
CA GLY E 2686 -4.98 -16.93 65.44
C GLY E 2686 -4.57 -15.49 65.29
N ASN E 2687 -5.55 -14.58 65.32
CA ASN E 2687 -5.29 -13.15 65.24
C ASN E 2687 -5.93 -12.46 66.45
N ILE E 2688 -5.73 -11.13 66.51
CA ILE E 2688 -6.39 -10.33 67.53
C ILE E 2688 -7.88 -10.28 67.24
N LEU E 2689 -8.68 -10.20 68.30
CA LEU E 2689 -10.14 -10.20 68.17
C LEU E 2689 -10.63 -8.98 67.40
N ASP E 2690 -10.42 -7.80 67.97
CA ASP E 2690 -10.86 -6.55 67.36
C ASP E 2690 -9.61 -5.79 66.91
N GLU E 2691 -9.18 -6.04 65.68
CA GLU E 2691 -8.03 -5.35 65.13
C GLU E 2691 -8.50 -4.27 64.17
N PRO E 2692 -8.25 -3.00 64.49
CA PRO E 2692 -8.68 -1.92 63.60
C PRO E 2692 -7.87 -1.92 62.32
N PRO E 2693 -8.43 -1.37 61.23
CA PRO E 2693 -7.69 -1.27 59.97
C PRO E 2693 -6.42 -0.43 60.04
N SER E 2694 -5.60 -0.53 58.99
CA SER E 2694 -4.21 -0.10 58.99
C SER E 2694 -4.00 1.05 58.00
N PRO E 2695 -2.80 1.66 57.95
CA PRO E 2695 -2.51 2.83 57.06
C PRO E 2695 -3.08 2.80 55.64
N PRO E 2696 -3.16 1.65 54.92
CA PRO E 2696 -3.87 1.70 53.64
C PRO E 2696 -5.32 2.16 53.73
N PHE E 2697 -6.00 1.86 54.83
CA PHE E 2697 -7.39 2.26 55.02
C PHE E 2697 -7.54 3.40 56.02
N SER E 2698 -6.97 3.24 57.21
CA SER E 2698 -6.98 4.20 58.30
C SER E 2698 -5.64 4.94 58.35
N SER E 2699 -5.39 5.67 59.45
CA SER E 2699 -4.07 6.23 59.72
C SER E 2699 -3.53 5.74 61.06
N LEU E 2700 -4.04 4.64 61.58
CA LEU E 2700 -3.66 4.14 62.89
C LEU E 2700 -2.47 3.20 62.80
N LEU E 2701 -1.41 3.51 63.53
CA LEU E 2701 -0.16 2.77 63.45
C LEU E 2701 0.02 1.73 64.56
N ILE E 2702 -0.96 1.59 65.46
CA ILE E 2702 -0.87 0.67 66.60
C ILE E 2702 -0.76 -0.80 66.19
N PRO E 2703 -1.60 -1.34 65.26
CA PRO E 2703 -1.40 -2.76 64.88
C PRO E 2703 -0.05 -3.03 64.24
N ALA E 2704 0.47 -2.11 63.44
CA ALA E 2704 1.78 -2.33 62.82
C ALA E 2704 2.89 -2.21 63.85
N LYS E 2705 2.76 -1.29 64.81
CA LYS E 2705 3.75 -1.18 65.88
C LYS E 2705 3.80 -2.43 66.72
N ARG E 2706 2.65 -3.08 66.94
CA ARG E 2706 2.68 -4.37 67.63
C ARG E 2706 3.17 -5.49 66.73
N PHE E 2707 2.90 -5.41 65.43
CA PHE E 2707 3.35 -6.44 64.49
C PHE E 2707 4.86 -6.47 64.35
N GLU E 2708 5.53 -5.32 64.47
CA GLU E 2708 6.99 -5.31 64.41
C GLU E 2708 7.60 -6.06 65.59
N ASN E 2709 7.06 -5.86 66.80
CA ASN E 2709 7.54 -6.61 67.96
C ASN E 2709 7.16 -8.09 67.86
N TYR E 2710 6.03 -8.39 67.22
CA TYR E 2710 5.67 -9.77 66.90
C TYR E 2710 6.71 -10.41 66.01
N LYS E 2711 7.20 -9.67 65.01
CA LYS E 2711 8.24 -10.19 64.12
C LYS E 2711 9.57 -10.36 64.85
N ARG E 2712 9.87 -9.46 65.78
CA ARG E 2712 11.07 -9.64 66.61
C ARG E 2712 10.97 -10.91 67.46
N PHE E 2713 9.77 -11.19 67.98
CA PHE E 2713 9.52 -12.44 68.68
C PHE E 2713 9.71 -13.63 67.75
N PHE E 2714 9.19 -13.54 66.53
CA PHE E 2714 9.36 -14.61 65.55
C PHE E 2714 10.79 -14.77 65.08
N ARG E 2715 11.66 -13.80 65.34
CA ARG E 2715 13.07 -13.93 65.01
C ARG E 2715 13.90 -14.54 66.14
N ASP E 2716 13.77 -14.02 67.36
CA ASP E 2716 14.77 -14.34 68.39
C ASP E 2716 14.34 -15.41 69.39
N THR E 2717 13.26 -16.15 69.13
CA THR E 2717 12.95 -17.33 69.92
C THR E 2717 12.54 -18.53 69.09
N LEU E 2718 12.27 -18.35 67.80
CA LEU E 2718 12.02 -19.45 66.88
C LEU E 2718 12.38 -18.93 65.49
N THR E 2719 12.27 -19.82 64.49
CA THR E 2719 12.62 -19.55 63.09
C THR E 2719 14.07 -19.11 62.93
N GLY E 2720 14.39 -17.90 63.39
CA GLY E 2720 15.74 -17.36 63.28
C GLY E 2720 15.89 -16.47 62.06
N ASP E 2721 17.12 -15.98 61.87
CA ASP E 2721 17.43 -15.18 60.69
C ASP E 2721 17.38 -16.03 59.42
N LYS E 2722 17.96 -17.23 59.48
CA LYS E 2722 18.08 -18.10 58.32
C LYS E 2722 17.54 -19.47 58.68
N MET E 2723 17.19 -20.24 57.65
CA MET E 2723 16.74 -21.61 57.86
C MET E 2723 17.91 -22.47 58.32
N GLY E 2724 17.74 -23.15 59.45
CA GLY E 2724 18.78 -23.96 60.05
C GLY E 2724 19.34 -23.40 61.34
N GLN E 2725 19.21 -22.10 61.56
CA GLN E 2725 19.68 -21.49 62.81
C GLN E 2725 18.68 -21.78 63.93
N ARG E 2726 19.19 -22.29 65.05
CA ARG E 2726 18.39 -22.43 66.26
C ARG E 2726 18.51 -21.10 67.01
N LYS E 2727 17.46 -20.27 66.91
CA LYS E 2727 17.36 -18.91 67.43
C LYS E 2727 18.31 -17.96 66.69
N SER E 2728 17.94 -16.68 66.58
CA SER E 2728 18.81 -15.69 65.96
C SER E 2728 20.11 -15.56 66.75
N GLN E 2729 21.24 -15.62 66.05
CA GLN E 2729 22.53 -15.78 66.68
C GLN E 2729 23.51 -14.75 66.15
N ILE E 2730 24.61 -14.59 66.90
CA ILE E 2730 25.70 -13.72 66.47
C ILE E 2730 26.40 -14.38 65.30
N THR E 2731 26.39 -13.70 64.16
CA THR E 2731 26.91 -14.30 62.94
C THR E 2731 28.43 -14.18 62.87
N LEU E 2732 29.01 -14.88 61.89
CA LEU E 2732 30.46 -14.86 61.73
C LEU E 2732 30.96 -13.49 61.32
N LEU E 2733 30.15 -12.69 60.63
CA LEU E 2733 30.53 -11.33 60.31
C LEU E 2733 30.68 -10.50 61.58
N GLU E 2734 29.74 -10.61 62.52
CA GLU E 2734 29.85 -9.91 63.79
C GLU E 2734 31.03 -10.42 64.61
N LYS E 2735 31.27 -11.73 64.58
CA LYS E 2735 32.40 -12.31 65.31
C LYS E 2735 33.74 -11.79 64.79
N LEU E 2736 33.89 -11.76 63.46
CA LEU E 2736 35.13 -11.26 62.87
C LEU E 2736 35.29 -9.77 63.06
N GLN E 2737 34.18 -9.01 63.03
CA GLN E 2737 34.24 -7.58 63.35
C GLN E 2737 34.70 -7.36 64.78
N TYR E 2738 34.17 -8.16 65.72
CA TYR E 2738 34.56 -8.09 67.12
C TYR E 2738 36.05 -8.38 67.30
N HIS E 2739 36.54 -9.43 66.60
CA HIS E 2739 37.96 -9.74 66.59
C HIS E 2739 38.78 -8.56 66.05
N MET E 2740 38.30 -7.95 64.97
CA MET E 2740 38.99 -6.82 64.35
C MET E 2740 39.08 -5.63 65.29
N GLN E 2741 37.98 -5.33 66.00
CA GLN E 2741 37.98 -4.23 66.95
C GLN E 2741 38.96 -4.47 68.09
N LEU E 2742 39.00 -5.72 68.61
CA LEU E 2742 39.97 -6.04 69.64
C LEU E 2742 41.39 -5.84 69.13
N ARG E 2743 41.68 -6.32 67.91
CA ARG E 2743 43.01 -6.16 67.32
C ARG E 2743 43.37 -4.69 67.15
N SER E 2744 42.39 -3.87 66.73
CA SER E 2744 42.63 -2.45 66.55
C SER E 2744 42.96 -1.75 67.87
N ILE E 2745 42.30 -2.16 68.96
CA ILE E 2745 42.69 -1.63 70.26
C ILE E 2745 44.11 -2.08 70.62
N LYS E 2746 44.46 -3.34 70.31
CA LYS E 2746 45.83 -3.80 70.53
C LYS E 2746 46.85 -3.11 69.62
N GLN E 2747 46.40 -2.42 68.57
CA GLN E 2747 47.31 -1.56 67.80
C GLN E 2747 47.41 -0.16 68.40
N LEU E 2748 46.27 0.42 68.79
CA LEU E 2748 46.23 1.71 69.48
C LEU E 2748 47.12 1.76 70.71
N ASN E 2749 46.85 0.93 71.71
CA ASN E 2749 47.85 0.78 72.75
C ASN E 2749 48.87 -0.28 72.33
N ALA E 2750 49.99 -0.32 73.06
CA ALA E 2750 51.12 -1.22 72.78
C ALA E 2750 51.61 -1.08 71.35
N THR E 2751 51.70 0.17 70.89
CA THR E 2751 52.06 0.44 69.50
C THR E 2751 53.57 0.38 69.29
N ASP E 2772 39.55 -11.51 58.23
CA ASP E 2772 40.75 -11.91 57.51
C ASP E 2772 40.46 -13.07 56.57
N THR E 2773 39.91 -12.75 55.40
CA THR E 2773 39.56 -13.68 54.32
C THR E 2773 38.55 -14.74 54.75
N LEU E 2774 37.82 -14.51 55.84
CA LEU E 2774 36.78 -15.43 56.28
C LEU E 2774 35.38 -14.92 55.99
N MET E 2775 35.24 -13.67 55.53
CA MET E 2775 33.94 -13.09 55.22
C MET E 2775 33.20 -13.90 54.17
N SER E 2776 33.93 -14.40 53.17
CA SER E 2776 33.38 -15.27 52.14
C SER E 2776 32.69 -16.49 52.76
N LEU E 2777 33.28 -17.04 53.82
CA LEU E 2777 32.58 -18.08 54.55
C LEU E 2777 31.64 -17.48 55.59
N SER E 2778 30.70 -16.64 55.14
CA SER E 2778 29.66 -16.13 56.03
C SER E 2778 28.28 -16.62 55.56
N THR E 2779 28.01 -16.56 54.24
CA THR E 2779 26.75 -17.02 53.65
C THR E 2779 26.70 -18.56 53.59
N ASN E 2780 27.81 -19.23 53.91
CA ASN E 2780 27.76 -20.68 54.08
C ASN E 2780 26.71 -21.07 55.13
N ASN E 2781 25.71 -21.84 54.72
CA ASN E 2781 24.56 -22.12 55.57
C ASN E 2781 24.78 -23.37 56.42
N LEU E 2782 26.03 -23.78 56.60
CA LEU E 2782 26.33 -24.97 57.39
C LEU E 2782 27.53 -24.74 58.31
N LEU E 2783 27.56 -23.61 59.00
CA LEU E 2783 28.62 -23.30 59.94
C LEU E 2783 28.25 -23.77 61.34
N GLN E 2784 29.26 -24.20 62.09
CA GLN E 2784 29.04 -24.80 63.40
C GLN E 2784 29.20 -23.75 64.49
N ASN E 2785 28.13 -23.49 65.23
CA ASN E 2785 28.13 -22.57 66.37
C ASN E 2785 27.66 -23.35 67.58
N PRO E 2786 28.59 -23.93 68.36
CA PRO E 2786 28.18 -24.81 69.47
C PRO E 2786 27.48 -24.12 70.62
N THR E 2787 27.59 -22.80 70.75
CA THR E 2787 26.93 -22.11 71.85
C THR E 2787 26.34 -20.80 71.35
N ASN E 2788 25.32 -20.33 72.07
CA ASN E 2788 24.69 -19.04 71.82
C ASN E 2788 24.62 -18.23 73.11
N ILE E 2789 25.56 -18.46 74.02
CA ILE E 2789 25.59 -17.72 75.28
C ILE E 2789 25.94 -16.26 75.05
N ASN E 2790 26.77 -15.97 74.05
CA ASN E 2790 27.14 -14.59 73.77
C ASN E 2790 25.97 -13.79 73.24
N TRP E 2791 25.05 -14.41 72.51
CA TRP E 2791 23.86 -13.71 72.05
C TRP E 2791 23.03 -13.22 73.23
N TYR E 2792 22.82 -14.09 74.24
CA TYR E 2792 22.05 -13.68 75.40
C TYR E 2792 22.82 -12.70 76.27
N TYR E 2793 24.14 -12.85 76.36
CA TYR E 2793 24.96 -11.93 77.14
C TYR E 2793 24.99 -10.54 76.52
N GLN E 2794 24.95 -10.44 75.19
CA GLN E 2794 25.03 -9.16 74.52
C GLN E 2794 23.68 -8.55 74.17
N ASN E 2795 22.60 -9.34 74.18
CA ASN E 2795 21.30 -8.84 73.81
C ASN E 2795 20.29 -8.81 74.94
N ARG E 2796 20.51 -9.58 76.01
CA ARG E 2796 19.59 -9.60 77.14
C ARG E 2796 20.24 -9.21 78.45
N ILE E 2797 21.56 -9.06 78.51
CA ILE E 2797 22.27 -8.65 79.71
C ILE E 2797 23.03 -7.35 79.51
N LEU E 2798 23.89 -7.30 78.49
CA LEU E 2798 24.60 -6.06 78.21
C LEU E 2798 23.67 -5.01 77.65
N LYS E 2799 22.75 -5.40 76.77
CA LYS E 2799 21.80 -4.44 76.22
C LYS E 2799 20.68 -4.15 77.21
N ARG E 2800 20.10 -5.18 77.83
CA ARG E 2800 18.90 -5.00 78.64
C ARG E 2800 19.15 -5.00 80.13
N HIS E 2801 19.63 -6.10 80.70
CA HIS E 2801 19.50 -6.32 82.14
C HIS E 2801 20.76 -6.02 82.91
N GLY E 2802 21.77 -5.44 82.27
CA GLY E 2802 22.80 -4.76 83.04
C GLY E 2802 22.40 -3.38 83.47
N GLN E 2803 21.27 -2.88 82.98
CA GLN E 2803 20.73 -1.58 83.30
C GLN E 2803 19.35 -1.73 83.91
N TYR E 2804 18.82 -0.61 84.41
CA TYR E 2804 17.50 -0.59 85.01
C TYR E 2804 16.76 0.66 84.55
N LEU E 2805 15.48 0.50 84.23
CA LEU E 2805 14.64 1.60 83.76
C LEU E 2805 13.83 2.14 84.93
N THR E 2806 14.04 3.41 85.26
CA THR E 2806 13.31 4.05 86.35
C THR E 2806 12.03 4.73 85.85
N ASN E 2807 11.24 4.01 85.05
CA ASN E 2807 9.94 4.50 84.61
C ASN E 2807 9.06 3.26 84.42
N GLN E 2808 8.33 2.90 85.45
CA GLN E 2808 7.54 1.68 85.46
C GLN E 2808 6.05 1.92 85.61
N TRP E 2809 5.66 2.89 86.42
CA TRP E 2809 4.26 3.11 86.74
C TRP E 2809 4.09 4.56 87.18
N TRP E 2810 2.89 4.90 87.65
CA TRP E 2810 2.59 6.23 88.13
C TRP E 2810 1.41 6.13 89.10
N ASN E 2811 0.97 7.29 89.59
CA ASN E 2811 -0.06 7.32 90.64
C ASN E 2811 -1.40 6.80 90.12
N GLY E 2812 -1.74 7.14 88.89
CA GLY E 2812 -3.05 6.84 88.36
C GLY E 2812 -4.08 7.92 88.58
N GLN E 2813 -3.81 8.83 89.52
CA GLN E 2813 -4.68 9.97 89.82
C GLN E 2813 -3.85 11.23 89.58
N LEU E 2814 -3.83 11.69 88.34
CA LEU E 2814 -3.05 12.85 87.97
C LEU E 2814 -3.93 14.09 87.92
N SER E 2815 -3.32 15.22 87.61
CA SER E 2815 -4.00 16.51 87.62
C SER E 2815 -4.73 16.81 86.32
N GLU E 2816 -4.62 15.96 85.32
CA GLU E 2816 -5.26 16.17 84.02
C GLU E 2816 -5.89 14.88 83.51
N HIS E 2817 -6.74 14.27 84.35
CA HIS E 2817 -7.54 13.10 84.02
C HIS E 2817 -6.65 11.88 83.80
N ASN E 2818 -6.36 11.53 82.55
CA ASN E 2818 -5.52 10.39 82.25
C ASN E 2818 -4.16 10.84 81.72
N ALA E 2819 -3.23 9.89 81.69
CA ALA E 2819 -1.84 10.18 81.33
C ALA E 2819 -1.72 10.68 79.89
N GLU E 2820 -2.62 10.27 79.01
CA GLU E 2820 -2.62 10.79 77.64
C GLU E 2820 -2.93 12.28 77.62
N THR E 2821 -3.89 12.72 78.43
CA THR E 2821 -4.21 14.14 78.50
C THR E 2821 -3.15 14.94 79.26
N VAL E 2822 -2.48 14.31 80.23
CA VAL E 2822 -1.33 14.96 80.86
C VAL E 2822 -0.20 15.14 79.85
N PHE E 2823 0.03 14.14 79.01
CA PHE E 2823 1.09 14.19 78.01
C PHE E 2823 0.79 15.23 76.93
N LEU E 2824 -0.45 15.28 76.46
CA LEU E 2824 -0.84 16.24 75.42
C LEU E 2824 -1.41 17.50 76.08
N SER E 2825 -0.53 18.20 76.79
CA SER E 2825 -0.89 19.41 77.50
C SER E 2825 0.23 20.43 77.36
N ASP E 2826 -0.14 21.71 77.45
CA ASP E 2826 0.86 22.77 77.37
C ASP E 2826 1.68 22.89 78.63
N ILE E 2827 1.11 22.52 79.78
CA ILE E 2827 1.82 22.57 81.05
C ILE E 2827 2.63 21.30 81.20
N ASP E 2828 3.87 21.43 81.65
CA ASP E 2828 4.71 20.27 81.95
C ASP E 2828 4.44 19.74 83.35
N TRP E 2829 3.22 19.23 83.56
CA TRP E 2829 2.75 18.64 84.81
C TRP E 2829 3.74 17.65 85.43
N ARG E 2830 4.37 16.83 84.58
CA ARG E 2830 5.41 15.88 84.94
C ARG E 2830 6.47 16.48 85.86
N SER E 2831 7.14 17.53 85.39
CA SER E 2831 8.01 18.30 86.28
C SER E 2831 7.15 19.14 87.21
N SER E 2832 7.21 18.83 88.51
CA SER E 2832 6.35 19.48 89.49
C SER E 2832 7.15 19.76 90.75
N PHE E 2833 7.05 20.99 91.25
CA PHE E 2833 7.73 21.39 92.47
C PHE E 2833 7.13 20.69 93.68
N ILE E 2834 7.85 19.70 94.22
CA ILE E 2834 7.36 18.94 95.36
C ILE E 2834 8.20 19.30 96.58
N LYS E 2835 7.70 20.23 97.40
CA LYS E 2835 8.32 20.45 98.70
C LYS E 2835 8.02 19.31 99.65
N ASN E 2836 6.83 18.73 99.56
CA ASN E 2836 6.39 17.66 100.45
C ASN E 2836 5.20 16.92 99.86
N ASP E 2858 14.20 18.61 99.93
CA ASP E 2858 13.31 19.72 100.28
C ASP E 2858 12.68 20.35 99.04
N GLY E 2859 13.45 21.15 98.32
CA GLY E 2859 12.93 21.88 97.18
C GLY E 2859 12.97 21.07 95.92
N LEU E 2860 13.71 21.56 94.91
CA LEU E 2860 13.98 20.87 93.64
C LEU E 2860 12.73 20.66 92.78
N ASP E 2861 12.92 20.08 91.60
CA ASP E 2861 11.85 19.87 90.63
C ASP E 2861 11.94 18.48 90.04
N VAL E 2862 12.06 17.47 90.93
CA VAL E 2862 12.23 16.06 90.57
C VAL E 2862 11.18 15.60 89.56
N LEU E 2863 11.64 15.02 88.46
CA LEU E 2863 10.76 14.73 87.33
C LEU E 2863 9.94 13.48 87.63
N LEU E 2864 8.65 13.68 87.86
CA LEU E 2864 7.72 12.58 88.14
C LEU E 2864 7.09 12.18 86.83
N ASP E 2865 7.64 11.14 86.21
CA ASP E 2865 7.29 10.73 84.86
C ASP E 2865 6.36 9.53 84.90
N PHE E 2866 5.49 9.43 83.91
CA PHE E 2866 4.66 8.24 83.78
C PHE E 2866 5.07 7.46 82.54
N PRO E 2867 5.06 6.14 82.59
CA PRO E 2867 5.45 5.36 81.42
C PRO E 2867 4.37 5.38 80.36
N ASP E 2868 4.77 5.03 79.14
CA ASP E 2868 3.80 4.81 78.08
C ASP E 2868 2.97 3.58 78.39
N THR E 2869 1.77 3.53 77.83
CA THR E 2869 0.88 2.40 78.05
C THR E 2869 1.47 1.15 77.40
N ASP E 2870 1.68 0.12 78.20
CA ASP E 2870 2.25 -1.13 77.70
C ASP E 2870 1.28 -1.81 76.74
N GLN E 2871 1.81 -2.30 75.63
CA GLN E 2871 1.03 -2.97 74.61
C GLN E 2871 1.11 -4.48 74.82
N TYR E 2872 -0.03 -5.15 74.69
CA TYR E 2872 -0.10 -6.60 74.78
C TYR E 2872 -0.56 -7.14 73.44
N TYR E 2873 0.31 -7.88 72.77
CA TYR E 2873 -0.05 -8.59 71.55
C TYR E 2873 -0.33 -10.04 71.92
N ASN E 2874 -1.56 -10.49 71.64
CA ASN E 2874 -2.00 -11.83 72.00
C ASN E 2874 -2.59 -12.49 70.75
N PRO E 2875 -1.74 -12.88 69.79
CA PRO E 2875 -2.27 -13.58 68.61
C PRO E 2875 -2.27 -15.09 68.78
N LYS E 2876 -2.86 -15.58 69.86
CA LYS E 2876 -2.90 -17.00 70.12
C LYS E 2876 -4.04 -17.65 69.34
N ARG E 2877 -3.97 -18.98 69.24
CA ARG E 2877 -5.01 -19.75 68.56
C ARG E 2877 -6.13 -20.07 69.52
N ARG E 2878 -7.37 -19.92 69.04
CA ARG E 2878 -8.54 -20.05 69.90
C ARG E 2878 -9.56 -21.04 69.35
N ARG E 2879 -9.17 -21.89 68.40
CA ARG E 2879 -10.07 -22.85 67.79
C ARG E 2879 -9.72 -24.28 68.17
N TRP E 2880 -9.28 -24.49 69.41
CA TRP E 2880 -8.98 -25.83 69.89
C TRP E 2880 -10.28 -26.61 70.04
N LEU E 2881 -10.35 -27.79 69.40
CA LEU E 2881 -11.54 -28.61 69.45
C LEU E 2881 -11.30 -29.97 70.10
N LEU E 2882 -10.33 -30.73 69.60
CA LEU E 2882 -10.11 -32.10 70.04
C LEU E 2882 -8.62 -32.31 70.30
N ASN E 2883 -8.31 -32.76 71.51
CA ASN E 2883 -6.94 -33.10 71.90
C ASN E 2883 -6.79 -34.52 72.44
N ASN E 2884 -7.89 -35.16 72.82
CA ASN E 2884 -7.86 -36.51 73.37
C ASN E 2884 -8.32 -37.47 72.28
N GLY E 2885 -7.39 -38.27 71.76
CA GLY E 2885 -7.72 -39.23 70.73
C GLY E 2885 -7.16 -38.84 69.37
N SER E 2886 -7.24 -37.55 69.05
CA SER E 2886 -6.60 -37.01 67.85
C SER E 2886 -6.44 -35.51 68.06
N TRP E 2887 -5.63 -34.90 67.19
CA TRP E 2887 -5.40 -33.46 67.22
C TRP E 2887 -6.25 -32.82 66.12
N ASN E 2888 -7.29 -32.10 66.53
CA ASN E 2888 -8.19 -31.47 65.58
C ASN E 2888 -8.56 -30.08 66.07
N PHE E 2889 -8.47 -29.10 65.18
CA PHE E 2889 -8.97 -27.77 65.47
C PHE E 2889 -10.43 -27.72 65.02
N TRP E 2890 -11.02 -26.51 64.99
CA TRP E 2890 -12.48 -26.38 64.90
C TRP E 2890 -13.05 -26.97 63.61
N PHE E 2891 -12.75 -26.40 62.44
CA PHE E 2891 -13.32 -26.95 61.22
C PHE E 2891 -12.22 -27.56 60.35
N ASN E 2892 -11.94 -28.84 60.60
CA ASN E 2892 -11.10 -29.67 59.74
C ASN E 2892 -11.86 -30.92 59.32
N PHE E 2893 -13.20 -30.85 59.31
CA PHE E 2893 -14.02 -32.02 59.01
C PHE E 2893 -13.92 -32.46 57.56
N ASP E 2894 -13.48 -31.58 56.66
CA ASP E 2894 -13.34 -31.90 55.25
C ASP E 2894 -11.94 -32.38 54.88
N LYS E 2895 -11.24 -33.00 55.83
CA LYS E 2895 -9.85 -33.42 55.61
C LYS E 2895 -9.69 -34.93 55.49
N LEU E 2896 -10.34 -35.68 56.38
CA LEU E 2896 -10.25 -37.15 56.31
C LEU E 2896 -10.90 -37.69 55.04
N TYR E 2897 -12.08 -37.16 54.70
CA TYR E 2897 -12.75 -37.57 53.47
C TYR E 2897 -11.94 -37.19 52.24
N SER E 2898 -11.35 -35.98 52.26
CA SER E 2898 -10.53 -35.51 51.15
C SER E 2898 -9.30 -36.40 50.94
N GLU E 2899 -8.59 -36.72 52.02
CA GLU E 2899 -7.37 -37.51 51.89
C GLU E 2899 -7.68 -38.96 51.55
N GLU E 2900 -8.74 -39.52 52.13
CA GLU E 2900 -9.12 -40.89 51.82
C GLU E 2900 -9.78 -41.03 50.45
N ILE E 2901 -10.14 -39.93 49.81
CA ILE E 2901 -10.50 -40.01 48.39
C ILE E 2901 -9.27 -39.86 47.50
N VAL E 2902 -8.36 -38.93 47.86
CA VAL E 2902 -7.19 -38.66 47.03
C VAL E 2902 -6.28 -39.88 46.95
N THR E 2903 -5.93 -40.45 48.11
CA THR E 2903 -5.00 -41.59 48.13
C THR E 2903 -5.63 -42.82 47.49
N THR E 2904 -6.94 -43.03 47.72
CA THR E 2904 -7.64 -44.16 47.12
C THR E 2904 -7.67 -44.04 45.60
N TRP E 2905 -7.99 -42.86 45.08
CA TRP E 2905 -8.08 -42.68 43.64
C TRP E 2905 -6.71 -42.81 42.97
N ILE E 2906 -5.67 -42.23 43.58
CA ILE E 2906 -4.33 -42.34 43.03
C ILE E 2906 -3.86 -43.79 43.03
N LEU E 2907 -4.14 -44.52 44.13
CA LEU E 2907 -3.77 -45.92 44.22
C LEU E 2907 -4.51 -46.77 43.19
N GLU E 2908 -5.80 -46.51 43.00
CA GLU E 2908 -6.58 -47.26 42.02
C GLU E 2908 -6.07 -47.03 40.61
N SER E 2909 -5.74 -45.78 40.27
CA SER E 2909 -5.21 -45.50 38.94
C SER E 2909 -3.84 -46.13 38.72
N LEU E 2910 -2.97 -46.09 39.73
CA LEU E 2910 -1.66 -46.73 39.60
C LEU E 2910 -1.80 -48.24 39.49
N ILE E 2911 -2.76 -48.82 40.21
CA ILE E 2911 -3.00 -50.26 40.12
C ILE E 2911 -3.52 -50.63 38.74
N GLN E 2912 -4.40 -49.82 38.17
CA GLN E 2912 -4.90 -50.05 36.82
C GLN E 2912 -3.78 -49.96 35.79
N THR E 2913 -2.89 -48.97 35.94
CA THR E 2913 -1.75 -48.85 35.04
C THR E 2913 -0.80 -50.03 35.15
N TYR E 2914 -0.53 -50.48 36.38
CA TYR E 2914 0.32 -51.64 36.60
C TYR E 2914 -0.29 -52.90 36.00
N LYS E 2915 -1.60 -53.06 36.16
CA LYS E 2915 -2.27 -54.24 35.62
C LYS E 2915 -2.32 -54.22 34.09
N TYR E 2916 -2.41 -53.03 33.48
CA TYR E 2916 -2.33 -52.97 32.03
C TYR E 2916 -0.91 -53.29 31.54
N LEU E 2917 0.10 -52.64 32.13
CA LEU E 2917 1.47 -52.81 31.67
C LEU E 2917 2.07 -54.15 32.06
N HIS E 2918 1.43 -54.89 32.97
CA HIS E 2918 1.90 -56.22 33.31
C HIS E 2918 1.76 -57.20 32.16
N LYS E 2919 0.77 -56.98 31.28
CA LYS E 2919 0.48 -57.89 30.19
C LYS E 2919 1.08 -57.44 28.86
N ASN E 2920 1.90 -56.39 28.86
CA ASN E 2920 2.51 -55.86 27.65
C ASN E 2920 4.00 -55.63 27.84
N THR E 2921 4.65 -56.51 28.61
CA THR E 2921 6.06 -56.33 28.90
C THR E 2921 6.93 -56.63 27.70
N GLU E 2922 6.53 -57.62 26.89
CA GLU E 2922 7.23 -57.91 25.64
C GLU E 2922 7.18 -56.72 24.69
N LEU E 2923 6.00 -56.08 24.61
CA LEU E 2923 5.85 -54.88 23.80
C LEU E 2923 6.69 -53.74 24.36
N LEU E 2924 6.76 -53.60 25.69
CA LEU E 2924 7.59 -52.56 26.30
C LEU E 2924 9.06 -52.75 25.95
N ASP E 2925 9.55 -53.99 26.03
CA ASP E 2925 10.93 -54.28 25.69
C ASP E 2925 11.21 -54.04 24.21
N PHE E 2926 10.26 -54.41 23.34
CA PHE E 2926 10.44 -54.20 21.91
C PHE E 2926 10.48 -52.72 21.55
N VAL E 2927 9.57 -51.93 22.14
CA VAL E 2927 9.54 -50.49 21.86
C VAL E 2927 10.78 -49.82 22.44
N THR E 2928 11.24 -50.27 23.61
CA THR E 2928 12.46 -49.70 24.18
C THR E 2928 13.68 -50.01 23.31
N ASN E 2929 13.79 -51.24 22.81
CA ASN E 2929 14.90 -51.60 21.93
C ASN E 2929 14.87 -50.81 20.63
N LYS E 2930 13.69 -50.62 20.07
CA LYS E 2930 13.61 -49.82 18.85
C LYS E 2930 13.72 -48.32 19.10
N PHE E 2931 13.58 -47.86 20.34
CA PHE E 2931 13.72 -46.45 20.66
C PHE E 2931 15.15 -46.07 21.02
N ILE E 2932 15.96 -47.01 21.52
CA ILE E 2932 17.36 -46.69 21.80
C ILE E 2932 18.10 -46.36 20.50
N THR E 2933 17.89 -47.17 19.47
CA THR E 2933 18.62 -47.00 18.22
C THR E 2933 18.20 -45.76 17.46
N LEU E 2934 17.01 -45.23 17.74
CA LEU E 2934 16.57 -44.01 17.07
C LEU E 2934 17.20 -42.76 17.69
N GLY E 2935 17.44 -42.77 19.00
CA GLY E 2935 18.08 -41.65 19.66
C GLY E 2935 17.27 -41.11 20.82
N TYR E 2936 17.97 -40.59 21.82
CA TYR E 2936 17.34 -39.99 22.99
C TYR E 2936 18.29 -38.97 23.58
N ILE E 2937 17.75 -38.11 24.45
CA ILE E 2937 18.54 -37.09 25.12
C ILE E 2937 19.21 -37.73 26.32
N ALA E 2938 20.52 -37.87 26.27
CA ALA E 2938 21.27 -38.42 27.40
C ALA E 2938 21.33 -37.39 28.54
N PRO E 2939 21.28 -37.84 29.79
CA PRO E 2939 21.35 -36.92 30.93
C PRO E 2939 22.79 -36.55 31.30
N GLU E 2940 23.48 -35.88 30.37
CA GLU E 2940 24.82 -35.37 30.62
C GLU E 2940 24.82 -33.95 31.16
N ASN E 2941 23.62 -33.34 31.28
CA ASN E 2941 23.44 -31.97 31.78
C ASN E 2941 24.18 -30.95 30.92
N ALA E 2942 24.03 -31.07 29.60
CA ALA E 2942 24.52 -30.08 28.66
C ALA E 2942 23.32 -29.26 28.19
N ASN E 2943 22.97 -28.24 28.97
CA ASN E 2943 21.81 -27.41 28.69
C ASN E 2943 22.14 -25.98 29.13
N LEU E 2944 21.10 -25.14 29.16
CA LEU E 2944 21.19 -23.74 29.61
C LEU E 2944 22.21 -22.92 28.82
N GLN E 2953 8.72 -33.55 25.31
CA GLN E 2953 8.42 -34.96 25.15
C GLN E 2953 6.97 -35.26 25.51
N SER E 2954 6.05 -34.51 24.92
CA SER E 2954 4.62 -34.70 25.14
C SER E 2954 3.87 -35.00 23.86
N GLU E 2955 4.56 -35.09 22.72
CA GLU E 2955 3.87 -35.22 21.44
C GLU E 2955 4.36 -36.42 20.63
N LEU E 2956 5.66 -36.74 20.75
CA LEU E 2956 6.36 -37.85 20.09
C LEU E 2956 6.56 -37.57 18.60
N LEU E 2957 7.76 -37.87 18.08
CA LEU E 2957 8.12 -37.58 16.70
C LEU E 2957 7.41 -38.54 15.75
N SER E 2958 7.78 -38.52 14.47
CA SER E 2958 7.05 -39.27 13.45
C SER E 2958 7.55 -40.69 13.26
N THR E 2959 8.87 -40.86 13.18
CA THR E 2959 9.39 -42.22 13.09
C THR E 2959 9.18 -42.98 14.40
N LYS E 2960 9.30 -42.31 15.56
CA LYS E 2960 9.04 -42.93 16.85
C LYS E 2960 7.55 -43.21 17.08
N GLU E 2961 6.68 -42.60 16.29
CA GLU E 2961 5.26 -42.89 16.28
C GLU E 2961 4.94 -44.04 15.33
N ILE E 2962 5.63 -44.12 14.20
CA ILE E 2962 5.50 -45.27 13.30
C ILE E 2962 5.95 -46.55 13.99
N ILE E 2963 7.08 -46.52 14.72
CA ILE E 2963 7.52 -47.71 15.47
C ILE E 2963 6.50 -48.16 16.49
N LEU E 2964 5.91 -47.22 17.24
CA LEU E 2964 5.01 -47.62 18.31
C LEU E 2964 3.69 -48.13 17.73
N THR E 2965 3.21 -47.50 16.64
CA THR E 2965 1.98 -47.98 15.99
C THR E 2965 2.18 -49.35 15.35
N ASN E 2966 3.39 -49.63 14.85
CA ASN E 2966 3.68 -50.96 14.33
C ASN E 2966 3.74 -51.98 15.46
N SER E 2967 4.31 -51.61 16.60
CA SER E 2967 4.37 -52.53 17.73
C SER E 2967 2.99 -52.83 18.30
N PHE E 2968 2.08 -51.86 18.25
CA PHE E 2968 0.72 -52.04 18.76
C PHE E 2968 -0.23 -52.60 17.71
N LYS E 2969 0.27 -53.31 16.71
CA LYS E 2969 -0.60 -53.88 15.69
C LYS E 2969 -1.49 -54.98 16.25
N ARG E 2970 -0.90 -55.87 17.05
CA ARG E 2970 -1.53 -57.06 17.63
C ARG E 2970 -2.14 -57.90 16.50
N PHE E 2971 -3.22 -58.61 16.79
CA PHE E 2971 -3.92 -59.41 15.78
C PHE E 2971 -5.40 -59.51 16.11
N SER F 308 0.78 -23.85 -56.59
CA SER F 308 0.74 -25.05 -55.76
C SER F 308 -0.35 -24.95 -54.69
N VAL F 309 -1.61 -24.91 -55.13
CA VAL F 309 -2.71 -24.84 -54.17
C VAL F 309 -3.02 -26.21 -53.57
N LYS F 310 -2.54 -27.29 -54.17
CA LYS F 310 -2.73 -28.64 -53.66
C LYS F 310 -1.59 -29.09 -52.76
N THR F 311 -0.57 -28.26 -52.58
CA THR F 311 0.62 -28.61 -51.82
C THR F 311 0.78 -27.82 -50.53
N ALA F 312 0.56 -26.52 -50.57
CA ALA F 312 0.68 -25.72 -49.37
C ALA F 312 -0.54 -25.90 -48.47
N TRP F 313 -0.33 -25.71 -47.18
CA TRP F 313 -1.44 -25.60 -46.25
C TRP F 313 -2.15 -24.27 -46.46
N ARG F 314 -3.42 -24.22 -46.04
CA ARG F 314 -4.13 -22.93 -46.03
C ARG F 314 -3.64 -22.11 -44.85
N THR F 315 -3.29 -20.84 -45.11
CA THR F 315 -2.88 -19.90 -44.07
C THR F 315 -3.65 -18.59 -44.30
N GLN F 316 -4.81 -18.47 -43.66
CA GLN F 316 -5.66 -17.27 -43.70
C GLN F 316 -5.94 -16.79 -45.11
N GLU F 317 -6.03 -15.46 -45.29
CA GLU F 317 -6.08 -14.87 -46.63
C GLU F 317 -5.37 -13.52 -46.56
N VAL F 318 -4.07 -13.55 -46.87
CA VAL F 318 -3.24 -12.35 -47.02
C VAL F 318 -3.47 -11.79 -48.42
N LEU F 319 -2.90 -10.62 -48.74
CA LEU F 319 -3.34 -9.91 -49.94
C LEU F 319 -2.88 -10.59 -51.23
N ARG F 320 -1.56 -10.54 -51.54
CA ARG F 320 -0.73 -11.15 -52.61
C ARG F 320 -0.19 -10.04 -53.52
N GLU F 321 0.89 -9.36 -53.10
CA GLU F 321 1.45 -8.31 -53.95
C GLU F 321 1.72 -8.71 -55.42
N LEU F 322 0.99 -8.07 -56.34
CA LEU F 322 1.26 -8.14 -57.78
C LEU F 322 2.15 -7.00 -58.25
N SER F 323 2.21 -6.84 -59.56
CA SER F 323 2.85 -5.69 -60.19
C SER F 323 1.89 -5.17 -61.27
N TYR F 324 2.18 -3.95 -61.75
CA TYR F 324 1.42 -3.30 -62.82
C TYR F 324 1.18 -4.20 -64.01
N THR F 325 2.23 -4.86 -64.50
CA THR F 325 2.13 -5.76 -65.65
C THR F 325 1.15 -6.89 -65.40
N GLN F 326 1.27 -7.53 -64.23
CA GLN F 326 0.36 -8.61 -63.84
C GLN F 326 -1.08 -8.12 -63.80
N LEU F 327 -1.31 -6.99 -63.13
CA LEU F 327 -2.66 -6.43 -63.02
C LEU F 327 -3.23 -6.04 -64.38
N TRP F 328 -2.41 -5.43 -65.24
CA TRP F 328 -2.82 -5.05 -66.59
C TRP F 328 -3.24 -6.27 -67.40
N ALA F 329 -2.46 -7.35 -67.29
CA ALA F 329 -2.79 -8.60 -67.97
C ALA F 329 -4.15 -9.14 -67.52
N LEU F 330 -4.35 -9.22 -66.20
CA LEU F 330 -5.62 -9.76 -65.72
C LEU F 330 -6.78 -8.76 -65.79
N VAL F 331 -6.51 -7.49 -66.07
CA VAL F 331 -7.59 -6.54 -66.34
C VAL F 331 -8.03 -6.64 -67.79
N GLY F 332 -7.07 -6.68 -68.71
CA GLY F 332 -7.35 -6.86 -70.13
C GLY F 332 -8.03 -8.17 -70.42
N GLU F 333 -7.59 -9.24 -69.77
CA GLU F 333 -8.25 -10.54 -69.93
C GLU F 333 -9.60 -10.61 -69.21
N GLY F 334 -10.00 -9.53 -68.55
CA GLY F 334 -11.30 -9.48 -67.91
C GLY F 334 -11.43 -10.36 -66.69
N HIS F 335 -10.43 -10.33 -65.81
CA HIS F 335 -10.45 -11.12 -64.59
C HIS F 335 -10.58 -10.28 -63.34
N VAL F 336 -10.45 -8.96 -63.43
CA VAL F 336 -10.53 -8.06 -62.28
C VAL F 336 -11.90 -7.40 -62.27
N ALA F 337 -12.61 -7.52 -61.15
CA ALA F 337 -13.97 -7.01 -61.05
C ALA F 337 -14.04 -5.60 -60.46
N ARG F 338 -13.15 -5.27 -59.52
CA ARG F 338 -13.24 -3.97 -58.86
C ARG F 338 -11.85 -3.56 -58.38
N VAL F 339 -11.56 -2.26 -58.45
CA VAL F 339 -10.30 -1.71 -57.99
C VAL F 339 -10.58 -0.68 -56.91
N ARG F 340 -9.69 -0.62 -55.91
CA ARG F 340 -9.77 0.30 -54.79
C ARG F 340 -8.41 0.98 -54.67
N PHE F 341 -8.31 2.20 -55.19
CA PHE F 341 -7.07 2.95 -55.09
C PHE F 341 -6.87 3.44 -53.66
N TYR F 342 -5.70 3.13 -53.11
CA TYR F 342 -5.32 3.53 -51.76
C TYR F 342 -3.85 3.89 -51.74
N GLY F 343 -3.38 4.34 -50.57
CA GLY F 343 -2.11 4.98 -50.36
C GLY F 343 -2.31 6.48 -50.26
N PRO F 344 -1.63 7.17 -49.30
CA PRO F 344 -1.54 8.63 -49.35
C PRO F 344 -1.14 9.19 -50.70
N GLU F 345 -0.20 8.53 -51.36
CA GLU F 345 0.22 8.89 -52.70
C GLU F 345 -0.66 8.24 -53.78
N LYS F 346 -1.67 7.46 -53.36
CA LYS F 346 -2.63 6.80 -54.26
C LYS F 346 -1.97 5.97 -55.34
N ASN F 347 -0.89 5.27 -55.00
CA ASN F 347 -0.17 4.46 -55.95
C ASN F 347 -0.31 2.97 -55.66
N LYS F 348 -1.26 2.59 -54.80
CA LYS F 348 -1.51 1.19 -54.51
C LYS F 348 -2.96 0.87 -54.78
N VAL F 349 -3.24 -0.37 -55.19
CA VAL F 349 -4.57 -0.77 -55.62
C VAL F 349 -4.93 -2.10 -54.97
N MET F 350 -6.10 -2.17 -54.34
CA MET F 350 -6.73 -3.45 -53.99
C MET F 350 -7.57 -3.90 -55.18
N ALA F 351 -7.17 -4.99 -55.82
CA ALA F 351 -7.89 -5.55 -56.95
C ALA F 351 -8.71 -6.74 -56.47
N THR F 352 -10.03 -6.59 -56.50
CA THR F 352 -10.95 -7.71 -56.23
C THR F 352 -11.30 -8.35 -57.56
N THR F 353 -10.86 -9.59 -57.74
CA THR F 353 -11.11 -10.35 -58.95
C THR F 353 -12.51 -10.96 -58.92
N ARG F 354 -12.95 -11.40 -60.09
CA ARG F 354 -14.27 -12.01 -60.22
C ARG F 354 -14.16 -13.53 -60.16
N ALA F 355 -15.33 -14.18 -60.08
CA ALA F 355 -15.37 -15.63 -59.93
C ALA F 355 -14.94 -16.36 -61.21
N SER F 356 -15.03 -15.71 -62.37
CA SER F 356 -14.62 -16.32 -63.62
C SER F 356 -13.10 -16.33 -63.80
N ALA F 357 -12.36 -15.65 -62.93
CA ALA F 357 -10.91 -15.64 -63.02
C ALA F 357 -10.33 -17.01 -62.66
N PRO F 358 -9.15 -17.35 -63.17
CA PRO F 358 -8.51 -18.60 -62.76
C PRO F 358 -8.00 -18.55 -61.33
N GLY F 359 -8.91 -18.76 -60.37
CA GLY F 359 -8.57 -18.68 -58.97
C GLY F 359 -9.69 -18.09 -58.13
N GLY F 360 -10.73 -17.58 -58.79
CA GLY F 360 -11.87 -17.03 -58.10
C GLY F 360 -11.57 -15.65 -57.50
N GLU F 361 -12.41 -15.28 -56.53
CA GLU F 361 -12.32 -13.97 -55.90
C GLU F 361 -11.10 -13.92 -54.98
N ARG F 362 -10.10 -13.12 -55.35
CA ARG F 362 -8.92 -12.89 -54.53
C ARG F 362 -8.66 -11.39 -54.46
N LEU F 363 -8.34 -10.91 -53.25
CA LEU F 363 -8.09 -9.49 -53.03
C LEU F 363 -6.59 -9.25 -53.16
N CYS F 364 -6.15 -8.85 -54.34
CA CYS F 364 -4.73 -8.66 -54.65
C CYS F 364 -4.30 -7.22 -54.34
N LYS F 365 -2.99 -6.99 -54.28
CA LYS F 365 -2.47 -5.67 -53.97
C LYS F 365 -1.44 -5.35 -55.05
N VAL F 366 -1.56 -4.18 -55.67
CA VAL F 366 -0.73 -3.79 -56.80
C VAL F 366 -0.09 -2.44 -56.50
N VAL F 367 1.16 -2.28 -56.91
CA VAL F 367 1.87 -1.00 -56.83
C VAL F 367 2.25 -0.59 -58.26
N LEU F 368 2.09 0.70 -58.57
CA LEU F 368 2.15 1.20 -59.94
C LEU F 368 3.24 2.26 -60.07
N PRO F 369 3.68 2.59 -61.29
CA PRO F 369 4.16 3.94 -61.58
C PRO F 369 3.02 4.83 -61.99
N PRO F 370 3.20 6.17 -61.97
CA PRO F 370 2.12 7.06 -62.40
C PRO F 370 1.91 7.09 -63.90
N ASP F 371 1.14 6.14 -64.42
CA ASP F 371 0.85 6.00 -65.84
C ASP F 371 -0.57 6.47 -66.14
N PRO F 372 -0.77 7.52 -66.98
CA PRO F 372 -2.12 8.02 -67.28
C PRO F 372 -2.87 7.20 -68.33
N GLU F 373 -2.87 5.88 -68.15
CA GLU F 373 -3.58 4.97 -69.03
C GLU F 373 -4.39 3.94 -68.25
N LEU F 374 -4.38 4.02 -66.92
CA LEU F 374 -5.13 3.06 -66.11
C LEU F 374 -6.63 3.13 -66.35
N LEU F 375 -7.17 4.35 -66.45
CA LEU F 375 -8.61 4.52 -66.62
C LEU F 375 -9.09 3.93 -67.94
N ASP F 376 -8.35 4.21 -69.03
CA ASP F 376 -8.58 3.75 -70.39
C ASP F 376 -8.26 2.27 -70.59
N HIS F 377 -8.01 1.55 -69.50
CA HIS F 377 -8.01 0.09 -69.48
C HIS F 377 -9.09 -0.45 -68.57
N LEU F 378 -9.18 0.08 -67.34
CA LEU F 378 -10.15 -0.42 -66.36
C LEU F 378 -11.58 -0.17 -66.80
N VAL F 379 -11.95 1.10 -67.00
CA VAL F 379 -13.32 1.38 -67.41
C VAL F 379 -13.52 1.07 -68.89
N SER F 380 -12.42 0.91 -69.63
CA SER F 380 -12.54 0.44 -71.01
C SER F 380 -12.99 -1.02 -71.05
N ASN F 381 -12.50 -1.85 -70.14
CA ASN F 381 -12.89 -3.26 -70.16
C ASN F 381 -14.08 -3.55 -69.25
N GLY F 382 -13.86 -3.52 -67.93
CA GLY F 382 -14.99 -3.80 -67.07
C GLY F 382 -14.97 -3.31 -65.63
N VAL F 383 -13.93 -2.60 -65.24
CA VAL F 383 -13.58 -2.50 -63.83
C VAL F 383 -14.21 -1.27 -63.22
N VAL F 384 -14.85 -1.44 -62.07
CA VAL F 384 -15.46 -0.34 -61.33
C VAL F 384 -14.47 0.12 -60.24
N VAL F 385 -14.17 1.41 -60.27
CA VAL F 385 -13.34 1.99 -59.22
C VAL F 385 -14.22 2.31 -58.03
N ASP F 386 -13.65 2.22 -56.82
CA ASP F 386 -14.42 2.49 -55.62
C ASP F 386 -13.49 2.94 -54.51
N THR F 387 -14.09 3.59 -53.51
CA THR F 387 -13.41 3.96 -52.28
C THR F 387 -14.17 3.37 -51.10
N GLY F 388 -13.44 3.05 -50.03
CA GLY F 388 -14.03 2.42 -48.88
C GLY F 388 -14.82 3.33 -47.96
N VAL F 389 -14.84 4.63 -48.22
CA VAL F 389 -15.53 5.60 -47.39
C VAL F 389 -16.89 5.85 -48.02
N THR F 390 -17.92 5.22 -47.46
CA THR F 390 -19.28 5.43 -47.92
C THR F 390 -19.94 6.55 -47.11
N GLU F 391 -21.21 6.82 -47.43
CA GLU F 391 -21.92 7.88 -46.74
C GLU F 391 -22.20 7.53 -45.28
N ASP F 392 -22.34 6.23 -44.99
CA ASP F 392 -22.48 5.81 -43.60
C ASP F 392 -21.22 6.11 -42.79
N ASP F 393 -20.05 5.86 -43.37
CA ASP F 393 -18.80 6.18 -42.70
C ASP F 393 -18.63 7.68 -42.55
N ARG F 394 -19.04 8.45 -43.56
CA ARG F 394 -18.97 9.91 -43.47
C ARG F 394 -19.89 10.45 -42.37
N LEU F 395 -21.10 9.87 -42.26
CA LEU F 395 -22.03 10.30 -41.21
C LEU F 395 -21.54 9.89 -39.82
N ARG F 396 -20.87 8.73 -39.72
CA ARG F 396 -20.25 8.35 -38.45
C ARG F 396 -19.14 9.32 -38.07
N ALA F 397 -18.36 9.77 -39.06
CA ALA F 397 -17.34 10.79 -38.81
C ALA F 397 -17.97 12.10 -38.34
N SER F 398 -19.09 12.49 -38.95
CA SER F 398 -19.80 13.69 -38.53
C SER F 398 -20.32 13.55 -37.10
N LEU F 399 -20.81 12.38 -36.74
CA LEU F 399 -21.24 12.11 -35.37
C LEU F 399 -20.07 12.22 -34.39
N LEU F 400 -18.91 11.70 -34.77
CA LEU F 400 -17.73 11.81 -33.92
C LEU F 400 -17.30 13.26 -33.73
N VAL F 401 -17.38 14.06 -34.80
CA VAL F 401 -17.07 15.48 -34.70
C VAL F 401 -18.06 16.18 -33.78
N GLN F 402 -19.33 15.78 -33.83
CA GLN F 402 -20.33 16.36 -32.93
C GLN F 402 -20.07 15.98 -31.47
N MET F 403 -19.67 14.74 -31.21
CA MET F 403 -19.32 14.35 -29.85
C MET F 403 -18.11 15.13 -29.35
N LEU F 404 -17.12 15.34 -30.22
CA LEU F 404 -15.97 16.16 -29.83
C LEU F 404 -16.35 17.62 -29.61
N ARG F 405 -17.37 18.11 -30.32
CA ARG F 405 -17.89 19.44 -30.05
C ARG F 405 -18.55 19.52 -28.68
N TYR F 406 -19.36 18.52 -28.33
CA TYR F 406 -20.09 18.55 -27.08
C TYR F 406 -19.27 18.08 -25.89
N THR F 407 -18.04 17.62 -26.10
CA THR F 407 -17.21 17.13 -25.01
C THR F 407 -16.92 18.22 -23.97
N VAL F 408 -16.42 19.37 -24.43
CA VAL F 408 -15.97 20.41 -23.49
C VAL F 408 -17.08 20.99 -22.61
N PRO F 409 -18.24 21.42 -23.15
CA PRO F 409 -19.28 21.94 -22.23
C PRO F 409 -19.84 20.88 -21.28
N PHE F 410 -19.98 19.64 -21.74
CA PHE F 410 -20.46 18.58 -20.87
C PHE F 410 -19.42 18.25 -19.80
N MET F 411 -18.14 18.29 -20.16
CA MET F 411 -17.09 18.06 -19.18
C MET F 411 -17.05 19.17 -18.14
N VAL F 412 -17.27 20.42 -18.55
CA VAL F 412 -17.32 21.52 -17.59
C VAL F 412 -18.53 21.38 -16.67
N ILE F 413 -19.69 20.99 -17.23
CA ILE F 413 -20.90 20.80 -16.43
C ILE F 413 -20.69 19.68 -15.41
N SER F 414 -20.11 18.56 -15.84
CA SER F 414 -19.87 17.45 -14.92
C SER F 414 -18.80 17.80 -13.89
N GLY F 415 -17.79 18.58 -14.27
CA GLY F 415 -16.79 19.00 -13.31
C GLY F 415 -17.35 19.90 -12.24
N LEU F 416 -18.20 20.86 -12.62
CA LEU F 416 -18.86 21.71 -11.63
C LEU F 416 -19.80 20.90 -10.75
N PHE F 417 -20.54 19.96 -11.34
CA PHE F 417 -21.48 19.16 -10.56
C PHE F 417 -20.77 18.25 -9.57
N TRP F 418 -19.64 17.67 -9.96
CA TRP F 418 -18.89 16.85 -9.03
C TRP F 418 -18.02 17.65 -8.08
N MET F 419 -17.78 18.93 -8.37
CA MET F 419 -17.19 19.82 -7.37
C MET F 419 -18.22 20.15 -6.29
N ILE F 420 -19.47 20.36 -6.69
CA ILE F 420 -20.54 20.54 -5.70
C ILE F 420 -20.80 19.24 -4.95
N HIS F 421 -20.70 18.10 -5.64
CA HIS F 421 -21.03 16.79 -5.13
C HIS F 421 -19.91 16.14 -4.30
N THR F 422 -18.96 16.92 -3.80
CA THR F 422 -18.16 16.44 -2.69
C THR F 422 -17.93 17.54 -1.67
N TRP F 423 -18.68 18.63 -1.75
CA TRP F 423 -18.64 19.72 -0.78
C TRP F 423 -19.97 19.90 -0.07
N ILE F 424 -21.10 19.74 -0.76
CA ILE F 424 -22.41 19.83 -0.11
C ILE F 424 -23.04 18.45 -0.08
N LEU F 425 -23.32 17.89 -1.26
CA LEU F 425 -23.86 16.54 -1.38
C LEU F 425 -22.71 15.55 -1.30
N ASP F 426 -22.86 14.54 -0.45
CA ASP F 426 -21.85 13.52 -0.15
C ASP F 426 -20.52 14.12 0.32
N PRO F 427 -20.48 14.80 1.48
CA PRO F 427 -19.20 15.21 2.08
C PRO F 427 -18.62 14.06 2.87
N LEU F 428 -17.72 14.39 3.81
CA LEU F 428 -17.18 13.42 4.76
C LEU F 428 -18.32 12.73 5.52
N PRO F 429 -18.10 11.53 6.13
CA PRO F 429 -19.26 10.77 6.64
C PRO F 429 -19.91 11.40 7.88
N ASN F 430 -20.53 12.57 7.67
CA ASN F 430 -21.25 13.33 8.71
C ASN F 430 -20.35 13.71 9.88
N LYS F 431 -19.07 13.97 9.58
CA LYS F 431 -18.08 14.36 10.58
C LYS F 431 -17.52 15.75 10.34
N PHE F 432 -18.16 16.50 9.44
CA PHE F 432 -17.80 17.88 9.13
C PHE F 432 -17.84 18.76 10.38
N ARG F 433 -18.87 18.58 11.22
CA ARG F 433 -18.98 19.38 12.44
C ARG F 433 -17.82 19.13 13.38
N ARG F 434 -17.42 17.85 13.51
CA ARG F 434 -16.25 17.52 14.32
C ARG F 434 -14.97 18.13 13.71
N GLN F 435 -14.88 18.15 12.37
CA GLN F 435 -13.72 18.75 11.73
C GLN F 435 -13.64 20.24 12.00
N GLU F 436 -14.78 20.92 11.85
CA GLU F 436 -14.82 22.35 12.12
C GLU F 436 -14.55 22.65 13.59
N PHE F 437 -14.99 21.77 14.50
CA PHE F 437 -14.65 21.98 15.92
C PHE F 437 -13.16 21.85 16.16
N ILE F 438 -12.53 20.86 15.54
CA ILE F 438 -11.08 20.67 15.59
C ILE F 438 -10.38 21.94 15.11
N ARG F 439 -10.91 22.53 14.03
CA ARG F 439 -10.35 23.78 13.54
C ARG F 439 -10.59 24.94 14.52
N TYR F 440 -11.73 24.96 15.20
CA TYR F 440 -11.98 25.98 16.22
C TYR F 440 -10.98 25.87 17.37
N ARG F 441 -10.73 24.64 17.84
CA ARG F 441 -9.94 24.43 19.05
C ARG F 441 -8.44 24.34 18.78
N ARG F 442 -8.02 24.18 17.53
CA ARG F 442 -6.60 24.03 17.21
C ARG F 442 -5.94 25.33 16.80
N GLU F 443 -6.68 26.42 16.68
CA GLU F 443 -6.08 27.72 16.36
C GLU F 443 -5.70 28.50 17.63
N MET F 444 -4.97 27.83 18.51
CA MET F 444 -4.54 28.45 19.75
C MET F 444 -3.11 28.95 19.64
N PHE F 469 -31.24 11.05 18.51
CA PHE F 469 -32.22 12.11 18.74
C PHE F 469 -33.53 11.57 19.27
N ILE F 470 -33.92 12.03 20.46
CA ILE F 470 -35.17 11.63 21.10
C ILE F 470 -35.97 12.90 21.39
N LYS F 471 -37.21 12.93 20.92
CA LYS F 471 -38.07 14.09 21.13
C LYS F 471 -38.45 14.22 22.60
N TRP F 472 -38.46 15.46 23.09
CA TRP F 472 -38.82 15.73 24.48
C TRP F 472 -40.26 15.34 24.77
N ASP F 473 -41.16 15.53 23.79
CA ASP F 473 -42.54 15.08 23.93
C ASP F 473 -42.64 13.57 24.02
N ASP F 474 -41.62 12.84 23.55
CA ASP F 474 -41.55 11.40 23.72
C ASP F 474 -40.60 10.99 24.85
N ILE F 475 -40.10 11.95 25.62
CA ILE F 475 -39.17 11.63 26.71
C ILE F 475 -39.96 11.03 27.87
N ASN F 476 -39.48 9.91 28.39
CA ASN F 476 -40.05 9.24 29.55
C ASN F 476 -39.05 9.31 30.71
N GLY F 477 -39.38 8.63 31.80
CA GLY F 477 -38.56 8.66 33.00
C GLY F 477 -39.02 9.73 33.97
N ILE F 478 -38.99 10.98 33.54
CA ILE F 478 -39.50 12.11 34.32
C ILE F 478 -40.89 12.46 33.80
N ASP F 479 -41.86 12.51 34.72
CA ASP F 479 -43.24 12.79 34.35
C ASP F 479 -43.94 13.78 35.26
N GLU F 480 -43.34 14.19 36.39
CA GLU F 480 -44.00 15.11 37.29
C GLU F 480 -43.61 16.57 37.04
N VAL F 481 -42.37 16.84 36.64
CA VAL F 481 -41.90 18.20 36.37
C VAL F 481 -42.00 18.50 34.87
N LYS F 482 -42.81 17.72 34.14
CA LYS F 482 -42.94 17.91 32.71
C LYS F 482 -43.51 19.28 32.36
N LYS F 483 -44.49 19.75 33.15
CA LYS F 483 -45.09 21.06 32.92
C LYS F 483 -44.08 22.19 33.16
N GLU F 484 -43.26 22.07 34.21
CA GLU F 484 -42.27 23.09 34.49
C GLU F 484 -41.16 23.10 33.43
N ILE F 485 -40.77 21.93 32.93
CA ILE F 485 -39.78 21.88 31.85
C ILE F 485 -40.37 22.45 30.56
N ASN F 486 -41.65 22.20 30.31
CA ASN F 486 -42.32 22.81 29.16
C ASN F 486 -42.36 24.33 29.28
N GLU F 487 -42.62 24.83 30.49
CA GLU F 487 -42.55 26.27 30.74
C GLU F 487 -41.14 26.80 30.51
N ILE F 488 -40.13 26.03 30.92
CA ILE F 488 -38.73 26.44 30.75
C ILE F 488 -38.37 26.55 29.28
N ILE F 489 -38.74 25.54 28.47
CA ILE F 489 -38.37 25.58 27.06
C ILE F 489 -39.21 26.61 26.30
N GLU F 490 -40.46 26.85 26.73
CA GLU F 490 -41.26 27.90 26.11
C GLU F 490 -40.67 29.28 26.40
N TYR F 491 -40.19 29.50 27.63
CA TYR F 491 -39.55 30.76 27.95
C TYR F 491 -38.19 30.90 27.28
N LEU F 492 -37.48 29.78 27.07
CA LEU F 492 -36.21 29.82 26.36
C LEU F 492 -36.41 30.18 24.89
N ARG F 493 -37.45 29.64 24.27
CA ARG F 493 -37.76 29.99 22.89
C ARG F 493 -38.49 31.32 22.76
N ASN F 494 -39.01 31.87 23.86
CA ASN F 494 -39.71 33.15 23.86
C ASN F 494 -39.14 34.05 24.94
N PRO F 495 -38.01 34.72 24.67
CA PRO F 495 -37.46 35.65 25.67
C PRO F 495 -38.37 36.82 25.99
N ALA F 496 -39.12 37.33 25.01
CA ALA F 496 -40.04 38.44 25.27
C ALA F 496 -41.18 38.01 26.18
N LEU F 497 -41.74 36.82 25.93
CA LEU F 497 -42.77 36.27 26.82
C LEU F 497 -42.21 35.95 28.20
N LEU F 498 -40.93 35.56 28.27
CA LEU F 498 -40.32 35.29 29.57
C LEU F 498 -40.13 36.57 30.38
N ARG F 499 -39.63 37.62 29.74
CA ARG F 499 -39.27 38.85 30.44
C ARG F 499 -40.39 39.88 30.49
N SER F 500 -41.56 39.57 29.92
CA SER F 500 -42.69 40.50 29.92
C SER F 500 -43.68 40.21 31.04
N ARG F 501 -43.30 39.40 32.04
CA ARG F 501 -44.19 39.05 33.14
C ARG F 501 -43.67 39.57 34.48
N GLY F 502 -42.71 40.49 34.47
CA GLY F 502 -42.15 40.99 35.70
C GLY F 502 -41.06 40.14 36.32
N VAL F 503 -40.57 39.12 35.61
CA VAL F 503 -39.49 38.28 36.09
C VAL F 503 -38.41 38.24 35.01
N ALA F 504 -37.20 37.89 35.43
CA ALA F 504 -36.06 37.88 34.50
C ALA F 504 -35.84 36.49 33.89
N ARG F 505 -35.55 35.50 34.73
CA ARG F 505 -35.22 34.15 34.29
C ARG F 505 -35.23 33.23 35.50
N ILE F 506 -35.72 32.00 35.32
CA ILE F 506 -35.65 31.00 36.38
C ILE F 506 -34.20 30.65 36.69
N GLY F 507 -33.38 30.46 35.67
CA GLY F 507 -31.95 30.40 35.84
C GLY F 507 -31.44 28.98 35.96
N GLY F 508 -30.54 28.75 36.91
CA GLY F 508 -29.86 27.48 36.97
C GLY F 508 -30.76 26.38 37.52
N VAL F 509 -30.63 25.19 36.92
CA VAL F 509 -31.45 24.03 37.23
C VAL F 509 -30.53 22.88 37.62
N LEU F 510 -30.85 22.21 38.74
CA LEU F 510 -30.11 21.03 39.18
C LEU F 510 -30.83 19.78 38.66
N LEU F 511 -30.06 18.87 38.05
CA LEU F 511 -30.58 17.62 37.53
C LEU F 511 -30.03 16.47 38.38
N ALA F 512 -30.91 15.75 39.07
CA ALA F 512 -30.49 14.77 40.05
C ALA F 512 -31.21 13.45 39.84
N GLY F 513 -30.59 12.37 40.32
CA GLY F 513 -31.16 11.04 40.25
C GLY F 513 -30.14 9.93 40.19
N ALA F 514 -30.43 8.91 39.38
CA ALA F 514 -29.52 7.80 39.18
C ALA F 514 -28.31 8.25 38.36
N PRO F 515 -27.19 7.48 38.40
CA PRO F 515 -26.04 7.83 37.55
C PRO F 515 -26.34 7.75 36.06
N GLY F 516 -26.39 8.90 35.41
CA GLY F 516 -26.59 8.98 33.96
C GLY F 516 -27.91 8.43 33.47
N THR F 517 -29.00 8.69 34.20
CA THR F 517 -30.29 8.12 33.81
C THR F 517 -30.93 8.89 32.66
N GLY F 518 -30.99 10.22 32.76
CA GLY F 518 -31.65 11.04 31.76
C GLY F 518 -31.04 12.41 31.62
N LYS F 519 -29.79 12.57 32.08
CA LYS F 519 -29.20 13.90 32.17
C LYS F 519 -28.90 14.49 30.79
N THR F 520 -28.01 13.84 30.05
CA THR F 520 -27.61 14.35 28.74
C THR F 520 -28.76 14.26 27.74
N LEU F 521 -29.56 13.20 27.83
CA LEU F 521 -30.72 13.05 26.96
C LEU F 521 -31.74 14.16 27.21
N LEU F 522 -32.01 14.47 28.48
CA LEU F 522 -32.95 15.54 28.81
C LEU F 522 -32.43 16.90 28.39
N ALA F 523 -31.12 17.15 28.60
CA ALA F 523 -30.53 18.41 28.20
C ALA F 523 -30.56 18.59 26.68
N LYS F 524 -30.27 17.52 25.94
CA LYS F 524 -30.30 17.59 24.49
C LYS F 524 -31.71 17.78 23.96
N ALA F 525 -32.69 17.11 24.59
CA ALA F 525 -34.09 17.30 24.19
C ALA F 525 -34.56 18.73 24.47
N ILE F 526 -34.15 19.29 25.62
CA ILE F 526 -34.49 20.68 25.94
C ILE F 526 -33.87 21.64 24.94
N ALA F 527 -32.60 21.39 24.58
CA ALA F 527 -31.92 22.25 23.60
C ALA F 527 -32.57 22.14 22.22
N ALA F 528 -32.97 20.93 21.82
CA ALA F 528 -33.63 20.76 20.54
C ALA F 528 -34.99 21.45 20.51
N GLU F 529 -35.73 21.39 21.62
CA GLU F 529 -37.01 22.09 21.68
C GLU F 529 -36.82 23.60 21.67
N GLY F 530 -35.78 24.09 22.36
CA GLY F 530 -35.49 25.51 22.35
C GLY F 530 -34.81 26.02 21.10
N GLY F 531 -34.38 25.12 20.21
CA GLY F 531 -33.76 25.53 18.98
C GLY F 531 -32.34 26.03 19.11
N VAL F 532 -31.66 25.68 20.20
CA VAL F 532 -30.30 26.12 20.46
C VAL F 532 -29.39 24.91 20.52
N ARG F 533 -28.08 25.18 20.58
CA ARG F 533 -27.05 24.14 20.63
C ARG F 533 -26.35 24.20 21.99
N MET F 534 -26.08 23.02 22.55
CA MET F 534 -25.49 22.94 23.87
C MET F 534 -24.02 23.35 23.84
N PHE F 535 -23.53 23.75 25.01
CA PHE F 535 -22.13 24.08 25.26
C PHE F 535 -21.64 23.29 26.48
N THR F 536 -21.89 21.97 26.45
CA THR F 536 -21.71 21.13 27.64
C THR F 536 -20.25 21.06 28.07
N CYS F 537 -20.07 20.95 29.38
CA CYS F 537 -18.74 20.88 30.00
C CYS F 537 -18.90 20.17 31.34
N SER F 538 -17.83 20.15 32.12
CA SER F 538 -17.84 19.49 33.42
C SER F 538 -17.13 20.35 34.44
N GLY F 539 -17.47 20.13 35.71
CA GLY F 539 -16.74 20.78 36.79
C GLY F 539 -15.32 20.29 36.95
N THR F 540 -15.03 19.08 36.47
CA THR F 540 -13.65 18.59 36.47
C THR F 540 -12.80 19.33 35.44
N ASP F 541 -13.41 19.73 34.32
CA ASP F 541 -12.68 20.47 33.29
C ASP F 541 -12.31 21.87 33.76
N PHE F 542 -13.09 22.44 34.69
CA PHE F 542 -12.82 23.78 35.23
C PHE F 542 -11.73 23.71 36.31
N TYR F 543 -10.54 23.28 35.89
CA TYR F 543 -9.41 23.09 36.77
C TYR F 543 -8.14 23.05 35.93
N ASP F 544 -7.03 23.44 36.54
CA ASP F 544 -5.73 23.38 35.89
C ASP F 544 -4.66 23.17 36.95
N VAL F 545 -3.42 23.03 36.50
CA VAL F 545 -2.31 22.81 37.43
C VAL F 545 -1.93 24.06 38.21
N TYR F 546 -2.32 25.24 37.74
CA TYR F 546 -2.05 26.50 38.41
C TYR F 546 -3.31 27.06 39.03
N SER F 547 -3.14 27.99 39.96
CA SER F 547 -4.26 28.68 40.59
C SER F 547 -4.69 29.86 39.75
N GLY F 548 -5.98 30.20 39.86
CA GLY F 548 -6.52 31.32 39.12
C GLY F 548 -6.81 31.04 37.67
N VAL F 549 -6.83 29.78 37.26
CA VAL F 549 -7.10 29.42 35.88
C VAL F 549 -8.52 28.89 35.69
N GLY F 550 -9.02 28.13 36.66
CA GLY F 550 -10.36 27.58 36.55
C GLY F 550 -11.44 28.64 36.60
N ALA F 551 -11.26 29.68 37.43
CA ALA F 551 -12.20 30.79 37.46
C ALA F 551 -12.21 31.54 36.13
N ARG F 552 -11.02 31.70 35.52
CA ARG F 552 -10.94 32.30 34.20
C ARG F 552 -11.66 31.44 33.17
N ARG F 553 -11.55 30.10 33.29
CA ARG F 553 -12.25 29.22 32.37
C ARG F 553 -13.77 29.29 32.59
N VAL F 554 -14.21 29.46 33.83
CA VAL F 554 -15.63 29.63 34.12
C VAL F 554 -16.15 30.91 33.49
N ARG F 555 -15.40 32.01 33.62
CA ARG F 555 -15.79 33.27 32.99
C ARG F 555 -15.78 33.16 31.47
N GLU F 556 -14.81 32.42 30.92
CA GLU F 556 -14.74 32.22 29.48
C GLU F 556 -15.92 31.40 28.96
N THR F 557 -16.32 30.36 29.70
CA THR F 557 -17.46 29.53 29.29
C THR F 557 -18.76 30.32 29.39
N PHE F 558 -18.91 31.13 30.43
CA PHE F 558 -20.08 31.99 30.53
C PHE F 558 -20.09 33.04 29.42
N ASP F 559 -18.91 33.53 29.02
CA ASP F 559 -18.82 34.42 27.87
C ASP F 559 -19.19 33.71 26.57
N ARG F 560 -18.82 32.43 26.45
CA ARG F 560 -19.18 31.65 25.27
C ARG F 560 -20.69 31.50 25.16
N LEU F 561 -21.35 31.17 26.26
CA LEU F 561 -22.80 31.04 26.23
C LEU F 561 -23.49 32.40 26.11
N ARG F 562 -22.84 33.46 26.57
CA ARG F 562 -23.39 34.81 26.41
C ARG F 562 -23.35 35.26 24.95
N ASN F 563 -22.19 35.07 24.30
CA ASN F 563 -22.04 35.47 22.91
C ASN F 563 -22.84 34.59 21.98
N ALA F 564 -22.95 33.30 22.28
CA ALA F 564 -23.89 32.45 21.56
C ALA F 564 -25.31 32.88 21.88
N ALA F 565 -26.21 32.67 20.91
CA ALA F 565 -27.62 32.94 21.12
C ALA F 565 -28.12 32.06 22.27
N PRO F 566 -28.94 32.61 23.21
CA PRO F 566 -29.06 32.03 24.57
C PRO F 566 -29.36 30.54 24.63
N ALA F 567 -28.37 29.80 25.12
CA ALA F 567 -28.29 28.36 24.95
C ALA F 567 -28.12 27.69 26.32
N ILE F 568 -27.80 26.40 26.28
CA ILE F 568 -27.76 25.54 27.46
C ILE F 568 -26.31 25.33 27.86
N LEU F 569 -26.02 25.46 29.16
CA LEU F 569 -24.72 25.11 29.72
C LEU F 569 -24.92 23.88 30.60
N PHE F 570 -24.66 22.70 30.04
CA PHE F 570 -24.81 21.46 30.78
C PHE F 570 -23.50 21.16 31.49
N ILE F 571 -23.47 21.38 32.80
CA ILE F 571 -22.29 21.18 33.62
C ILE F 571 -22.43 19.84 34.33
N ASP F 572 -21.53 18.91 34.01
CA ASP F 572 -21.54 17.59 34.63
C ASP F 572 -20.77 17.59 35.94
N GLU F 573 -21.14 16.66 36.82
CA GLU F 573 -20.52 16.44 38.12
C GLU F 573 -20.53 17.73 38.96
N PHE F 574 -21.74 18.16 39.29
CA PHE F 574 -21.91 19.36 40.11
C PHE F 574 -21.73 19.10 41.60
N ASP F 575 -21.58 17.84 42.01
CA ASP F 575 -21.26 17.53 43.39
C ASP F 575 -19.83 17.95 43.71
N ALA F 576 -18.87 17.58 42.87
CA ALA F 576 -17.48 17.91 43.08
C ALA F 576 -17.11 19.31 42.60
N MET F 577 -18.07 20.02 41.98
CA MET F 577 -17.81 21.40 41.57
C MET F 577 -17.64 22.32 42.79
N GLY F 578 -18.50 22.15 43.79
CA GLY F 578 -18.37 22.93 45.01
C GLY F 578 -19.40 22.58 46.07
N ALA F 579 -18.94 22.40 47.31
CA ALA F 579 -19.85 22.12 48.42
C ALA F 579 -19.64 23.04 49.61
N ALA F 580 -18.40 23.37 49.94
CA ALA F 580 -18.08 24.19 51.10
C ALA F 580 -16.67 24.73 50.94
N ARG F 581 -16.14 25.33 52.00
CA ARG F 581 -14.78 25.84 52.01
C ARG F 581 -13.82 24.71 52.35
N GLY F 582 -12.84 24.47 51.46
CA GLY F 582 -11.94 23.36 51.65
C GLY F 582 -12.47 22.03 51.14
N ALA F 583 -13.42 22.05 50.20
CA ALA F 583 -13.94 20.81 49.64
C ALA F 583 -12.88 20.07 48.83
N GLN F 584 -12.08 20.81 48.05
CA GLN F 584 -10.98 20.25 47.29
C GLN F 584 -9.67 20.80 47.85
N ALA F 585 -8.75 19.91 48.19
CA ALA F 585 -7.48 20.29 48.80
C ALA F 585 -6.44 20.47 47.70
N SER F 586 -6.51 21.62 47.03
CA SER F 586 -5.55 21.95 45.99
C SER F 586 -5.09 23.41 46.04
N GLY F 587 -5.59 24.22 46.95
CA GLY F 587 -5.22 25.63 47.00
C GLY F 587 -6.40 26.55 46.75
N ASP F 588 -7.59 26.10 47.16
CA ASP F 588 -8.86 26.83 47.01
C ASP F 588 -9.17 27.15 45.56
N GLU F 589 -8.74 26.29 44.64
CA GLU F 589 -9.04 26.50 43.23
C GLU F 589 -10.51 26.24 42.93
N SER F 590 -11.09 25.19 43.52
CA SER F 590 -12.53 24.95 43.39
C SER F 590 -13.32 26.05 44.09
N ALA F 591 -12.79 26.60 45.19
CA ALA F 591 -13.41 27.76 45.80
C ALA F 591 -13.39 28.97 44.86
N SER F 592 -12.29 29.14 44.11
CA SER F 592 -12.20 30.23 43.14
C SER F 592 -13.21 30.04 42.01
N ILE F 593 -13.34 28.82 41.49
CA ILE F 593 -14.28 28.60 40.40
C ILE F 593 -15.72 28.74 40.89
N ILE F 594 -16.00 28.40 42.16
CA ILE F 594 -17.37 28.54 42.61
C ILE F 594 -17.67 30.00 42.96
N ASN F 595 -16.67 30.77 43.37
CA ASN F 595 -16.87 32.21 43.55
C ASN F 595 -17.11 32.89 42.21
N GLU F 596 -16.38 32.46 41.16
CA GLU F 596 -16.62 33.03 39.84
C GLU F 596 -18.00 32.65 39.31
N LEU F 597 -18.44 31.41 39.54
CA LEU F 597 -19.78 31.02 39.15
C LEU F 597 -20.83 31.81 39.91
N LEU F 598 -20.61 32.03 41.20
CA LEU F 598 -21.55 32.80 42.00
C LEU F 598 -21.63 34.25 41.53
N VAL F 599 -20.50 34.84 41.16
CA VAL F 599 -20.49 36.22 40.68
C VAL F 599 -21.17 36.32 39.33
N GLN F 600 -20.90 35.36 38.44
CA GLN F 600 -21.53 35.39 37.12
C GLN F 600 -23.04 35.13 37.20
N MET F 601 -23.46 34.29 38.13
CA MET F 601 -24.87 33.93 38.25
C MET F 601 -25.61 34.90 39.17
N ASP F 602 -25.75 36.12 38.68
CA ASP F 602 -26.48 37.16 39.39
C ASP F 602 -27.41 37.96 38.50
N GLY F 603 -27.43 37.72 37.19
CA GLY F 603 -28.25 38.47 36.27
C GLY F 603 -27.63 39.73 35.74
N PHE F 604 -26.45 40.12 36.25
CA PHE F 604 -25.83 41.38 35.82
C PHE F 604 -25.23 41.28 34.42
N GLU F 605 -24.54 40.18 34.13
CA GLU F 605 -23.75 40.06 32.90
C GLU F 605 -24.54 39.35 31.80
N ASP F 606 -25.67 39.96 31.42
CA ASP F 606 -26.49 39.56 30.28
C ASP F 606 -26.96 38.12 30.39
N ASN F 607 -27.79 37.88 31.41
CA ASN F 607 -28.40 36.57 31.63
C ASN F 607 -29.79 36.46 31.00
N ARG F 608 -30.03 37.19 29.91
CA ARG F 608 -31.31 37.14 29.21
C ARG F 608 -31.36 35.87 28.39
N GLY F 609 -31.98 34.83 28.95
CA GLY F 609 -32.09 33.55 28.30
C GLY F 609 -30.98 32.58 28.61
N ILE F 610 -30.02 32.95 29.46
CA ILE F 610 -28.94 32.03 29.83
C ILE F 610 -29.55 30.99 30.75
N VAL F 611 -29.02 29.76 30.69
CA VAL F 611 -29.50 28.69 31.56
C VAL F 611 -28.39 27.66 31.71
N VAL F 612 -28.13 27.28 32.96
CA VAL F 612 -27.11 26.31 33.31
C VAL F 612 -27.80 25.14 34.00
N LEU F 613 -27.65 23.95 33.43
CA LEU F 613 -28.13 22.72 34.04
C LEU F 613 -26.93 22.03 34.68
N GLY F 614 -26.83 22.16 36.01
CA GLY F 614 -25.74 21.59 36.76
C GLY F 614 -26.03 20.19 37.26
N ALA F 615 -25.93 19.19 36.37
CA ALA F 615 -26.24 17.79 36.68
C ALA F 615 -25.55 17.31 37.94
N THR F 616 -26.34 16.89 38.92
CA THR F 616 -25.85 16.60 40.28
C THR F 616 -26.20 15.16 40.65
N ASN F 617 -25.19 14.32 40.76
CA ASN F 617 -25.46 12.94 41.17
C ASN F 617 -25.40 12.82 42.69
N ARG F 618 -25.56 13.93 43.39
CA ARG F 618 -25.60 13.94 44.85
C ARG F 618 -26.60 15.00 45.27
N PRO F 619 -27.76 14.59 45.79
CA PRO F 619 -28.73 15.57 46.30
C PRO F 619 -28.24 16.31 47.54
N GLY F 620 -27.73 15.58 48.53
CA GLY F 620 -27.36 16.18 49.79
C GLY F 620 -25.90 16.59 49.94
N ALA F 621 -25.29 17.12 48.88
CA ALA F 621 -23.98 17.77 49.01
C ALA F 621 -23.82 18.83 47.92
N ILE F 622 -24.14 20.08 48.25
CA ILE F 622 -24.21 21.17 47.28
C ILE F 622 -23.87 22.46 48.02
N ASP F 623 -23.17 23.37 47.32
CA ASP F 623 -22.68 24.61 47.91
C ASP F 623 -23.80 25.44 48.51
N SER F 624 -23.58 25.92 49.74
CA SER F 624 -24.59 26.67 50.47
C SER F 624 -24.81 28.07 49.93
N ALA F 625 -23.94 28.57 49.07
CA ALA F 625 -24.07 29.92 48.53
C ALA F 625 -24.92 29.97 47.27
N LEU F 626 -24.92 28.92 46.46
CA LEU F 626 -25.63 28.94 45.19
C LEU F 626 -27.08 28.45 45.28
N ILE F 627 -27.54 28.02 46.44
CA ILE F 627 -28.91 27.54 46.58
C ILE F 627 -29.86 28.63 47.06
N ARG F 628 -29.46 29.88 46.92
CA ARG F 628 -30.28 31.05 47.25
C ARG F 628 -31.05 31.49 46.02
N PRO F 629 -32.15 32.25 46.20
CA PRO F 629 -32.89 32.76 45.04
C PRO F 629 -32.03 33.66 44.16
N GLY F 630 -32.31 33.60 42.86
CA GLY F 630 -31.45 34.24 41.87
C GLY F 630 -30.27 33.40 41.46
N ARG F 631 -30.25 32.12 41.83
CA ARG F 631 -29.10 31.24 41.65
C ARG F 631 -29.57 29.81 41.41
N PHE F 632 -28.68 28.84 41.64
CA PHE F 632 -28.98 27.41 41.47
C PHE F 632 -29.90 26.92 42.58
N ASP F 633 -31.16 27.34 42.53
CA ASP F 633 -32.14 26.89 43.51
C ASP F 633 -33.21 25.98 42.91
N ARG F 634 -33.13 25.67 41.62
CA ARG F 634 -34.08 24.78 40.98
C ARG F 634 -33.54 23.36 40.96
N ILE F 635 -34.39 22.41 41.34
CA ILE F 635 -33.98 21.02 41.52
C ILE F 635 -34.94 20.12 40.74
N ILE F 636 -34.37 19.16 40.03
CA ILE F 636 -35.17 18.19 39.27
C ILE F 636 -34.65 16.78 39.55
N TYR F 637 -35.43 15.99 40.29
CA TYR F 637 -35.12 14.59 40.50
C TYR F 637 -35.69 13.79 39.33
N MET F 638 -34.83 13.38 38.42
CA MET F 638 -35.25 12.46 37.38
C MET F 638 -35.26 11.05 37.94
N PRO F 639 -36.41 10.38 38.02
CA PRO F 639 -36.45 9.05 38.61
C PRO F 639 -36.11 7.97 37.59
N LEU F 640 -35.85 6.79 38.11
CA LEU F 640 -35.73 5.61 37.26
C LEU F 640 -37.11 5.26 36.72
N PRO F 641 -37.25 4.93 35.44
CA PRO F 641 -38.57 4.58 34.90
C PRO F 641 -39.10 3.28 35.50
N ASP F 642 -40.41 3.20 35.57
CA ASP F 642 -41.12 1.98 35.93
C ASP F 642 -41.62 1.33 34.64
N ALA F 643 -42.41 0.25 34.79
CA ALA F 643 -42.85 -0.63 33.72
C ALA F 643 -43.39 0.11 32.49
N LEU F 644 -44.38 0.98 32.72
CA LEU F 644 -44.93 1.86 31.70
C LEU F 644 -43.86 2.65 30.96
N GLY F 645 -43.07 3.42 31.70
CA GLY F 645 -42.01 4.24 31.14
C GLY F 645 -40.97 3.48 30.32
N ARG F 646 -40.46 2.38 30.90
CA ARG F 646 -39.54 1.49 30.20
C ARG F 646 -40.14 1.02 28.88
N ALA F 647 -41.37 0.51 28.93
CA ALA F 647 -42.10 0.05 27.75
C ALA F 647 -42.16 1.12 26.67
N LYS F 648 -42.61 2.33 27.04
CA LYS F 648 -42.68 3.46 26.11
C LYS F 648 -41.32 3.78 25.49
N ILE F 649 -40.25 3.70 26.29
CA ILE F 649 -38.90 3.92 25.77
C ILE F 649 -38.59 2.90 24.68
N MET F 650 -38.97 1.63 24.94
CA MET F 650 -38.71 0.59 23.95
C MET F 650 -39.51 0.84 22.69
N GLN F 651 -40.76 1.25 22.84
CA GLN F 651 -41.63 1.51 21.68
C GLN F 651 -41.12 2.69 20.86
N VAL F 652 -40.59 3.71 21.52
CA VAL F 652 -40.01 4.88 20.86
C VAL F 652 -38.79 4.48 20.04
N HIS F 653 -37.88 3.72 20.66
CA HIS F 653 -36.72 3.21 19.93
C HIS F 653 -37.15 2.28 18.80
N ALA F 654 -38.21 1.53 19.03
CA ALA F 654 -38.69 0.49 18.15
C ALA F 654 -39.12 0.95 16.78
N ARG F 655 -40.09 1.86 16.75
CA ARG F 655 -40.67 2.44 15.55
C ARG F 655 -39.62 2.94 14.56
N ASN F 656 -38.55 3.58 15.07
CA ASN F 656 -37.44 4.04 14.24
C ASN F 656 -36.79 2.89 13.48
N LYS F 657 -36.37 1.85 14.20
CA LYS F 657 -35.76 0.69 13.58
C LYS F 657 -36.82 -0.31 13.15
N ALA F 658 -36.41 -1.54 12.85
CA ALA F 658 -37.32 -2.60 12.40
C ALA F 658 -37.49 -3.60 13.55
N VAL F 659 -38.69 -3.61 14.13
CA VAL F 659 -39.08 -4.63 15.10
C VAL F 659 -40.42 -5.22 14.65
N ASP F 660 -40.68 -6.46 15.08
CA ASP F 660 -41.97 -7.12 14.92
C ASP F 660 -43.02 -6.32 15.68
N PRO F 661 -44.20 -6.09 15.10
CA PRO F 661 -45.22 -5.30 15.82
C PRO F 661 -45.97 -6.07 16.90
N ASN F 662 -45.95 -7.41 16.89
CA ASN F 662 -46.69 -8.17 17.88
C ASN F 662 -45.90 -8.40 19.16
N ILE F 663 -45.41 -7.33 19.78
CA ILE F 663 -44.58 -7.42 20.97
C ILE F 663 -45.32 -6.75 22.12
N ASN F 664 -45.51 -7.47 23.23
CA ASN F 664 -46.07 -6.83 24.43
C ASN F 664 -44.94 -6.20 25.24
N TRP F 665 -44.69 -4.94 24.90
CA TRP F 665 -43.63 -4.12 25.47
C TRP F 665 -43.81 -3.95 26.97
N TYR F 666 -45.04 -4.09 27.49
CA TYR F 666 -45.24 -4.04 28.94
C TYR F 666 -44.62 -5.28 29.58
N GLU F 667 -44.95 -6.48 29.09
CA GLU F 667 -44.41 -7.71 29.67
C GLU F 667 -42.89 -7.71 29.60
N VAL F 668 -42.36 -7.21 28.48
CA VAL F 668 -40.91 -7.11 28.37
C VAL F 668 -40.34 -6.11 29.39
N ALA F 669 -40.99 -4.94 29.54
CA ALA F 669 -40.51 -3.95 30.50
C ALA F 669 -40.67 -4.43 31.94
N ARG F 670 -41.65 -5.29 32.20
CA ARG F 670 -41.76 -5.98 33.48
C ARG F 670 -40.55 -6.87 33.72
N ALA F 671 -40.10 -7.57 32.67
CA ALA F 671 -38.88 -8.36 32.80
C ALA F 671 -37.65 -7.49 32.95
N MET F 672 -37.73 -6.23 32.59
CA MET F 672 -36.57 -5.38 32.73
C MET F 672 -36.60 -4.51 33.98
N ALA F 673 -37.16 -5.02 35.06
CA ALA F 673 -37.23 -4.31 36.33
C ALA F 673 -35.85 -3.91 36.81
N GLY F 674 -35.68 -2.63 37.14
CA GLY F 674 -34.42 -2.13 37.64
C GLY F 674 -33.46 -1.60 36.60
N PHE F 675 -33.96 -1.09 35.47
CA PHE F 675 -33.11 -0.63 34.39
C PHE F 675 -33.25 0.88 34.22
N THR F 676 -32.18 1.52 33.74
CA THR F 676 -32.25 2.90 33.25
C THR F 676 -32.73 2.91 31.80
N GLY F 677 -32.57 4.02 31.10
CA GLY F 677 -33.06 4.13 29.73
C GLY F 677 -32.02 3.82 28.67
N ALA F 678 -30.78 4.25 28.90
CA ALA F 678 -29.70 3.84 28.00
C ALA F 678 -29.45 2.34 28.07
N ASP F 679 -29.70 1.74 29.25
CA ASP F 679 -29.68 0.29 29.37
C ASP F 679 -30.71 -0.34 28.47
N VAL F 680 -31.90 0.26 28.39
CA VAL F 680 -32.95 -0.24 27.50
C VAL F 680 -32.49 -0.12 26.06
N MET F 681 -31.90 1.03 25.71
CA MET F 681 -31.41 1.27 24.35
C MET F 681 -30.39 0.20 23.93
N GLY F 682 -29.39 -0.03 24.78
CA GLY F 682 -28.39 -1.04 24.48
C GLY F 682 -28.95 -2.45 24.46
N LEU F 683 -29.98 -2.72 25.28
CA LEU F 683 -30.63 -4.02 25.22
C LEU F 683 -31.36 -4.23 23.92
N MET F 684 -32.01 -3.18 23.37
CA MET F 684 -32.60 -3.32 22.03
C MET F 684 -31.54 -3.51 20.95
N ALA F 685 -30.38 -2.85 21.10
CA ALA F 685 -29.29 -3.06 20.14
C ALA F 685 -28.80 -4.50 20.15
N ARG F 686 -28.55 -5.04 21.34
CA ARG F 686 -28.13 -6.44 21.39
C ARG F 686 -29.27 -7.40 21.09
N ALA F 687 -30.53 -6.95 21.22
CA ALA F 687 -31.65 -7.76 20.75
C ALA F 687 -31.67 -7.85 19.23
N ALA F 688 -31.29 -6.77 18.55
CA ALA F 688 -31.08 -6.84 17.10
C ALA F 688 -29.94 -7.79 16.77
N ARG F 689 -28.89 -7.80 17.61
CA ARG F 689 -27.81 -8.76 17.41
C ARG F 689 -28.29 -10.20 17.55
N MET F 690 -29.14 -10.48 18.55
CA MET F 690 -29.69 -11.83 18.69
C MET F 690 -30.65 -12.18 17.57
N ALA F 691 -31.37 -11.19 17.04
CA ALA F 691 -32.21 -11.40 15.87
C ALA F 691 -31.37 -11.81 14.67
N ALA F 692 -30.21 -11.16 14.50
CA ALA F 692 -29.28 -11.57 13.45
C ALA F 692 -28.73 -12.97 13.69
N ARG F 693 -28.48 -13.31 14.96
CA ARG F 693 -27.98 -14.65 15.30
C ARG F 693 -29.01 -15.73 14.96
N GLN F 694 -30.28 -15.47 15.27
CA GLN F 694 -31.33 -16.42 14.91
C GLN F 694 -31.69 -16.37 13.43
N GLY F 695 -31.31 -15.33 12.73
CA GLY F 695 -31.55 -15.22 11.31
C GLY F 695 -32.75 -14.39 10.93
N ARG F 696 -33.05 -13.31 11.66
CA ARG F 696 -34.16 -12.44 11.36
C ARG F 696 -33.68 -11.00 11.34
N HIS F 697 -34.35 -10.18 10.54
CA HIS F 697 -34.08 -8.75 10.53
C HIS F 697 -34.91 -8.00 11.56
N ALA F 698 -36.10 -8.49 11.88
CA ALA F 698 -36.96 -7.87 12.87
C ALA F 698 -36.66 -8.43 14.26
N ILE F 699 -36.93 -7.61 15.26
CA ILE F 699 -36.72 -7.97 16.67
C ILE F 699 -38.03 -8.47 17.24
N THR F 700 -38.00 -9.60 17.93
CA THR F 700 -39.14 -10.14 18.64
C THR F 700 -38.88 -10.11 20.14
N GLU F 701 -39.94 -10.39 20.91
CA GLU F 701 -39.79 -10.50 22.37
C GLU F 701 -38.91 -11.68 22.74
N ASP F 702 -38.94 -12.74 21.95
CA ASP F 702 -37.99 -13.84 22.11
C ASP F 702 -36.56 -13.35 21.93
N ASP F 703 -36.34 -12.48 20.94
CA ASP F 703 -35.01 -11.92 20.70
C ASP F 703 -34.57 -11.04 21.86
N ILE F 704 -35.48 -10.26 22.43
CA ILE F 704 -35.14 -9.41 23.57
C ILE F 704 -34.81 -10.26 24.80
N TYR F 705 -35.59 -11.32 25.04
CA TYR F 705 -35.30 -12.21 26.16
C TYR F 705 -33.97 -12.93 25.98
N ALA F 706 -33.67 -13.33 24.74
CA ALA F 706 -32.37 -13.90 24.44
C ALA F 706 -31.25 -12.89 24.63
N ALA F 707 -31.53 -11.60 24.39
CA ALA F 707 -30.54 -10.56 24.67
C ALA F 707 -30.25 -10.44 26.16
N MET F 708 -31.30 -10.51 26.99
CA MET F 708 -31.11 -10.47 28.44
C MET F 708 -30.32 -11.69 28.92
N GLU F 709 -30.66 -12.88 28.39
CA GLU F 709 -29.90 -14.09 28.72
C GLU F 709 -28.45 -13.98 28.27
N ASN F 710 -28.22 -13.42 27.08
CA ASN F 710 -26.88 -13.25 26.55
C ASN F 710 -26.06 -12.30 27.42
N LYS F 711 -26.69 -11.24 27.91
CA LYS F 711 -26.00 -10.31 28.81
C LYS F 711 -25.61 -10.99 30.12
N THR F 712 -26.53 -11.78 30.70
CA THR F 712 -26.21 -12.47 31.95
C THR F 712 -25.09 -13.50 31.74
N MET F 713 -25.16 -14.27 30.66
CA MET F 713 -24.14 -15.27 30.40
C MET F 713 -22.79 -14.63 30.11
N GLU F 714 -22.77 -13.52 29.37
CA GLU F 714 -21.53 -12.81 29.11
C GLU F 714 -20.93 -12.26 30.40
N ALA F 715 -21.79 -11.77 31.31
CA ALA F 715 -21.31 -11.28 32.59
C ALA F 715 -20.67 -12.39 33.42
N THR F 716 -21.28 -13.58 33.43
CA THR F 716 -20.67 -14.70 34.16
C THR F 716 -19.39 -15.20 33.48
N LEU F 717 -19.36 -15.16 32.15
CA LEU F 717 -18.20 -15.65 31.42
C LEU F 717 -17.01 -14.71 31.60
N GLU F 718 -17.27 -13.41 31.72
CA GLU F 718 -16.21 -12.50 32.11
C GLU F 718 -16.12 -12.41 33.63
N ALA F 719 -16.26 -13.54 34.31
CA ALA F 719 -15.81 -13.69 35.69
C ALA F 719 -15.29 -15.10 35.89
N SER F 720 -15.55 -15.98 34.91
CA SER F 720 -15.12 -17.37 35.03
C SER F 720 -14.20 -17.80 33.89
N THR F 721 -13.47 -16.86 33.29
CA THR F 721 -12.40 -17.19 32.34
C THR F 721 -11.19 -16.27 32.51
N ALA F 722 -11.23 -15.41 33.53
CA ALA F 722 -10.19 -14.39 33.66
C ALA F 722 -8.87 -14.97 34.13
N GLY F 723 -8.23 -15.74 33.25
CA GLY F 723 -6.88 -16.25 33.45
C GLY F 723 -6.72 -17.73 33.20
N ASP F 724 -7.63 -18.58 33.67
CA ASP F 724 -7.65 -19.96 33.20
C ASP F 724 -9.04 -20.44 32.83
N GLY F 725 -10.03 -20.11 33.65
CA GLY F 725 -11.38 -20.60 33.42
C GLY F 725 -11.50 -22.10 33.58
N GLY F 726 -12.52 -22.64 32.95
CA GLY F 726 -12.65 -24.09 32.83
C GLY F 726 -14.07 -24.61 32.92
N GLY F 727 -14.47 -25.42 31.94
CA GLY F 727 -15.74 -26.11 32.01
C GLY F 727 -16.97 -25.26 31.73
N LEU F 728 -17.06 -24.11 32.41
CA LEU F 728 -18.23 -23.24 32.30
C LEU F 728 -18.45 -22.74 30.88
N VAL F 729 -17.38 -22.35 30.19
CA VAL F 729 -17.49 -22.05 28.77
C VAL F 729 -17.18 -23.30 27.98
N GLY F 730 -18.18 -24.13 27.73
CA GLY F 730 -17.99 -25.22 26.80
C GLY F 730 -18.05 -24.71 25.37
N GLY F 731 -18.01 -25.62 24.40
CA GLY F 731 -18.05 -25.28 22.99
C GLY F 731 -17.06 -24.23 22.54
N GLU F 732 -15.76 -24.52 22.70
CA GLU F 732 -14.71 -23.59 22.29
C GLU F 732 -13.70 -24.20 21.34
N GLY F 733 -13.57 -25.53 21.30
CA GLY F 733 -12.54 -26.14 20.51
C GLY F 733 -11.15 -26.10 21.11
N VAL F 734 -11.06 -25.83 22.42
CA VAL F 734 -9.78 -25.82 23.13
C VAL F 734 -9.91 -26.77 24.32
N GLU F 735 -8.91 -26.77 25.20
CA GLU F 735 -8.67 -27.82 26.19
C GLU F 735 -9.84 -28.20 27.10
N GLY F 736 -10.25 -27.29 27.98
CA GLY F 736 -11.36 -27.64 28.86
C GLY F 736 -12.71 -27.22 28.32
N SER F 737 -13.02 -27.61 27.07
CA SER F 737 -14.22 -27.15 26.40
C SER F 737 -14.57 -27.96 25.15
N PRO F 738 -15.11 -29.19 25.29
CA PRO F 738 -15.49 -29.97 24.10
C PRO F 738 -16.53 -29.24 23.26
N ASP F 739 -16.41 -29.30 21.94
CA ASP F 739 -17.31 -28.51 21.12
C ASP F 739 -18.70 -29.16 21.00
N PRO F 740 -18.85 -30.45 20.61
CA PRO F 740 -20.19 -31.06 20.74
C PRO F 740 -20.44 -31.51 22.16
N ILE F 741 -21.06 -30.63 22.96
CA ILE F 741 -21.45 -30.87 24.35
C ILE F 741 -22.03 -32.27 24.47
N PRO F 742 -21.42 -33.14 25.27
CA PRO F 742 -21.71 -34.56 25.19
C PRO F 742 -23.13 -34.86 25.59
N PRO F 743 -23.70 -35.96 25.10
CA PRO F 743 -25.11 -36.27 25.43
C PRO F 743 -25.37 -36.43 26.91
N GLN F 744 -24.43 -37.02 27.66
CA GLN F 744 -24.59 -37.12 29.11
C GLN F 744 -24.58 -35.74 29.77
N LEU F 745 -23.70 -34.85 29.30
CA LEU F 745 -23.61 -33.52 29.89
C LEU F 745 -24.85 -32.68 29.58
N ARG F 746 -25.34 -32.75 28.33
CA ARG F 746 -26.53 -31.98 28.00
C ARG F 746 -27.78 -32.57 28.62
N ARG F 747 -27.81 -33.89 28.83
CA ARG F 747 -28.89 -34.49 29.60
C ARG F 747 -28.87 -34.02 31.04
N ALA F 748 -27.67 -33.95 31.64
CA ALA F 748 -27.56 -33.44 33.01
C ALA F 748 -27.97 -31.98 33.12
N VAL F 749 -27.57 -31.16 32.14
CA VAL F 749 -27.95 -29.75 32.14
C VAL F 749 -29.47 -29.60 31.98
N SER F 750 -30.07 -30.39 31.08
CA SER F 750 -31.50 -30.34 30.89
C SER F 750 -32.26 -30.78 32.15
N VAL F 751 -31.78 -31.83 32.81
CA VAL F 751 -32.41 -32.30 34.04
C VAL F 751 -32.29 -31.24 35.15
N TYR F 752 -31.12 -30.62 35.26
CA TYR F 752 -30.89 -29.56 36.24
C TYR F 752 -31.84 -28.39 36.03
N GLU F 753 -31.92 -27.89 34.80
CA GLU F 753 -32.76 -26.73 34.52
C GLU F 753 -34.24 -27.06 34.57
N ALA F 754 -34.62 -28.28 34.20
CA ALA F 754 -36.01 -28.70 34.32
C ALA F 754 -36.42 -28.80 35.78
N GLY F 755 -35.53 -29.32 36.64
CA GLY F 755 -35.83 -29.37 38.07
C GLY F 755 -35.96 -27.99 38.68
N LYS F 756 -35.05 -27.07 38.31
CA LYS F 756 -35.14 -25.70 38.80
C LYS F 756 -36.42 -25.02 38.35
N ALA F 757 -36.79 -25.19 37.06
CA ALA F 757 -38.00 -24.57 36.54
C ALA F 757 -39.26 -25.15 37.18
N LEU F 758 -39.30 -26.48 37.35
CA LEU F 758 -40.46 -27.12 37.96
C LEU F 758 -40.63 -26.68 39.41
N LEU F 759 -39.54 -26.64 40.17
CA LEU F 759 -39.68 -26.26 41.58
C LEU F 759 -39.79 -24.76 41.77
N ALA F 760 -39.49 -23.95 40.76
CA ALA F 760 -39.87 -22.54 40.81
C ALA F 760 -41.31 -22.34 40.40
N TYR F 761 -41.85 -23.25 39.58
CA TYR F 761 -43.26 -23.16 39.18
C TYR F 761 -44.18 -23.56 40.31
N ILE F 762 -43.86 -24.66 41.02
CA ILE F 762 -44.76 -25.17 42.04
C ILE F 762 -44.60 -24.49 43.39
N THR F 763 -43.64 -23.57 43.52
CA THR F 763 -43.50 -22.81 44.75
C THR F 763 -44.38 -21.56 44.68
N PRO F 764 -45.33 -21.40 45.59
CA PRO F 764 -46.21 -20.22 45.52
C PRO F 764 -45.48 -18.95 45.90
N ASP F 765 -45.96 -17.84 45.32
CA ASP F 765 -45.46 -16.49 45.58
C ASP F 765 -43.96 -16.36 45.28
N TYR F 766 -43.52 -17.02 44.22
CA TYR F 766 -42.14 -16.97 43.78
C TYR F 766 -42.02 -16.08 42.55
N GLU F 767 -40.78 -15.71 42.22
CA GLU F 767 -40.51 -15.04 40.95
C GLU F 767 -40.91 -15.94 39.80
N GLU F 768 -41.60 -15.39 38.83
CA GLU F 768 -42.17 -16.23 37.80
C GLU F 768 -41.15 -16.39 36.68
N ILE F 769 -41.29 -17.45 35.90
CA ILE F 769 -40.33 -17.78 34.87
C ILE F 769 -40.68 -17.06 33.57
N ALA F 770 -39.70 -16.35 33.00
CA ALA F 770 -39.84 -15.77 31.67
C ALA F 770 -39.34 -16.73 30.59
N ARG F 771 -38.17 -17.31 30.79
CA ARG F 771 -37.60 -18.26 29.85
C ARG F 771 -36.75 -19.26 30.62
N VAL F 772 -36.56 -20.43 30.01
CA VAL F 772 -35.66 -21.46 30.52
C VAL F 772 -34.83 -21.95 29.34
N SER F 773 -33.51 -21.85 29.44
CA SER F 773 -32.62 -22.20 28.35
C SER F 773 -31.60 -23.22 28.82
N VAL F 774 -31.33 -24.20 27.96
CA VAL F 774 -30.32 -25.22 28.20
C VAL F 774 -29.09 -24.87 27.39
N CYS F 775 -27.95 -24.72 28.07
CA CYS F 775 -26.67 -24.29 27.54
C CYS F 775 -26.76 -23.00 26.74
N PRO F 776 -27.04 -21.85 27.36
CA PRO F 776 -26.94 -20.59 26.63
C PRO F 776 -25.47 -20.20 26.47
N LEU F 777 -25.15 -19.63 25.31
CA LEU F 777 -23.78 -19.24 24.94
C LEU F 777 -22.81 -20.42 24.97
N ASN F 778 -23.33 -21.63 24.70
CA ASN F 778 -22.60 -22.90 24.83
C ASN F 778 -21.97 -23.03 26.22
N VAL F 779 -22.71 -22.62 27.24
CA VAL F 779 -22.24 -22.60 28.62
C VAL F 779 -22.78 -23.84 29.32
N LEU F 780 -21.89 -24.58 29.99
CA LEU F 780 -22.24 -25.87 30.58
C LEU F 780 -23.05 -25.72 31.87
N THR F 781 -24.19 -25.05 31.74
CA THR F 781 -25.20 -24.89 32.78
C THR F 781 -26.44 -24.38 32.07
N GLY F 782 -27.57 -24.43 32.74
CA GLY F 782 -28.75 -23.82 32.20
C GLY F 782 -28.93 -22.40 32.72
N PHE F 783 -30.02 -21.78 32.30
CA PHE F 783 -30.34 -20.44 32.76
C PHE F 783 -31.84 -20.23 32.74
N THR F 784 -32.39 -19.87 33.90
CA THR F 784 -33.81 -19.52 34.01
C THR F 784 -33.90 -18.01 34.25
N LEU F 785 -34.61 -17.32 33.35
CA LEU F 785 -34.83 -15.89 33.49
C LEU F 785 -35.98 -15.67 34.47
N PHE F 786 -35.66 -15.12 35.63
CA PHE F 786 -36.64 -14.86 36.67
C PHE F 786 -36.98 -13.38 36.66
N VAL F 787 -38.27 -13.06 36.71
CA VAL F 787 -38.72 -11.68 36.71
C VAL F 787 -39.28 -11.36 38.10
N GLU F 788 -38.79 -10.28 38.67
CA GLU F 788 -39.19 -9.85 39.99
C GLU F 788 -40.33 -8.84 39.89
N ASP F 789 -41.04 -8.71 41.00
CA ASP F 789 -42.09 -7.72 41.15
C ASP F 789 -41.53 -6.62 42.06
N GLU F 790 -41.08 -5.53 41.45
CA GLU F 790 -40.51 -4.42 42.23
C GLU F 790 -41.55 -3.76 43.10
N ASP F 791 -42.77 -3.60 42.58
CA ASP F 791 -43.85 -2.99 43.36
C ASP F 791 -44.33 -3.86 44.52
N LYS F 792 -43.97 -5.14 44.54
CA LYS F 792 -44.42 -6.03 45.60
C LYS F 792 -43.58 -5.86 46.86
N ASN F 793 -42.26 -5.87 46.74
CA ASN F 793 -41.39 -5.84 47.91
C ASN F 793 -40.21 -4.91 47.70
N VAL F 794 -40.44 -3.79 47.00
CA VAL F 794 -39.48 -2.77 46.55
C VAL F 794 -38.09 -3.35 46.26
N ASN F 795 -37.04 -2.71 46.75
CA ASN F 795 -35.69 -3.26 46.69
C ASN F 795 -35.12 -3.43 48.09
N ALA F 796 -35.98 -3.65 49.08
CA ALA F 796 -35.55 -3.69 50.47
C ALA F 796 -36.15 -4.81 51.31
N ILE F 797 -37.16 -5.53 50.84
CA ILE F 797 -37.94 -6.42 51.69
C ILE F 797 -37.67 -7.87 51.30
N LEU F 798 -37.30 -8.68 52.28
CA LEU F 798 -37.16 -10.12 52.12
C LEU F 798 -37.90 -10.80 53.26
N THR F 799 -38.76 -11.75 52.95
CA THR F 799 -39.49 -12.50 53.96
C THR F 799 -38.95 -13.92 54.04
N ARG F 800 -39.23 -14.58 55.16
CA ARG F 800 -38.74 -15.93 55.41
C ARG F 800 -39.31 -16.92 54.38
N SER F 801 -40.56 -16.71 53.95
CA SER F 801 -41.14 -17.55 52.91
C SER F 801 -40.36 -17.42 51.60
N GLU F 802 -40.01 -16.20 51.23
CA GLU F 802 -39.24 -15.98 50.01
C GLU F 802 -37.84 -16.59 50.12
N LEU F 803 -37.20 -16.45 51.28
CA LEU F 803 -35.86 -17.00 51.46
C LEU F 803 -35.87 -18.53 51.43
N GLU F 804 -36.83 -19.15 52.09
CA GLU F 804 -36.89 -20.61 52.12
C GLU F 804 -37.29 -21.17 50.76
N GLY F 805 -38.18 -20.48 50.04
CA GLY F 805 -38.49 -20.89 48.68
C GLY F 805 -37.29 -20.76 47.75
N ARG F 806 -36.49 -19.71 47.93
CA ARG F 806 -35.27 -19.56 47.15
C ARG F 806 -34.27 -20.67 47.46
N MET F 807 -34.16 -21.05 48.74
CA MET F 807 -33.29 -22.17 49.10
C MET F 807 -33.73 -23.47 48.44
N VAL F 808 -35.04 -23.73 48.43
CA VAL F 808 -35.58 -24.93 47.80
C VAL F 808 -35.31 -24.92 46.30
N VAL F 809 -35.55 -23.78 45.66
CA VAL F 809 -35.37 -23.68 44.20
C VAL F 809 -33.89 -23.80 43.83
N HIS F 810 -32.99 -23.28 44.67
CA HIS F 810 -31.57 -23.38 44.35
C HIS F 810 -31.01 -24.77 44.63
N LEU F 811 -31.60 -25.51 45.56
CA LEU F 811 -31.18 -26.91 45.71
C LEU F 811 -31.90 -27.85 44.75
N ALA F 812 -32.93 -27.34 44.06
CA ALA F 812 -33.76 -28.18 43.19
C ALA F 812 -32.99 -28.80 42.04
N GLY F 813 -32.09 -28.04 41.41
CA GLY F 813 -31.37 -28.55 40.25
C GLY F 813 -30.46 -29.72 40.59
N ARG F 814 -29.68 -29.59 41.66
CA ARG F 814 -28.80 -30.68 42.04
C ARG F 814 -29.58 -31.86 42.62
N CYS F 815 -30.71 -31.59 43.29
CA CYS F 815 -31.56 -32.70 43.73
C CYS F 815 -32.16 -33.45 42.54
N ALA F 816 -32.56 -32.73 41.50
CA ALA F 816 -33.13 -33.36 40.31
C ALA F 816 -32.08 -34.18 39.57
N GLU F 817 -30.87 -33.65 39.44
CA GLU F 817 -29.84 -34.40 38.73
C GLU F 817 -29.34 -35.58 39.57
N LYS F 818 -29.41 -35.46 40.90
CA LYS F 818 -29.10 -36.60 41.76
C LYS F 818 -30.16 -37.69 41.65
N LEU F 819 -31.43 -37.30 41.53
CA LEU F 819 -32.50 -38.28 41.40
C LEU F 819 -32.48 -38.95 40.03
N VAL F 820 -32.21 -38.20 38.97
CA VAL F 820 -32.28 -38.76 37.62
C VAL F 820 -30.99 -39.47 37.25
N MET F 821 -29.88 -38.73 37.24
CA MET F 821 -28.61 -39.28 36.77
C MET F 821 -27.94 -40.17 37.80
N GLY F 822 -28.41 -40.20 39.04
CA GLY F 822 -27.79 -40.96 40.10
C GLY F 822 -26.92 -40.08 40.99
N GLU F 823 -26.55 -40.65 42.14
CA GLU F 823 -25.75 -39.91 43.11
C GLU F 823 -24.32 -39.69 42.61
N GLY F 824 -23.75 -40.69 41.95
CA GLY F 824 -22.35 -40.62 41.53
C GLY F 824 -22.10 -39.89 40.23
N GLN F 825 -23.14 -39.63 39.44
CA GLN F 825 -23.00 -38.97 38.15
C GLN F 825 -23.37 -37.49 38.20
N MET F 826 -23.54 -36.93 39.40
CA MET F 826 -23.81 -35.51 39.54
C MET F 826 -22.56 -34.70 39.22
N THR F 827 -22.73 -33.65 38.41
CA THR F 827 -21.60 -32.82 38.02
C THR F 827 -21.49 -31.62 38.96
N GLY F 828 -20.47 -30.79 38.72
CA GLY F 828 -20.17 -29.65 39.54
C GLY F 828 -20.89 -28.36 39.19
N MET F 829 -21.89 -28.42 38.32
CA MET F 829 -22.65 -27.22 37.97
C MET F 829 -23.63 -26.82 39.05
N GLY F 830 -23.90 -27.69 40.02
CA GLY F 830 -24.73 -27.35 41.14
C GLY F 830 -24.02 -26.65 42.28
N SER F 831 -22.71 -26.48 42.18
CA SER F 831 -21.95 -25.82 43.25
C SER F 831 -22.31 -24.36 43.47
N PRO F 832 -22.45 -23.48 42.44
CA PRO F 832 -22.88 -22.10 42.75
C PRO F 832 -24.27 -22.00 43.36
N ASP F 833 -25.21 -22.83 42.92
CA ASP F 833 -26.55 -22.80 43.51
C ASP F 833 -26.56 -23.37 44.93
N LEU F 834 -25.74 -24.40 45.16
CA LEU F 834 -25.59 -24.94 46.51
C LEU F 834 -24.99 -23.92 47.45
N PHE F 835 -23.97 -23.19 46.97
CA PHE F 835 -23.40 -22.11 47.78
C PHE F 835 -24.39 -20.97 47.98
N HIS F 836 -25.26 -20.72 47.00
CA HIS F 836 -26.25 -19.66 47.17
C HIS F 836 -27.30 -20.04 48.21
N ALA F 837 -27.73 -21.30 48.20
CA ALA F 837 -28.65 -21.77 49.25
C ALA F 837 -27.98 -21.75 50.61
N ASN F 838 -26.71 -22.15 50.68
CA ASN F 838 -25.95 -22.06 51.93
C ASN F 838 -25.79 -20.61 52.37
N LEU F 839 -25.61 -19.70 51.43
CA LEU F 839 -25.50 -18.28 51.74
C LEU F 839 -26.80 -17.72 52.30
N ILE F 840 -27.94 -18.12 51.72
CA ILE F 840 -29.23 -17.69 52.25
C ILE F 840 -29.43 -18.21 53.66
N ALA F 841 -29.10 -19.49 53.90
CA ALA F 841 -29.22 -20.06 55.24
C ALA F 841 -28.29 -19.37 56.24
N ARG F 842 -27.06 -19.07 55.81
CA ARG F 842 -26.09 -18.41 56.67
C ARG F 842 -26.51 -16.99 57.01
N GLU F 843 -27.09 -16.27 56.03
CA GLU F 843 -27.59 -14.93 56.32
C GLU F 843 -28.84 -14.96 57.18
N MET F 844 -29.64 -16.03 57.08
CA MET F 844 -30.81 -16.13 57.94
C MET F 844 -30.41 -16.41 59.37
N ILE F 845 -29.44 -17.30 59.58
CA ILE F 845 -29.07 -17.69 60.93
C ILE F 845 -28.18 -16.64 61.58
N MET F 846 -27.08 -16.27 60.92
CA MET F 846 -26.03 -15.49 61.53
C MET F 846 -26.16 -13.99 61.29
N SER F 847 -26.99 -13.56 60.35
CA SER F 847 -27.12 -12.13 60.05
C SER F 847 -28.51 -11.59 60.33
N MET F 848 -29.55 -12.23 59.80
CA MET F 848 -30.91 -11.73 60.00
C MET F 848 -31.49 -12.11 61.35
N GLY F 849 -30.83 -12.97 62.11
CA GLY F 849 -31.33 -13.39 63.41
C GLY F 849 -32.59 -14.23 63.35
N MET F 850 -32.68 -15.13 62.38
CA MET F 850 -33.82 -16.04 62.25
C MET F 850 -33.52 -17.41 62.85
N GLY F 851 -32.44 -17.55 63.60
CA GLY F 851 -32.15 -18.81 64.26
C GLY F 851 -32.97 -18.97 65.53
N ARG F 852 -33.47 -20.18 65.75
CA ARG F 852 -34.23 -20.46 66.96
C ARG F 852 -33.32 -20.48 68.17
N ARG F 853 -32.19 -21.16 68.07
CA ARG F 853 -31.21 -21.20 69.15
C ARG F 853 -30.22 -20.06 69.10
N THR F 854 -29.84 -19.62 67.89
CA THR F 854 -28.90 -18.51 67.77
C THR F 854 -29.54 -17.20 68.20
N GLY F 855 -30.74 -16.91 67.70
CA GLY F 855 -31.48 -15.73 68.10
C GLY F 855 -30.97 -14.45 67.46
N PRO F 856 -31.50 -13.31 67.89
CA PRO F 856 -31.14 -12.01 67.30
C PRO F 856 -29.80 -11.43 67.76
N ILE F 857 -28.73 -11.86 67.11
CA ILE F 857 -27.40 -11.31 67.35
C ILE F 857 -26.65 -11.26 66.02
N ASP F 858 -25.85 -10.22 65.83
CA ASP F 858 -25.07 -10.04 64.61
C ASP F 858 -23.72 -10.72 64.78
N LEU F 859 -23.47 -11.74 63.95
CA LEU F 859 -22.25 -12.51 64.03
C LEU F 859 -21.33 -12.35 62.83
N LEU F 860 -21.85 -11.92 61.68
CA LEU F 860 -21.05 -11.78 60.47
C LEU F 860 -20.56 -10.34 60.34
N ARG F 861 -19.26 -10.19 60.08
CA ARG F 861 -18.62 -8.89 59.95
C ARG F 861 -17.76 -8.92 58.69
N VAL F 862 -18.33 -8.44 57.59
CA VAL F 862 -17.77 -8.65 56.24
C VAL F 862 -16.36 -8.08 56.15
N ALA F 863 -15.40 -8.95 55.91
CA ALA F 863 -13.99 -8.59 55.89
C ALA F 863 -13.34 -9.05 54.60
N ALA F 864 -14.05 -8.88 53.48
CA ALA F 864 -13.44 -9.11 52.17
C ALA F 864 -12.33 -8.09 51.91
N THR F 865 -12.59 -6.81 52.22
CA THR F 865 -11.64 -5.70 52.10
C THR F 865 -11.06 -5.61 50.69
N SER F 866 -11.89 -5.84 49.69
CA SER F 866 -11.45 -5.83 48.30
C SER F 866 -12.50 -5.19 47.40
N ASP F 885 -5.53 -15.21 50.56
CA ASP F 885 -4.89 -16.52 50.44
C ASP F 885 -5.94 -17.66 50.31
N PRO F 886 -6.92 -17.83 51.26
CA PRO F 886 -8.02 -18.74 50.94
C PRO F 886 -9.31 -18.02 50.49
N PHE F 887 -9.27 -16.68 50.42
CA PHE F 887 -10.40 -15.85 50.04
C PHE F 887 -11.60 -16.03 50.97
N TYR F 888 -11.56 -15.43 52.15
CA TYR F 888 -12.72 -15.37 53.02
C TYR F 888 -13.48 -14.07 52.79
N TYR F 889 -14.79 -14.16 52.61
CA TYR F 889 -15.63 -12.97 52.47
C TYR F 889 -16.27 -12.57 53.80
N HIS F 890 -16.81 -13.53 54.54
CA HIS F 890 -17.69 -13.19 55.65
C HIS F 890 -16.99 -12.82 56.93
N THR F 891 -16.29 -13.77 57.55
CA THR F 891 -15.43 -13.62 58.72
C THR F 891 -16.26 -13.44 60.00
N THR F 892 -16.07 -14.31 60.99
CA THR F 892 -16.76 -14.17 62.26
C THR F 892 -15.80 -14.43 63.40
N ASP F 893 -16.04 -13.75 64.54
CA ASP F 893 -15.16 -13.84 65.69
C ASP F 893 -15.82 -14.51 66.89
N MET F 894 -16.99 -15.12 66.71
CA MET F 894 -17.69 -15.74 67.81
C MET F 894 -16.98 -17.00 68.28
N SER F 895 -17.39 -17.50 69.44
CA SER F 895 -16.73 -18.63 70.07
C SER F 895 -17.05 -19.92 69.32
N THR F 896 -16.30 -20.98 69.66
CA THR F 896 -16.43 -22.24 68.96
C THR F 896 -17.77 -22.92 69.25
N GLU F 897 -18.28 -22.80 70.47
CA GLU F 897 -19.57 -23.41 70.79
C GLU F 897 -20.72 -22.70 70.07
N GLN F 898 -20.70 -21.37 70.04
CA GLN F 898 -21.70 -20.62 69.30
C GLN F 898 -21.60 -20.86 67.80
N ALA F 899 -20.36 -21.00 67.30
CA ALA F 899 -20.17 -21.33 65.90
C ALA F 899 -20.71 -22.73 65.58
N ARG F 900 -20.51 -23.68 66.49
CA ARG F 900 -21.05 -25.02 66.30
C ARG F 900 -22.57 -25.01 66.26
N VAL F 901 -23.20 -24.25 67.17
CA VAL F 901 -24.65 -24.16 67.20
C VAL F 901 -25.19 -23.49 65.94
N ALA F 902 -24.57 -22.37 65.53
CA ALA F 902 -25.03 -21.64 64.35
C ALA F 902 -24.85 -22.47 63.07
N LEU F 903 -23.73 -23.16 62.93
CA LEU F 903 -23.52 -23.96 61.74
C LEU F 903 -24.38 -25.22 61.75
N ALA F 904 -24.72 -25.74 62.93
CA ALA F 904 -25.70 -26.82 63.01
C ALA F 904 -27.07 -26.35 62.56
N GLU F 905 -27.45 -25.12 62.91
CA GLU F 905 -28.72 -24.57 62.45
C GLU F 905 -28.71 -24.34 60.94
N VAL F 906 -27.57 -23.89 60.40
CA VAL F 906 -27.44 -23.73 58.95
C VAL F 906 -27.56 -25.08 58.25
N VAL F 907 -26.93 -26.11 58.81
CA VAL F 907 -27.00 -27.45 58.24
C VAL F 907 -28.42 -27.98 58.29
N GLU F 908 -29.14 -27.76 59.39
CA GLU F 908 -30.51 -28.26 59.47
C GLU F 908 -31.46 -27.50 58.55
N LEU F 909 -31.19 -26.21 58.30
CA LEU F 909 -31.97 -25.48 57.30
C LEU F 909 -31.70 -25.98 55.90
N LEU F 910 -30.43 -26.27 55.58
CA LEU F 910 -30.09 -26.84 54.29
C LEU F 910 -30.71 -28.22 54.12
N ASP F 911 -30.74 -29.01 55.19
CA ASP F 911 -31.36 -30.34 55.13
C ASP F 911 -32.87 -30.23 54.91
N ALA F 912 -33.52 -29.26 55.56
CA ALA F 912 -34.95 -29.05 55.35
C ALA F 912 -35.24 -28.62 53.92
N ALA F 913 -34.43 -27.71 53.37
CA ALA F 913 -34.61 -27.26 51.99
C ALA F 913 -34.39 -28.39 51.00
N GLU F 914 -33.35 -29.21 51.23
CA GLU F 914 -33.06 -30.34 50.35
C GLU F 914 -34.17 -31.39 50.43
N ALA F 915 -34.70 -31.64 51.63
CA ALA F 915 -35.80 -32.59 51.79
C ALA F 915 -37.05 -32.11 51.05
N LYS F 916 -37.38 -30.81 51.17
CA LYS F 916 -38.54 -30.29 50.46
C LYS F 916 -38.34 -30.32 48.95
N ALA F 917 -37.12 -30.03 48.49
CA ALA F 917 -36.84 -30.07 47.06
C ALA F 917 -36.97 -31.48 46.51
N MET F 918 -36.43 -32.47 47.23
CA MET F 918 -36.56 -33.86 46.79
C MET F 918 -38.01 -34.34 46.87
N TYR F 919 -38.76 -33.85 47.86
CA TYR F 919 -40.18 -34.20 47.96
C TYR F 919 -40.96 -33.65 46.77
N GLY F 920 -40.72 -32.41 46.39
CA GLY F 920 -41.40 -31.83 45.24
C GLY F 920 -41.02 -32.50 43.94
N LEU F 921 -39.73 -32.76 43.74
CA LEU F 921 -39.29 -33.44 42.52
C LEU F 921 -39.78 -34.89 42.47
N ALA F 922 -39.95 -35.52 43.62
CA ALA F 922 -40.46 -36.89 43.65
C ALA F 922 -41.96 -36.95 43.37
N ILE F 923 -42.74 -36.04 43.95
CA ILE F 923 -44.17 -36.05 43.68
C ILE F 923 -44.50 -35.50 42.30
N ASN F 924 -43.57 -34.78 41.66
CA ASN F 924 -43.81 -34.31 40.30
C ASN F 924 -42.81 -34.94 39.33
N TRP F 925 -42.60 -36.25 39.47
CA TRP F 925 -41.62 -36.97 38.67
C TRP F 925 -41.99 -36.99 37.19
N ARG F 926 -43.27 -37.25 36.89
CA ARG F 926 -43.71 -37.32 35.49
C ARG F 926 -43.61 -35.97 34.81
N ALA F 927 -44.03 -34.91 35.50
CA ALA F 927 -43.91 -33.55 34.96
C ALA F 927 -42.45 -33.15 34.80
N LEU F 928 -41.59 -33.57 35.74
CA LEU F 928 -40.16 -33.30 35.62
C LEU F 928 -39.55 -33.99 34.41
N GLN F 929 -39.93 -35.25 34.17
CA GLN F 929 -39.41 -35.97 33.00
C GLN F 929 -39.91 -35.36 31.70
N ALA F 930 -41.18 -34.95 31.66
CA ALA F 930 -41.71 -34.31 30.47
C ALA F 930 -41.04 -32.96 30.20
N LEU F 931 -40.79 -32.19 31.26
CA LEU F 931 -40.08 -30.91 31.09
C LEU F 931 -38.64 -31.14 30.64
N THR F 932 -37.99 -32.19 31.14
CA THR F 932 -36.65 -32.53 30.72
C THR F 932 -36.61 -32.88 29.23
N GLN F 933 -37.57 -33.70 28.78
CA GLN F 933 -37.62 -34.06 27.36
C GLN F 933 -37.95 -32.85 26.49
N ALA F 934 -38.81 -31.96 26.97
CA ALA F 934 -39.13 -30.75 26.22
C ALA F 934 -37.92 -29.83 26.11
N LEU F 935 -37.14 -29.70 27.19
CA LEU F 935 -35.92 -28.90 27.15
C LEU F 935 -34.89 -29.52 26.22
N LEU F 936 -34.80 -30.85 26.20
CA LEU F 936 -33.89 -31.52 25.28
C LEU F 936 -34.30 -31.30 23.82
N ASP F 937 -35.60 -31.33 23.54
CA ASP F 937 -36.05 -31.17 22.16
C ASP F 937 -35.95 -29.73 21.69
N ARG F 938 -36.30 -28.77 22.55
CA ARG F 938 -36.42 -27.39 22.11
C ARG F 938 -35.21 -26.52 22.42
N GLY F 939 -34.31 -26.96 23.28
CA GLY F 939 -33.18 -26.13 23.67
C GLY F 939 -33.56 -25.03 24.63
N THR F 940 -34.37 -24.09 24.16
CA THR F 940 -34.93 -23.03 24.99
C THR F 940 -36.45 -23.13 24.98
N ILE F 941 -37.06 -22.56 26.00
CA ILE F 941 -38.50 -22.68 26.21
C ILE F 941 -38.96 -21.46 26.99
N THR F 942 -40.24 -21.12 26.84
CA THR F 942 -40.78 -19.91 27.46
C THR F 942 -41.59 -20.27 28.70
N GLY F 943 -42.09 -19.24 29.37
CA GLY F 943 -42.87 -19.46 30.58
C GLY F 943 -44.20 -20.14 30.32
N LYS F 944 -44.88 -19.76 29.24
CA LYS F 944 -46.18 -20.35 28.92
C LYS F 944 -46.05 -21.81 28.55
N GLU F 945 -45.01 -22.17 27.79
CA GLU F 945 -44.82 -23.57 27.44
C GLU F 945 -44.45 -24.41 28.66
N VAL F 946 -43.69 -23.83 29.60
CA VAL F 946 -43.39 -24.50 30.85
C VAL F 946 -44.67 -24.75 31.64
N ALA F 947 -45.51 -23.72 31.75
CA ALA F 947 -46.79 -23.85 32.47
C ALA F 947 -47.69 -24.86 31.79
N HIS F 948 -47.74 -24.85 30.46
CA HIS F 948 -48.58 -25.79 29.72
C HIS F 948 -48.12 -27.22 29.89
N ILE F 949 -46.80 -27.46 29.84
CA ILE F 949 -46.26 -28.80 30.02
C ILE F 949 -46.54 -29.31 31.43
N LEU F 950 -46.28 -28.47 32.43
CA LEU F 950 -46.46 -28.90 33.81
C LEU F 950 -47.94 -29.11 34.15
N GLU F 951 -48.83 -28.27 33.62
CA GLU F 951 -50.25 -28.45 33.87
C GLU F 951 -50.83 -29.61 33.06
N SER F 952 -50.25 -29.91 31.89
CA SER F 952 -50.71 -31.04 31.10
C SER F 952 -50.20 -32.37 31.63
N ASN F 953 -49.12 -32.36 32.42
CA ASN F 953 -48.58 -33.58 32.99
C ASN F 953 -49.03 -33.79 34.44
N GLY F 954 -50.00 -33.02 34.91
CA GLY F 954 -50.56 -33.22 36.23
C GLY F 954 -49.61 -32.88 37.36
N VAL F 955 -49.29 -31.61 37.50
CA VAL F 955 -48.32 -31.19 38.51
C VAL F 955 -49.03 -31.01 39.84
N ILE F 956 -48.26 -31.13 40.93
CA ILE F 956 -48.76 -30.94 42.29
C ILE F 956 -48.03 -29.73 42.87
N HIS F 957 -48.79 -28.76 43.35
CA HIS F 957 -48.21 -27.52 43.85
C HIS F 957 -47.95 -27.60 45.34
N PHE F 958 -47.04 -26.74 45.79
CA PHE F 958 -46.75 -26.63 47.22
C PHE F 958 -47.81 -25.80 47.91
N PRO F 959 -48.49 -26.33 48.93
CA PRO F 959 -49.42 -25.48 49.69
C PRO F 959 -48.74 -24.34 50.43
N ASP F 960 -47.48 -24.53 50.84
CA ASP F 960 -46.71 -23.55 51.57
C ASP F 960 -45.36 -23.34 50.91
N PRO F 961 -44.81 -22.13 50.99
CA PRO F 961 -43.41 -21.91 50.58
C PRO F 961 -42.40 -22.14 51.70
N TYR F 962 -42.82 -22.62 52.86
CA TYR F 962 -41.93 -22.83 54.00
C TYR F 962 -41.45 -24.28 54.03
N THR F 963 -40.20 -24.46 54.46
CA THR F 963 -39.64 -25.78 54.68
C THR F 963 -39.85 -26.28 56.10
N THR F 964 -40.86 -25.74 56.79
CA THR F 964 -41.14 -26.15 58.16
C THR F 964 -41.70 -27.57 58.19
N GLY F 965 -41.14 -28.42 59.05
CA GLY F 965 -41.52 -29.80 59.13
C GLY F 965 -40.74 -30.73 58.22
N PHE F 966 -40.13 -30.19 57.17
CA PHE F 966 -39.31 -31.00 56.27
C PHE F 966 -37.92 -31.18 56.86
N GLY F 967 -37.28 -32.28 56.50
CA GLY F 967 -35.96 -32.57 57.01
C GLY F 967 -35.60 -34.01 56.72
N TRP F 968 -34.57 -34.48 57.42
CA TRP F 968 -34.10 -35.84 57.26
C TRP F 968 -34.06 -36.52 58.62
N ASP F 969 -34.62 -37.72 58.69
CA ASP F 969 -34.63 -38.48 59.93
C ASP F 969 -33.22 -38.98 60.25
N PRO F 970 -32.93 -39.22 61.53
CA PRO F 970 -31.61 -39.76 61.89
C PRO F 970 -31.29 -41.12 61.28
N ASP F 971 -32.29 -41.96 61.04
CA ASP F 971 -32.04 -43.20 60.33
C ASP F 971 -31.69 -42.95 58.87
N GLY F 972 -32.22 -41.88 58.29
CA GLY F 972 -31.86 -41.45 56.96
C GLY F 972 -33.03 -41.17 56.06
N SER F 973 -34.23 -41.59 56.49
CA SER F 973 -35.43 -41.37 55.71
C SER F 973 -35.82 -39.89 55.70
N LEU F 974 -36.66 -39.55 54.73
CA LEU F 974 -37.13 -38.18 54.57
C LEU F 974 -38.13 -37.84 55.68
N ARG F 975 -38.39 -36.55 55.86
CA ARG F 975 -39.37 -36.07 56.81
C ARG F 975 -40.43 -35.25 56.07
N TYR F 976 -41.67 -35.32 56.56
CA TYR F 976 -42.92 -35.03 55.86
C TYR F 976 -43.10 -35.85 54.59
N PRO F 977 -42.80 -37.19 54.55
CA PRO F 977 -43.20 -38.00 53.39
C PRO F 977 -44.52 -38.70 53.56
N PHE F 978 -45.56 -37.96 53.96
CA PHE F 978 -46.85 -38.47 54.42
C PHE F 978 -46.74 -39.36 55.67
N LYS F 979 -45.54 -39.53 56.24
CA LYS F 979 -45.40 -40.34 57.45
C LYS F 979 -45.73 -39.52 58.70
N PRO F 980 -45.16 -38.30 58.94
CA PRO F 980 -45.76 -37.42 59.93
C PRO F 980 -46.72 -36.43 59.29
N ASP F 981 -47.27 -35.52 60.09
CA ASP F 981 -48.07 -34.42 59.57
C ASP F 981 -47.79 -33.19 60.43
N THR F 982 -48.60 -32.15 60.25
CA THR F 982 -48.43 -30.91 61.01
C THR F 982 -49.17 -30.97 62.33
N THR F 1002 -17.09 -62.56 56.87
CA THR F 1002 -15.71 -62.79 56.47
C THR F 1002 -15.56 -62.73 54.95
N PRO F 1003 -14.45 -62.17 54.48
CA PRO F 1003 -14.15 -62.22 53.04
C PRO F 1003 -13.75 -63.62 52.62
N ASP F 1004 -14.02 -63.95 51.36
CA ASP F 1004 -13.72 -65.27 50.83
C ASP F 1004 -12.24 -65.58 50.90
N LEU F 1005 -11.91 -66.71 51.49
CA LEU F 1005 -10.53 -67.13 51.74
C LEU F 1005 -10.38 -68.58 51.31
N SER F 1006 -10.71 -68.82 50.04
CA SER F 1006 -10.57 -70.08 49.32
C SER F 1006 -9.09 -70.32 49.00
N GLY F 1007 -8.80 -70.99 47.91
CA GLY F 1007 -7.53 -71.65 47.73
C GLY F 1007 -6.42 -70.66 47.40
N ALA F 1008 -6.16 -70.41 46.11
CA ALA F 1008 -5.07 -69.50 45.72
C ALA F 1008 -5.16 -68.13 46.41
N ARG F 1009 -6.38 -67.62 46.61
CA ARG F 1009 -6.55 -66.37 47.33
C ARG F 1009 -6.25 -66.48 48.82
N GLY F 1010 -6.20 -67.69 49.37
CA GLY F 1010 -5.91 -67.86 50.78
C GLY F 1010 -4.48 -68.28 51.05
N LYS F 1011 -3.85 -68.89 50.04
CA LYS F 1011 -2.45 -69.31 50.13
C LYS F 1011 -1.46 -68.16 49.97
N THR F 1012 -1.95 -66.93 49.92
CA THR F 1012 -1.14 -65.72 49.79
C THR F 1012 -0.46 -65.39 51.10
N TRP F 1013 0.00 -64.16 51.24
CA TRP F 1013 0.55 -63.67 52.51
C TRP F 1013 -0.58 -63.64 53.55
N PHE F 1014 -0.27 -63.12 54.74
CA PHE F 1014 -0.75 -63.55 56.05
C PHE F 1014 -2.21 -64.03 56.16
N ALA F 1015 -3.09 -63.56 55.27
CA ALA F 1015 -4.44 -64.11 55.08
C ALA F 1015 -5.31 -63.86 56.30
N GLY F 1016 -5.74 -64.92 56.99
CA GLY F 1016 -6.44 -64.66 58.23
C GLY F 1016 -5.43 -64.29 59.29
N THR F 1017 -5.28 -62.98 59.54
CA THR F 1017 -4.32 -62.34 60.43
C THR F 1017 -4.68 -60.86 60.42
N ALA F 1018 -4.37 -60.16 61.51
CA ALA F 1018 -4.57 -58.72 61.57
C ALA F 1018 -3.61 -57.95 60.67
N TYR F 1019 -2.58 -58.59 60.13
CA TYR F 1019 -1.60 -57.95 59.29
C TYR F 1019 -1.95 -57.99 57.80
N ASP F 1020 -3.09 -58.55 57.45
CA ASP F 1020 -3.46 -58.72 56.05
C ASP F 1020 -4.05 -57.43 55.48
N ALA F 1021 -3.93 -57.30 54.16
CA ALA F 1021 -4.57 -56.19 53.46
C ALA F 1021 -6.08 -56.38 53.43
N PRO F 1022 -6.85 -55.29 53.34
CA PRO F 1022 -8.30 -55.42 53.19
C PRO F 1022 -8.68 -56.15 51.90
N ARG F 1023 -9.73 -56.95 51.98
CA ARG F 1023 -10.16 -57.79 50.89
C ARG F 1023 -11.62 -57.50 50.54
N ASN F 1024 -11.98 -57.77 49.29
CA ASN F 1024 -13.34 -57.56 48.81
C ASN F 1024 -14.20 -58.77 49.16
N ALA F 1025 -15.41 -58.81 48.60
CA ALA F 1025 -16.32 -59.92 48.87
C ALA F 1025 -15.83 -61.21 48.23
N ASP F 1026 -15.25 -61.13 47.04
CA ASP F 1026 -14.78 -62.31 46.32
C ASP F 1026 -13.38 -62.75 46.73
N GLY F 1027 -12.75 -62.06 47.68
CA GLY F 1027 -11.43 -62.41 48.14
C GLY F 1027 -10.31 -61.59 47.55
N THR F 1028 -10.56 -60.85 46.47
CA THR F 1028 -9.54 -59.97 45.92
C THR F 1028 -9.26 -58.82 46.85
N PHE F 1029 -8.02 -58.35 46.82
CA PHE F 1029 -7.61 -57.24 47.68
C PHE F 1029 -8.30 -55.95 47.26
N LYS F 1030 -8.48 -55.06 48.22
CA LYS F 1030 -9.16 -53.79 47.98
C LYS F 1030 -8.40 -52.96 46.96
N HIS F 1031 -9.17 -52.26 46.12
CA HIS F 1031 -8.68 -51.51 44.96
C HIS F 1031 -7.92 -52.39 43.97
N GLY F 1032 -8.12 -53.71 44.03
CA GLY F 1032 -7.32 -54.61 43.22
C GLY F 1032 -5.85 -54.58 43.57
N TRP F 1033 -5.51 -54.38 44.84
CA TRP F 1033 -4.13 -54.28 45.27
C TRP F 1033 -3.43 -55.63 45.16
N HIS F 1034 -2.10 -55.58 45.07
CA HIS F 1034 -1.26 -56.77 45.10
C HIS F 1034 0.00 -56.44 45.90
N TRP F 1035 0.73 -57.48 46.28
CA TRP F 1035 1.83 -57.29 47.22
C TRP F 1035 3.10 -56.76 46.59
N ASN F 1036 3.17 -56.64 45.27
CA ASN F 1036 4.34 -56.07 44.60
C ASN F 1036 4.14 -54.61 44.21
N MET F 1037 2.98 -54.04 44.50
CA MET F 1037 2.74 -52.64 44.17
C MET F 1037 3.58 -51.74 45.09
N PRO F 1038 4.02 -50.58 44.58
CA PRO F 1038 4.96 -49.75 45.35
C PRO F 1038 4.34 -49.00 46.51
N PHE F 1039 3.07 -49.21 46.82
CA PHE F 1039 2.39 -48.49 47.90
C PHE F 1039 1.73 -49.48 48.84
N SER F 1040 1.59 -49.07 50.09
CA SER F 1040 0.95 -49.88 51.12
C SER F 1040 -0.47 -49.36 51.36
N VAL F 1041 -1.43 -50.27 51.42
CA VAL F 1041 -2.81 -49.92 51.71
C VAL F 1041 -2.99 -49.77 53.22
N LYS F 1042 -4.12 -49.22 53.63
CA LYS F 1042 -4.45 -49.05 55.05
C LYS F 1042 -5.45 -50.11 55.47
N THR F 1043 -5.20 -50.72 56.63
CA THR F 1043 -6.09 -51.77 57.12
C THR F 1043 -7.44 -51.19 57.53
N GLU F 1044 -8.50 -51.91 57.20
CA GLU F 1044 -9.85 -51.50 57.53
C GLU F 1044 -10.26 -51.99 58.91
N GLU G 142 -2.43 49.96 -92.36
CA GLU G 142 -1.09 49.86 -92.95
C GLU G 142 -0.70 51.15 -93.67
N ALA G 143 -1.66 52.07 -93.79
CA ALA G 143 -1.33 53.42 -94.20
C ALA G 143 -0.72 54.22 -93.06
N ALA G 144 -1.03 53.82 -91.83
CA ALA G 144 -0.43 54.46 -90.66
C ALA G 144 1.08 54.25 -90.63
N TYR G 145 1.53 53.06 -91.05
CA TYR G 145 2.95 52.80 -91.28
C TYR G 145 3.57 53.83 -92.22
N SER G 146 2.89 54.11 -93.33
CA SER G 146 3.37 55.07 -94.32
C SER G 146 3.48 56.48 -93.74
N ALA G 147 2.41 56.96 -93.10
CA ALA G 147 2.44 58.28 -92.47
C ALA G 147 3.49 58.34 -91.36
N TYR G 148 3.67 57.24 -90.63
CA TYR G 148 4.66 57.13 -89.57
C TYR G 148 6.08 57.30 -90.11
N LEU G 149 6.40 56.54 -91.17
CA LEU G 149 7.73 56.62 -91.77
C LEU G 149 7.98 57.98 -92.39
N ARG G 150 6.92 58.58 -92.95
CA ARG G 150 6.99 59.97 -93.42
C ARG G 150 7.39 60.92 -92.30
N ARG G 151 6.74 60.78 -91.14
CA ARG G 151 7.04 61.63 -89.99
C ARG G 151 8.48 61.46 -89.53
N ILE G 152 8.96 60.21 -89.49
CA ILE G 152 10.35 59.94 -89.12
C ILE G 152 11.32 60.58 -90.12
N ALA G 153 10.96 60.53 -91.40
CA ALA G 153 11.77 61.16 -92.45
C ALA G 153 11.89 62.67 -92.24
N GLU G 154 10.74 63.35 -92.05
CA GLU G 154 10.74 64.77 -91.74
C GLU G 154 11.55 65.11 -90.50
N ALA G 155 11.40 64.28 -89.46
CA ALA G 155 12.14 64.40 -88.21
C ALA G 155 13.65 64.43 -88.45
N TYR G 156 14.20 63.40 -89.11
CA TYR G 156 15.63 63.37 -89.36
C TYR G 156 16.07 64.50 -90.28
N LEU G 157 15.27 64.78 -91.32
CA LEU G 157 15.65 65.77 -92.33
C LEU G 157 15.76 67.16 -91.73
N ALA G 158 14.81 67.55 -90.88
CA ALA G 158 14.87 68.86 -90.24
C ALA G 158 15.77 68.87 -89.02
N GLU G 159 15.98 67.71 -88.38
CA GLU G 159 16.78 67.67 -87.17
C GLU G 159 18.26 67.82 -87.50
N HIS G 160 18.80 66.90 -88.30
CA HIS G 160 20.17 67.13 -88.73
C HIS G 160 20.18 68.13 -89.88
N PRO G 161 21.00 69.20 -89.79
CA PRO G 161 20.79 70.39 -90.65
C PRO G 161 20.95 70.08 -92.14
N GLN G 162 19.80 70.10 -92.82
CA GLN G 162 19.61 69.51 -94.14
C GLN G 162 20.32 68.16 -94.25
N MET G 163 21.38 68.11 -95.06
CA MET G 163 22.31 66.98 -95.23
C MET G 163 21.63 65.80 -95.93
N ALA G 164 20.32 65.87 -96.13
CA ALA G 164 19.56 64.81 -96.78
C ALA G 164 19.99 64.64 -98.22
N ALA G 165 19.69 65.64 -99.08
CA ALA G 165 20.16 65.78 -100.46
C ALA G 165 19.69 64.64 -101.38
N PRO G 166 19.91 64.76 -102.69
CA PRO G 166 19.77 63.56 -103.54
C PRO G 166 20.71 62.42 -103.16
N GLU G 167 21.90 62.73 -102.63
CA GLU G 167 22.82 61.71 -102.15
C GLU G 167 22.33 61.17 -100.81
N HIS G 168 23.07 60.22 -100.23
CA HIS G 168 22.85 59.68 -98.88
C HIS G 168 21.45 59.11 -98.70
N ALA G 169 20.84 58.63 -99.80
CA ALA G 169 19.46 58.15 -99.72
C ALA G 169 19.36 56.84 -98.95
N ALA G 170 20.34 55.96 -99.12
CA ALA G 170 20.38 54.74 -98.32
C ALA G 170 20.64 55.05 -96.85
N HIS G 171 21.45 56.07 -96.57
CA HIS G 171 21.67 56.50 -95.19
C HIS G 171 20.38 57.03 -94.57
N VAL G 172 19.61 57.80 -95.35
CA VAL G 172 18.33 58.33 -94.88
C VAL G 172 17.35 57.19 -94.62
N ALA G 173 17.32 56.19 -95.51
CA ALA G 173 16.46 55.03 -95.30
C ALA G 173 16.88 54.24 -94.07
N ARG G 174 18.19 54.11 -93.84
CA ARG G 174 18.69 53.40 -92.67
C ARG G 174 18.30 54.11 -91.38
N VAL G 175 18.48 55.43 -91.32
CA VAL G 175 18.16 56.13 -90.08
C VAL G 175 16.65 56.23 -89.89
N VAL G 176 15.88 56.24 -90.99
CA VAL G 176 14.42 56.22 -90.87
C VAL G 176 13.95 54.88 -90.30
N ARG G 177 14.52 53.78 -90.79
CA ARG G 177 14.18 52.47 -90.25
C ARG G 177 14.60 52.33 -88.79
N SER G 178 15.78 52.86 -88.44
CA SER G 178 16.27 52.77 -87.07
C SER G 178 15.41 53.57 -86.11
N ARG G 179 15.05 54.81 -86.48
CA ARG G 179 14.21 55.61 -85.61
C ARG G 179 12.75 55.15 -85.62
N ALA G 180 12.34 54.42 -86.66
CA ALA G 180 11.00 53.83 -86.66
C ALA G 180 10.92 52.64 -85.72
N LEU G 181 11.95 51.79 -85.72
CA LEU G 181 11.94 50.63 -84.84
C LEU G 181 12.06 51.04 -83.38
N GLY G 182 12.91 52.02 -83.09
CA GLY G 182 13.08 52.50 -81.75
C GLY G 182 14.27 53.43 -81.59
N THR G 183 15.08 53.19 -80.56
CA THR G 183 16.23 54.03 -80.26
C THR G 183 17.51 53.27 -80.56
N PRO G 184 18.40 53.79 -81.42
CA PRO G 184 19.67 53.10 -81.68
C PRO G 184 20.60 53.22 -80.48
N LEU G 185 20.92 52.08 -79.88
CA LEU G 185 21.84 52.04 -78.76
C LEU G 185 23.28 51.95 -79.26
N SER G 186 24.18 52.59 -78.52
CA SER G 186 25.60 52.35 -78.72
C SER G 186 25.99 51.02 -78.09
N PHE G 187 27.26 50.64 -78.24
CA PHE G 187 27.73 49.42 -77.63
C PHE G 187 27.75 49.53 -76.10
N ASP G 188 28.16 50.68 -75.58
CA ASP G 188 28.17 50.89 -74.13
C ASP G 188 26.75 50.85 -73.57
N GLU G 189 25.79 51.41 -74.30
CA GLU G 189 24.40 51.32 -73.88
C GLU G 189 23.86 49.91 -74.02
N LEU G 190 24.40 49.12 -74.96
CA LEU G 190 23.97 47.75 -75.11
C LEU G 190 24.43 46.89 -73.94
N MET G 191 25.68 47.04 -73.53
CA MET G 191 26.22 46.24 -72.43
C MET G 191 25.93 46.82 -71.07
N ARG G 192 25.27 47.97 -70.99
CA ARG G 192 24.88 48.53 -69.70
C ARG G 192 23.84 47.61 -69.05
N SER G 193 24.10 47.25 -67.80
CA SER G 193 23.19 46.36 -67.08
C SER G 193 21.98 47.13 -66.59
N ALA G 194 20.82 46.47 -66.66
CA ALA G 194 19.62 47.04 -66.07
C ALA G 194 19.75 47.14 -64.55
N VAL G 195 20.36 46.13 -63.94
CA VAL G 195 20.60 46.09 -62.50
C VAL G 195 21.70 47.07 -62.15
N PRO G 196 21.45 48.04 -61.27
CA PRO G 196 22.52 48.93 -60.83
C PRO G 196 23.49 48.22 -59.90
N ALA G 197 24.68 48.80 -59.77
CA ALA G 197 25.66 48.29 -58.84
C ALA G 197 25.19 48.54 -57.40
N PRO G 198 25.52 47.64 -56.47
CA PRO G 198 25.14 47.86 -55.06
C PRO G 198 25.74 49.12 -54.47
N GLY G 199 26.95 49.51 -54.87
CA GLY G 199 27.48 50.78 -54.42
C GLY G 199 26.83 51.99 -55.08
N GLU G 200 26.08 51.77 -56.16
CA GLU G 200 25.46 52.88 -56.88
C GLU G 200 24.16 53.36 -56.26
N VAL G 201 23.64 52.67 -55.25
CA VAL G 201 22.40 53.05 -54.60
C VAL G 201 22.74 54.03 -53.49
N PRO G 202 22.26 55.28 -53.55
CA PRO G 202 22.54 56.24 -52.49
C PRO G 202 21.60 56.06 -51.31
N ASN G 203 22.03 56.58 -50.17
CA ASN G 203 21.23 56.55 -48.96
C ASN G 203 20.09 57.54 -49.06
N ARG G 204 18.90 57.11 -48.64
CA ARG G 204 17.74 57.98 -48.52
C ARG G 204 17.15 57.77 -47.14
N ASN G 205 17.23 58.79 -46.30
CA ASN G 205 16.78 58.67 -44.92
C ASN G 205 15.26 58.66 -44.85
N SER G 206 14.73 57.84 -43.94
CA SER G 206 13.33 57.93 -43.56
C SER G 206 13.16 59.12 -42.62
N ARG G 207 11.92 59.36 -42.17
CA ARG G 207 11.66 60.52 -41.32
C ARG G 207 12.31 60.38 -39.95
N GLY G 208 12.32 59.18 -39.39
CA GLY G 208 13.00 58.96 -38.13
C GLY G 208 14.50 59.15 -38.24
N GLN G 209 15.08 58.69 -39.36
CA GLN G 209 16.52 58.88 -39.56
C GLN G 209 16.86 60.33 -39.83
N VAL G 210 15.94 61.07 -40.45
CA VAL G 210 16.10 62.52 -40.60
C VAL G 210 16.08 63.19 -39.22
N ALA G 211 15.20 62.72 -38.33
CA ALA G 211 15.20 63.23 -36.96
C ALA G 211 16.51 62.93 -36.24
N GLU G 212 17.05 61.72 -36.44
CA GLU G 212 18.36 61.39 -35.87
C GLU G 212 19.45 62.31 -36.41
N GLN G 213 19.40 62.60 -37.72
CA GLN G 213 20.39 63.49 -38.31
C GLN G 213 20.29 64.89 -37.74
N VAL G 214 19.07 65.40 -37.59
CA VAL G 214 18.87 66.74 -37.04
C VAL G 214 19.40 66.80 -35.61
N ARG G 215 19.16 65.74 -34.83
CA ARG G 215 19.66 65.72 -33.46
C ARG G 215 21.19 65.64 -33.40
N ALA G 216 21.80 64.80 -34.23
CA ALA G 216 23.25 64.68 -34.29
C ALA G 216 23.91 66.00 -34.69
N ILE G 217 23.39 66.63 -35.75
CA ILE G 217 23.92 67.90 -36.25
C ILE G 217 23.73 69.00 -35.20
N LEU G 218 22.58 69.00 -34.53
CA LEU G 218 22.36 70.02 -33.51
C LEU G 218 22.94 69.61 -32.17
N ASP G 219 23.69 68.50 -32.13
CA ASP G 219 24.39 68.16 -30.90
C ASP G 219 25.88 68.39 -31.00
N GLN G 220 26.54 67.73 -31.98
CA GLN G 220 27.98 67.71 -32.30
C GLN G 220 28.89 68.64 -31.48
N TYR G 221 29.16 69.87 -31.96
CA TYR G 221 29.76 70.98 -31.21
C TYR G 221 28.90 71.37 -30.00
N ASP G 222 29.40 71.18 -28.78
CA ASP G 222 28.64 71.54 -27.54
C ASP G 222 29.57 71.46 -26.31
N ALA G 281 46.93 80.81 -39.49
CA ALA G 281 46.25 80.39 -40.71
C ALA G 281 46.00 81.58 -41.61
N LYS G 282 46.60 81.54 -42.78
CA LYS G 282 46.47 82.61 -43.75
C LYS G 282 45.33 82.29 -44.73
N THR G 283 44.62 83.33 -45.17
CA THR G 283 43.44 83.21 -46.03
C THR G 283 43.74 82.52 -47.36
N GLU G 284 44.99 82.58 -47.82
CA GLU G 284 45.44 81.93 -49.04
C GLU G 284 45.33 80.42 -48.96
N ASP G 285 46.04 79.81 -48.00
CA ASP G 285 46.08 78.34 -47.90
C ASP G 285 44.75 77.75 -47.49
N MET G 286 43.86 78.55 -46.91
CA MET G 286 42.47 78.19 -46.64
C MET G 286 41.82 77.57 -47.87
N VAL G 287 41.20 76.40 -47.70
CA VAL G 287 40.62 75.63 -48.79
C VAL G 287 39.52 76.42 -49.46
N ASP G 288 39.31 76.17 -50.74
CA ASP G 288 38.23 76.82 -51.45
C ASP G 288 36.86 76.41 -50.93
N ASP G 289 36.76 75.22 -50.32
CA ASP G 289 35.54 74.79 -49.64
C ASP G 289 35.63 75.15 -48.16
N ALA G 290 35.42 76.42 -47.89
CA ALA G 290 35.63 77.00 -46.57
C ALA G 290 34.33 77.46 -45.93
N PHE G 291 33.24 76.76 -46.21
CA PHE G 291 31.94 77.18 -45.72
C PHE G 291 31.70 76.71 -44.29
N THR G 292 30.61 77.19 -43.70
CA THR G 292 30.19 76.79 -42.37
C THR G 292 29.64 75.36 -42.41
N THR G 293 30.41 74.43 -41.83
CA THR G 293 30.08 73.01 -41.93
C THR G 293 28.75 72.71 -41.25
N GLU G 294 28.51 73.31 -40.08
CA GLU G 294 27.27 73.08 -39.35
C GLU G 294 26.06 73.61 -40.09
N VAL G 295 26.19 74.80 -40.70
CA VAL G 295 25.07 75.39 -41.43
C VAL G 295 24.76 74.57 -42.68
N VAL G 296 25.78 74.10 -43.39
CA VAL G 296 25.55 73.29 -44.57
C VAL G 296 24.98 71.93 -44.19
N GLU G 297 25.45 71.34 -43.08
CA GLU G 297 24.93 70.07 -42.62
C GLU G 297 23.46 70.17 -42.23
N GLU G 298 23.08 71.26 -41.56
CA GLU G 298 21.68 71.43 -41.16
C GLU G 298 20.79 71.78 -42.35
N ALA G 299 21.30 72.57 -43.30
CA ALA G 299 20.60 72.85 -44.55
C ALA G 299 20.57 71.64 -45.48
N MET G 300 21.29 70.57 -45.15
CA MET G 300 21.18 69.31 -45.85
C MET G 300 20.24 68.35 -45.14
N ALA G 301 20.20 68.42 -43.81
CA ALA G 301 19.21 67.66 -43.05
C ALA G 301 17.80 68.13 -43.38
N LEU G 302 17.61 69.44 -43.53
CA LEU G 302 16.43 69.92 -44.22
C LEU G 302 16.70 69.89 -45.73
N PHE G 303 15.64 69.73 -46.52
CA PHE G 303 15.68 69.69 -47.99
C PHE G 303 16.64 68.57 -48.40
N GLY G 304 17.67 68.85 -49.19
CA GLY G 304 18.65 67.84 -49.54
C GLY G 304 18.10 66.81 -50.52
N ASP G 305 18.85 65.72 -50.63
CA ASP G 305 18.44 64.58 -51.46
C ASP G 305 18.15 63.34 -50.63
N ALA G 306 19.00 63.04 -49.64
CA ALA G 306 18.76 61.93 -48.74
C ALA G 306 17.66 62.21 -47.74
N ASN G 307 17.24 63.47 -47.58
CA ASN G 307 16.31 63.85 -46.52
C ASN G 307 15.05 64.51 -47.09
N SER G 308 14.78 64.36 -48.38
CA SER G 308 13.66 65.04 -49.02
C SER G 308 12.83 64.07 -49.84
N VAL G 309 12.53 62.91 -49.28
CA VAL G 309 11.61 61.96 -49.89
C VAL G 309 10.31 61.86 -49.09
N LYS G 310 10.40 61.85 -47.76
CA LYS G 310 9.29 61.78 -46.82
C LYS G 310 8.44 60.51 -46.95
N THR G 311 8.88 59.57 -47.78
CA THR G 311 8.21 58.29 -47.98
C THR G 311 9.20 57.14 -48.00
N ALA G 312 10.50 57.42 -48.05
CA ALA G 312 11.55 56.40 -48.12
C ALA G 312 11.53 55.52 -46.87
N TRP G 313 11.66 54.21 -47.10
CA TRP G 313 11.67 53.24 -46.01
C TRP G 313 12.67 52.16 -46.37
N ARG G 314 13.84 52.17 -45.70
CA ARG G 314 14.94 51.24 -45.93
C ARG G 314 15.36 51.23 -47.40
N THR G 315 15.63 52.42 -47.93
CA THR G 315 15.95 52.60 -49.33
C THR G 315 17.33 52.06 -49.68
N GLN G 316 18.22 51.91 -48.68
CA GLN G 316 19.51 51.31 -48.92
C GLN G 316 19.57 49.84 -48.52
N GLU G 317 18.62 49.35 -47.75
CA GLU G 317 18.60 47.95 -47.33
C GLU G 317 17.76 47.10 -48.26
N VAL G 318 16.49 47.48 -48.48
CA VAL G 318 15.86 47.17 -49.76
C VAL G 318 16.65 47.95 -50.80
N LEU G 319 16.77 47.36 -52.01
CA LEU G 319 17.81 47.64 -53.01
C LEU G 319 19.18 47.25 -52.47
N ARG G 320 20.21 47.23 -53.34
CA ARG G 320 21.49 46.54 -53.08
C ARG G 320 21.25 45.09 -52.69
N GLU G 321 20.20 44.49 -53.25
CA GLU G 321 19.76 43.15 -52.90
C GLU G 321 19.01 42.61 -54.10
N LEU G 322 19.43 41.45 -54.58
CA LEU G 322 18.86 40.91 -55.80
C LEU G 322 17.44 40.42 -55.56
N SER G 323 16.52 40.87 -56.40
CA SER G 323 15.18 40.30 -56.47
C SER G 323 15.14 39.32 -57.64
N TYR G 324 13.96 38.76 -57.89
CA TYR G 324 13.84 37.76 -58.94
C TYR G 324 14.03 38.37 -60.32
N THR G 325 13.46 39.55 -60.56
CA THR G 325 13.59 40.19 -61.86
C THR G 325 15.02 40.65 -62.12
N GLN G 326 15.69 41.15 -61.08
CA GLN G 326 17.08 41.57 -61.25
C GLN G 326 18.01 40.38 -61.44
N LEU G 327 17.72 39.26 -60.76
CA LEU G 327 18.47 38.04 -61.00
C LEU G 327 18.27 37.53 -62.41
N TRP G 328 17.03 37.61 -62.92
CA TRP G 328 16.74 37.22 -64.28
C TRP G 328 17.49 38.08 -65.29
N ALA G 329 17.52 39.40 -65.05
CA ALA G 329 18.26 40.30 -65.93
C ALA G 329 19.75 40.01 -65.91
N LEU G 330 20.31 39.75 -64.71
CA LEU G 330 21.73 39.44 -64.61
C LEU G 330 22.08 38.12 -65.29
N VAL G 331 21.20 37.12 -65.17
CA VAL G 331 21.45 35.84 -65.83
C VAL G 331 21.36 35.99 -67.34
N GLY G 332 20.35 36.73 -67.83
CA GLY G 332 20.23 36.95 -69.26
C GLY G 332 21.35 37.78 -69.84
N GLU G 333 21.98 38.63 -69.03
CA GLU G 333 23.14 39.38 -69.46
C GLU G 333 24.45 38.62 -69.29
N GLY G 334 24.38 37.36 -68.83
CA GLY G 334 25.59 36.58 -68.60
C GLY G 334 26.47 37.08 -67.49
N HIS G 335 25.87 37.59 -66.41
CA HIS G 335 26.62 38.15 -65.29
C HIS G 335 26.61 37.26 -64.05
N VAL G 336 25.86 36.17 -64.05
CA VAL G 336 25.73 35.30 -62.89
C VAL G 336 26.52 34.03 -63.17
N ALA G 337 27.48 33.73 -62.30
CA ALA G 337 28.35 32.58 -62.51
C ALA G 337 27.70 31.28 -62.08
N ARG G 338 27.01 31.28 -60.94
CA ARG G 338 26.54 30.03 -60.36
C ARG G 338 25.28 30.29 -59.55
N VAL G 339 24.32 29.37 -59.62
CA VAL G 339 23.10 29.43 -58.84
C VAL G 339 23.03 28.17 -57.98
N ARG G 340 22.85 28.36 -56.68
CA ARG G 340 22.84 27.26 -55.72
C ARG G 340 21.51 27.26 -54.98
N PHE G 341 20.72 26.21 -55.19
CA PHE G 341 19.45 26.06 -54.50
C PHE G 341 19.67 25.52 -53.10
N TYR G 342 19.12 26.20 -52.10
CA TYR G 342 19.28 25.77 -50.73
C TYR G 342 17.96 25.92 -49.99
N GLY G 343 17.91 25.32 -48.80
CA GLY G 343 16.72 25.29 -48.00
C GLY G 343 16.06 23.93 -48.05
N PRO G 344 15.20 23.64 -47.07
CA PRO G 344 14.46 22.37 -47.12
C PRO G 344 13.42 22.33 -48.23
N GLU G 345 13.02 23.47 -48.77
CA GLU G 345 12.05 23.56 -49.83
C GLU G 345 12.68 23.86 -51.19
N LYS G 346 13.96 24.22 -51.21
CA LYS G 346 14.71 24.56 -52.43
C LYS G 346 14.07 25.70 -53.20
N ASN G 347 13.49 26.66 -52.48
CA ASN G 347 12.87 27.82 -53.09
C ASN G 347 13.74 29.07 -53.02
N LYS G 348 14.95 28.96 -52.48
CA LYS G 348 15.89 30.07 -52.43
C LYS G 348 17.20 29.66 -53.08
N VAL G 349 17.86 30.64 -53.71
CA VAL G 349 19.16 30.42 -54.33
C VAL G 349 20.14 31.41 -53.75
N MET G 350 21.42 31.02 -53.83
CA MET G 350 22.55 31.85 -53.43
C MET G 350 23.38 32.07 -54.69
N ALA G 351 23.03 33.11 -55.44
CA ALA G 351 23.65 33.35 -56.73
C ALA G 351 25.01 34.01 -56.56
N THR G 352 26.04 33.40 -57.17
CA THR G 352 27.36 33.99 -57.30
C THR G 352 27.46 34.64 -58.66
N THR G 353 27.71 35.94 -58.68
CA THR G 353 27.84 36.71 -59.90
C THR G 353 29.28 36.73 -60.37
N ARG G 354 29.45 36.96 -61.67
CA ARG G 354 30.78 37.02 -62.27
C ARG G 354 31.45 38.35 -61.95
N ALA G 355 32.73 38.45 -62.32
CA ALA G 355 33.46 39.70 -62.14
C ALA G 355 32.99 40.77 -63.13
N SER G 356 32.35 40.38 -64.22
CA SER G 356 31.80 41.31 -65.19
C SER G 356 30.46 41.88 -64.77
N ALA G 357 29.88 41.39 -63.67
CA ALA G 357 28.62 41.90 -63.17
C ALA G 357 28.80 43.30 -62.60
N PRO G 358 27.73 44.11 -62.58
CA PRO G 358 27.81 45.41 -61.90
C PRO G 358 27.94 45.21 -60.39
N GLY G 359 29.01 45.74 -59.83
CA GLY G 359 29.31 45.56 -58.43
C GLY G 359 30.33 44.48 -58.12
N GLY G 360 30.98 43.92 -59.14
CA GLY G 360 31.99 42.90 -58.92
C GLY G 360 31.38 41.53 -58.70
N GLU G 361 32.17 40.66 -58.07
CA GLU G 361 31.76 39.30 -57.76
C GLU G 361 31.27 39.24 -56.32
N ARG G 362 30.01 38.82 -56.15
CA ARG G 362 29.39 38.81 -54.83
C ARG G 362 28.36 37.69 -54.78
N LEU G 363 27.99 37.32 -53.57
CA LEU G 363 26.95 36.32 -53.34
C LEU G 363 25.67 37.01 -52.88
N CYS G 364 24.57 36.71 -53.56
CA CYS G 364 23.29 37.35 -53.28
C CYS G 364 22.20 36.29 -53.14
N LYS G 365 21.39 36.42 -52.10
CA LYS G 365 20.31 35.47 -51.83
C LYS G 365 19.03 35.94 -52.53
N VAL G 366 18.45 35.06 -53.33
CA VAL G 366 17.23 35.35 -54.08
C VAL G 366 16.18 34.32 -53.73
N VAL G 367 15.01 34.78 -53.32
CA VAL G 367 13.86 33.89 -53.08
C VAL G 367 13.04 33.84 -54.36
N LEU G 368 12.66 32.62 -54.77
CA LEU G 368 12.09 32.53 -56.10
C LEU G 368 10.58 32.33 -56.05
N PRO G 369 9.87 32.88 -57.03
CA PRO G 369 8.48 32.49 -57.23
C PRO G 369 8.41 31.18 -57.98
N PRO G 370 7.24 30.52 -58.02
CA PRO G 370 7.13 29.30 -58.82
C PRO G 370 7.13 29.60 -60.32
N ASP G 371 8.33 29.81 -60.87
CA ASP G 371 8.51 30.12 -62.28
C ASP G 371 9.07 28.90 -62.99
N PRO G 372 8.32 28.26 -63.90
CA PRO G 372 8.83 27.06 -64.57
C PRO G 372 9.86 27.33 -65.65
N GLU G 373 10.08 28.58 -66.05
CA GLU G 373 11.06 28.90 -67.07
C GLU G 373 12.41 29.31 -66.49
N LEU G 374 12.53 29.33 -65.16
CA LEU G 374 13.77 29.80 -64.53
C LEU G 374 14.92 28.83 -64.78
N LEU G 375 14.68 27.53 -64.62
CA LEU G 375 15.74 26.55 -64.81
C LEU G 375 16.19 26.49 -66.26
N ASP G 376 15.24 26.60 -67.20
CA ASP G 376 15.59 26.67 -68.61
C ASP G 376 16.40 27.92 -68.93
N HIS G 377 16.03 29.05 -68.30
CA HIS G 377 16.79 30.29 -68.49
C HIS G 377 18.22 30.16 -67.98
N LEU G 378 18.38 29.59 -66.78
CA LEU G 378 19.72 29.41 -66.20
C LEU G 378 20.55 28.44 -67.02
N VAL G 379 19.94 27.36 -67.50
CA VAL G 379 20.68 26.39 -68.30
C VAL G 379 21.10 26.99 -69.63
N SER G 380 20.18 27.66 -70.32
CA SER G 380 20.49 28.23 -71.63
C SER G 380 21.41 29.44 -71.53
N ASN G 381 21.56 30.05 -70.35
CA ASN G 381 22.48 31.15 -70.19
C ASN G 381 23.78 30.75 -69.49
N GLY G 382 24.09 29.45 -69.47
CA GLY G 382 25.36 28.98 -68.98
C GLY G 382 25.62 29.20 -67.50
N VAL G 383 24.64 28.91 -66.66
CA VAL G 383 24.75 29.09 -65.22
C VAL G 383 24.86 27.72 -64.57
N VAL G 384 25.83 27.56 -63.67
CA VAL G 384 26.03 26.31 -62.96
C VAL G 384 24.92 26.14 -61.93
N VAL G 385 23.92 25.33 -62.27
CA VAL G 385 22.77 25.10 -61.41
C VAL G 385 23.13 23.96 -60.45
N ASP G 386 23.42 24.31 -59.20
CA ASP G 386 23.73 23.33 -58.17
C ASP G 386 22.58 23.25 -57.18
N THR G 387 21.85 22.14 -57.19
CA THR G 387 20.85 21.84 -56.17
C THR G 387 21.63 21.22 -55.00
N GLY G 388 20.97 20.57 -54.05
CA GLY G 388 21.75 19.82 -53.10
C GLY G 388 20.93 18.83 -52.30
N VAL G 389 21.45 17.61 -52.22
CA VAL G 389 20.95 16.46 -51.45
C VAL G 389 19.44 16.23 -51.68
N THR G 390 18.60 16.95 -50.92
CA THR G 390 17.14 16.87 -50.93
C THR G 390 16.75 15.42 -50.59
N GLU G 391 16.87 15.06 -49.31
CA GLU G 391 16.54 13.71 -48.88
C GLU G 391 15.04 13.47 -49.04
N ASP G 392 14.69 12.31 -49.60
CA ASP G 392 13.30 11.95 -49.90
C ASP G 392 12.41 11.92 -48.67
N ASP G 393 12.83 11.21 -47.62
CA ASP G 393 12.01 11.03 -46.44
C ASP G 393 11.93 12.31 -45.63
N ARG G 394 11.03 13.21 -46.03
CA ARG G 394 10.91 14.52 -45.38
C ARG G 394 10.49 14.39 -43.94
N LEU G 395 9.60 13.43 -43.64
CA LEU G 395 9.12 13.21 -42.28
C LEU G 395 10.25 12.79 -41.36
N ARG G 396 11.10 11.87 -41.81
CA ARG G 396 12.20 11.40 -40.99
C ARG G 396 13.35 12.40 -40.92
N ALA G 397 13.59 13.14 -42.01
CA ALA G 397 14.71 14.07 -42.05
C ALA G 397 14.42 15.32 -41.25
N SER G 398 13.18 15.81 -41.29
CA SER G 398 12.80 17.04 -40.59
C SER G 398 12.13 16.75 -39.27
N LEU G 399 12.57 15.71 -38.56
CA LEU G 399 11.99 15.33 -37.28
C LEU G 399 12.84 15.77 -36.10
N LEU G 400 14.12 15.39 -36.08
CA LEU G 400 14.99 15.76 -34.96
C LEU G 400 15.28 17.25 -34.94
N VAL G 401 15.39 17.88 -36.11
CA VAL G 401 15.64 19.31 -36.15
C VAL G 401 14.41 20.09 -35.70
N GLN G 402 13.21 19.54 -35.93
CA GLN G 402 12.00 20.20 -35.41
C GLN G 402 11.87 20.03 -33.90
N MET G 403 12.29 18.86 -33.39
CA MET G 403 12.38 18.68 -31.94
C MET G 403 13.36 19.67 -31.32
N LEU G 404 14.50 19.90 -32.00
CA LEU G 404 15.44 20.92 -31.53
C LEU G 404 14.84 22.32 -31.63
N ARG G 405 14.06 22.58 -32.69
CA ARG G 405 13.42 23.88 -32.83
C ARG G 405 12.40 24.13 -31.73
N TYR G 406 11.78 23.09 -31.21
CA TYR G 406 10.83 23.25 -30.12
C TYR G 406 11.48 23.23 -28.74
N THR G 407 12.65 22.60 -28.60
CA THR G 407 13.27 22.44 -27.29
C THR G 407 14.37 23.43 -26.99
N VAL G 408 15.08 23.92 -28.01
CA VAL G 408 16.17 24.87 -27.79
C VAL G 408 15.74 26.19 -27.16
N PRO G 409 14.61 26.82 -27.54
CA PRO G 409 14.23 28.09 -26.88
C PRO G 409 14.12 28.06 -25.36
N PHE G 410 13.68 26.94 -24.78
CA PHE G 410 13.67 26.82 -23.32
C PHE G 410 15.09 26.84 -22.76
N MET G 411 16.02 26.16 -23.44
CA MET G 411 17.42 26.17 -23.04
C MET G 411 18.02 27.56 -23.17
N VAL G 412 17.61 28.29 -24.22
CA VAL G 412 18.11 29.66 -24.42
C VAL G 412 17.62 30.59 -23.33
N ILE G 413 16.34 30.48 -22.96
CA ILE G 413 15.78 31.28 -21.87
C ILE G 413 16.47 30.94 -20.55
N SER G 414 16.65 29.64 -20.27
CA SER G 414 17.26 29.22 -19.02
C SER G 414 18.72 29.65 -18.94
N GLY G 415 19.48 29.53 -20.02
CA GLY G 415 20.85 30.00 -20.01
C GLY G 415 20.95 31.51 -19.89
N LEU G 416 20.06 32.24 -20.57
CA LEU G 416 20.08 33.70 -20.54
C LEU G 416 19.80 34.22 -19.13
N PHE G 417 18.89 33.56 -18.40
CA PHE G 417 18.66 33.97 -17.02
C PHE G 417 19.69 33.38 -16.06
N TRP G 418 20.31 32.25 -16.40
CA TRP G 418 21.37 31.68 -15.58
C TRP G 418 22.60 32.57 -15.58
N MET G 419 22.87 33.26 -16.69
CA MET G 419 23.96 34.22 -16.73
C MET G 419 23.75 35.37 -15.75
N ILE G 420 22.51 35.69 -15.41
CA ILE G 420 22.24 36.84 -14.55
C ILE G 420 21.90 36.47 -13.11
N HIS G 421 21.50 35.23 -12.82
CA HIS G 421 21.29 34.86 -11.43
C HIS G 421 22.27 33.84 -10.88
N THR G 422 23.12 33.23 -11.70
CA THR G 422 24.12 32.31 -11.17
C THR G 422 25.54 32.69 -11.56
N TRP G 423 25.78 33.10 -12.80
CA TRP G 423 27.14 33.42 -13.23
C TRP G 423 27.61 34.74 -12.62
N ILE G 424 26.74 35.72 -12.55
CA ILE G 424 27.10 37.06 -12.07
C ILE G 424 26.70 37.26 -10.62
N LEU G 425 25.48 36.87 -10.25
CA LEU G 425 24.96 37.18 -8.92
C LEU G 425 25.60 36.30 -7.85
N ASP G 426 25.45 34.98 -7.97
CA ASP G 426 25.89 34.06 -6.93
C ASP G 426 26.67 32.89 -7.53
N PRO G 427 27.99 32.96 -7.51
CA PRO G 427 28.79 31.82 -7.96
C PRO G 427 28.98 30.81 -6.84
N LEU G 428 29.55 29.66 -7.20
CA LEU G 428 29.85 28.61 -6.24
C LEU G 428 30.95 27.70 -6.75
N PRO G 429 32.22 28.03 -6.50
CA PRO G 429 33.32 27.13 -6.87
C PRO G 429 33.59 26.10 -5.78
N ASN G 430 34.37 25.09 -6.15
CA ASN G 430 34.76 24.02 -5.26
C ASN G 430 36.10 24.33 -4.59
N LYS G 431 36.71 23.31 -3.98
CA LYS G 431 38.08 23.32 -3.46
C LYS G 431 38.28 24.30 -2.31
N PHE G 432 39.53 24.69 -2.09
CA PHE G 432 39.93 25.45 -0.90
C PHE G 432 39.41 26.88 -0.98
N ARG G 433 38.40 27.19 -0.17
CA ARG G 433 37.78 28.52 -0.13
C ARG G 433 37.60 28.99 1.31
N ARG G 434 38.65 28.84 2.13
CA ARG G 434 38.58 29.29 3.51
C ARG G 434 38.58 30.81 3.60
N GLN G 435 39.66 31.43 3.10
CA GLN G 435 39.95 32.85 3.30
C GLN G 435 38.94 33.79 2.66
N GLU G 436 38.02 33.24 1.86
CA GLU G 436 36.99 34.02 1.20
C GLU G 436 35.66 34.01 1.93
N PHE G 437 35.51 33.24 3.01
CA PHE G 437 34.18 33.04 3.60
C PHE G 437 34.14 33.56 5.04
N ILE G 438 33.34 34.62 5.24
CA ILE G 438 32.92 35.05 6.57
C ILE G 438 31.73 34.26 7.07
N ARG G 439 31.18 33.36 6.24
CA ARG G 439 30.03 32.54 6.61
C ARG G 439 30.34 31.60 7.75
N TYR G 440 31.60 31.22 7.90
CA TYR G 440 31.98 30.18 8.85
C TYR G 440 31.85 30.64 10.29
N ARG G 441 31.88 31.96 10.54
CA ARG G 441 31.56 32.47 11.87
C ARG G 441 30.15 32.08 12.27
N ARG G 442 29.18 32.34 11.41
CA ARG G 442 27.80 31.93 11.67
C ARG G 442 27.65 30.41 11.65
N GLU G 443 28.40 29.75 10.77
CA GLU G 443 28.31 28.30 10.65
C GLU G 443 28.77 27.59 11.93
N MET G 444 29.86 28.05 12.53
CA MET G 444 30.28 27.55 13.83
C MET G 444 29.48 28.17 14.97
N LEU G 445 28.79 29.28 14.72
CA LEU G 445 27.89 29.86 15.71
C LEU G 445 26.60 29.06 15.85
N HIS G 446 26.23 28.29 14.83
CA HIS G 446 25.16 27.30 14.94
C HIS G 446 25.77 25.94 14.66
N VAL G 447 26.36 25.31 15.69
CA VAL G 447 26.85 23.95 15.58
C VAL G 447 26.16 23.10 16.64
N ALA G 448 25.83 23.71 17.77
CA ALA G 448 25.10 22.99 18.82
C ALA G 448 23.64 22.78 18.45
N SER G 449 23.13 23.50 17.45
CA SER G 449 21.78 23.28 16.93
C SER G 449 21.78 22.33 15.74
N LYS G 450 22.94 21.85 15.33
CA LYS G 450 23.04 20.88 14.24
C LYS G 450 23.27 19.51 14.84
N LEU G 451 23.21 18.50 13.98
CA LEU G 451 23.19 17.10 14.39
C LEU G 451 24.36 16.73 15.28
N ASN G 452 24.06 15.90 16.29
CA ASN G 452 25.03 15.48 17.29
C ASN G 452 26.28 14.89 16.65
N PHE G 453 27.45 15.41 17.07
CA PHE G 453 28.72 15.13 16.39
C PHE G 453 29.03 13.65 16.38
N ARG G 454 29.62 13.18 15.30
CA ARG G 454 29.56 11.75 14.98
C ARG G 454 30.81 11.36 14.18
N THR G 455 30.81 10.12 13.64
CA THR G 455 31.84 9.50 12.80
C THR G 455 33.19 9.39 13.49
N PRO G 456 33.37 8.43 14.41
CA PRO G 456 34.67 8.28 15.08
C PRO G 456 35.75 7.66 14.20
N ALA G 457 36.70 8.48 13.76
CA ALA G 457 37.89 8.05 13.01
C ALA G 457 37.60 7.20 11.77
N ILE G 470 42.19 -3.67 19.23
CA ILE G 470 41.26 -4.66 19.76
C ILE G 470 40.23 -5.04 18.69
N LYS G 471 40.27 -6.30 18.27
CA LYS G 471 39.42 -6.79 17.19
C LYS G 471 38.25 -7.60 17.75
N TRP G 472 37.40 -8.08 16.84
CA TRP G 472 36.23 -8.85 17.22
C TRP G 472 36.63 -10.15 17.92
N ASP G 473 37.64 -10.84 17.40
CA ASP G 473 38.19 -12.03 18.05
C ASP G 473 38.85 -11.72 19.39
N ASP G 474 39.12 -10.45 19.68
CA ASP G 474 39.61 -10.06 20.99
C ASP G 474 38.50 -9.96 22.03
N ILE G 475 37.24 -10.11 21.63
CA ILE G 475 36.12 -10.14 22.57
C ILE G 475 35.88 -11.59 22.97
N ASN G 476 35.95 -11.86 24.29
CA ASN G 476 35.77 -13.20 24.80
C ASN G 476 34.78 -13.28 25.96
N GLY G 477 34.15 -12.17 26.36
CA GLY G 477 33.20 -12.19 27.44
C GLY G 477 31.81 -12.65 27.08
N ILE G 478 31.58 -12.96 25.80
CA ILE G 478 30.27 -13.41 25.32
C ILE G 478 30.49 -14.60 24.40
N ASP G 479 29.60 -15.59 24.48
CA ASP G 479 29.68 -16.76 23.60
C ASP G 479 28.42 -16.95 22.77
N GLU G 480 27.24 -16.91 23.38
CA GLU G 480 26.02 -17.28 22.68
C GLU G 480 25.45 -16.11 21.86
N VAL G 481 25.53 -14.89 22.39
CA VAL G 481 24.96 -13.72 21.73
C VAL G 481 25.84 -13.25 20.58
N LYS G 482 27.00 -13.90 20.41
CA LYS G 482 27.85 -13.62 19.25
C LYS G 482 27.15 -13.98 17.95
N LYS G 483 26.27 -14.99 17.97
CA LYS G 483 25.47 -15.31 16.78
C LYS G 483 24.43 -14.24 16.51
N GLU G 484 23.80 -13.70 17.57
CA GLU G 484 22.81 -12.64 17.39
C GLU G 484 23.47 -11.37 16.86
N ILE G 485 24.69 -11.08 17.30
CA ILE G 485 25.44 -9.97 16.74
C ILE G 485 25.90 -10.28 15.31
N ASN G 486 26.27 -11.54 15.04
CA ASN G 486 26.62 -11.98 13.69
C ASN G 486 25.47 -11.79 12.72
N GLU G 487 24.23 -11.85 13.22
CA GLU G 487 23.06 -11.51 12.42
C GLU G 487 23.14 -10.07 11.92
N ILE G 488 23.56 -9.14 12.78
CA ILE G 488 23.71 -7.74 12.37
C ILE G 488 24.86 -7.58 11.39
N ILE G 489 25.97 -8.31 11.61
CA ILE G 489 27.10 -8.28 10.67
C ILE G 489 26.64 -8.73 9.28
N GLU G 490 25.91 -9.84 9.22
CA GLU G 490 25.46 -10.35 7.94
C GLU G 490 24.34 -9.52 7.33
N TYR G 491 23.56 -8.82 8.14
CA TYR G 491 22.55 -7.92 7.59
C TYR G 491 23.21 -6.72 6.93
N LEU G 492 24.26 -6.18 7.54
CA LEU G 492 24.96 -5.06 6.92
C LEU G 492 25.86 -5.47 5.77
N ARG G 493 26.37 -6.71 5.76
CA ARG G 493 27.25 -7.11 4.68
C ARG G 493 26.54 -7.79 3.52
N ASN G 494 25.33 -8.33 3.73
CA ASN G 494 24.66 -9.12 2.71
C ASN G 494 23.18 -9.26 3.04
N PRO G 495 22.33 -8.27 2.70
CA PRO G 495 20.88 -8.50 2.84
C PRO G 495 20.38 -9.42 1.74
N ALA G 496 19.11 -9.84 1.86
CA ALA G 496 18.42 -10.87 1.07
C ALA G 496 18.98 -12.27 1.35
N LEU G 497 20.05 -12.35 2.15
CA LEU G 497 20.38 -13.57 2.88
C LEU G 497 19.71 -13.56 4.24
N LEU G 498 19.65 -12.38 4.86
CA LEU G 498 18.91 -12.21 6.10
C LEU G 498 17.41 -12.37 5.89
N ARG G 499 16.91 -12.05 4.70
CA ARG G 499 15.50 -12.24 4.42
C ARG G 499 15.20 -13.71 4.15
N SER G 500 16.18 -14.46 3.64
CA SER G 500 16.08 -15.91 3.53
C SER G 500 16.13 -16.61 4.88
N ARG G 501 16.55 -15.91 5.93
CA ARG G 501 16.48 -16.42 7.30
C ARG G 501 15.30 -15.83 8.06
N GLY G 502 14.36 -15.20 7.35
CA GLY G 502 13.14 -14.71 7.95
C GLY G 502 13.21 -13.32 8.53
N VAL G 503 14.33 -12.62 8.39
CA VAL G 503 14.50 -11.28 8.94
C VAL G 503 14.24 -10.30 7.80
N ALA G 504 13.01 -9.75 7.76
CA ALA G 504 12.66 -8.78 6.73
C ALA G 504 13.44 -7.49 6.90
N ARG G 505 13.44 -6.93 8.11
CA ARG G 505 14.18 -5.73 8.40
C ARG G 505 14.69 -5.81 9.83
N ILE G 506 15.77 -5.08 10.08
CA ILE G 506 16.33 -4.86 11.40
C ILE G 506 16.86 -3.44 11.48
N GLY G 507 16.24 -2.64 12.32
CA GLY G 507 16.65 -1.27 12.48
C GLY G 507 17.29 -1.07 13.83
N GLY G 508 16.49 -0.59 14.78
CA GLY G 508 16.98 -0.36 16.12
C GLY G 508 17.29 -1.66 16.84
N VAL G 509 18.53 -1.80 17.32
CA VAL G 509 18.95 -2.90 18.18
C VAL G 509 19.37 -2.30 19.51
N LEU G 510 18.79 -2.80 20.61
CA LEU G 510 19.09 -2.33 21.94
C LEU G 510 20.15 -3.21 22.59
N LEU G 511 21.16 -2.58 23.19
CA LEU G 511 22.18 -3.27 23.97
C LEU G 511 21.94 -2.95 25.45
N ALA G 512 21.71 -3.99 26.24
CA ALA G 512 21.39 -3.83 27.65
C ALA G 512 22.41 -4.58 28.50
N GLY G 513 22.38 -4.31 29.79
CA GLY G 513 23.32 -4.92 30.72
C GLY G 513 24.05 -3.87 31.52
N ALA G 514 25.17 -4.25 32.13
CA ALA G 514 25.98 -3.31 32.89
C ALA G 514 26.86 -2.51 31.94
N PRO G 515 26.72 -1.19 31.87
CA PRO G 515 27.57 -0.40 30.98
C PRO G 515 29.01 -0.35 31.46
N GLY G 516 29.92 -0.10 30.51
CA GLY G 516 31.34 -0.15 30.74
C GLY G 516 32.00 -1.41 30.22
N THR G 517 31.22 -2.44 29.92
CA THR G 517 31.72 -3.69 29.35
C THR G 517 31.19 -3.80 27.92
N GLY G 518 32.10 -3.99 26.97
CA GLY G 518 31.70 -4.02 25.58
C GLY G 518 31.37 -2.64 25.04
N LYS G 519 30.08 -2.39 24.79
CA LYS G 519 29.57 -1.10 24.31
C LYS G 519 30.25 -0.64 23.03
N THR G 520 31.00 0.47 23.13
CA THR G 520 31.76 1.02 22.02
C THR G 520 32.70 -0.03 21.39
N LEU G 521 33.33 -0.85 22.23
CA LEU G 521 34.17 -1.95 21.74
C LEU G 521 33.36 -2.93 20.89
N LEU G 522 32.19 -3.35 21.38
CA LEU G 522 31.27 -4.21 20.65
C LEU G 522 30.87 -3.63 19.30
N ALA G 523 30.37 -2.40 19.31
CA ALA G 523 29.89 -1.76 18.08
C ALA G 523 31.01 -1.52 17.09
N LYS G 524 32.18 -1.13 17.59
CA LYS G 524 33.36 -0.94 16.74
C LYS G 524 33.77 -2.26 16.10
N ALA G 525 33.72 -3.35 16.87
CA ALA G 525 34.01 -4.67 16.31
C ALA G 525 32.99 -5.06 15.26
N ILE G 526 31.72 -4.70 15.50
CA ILE G 526 30.65 -4.95 14.53
C ILE G 526 30.95 -4.26 13.20
N ALA G 527 31.32 -2.98 13.28
CA ALA G 527 31.66 -2.23 12.07
C ALA G 527 32.94 -2.73 11.43
N ALA G 528 33.91 -3.19 12.23
CA ALA G 528 35.18 -3.67 11.70
C ALA G 528 35.05 -5.05 11.07
N GLU G 529 34.03 -5.80 11.44
CA GLU G 529 33.74 -7.08 10.78
C GLU G 529 32.76 -6.93 9.63
N GLY G 530 32.02 -5.82 9.58
CA GLY G 530 31.15 -5.53 8.46
C GLY G 530 31.65 -4.54 7.43
N GLY G 531 32.85 -3.97 7.61
CA GLY G 531 33.46 -3.01 6.70
C GLY G 531 32.56 -1.85 6.31
N VAL G 532 32.14 -1.04 7.29
CA VAL G 532 30.96 -0.22 7.16
C VAL G 532 31.12 1.06 7.98
N ARG G 533 30.44 2.12 7.54
CA ARG G 533 30.53 3.41 8.23
C ARG G 533 29.91 3.35 9.61
N MET G 534 30.61 3.95 10.57
CA MET G 534 30.22 3.93 11.97
C MET G 534 30.06 5.36 12.46
N PHE G 535 28.93 5.63 13.11
CA PHE G 535 28.54 6.95 13.58
C PHE G 535 28.31 6.82 15.08
N THR G 536 28.80 7.77 15.87
CA THR G 536 28.59 7.72 17.32
C THR G 536 27.94 9.01 17.79
N CYS G 537 26.88 8.86 18.58
CA CYS G 537 26.15 9.98 19.16
C CYS G 537 25.74 9.59 20.56
N SER G 538 25.50 10.59 21.39
CA SER G 538 24.99 10.37 22.73
C SER G 538 23.61 11.01 22.85
N GLY G 539 22.68 10.27 23.45
CA GLY G 539 21.35 10.81 23.68
C GLY G 539 21.32 11.93 24.70
N THR G 540 22.38 12.05 25.51
CA THR G 540 22.54 13.19 26.41
C THR G 540 22.57 14.51 25.64
N ASP G 541 23.30 14.55 24.52
CA ASP G 541 23.49 15.78 23.77
C ASP G 541 22.34 16.08 22.80
N PHE G 542 21.41 15.15 22.59
CA PHE G 542 20.34 15.39 21.62
C PHE G 542 19.31 16.38 22.15
N TYR G 543 19.02 16.32 23.44
CA TYR G 543 18.02 17.16 24.09
C TYR G 543 18.64 17.73 25.35
N ASP G 544 18.85 19.05 25.40
CA ASP G 544 19.36 19.69 26.60
C ASP G 544 18.37 20.70 27.18
N VAL G 545 18.08 21.80 26.47
CA VAL G 545 17.21 22.85 26.98
C VAL G 545 16.27 23.35 25.90
N TYR G 546 16.55 23.00 24.64
CA TYR G 546 15.94 23.67 23.50
C TYR G 546 14.69 22.91 23.05
N SER G 547 13.55 23.61 23.04
CA SER G 547 12.29 23.00 22.67
C SER G 547 12.12 23.02 21.16
N GLY G 548 11.83 21.86 20.58
CA GLY G 548 11.63 21.73 19.16
C GLY G 548 12.90 21.64 18.33
N VAL G 549 14.04 22.09 18.86
CA VAL G 549 15.29 22.02 18.13
C VAL G 549 15.77 20.58 18.01
N GLY G 550 15.58 19.77 19.06
CA GLY G 550 16.05 18.40 19.05
C GLY G 550 15.39 17.53 18.00
N ALA G 551 14.15 17.86 17.63
CA ALA G 551 13.49 17.21 16.51
C ALA G 551 14.26 17.42 15.22
N ARG G 552 14.65 18.66 14.94
CA ARG G 552 15.45 18.94 13.76
C ARG G 552 16.85 18.34 13.88
N ARG G 553 17.35 18.22 15.11
CA ARG G 553 18.65 17.57 15.33
C ARG G 553 18.62 16.11 14.87
N VAL G 554 17.63 15.34 15.35
CA VAL G 554 17.57 13.94 14.95
C VAL G 554 17.17 13.81 13.48
N ARG G 555 16.39 14.77 12.96
CA ARG G 555 16.06 14.75 11.53
C ARG G 555 17.30 14.91 10.66
N GLU G 556 18.15 15.88 10.99
CA GLU G 556 19.39 16.07 10.23
C GLU G 556 20.34 14.91 10.43
N THR G 557 20.36 14.31 11.63
CA THR G 557 21.18 13.12 11.86
C THR G 557 20.75 11.98 10.95
N PHE G 558 19.44 11.74 10.85
CA PHE G 558 18.98 10.64 10.02
C PHE G 558 19.13 10.94 8.54
N ASP G 559 19.07 12.21 8.13
CA ASP G 559 19.33 12.56 6.74
C ASP G 559 20.79 12.32 6.37
N ARG G 560 21.72 12.71 7.25
CA ARG G 560 23.14 12.43 7.03
C ARG G 560 23.39 10.93 6.97
N LEU G 561 22.70 10.21 7.83
CA LEU G 561 22.83 8.77 7.86
C LEU G 561 22.32 8.14 6.56
N ARG G 562 21.21 8.66 6.04
CA ARG G 562 20.66 8.18 4.78
C ARG G 562 21.54 8.57 3.60
N ASN G 563 22.38 9.59 3.75
CA ASN G 563 23.39 9.86 2.73
C ASN G 563 24.52 8.83 2.80
N ALA G 564 25.20 8.75 3.95
CA ALA G 564 26.28 7.78 4.12
C ALA G 564 25.73 6.42 4.56
N ALA G 565 25.05 5.74 3.63
CA ALA G 565 24.06 4.75 4.07
C ALA G 565 24.38 3.31 3.72
N PRO G 566 25.55 2.77 4.05
CA PRO G 566 25.58 1.66 5.00
C PRO G 566 26.18 2.13 6.31
N ALA G 567 25.44 1.96 7.39
CA ALA G 567 25.95 2.62 8.58
C ALA G 567 25.35 2.05 9.87
N ILE G 568 26.08 2.28 10.96
CA ILE G 568 25.79 1.75 12.29
C ILE G 568 25.68 2.83 13.35
N LEU G 569 24.81 3.82 13.16
CA LEU G 569 24.61 4.85 14.18
C LEU G 569 24.42 4.25 15.56
N PHE G 570 25.30 4.63 16.46
CA PHE G 570 25.25 4.19 17.84
C PHE G 570 24.84 5.38 18.69
N ILE G 571 23.69 5.26 19.36
CA ILE G 571 23.25 6.26 20.32
C ILE G 571 23.48 5.74 21.73
N ASP G 572 24.12 6.57 22.55
CA ASP G 572 24.41 6.25 23.94
C ASP G 572 23.45 7.00 24.85
N GLU G 573 23.22 6.43 26.04
CA GLU G 573 22.30 6.96 27.04
C GLU G 573 20.90 7.17 26.46
N PHE G 574 20.35 6.06 25.95
CA PHE G 574 19.04 6.08 25.28
C PHE G 574 17.93 6.52 26.22
N ASP G 575 18.09 6.33 27.53
CA ASP G 575 17.11 6.78 28.52
C ASP G 575 16.96 8.29 28.55
N ALA G 576 17.89 9.05 27.95
CA ALA G 576 17.67 10.48 27.79
C ALA G 576 16.49 10.77 26.86
N MET G 577 16.35 9.97 25.79
CA MET G 577 15.25 10.17 24.85
C MET G 577 14.30 8.98 24.74
N GLY G 578 14.74 7.78 25.10
CA GLY G 578 13.90 6.60 24.96
C GLY G 578 12.92 6.37 26.09
N ALA G 579 12.94 7.21 27.12
CA ALA G 579 12.03 7.06 28.24
C ALA G 579 10.70 7.72 27.93
N ALA G 580 9.84 7.83 28.93
CA ALA G 580 8.51 8.44 28.83
C ALA G 580 8.41 9.54 29.88
N ARG G 581 7.18 10.01 30.11
CA ARG G 581 6.95 11.01 31.14
C ARG G 581 7.28 10.45 32.52
N GLY G 582 7.69 11.34 33.42
CA GLY G 582 8.16 10.92 34.72
C GLY G 582 8.79 12.06 35.50
N ALA G 583 10.00 11.83 36.02
CA ALA G 583 10.67 12.81 36.86
C ALA G 583 11.22 14.01 36.07
N GLN G 584 11.21 13.94 34.75
CA GLN G 584 11.59 15.07 33.92
C GLN G 584 10.35 15.85 33.48
N ALA G 585 10.58 17.09 33.04
CA ALA G 585 9.51 17.92 32.51
C ALA G 585 9.17 17.42 31.12
N SER G 586 8.16 16.56 31.04
CA SER G 586 7.73 15.96 29.78
C SER G 586 6.71 16.89 29.13
N GLY G 587 7.20 17.79 28.28
CA GLY G 587 6.33 18.71 27.58
C GLY G 587 6.38 18.52 26.08
N ASP G 588 6.58 19.62 25.35
CA ASP G 588 6.67 19.53 23.90
C ASP G 588 8.02 18.94 23.48
N GLU G 589 9.03 19.05 24.32
CA GLU G 589 10.39 18.80 23.89
C GLU G 589 10.62 17.30 23.67
N SER G 590 10.40 16.51 24.73
CA SER G 590 10.58 15.06 24.64
C SER G 590 9.58 14.43 23.68
N ALA G 591 8.36 14.95 23.63
CA ALA G 591 7.36 14.46 22.69
C ALA G 591 7.79 14.69 21.25
N SER G 592 8.35 15.87 20.95
CA SER G 592 8.79 16.15 19.59
C SER G 592 9.99 15.29 19.20
N ILE G 593 10.96 15.15 20.11
CA ILE G 593 12.13 14.35 19.75
C ILE G 593 11.77 12.87 19.63
N ILE G 594 10.83 12.37 20.44
CA ILE G 594 10.45 10.96 20.30
C ILE G 594 9.56 10.76 19.08
N ASN G 595 8.77 11.76 18.70
CA ASN G 595 7.98 11.66 17.48
C ASN G 595 8.88 11.62 16.26
N GLU G 596 9.93 12.46 16.25
CA GLU G 596 10.86 12.46 15.13
C GLU G 596 11.69 11.18 15.08
N LEU G 597 12.10 10.67 16.24
CA LEU G 597 12.80 9.39 16.27
C LEU G 597 11.90 8.26 15.76
N LEU G 598 10.63 8.29 16.13
CA LEU G 598 9.68 7.27 15.68
C LEU G 598 9.49 7.32 14.17
N VAL G 599 9.30 8.51 13.59
CA VAL G 599 9.01 8.57 12.16
C VAL G 599 10.29 8.26 11.37
N GLN G 600 11.46 8.66 11.87
CA GLN G 600 12.69 8.35 11.14
C GLN G 600 13.05 6.87 11.24
N MET G 601 12.75 6.23 12.36
CA MET G 601 13.01 4.79 12.47
C MET G 601 11.96 3.97 11.73
N ASP G 602 10.72 4.44 11.66
CA ASP G 602 9.59 3.68 11.14
C ASP G 602 9.70 3.34 9.66
N GLY G 603 9.66 4.34 8.77
CA GLY G 603 9.62 4.10 7.34
C GLY G 603 9.58 5.37 6.55
N PHE G 604 8.90 5.30 5.40
CA PHE G 604 8.68 6.34 4.40
C PHE G 604 10.02 6.82 3.85
N GLU G 605 10.85 7.45 4.69
CA GLU G 605 12.27 7.65 4.36
C GLU G 605 12.94 6.29 4.54
N ASP G 606 13.17 5.60 3.42
CA ASP G 606 13.80 4.29 3.43
C ASP G 606 15.20 4.35 4.03
N ASN G 607 15.39 3.68 5.17
CA ASN G 607 16.69 3.62 5.86
C ASN G 607 17.50 2.39 5.44
N ARG G 608 17.82 2.35 4.15
CA ARG G 608 18.49 1.17 3.64
C ARG G 608 19.94 1.14 4.12
N GLY G 609 20.31 0.07 4.83
CA GLY G 609 21.65 -0.07 5.35
C GLY G 609 21.93 0.67 6.63
N ILE G 610 20.90 1.09 7.34
CA ILE G 610 21.04 1.89 8.54
C ILE G 610 20.62 1.08 9.75
N VAL G 611 21.56 0.82 10.64
CA VAL G 611 21.31 0.15 11.91
C VAL G 611 21.59 1.15 13.02
N VAL G 612 20.66 1.26 13.97
CA VAL G 612 20.80 2.13 15.12
C VAL G 612 20.97 1.25 16.35
N LEU G 613 22.18 1.24 16.90
CA LEU G 613 22.49 0.53 18.14
C LEU G 613 22.28 1.49 19.31
N GLY G 614 21.25 1.23 20.10
CA GLY G 614 20.93 2.05 21.25
C GLY G 614 21.39 1.40 22.54
N ALA G 615 22.23 2.12 23.28
CA ALA G 615 22.75 1.62 24.55
C ALA G 615 21.84 2.07 25.68
N THR G 616 21.40 1.12 26.50
CA THR G 616 20.53 1.43 27.63
C THR G 616 20.87 0.50 28.79
N ASN G 617 20.46 0.91 29.99
CA ASN G 617 20.60 0.09 31.18
C ASN G 617 19.27 -0.36 31.76
N ARG G 618 18.17 0.29 31.40
CA ARG G 618 16.84 -0.06 31.89
C ARG G 618 15.89 -0.20 30.70
N PRO G 619 15.87 -1.38 30.06
CA PRO G 619 14.97 -1.57 28.91
C PRO G 619 13.49 -1.43 29.27
N GLY G 620 13.11 -1.80 30.49
CA GLY G 620 11.74 -1.55 30.95
C GLY G 620 11.41 -0.09 31.08
N ALA G 621 12.41 0.77 31.19
CA ALA G 621 12.19 2.21 31.16
C ALA G 621 11.99 2.75 29.75
N ILE G 622 12.25 1.94 28.72
CA ILE G 622 12.01 2.38 27.35
C ILE G 622 10.51 2.38 27.10
N ASP G 623 10.01 3.47 26.51
CA ASP G 623 8.58 3.66 26.31
C ASP G 623 7.97 2.57 25.44
N SER G 624 6.63 2.47 25.48
CA SER G 624 5.89 1.52 24.66
C SER G 624 5.75 2.00 23.23
N ALA G 625 6.44 3.09 22.89
CA ALA G 625 6.51 3.62 21.53
C ALA G 625 7.70 3.08 20.75
N LEU G 626 8.83 2.82 21.40
CA LEU G 626 10.01 2.27 20.75
C LEU G 626 10.19 0.78 21.01
N ILE G 627 9.13 0.07 21.39
CA ILE G 627 9.17 -1.38 21.55
C ILE G 627 8.28 -2.09 20.55
N ARG G 628 7.14 -1.46 20.20
CA ARG G 628 6.14 -1.84 19.20
C ARG G 628 6.81 -2.44 17.98
N PRO G 629 6.39 -3.66 17.53
CA PRO G 629 7.08 -4.33 16.43
C PRO G 629 7.31 -3.50 15.18
N GLY G 630 8.57 -3.15 14.96
CA GLY G 630 8.99 -2.24 13.91
C GLY G 630 9.74 -1.00 14.39
N ARG G 631 10.15 -0.97 15.66
CA ARG G 631 11.01 0.13 16.11
C ARG G 631 12.37 -0.31 16.64
N PHE G 632 12.38 -1.06 17.75
CA PHE G 632 13.60 -1.52 18.42
C PHE G 632 13.40 -2.93 18.98
N ASP G 633 12.62 -3.75 18.29
CA ASP G 633 12.12 -5.05 18.75
C ASP G 633 13.25 -5.98 19.19
N ARG G 634 14.36 -5.92 18.48
CA ARG G 634 15.53 -6.72 18.83
C ARG G 634 16.23 -6.10 20.05
N ILE G 635 16.65 -6.97 20.96
CA ILE G 635 17.27 -6.56 22.22
C ILE G 635 18.35 -7.56 22.59
N ILE G 636 19.55 -7.06 22.90
CA ILE G 636 20.70 -7.90 23.26
C ILE G 636 21.11 -7.58 24.69
N TYR G 637 21.17 -8.61 25.52
CA TYR G 637 21.63 -8.48 26.91
C TYR G 637 23.10 -8.92 26.95
N MET G 638 23.97 -8.04 27.43
CA MET G 638 25.37 -8.40 27.60
C MET G 638 25.59 -9.03 28.97
N PRO G 639 25.97 -10.30 29.03
CA PRO G 639 26.19 -10.96 30.31
C PRO G 639 27.58 -10.65 30.86
N LEU G 640 27.90 -11.30 31.98
CA LEU G 640 29.18 -11.08 32.64
C LEU G 640 30.08 -12.30 32.52
N PRO G 738 45.55 -24.54 70.31
CA PRO G 738 44.49 -24.16 71.24
C PRO G 738 44.97 -23.21 72.33
N ASP G 739 45.61 -22.10 71.96
CA ASP G 739 46.02 -21.15 72.98
C ASP G 739 44.78 -20.49 73.61
N PRO G 740 43.89 -19.76 72.86
CA PRO G 740 42.63 -19.36 73.50
C PRO G 740 41.63 -20.50 73.68
N ILE G 741 41.33 -21.21 72.59
CA ILE G 741 40.28 -22.23 72.50
C ILE G 741 40.47 -23.32 73.53
N PRO G 742 39.46 -23.61 74.36
CA PRO G 742 39.59 -24.65 75.38
C PRO G 742 39.81 -26.01 74.76
N PRO G 743 40.52 -26.90 75.46
CA PRO G 743 40.82 -28.23 74.90
C PRO G 743 39.59 -29.06 74.57
N GLN G 744 38.58 -29.07 75.45
CA GLN G 744 37.39 -29.87 75.20
C GLN G 744 36.56 -29.30 74.04
N LEU G 745 36.53 -27.97 73.91
CA LEU G 745 35.87 -27.36 72.76
C LEU G 745 36.57 -27.70 71.46
N ARG G 746 37.91 -27.63 71.45
CA ARG G 746 38.67 -27.99 70.26
C ARG G 746 38.47 -29.46 69.91
N ARG G 747 38.46 -30.34 70.92
CA ARG G 747 38.23 -31.76 70.69
C ARG G 747 36.84 -32.00 70.12
N ALA G 748 35.83 -31.29 70.63
CA ALA G 748 34.46 -31.44 70.15
C ALA G 748 34.33 -31.04 68.68
N VAL G 749 34.81 -29.85 68.34
CA VAL G 749 34.70 -29.38 66.96
C VAL G 749 35.56 -30.23 66.03
N SER G 750 36.73 -30.67 66.51
CA SER G 750 37.60 -31.55 65.72
C SER G 750 36.90 -32.87 65.40
N VAL G 751 36.28 -33.49 66.41
CA VAL G 751 35.55 -34.75 66.21
C VAL G 751 34.41 -34.56 65.23
N TYR G 752 33.65 -33.46 65.38
CA TYR G 752 32.52 -33.19 64.50
C TYR G 752 32.96 -33.04 63.05
N GLU G 753 33.88 -32.11 62.80
CA GLU G 753 34.31 -31.84 61.42
C GLU G 753 35.03 -33.04 60.83
N ALA G 754 35.77 -33.80 61.65
CA ALA G 754 36.47 -34.98 61.16
C ALA G 754 35.48 -36.05 60.73
N GLY G 755 34.44 -36.30 61.54
CA GLY G 755 33.43 -37.27 61.15
C GLY G 755 32.68 -36.85 59.90
N LYS G 756 32.34 -35.56 59.79
CA LYS G 756 31.64 -35.08 58.61
C LYS G 756 32.50 -35.21 57.35
N ALA G 757 33.79 -34.85 57.45
CA ALA G 757 34.68 -34.96 56.30
C ALA G 757 34.92 -36.42 55.92
N LEU G 758 35.04 -37.30 56.91
CA LEU G 758 35.23 -38.72 56.63
C LEU G 758 34.04 -39.31 55.91
N LEU G 759 32.82 -39.00 56.37
CA LEU G 759 31.64 -39.54 55.71
C LEU G 759 31.42 -38.92 54.34
N ALA G 760 31.78 -37.65 54.17
CA ALA G 760 31.69 -37.03 52.85
C ALA G 760 32.70 -37.62 51.89
N TYR G 761 33.88 -38.01 52.39
CA TYR G 761 34.87 -38.64 51.54
C TYR G 761 34.45 -40.04 51.13
N ILE G 762 33.91 -40.83 52.07
CA ILE G 762 33.56 -42.21 51.74
C ILE G 762 32.18 -42.34 51.13
N THR G 763 31.38 -41.29 51.11
CA THR G 763 30.07 -41.34 50.46
C THR G 763 30.25 -41.18 48.95
N PRO G 764 29.74 -42.11 48.15
CA PRO G 764 29.93 -42.02 46.69
C PRO G 764 29.17 -40.87 46.08
N ASP G 765 29.76 -40.30 45.01
CA ASP G 765 29.20 -39.22 44.21
C ASP G 765 28.91 -37.97 45.04
N TYR G 766 29.68 -37.76 46.10
CA TYR G 766 29.55 -36.57 46.93
C TYR G 766 30.54 -35.51 46.48
N GLU G 767 30.31 -34.27 46.91
CA GLU G 767 31.19 -33.18 46.56
C GLU G 767 32.56 -33.36 47.21
N GLU G 768 33.60 -32.95 46.50
CA GLU G 768 34.95 -33.04 47.03
C GLU G 768 35.15 -32.02 48.14
N ILE G 769 35.80 -32.45 49.23
CA ILE G 769 36.06 -31.57 50.35
C ILE G 769 37.09 -30.53 49.94
N ALA G 770 36.78 -29.26 50.24
CA ALA G 770 37.70 -28.17 49.90
C ALA G 770 38.63 -27.83 51.06
N ARG G 771 38.08 -27.65 52.26
CA ARG G 771 38.86 -27.24 53.41
C ARG G 771 38.10 -27.56 54.68
N VAL G 772 38.75 -28.18 55.64
CA VAL G 772 38.17 -28.47 56.94
C VAL G 772 38.89 -27.60 57.96
N SER G 773 38.18 -26.65 58.53
CA SER G 773 38.75 -25.71 59.48
C SER G 773 38.08 -25.90 60.83
N VAL G 774 38.90 -25.97 61.88
CA VAL G 774 38.45 -26.02 63.26
C VAL G 774 39.11 -24.85 63.97
N CYS G 775 38.32 -23.79 64.21
CA CYS G 775 38.77 -22.51 64.80
C CYS G 775 39.96 -21.96 64.05
N PRO G 776 39.76 -21.42 62.83
CA PRO G 776 40.90 -21.12 61.93
C PRO G 776 41.83 -20.02 62.43
N LEU G 777 41.28 -18.90 62.87
CA LEU G 777 42.09 -17.79 63.37
C LEU G 777 41.67 -17.46 64.79
N ASN G 778 41.57 -18.50 65.62
CA ASN G 778 41.08 -18.42 67.00
C ASN G 778 39.65 -17.91 67.08
N VAL G 779 38.88 -18.07 66.01
CA VAL G 779 37.48 -17.68 65.95
C VAL G 779 36.65 -18.92 66.22
N LEU G 780 35.67 -18.80 67.12
CA LEU G 780 34.89 -19.97 67.51
C LEU G 780 33.95 -20.37 66.38
N THR G 781 34.46 -21.16 65.44
CA THR G 781 33.66 -21.72 64.37
C THR G 781 34.37 -22.96 63.84
N GLY G 782 33.63 -23.76 63.10
CA GLY G 782 34.19 -24.94 62.46
C GLY G 782 33.40 -25.31 61.24
N PHE G 783 34.06 -25.62 60.14
CA PHE G 783 33.33 -25.89 58.92
C PHE G 783 34.10 -26.87 58.04
N THR G 784 33.34 -27.55 57.17
CA THR G 784 33.87 -28.48 56.18
C THR G 784 33.30 -28.04 54.84
N LEU G 785 34.16 -27.48 53.99
CA LEU G 785 33.70 -26.90 52.74
C LEU G 785 33.71 -27.93 51.62
N PHE G 786 32.99 -27.61 50.56
CA PHE G 786 32.89 -28.47 49.39
C PHE G 786 32.98 -27.61 48.14
N VAL G 787 33.58 -28.17 47.09
CA VAL G 787 33.72 -27.45 45.84
C VAL G 787 32.36 -27.36 45.14
N GLU G 788 32.05 -26.17 44.61
CA GLU G 788 30.77 -25.92 43.98
C GLU G 788 30.91 -26.10 42.48
N ASP G 789 30.86 -27.36 42.07
CA ASP G 789 31.02 -27.72 40.67
C ASP G 789 29.76 -27.37 39.87
N GLU G 790 29.97 -26.95 38.63
CA GLU G 790 28.87 -26.59 37.74
C GLU G 790 28.45 -27.73 36.82
N ASP G 791 29.17 -28.86 36.85
CA ASP G 791 28.84 -30.00 36.03
C ASP G 791 27.93 -30.97 36.81
N LYS G 792 27.78 -32.18 36.26
CA LYS G 792 27.14 -33.33 36.92
C LYS G 792 25.67 -33.08 37.25
N ASN G 793 25.35 -32.87 38.52
CA ASN G 793 23.96 -32.86 38.96
C ASN G 793 23.24 -31.60 38.51
N VAL G 794 23.69 -30.44 38.99
CA VAL G 794 23.03 -29.14 38.84
C VAL G 794 21.57 -29.28 39.27
N ASN G 795 20.67 -29.47 38.29
CA ASN G 795 19.30 -29.89 38.57
C ASN G 795 18.82 -30.70 37.36
N ALA G 796 19.05 -32.01 37.41
CA ALA G 796 18.53 -32.91 36.39
C ALA G 796 17.63 -33.99 37.00
N ILE G 797 18.14 -34.74 37.98
CA ILE G 797 17.38 -35.81 38.63
C ILE G 797 18.05 -36.11 39.97
N LEU G 798 17.26 -36.20 41.03
CA LEU G 798 17.76 -36.47 42.38
C LEU G 798 17.45 -37.91 42.72
N THR G 799 18.47 -38.76 42.71
CA THR G 799 18.30 -40.15 43.09
C THR G 799 18.09 -40.28 44.59
N ARG G 800 17.27 -41.26 44.98
CA ARG G 800 17.04 -41.50 46.39
C ARG G 800 18.30 -41.96 47.10
N SER G 801 19.19 -42.68 46.40
CA SER G 801 20.48 -43.05 46.99
C SER G 801 21.34 -41.82 47.24
N GLU G 802 21.31 -40.86 46.32
CA GLU G 802 22.05 -39.61 46.50
C GLU G 802 21.50 -38.82 47.68
N LEU G 803 20.17 -38.74 47.80
CA LEU G 803 19.57 -38.01 48.92
C LEU G 803 19.84 -38.68 50.24
N GLU G 804 19.80 -40.02 50.28
CA GLU G 804 20.12 -40.76 51.50
C GLU G 804 21.57 -40.58 51.89
N GLY G 805 22.48 -40.56 50.91
CA GLY G 805 23.88 -40.31 51.20
C GLY G 805 24.10 -38.91 51.75
N ARG G 806 23.43 -37.91 51.18
CA ARG G 806 23.53 -36.55 51.70
C ARG G 806 23.00 -36.46 53.12
N MET G 807 21.89 -37.15 53.41
CA MET G 807 21.32 -37.13 54.75
C MET G 807 22.24 -37.82 55.77
N VAL G 808 22.88 -38.91 55.35
CA VAL G 808 23.84 -39.60 56.22
C VAL G 808 25.05 -38.70 56.49
N VAL G 809 25.54 -38.00 55.46
CA VAL G 809 26.66 -37.08 55.65
C VAL G 809 26.27 -35.94 56.59
N HIS G 810 25.02 -35.48 56.50
CA HIS G 810 24.55 -34.43 57.41
C HIS G 810 24.48 -34.93 58.85
N LEU G 811 24.01 -36.16 59.06
CA LEU G 811 23.93 -36.70 60.42
C LEU G 811 25.27 -37.18 60.96
N ALA G 812 26.29 -37.26 60.10
CA ALA G 812 27.57 -37.83 60.48
C ALA G 812 28.29 -37.05 61.57
N GLY G 813 28.15 -35.73 61.58
CA GLY G 813 28.86 -34.94 62.59
C GLY G 813 28.38 -35.22 64.00
N ARG G 814 27.06 -35.24 64.20
CA ARG G 814 26.52 -35.54 65.52
C ARG G 814 26.69 -37.02 65.86
N CYS G 815 26.68 -37.90 64.86
CA CYS G 815 26.96 -39.31 65.12
C CYS G 815 28.40 -39.51 65.59
N ALA G 816 29.35 -38.78 64.98
CA ALA G 816 30.75 -38.84 65.41
C ALA G 816 30.91 -38.25 66.80
N GLU G 817 30.22 -37.15 67.09
CA GLU G 817 30.28 -36.55 68.42
C GLU G 817 29.77 -37.51 69.49
N LYS G 818 28.65 -38.19 69.22
CA LYS G 818 28.15 -39.21 70.13
C LYS G 818 29.14 -40.34 70.30
N LEU G 819 29.59 -40.91 69.17
CA LEU G 819 30.40 -42.12 69.21
C LEU G 819 31.79 -41.89 69.78
N VAL G 820 32.29 -40.67 69.80
CA VAL G 820 33.61 -40.37 70.36
C VAL G 820 33.50 -39.80 71.77
N MET G 821 32.71 -38.74 71.97
CA MET G 821 32.70 -38.06 73.25
C MET G 821 31.64 -38.60 74.21
N GLY G 822 30.62 -39.26 73.72
CA GLY G 822 29.53 -39.72 74.55
C GLY G 822 28.24 -38.97 74.24
N GLU G 823 27.16 -39.47 74.85
CA GLU G 823 25.84 -38.89 74.62
C GLU G 823 25.72 -37.51 75.26
N GLY G 824 26.27 -37.34 76.46
CA GLY G 824 26.10 -36.10 77.19
C GLY G 824 27.05 -34.98 76.80
N GLN G 825 28.11 -35.28 76.06
CA GLN G 825 29.06 -34.26 75.63
C GLN G 825 28.72 -33.67 74.28
N MET G 826 27.61 -34.08 73.67
CA MET G 826 27.20 -33.49 72.40
C MET G 826 26.60 -32.11 72.66
N THR G 827 26.89 -31.18 71.77
CA THR G 827 26.31 -29.84 71.85
C THR G 827 25.51 -29.56 70.59
N GLY G 828 25.02 -28.32 70.49
CA GLY G 828 24.07 -27.97 69.45
C GLY G 828 24.71 -27.40 68.18
N MET G 829 25.99 -27.71 67.96
CA MET G 829 26.66 -27.23 66.76
C MET G 829 26.17 -27.94 65.50
N GLY G 830 25.57 -29.11 65.64
CA GLY G 830 25.08 -29.87 64.52
C GLY G 830 23.69 -29.53 64.05
N SER G 831 23.13 -28.42 64.52
CA SER G 831 21.77 -28.01 64.20
C SER G 831 21.51 -27.69 62.72
N PRO G 832 22.37 -26.94 62.00
CA PRO G 832 22.10 -26.77 60.56
C PRO G 832 22.18 -28.06 59.77
N ASP G 833 23.10 -28.96 60.14
CA ASP G 833 23.18 -30.26 59.46
C ASP G 833 21.97 -31.12 59.77
N LEU G 834 21.50 -31.09 61.02
CA LEU G 834 20.29 -31.80 61.39
C LEU G 834 19.08 -31.25 60.66
N PHE G 835 19.03 -29.92 60.51
CA PHE G 835 17.97 -29.28 59.73
C PHE G 835 17.99 -29.74 58.28
N HIS G 836 19.18 -29.82 57.69
CA HIS G 836 19.27 -30.21 56.28
C HIS G 836 18.92 -31.67 56.08
N ALA G 837 19.34 -32.54 57.02
CA ALA G 837 18.96 -33.95 56.94
C ALA G 837 17.46 -34.14 57.10
N ASN G 838 16.85 -33.39 58.03
CA ASN G 838 15.41 -33.46 58.21
C ASN G 838 14.67 -32.93 57.00
N LEU G 839 15.20 -31.87 56.37
CA LEU G 839 14.60 -31.34 55.15
C LEU G 839 14.68 -32.34 54.02
N ILE G 840 15.81 -33.05 53.89
CA ILE G 840 15.95 -34.06 52.86
C ILE G 840 14.96 -35.20 53.09
N ALA G 841 14.82 -35.65 54.35
CA ALA G 841 13.89 -36.73 54.67
C ALA G 841 12.45 -36.33 54.38
N ARG G 842 12.06 -35.12 54.81
CA ARG G 842 10.70 -34.65 54.57
C ARG G 842 10.44 -34.43 53.08
N GLU G 843 11.45 -33.96 52.34
CA GLU G 843 11.31 -33.80 50.90
C GLU G 843 11.10 -35.14 50.21
N MET G 844 11.85 -36.16 50.62
CA MET G 844 11.70 -37.48 50.02
C MET G 844 10.32 -38.06 50.32
N ILE G 845 9.83 -37.87 51.55
CA ILE G 845 8.55 -38.48 51.92
C ILE G 845 7.39 -37.73 51.27
N MET G 846 7.40 -36.39 51.33
CA MET G 846 6.22 -35.60 51.02
C MET G 846 6.28 -34.85 49.69
N SER G 847 7.37 -34.94 48.95
CA SER G 847 7.46 -34.18 47.71
C SER G 847 7.77 -35.08 46.52
N MET G 848 8.53 -36.15 46.77
CA MET G 848 8.89 -37.09 45.73
C MET G 848 8.14 -38.40 45.81
N GLY G 849 7.32 -38.60 46.83
CA GLY G 849 6.55 -39.82 46.98
C GLY G 849 7.39 -41.07 47.18
N MET G 850 8.48 -40.96 47.93
CA MET G 850 9.38 -42.08 48.16
C MET G 850 8.95 -42.96 49.31
N GLY G 851 7.85 -42.64 49.98
CA GLY G 851 7.36 -43.44 51.09
C GLY G 851 6.26 -44.39 50.63
N ARG G 852 6.30 -45.61 51.17
CA ARG G 852 5.34 -46.64 50.78
C ARG G 852 3.96 -46.41 51.37
N ARG G 853 3.86 -45.71 52.51
CA ARG G 853 2.59 -45.52 53.20
C ARG G 853 1.91 -44.21 52.85
N THR G 854 2.65 -43.10 52.82
CA THR G 854 2.08 -41.84 52.36
C THR G 854 1.69 -41.92 50.89
N GLY G 855 2.52 -42.57 50.08
CA GLY G 855 2.23 -42.73 48.68
C GLY G 855 2.58 -41.50 47.88
N PRO G 856 2.27 -41.51 46.59
CA PRO G 856 2.61 -40.37 45.71
C PRO G 856 1.64 -39.21 45.85
N ILE G 857 1.75 -38.51 46.98
CA ILE G 857 0.96 -37.32 47.26
C ILE G 857 1.91 -36.15 47.39
N ASP G 858 1.56 -35.05 46.72
CA ASP G 858 2.37 -33.83 46.77
C ASP G 858 1.87 -32.98 47.94
N LEU G 859 2.53 -33.12 49.08
CA LEU G 859 2.16 -32.37 50.26
C LEU G 859 3.14 -31.25 50.59
N LEU G 860 4.27 -31.19 49.88
CA LEU G 860 5.31 -30.19 50.13
C LEU G 860 5.93 -29.81 48.80
N ARG G 861 6.11 -28.51 48.57
CA ARG G 861 6.74 -28.01 47.37
C ARG G 861 7.79 -26.97 47.77
N VAL G 862 8.83 -26.86 46.96
CA VAL G 862 9.87 -25.87 47.21
C VAL G 862 9.59 -24.64 46.34
N ALA G 863 10.07 -23.49 46.79
CA ALA G 863 9.93 -22.27 46.02
C ALA G 863 11.13 -21.38 46.30
N ALA G 864 11.44 -20.51 45.34
CA ALA G 864 12.61 -19.64 45.42
C ALA G 864 12.15 -18.22 45.75
N THR G 865 12.80 -17.63 46.76
CA THR G 865 12.48 -16.26 47.15
C THR G 865 13.00 -15.27 46.12
N SER G 866 12.13 -14.35 45.70
CA SER G 866 12.52 -13.33 44.73
C SER G 866 13.37 -12.24 45.39
N ASP G 883 20.30 -10.92 54.10
CA ASP G 883 19.07 -11.65 53.81
C ASP G 883 19.08 -13.03 54.45
N GLY G 884 17.97 -13.73 54.35
CA GLY G 884 17.80 -15.04 54.92
C GLY G 884 18.12 -16.14 53.92
N ASP G 885 17.39 -17.25 54.06
CA ASP G 885 17.47 -18.40 53.16
C ASP G 885 17.07 -17.99 51.75
N PRO G 886 17.61 -18.63 50.72
CA PRO G 886 17.22 -18.31 49.34
C PRO G 886 15.99 -19.07 48.83
N PHE G 887 15.23 -19.70 49.72
CA PHE G 887 14.13 -20.57 49.31
C PHE G 887 13.18 -20.76 50.49
N TYR G 888 11.93 -21.07 50.18
CA TYR G 888 10.94 -21.39 51.20
C TYR G 888 10.14 -22.60 50.71
N TYR G 889 9.10 -22.95 51.44
CA TYR G 889 8.38 -24.19 51.16
C TYR G 889 6.88 -23.95 51.21
N HIS G 890 6.20 -24.26 50.12
CA HIS G 890 4.75 -24.31 50.10
C HIS G 890 4.28 -25.60 50.77
N THR G 891 3.44 -25.46 51.80
CA THR G 891 3.00 -26.58 52.61
C THR G 891 1.51 -26.80 52.44
N THR G 892 1.11 -28.06 52.37
CA THR G 892 -0.29 -28.45 52.33
C THR G 892 -0.73 -28.82 53.74
N ASP G 893 -1.85 -28.26 54.18
CA ASP G 893 -2.36 -28.52 55.52
C ASP G 893 -2.89 -29.95 55.60
N MET G 894 -2.16 -30.80 56.32
CA MET G 894 -2.53 -32.20 56.44
C MET G 894 -3.36 -32.43 57.69
N SER G 895 -4.02 -33.58 57.73
CA SER G 895 -4.75 -34.01 58.92
C SER G 895 -3.79 -34.73 59.86
N THR G 896 -4.31 -35.10 61.04
CA THR G 896 -3.48 -35.75 62.06
C THR G 896 -3.02 -37.13 61.61
N GLU G 897 -3.90 -37.89 60.95
CA GLU G 897 -3.53 -39.24 60.51
C GLU G 897 -2.44 -39.21 59.45
N GLN G 898 -2.60 -38.35 58.44
CA GLN G 898 -1.60 -38.22 57.38
C GLN G 898 -0.29 -37.70 57.94
N ALA G 899 -0.36 -36.72 58.84
CA ALA G 899 0.84 -36.17 59.45
C ALA G 899 1.57 -37.21 60.30
N ARG G 900 0.81 -38.07 61.01
CA ARG G 900 1.44 -39.09 61.82
C ARG G 900 2.08 -40.18 60.97
N VAL G 901 1.44 -40.56 59.87
CA VAL G 901 2.03 -41.57 58.98
C VAL G 901 3.31 -41.03 58.34
N ALA G 902 3.27 -39.78 57.85
CA ALA G 902 4.46 -39.17 57.26
C ALA G 902 5.56 -38.99 58.30
N LEU G 903 5.19 -38.64 59.54
CA LEU G 903 6.18 -38.52 60.60
C LEU G 903 6.81 -39.86 60.95
N ALA G 904 6.02 -40.93 60.94
CA ALA G 904 6.57 -42.26 61.18
C ALA G 904 7.59 -42.63 60.11
N GLU G 905 7.26 -42.34 58.84
CA GLU G 905 8.21 -42.60 57.76
C GLU G 905 9.48 -41.75 57.90
N VAL G 906 9.33 -40.48 58.26
CA VAL G 906 10.48 -39.58 58.39
C VAL G 906 11.36 -40.02 59.55
N VAL G 907 10.76 -40.43 60.68
CA VAL G 907 11.52 -40.89 61.83
C VAL G 907 12.25 -42.19 61.52
N GLU G 908 11.60 -43.10 60.79
CA GLU G 908 12.27 -44.33 60.37
C GLU G 908 13.47 -44.03 59.47
N LEU G 909 13.29 -43.11 58.52
CA LEU G 909 14.36 -42.73 57.61
C LEU G 909 15.52 -42.08 58.36
N LEU G 910 15.23 -41.22 59.33
CA LEU G 910 16.28 -40.52 60.06
C LEU G 910 17.02 -41.45 61.01
N ASP G 911 16.31 -42.38 61.66
CA ASP G 911 16.96 -43.37 62.50
C ASP G 911 17.84 -44.28 61.67
N ALA G 912 17.38 -44.65 60.47
CA ALA G 912 18.19 -45.45 59.57
C ALA G 912 19.44 -44.71 59.11
N ALA G 913 19.30 -43.41 58.84
CA ALA G 913 20.46 -42.60 58.46
C ALA G 913 21.46 -42.49 59.60
N GLU G 914 20.96 -42.35 60.83
CA GLU G 914 21.84 -42.32 62.00
C GLU G 914 22.58 -43.64 62.16
N ALA G 915 21.88 -44.76 61.95
CA ALA G 915 22.53 -46.07 62.03
C ALA G 915 23.59 -46.24 60.95
N LYS G 916 23.31 -45.80 59.72
CA LYS G 916 24.28 -45.93 58.63
C LYS G 916 25.49 -45.03 58.87
N ALA G 917 25.27 -43.81 59.37
CA ALA G 917 26.38 -42.92 59.69
C ALA G 917 27.23 -43.49 60.82
N MET G 918 26.59 -44.08 61.83
CA MET G 918 27.32 -44.71 62.92
C MET G 918 28.17 -45.87 62.44
N TYR G 919 27.62 -46.70 61.54
CA TYR G 919 28.40 -47.83 61.02
C TYR G 919 29.53 -47.35 60.11
N GLY G 920 29.30 -46.28 59.34
CA GLY G 920 30.35 -45.73 58.51
C GLY G 920 31.48 -45.11 59.32
N LEU G 921 31.17 -44.55 60.48
CA LEU G 921 32.22 -44.13 61.40
C LEU G 921 32.87 -45.32 62.10
N ALA G 922 32.11 -46.39 62.30
CA ALA G 922 32.63 -47.54 63.05
C ALA G 922 33.63 -48.34 62.23
N ILE G 923 33.37 -48.54 60.94
CA ILE G 923 34.30 -49.30 60.11
C ILE G 923 35.52 -48.49 59.70
N ASN G 924 35.52 -47.18 59.94
CA ASN G 924 36.66 -46.33 59.61
C ASN G 924 37.19 -45.64 60.86
N TRP G 925 37.36 -46.39 61.95
CA TRP G 925 37.72 -45.80 63.22
C TRP G 925 39.16 -45.29 63.24
N ARG G 926 40.09 -46.02 62.61
CA ARG G 926 41.47 -45.54 62.55
C ARG G 926 41.59 -44.30 61.69
N ALA G 927 40.83 -44.24 60.58
CA ALA G 927 40.81 -43.05 59.76
C ALA G 927 40.21 -41.85 60.50
N LEU G 928 39.14 -42.09 61.27
CA LEU G 928 38.55 -41.02 62.07
C LEU G 928 39.51 -40.53 63.14
N GLN G 929 40.22 -41.45 63.80
CA GLN G 929 41.21 -41.06 64.80
C GLN G 929 42.33 -40.25 64.19
N ALA G 930 42.81 -40.67 63.01
CA ALA G 930 43.88 -39.93 62.34
C ALA G 930 43.43 -38.55 61.92
N LEU G 931 42.21 -38.44 61.37
CA LEU G 931 41.71 -37.14 60.94
C LEU G 931 41.48 -36.21 62.12
N THR G 932 40.96 -36.75 63.23
CA THR G 932 40.76 -35.93 64.43
C THR G 932 42.08 -35.47 65.02
N GLN G 933 43.08 -36.36 65.06
CA GLN G 933 44.39 -35.98 65.59
C GLN G 933 45.06 -34.94 64.70
N ALA G 934 44.94 -35.09 63.38
CA ALA G 934 45.50 -34.11 62.46
C ALA G 934 44.78 -32.77 62.57
N LEU G 935 43.46 -32.78 62.77
CA LEU G 935 42.73 -31.55 62.95
C LEU G 935 43.12 -30.85 64.25
N LEU G 936 43.29 -31.63 65.33
CA LEU G 936 43.72 -31.05 66.60
C LEU G 936 45.13 -30.48 66.50
N ASP G 937 46.01 -31.14 65.74
CA ASP G 937 47.39 -30.67 65.64
C ASP G 937 47.53 -29.46 64.72
N ARG G 938 46.79 -29.43 63.60
CA ARG G 938 47.05 -28.45 62.55
C ARG G 938 46.00 -27.37 62.41
N GLY G 939 44.78 -27.58 62.92
CA GLY G 939 43.74 -26.57 62.80
C GLY G 939 42.98 -26.61 61.49
N THR G 940 43.61 -26.12 60.42
CA THR G 940 42.98 -26.04 59.11
C THR G 940 43.68 -27.00 58.16
N ILE G 941 42.91 -27.89 57.54
CA ILE G 941 43.45 -28.94 56.69
C ILE G 941 42.77 -28.87 55.33
N THR G 942 43.56 -28.86 54.26
CA THR G 942 43.01 -28.88 52.91
C THR G 942 42.38 -30.25 52.63
N GLY G 943 41.42 -30.27 51.69
CA GLY G 943 40.78 -31.52 51.31
C GLY G 943 41.73 -32.54 50.70
N LYS G 944 42.77 -32.07 49.99
CA LYS G 944 43.79 -32.98 49.49
C LYS G 944 44.54 -33.65 50.63
N GLU G 945 44.88 -32.88 51.67
CA GLU G 945 45.52 -33.46 52.85
C GLU G 945 44.57 -34.37 53.62
N VAL G 946 43.27 -34.05 53.62
CA VAL G 946 42.27 -34.93 54.24
C VAL G 946 42.24 -36.27 53.53
N ALA G 947 42.20 -36.24 52.19
CA ALA G 947 42.21 -37.47 51.41
C ALA G 947 43.50 -38.26 51.61
N HIS G 948 44.64 -37.54 51.70
CA HIS G 948 45.91 -38.20 51.95
C HIS G 948 45.92 -38.89 53.32
N ILE G 949 45.39 -38.23 54.35
CA ILE G 949 45.36 -38.80 55.69
C ILE G 949 44.47 -40.04 55.71
N LEU G 950 43.29 -39.94 55.10
CA LEU G 950 42.36 -41.07 55.12
C LEU G 950 42.90 -42.27 54.34
N GLU G 951 43.48 -42.04 53.16
CA GLU G 951 44.00 -43.14 52.37
C GLU G 951 45.29 -43.72 52.97
N SER G 952 46.07 -42.89 53.67
CA SER G 952 47.29 -43.38 54.30
C SER G 952 46.97 -44.22 55.53
N ASN G 953 46.01 -43.80 56.33
CA ASN G 953 45.67 -44.53 57.54
C ASN G 953 44.62 -45.59 57.31
N GLY G 954 44.12 -45.74 56.09
CA GLY G 954 43.29 -46.87 55.75
C GLY G 954 41.82 -46.58 55.93
N VAL G 955 41.11 -46.44 54.83
CA VAL G 955 39.69 -46.11 54.87
C VAL G 955 38.94 -47.07 53.96
N ILE G 956 37.67 -47.27 54.28
CA ILE G 956 36.79 -48.15 53.51
C ILE G 956 35.70 -47.27 52.92
N HIS G 957 35.71 -47.13 51.60
CA HIS G 957 34.66 -46.38 50.93
C HIS G 957 33.34 -47.14 51.01
N PHE G 958 32.24 -46.41 50.96
CA PHE G 958 30.93 -47.05 50.94
C PHE G 958 30.78 -47.81 49.62
N PRO G 959 30.29 -49.04 49.65
CA PRO G 959 30.00 -49.77 48.41
C PRO G 959 28.94 -49.04 47.61
N ASP G 960 29.31 -48.57 46.42
CA ASP G 960 28.38 -47.87 45.57
C ASP G 960 27.68 -48.87 44.68
N PRO G 961 26.36 -49.07 44.83
CA PRO G 961 25.64 -49.85 43.82
C PRO G 961 25.38 -48.98 42.60
N TYR G 962 24.72 -49.54 41.58
CA TYR G 962 24.40 -48.84 40.34
C TYR G 962 25.65 -48.35 39.62
N THR G 963 26.81 -48.94 39.89
CA THR G 963 28.04 -48.51 39.23
C THR G 963 28.95 -49.63 38.76
N THR G 964 28.83 -50.86 39.27
CA THR G 964 29.76 -51.94 38.96
C THR G 964 29.17 -53.26 39.43
N GLY G 965 29.30 -54.30 38.59
CA GLY G 965 28.98 -55.66 38.99
C GLY G 965 27.63 -56.14 38.50
N PHE G 966 27.11 -57.14 39.22
CA PHE G 966 25.75 -57.64 39.08
C PHE G 966 25.43 -58.18 37.69
N GLY G 967 26.09 -59.27 37.29
CA GLY G 967 25.78 -59.91 36.03
C GLY G 967 26.91 -60.75 35.48
N TRP G 968 26.56 -61.95 35.02
CA TRP G 968 27.52 -62.89 34.49
C TRP G 968 28.06 -62.40 33.15
N ASP G 969 29.28 -62.84 32.85
CA ASP G 969 29.94 -62.47 31.60
C ASP G 969 31.02 -63.51 31.31
N PRO G 970 31.00 -64.13 30.14
CA PRO G 970 32.02 -65.14 29.81
C PRO G 970 33.44 -64.59 29.77
N ASP G 971 33.61 -63.32 29.42
CA ASP G 971 34.94 -62.72 29.37
C ASP G 971 35.31 -62.13 30.73
N GLY G 1032 9.15 -64.62 56.54
CA GLY G 1032 9.31 -63.59 57.56
C GLY G 1032 8.32 -62.46 57.43
N TRP G 1033 8.83 -61.23 57.41
CA TRP G 1033 8.02 -60.03 57.32
C TRP G 1033 8.20 -59.38 55.96
N HIS G 1034 7.08 -59.05 55.31
CA HIS G 1034 7.14 -58.38 54.02
C HIS G 1034 7.47 -56.89 54.22
N TRP G 1035 7.72 -56.21 53.10
CA TRP G 1035 7.97 -54.78 53.12
C TRP G 1035 6.72 -53.95 52.84
N ASN G 1036 5.78 -54.50 52.07
CA ASN G 1036 4.52 -53.83 51.77
C ASN G 1036 3.46 -54.16 52.81
N MET G 1037 3.80 -53.95 54.07
CA MET G 1037 2.90 -54.27 55.16
C MET G 1037 1.80 -53.22 55.25
N PRO G 1038 0.53 -53.61 55.25
CA PRO G 1038 -0.54 -52.62 55.46
C PRO G 1038 -0.47 -52.02 56.85
N PHE G 1039 -0.78 -50.73 56.93
CA PHE G 1039 -0.63 -49.95 58.14
C PHE G 1039 -1.97 -49.46 58.64
N SER G 1040 -1.97 -48.85 59.82
CA SER G 1040 -3.19 -48.33 60.42
C SER G 1040 -2.85 -47.19 61.36
N VAL G 1041 -3.85 -46.36 61.65
CA VAL G 1041 -3.77 -45.28 62.62
C VAL G 1041 -4.83 -45.53 63.68
N LYS G 1042 -4.49 -45.23 64.94
CA LYS G 1042 -5.36 -45.55 66.07
C LYS G 1042 -6.71 -44.82 66.04
N THR G 1043 -6.71 -43.49 66.21
CA THR G 1043 -7.86 -42.60 66.02
C THR G 1043 -9.01 -43.01 66.95
N GLU G 1044 -8.80 -42.72 68.24
CA GLU G 1044 -9.84 -42.98 69.22
C GLU G 1044 -10.67 -41.71 69.43
N LEU G 1045 -11.64 -41.50 68.54
CA LEU G 1045 -12.46 -40.29 68.58
C LEU G 1045 -13.54 -40.39 69.65
N PRO G 1046 -13.94 -39.25 70.23
CA PRO G 1046 -15.06 -39.25 71.17
C PRO G 1046 -16.41 -39.16 70.47
N ASP G 1047 -17.46 -39.30 71.29
CA ASP G 1047 -18.82 -39.40 70.74
C ASP G 1047 -19.32 -38.09 70.16
N TRP G 1048 -18.98 -36.96 70.79
CA TRP G 1048 -19.40 -35.66 70.26
C TRP G 1048 -18.70 -35.37 68.93
N TYR G 1049 -17.43 -35.77 68.80
CA TYR G 1049 -16.73 -35.59 67.54
C TYR G 1049 -17.29 -36.51 66.46
N LYS G 1050 -17.66 -37.73 66.84
CA LYS G 1050 -18.32 -38.63 65.88
C LYS G 1050 -19.67 -38.08 65.46
N LYS G 1051 -20.41 -37.46 66.39
CA LYS G 1051 -21.69 -36.84 66.05
C LYS G 1051 -21.51 -35.66 65.10
N GLU G 1052 -20.49 -34.82 65.32
CA GLU G 1052 -20.22 -33.72 64.41
C GLU G 1052 -19.79 -34.22 63.04
N VAL G 1053 -18.97 -35.27 62.99
CA VAL G 1053 -18.54 -35.86 61.73
C VAL G 1053 -19.73 -36.42 60.97
N GLU G 1054 -20.64 -37.10 61.68
CA GLU G 1054 -21.86 -37.60 61.05
C GLU G 1054 -22.77 -36.48 60.58
N ARG G 1055 -22.82 -35.37 61.31
CA ARG G 1055 -23.64 -34.24 60.90
C ARG G 1055 -23.13 -33.61 59.62
N TYR G 1056 -21.82 -33.41 59.51
CA TYR G 1056 -21.25 -32.78 58.32
C TYR G 1056 -20.90 -33.78 57.23
N SER G 1057 -21.12 -35.06 57.45
CA SER G 1057 -20.83 -36.09 56.43
C SER G 1057 -22.08 -36.41 55.60
N TYR G 1058 -22.72 -35.38 55.06
CA TYR G 1058 -23.91 -35.58 54.23
C TYR G 1058 -24.04 -34.49 53.17
N GLU H 133 65.28 47.50 -91.54
CA GLU H 133 65.63 47.07 -90.20
C GLU H 133 65.09 45.67 -89.91
N ALA H 134 64.11 45.58 -89.00
CA ALA H 134 63.55 44.30 -88.59
C ALA H 134 62.60 43.79 -89.68
N LEU H 135 63.22 43.30 -90.77
CA LEU H 135 62.53 42.80 -91.96
C LEU H 135 61.56 43.84 -92.52
N LEU H 136 62.05 45.07 -92.65
CA LEU H 136 61.21 46.20 -93.07
C LEU H 136 60.69 46.03 -94.49
N ALA H 137 61.40 45.28 -95.32
CA ALA H 137 60.89 44.90 -96.63
C ALA H 137 60.21 43.54 -96.62
N LEU H 138 60.19 42.85 -95.49
CA LEU H 138 59.62 41.51 -95.41
C LEU H 138 58.48 41.38 -94.41
N VAL H 139 58.61 41.97 -93.22
CA VAL H 139 57.47 41.96 -92.28
C VAL H 139 56.41 42.96 -92.73
N ALA H 140 56.80 43.94 -93.55
CA ALA H 140 55.87 44.82 -94.24
C ALA H 140 55.48 44.14 -95.56
N GLN H 141 54.93 44.91 -96.50
CA GLN H 141 54.34 44.45 -97.76
C GLN H 141 53.12 43.56 -97.52
N ARG H 142 52.57 43.64 -96.31
CA ARG H 142 51.36 42.92 -95.88
C ARG H 142 51.47 41.42 -96.11
N VAL H 143 52.63 40.85 -95.74
CA VAL H 143 53.11 39.49 -96.01
C VAL H 143 52.59 38.91 -97.33
N ALA H 144 53.35 39.15 -98.41
CA ALA H 144 52.94 38.79 -99.78
C ALA H 144 51.56 39.38 -100.10
N ALA H 145 51.35 40.64 -99.71
CA ALA H 145 50.11 41.40 -99.83
C ALA H 145 48.92 40.71 -99.17
N GLU H 146 49.16 39.73 -98.31
CA GLU H 146 48.17 38.75 -97.86
C GLU H 146 47.33 38.25 -99.02
N ARG H 147 48.02 37.67 -100.01
CA ARG H 147 47.36 37.11 -101.18
C ARG H 147 46.65 35.79 -100.91
N MET H 148 46.61 35.35 -99.65
CA MET H 148 45.78 34.22 -99.25
C MET H 148 44.40 34.73 -98.86
N PHE H 149 43.37 34.15 -99.47
CA PHE H 149 41.99 34.61 -99.29
C PHE H 149 41.17 33.51 -98.63
N PHE H 150 39.96 33.86 -98.26
CA PHE H 150 38.98 32.94 -97.70
C PHE H 150 37.76 32.89 -98.62
N THR H 151 36.71 32.22 -98.18
CA THR H 151 35.46 32.14 -98.95
C THR H 151 34.31 31.98 -97.97
N LEU H 152 33.48 33.00 -97.84
CA LEU H 152 32.34 32.96 -96.93
C LEU H 152 31.08 32.85 -97.77
N GLU H 153 30.34 31.76 -97.60
CA GLU H 153 28.98 31.61 -98.12
C GLU H 153 28.84 31.88 -99.62
N ASP H 154 28.47 33.12 -99.97
CA ASP H 154 28.19 33.47 -101.36
C ASP H 154 29.45 33.87 -102.12
N GLY H 155 30.50 33.06 -102.03
CA GLY H 155 31.70 33.25 -102.82
C GLY H 155 32.52 34.49 -102.52
N SER H 156 32.20 35.21 -101.45
CA SER H 156 32.93 36.43 -101.13
C SER H 156 34.29 36.07 -100.55
N LYS H 157 35.34 36.69 -101.08
CA LYS H 157 36.71 36.43 -100.67
C LYS H 157 37.21 37.56 -99.78
N VAL H 158 37.77 37.20 -98.64
CA VAL H 158 38.28 38.16 -97.66
C VAL H 158 39.73 37.81 -97.37
N SER H 159 40.52 38.86 -97.11
CA SER H 159 41.94 38.67 -96.85
C SER H 159 42.18 38.20 -95.42
N LEU H 160 43.28 37.45 -95.25
CA LEU H 160 43.66 36.97 -93.92
C LEU H 160 44.05 38.13 -93.01
N TRP H 161 44.62 39.20 -93.56
CA TRP H 161 44.89 40.39 -92.74
C TRP H 161 43.60 41.02 -92.25
N ASP H 162 42.58 41.10 -93.12
CA ASP H 162 41.28 41.62 -92.71
C ASP H 162 40.67 40.76 -91.61
N LEU H 163 40.75 39.43 -91.76
CA LEU H 163 40.14 38.56 -90.76
C LEU H 163 40.92 38.57 -89.44
N GLN H 164 42.25 38.69 -89.52
CA GLN H 164 43.06 38.79 -88.31
C GLN H 164 42.81 40.10 -87.58
N GLN H 165 42.63 41.20 -88.34
CA GLN H 165 42.21 42.45 -87.72
C GLN H 165 40.82 42.33 -87.12
N TYR H 166 39.94 41.54 -87.74
CA TYR H 166 38.60 41.34 -87.22
C TYR H 166 38.61 40.58 -85.90
N VAL H 167 39.52 39.61 -85.73
CA VAL H 167 39.62 38.95 -84.43
C VAL H 167 40.54 39.64 -83.43
N ASP H 168 41.38 40.57 -83.85
CA ASP H 168 42.35 41.18 -82.95
C ASP H 168 41.98 42.61 -82.57
N ASN H 169 41.79 43.49 -83.56
CA ASN H 169 41.53 44.90 -83.30
C ASN H 169 40.04 45.22 -83.25
N ASN H 170 39.19 44.23 -83.07
CA ASN H 170 37.75 44.43 -82.92
C ASN H 170 37.32 43.72 -81.63
N PRO H 171 37.64 44.28 -80.49
CA PRO H 171 37.41 43.54 -79.25
C PRO H 171 36.09 43.87 -78.57
N GLU H 172 35.40 44.93 -79.03
CA GLU H 172 34.05 45.23 -78.55
C GLU H 172 33.11 44.08 -78.84
N LEU H 173 33.18 43.55 -80.07
CA LEU H 173 32.35 42.41 -80.43
C LEU H 173 32.80 41.18 -79.65
N ALA H 174 34.09 41.07 -79.34
CA ALA H 174 34.56 39.96 -78.52
C ALA H 174 34.04 40.04 -77.09
N ALA H 175 33.75 41.24 -76.60
CA ALA H 175 33.15 41.40 -75.28
C ALA H 175 31.75 40.76 -75.25
N LEU H 176 30.98 40.95 -76.32
CA LEU H 176 29.74 40.19 -76.46
C LEU H 176 30.01 38.71 -76.63
N ALA H 177 31.09 38.37 -77.34
CA ALA H 177 31.37 36.96 -77.66
C ALA H 177 31.64 36.14 -76.40
N ALA H 178 32.37 36.71 -75.44
CA ALA H 178 32.59 36.01 -74.18
C ALA H 178 31.59 36.47 -73.11
N SER H 179 30.32 36.51 -73.49
CA SER H 179 29.28 36.81 -72.51
C SER H 179 27.99 36.03 -72.75
N VAL H 180 27.95 35.25 -73.84
CA VAL H 180 26.80 34.50 -74.39
C VAL H 180 25.47 35.26 -74.25
N ARG H 181 25.52 36.57 -74.48
CA ARG H 181 24.31 37.39 -74.36
C ARG H 181 23.40 37.15 -75.56
N ARG H 182 22.10 37.06 -75.30
CA ARG H 182 21.12 36.91 -76.37
C ARG H 182 20.59 38.27 -76.78
N ILE H 183 20.40 38.43 -78.10
CA ILE H 183 20.03 39.72 -78.67
C ILE H 183 18.72 39.61 -79.44
N ALA H 184 18.63 38.59 -80.31
CA ALA H 184 17.53 38.29 -81.24
C ALA H 184 17.43 39.36 -82.34
N VAL H 185 17.40 38.90 -83.61
CA VAL H 185 17.30 39.79 -84.77
C VAL H 185 15.92 40.40 -84.91
N ALA H 186 15.82 41.39 -85.79
CA ALA H 186 14.56 41.93 -86.25
C ALA H 186 14.33 41.53 -87.69
N ASP H 187 13.07 41.41 -88.06
CA ASP H 187 12.72 41.06 -89.43
C ASP H 187 12.99 42.24 -90.35
N PRO H 188 13.83 42.10 -91.38
CA PRO H 188 14.12 43.25 -92.26
C PRO H 188 12.99 43.58 -93.21
N GLU H 189 12.18 42.60 -93.61
CA GLU H 189 11.08 42.83 -94.53
C GLU H 189 9.76 43.12 -93.83
N ASP H 190 9.80 43.40 -92.53
CA ASP H 190 8.60 43.71 -91.76
C ASP H 190 8.53 45.20 -91.47
N PRO H 191 7.36 45.82 -91.70
CA PRO H 191 7.23 47.25 -91.41
C PRO H 191 7.31 47.61 -89.92
N ALA H 192 7.23 46.63 -89.01
CA ALA H 192 7.03 46.91 -87.59
C ALA H 192 7.94 46.07 -86.70
N GLY H 193 9.23 46.02 -87.02
CA GLY H 193 10.13 45.24 -86.18
C GLY H 193 9.88 43.75 -86.27
N ARG H 194 9.18 43.21 -85.26
CA ARG H 194 8.79 41.81 -85.12
C ARG H 194 10.00 40.90 -85.01
N PRO H 195 10.63 40.83 -83.81
CA PRO H 195 11.79 39.94 -83.58
C PRO H 195 11.64 38.55 -84.14
N LEU H 196 12.62 38.13 -84.94
CA LEU H 196 12.49 36.93 -85.74
C LEU H 196 12.47 35.70 -84.84
N PRO H 197 11.59 34.74 -85.12
CA PRO H 197 11.49 33.54 -84.26
C PRO H 197 12.71 32.65 -84.42
N GLY H 198 13.52 32.61 -83.37
CA GLY H 198 14.64 31.71 -83.31
C GLY H 198 14.55 30.87 -82.05
N GLY H 199 15.20 29.72 -82.10
CA GLY H 199 15.26 28.83 -80.97
C GLY H 199 16.58 28.79 -80.25
N GLY H 200 17.47 29.77 -80.46
CA GLY H 200 18.86 29.62 -80.08
C GLY H 200 19.05 29.37 -78.60
N ALA H 201 19.20 28.09 -78.33
CA ALA H 201 19.64 27.50 -77.08
C ALA H 201 20.42 26.24 -77.46
N SER H 202 21.32 26.35 -78.43
CA SER H 202 21.99 25.17 -78.97
C SER H 202 22.83 24.50 -77.88
N GLY H 203 23.12 23.21 -78.10
CA GLY H 203 23.80 22.34 -77.16
C GLY H 203 25.02 22.93 -76.47
N LEU H 204 25.88 23.59 -77.25
CA LEU H 204 27.02 24.29 -76.68
C LEU H 204 26.59 25.45 -75.79
N ASP H 205 25.52 26.16 -76.17
CA ASP H 205 25.06 27.29 -75.38
C ASP H 205 24.44 26.85 -74.06
N ARG H 206 23.56 25.85 -74.11
CA ARG H 206 22.93 25.34 -72.89
C ARG H 206 23.90 24.57 -72.01
N SER H 207 24.95 24.01 -72.58
CA SER H 207 25.83 23.12 -71.84
C SER H 207 26.90 23.87 -71.07
N ARG H 208 26.97 25.20 -71.18
CA ARG H 208 28.05 25.99 -70.60
C ARG H 208 28.10 25.92 -69.07
N GLY H 209 27.00 25.53 -68.43
CA GLY H 209 27.01 25.32 -66.99
C GLY H 209 27.39 23.93 -66.55
N LEU H 210 27.42 22.98 -67.47
CA LEU H 210 27.78 21.60 -67.13
C LEU H 210 29.27 21.50 -66.85
N THR H 211 29.68 20.33 -66.35
CA THR H 211 31.07 20.05 -66.07
C THR H 211 31.54 18.87 -66.90
N GLY H 212 32.83 18.89 -67.24
CA GLY H 212 33.43 17.79 -67.97
C GLY H 212 33.15 17.83 -69.47
N ALA H 213 31.92 17.53 -69.85
CA ALA H 213 31.55 17.41 -71.26
C ALA H 213 30.25 18.14 -71.52
N ALA H 214 30.08 18.59 -72.76
CA ALA H 214 28.85 19.23 -73.19
C ALA H 214 27.77 18.19 -73.47
N HIS H 215 26.62 18.64 -73.95
CA HIS H 215 25.50 17.75 -74.24
C HIS H 215 24.68 18.34 -75.37
N MET H 216 24.49 17.56 -76.42
CA MET H 216 23.64 17.94 -77.53
C MET H 216 22.51 16.93 -77.71
N SER H 217 21.76 17.10 -78.80
CA SER H 217 20.59 16.27 -79.07
C SER H 217 20.79 15.37 -80.29
N GLY H 218 22.03 15.13 -80.68
CA GLY H 218 22.31 14.27 -81.83
C GLY H 218 22.33 15.00 -83.16
N GLN H 219 21.28 15.78 -83.45
CA GLN H 219 21.27 16.58 -84.66
C GLN H 219 22.28 17.71 -84.60
N GLU H 220 22.41 18.35 -83.44
CA GLU H 220 23.41 19.40 -83.28
C GLU H 220 24.82 18.84 -83.25
N ALA H 221 24.98 17.57 -82.85
CA ALA H 221 26.27 16.92 -82.97
C ALA H 221 26.54 16.48 -84.41
N GLU H 222 25.49 16.19 -85.18
CA GLU H 222 25.65 15.95 -86.60
C GLU H 222 26.10 17.23 -87.30
N GLU H 223 25.54 18.36 -86.91
CA GLU H 223 26.06 19.66 -87.31
C GLU H 223 27.32 19.97 -86.50
N LEU H 224 27.93 21.12 -86.79
CA LEU H 224 29.18 21.57 -86.16
C LEU H 224 30.28 20.53 -86.29
N GLU H 225 30.33 19.88 -87.46
CA GLU H 225 31.19 18.73 -87.74
C GLU H 225 30.99 17.65 -86.68
N LEU H 226 31.90 17.59 -85.70
CA LEU H 226 31.82 16.68 -84.55
C LEU H 226 31.72 15.22 -84.99
N ASP H 227 32.68 14.79 -85.79
CA ASP H 227 32.61 13.47 -86.42
C ASP H 227 33.55 12.46 -85.79
N TRP H 228 34.18 12.78 -84.66
CA TRP H 228 35.07 11.83 -83.99
C TRP H 228 34.27 11.10 -82.91
N GLY H 229 33.76 9.93 -83.26
CA GLY H 229 32.97 9.17 -82.31
C GLY H 229 33.85 8.32 -81.42
N GLN H 230 33.39 8.10 -80.18
CA GLN H 230 34.12 7.28 -79.24
C GLN H 230 34.03 5.81 -79.63
N VAL H 231 35.17 5.12 -79.62
CA VAL H 231 35.21 3.70 -79.93
C VAL H 231 35.66 2.84 -78.76
N GLY H 232 36.26 3.42 -77.72
CA GLY H 232 36.70 2.60 -76.61
C GLY H 232 36.98 3.42 -75.38
N ARG H 233 36.89 2.76 -74.24
CA ARG H 233 37.21 3.34 -72.94
C ARG H 233 38.36 2.56 -72.32
N GLY H 234 39.07 3.21 -71.40
CA GLY H 234 40.18 2.55 -70.75
C GLY H 234 40.67 3.32 -69.56
N ALA H 235 41.78 2.86 -69.00
CA ALA H 235 42.40 3.50 -67.85
C ALA H 235 43.87 3.12 -67.79
N LEU H 236 44.70 4.07 -67.39
CA LEU H 236 46.13 3.83 -67.18
C LEU H 236 46.34 3.66 -65.68
N TRP H 237 46.35 2.42 -65.22
CA TRP H 237 46.39 2.12 -63.80
C TRP H 237 47.80 2.25 -63.24
N ARG H 238 47.90 2.85 -62.06
CA ARG H 238 49.14 2.74 -61.28
C ARG H 238 49.18 1.41 -60.55
N ARG H 239 48.18 1.17 -59.69
CA ARG H 239 47.97 -0.12 -59.06
C ARG H 239 46.55 -0.57 -59.40
N ARG H 240 46.44 -1.74 -60.01
CA ARG H 240 45.17 -2.18 -60.58
C ARG H 240 44.22 -2.59 -59.45
N PRO H 241 42.98 -2.11 -59.44
CA PRO H 241 42.04 -2.45 -58.36
C PRO H 241 41.64 -3.92 -58.43
N THR H 242 41.89 -4.64 -57.35
CA THR H 242 41.43 -6.01 -57.20
C THR H 242 40.04 -6.02 -56.60
N ARG H 243 39.24 -7.02 -56.99
CA ARG H 243 37.93 -7.17 -56.36
C ARG H 243 38.04 -7.60 -54.91
N TRP H 244 39.17 -8.20 -54.54
CA TRP H 244 39.54 -8.45 -53.15
C TRP H 244 40.21 -7.22 -52.56
N LEU H 245 40.94 -7.39 -51.45
CA LEU H 245 41.42 -6.32 -50.58
C LEU H 245 40.15 -5.69 -50.01
N LEU H 246 39.99 -4.38 -50.03
CA LEU H 246 38.80 -3.70 -49.54
C LEU H 246 38.13 -3.12 -50.77
N GLY H 247 37.41 -3.96 -51.50
CA GLY H 247 36.66 -3.54 -52.66
C GLY H 247 37.46 -3.00 -53.83
N GLY H 248 38.77 -2.81 -53.68
CA GLY H 248 39.57 -2.11 -54.66
C GLY H 248 40.16 -0.81 -54.13
N LEU H 249 40.49 -0.78 -52.83
CA LEU H 249 41.05 0.42 -52.23
C LEU H 249 42.51 0.66 -52.59
N ASP H 250 43.14 -0.21 -53.38
CA ASP H 250 44.45 0.05 -53.95
C ASP H 250 44.36 0.59 -55.37
N GLY H 251 43.16 0.93 -55.83
CA GLY H 251 42.94 1.32 -57.22
C GLY H 251 43.29 2.76 -57.53
N VAL H 252 44.58 3.05 -57.68
CA VAL H 252 45.04 4.37 -58.08
C VAL H 252 44.98 4.46 -59.59
N LYS H 253 44.25 5.45 -60.10
CA LYS H 253 44.12 5.68 -61.53
C LYS H 253 44.93 6.92 -61.92
N ASP H 254 45.84 6.75 -62.87
CA ASP H 254 46.63 7.87 -63.37
C ASP H 254 45.88 8.64 -64.46
N TRP H 255 45.31 7.92 -65.43
CA TRP H 255 44.60 8.53 -66.54
C TRP H 255 43.39 7.69 -66.89
N GLU H 256 42.41 8.35 -67.48
CA GLU H 256 41.29 7.69 -68.14
C GLU H 256 41.50 7.78 -69.64
N LEU H 257 41.46 6.64 -70.31
CA LEU H 257 41.83 6.54 -71.72
C LEU H 257 40.55 6.41 -72.53
N GLU H 258 40.38 7.31 -73.50
CA GLU H 258 39.30 7.19 -74.48
C GLU H 258 39.91 7.25 -75.87
N ALA H 259 39.34 6.49 -76.79
CA ALA H 259 39.77 6.50 -78.18
C ALA H 259 38.63 6.98 -79.05
N TYR H 260 38.95 7.80 -80.05
CA TYR H 260 37.95 8.35 -80.94
C TYR H 260 38.42 8.18 -82.37
N ALA H 261 37.48 7.88 -83.26
CA ALA H 261 37.76 7.69 -84.67
C ALA H 261 36.80 8.51 -85.51
N HIS H 262 37.29 8.94 -86.68
CA HIS H 262 36.44 9.65 -87.63
C HIS H 262 35.46 8.66 -88.26
N GLU H 263 34.19 8.79 -87.91
CA GLU H 263 33.18 7.85 -88.39
C GLU H 263 32.98 7.84 -89.90
N PRO H 264 32.89 8.98 -90.62
CA PRO H 264 32.83 8.86 -92.10
C PRO H 264 34.05 8.21 -92.72
N LEU H 265 35.25 8.49 -92.19
CA LEU H 265 36.44 7.83 -92.71
C LEU H 265 36.51 6.38 -92.28
N ALA H 266 36.00 6.06 -91.09
CA ALA H 266 35.89 4.66 -90.68
C ALA H 266 34.98 3.89 -91.61
N ASN H 267 33.86 4.50 -92.00
CA ASN H 267 32.96 3.88 -92.97
C ASN H 267 33.66 3.71 -94.31
N GLN H 268 34.27 4.78 -94.83
CA GLN H 268 34.87 4.75 -96.16
C GLN H 268 36.03 3.77 -96.26
N LEU H 269 36.76 3.55 -95.16
CA LEU H 269 37.87 2.60 -95.20
C LEU H 269 37.45 1.20 -94.75
N LEU H 270 37.04 1.05 -93.50
CA LEU H 270 36.78 -0.27 -92.96
C LEU H 270 35.40 -0.80 -93.31
N GLY H 271 34.60 -0.05 -94.08
CA GLY H 271 33.26 -0.48 -94.37
C GLY H 271 33.07 -1.04 -95.76
N ALA H 272 33.80 -0.50 -96.73
CA ALA H 272 33.72 -1.05 -98.07
C ALA H 272 34.55 -2.31 -98.24
N LYS H 273 35.43 -2.63 -97.28
CA LYS H 273 36.09 -3.93 -97.24
C LYS H 273 35.50 -4.84 -96.17
N TYR H 274 35.52 -4.41 -94.91
CA TYR H 274 34.98 -5.21 -93.81
C TYR H 274 33.56 -4.77 -93.47
N GLY H 275 32.69 -4.86 -94.45
CA GLY H 275 31.29 -4.52 -94.27
C GLY H 275 30.38 -5.57 -94.87
N GLY H 276 29.32 -5.90 -94.15
CA GLY H 276 28.41 -6.94 -94.56
C GLY H 276 28.85 -8.35 -94.25
N ARG H 277 29.99 -8.52 -93.59
CA ARG H 277 30.49 -9.83 -93.18
C ARG H 277 30.10 -10.10 -91.74
N ASP H 278 30.44 -11.29 -91.27
CA ASP H 278 30.21 -11.64 -89.87
C ASP H 278 31.18 -10.84 -89.01
N PRO H 279 30.70 -10.00 -88.10
CA PRO H 279 31.62 -9.20 -87.27
C PRO H 279 32.52 -10.02 -86.38
N ARG H 280 32.04 -11.16 -85.88
CA ARG H 280 32.89 -12.03 -85.07
C ARG H 280 34.03 -12.62 -85.90
N ALA H 281 33.74 -13.03 -87.13
CA ALA H 281 34.79 -13.52 -88.02
C ALA H 281 35.77 -12.42 -88.38
N VAL H 282 35.26 -11.19 -88.58
CA VAL H 282 36.11 -10.07 -88.91
C VAL H 282 37.07 -9.75 -87.78
N VAL H 283 36.56 -9.62 -86.55
CA VAL H 283 37.42 -9.35 -85.40
C VAL H 283 38.27 -10.55 -85.00
N ALA H 284 37.90 -11.76 -85.45
CA ALA H 284 38.76 -12.91 -85.22
C ALA H 284 39.98 -12.99 -86.15
N ASP H 285 39.83 -12.45 -87.36
CA ASP H 285 40.92 -12.45 -88.38
C ASP H 285 42.03 -11.50 -87.92
N PRO H 286 43.31 -11.92 -87.95
CA PRO H 286 44.42 -11.05 -87.58
C PRO H 286 44.67 -10.00 -88.66
N ALA H 287 44.09 -10.17 -89.85
CA ALA H 287 44.22 -9.14 -90.90
C ALA H 287 43.45 -7.86 -90.59
N TYR H 288 42.29 -8.00 -89.92
CA TYR H 288 41.53 -6.83 -89.49
C TYR H 288 42.29 -6.04 -88.42
N ALA H 289 42.93 -6.73 -87.47
CA ALA H 289 43.72 -6.05 -86.46
C ALA H 289 44.91 -5.33 -87.08
N ALA H 290 45.58 -6.00 -88.03
CA ALA H 290 46.68 -5.35 -88.76
C ALA H 290 46.18 -4.15 -89.55
N ASP H 291 44.99 -4.25 -90.15
CA ASP H 291 44.48 -3.16 -90.96
C ASP H 291 44.04 -1.96 -90.11
N VAL H 292 43.42 -2.22 -88.95
CA VAL H 292 43.05 -1.10 -88.09
C VAL H 292 44.27 -0.52 -87.40
N LEU H 293 45.38 -1.26 -87.31
CA LEU H 293 46.61 -0.63 -86.85
C LEU H 293 47.26 0.20 -87.97
N ARG H 294 47.19 -0.28 -89.21
CA ARG H 294 47.86 0.42 -90.30
C ARG H 294 47.12 1.69 -90.68
N ALA H 295 45.78 1.61 -90.73
CA ALA H 295 44.95 2.71 -91.19
C ALA H 295 44.57 3.66 -90.08
N GLY H 296 45.31 3.65 -88.99
CA GLY H 296 45.03 4.53 -87.88
C GLY H 296 45.16 6.02 -88.12
N PRO H 297 46.28 6.45 -88.69
CA PRO H 297 46.36 7.84 -89.15
C PRO H 297 45.28 8.20 -90.15
N LEU H 298 44.87 7.25 -91.01
CA LEU H 298 43.81 7.54 -91.97
C LEU H 298 42.47 7.74 -91.26
N LEU H 299 42.19 6.93 -90.24
CA LEU H 299 40.98 7.15 -89.44
C LEU H 299 41.10 8.35 -88.53
N GLY H 300 42.32 8.83 -88.29
CA GLY H 300 42.51 9.96 -87.39
C GLY H 300 42.18 9.64 -85.96
N MET H 301 42.67 8.48 -85.50
CA MET H 301 42.46 8.03 -84.13
C MET H 301 43.05 9.01 -83.13
N THR H 302 42.18 9.71 -82.40
CA THR H 302 42.62 10.62 -81.37
C THR H 302 42.32 10.01 -80.01
N PHE H 303 43.34 9.98 -79.16
CA PHE H 303 43.25 9.37 -77.84
C PHE H 303 43.25 10.49 -76.81
N VAL H 304 42.22 10.51 -75.97
CA VAL H 304 42.07 11.50 -74.92
C VAL H 304 42.42 10.84 -73.60
N LEU H 305 43.45 11.35 -72.96
CA LEU H 305 43.94 10.84 -71.67
C LEU H 305 43.58 11.92 -70.66
N ARG H 306 42.55 11.67 -69.88
CA ARG H 306 42.06 12.63 -68.90
C ARG H 306 42.64 12.29 -67.53
N ALA H 307 43.30 13.26 -66.91
CA ALA H 307 44.00 12.99 -65.66
C ALA H 307 42.99 12.82 -64.53
N ALA H 308 43.08 11.68 -63.84
CA ALA H 308 42.21 11.38 -62.71
C ALA H 308 42.92 11.62 -61.37
N ARG H 309 44.05 12.31 -61.39
CA ARG H 309 44.84 12.56 -60.19
C ARG H 309 45.69 13.78 -60.42
N ASP H 310 46.15 14.39 -59.32
CA ASP H 310 47.13 15.48 -59.38
C ASP H 310 48.49 14.84 -59.65
N LEU H 311 48.81 14.68 -60.92
CA LEU H 311 49.98 13.86 -61.20
C LEU H 311 51.23 14.72 -61.25
N PRO H 312 52.33 14.30 -60.62
CA PRO H 312 53.60 15.01 -60.79
C PRO H 312 54.04 15.01 -62.24
N LEU H 313 54.63 16.11 -62.65
CA LEU H 313 54.96 16.31 -64.05
C LEU H 313 56.11 15.40 -64.48
N GLN H 314 57.15 15.30 -63.64
CA GLN H 314 58.32 14.51 -63.98
C GLN H 314 58.00 13.02 -64.05
N GLU H 315 57.14 12.54 -63.13
CA GLU H 315 56.75 11.14 -63.14
C GLU H 315 55.99 10.78 -64.41
N VAL H 316 55.06 11.63 -64.83
CA VAL H 316 54.27 11.36 -66.03
C VAL H 316 55.14 11.44 -67.27
N ALA H 317 56.05 12.43 -67.33
CA ALA H 317 56.96 12.53 -68.46
C ALA H 317 57.88 11.31 -68.56
N SER H 318 58.41 10.86 -67.42
CA SER H 318 59.26 9.66 -67.42
C SER H 318 58.48 8.42 -67.81
N SER H 319 57.25 8.28 -67.31
CA SER H 319 56.43 7.12 -67.63
C SER H 319 56.11 7.06 -69.12
N TRP H 320 55.70 8.20 -69.70
CA TRP H 320 55.36 8.23 -71.11
C TRP H 320 56.59 8.02 -71.98
N ARG H 321 57.73 8.62 -71.60
CA ARG H 321 58.97 8.42 -72.34
C ARG H 321 59.41 6.97 -72.32
N GLY H 322 59.33 6.32 -71.14
CA GLY H 322 59.71 4.93 -71.05
C GLY H 322 58.79 4.00 -71.82
N LEU H 323 57.47 4.23 -71.72
CA LEU H 323 56.52 3.39 -72.44
C LEU H 323 56.67 3.55 -73.95
N LEU H 324 56.80 4.79 -74.42
CA LEU H 324 56.91 5.01 -75.85
C LEU H 324 58.26 4.56 -76.40
N GLY H 325 59.32 4.61 -75.58
CA GLY H 325 60.57 4.00 -76.00
C GLY H 325 60.50 2.49 -76.09
N ASN H 326 59.80 1.85 -75.14
CA ASN H 326 59.60 0.41 -75.18
C ASN H 326 58.80 0.01 -76.41
N TYR H 327 57.81 0.81 -76.80
CA TYR H 327 57.05 0.52 -78.00
C TYR H 327 57.78 0.91 -79.29
N LEU H 328 58.73 1.84 -79.20
CA LEU H 328 59.55 2.17 -80.37
C LEU H 328 60.62 1.12 -80.62
N GLN H 329 61.06 0.42 -79.58
CA GLN H 329 62.04 -0.64 -79.78
C GLN H 329 61.47 -1.86 -80.50
N ARG H 330 60.15 -2.00 -80.55
CA ARG H 330 59.50 -3.10 -81.25
C ARG H 330 58.83 -2.66 -82.55
N GLN H 331 58.91 -1.38 -82.88
CA GLN H 331 58.30 -0.89 -84.12
C GLN H 331 59.18 -1.31 -85.28
N ALA H 332 58.87 -2.49 -85.83
CA ALA H 332 59.56 -3.00 -86.99
C ALA H 332 59.22 -2.15 -88.21
N PRO H 333 60.08 -2.15 -89.25
CA PRO H 333 59.70 -1.51 -90.51
C PRO H 333 58.41 -2.07 -91.06
N LEU H 334 57.37 -1.23 -91.07
CA LEU H 334 56.02 -1.68 -91.40
C LEU H 334 55.39 -0.76 -92.44
N SER H 335 54.08 -0.87 -92.63
CA SER H 335 53.41 -0.31 -93.78
C SER H 335 52.77 1.04 -93.49
N LEU H 336 52.90 1.94 -94.46
CA LEU H 336 52.38 3.30 -94.46
C LEU H 336 51.70 3.60 -95.79
N PRO H 337 50.74 4.53 -95.81
CA PRO H 337 50.13 4.93 -97.10
C PRO H 337 51.08 5.78 -97.93
N LYS H 338 50.73 5.91 -99.21
CA LYS H 338 51.40 6.84 -100.11
C LYS H 338 50.35 7.72 -100.79
N ALA H 339 50.74 8.95 -101.08
CA ALA H 339 49.81 9.94 -101.61
C ALA H 339 49.46 9.64 -103.05
N VAL H 340 48.17 9.75 -103.38
CA VAL H 340 47.71 9.51 -104.75
C VAL H 340 47.33 10.84 -105.40
N ARG H 341 47.02 11.85 -104.59
CA ARG H 341 46.76 13.18 -105.14
C ARG H 341 47.36 14.27 -104.26
N PRO H 342 48.15 15.18 -104.82
CA PRO H 342 48.75 16.26 -104.03
C PRO H 342 47.83 17.46 -103.86
N ALA H 343 48.40 18.55 -103.33
CA ALA H 343 47.82 19.88 -103.28
C ALA H 343 46.62 19.98 -102.34
N HIS H 344 45.50 20.50 -102.86
CA HIS H 344 44.28 20.90 -102.15
C HIS H 344 44.54 22.13 -101.28
N LEU H 345 43.52 22.99 -101.16
CA LEU H 345 43.55 24.22 -100.36
C LEU H 345 44.70 25.15 -100.79
N ASP H 346 44.60 25.62 -102.04
CA ASP H 346 45.53 26.59 -102.56
C ASP H 346 45.35 27.93 -101.85
N PRO H 347 46.41 28.78 -101.81
CA PRO H 347 46.29 30.04 -101.05
C PRO H 347 45.41 31.10 -101.70
N THR H 348 44.19 30.73 -102.09
CA THR H 348 43.10 31.65 -102.42
C THR H 348 41.76 31.16 -101.86
N ASP H 349 41.64 29.88 -101.52
CA ASP H 349 40.40 29.31 -101.03
C ASP H 349 40.66 28.45 -99.80
N LEU H 350 41.35 29.04 -98.80
CA LEU H 350 41.69 28.33 -97.58
C LEU H 350 40.46 27.86 -96.80
N ASN H 351 39.30 28.49 -97.02
CA ASN H 351 38.07 28.03 -96.40
C ASN H 351 37.54 26.76 -97.04
N GLY H 352 37.87 26.52 -98.33
CA GLY H 352 37.29 25.42 -99.06
C GLY H 352 38.12 24.15 -99.01
N VAL H 353 37.49 23.05 -99.44
CA VAL H 353 38.12 21.74 -99.47
C VAL H 353 37.92 21.14 -100.86
N ALA H 354 38.72 20.13 -101.17
CA ALA H 354 38.68 19.50 -102.48
C ALA H 354 37.88 18.21 -102.52
N TRP H 355 37.61 17.59 -101.37
CA TRP H 355 36.93 16.29 -101.34
C TRP H 355 35.48 16.26 -101.85
N PRO H 356 34.63 17.29 -101.68
CA PRO H 356 33.30 17.17 -102.30
C PRO H 356 33.34 17.21 -103.83
N ALA H 357 34.21 18.05 -104.40
CA ALA H 357 34.39 18.03 -105.85
C ALA H 357 35.07 16.76 -106.32
N LEU H 358 35.94 16.18 -105.49
CA LEU H 358 36.59 14.92 -105.84
C LEU H 358 35.60 13.76 -105.84
N LEU H 359 34.67 13.75 -104.89
CA LEU H 359 33.71 12.67 -104.77
C LEU H 359 32.46 12.87 -105.63
N SER H 360 32.19 14.09 -106.09
CA SER H 360 31.05 14.37 -106.96
C SER H 360 31.51 14.70 -108.37
N ARG H 361 32.54 14.00 -108.84
CA ARG H 361 33.06 14.21 -110.18
C ARG H 361 32.08 13.65 -111.22
N PRO H 362 32.17 14.10 -112.47
CA PRO H 362 31.31 13.53 -113.52
C PRO H 362 31.52 12.05 -113.79
N ALA H 363 32.66 11.47 -113.38
CA ALA H 363 32.86 10.03 -113.49
C ALA H 363 33.30 9.39 -112.18
N ALA H 364 33.94 10.17 -111.29
CA ALA H 364 34.30 9.77 -109.93
C ALA H 364 35.32 8.64 -109.89
N ALA H 365 34.83 7.40 -109.73
CA ALA H 365 35.66 6.22 -109.54
C ALA H 365 36.70 6.04 -110.64
N ALA H 366 36.29 6.27 -111.89
CA ALA H 366 37.19 6.14 -113.04
C ALA H 366 38.35 7.13 -112.93
N HIS H 367 38.03 8.39 -112.64
CA HIS H 367 39.04 9.43 -112.46
C HIS H 367 39.98 9.12 -111.31
N ALA H 368 39.42 8.65 -110.19
CA ALA H 368 40.20 8.32 -109.02
C ALA H 368 41.16 7.16 -109.30
N ALA H 369 40.67 6.14 -109.99
CA ALA H 369 41.51 5.00 -110.37
C ALA H 369 42.60 5.42 -111.33
N ALA H 370 42.27 6.32 -112.27
CA ALA H 370 43.27 6.85 -113.21
C ALA H 370 44.37 7.61 -112.47
N GLU H 371 44.00 8.42 -111.48
CA GLU H 371 44.99 9.05 -110.64
C GLU H 371 45.83 8.02 -109.87
N ALA H 372 45.16 7.00 -109.34
CA ALA H 372 45.80 5.93 -108.57
C ALA H 372 46.90 5.22 -109.36
N GLU H 373 46.57 4.75 -110.56
CA GLU H 373 47.54 3.96 -111.33
C GLU H 373 48.71 4.82 -111.81
N ALA H 374 48.56 6.15 -111.78
CA ALA H 374 49.63 7.05 -112.18
C ALA H 374 50.55 7.36 -111.00
N ALA H 375 50.53 6.50 -109.98
CA ALA H 375 51.28 6.68 -108.74
C ALA H 375 51.22 5.40 -107.91
N GLY H 376 50.31 5.34 -106.95
CA GLY H 376 50.09 4.11 -106.20
C GLY H 376 48.71 3.54 -106.40
N ALA H 377 48.62 2.44 -107.14
CA ALA H 377 47.35 1.79 -107.43
C ALA H 377 47.02 0.83 -106.30
N VAL H 378 45.79 0.92 -105.79
CA VAL H 378 45.30 0.08 -104.71
C VAL H 378 45.47 -1.40 -105.01
N PRO H 379 46.25 -2.12 -104.19
CA PRO H 379 46.33 -3.58 -104.35
C PRO H 379 45.29 -4.33 -103.55
N ASP H 380 44.82 -3.73 -102.45
CA ASP H 380 43.89 -4.36 -101.52
C ASP H 380 42.48 -4.41 -102.07
N ASP H 381 41.52 -4.80 -101.23
CA ASP H 381 40.11 -4.82 -101.60
C ASP H 381 39.56 -3.40 -101.60
N GLU H 382 38.24 -3.26 -101.61
CA GLU H 382 37.62 -1.94 -101.79
C GLU H 382 37.89 -1.11 -100.53
N MET H 383 39.09 -0.54 -100.50
CA MET H 383 39.51 0.37 -99.44
C MET H 383 40.28 1.58 -99.94
N GLY H 384 40.89 1.53 -101.11
CA GLY H 384 41.91 2.50 -101.46
C GLY H 384 43.21 2.16 -100.75
N VAL H 385 44.10 3.15 -100.71
CA VAL H 385 45.39 3.12 -100.01
C VAL H 385 46.35 2.08 -100.59
N ALA H 386 47.45 2.55 -101.18
CA ALA H 386 48.39 1.66 -101.87
C ALA H 386 49.28 0.87 -100.93
N TRP H 387 49.49 1.35 -99.70
CA TRP H 387 50.23 0.65 -98.65
C TRP H 387 51.66 0.27 -99.02
N ARG H 388 52.56 1.25 -99.16
CA ARG H 388 53.97 0.91 -99.18
C ARG H 388 54.36 0.32 -97.81
N VAL H 389 55.37 -0.54 -97.81
CA VAL H 389 55.66 -1.43 -96.69
C VAL H 389 57.11 -1.25 -96.25
N GLN H 390 57.45 -1.90 -95.12
CA GLN H 390 58.80 -1.96 -94.55
C GLN H 390 59.47 -0.62 -94.44
N SER H 391 60.40 -0.33 -95.37
CA SER H 391 61.29 0.82 -95.43
C SER H 391 60.64 2.15 -95.03
N GLY H 392 59.37 2.34 -95.41
CA GLY H 392 58.56 3.48 -94.99
C GLY H 392 58.69 3.87 -93.53
N LYS H 393 58.74 2.86 -92.65
CA LYS H 393 59.17 3.07 -91.26
C LYS H 393 60.64 2.68 -91.13
N GLU H 394 61.52 3.60 -91.55
CA GLU H 394 62.97 3.45 -91.41
C GLU H 394 63.39 3.27 -89.94
N ALA H 395 64.53 2.64 -89.70
CA ALA H 395 64.97 2.36 -88.33
C ALA H 395 65.94 3.39 -87.77
N ALA H 396 67.10 3.55 -88.40
CA ALA H 396 68.12 4.52 -87.96
C ALA H 396 67.63 5.95 -88.15
N ALA H 397 66.65 6.10 -89.03
CA ALA H 397 65.95 7.36 -89.29
C ALA H 397 64.78 7.46 -88.30
N SER H 398 63.59 7.91 -88.72
CA SER H 398 62.40 8.26 -87.94
C SER H 398 62.21 7.53 -86.61
N VAL H 399 62.50 6.23 -86.52
CA VAL H 399 62.45 5.57 -85.22
C VAL H 399 63.48 6.17 -84.25
N ALA H 400 64.73 6.33 -84.69
CA ALA H 400 65.74 6.96 -83.84
C ALA H 400 65.44 8.44 -83.66
N ALA H 401 64.95 9.09 -84.71
CA ALA H 401 64.55 10.50 -84.61
C ALA H 401 63.44 10.68 -83.56
N ALA H 402 62.49 9.76 -83.52
CA ALA H 402 61.45 9.78 -82.49
C ALA H 402 62.01 9.43 -81.13
N GLN H 403 63.02 8.57 -81.06
CA GLN H 403 63.67 8.29 -79.78
C GLN H 403 64.46 9.49 -79.26
N GLN H 404 64.77 10.45 -80.12
CA GLN H 404 65.35 11.73 -79.69
C GLN H 404 64.27 12.78 -79.39
N LEU H 405 63.19 12.79 -80.18
CA LEU H 405 62.08 13.69 -79.91
C LEU H 405 61.39 13.35 -78.59
N LEU H 406 61.43 12.08 -78.19
CA LEU H 406 60.97 11.69 -76.88
C LEU H 406 61.93 12.13 -75.79
N GLN H 407 63.23 12.16 -76.09
CA GLN H 407 64.21 12.72 -75.15
C GLN H 407 64.00 14.21 -74.97
N SER H 408 63.44 14.87 -75.98
CA SER H 408 63.05 16.27 -75.84
C SER H 408 61.59 16.39 -75.40
N LEU H 409 61.12 15.44 -74.56
CA LEU H 409 59.95 15.68 -73.72
C LEU H 409 60.28 16.26 -72.33
N PRO H 410 61.26 15.71 -71.52
CA PRO H 410 61.51 16.29 -70.19
C PRO H 410 62.48 17.46 -70.23
N ASP H 411 62.71 18.00 -71.43
CA ASP H 411 63.48 19.23 -71.61
C ASP H 411 62.64 20.14 -72.52
N ALA H 412 61.34 19.86 -72.57
CA ALA H 412 60.42 20.77 -73.25
C ALA H 412 59.16 20.95 -72.44
N LEU H 413 58.95 20.05 -71.48
CA LEU H 413 57.80 20.16 -70.61
C LEU H 413 58.23 20.55 -69.20
N CYS H 414 59.38 20.03 -68.74
CA CYS H 414 59.98 20.42 -67.47
C CYS H 414 61.42 20.85 -67.74
N PRO H 415 61.61 22.08 -68.26
CA PRO H 415 62.98 22.56 -68.51
C PRO H 415 63.72 22.94 -67.23
N GLY H 416 64.88 23.60 -67.39
CA GLY H 416 65.78 23.95 -66.30
C GLY H 416 65.12 24.53 -65.07
N PRO H 417 65.65 24.20 -63.87
CA PRO H 417 64.81 24.21 -62.66
C PRO H 417 64.37 25.58 -62.17
N SER H 418 63.15 25.92 -62.55
CA SER H 418 62.44 27.15 -62.21
C SER H 418 60.97 26.94 -62.55
N PRO H 419 60.12 26.48 -61.61
CA PRO H 419 58.75 26.07 -61.96
C PRO H 419 57.84 27.17 -62.48
N ALA H 420 58.35 28.41 -62.56
CA ALA H 420 57.67 29.49 -63.24
C ALA H 420 58.09 29.67 -64.70
N ALA H 421 59.22 29.09 -65.11
CA ALA H 421 59.69 29.15 -66.48
C ALA H 421 59.25 27.96 -67.32
N TRP H 422 58.81 26.87 -66.68
CA TRP H 422 58.30 25.69 -67.36
C TRP H 422 57.08 26.12 -68.17
N PRO H 423 57.06 25.83 -69.50
CA PRO H 423 55.97 26.28 -70.39
C PRO H 423 54.56 26.09 -69.87
N LEU H 424 54.26 24.87 -69.41
CA LEU H 424 52.97 24.61 -68.79
C LEU H 424 52.93 25.14 -67.37
N THR H 425 52.86 26.47 -67.22
CA THR H 425 52.62 27.09 -65.92
C THR H 425 51.69 28.28 -66.14
N GLY H 426 51.03 28.70 -65.07
CA GLY H 426 50.08 29.79 -65.16
C GLY H 426 48.72 29.38 -65.67
N THR H 427 48.71 28.55 -66.71
CA THR H 427 47.48 28.01 -67.25
C THR H 427 46.85 27.02 -66.26
N LYS H 428 45.57 26.75 -66.45
CA LYS H 428 44.82 25.90 -65.53
C LYS H 428 45.11 24.42 -65.71
N LEU H 429 45.98 24.04 -66.65
CA LEU H 429 46.34 22.64 -66.82
C LEU H 429 47.21 22.14 -65.67
N VAL H 430 47.93 23.04 -65.02
CA VAL H 430 48.75 22.70 -63.86
C VAL H 430 48.25 23.48 -62.65
N ASP H 431 48.86 23.29 -61.50
CA ASP H 431 48.46 24.01 -60.30
C ASP H 431 49.05 25.42 -60.33
N GLU H 432 49.01 26.12 -59.19
CA GLU H 432 49.59 27.46 -59.11
C GLU H 432 51.10 27.43 -59.27
N GLY H 433 51.78 26.46 -58.63
CA GLY H 433 53.22 26.38 -58.73
C GLY H 433 53.75 25.70 -59.97
N GLY H 434 52.88 25.05 -60.74
CA GLY H 434 53.29 24.38 -61.95
C GLY H 434 53.94 23.03 -61.76
N ARG H 435 54.06 22.54 -60.53
CA ARG H 435 54.73 21.27 -60.28
C ARG H 435 53.87 20.10 -60.74
N ASN H 436 52.58 20.11 -60.42
CA ASN H 436 51.69 18.99 -60.70
C ASN H 436 50.66 19.37 -61.75
N TRP H 437 50.23 18.36 -62.50
CA TRP H 437 49.15 18.47 -63.45
C TRP H 437 47.83 18.22 -62.72
N ARG H 438 46.89 19.15 -62.88
CA ARG H 438 45.63 19.14 -62.14
C ARG H 438 44.72 18.00 -62.60
N ARG H 439 43.96 17.47 -61.66
CA ARG H 439 43.02 16.41 -61.98
C ARG H 439 41.86 16.97 -62.80
N GLY H 440 41.54 16.29 -63.90
CA GLY H 440 40.49 16.70 -64.80
C GLY H 440 40.98 17.24 -66.12
N GLY H 441 42.23 17.69 -66.18
CA GLY H 441 42.80 18.08 -67.45
C GLY H 441 43.01 16.89 -68.37
N SER H 442 42.86 17.12 -69.66
CA SER H 442 42.92 16.06 -70.66
C SER H 442 43.96 16.40 -71.71
N VAL H 443 44.60 15.35 -72.22
CA VAL H 443 45.59 15.46 -73.29
C VAL H 443 45.05 14.71 -74.50
N TRP H 444 45.00 15.40 -75.64
CA TRP H 444 44.41 14.88 -76.87
C TRP H 444 45.54 14.61 -77.84
N VAL H 445 45.78 13.34 -78.16
CA VAL H 445 46.83 12.94 -79.10
C VAL H 445 46.14 12.45 -80.36
N THR H 446 46.21 13.24 -81.43
CA THR H 446 45.61 12.89 -82.70
C THR H 446 46.67 12.44 -83.68
N LEU H 447 46.44 11.30 -84.31
CA LEU H 447 47.37 10.73 -85.29
C LEU H 447 46.87 11.09 -86.69
N GLN H 448 47.49 12.08 -87.29
CA GLN H 448 47.25 12.50 -88.65
C GLN H 448 48.02 11.62 -89.61
N PRO H 449 47.63 11.58 -90.89
CA PRO H 449 48.47 10.89 -91.89
C PRO H 449 49.78 11.63 -92.13
N GLU H 450 50.66 10.97 -92.88
CA GLU H 450 52.02 11.43 -93.15
C GLU H 450 52.82 11.61 -91.86
N GLY H 451 52.52 10.79 -90.85
CA GLY H 451 53.27 10.80 -89.62
C GLY H 451 53.09 12.02 -88.74
N GLY H 452 51.98 12.74 -88.87
CA GLY H 452 51.74 13.91 -88.07
C GLY H 452 51.05 13.56 -86.77
N VAL H 453 51.64 13.99 -85.66
CA VAL H 453 51.07 13.79 -84.33
C VAL H 453 50.75 15.16 -83.75
N LEU H 454 49.49 15.36 -83.37
CA LEU H 454 49.00 16.62 -82.84
C LEU H 454 48.64 16.43 -81.38
N VAL H 455 49.41 17.04 -80.48
CA VAL H 455 49.16 16.96 -79.06
C VAL H 455 48.56 18.28 -78.61
N GLN H 456 47.27 18.25 -78.30
CA GLN H 456 46.54 19.37 -77.71
C GLN H 456 46.17 19.01 -76.28
N ALA H 457 45.55 19.96 -75.58
CA ALA H 457 45.11 19.70 -74.22
C ALA H 457 43.90 20.56 -73.91
N GLN H 458 43.25 20.24 -72.79
CA GLN H 458 42.03 20.93 -72.40
C GLN H 458 41.90 20.87 -70.89
N THR H 459 41.65 22.02 -70.27
CA THR H 459 41.49 22.04 -68.82
C THR H 459 40.17 21.39 -68.43
N GLY H 460 40.05 21.06 -67.14
CA GLY H 460 38.90 20.38 -66.62
C GLY H 460 37.94 21.33 -65.92
N GLY H 461 36.83 20.75 -65.45
CA GLY H 461 35.84 21.51 -64.71
C GLY H 461 34.67 21.95 -65.56
N VAL H 462 34.19 23.18 -65.33
CA VAL H 462 33.05 23.70 -66.06
C VAL H 462 33.49 24.01 -67.49
N VAL H 463 32.72 23.52 -68.46
CA VAL H 463 33.07 23.68 -69.87
C VAL H 463 32.94 25.15 -70.29
N GLY H 464 32.08 25.92 -69.62
CA GLY H 464 32.01 27.35 -69.84
C GLY H 464 33.26 28.11 -69.42
N GLU H 465 34.10 27.49 -68.59
CA GLU H 465 35.38 28.07 -68.20
C GLU H 465 36.58 27.30 -68.75
N GLN H 466 36.35 26.24 -69.51
CA GLN H 466 37.45 25.43 -70.03
C GLN H 466 38.20 26.19 -71.11
N GLU H 467 39.53 26.09 -71.07
CA GLU H 467 40.40 26.68 -72.07
C GLU H 467 41.23 25.56 -72.70
N SER H 468 41.24 25.52 -74.03
CA SER H 468 41.98 24.51 -74.76
C SER H 468 43.27 25.10 -75.31
N TYR H 469 44.36 24.37 -75.15
CA TYR H 469 45.68 24.80 -75.58
C TYR H 469 46.26 23.78 -76.55
N LEU H 470 46.86 24.28 -77.63
CA LEU H 470 47.66 23.45 -78.52
C LEU H 470 49.07 23.37 -77.94
N LEU H 471 49.53 22.15 -77.67
CA LEU H 471 50.83 21.94 -77.04
C LEU H 471 51.92 21.76 -78.09
N THR H 472 51.76 20.79 -78.98
CA THR H 472 52.74 20.58 -80.04
C THR H 472 52.08 19.92 -81.24
N HIS H 473 52.79 19.99 -82.37
CA HIS H 473 52.33 19.36 -83.61
C HIS H 473 53.56 18.99 -84.41
N VAL H 474 53.86 17.70 -84.48
CA VAL H 474 55.01 17.22 -85.22
C VAL H 474 54.53 16.64 -86.54
N GLN H 475 55.34 16.83 -87.58
CA GLN H 475 55.01 16.40 -88.92
C GLN H 475 56.14 15.55 -89.49
N GLY H 476 55.78 14.50 -90.20
CA GLY H 476 56.75 13.60 -90.80
C GLY H 476 57.29 12.54 -89.88
N GLN H 477 56.89 12.53 -88.60
CA GLN H 477 57.35 11.53 -87.64
C GLN H 477 56.43 10.32 -87.74
N GLU H 478 56.68 9.49 -88.76
CA GLU H 478 55.90 8.27 -88.96
C GLU H 478 56.11 7.26 -87.84
N ALA H 479 57.24 7.33 -87.13
CA ALA H 479 57.47 6.43 -86.01
C ALA H 479 56.64 6.82 -84.79
N LEU H 480 56.38 8.11 -84.60
CA LEU H 480 55.61 8.54 -83.43
C LEU H 480 54.16 8.11 -83.55
N ALA H 481 53.54 8.34 -84.71
CA ALA H 481 52.14 7.95 -84.91
C ALA H 481 51.99 6.43 -84.83
N GLY H 482 52.88 5.69 -85.47
CA GLY H 482 52.82 4.23 -85.41
C GLY H 482 53.10 3.71 -84.01
N ALA H 483 54.01 4.34 -83.28
CA ALA H 483 54.34 3.89 -81.93
C ALA H 483 53.19 4.16 -80.96
N VAL H 484 52.55 5.33 -81.06
CA VAL H 484 51.40 5.62 -80.22
C VAL H 484 50.23 4.70 -80.56
N MET H 485 50.01 4.47 -81.87
CA MET H 485 48.92 3.59 -82.28
C MET H 485 49.15 2.15 -81.83
N SER H 486 50.39 1.67 -81.89
CA SER H 486 50.69 0.34 -81.36
C SER H 486 50.54 0.31 -79.85
N ALA H 487 50.95 1.38 -79.16
CA ALA H 487 50.83 1.46 -77.71
C ALA H 487 49.39 1.46 -77.25
N PHE H 488 48.47 1.92 -78.09
CA PHE H 488 47.06 1.95 -77.70
C PHE H 488 46.25 0.78 -78.23
N MET H 489 46.52 0.30 -79.45
CA MET H 489 45.75 -0.77 -80.09
C MET H 489 46.68 -1.82 -80.70
N GLY H 490 47.69 -2.24 -79.94
CA GLY H 490 48.64 -3.20 -80.45
C GLY H 490 48.42 -4.60 -79.92
N PRO H 491 49.32 -5.53 -80.28
CA PRO H 491 49.27 -6.87 -79.68
C PRO H 491 49.43 -6.86 -78.17
N GLN H 492 50.30 -5.99 -77.65
CA GLN H 492 50.29 -5.67 -76.22
C GLN H 492 50.06 -4.17 -76.07
N PRO H 493 48.84 -3.74 -75.81
CA PRO H 493 48.58 -2.30 -75.69
C PRO H 493 48.75 -1.79 -74.28
N LEU H 494 48.55 -0.49 -74.08
CA LEU H 494 48.49 0.04 -72.73
C LEU H 494 47.21 -0.40 -72.02
N ASP H 495 46.16 -0.70 -72.78
CA ASP H 495 44.95 -1.26 -72.21
C ASP H 495 44.33 -2.27 -73.18
N PRO H 496 44.40 -3.56 -72.85
CA PRO H 496 43.76 -4.58 -73.72
C PRO H 496 42.26 -4.41 -73.85
N GLU H 497 41.58 -3.98 -72.77
CA GLU H 497 40.15 -3.74 -72.87
C GLU H 497 39.84 -2.59 -73.81
N LEU H 498 40.66 -1.53 -73.79
CA LEU H 498 40.48 -0.42 -74.72
C LEU H 498 40.74 -0.85 -76.16
N ALA H 499 41.79 -1.64 -76.38
CA ALA H 499 42.09 -2.08 -77.75
C ALA H 499 41.00 -2.99 -78.30
N ALA H 500 40.53 -3.94 -77.49
CA ALA H 500 39.46 -4.83 -77.92
C ALA H 500 38.17 -4.07 -78.15
N ALA H 501 37.84 -3.13 -77.26
CA ALA H 501 36.62 -2.34 -77.41
C ALA H 501 36.68 -1.46 -78.65
N ALA H 502 37.84 -0.87 -78.95
CA ALA H 502 37.95 -0.01 -80.13
C ALA H 502 37.85 -0.82 -81.42
N ARG H 503 38.62 -1.92 -81.50
CA ARG H 503 38.57 -2.78 -82.69
C ARG H 503 37.23 -3.47 -82.86
N SER H 504 36.44 -3.56 -81.79
CA SER H 504 35.12 -4.15 -81.88
C SER H 504 34.04 -3.10 -82.20
N VAL H 505 34.17 -1.88 -81.68
CA VAL H 505 33.20 -0.85 -82.00
C VAL H 505 33.32 -0.44 -83.46
N LEU H 506 34.56 -0.43 -84.00
CA LEU H 506 34.84 0.16 -85.32
C LEU H 506 34.00 -0.43 -86.45
N LEU H 507 33.52 -1.67 -86.29
CA LEU H 507 32.62 -2.25 -87.28
C LEU H 507 31.24 -1.58 -87.29
N VAL H 508 30.88 -0.84 -86.25
CA VAL H 508 29.59 -0.15 -86.24
C VAL H 508 29.64 1.11 -87.11
N PRO H 509 30.67 1.98 -87.05
CA PRO H 509 30.80 2.98 -88.12
C PRO H 509 31.20 2.39 -89.45
N ALA H 510 31.84 1.22 -89.47
CA ALA H 510 32.12 0.56 -90.76
C ALA H 510 30.83 0.15 -91.46
N ASN H 511 29.85 -0.33 -90.70
CA ASN H 511 28.57 -0.72 -91.27
C ASN H 511 27.59 0.44 -91.41
N GLY H 512 28.10 1.68 -91.47
CA GLY H 512 27.27 2.84 -91.72
C GLY H 512 26.26 3.18 -90.65
N PHE H 513 26.66 3.15 -89.38
CA PHE H 513 25.73 3.37 -88.29
C PHE H 513 26.17 4.41 -87.27
N THR H 514 27.46 4.78 -87.22
CA THR H 514 28.11 5.62 -86.21
C THR H 514 28.08 4.98 -84.83
N ALA H 515 28.99 5.39 -83.94
CA ALA H 515 29.04 4.82 -82.61
C ALA H 515 27.83 5.22 -81.78
N ALA H 516 27.53 6.52 -81.76
CA ALA H 516 26.31 7.03 -81.15
C ALA H 516 25.28 7.27 -82.24
N ASN H 517 24.01 7.04 -81.91
CA ASN H 517 22.93 7.15 -82.89
C ASN H 517 22.65 8.64 -83.14
N LYS H 518 23.51 9.24 -83.97
CA LYS H 518 23.32 10.62 -84.36
C LYS H 518 22.22 10.77 -85.41
N GLU H 519 22.08 9.79 -86.31
CA GLU H 519 21.08 9.83 -87.36
C GLU H 519 19.74 9.26 -86.91
N ARG H 520 19.64 8.82 -85.65
CA ARG H 520 18.42 8.23 -85.07
C ARG H 520 17.92 7.04 -85.88
N ASP H 521 18.85 6.14 -86.21
CA ASP H 521 18.50 4.94 -86.97
C ASP H 521 17.84 3.93 -86.05
N PRO H 522 16.65 3.42 -86.41
CA PRO H 522 16.02 2.39 -85.57
C PRO H 522 16.74 1.06 -85.59
N ASN H 523 17.47 0.74 -86.67
CA ASN H 523 18.17 -0.53 -86.80
C ASN H 523 19.61 -0.46 -86.31
N HIS H 524 19.91 0.43 -85.37
CA HIS H 524 21.26 0.52 -84.84
C HIS H 524 21.60 -0.73 -84.03
N PRO H 525 22.85 -1.22 -84.11
CA PRO H 525 23.23 -2.37 -83.28
C PRO H 525 23.17 -2.09 -81.79
N LEU H 526 23.53 -0.89 -81.37
CA LEU H 526 23.50 -0.50 -79.97
C LEU H 526 22.97 0.93 -79.88
N TYR H 527 22.20 1.19 -78.82
CA TYR H 527 21.38 2.40 -78.65
C TYR H 527 20.49 2.66 -79.86
N PRO H 528 19.50 1.82 -80.14
CA PRO H 528 18.63 2.07 -81.29
C PRO H 528 17.52 3.05 -80.95
N SER H 529 17.13 3.83 -81.94
CA SER H 529 16.03 4.77 -81.77
C SER H 529 14.70 4.03 -81.84
N PHE H 530 13.74 4.48 -81.04
CA PHE H 530 12.43 3.85 -80.98
C PHE H 530 11.42 4.64 -81.78
N THR H 531 10.38 3.94 -82.25
CA THR H 531 9.41 4.55 -83.15
C THR H 531 8.50 5.55 -82.47
N GLY H 532 8.40 5.51 -81.14
CA GLY H 532 7.51 6.41 -80.44
C GLY H 532 6.05 6.09 -80.58
N VAL H 533 5.73 4.84 -80.92
CA VAL H 533 4.35 4.38 -81.09
C VAL H 533 4.08 3.28 -80.08
N ARG H 534 2.98 3.41 -79.34
CA ARG H 534 2.62 2.44 -78.33
C ARG H 534 2.35 1.08 -78.98
N PRO H 535 2.86 -0.01 -78.42
CA PRO H 535 2.54 -1.34 -78.96
C PRO H 535 1.07 -1.67 -78.77
N GLY H 536 0.53 -2.42 -79.72
CA GLY H 536 -0.89 -2.73 -79.74
C GLY H 536 -1.17 -4.09 -79.14
N ARG H 537 -2.16 -4.14 -78.26
CA ARG H 537 -2.70 -5.37 -77.70
C ARG H 537 -4.08 -5.61 -78.29
N ALA H 538 -4.32 -6.82 -78.76
CA ALA H 538 -5.60 -7.15 -79.38
C ALA H 538 -6.68 -7.25 -78.32
N PRO H 539 -7.72 -6.41 -78.36
CA PRO H 539 -8.76 -6.48 -77.34
C PRO H 539 -9.73 -7.62 -77.60
N ARG H 540 -10.38 -8.05 -76.51
CA ARG H 540 -11.45 -9.04 -76.60
C ARG H 540 -12.81 -8.36 -76.76
N ASP H 541 -12.88 -7.45 -77.73
CA ASP H 541 -14.08 -6.67 -78.01
C ASP H 541 -14.42 -6.81 -79.49
N VAL H 542 -15.59 -6.29 -79.86
CA VAL H 542 -16.08 -6.41 -81.23
C VAL H 542 -16.26 -5.02 -81.82
N ALA H 543 -16.57 -4.05 -80.97
CA ALA H 543 -16.82 -2.69 -81.44
C ALA H 543 -15.54 -1.98 -81.88
N ALA H 544 -14.38 -2.43 -81.41
CA ALA H 544 -13.13 -1.81 -81.83
C ALA H 544 -12.72 -2.22 -83.24
N TYR H 545 -13.10 -3.42 -83.66
CA TYR H 545 -12.72 -3.95 -84.96
C TYR H 545 -13.69 -3.45 -86.02
N THR H 546 -13.21 -2.65 -86.96
CA THR H 546 -14.05 -2.11 -88.03
C THR H 546 -13.47 -2.48 -89.39
N LEU H 547 -14.37 -2.79 -90.32
CA LEU H 547 -13.98 -3.19 -91.67
C LEU H 547 -14.12 -2.00 -92.62
N ALA H 548 -13.13 -1.12 -92.54
CA ALA H 548 -13.12 0.09 -93.35
C ALA H 548 -12.63 -0.21 -94.76
N GLY H 549 -12.37 0.84 -95.54
CA GLY H 549 -11.92 0.69 -96.91
C GLY H 549 -10.45 0.30 -97.00
N GLY H 550 -9.90 0.50 -98.19
CA GLY H 550 -8.53 0.07 -98.47
C GLY H 550 -7.46 0.90 -97.78
N ARG H 551 -7.52 0.96 -96.45
CA ARG H 551 -6.62 1.79 -95.65
C ARG H 551 -5.74 0.96 -94.73
N THR H 552 -5.27 -0.18 -95.21
CA THR H 552 -4.31 -0.99 -94.46
C THR H 552 -3.16 -1.35 -95.39
N PRO H 553 -1.91 -1.14 -94.97
CA PRO H 553 -0.79 -1.67 -95.74
C PRO H 553 -0.79 -3.18 -95.70
N LEU H 554 -0.24 -3.80 -96.75
CA LEU H 554 -0.10 -5.25 -96.75
C LEU H 554 0.95 -5.66 -95.73
N LEU H 555 0.59 -6.63 -94.89
CA LEU H 555 1.50 -7.14 -93.87
C LEU H 555 1.77 -8.62 -93.99
N ALA H 556 0.93 -9.36 -94.72
CA ALA H 556 1.13 -10.79 -94.95
C ALA H 556 1.99 -10.95 -96.21
N ALA H 557 3.22 -11.40 -96.03
CA ALA H 557 4.15 -11.61 -97.13
C ALA H 557 4.19 -13.07 -97.52
N GLY H 558 4.11 -13.33 -98.82
CA GLY H 558 4.06 -14.67 -99.35
C GLY H 558 2.68 -15.10 -99.82
N GLY H 559 1.66 -14.29 -99.59
CA GLY H 559 0.32 -14.61 -100.02
C GLY H 559 0.15 -14.49 -101.52
N PRO H 560 -1.02 -14.88 -102.02
CA PRO H 560 -1.24 -14.78 -103.48
C PRO H 560 -1.30 -13.34 -103.96
N GLY H 561 -1.88 -12.44 -103.17
CA GLY H 561 -1.90 -11.04 -103.55
C GLY H 561 -0.52 -10.42 -103.58
N GLU H 562 0.29 -10.72 -102.56
CA GLU H 562 1.67 -10.23 -102.53
C GLU H 562 2.49 -10.80 -103.68
N ALA H 563 2.31 -12.08 -103.99
CA ALA H 563 3.05 -12.70 -105.09
C ALA H 563 2.63 -12.11 -106.44
N LYS H 564 1.33 -11.93 -106.66
CA LYS H 564 0.87 -11.39 -107.93
C LYS H 564 1.23 -9.91 -108.09
N LEU H 565 1.23 -9.14 -107.00
CA LEU H 565 1.65 -7.75 -107.10
C LEU H 565 3.16 -7.64 -107.26
N ALA H 566 3.92 -8.59 -106.70
CA ALA H 566 5.35 -8.67 -106.99
C ALA H 566 5.59 -9.02 -108.45
N SER H 567 4.74 -9.86 -109.04
CA SER H 567 4.86 -10.16 -110.46
C SER H 567 4.55 -8.95 -111.34
N GLU H 568 3.52 -8.17 -110.96
CA GLU H 568 3.23 -6.96 -111.74
C GLU H 568 4.33 -5.91 -111.59
N LEU H 569 4.87 -5.77 -110.38
CA LEU H 569 6.03 -4.90 -110.21
C LEU H 569 7.22 -5.43 -111.00
N ARG H 570 7.36 -6.76 -111.08
CA ARG H 570 8.44 -7.36 -111.85
C ARG H 570 8.33 -7.02 -113.33
N THR H 571 7.12 -7.09 -113.90
CA THR H 571 6.98 -6.77 -115.31
C THR H 571 7.14 -5.27 -115.55
N VAL H 572 6.79 -4.43 -114.56
CA VAL H 572 7.05 -2.99 -114.69
C VAL H 572 8.54 -2.70 -114.68
N MET H 573 9.27 -3.32 -113.74
CA MET H 573 10.71 -3.13 -113.73
C MET H 573 11.36 -3.68 -115.01
N GLU H 574 10.91 -4.84 -115.49
CA GLU H 574 11.46 -5.38 -116.74
C GLU H 574 11.20 -4.43 -117.92
N ALA H 575 10.04 -3.80 -117.95
CA ALA H 575 9.77 -2.78 -118.96
C ALA H 575 10.71 -1.59 -118.79
N ALA H 576 11.03 -1.22 -117.55
CA ALA H 576 11.95 -0.12 -117.30
C ALA H 576 13.37 -0.45 -117.76
N LEU H 577 13.84 -1.67 -117.47
CA LEU H 577 15.15 -2.10 -117.95
C LEU H 577 15.20 -2.19 -119.47
N ALA H 578 14.11 -2.62 -120.09
CA ALA H 578 14.07 -2.67 -121.55
C ALA H 578 14.07 -1.26 -122.15
N ALA H 579 13.36 -0.32 -121.51
CA ALA H 579 13.29 1.05 -122.00
C ALA H 579 14.54 1.86 -121.74
N ALA H 580 15.35 1.48 -120.73
CA ALA H 580 16.58 2.19 -120.46
C ALA H 580 17.73 1.77 -121.37
N ALA H 581 17.60 0.66 -122.08
CA ALA H 581 18.66 0.20 -122.98
C ALA H 581 18.58 0.84 -124.36
N ARG H 582 17.49 1.54 -124.67
CA ARG H 582 17.34 2.22 -125.95
C ARG H 582 17.77 3.67 -125.91
N ALA H 583 18.23 4.16 -124.76
CA ALA H 583 18.62 5.56 -124.59
C ALA H 583 19.98 5.78 -125.26
N GLU H 584 19.95 5.86 -126.58
CA GLU H 584 21.14 6.15 -127.38
C GLU H 584 20.75 6.71 -128.74
N GLU H 610 35.29 10.26 -122.14
CA GLU H 610 35.15 8.81 -122.06
C GLU H 610 34.00 8.41 -121.14
N ALA H 611 34.32 8.31 -119.84
CA ALA H 611 33.34 7.85 -118.87
C ALA H 611 32.29 8.91 -118.57
N GLU H 612 32.54 10.18 -118.90
CA GLU H 612 31.55 11.23 -118.69
C GLU H 612 30.35 11.03 -119.61
N ALA H 613 30.58 10.65 -120.86
CA ALA H 613 29.48 10.32 -121.76
C ALA H 613 28.75 9.07 -121.31
N ALA H 614 29.47 8.11 -120.72
CA ALA H 614 28.82 6.93 -120.15
C ALA H 614 27.91 7.31 -118.99
N GLU H 615 28.36 8.25 -118.14
CA GLU H 615 27.51 8.69 -117.03
C GLU H 615 26.32 9.52 -117.52
N ALA H 616 26.49 10.28 -118.61
CA ALA H 616 25.36 10.97 -119.22
C ALA H 616 24.35 9.98 -119.79
N ARG H 617 24.82 8.91 -120.42
CA ARG H 617 23.94 7.85 -120.87
C ARG H 617 23.23 7.17 -119.72
N ARG H 618 23.94 6.98 -118.60
CA ARG H 618 23.32 6.43 -117.40
C ARG H 618 22.24 7.36 -116.86
N ALA H 619 22.47 8.67 -116.92
CA ALA H 619 21.45 9.63 -116.48
C ALA H 619 20.22 9.58 -117.39
N ARG H 620 20.42 9.46 -118.70
CA ARG H 620 19.30 9.34 -119.62
C ARG H 620 18.52 8.06 -119.39
N GLY H 621 19.24 6.95 -119.15
CA GLY H 621 18.58 5.70 -118.80
C GLY H 621 17.84 5.78 -117.48
N ARG H 622 18.40 6.53 -116.51
CA ARG H 622 17.71 6.78 -115.25
C ARG H 622 16.42 7.55 -115.46
N ALA H 623 16.44 8.55 -116.34
CA ALA H 623 15.23 9.32 -116.62
C ALA H 623 14.16 8.45 -117.29
N ALA H 624 14.56 7.64 -118.28
CA ALA H 624 13.59 6.77 -118.95
C ALA H 624 13.05 5.69 -118.01
N ALA H 625 13.92 5.11 -117.19
CA ALA H 625 13.49 4.11 -116.22
C ALA H 625 12.56 4.72 -115.17
N ALA H 626 12.85 5.95 -114.74
CA ALA H 626 11.96 6.64 -113.80
C ALA H 626 10.60 6.88 -114.42
N ALA H 627 10.56 7.26 -115.70
CA ALA H 627 9.28 7.47 -116.37
C ALA H 627 8.47 6.19 -116.47
N VAL H 628 9.10 5.10 -116.94
CA VAL H 628 8.38 3.84 -117.12
C VAL H 628 7.96 3.26 -115.77
N MET H 629 8.86 3.29 -114.78
CA MET H 629 8.54 2.79 -113.45
C MET H 629 7.44 3.63 -112.79
N ALA H 630 7.47 4.95 -112.99
CA ALA H 630 6.43 5.80 -112.43
C ALA H 630 5.08 5.49 -113.05
N GLU H 631 5.02 5.30 -114.37
CA GLU H 631 3.76 4.93 -115.02
C GLU H 631 3.26 3.58 -114.52
N GLY H 632 4.16 2.61 -114.37
CA GLY H 632 3.76 1.32 -113.83
C GLY H 632 3.31 1.37 -112.39
N LEU H 633 3.92 2.26 -111.59
CA LEU H 633 3.51 2.38 -110.19
C LEU H 633 2.19 3.12 -110.05
N ARG H 634 1.86 4.04 -110.98
CA ARG H 634 0.50 4.58 -110.98
C ARG H 634 -0.50 3.55 -111.49
N ARG H 635 -0.06 2.64 -112.37
CA ARG H 635 -0.92 1.52 -112.75
C ARG H 635 -1.18 0.61 -111.55
N LEU H 636 -0.18 0.42 -110.70
CA LEU H 636 -0.30 -0.38 -109.49
C LEU H 636 -0.71 0.52 -108.33
N GLY H 637 -0.61 0.00 -107.10
CA GLY H 637 -1.15 0.70 -105.95
C GLY H 637 -0.11 1.20 -104.96
N PRO H 638 -0.60 1.90 -103.92
CA PRO H 638 0.31 2.34 -102.84
C PRO H 638 0.95 1.19 -102.10
N ASP H 639 0.27 0.03 -102.03
CA ASP H 639 0.91 -1.16 -101.51
C ASP H 639 2.08 -1.59 -102.38
N ALA H 640 1.97 -1.42 -103.70
CA ALA H 640 3.10 -1.69 -104.57
C ALA H 640 4.21 -0.66 -104.39
N VAL H 641 3.85 0.59 -104.08
CA VAL H 641 4.88 1.59 -103.74
C VAL H 641 5.63 1.16 -102.48
N ALA H 642 4.90 0.68 -101.48
CA ALA H 642 5.53 0.22 -100.24
C ALA H 642 6.39 -1.02 -100.49
N MET H 643 5.95 -1.91 -101.38
CA MET H 643 6.73 -3.10 -101.68
C MET H 643 8.01 -2.75 -102.43
N LEU H 644 7.93 -1.78 -103.35
CA LEU H 644 9.16 -1.32 -104.03
C LEU H 644 10.11 -0.65 -103.04
N GLU H 645 9.56 0.12 -102.09
CA GLU H 645 10.41 0.77 -101.09
C GLU H 645 11.10 -0.25 -100.20
N ARG H 646 10.37 -1.28 -99.74
CA ARG H 646 11.01 -2.27 -98.86
C ARG H 646 11.95 -3.17 -99.65
N THR H 647 11.69 -3.40 -100.95
CA THR H 647 12.63 -4.15 -101.78
C THR H 647 13.91 -3.37 -102.00
N ALA H 648 13.81 -2.06 -102.20
CA ALA H 648 15.00 -1.23 -102.32
C ALA H 648 15.75 -1.12 -100.99
N ALA H 649 15.02 -1.12 -99.87
CA ALA H 649 15.67 -1.02 -98.57
C ALA H 649 16.40 -2.31 -98.20
N GLU H 650 15.75 -3.46 -98.40
CA GLU H 650 16.37 -4.74 -98.08
C GLU H 650 17.09 -5.32 -99.29
N ALA H 651 17.89 -4.50 -99.97
CA ALA H 651 18.77 -4.98 -101.03
C ALA H 651 20.16 -4.37 -101.00
N GLU H 652 20.34 -3.19 -100.40
CA GLU H 652 21.64 -2.54 -100.36
C GLU H 652 22.44 -3.03 -99.17
N ALA H 653 23.76 -2.98 -99.30
CA ALA H 653 24.64 -3.35 -98.21
C ALA H 653 24.50 -2.37 -97.06
N PRO H 654 24.69 -2.82 -95.82
CA PRO H 654 24.65 -1.89 -94.68
C PRO H 654 25.71 -0.80 -94.74
N GLN H 655 26.83 -1.06 -95.41
CA GLN H 655 27.86 -0.04 -95.60
C GLN H 655 27.40 1.11 -96.49
N GLY H 656 26.37 0.89 -97.31
CA GLY H 656 25.87 1.92 -98.19
C GLY H 656 26.44 1.92 -99.59
N GLY H 657 27.24 0.92 -99.95
CA GLY H 657 27.82 0.85 -101.27
C GLY H 657 26.83 0.55 -102.37
N MET I 61 12.43 -2.43 -86.83
CA MET I 61 12.39 -1.97 -85.45
C MET I 61 13.61 -2.37 -84.64
N ALA I 62 13.63 -1.90 -83.40
CA ALA I 62 14.53 -2.46 -82.41
C ALA I 62 13.95 -3.75 -81.86
N LYS I 63 14.82 -4.56 -81.24
CA LYS I 63 14.37 -5.81 -80.67
C LYS I 63 13.42 -5.60 -79.50
N ASP I 64 13.55 -4.47 -78.79
CA ASP I 64 12.60 -4.14 -77.72
C ASP I 64 11.21 -3.90 -78.29
N GLU I 65 11.12 -3.17 -79.41
CA GLU I 65 9.82 -2.92 -80.03
C GLU I 65 9.23 -4.20 -80.62
N VAL I 66 10.06 -5.04 -81.23
CA VAL I 66 9.57 -6.31 -81.79
C VAL I 66 9.07 -7.22 -80.68
N LYS I 67 9.82 -7.31 -79.57
CA LYS I 67 9.40 -8.13 -78.43
C LYS I 67 8.14 -7.59 -77.79
N ALA I 68 7.99 -6.26 -77.73
CA ALA I 68 6.78 -5.67 -77.17
C ALA I 68 5.57 -5.95 -78.06
N ARG I 69 5.74 -5.91 -79.38
CA ARG I 69 4.63 -6.20 -80.28
C ARG I 69 4.31 -7.68 -80.39
N LEU I 70 5.26 -8.56 -80.10
CA LEU I 70 5.04 -10.00 -80.18
C LEU I 70 4.56 -10.60 -78.87
N ALA I 71 4.35 -9.78 -77.84
CA ALA I 71 3.96 -10.31 -76.53
C ALA I 71 2.64 -11.08 -76.48
N PRO I 72 1.50 -10.63 -77.10
CA PRO I 72 0.24 -11.36 -76.87
C PRO I 72 0.12 -12.70 -77.59
N VAL I 73 1.17 -13.18 -78.24
CA VAL I 73 1.14 -14.45 -78.95
C VAL I 73 1.85 -15.49 -78.07
N PRO I 74 1.14 -16.48 -77.53
CA PRO I 74 1.79 -17.55 -76.77
C PRO I 74 2.13 -18.75 -77.64
N VAL I 75 3.18 -19.46 -77.23
CA VAL I 75 3.55 -20.70 -77.91
C VAL I 75 3.89 -21.73 -76.83
N TYR I 76 3.89 -23.00 -77.22
CA TYR I 76 4.05 -24.10 -76.28
C TYR I 76 5.19 -25.00 -76.71
N THR I 77 6.08 -25.29 -75.77
CA THR I 77 7.18 -26.21 -75.98
C THR I 77 7.08 -27.37 -74.99
N VAL I 78 8.01 -28.32 -75.11
CA VAL I 78 8.15 -29.42 -74.18
C VAL I 78 9.47 -29.26 -73.46
N ALA I 79 9.44 -29.27 -72.13
CA ALA I 79 10.60 -28.94 -71.32
C ALA I 79 10.82 -29.99 -70.25
N ASN I 80 12.09 -30.31 -70.00
CA ASN I 80 12.46 -31.11 -68.84
C ASN I 80 12.28 -30.24 -67.58
N PRO I 81 12.21 -30.85 -66.38
CA PRO I 81 11.84 -30.07 -65.17
C PRO I 81 12.75 -28.89 -64.86
N LYS I 82 14.03 -28.93 -65.21
CA LYS I 82 14.87 -27.76 -65.03
C LYS I 82 14.91 -26.88 -66.28
N ASN I 83 13.72 -26.61 -66.83
CA ASN I 83 13.49 -25.73 -67.99
C ASN I 83 14.46 -26.01 -69.14
N GLU I 84 14.59 -27.30 -69.44
CA GLU I 84 15.37 -27.75 -70.57
C GLU I 84 14.48 -27.78 -71.80
N PHE I 85 14.90 -28.53 -72.82
CA PHE I 85 14.19 -28.56 -74.09
C PHE I 85 14.19 -29.97 -74.63
N VAL I 86 13.01 -30.57 -74.81
CA VAL I 86 12.97 -31.89 -75.43
C VAL I 86 13.25 -31.66 -76.91
N LEU I 87 14.52 -31.80 -77.25
CA LEU I 87 15.02 -31.47 -78.57
C LEU I 87 15.20 -32.79 -79.31
N VAL I 88 14.13 -33.18 -80.02
CA VAL I 88 14.15 -34.37 -80.85
C VAL I 88 15.33 -34.30 -81.81
N ALA I 89 16.25 -35.24 -81.68
CA ALA I 89 17.53 -35.10 -82.34
C ALA I 89 17.60 -35.88 -83.64
N GLY I 90 16.68 -36.82 -83.87
CA GLY I 90 16.68 -37.62 -85.09
C GLY I 90 17.99 -38.33 -85.34
N GLU I 91 18.72 -37.82 -86.33
CA GLU I 91 19.99 -38.34 -86.79
C GLU I 91 21.04 -37.26 -86.55
N ASN I 92 22.18 -37.32 -87.25
CA ASN I 92 23.33 -36.43 -87.07
C ASN I 92 22.97 -34.96 -86.86
N ASN I 93 23.34 -34.43 -85.68
CA ASN I 93 22.88 -33.14 -85.14
C ASN I 93 21.36 -32.96 -85.31
N THR I 94 20.91 -31.90 -86.00
CA THR I 94 19.52 -31.72 -86.47
C THR I 94 18.57 -31.69 -85.24
N GLN I 95 19.00 -31.06 -84.14
CA GLN I 95 18.06 -30.93 -83.05
C GLN I 95 16.99 -29.90 -83.42
N LEU I 96 15.74 -30.17 -83.05
CA LEU I 96 14.60 -29.36 -83.48
C LEU I 96 13.74 -29.00 -82.27
N GLY I 97 13.65 -27.70 -81.98
CA GLY I 97 12.89 -27.25 -80.83
C GLY I 97 11.40 -27.51 -80.97
N PHE I 98 10.84 -27.22 -82.16
CA PHE I 98 9.44 -27.41 -82.50
C PHE I 98 8.52 -26.64 -81.54
N PHE I 99 8.60 -25.31 -81.65
CA PHE I 99 7.71 -24.43 -80.89
C PHE I 99 6.29 -24.61 -81.39
N PHE I 100 5.44 -25.28 -80.61
CA PHE I 100 4.10 -25.66 -81.05
C PHE I 100 3.12 -24.53 -80.76
N PHE I 101 2.45 -24.03 -81.80
CA PHE I 101 1.40 -23.04 -81.61
C PHE I 101 0.18 -23.65 -80.94
N ARG I 102 -0.07 -24.94 -81.17
CA ARG I 102 -1.22 -25.65 -80.63
C ARG I 102 -0.76 -26.66 -79.60
N LYS I 103 -1.52 -26.79 -78.51
CA LYS I 103 -1.14 -27.70 -77.43
C LYS I 103 -1.38 -29.16 -77.80
N GLU I 104 -2.27 -29.44 -78.76
CA GLU I 104 -2.52 -30.81 -79.17
C GLU I 104 -1.30 -31.43 -79.84
N ASP I 105 -0.59 -30.65 -80.65
CA ASP I 105 0.65 -31.15 -81.25
C ASP I 105 1.74 -31.35 -80.21
N ALA I 106 1.78 -30.50 -79.17
CA ALA I 106 2.72 -30.70 -78.08
C ALA I 106 2.43 -31.99 -77.32
N GLU I 107 1.15 -32.27 -77.07
CA GLU I 107 0.78 -33.53 -76.44
C GLU I 107 1.07 -34.72 -77.35
N ALA I 108 0.97 -34.54 -78.67
CA ALA I 108 1.37 -35.60 -79.59
C ALA I 108 2.87 -35.90 -79.50
N LEU I 109 3.69 -34.85 -79.41
CA LEU I 109 5.12 -35.07 -79.19
C LEU I 109 5.38 -35.71 -77.84
N ILE I 110 4.58 -35.37 -76.83
CA ILE I 110 4.68 -36.01 -75.52
C ILE I 110 4.37 -37.51 -75.64
N GLU I 111 3.37 -37.86 -76.44
CA GLU I 111 3.04 -39.27 -76.67
C GLU I 111 4.16 -40.00 -77.40
N LYS I 112 4.78 -39.35 -78.38
CA LYS I 112 5.91 -39.96 -79.07
C LYS I 112 7.09 -40.18 -78.14
N ILE I 113 7.39 -39.20 -77.29
CA ILE I 113 8.46 -39.32 -76.30
C ILE I 113 8.12 -40.43 -75.30
N ARG I 114 6.85 -40.56 -74.94
CA ARG I 114 6.41 -41.62 -74.04
C ARG I 114 6.61 -42.99 -74.65
N GLU I 115 6.28 -43.14 -75.93
CA GLU I 115 6.48 -44.43 -76.60
C GLU I 115 7.96 -44.74 -76.81
N GLU I 116 8.80 -43.71 -76.94
CA GLU I 116 10.22 -43.97 -77.18
C GLU I 116 11.02 -44.16 -75.90
N ASN I 117 11.08 -43.13 -75.06
CA ASN I 117 11.79 -43.18 -73.78
C ASN I 117 10.82 -42.81 -72.66
N PRO I 118 10.23 -43.78 -71.98
CA PRO I 118 9.18 -43.47 -70.99
C PRO I 118 9.69 -42.72 -69.77
N ARG I 119 10.99 -42.71 -69.51
CA ARG I 119 11.53 -41.92 -68.39
C ARG I 119 11.42 -40.42 -68.67
N LEU I 120 11.57 -40.01 -69.92
CA LEU I 120 11.61 -38.59 -70.26
C LEU I 120 10.22 -37.95 -70.24
N ALA I 121 9.18 -38.69 -70.63
CA ALA I 121 7.85 -38.11 -70.74
C ALA I 121 7.26 -37.75 -69.40
N ARG I 122 7.56 -38.53 -68.36
CA ARG I 122 7.10 -38.19 -67.02
C ARG I 122 7.78 -36.92 -66.52
N ASP I 123 9.08 -36.77 -66.79
CA ASP I 123 9.80 -35.58 -66.36
C ASP I 123 9.34 -34.34 -67.12
N SER I 124 9.09 -34.48 -68.42
CA SER I 124 8.82 -33.33 -69.27
C SER I 124 7.39 -32.81 -69.08
N LYS I 125 7.25 -31.50 -69.26
CA LYS I 125 6.00 -30.78 -69.10
C LYS I 125 5.85 -29.80 -70.25
N ILE I 126 4.60 -29.45 -70.57
CA ILE I 126 4.33 -28.49 -71.63
C ILE I 126 4.53 -27.09 -71.06
N LEU I 127 5.58 -26.42 -71.52
CA LEU I 127 5.91 -25.08 -71.04
C LEU I 127 5.30 -24.04 -71.97
N ARG I 128 4.56 -23.10 -71.39
CA ARG I 128 4.01 -21.97 -72.14
C ARG I 128 4.99 -20.82 -72.09
N VAL I 129 5.30 -20.27 -73.26
CA VAL I 129 6.24 -19.16 -73.32
C VAL I 129 5.70 -18.10 -74.29
N PRO I 130 5.72 -16.83 -73.91
CA PRO I 130 5.31 -15.78 -74.85
C PRO I 130 6.34 -15.63 -75.95
N MET I 131 5.90 -15.03 -77.06
CA MET I 131 6.75 -14.98 -78.25
C MET I 131 7.93 -14.02 -78.12
N ASP I 132 7.98 -13.18 -77.08
CA ASP I 132 9.13 -12.31 -76.90
C ASP I 132 10.36 -13.11 -76.46
N ASN I 133 10.20 -14.02 -75.50
CA ASN I 133 11.30 -14.89 -75.11
C ASN I 133 11.66 -15.86 -76.23
N VAL I 134 10.68 -16.29 -77.02
CA VAL I 134 10.95 -17.13 -78.18
C VAL I 134 11.77 -16.37 -79.20
N TYR I 135 11.45 -15.10 -79.43
CA TYR I 135 12.23 -14.27 -80.32
C TYR I 135 13.65 -14.06 -79.81
N GLU I 136 13.79 -13.87 -78.49
CA GLU I 136 15.11 -13.76 -77.88
C GLU I 136 15.92 -15.04 -78.09
N VAL I 137 15.27 -16.19 -78.00
CA VAL I 137 15.93 -17.47 -78.28
C VAL I 137 16.33 -17.56 -79.75
N PHE I 138 15.44 -17.15 -80.65
CA PHE I 138 15.67 -17.30 -82.09
C PHE I 138 16.78 -16.40 -82.60
N THR I 139 16.88 -15.19 -82.06
CA THR I 139 17.76 -14.18 -82.64
C THR I 139 19.24 -14.53 -82.49
N THR I 140 19.64 -14.90 -81.28
CA THR I 140 21.06 -15.05 -80.96
C THR I 140 21.67 -16.22 -81.73
N PRO I 141 22.76 -16.02 -82.46
CA PRO I 141 23.50 -17.15 -83.03
C PRO I 141 23.95 -18.11 -81.94
N ARG I 142 23.74 -19.40 -82.21
CA ARG I 142 23.96 -20.40 -81.17
C ARG I 142 25.41 -20.78 -81.00
N GLU I 143 26.26 -20.44 -81.98
CA GLU I 143 27.69 -20.67 -81.84
C GLU I 143 28.30 -19.74 -80.79
N GLN I 144 27.77 -18.52 -80.66
CA GLN I 144 28.21 -17.61 -79.61
C GLN I 144 27.84 -18.14 -78.23
N THR I 145 26.64 -18.71 -78.10
CA THR I 145 26.24 -19.29 -76.82
C THR I 145 27.01 -20.58 -76.54
N GLY I 146 27.48 -21.26 -77.59
CA GLY I 146 28.23 -22.49 -77.42
C GLY I 146 27.42 -23.75 -77.50
N LEU I 147 26.12 -23.65 -77.77
CA LEU I 147 25.22 -24.78 -77.95
C LEU I 147 24.54 -24.65 -79.33
N GLN I 148 25.25 -25.13 -80.34
CA GLN I 148 24.78 -24.93 -81.71
C GLN I 148 24.23 -26.24 -82.27
N GLY I 149 23.48 -26.11 -83.36
CA GLY I 149 22.86 -27.23 -84.02
C GLY I 149 21.39 -27.42 -83.71
N ILE I 150 20.87 -26.73 -82.70
CA ILE I 150 19.45 -26.85 -82.35
C ILE I 150 18.67 -25.92 -83.26
N HIS I 151 17.81 -26.48 -84.11
CA HIS I 151 17.30 -25.73 -85.25
C HIS I 151 16.25 -24.71 -84.85
N PHE I 152 15.38 -25.06 -83.90
CA PHE I 152 14.32 -24.19 -83.38
C PHE I 152 13.37 -23.75 -84.50
N ARG I 153 12.63 -24.73 -85.00
CA ARG I 153 11.62 -24.48 -86.03
C ARG I 153 10.25 -24.24 -85.41
N PHE I 154 9.32 -23.77 -86.25
CA PHE I 154 7.96 -23.50 -85.85
C PHE I 154 7.02 -24.53 -86.43
N MET I 155 6.07 -24.99 -85.63
CA MET I 155 5.08 -25.96 -86.10
C MET I 155 3.71 -25.30 -86.20
N PRO I 156 3.16 -25.12 -87.40
CA PRO I 156 1.84 -24.52 -87.52
C PRO I 156 0.73 -25.53 -87.32
N ASP I 157 -0.46 -25.00 -87.07
CA ASP I 157 -1.66 -25.83 -86.97
C ASP I 157 -2.01 -26.41 -88.34
N MET I 158 -2.37 -27.69 -88.36
CA MET I 158 -2.72 -28.34 -89.62
C MET I 158 -4.02 -27.78 -90.19
N LYS I 159 -4.99 -27.48 -89.31
CA LYS I 159 -6.26 -26.89 -89.77
C LYS I 159 -6.04 -25.53 -90.41
N GLN I 160 -5.17 -24.71 -89.82
CA GLN I 160 -4.92 -23.40 -90.39
C GLN I 160 -3.98 -23.44 -91.58
N VAL I 161 -3.13 -24.46 -91.67
CA VAL I 161 -2.39 -24.68 -92.92
C VAL I 161 -3.35 -25.05 -94.03
N ALA I 162 -4.36 -25.88 -93.73
CA ALA I 162 -5.39 -26.21 -94.71
C ALA I 162 -6.20 -24.99 -95.11
N HIS I 163 -6.52 -24.13 -94.15
CA HIS I 163 -7.22 -22.88 -94.46
C HIS I 163 -6.36 -21.97 -95.33
N ALA I 164 -5.05 -21.91 -95.04
CA ALA I 164 -4.14 -21.12 -95.86
C ALA I 164 -4.04 -21.65 -97.28
N LEU I 165 -4.03 -22.98 -97.43
CA LEU I 165 -4.02 -23.58 -98.76
C LEU I 165 -5.32 -23.28 -99.51
N GLN I 166 -6.45 -23.32 -98.80
CA GLN I 166 -7.73 -22.97 -99.41
C GLN I 166 -7.75 -21.51 -99.86
N LEU I 167 -7.18 -20.62 -99.07
CA LEU I 167 -7.11 -19.21 -99.47
C LEU I 167 -6.09 -18.98 -100.58
N TYR I 168 -5.06 -19.81 -100.64
CA TYR I 168 -4.15 -19.78 -101.78
C TYR I 168 -4.89 -20.18 -103.06
N LYS I 169 -5.78 -21.16 -102.96
CA LYS I 169 -6.51 -21.70 -104.11
C LYS I 169 -7.37 -20.64 -104.81
N ASP I 170 -7.72 -19.56 -104.12
CA ASP I 170 -8.57 -18.51 -104.71
C ASP I 170 -7.93 -17.88 -105.93
N ALA I 171 -6.63 -17.56 -105.86
CA ALA I 171 -5.94 -17.04 -107.03
C ALA I 171 -5.55 -18.15 -108.00
N GLY I 172 -5.15 -19.31 -107.46
CA GLY I 172 -4.72 -20.43 -108.27
C GLY I 172 -3.20 -20.57 -108.27
N VAL I 173 -2.69 -21.48 -107.43
CA VAL I 173 -1.26 -21.66 -107.19
C VAL I 173 -1.07 -23.13 -106.83
N PRO I 174 0.18 -23.62 -106.59
CA PRO I 174 0.32 -24.96 -106.01
C PRO I 174 -0.19 -25.03 -104.59
N THR I 175 -1.52 -25.22 -104.46
CA THR I 175 -2.25 -25.10 -103.21
C THR I 175 -2.10 -26.32 -102.29
N ARG I 176 -1.07 -27.14 -102.48
CA ARG I 176 -0.72 -28.21 -101.54
C ARG I 176 0.67 -28.00 -100.97
N GLN I 177 1.09 -26.74 -100.82
CA GLN I 177 2.41 -26.43 -100.28
C GLN I 177 2.36 -25.08 -99.59
N PHE I 178 3.02 -24.97 -98.44
CA PHE I 178 3.05 -23.75 -97.67
C PHE I 178 4.37 -23.67 -96.93
N ILE I 179 4.76 -22.43 -96.57
CA ILE I 179 6.01 -22.17 -95.86
C ILE I 179 5.68 -21.43 -94.57
N GLY I 180 6.15 -21.97 -93.45
CA GLY I 180 6.02 -21.29 -92.17
C GLY I 180 4.62 -21.36 -91.58
N VAL I 181 4.44 -20.57 -90.53
CA VAL I 181 3.17 -20.49 -89.81
C VAL I 181 2.28 -19.46 -90.50
N PRO I 182 1.05 -19.83 -90.87
CA PRO I 182 0.19 -18.88 -91.58
C PRO I 182 -0.34 -17.79 -90.65
N VAL I 183 -0.37 -16.57 -91.20
CA VAL I 183 -0.92 -15.39 -90.53
C VAL I 183 -1.94 -14.77 -91.47
N PHE I 184 -3.15 -14.57 -90.97
CA PHE I 184 -4.28 -14.14 -91.79
C PHE I 184 -4.59 -12.68 -91.54
N GLN I 185 -5.02 -11.98 -92.59
CA GLN I 185 -5.32 -10.56 -92.48
C GLN I 185 -6.25 -10.16 -93.61
N ALA I 186 -7.29 -9.40 -93.29
CA ALA I 186 -8.24 -8.91 -94.28
C ALA I 186 -7.85 -7.50 -94.70
N GLU I 187 -7.82 -7.27 -96.02
CA GLU I 187 -7.45 -5.96 -96.56
C GLU I 187 -8.58 -4.98 -96.30
N GLY I 188 -8.46 -4.19 -95.23
CA GLY I 188 -9.49 -3.27 -94.82
C GLY I 188 -9.94 -3.42 -93.38
N LEU I 189 -9.43 -4.40 -92.65
CA LEU I 189 -9.82 -4.61 -91.26
C LEU I 189 -8.84 -3.87 -90.36
N THR I 190 -9.37 -2.93 -89.56
CA THR I 190 -8.57 -2.09 -88.69
C THR I 190 -9.17 -2.06 -87.30
N VAL I 191 -8.33 -1.98 -86.28
CA VAL I 191 -8.77 -1.83 -84.90
C VAL I 191 -8.56 -0.40 -84.45
N THR I 192 -9.64 0.21 -83.96
CA THR I 192 -9.62 1.62 -83.54
C THR I 192 -9.32 1.69 -82.05
N THR I 193 -8.06 1.97 -81.72
CA THR I 193 -7.64 2.25 -80.36
C THR I 193 -7.93 3.69 -79.98
N ARG I 194 -7.28 4.19 -78.92
CA ARG I 194 -7.59 5.50 -78.33
C ARG I 194 -7.54 6.67 -79.31
N ASP I 195 -6.44 6.84 -80.05
CA ASP I 195 -6.41 7.81 -81.15
C ASP I 195 -5.59 7.31 -82.33
N MET I 196 -5.21 6.03 -82.33
CA MET I 196 -4.42 5.44 -83.38
C MET I 196 -5.16 4.21 -83.90
N GLN I 197 -4.89 3.84 -85.15
CA GLN I 197 -5.61 2.80 -85.84
C GLN I 197 -4.66 1.65 -86.17
N TYR I 198 -4.69 0.60 -85.36
CA TYR I 198 -3.79 -0.52 -85.56
C TYR I 198 -4.34 -1.48 -86.60
N VAL I 199 -3.44 -2.22 -87.24
CA VAL I 199 -3.81 -3.21 -88.24
C VAL I 199 -3.66 -4.59 -87.62
N PRO I 200 -4.75 -5.31 -87.33
CA PRO I 200 -4.63 -6.62 -86.68
C PRO I 200 -4.15 -7.70 -87.64
N LEU I 201 -3.10 -8.40 -87.24
CA LEU I 201 -2.69 -9.64 -87.89
C LEU I 201 -3.30 -10.81 -87.13
N PHE I 202 -4.15 -11.57 -87.81
CA PHE I 202 -4.90 -12.65 -87.17
C PHE I 202 -4.15 -13.96 -87.33
N LEU I 203 -3.80 -14.57 -86.20
CA LEU I 203 -3.19 -15.89 -86.23
C LEU I 203 -4.21 -16.97 -86.54
N CYS I 204 -5.50 -16.66 -86.48
CA CYS I 204 -6.52 -17.67 -86.71
C CYS I 204 -7.58 -17.22 -87.71
N LYS I 205 -7.90 -18.13 -88.65
CA LYS I 205 -8.91 -17.86 -89.68
C LYS I 205 -10.28 -17.69 -89.07
N GLU I 206 -10.61 -18.48 -88.03
CA GLU I 206 -11.91 -18.35 -87.40
C GLU I 206 -12.04 -17.01 -86.70
N ASP I 207 -10.98 -16.56 -86.02
CA ASP I 207 -11.02 -15.24 -85.39
C ASP I 207 -11.15 -14.13 -86.44
N LEU I 208 -10.43 -14.28 -87.56
CA LEU I 208 -10.55 -13.30 -88.64
C LEU I 208 -11.96 -13.28 -89.23
N ASP I 209 -12.58 -14.45 -89.36
CA ASP I 209 -13.94 -14.53 -89.87
C ASP I 209 -14.93 -13.88 -88.93
N ILE I 210 -14.76 -14.10 -87.62
CA ILE I 210 -15.63 -13.45 -86.64
C ILE I 210 -15.49 -11.94 -86.70
N ALA I 211 -14.24 -11.46 -86.76
CA ALA I 211 -14.02 -10.01 -86.80
C ALA I 211 -14.56 -9.39 -88.09
N VAL I 212 -14.35 -10.05 -89.23
CA VAL I 212 -14.80 -9.52 -90.51
C VAL I 212 -16.32 -9.49 -90.57
N GLN I 213 -16.98 -10.60 -90.18
CA GLN I 213 -18.42 -10.67 -90.24
C GLN I 213 -19.06 -9.68 -89.27
N SER I 214 -18.53 -9.60 -88.05
CA SER I 214 -19.08 -8.67 -87.07
C SER I 214 -18.85 -7.22 -87.48
N ALA I 215 -17.70 -6.91 -88.06
CA ALA I 215 -17.42 -5.54 -88.46
C ALA I 215 -18.29 -5.10 -89.62
N TYR I 216 -18.49 -5.95 -90.63
CA TYR I 216 -19.35 -5.51 -91.73
C TYR I 216 -20.82 -5.54 -91.35
N VAL I 217 -21.24 -6.44 -90.45
CA VAL I 217 -22.64 -6.42 -90.02
C VAL I 217 -22.88 -5.26 -89.05
N GLN I 218 -21.83 -4.71 -88.45
CA GLN I 218 -22.02 -3.54 -87.58
C GLN I 218 -21.94 -2.22 -88.33
N ARG I 219 -21.09 -2.14 -89.36
CA ARG I 219 -20.97 -0.90 -90.12
C ARG I 219 -21.84 -0.88 -91.37
N ASN I 220 -22.60 -1.97 -91.62
CA ASN I 220 -23.56 -2.14 -92.72
C ASN I 220 -22.86 -2.26 -94.07
N ALA I 221 -23.23 -3.30 -94.82
CA ALA I 221 -22.66 -3.63 -96.13
C ALA I 221 -21.13 -3.74 -96.11
N ALA I 281 -19.12 -7.93 -102.62
CA ALA I 281 -19.34 -6.57 -102.04
C ALA I 281 -18.53 -6.43 -100.75
N PRO I 282 -18.96 -7.01 -99.60
CA PRO I 282 -18.26 -6.84 -98.33
C PRO I 282 -17.30 -8.00 -98.03
N LEU I 283 -16.65 -8.55 -99.06
CA LEU I 283 -15.64 -9.62 -98.85
C LEU I 283 -14.25 -8.96 -98.90
N PRO I 284 -13.57 -8.75 -97.75
CA PRO I 284 -12.31 -7.99 -97.72
C PRO I 284 -11.08 -8.83 -98.04
N LYS I 285 -11.03 -9.33 -99.28
CA LYS I 285 -9.85 -9.95 -99.87
C LYS I 285 -9.39 -11.21 -99.14
N VAL I 286 -8.96 -11.04 -97.87
CA VAL I 286 -8.50 -12.10 -96.96
C VAL I 286 -7.24 -12.75 -97.51
N GLU I 287 -6.08 -12.28 -97.04
CA GLU I 287 -4.78 -12.74 -97.50
C GLU I 287 -4.01 -13.35 -96.35
N VAL I 288 -3.22 -14.37 -96.65
CA VAL I 288 -2.49 -15.15 -95.66
C VAL I 288 -1.02 -15.22 -96.03
N GLY I 289 -0.16 -14.85 -95.07
CA GLY I 289 1.28 -14.91 -95.27
C GLY I 289 1.96 -15.80 -94.25
N SER I 290 3.28 -15.73 -94.18
CA SER I 290 4.05 -16.58 -93.28
C SER I 290 4.52 -15.78 -92.06
N PHE I 291 4.43 -16.40 -90.89
CA PHE I 291 4.74 -15.69 -89.64
C PHE I 291 6.23 -15.40 -89.49
N GLU I 292 7.09 -16.23 -90.09
CA GLU I 292 8.53 -15.94 -90.05
C GLU I 292 8.86 -14.67 -90.83
N GLU I 293 8.20 -14.48 -91.98
CA GLU I 293 8.48 -13.31 -92.79
C GLU I 293 7.91 -12.03 -92.18
N VAL I 294 6.76 -12.11 -91.51
CA VAL I 294 6.24 -10.92 -90.83
C VAL I 294 7.03 -10.57 -89.57
N VAL I 295 7.94 -11.45 -89.14
CA VAL I 295 8.88 -11.12 -88.08
C VAL I 295 10.17 -10.56 -88.66
N MET I 296 10.66 -11.16 -89.74
CA MET I 296 11.88 -10.66 -90.39
C MET I 296 11.67 -9.26 -90.96
N ARG I 297 10.50 -9.00 -91.55
CA ARG I 297 10.21 -7.65 -92.05
C ARG I 297 10.09 -6.65 -90.90
N MET I 298 9.52 -7.08 -89.77
CA MET I 298 9.44 -6.22 -88.59
C MET I 298 10.83 -5.88 -88.08
N THR I 299 11.75 -6.83 -88.14
CA THR I 299 13.11 -6.60 -87.66
C THR I 299 13.87 -5.68 -88.60
N ALA I 300 13.78 -5.92 -89.92
CA ALA I 300 14.62 -5.24 -90.89
C ALA I 300 13.94 -4.03 -91.54
N SER I 301 12.73 -3.67 -91.09
CA SER I 301 12.04 -2.51 -91.67
C SER I 301 12.64 -1.22 -91.11
N ALA I 302 12.90 -0.26 -92.00
CA ALA I 302 13.49 1.01 -91.56
C ALA I 302 12.74 2.23 -92.08
N GLY I 303 12.26 2.21 -93.31
CA GLY I 303 11.70 3.41 -93.91
C GLY I 303 10.22 3.61 -93.63
N ASN I 304 9.41 3.69 -94.69
CA ASN I 304 7.96 3.71 -94.51
C ASN I 304 7.42 2.37 -94.06
N GLU I 305 8.18 1.29 -94.30
CA GLU I 305 7.80 -0.02 -93.78
C GLU I 305 7.83 -0.04 -92.26
N LEU I 306 8.70 0.77 -91.65
CA LEU I 306 8.72 0.91 -90.20
C LEU I 306 7.41 1.51 -89.68
N ALA I 307 6.92 2.55 -90.36
CA ALA I 307 5.64 3.14 -89.96
C ALA I 307 4.47 2.23 -90.26
N ALA I 308 4.58 1.42 -91.32
CA ALA I 308 3.54 0.44 -91.62
C ALA I 308 3.48 -0.65 -90.57
N TRP I 309 4.65 -1.11 -90.10
CA TRP I 309 4.70 -2.18 -89.10
C TRP I 309 4.47 -1.66 -87.69
N SER I 310 4.63 -0.36 -87.45
CA SER I 310 4.37 0.18 -86.12
C SER I 310 2.91 0.11 -85.73
N GLN I 311 2.02 -0.05 -86.70
CA GLN I 311 0.59 -0.22 -86.45
C GLN I 311 0.17 -1.67 -86.44
N VAL I 312 1.11 -2.61 -86.35
CA VAL I 312 0.73 -4.01 -86.32
C VAL I 312 0.12 -4.35 -84.97
N MET I 313 -0.76 -5.35 -84.97
CA MET I 313 -1.39 -5.84 -83.75
C MET I 313 -1.60 -7.33 -83.94
N PHE I 314 -1.24 -8.12 -82.94
CA PHE I 314 -1.22 -9.56 -83.07
C PHE I 314 -2.35 -10.17 -82.26
N VAL I 315 -3.28 -10.80 -82.96
CA VAL I 315 -4.39 -11.49 -82.32
C VAL I 315 -3.94 -12.89 -81.94
N ALA I 316 -4.18 -13.27 -80.68
CA ALA I 316 -3.85 -14.61 -80.22
C ALA I 316 -4.71 -15.65 -80.94
N PRO I 317 -4.24 -16.90 -81.05
CA PRO I 317 -5.04 -17.92 -81.76
C PRO I 317 -6.41 -18.19 -81.15
N GLU I 318 -6.60 -17.96 -79.87
CA GLU I 318 -7.91 -18.09 -79.24
C GLU I 318 -8.17 -16.81 -78.45
N LEU I 319 -8.67 -15.79 -79.14
CA LEU I 319 -9.03 -14.52 -78.53
C LEU I 319 -10.49 -14.15 -78.74
N LEU I 320 -11.01 -14.33 -79.95
CA LEU I 320 -12.43 -14.14 -80.23
C LEU I 320 -13.14 -15.50 -80.24
N ARG I 321 -13.13 -16.15 -79.08
CA ARG I 321 -13.76 -17.46 -78.95
C ARG I 321 -15.22 -17.27 -78.54
N ASP I 322 -15.86 -18.35 -78.09
CA ASP I 322 -17.27 -18.31 -77.70
C ASP I 322 -17.46 -17.58 -76.39
N SER I 323 -17.34 -16.26 -76.41
CA SER I 323 -17.50 -15.45 -75.21
C SER I 323 -18.62 -14.44 -75.37
N SER J 60 -45.44 -44.79 42.04
CA SER J 60 -46.46 -44.90 43.07
C SER J 60 -45.83 -44.92 44.45
N ASN J 61 -45.74 -43.73 45.07
CA ASN J 61 -45.10 -43.52 46.36
C ASN J 61 -43.69 -44.08 46.37
N TRP J 62 -42.95 -43.88 45.28
CA TRP J 62 -41.54 -44.26 45.25
C TRP J 62 -40.69 -43.36 46.13
N TRP J 63 -41.24 -42.22 46.55
CA TRP J 63 -40.68 -41.42 47.64
C TRP J 63 -41.06 -42.09 48.97
N ALA J 64 -40.78 -41.41 50.09
CA ALA J 64 -40.99 -41.91 51.46
C ALA J 64 -40.09 -43.09 51.82
N SER J 65 -39.25 -43.52 50.87
CA SER J 65 -38.18 -44.46 51.11
C SER J 65 -36.84 -43.88 50.70
N ILE J 66 -36.79 -42.61 50.31
CA ILE J 66 -35.57 -41.95 49.89
C ILE J 66 -34.69 -41.77 51.13
N ASN J 67 -33.56 -42.46 51.14
CA ASN J 67 -32.64 -42.46 52.28
C ASN J 67 -31.37 -41.73 51.87
N ARG J 68 -30.95 -40.78 52.70
CA ARG J 68 -29.68 -40.09 52.47
C ARG J 68 -28.49 -40.91 52.93
N LYS J 69 -28.73 -41.97 53.70
CA LYS J 69 -27.69 -42.80 54.29
C LYS J 69 -27.40 -44.05 53.49
N THR J 70 -28.43 -44.63 52.86
CA THR J 70 -28.28 -45.81 52.02
C THR J 70 -28.26 -45.47 50.53
N GLY J 71 -28.26 -44.18 50.18
CA GLY J 71 -28.21 -43.79 48.78
C GLY J 71 -29.55 -43.37 48.21
N ILE J 72 -29.54 -42.29 47.44
CA ILE J 72 -30.75 -41.73 46.86
C ILE J 72 -30.86 -42.21 45.42
N ARG J 73 -31.97 -42.87 45.10
CA ARG J 73 -32.19 -43.41 43.77
C ARG J 73 -33.61 -43.09 43.32
N GLY J 74 -33.77 -42.89 42.02
CA GLY J 74 -35.08 -42.67 41.43
C GLY J 74 -35.71 -43.99 41.00
N PRO J 75 -36.92 -43.90 40.44
CA PRO J 75 -37.56 -45.14 39.94
C PRO J 75 -36.94 -45.65 38.66
N ASP J 76 -36.35 -44.78 37.84
CA ASP J 76 -35.73 -45.20 36.59
C ASP J 76 -34.36 -45.81 36.88
N PRO J 77 -34.09 -47.03 36.43
CA PRO J 77 -32.79 -47.70 36.74
C PRO J 77 -31.65 -47.22 35.86
N ALA J 78 -31.03 -46.10 36.29
CA ALA J 78 -29.85 -45.41 35.74
C ALA J 78 -30.16 -44.75 34.40
N PRO J 79 -29.56 -43.59 34.10
CA PRO J 79 -29.87 -42.90 32.84
C PRO J 79 -29.44 -43.65 31.58
N ALA J 80 -28.15 -43.94 31.45
CA ALA J 80 -27.57 -44.55 30.26
C ALA J 80 -26.14 -44.97 30.59
N GLU J 81 -25.41 -45.39 29.56
CA GLU J 81 -24.00 -45.70 29.68
C GLU J 81 -23.15 -44.48 29.29
N GLU J 82 -21.85 -44.58 29.52
CA GLU J 82 -20.92 -43.50 29.23
C GLU J 82 -19.95 -43.94 28.13
N HIS J 83 -19.83 -43.11 27.10
CA HIS J 83 -18.99 -43.39 25.94
C HIS J 83 -17.76 -42.50 26.00
N THR J 84 -16.58 -43.13 25.95
CA THR J 84 -15.31 -42.41 26.15
C THR J 84 -14.62 -42.06 24.82
N ASN J 85 -14.33 -43.04 23.96
CA ASN J 85 -13.62 -42.81 22.70
C ASN J 85 -12.27 -42.11 22.90
N GLY J 86 -11.63 -42.33 24.05
CA GLY J 86 -10.31 -41.80 24.29
C GLY J 86 -10.30 -40.58 25.21
N PRO J 87 -9.30 -40.51 26.10
CA PRO J 87 -9.17 -39.33 26.97
C PRO J 87 -8.96 -38.02 26.23
N ALA J 88 -8.08 -38.01 25.22
CA ALA J 88 -7.84 -36.76 24.49
C ALA J 88 -9.10 -36.32 23.73
N ARG J 89 -9.80 -37.25 23.11
CA ARG J 89 -11.04 -36.90 22.41
C ARG J 89 -12.15 -36.49 23.37
N ASP J 90 -12.15 -37.00 24.61
CA ASP J 90 -12.99 -36.41 25.65
C ASP J 90 -12.58 -34.98 25.94
N ILE J 91 -11.28 -34.73 25.95
CA ILE J 91 -10.78 -33.41 26.36
C ILE J 91 -11.14 -32.35 25.32
N ILE J 92 -10.82 -32.58 24.06
CA ILE J 92 -10.94 -31.53 23.03
C ILE J 92 -12.24 -31.64 22.25
N GLY J 93 -12.95 -32.76 22.33
CA GLY J 93 -14.23 -32.90 21.66
C GLY J 93 -14.10 -33.19 20.18
N ASP J 94 -15.24 -33.43 19.55
CA ASP J 94 -15.27 -33.64 18.12
C ASP J 94 -15.28 -32.30 17.40
N ARG J 95 -15.18 -32.38 16.06
CA ARG J 95 -15.06 -31.29 15.07
C ARG J 95 -13.66 -30.68 15.14
N MET J 96 -12.91 -31.01 16.18
CA MET J 96 -11.50 -30.68 16.30
C MET J 96 -10.63 -31.92 16.44
N SER J 97 -11.14 -32.98 17.07
CA SER J 97 -10.52 -34.29 16.90
C SER J 97 -10.59 -34.73 15.45
N ARG J 98 -11.73 -34.50 14.80
CA ARG J 98 -11.86 -34.81 13.38
C ARG J 98 -10.94 -33.96 12.52
N ARG J 99 -10.85 -32.66 12.82
CA ARG J 99 -9.96 -31.77 12.07
C ARG J 99 -8.50 -32.16 12.27
N LEU J 100 -8.11 -32.50 13.51
CA LEU J 100 -6.75 -32.93 13.78
C LEU J 100 -6.44 -34.26 13.10
N GLU J 101 -7.41 -35.19 13.08
CA GLU J 101 -7.20 -36.46 12.40
C GLU J 101 -7.06 -36.28 10.90
N ASP J 102 -7.88 -35.42 10.30
CA ASP J 102 -7.76 -35.15 8.87
C ASP J 102 -6.44 -34.47 8.54
N ILE J 103 -6.01 -33.53 9.38
CA ILE J 103 -4.72 -32.86 9.18
C ILE J 103 -3.57 -33.87 9.27
N ASN J 104 -3.62 -34.76 10.26
CA ASN J 104 -2.57 -35.76 10.41
C ASN J 104 -2.55 -36.73 9.23
N LYS J 105 -3.74 -37.15 8.77
CA LYS J 105 -3.80 -38.05 7.62
C LYS J 105 -3.26 -37.38 6.35
N ALA J 106 -3.64 -36.13 6.11
CA ALA J 106 -3.16 -35.41 4.93
C ALA J 106 -1.66 -35.17 5.00
N GLU J 107 -1.14 -34.83 6.18
CA GLU J 107 0.29 -34.59 6.31
C GLU J 107 1.08 -35.89 6.17
N ARG J 108 0.56 -37.00 6.70
CA ARG J 108 1.23 -38.29 6.52
C ARG J 108 1.24 -38.72 5.05
N GLN J 109 0.14 -38.48 4.34
CA GLN J 109 0.10 -38.80 2.91
C GLN J 109 1.06 -37.92 2.12
N ARG J 110 1.15 -36.63 2.46
CA ARG J 110 2.09 -35.75 1.79
C ARG J 110 3.53 -36.16 2.05
N VAL J 111 3.83 -36.55 3.29
CA VAL J 111 5.19 -36.98 3.64
C VAL J 111 5.53 -38.29 2.92
N TRP J 112 4.57 -39.21 2.82
CA TRP J 112 4.82 -40.47 2.12
C TRP J 112 5.05 -40.24 0.62
N ASP J 113 4.25 -39.35 0.02
CA ASP J 113 4.44 -39.05 -1.41
C ASP J 113 5.77 -38.37 -1.66
N ALA J 114 6.15 -37.43 -0.80
CA ALA J 114 7.46 -36.78 -0.92
C ALA J 114 8.60 -37.78 -0.72
N MET J 115 8.43 -38.70 0.23
CA MET J 115 9.45 -39.70 0.50
C MET J 115 9.62 -40.65 -0.67
N ARG J 116 8.52 -41.08 -1.29
CA ARG J 116 8.68 -41.99 -2.41
C ARG J 116 9.17 -41.26 -3.67
N VAL J 117 8.86 -39.98 -3.84
CA VAL J 117 9.42 -39.23 -4.95
C VAL J 117 10.93 -39.04 -4.78
N ALA J 118 11.36 -38.66 -3.57
CA ALA J 118 12.80 -38.49 -3.31
C ALA J 118 13.53 -39.83 -3.37
N ALA J 119 12.89 -40.90 -2.89
CA ALA J 119 13.49 -42.22 -2.97
C ALA J 119 13.60 -42.71 -4.40
N ALA J 120 12.63 -42.35 -5.24
CA ALA J 120 12.72 -42.61 -6.66
C ALA J 120 13.89 -41.90 -7.30
N HIS J 121 14.04 -40.61 -6.98
CA HIS J 121 15.16 -39.83 -7.52
C HIS J 121 16.50 -40.37 -7.06
N ARG J 122 16.59 -40.88 -5.83
CA ARG J 122 17.85 -41.42 -5.34
C ARG J 122 18.10 -42.84 -5.83
N TYR J 123 17.06 -43.63 -6.08
CA TYR J 123 17.24 -44.98 -6.58
C TYR J 123 17.60 -44.98 -8.06
N ALA J 124 17.04 -44.03 -8.82
CA ALA J 124 17.47 -43.87 -10.20
C ALA J 124 18.89 -43.33 -10.30
N ALA J 125 19.38 -42.68 -9.25
CA ALA J 125 20.76 -42.24 -9.18
C ALA J 125 21.73 -43.33 -8.73
N GLY J 126 21.21 -44.47 -8.28
CA GLY J 126 22.05 -45.47 -7.65
C GLY J 126 22.64 -45.02 -6.34
N GLN J 127 21.90 -44.23 -5.57
CA GLN J 127 22.35 -43.72 -4.27
C GLN J 127 21.49 -44.28 -3.14
N MET J 128 20.98 -45.49 -3.31
CA MET J 128 20.12 -46.14 -2.35
C MET J 128 20.86 -47.27 -1.64
N PRO J 129 20.54 -47.53 -0.37
CA PRO J 129 21.12 -48.70 0.31
C PRO J 129 20.55 -49.99 -0.26
N ALA J 130 21.23 -51.09 0.08
CA ALA J 130 20.93 -52.38 -0.53
C ALA J 130 19.61 -52.98 -0.08
N TRP J 131 19.03 -52.48 1.01
CA TRP J 131 17.76 -53.02 1.49
C TRP J 131 16.55 -52.39 0.84
N PHE J 132 16.74 -51.38 -0.01
CA PHE J 132 15.61 -50.68 -0.60
C PHE J 132 14.95 -51.53 -1.68
N ASP J 133 13.63 -51.63 -1.60
CA ASP J 133 12.84 -52.32 -2.62
C ASP J 133 12.07 -51.29 -3.43
N PRO J 134 12.36 -51.14 -4.73
CA PRO J 134 11.64 -50.13 -5.55
C PRO J 134 10.16 -50.43 -5.68
N GLU J 135 9.73 -51.67 -5.44
CA GLU J 135 8.31 -51.99 -5.41
C GLU J 135 7.57 -51.23 -4.31
N TRP J 136 8.28 -50.80 -3.25
CA TRP J 136 7.65 -49.96 -2.23
C TRP J 136 7.16 -48.64 -2.83
N LEU J 137 7.79 -48.16 -3.90
CA LEU J 137 7.31 -46.98 -4.59
C LEU J 137 5.95 -47.18 -5.25
N GLN J 138 5.50 -48.43 -5.40
CA GLN J 138 4.15 -48.69 -5.88
C GLN J 138 3.11 -48.64 -4.77
N GLN J 139 3.53 -48.47 -3.51
CA GLN J 139 2.59 -48.29 -2.41
C GLN J 139 2.12 -46.84 -2.43
N GLU J 140 0.90 -46.62 -2.92
CA GLU J 140 0.40 -45.26 -3.11
C GLU J 140 0.01 -44.62 -1.78
N GLU J 141 -0.76 -45.34 -0.97
CA GLU J 141 -1.21 -44.80 0.31
C GLU J 141 -0.06 -44.78 1.31
N ALA J 142 -0.14 -43.85 2.26
CA ALA J 142 0.79 -43.86 3.37
C ALA J 142 0.57 -45.13 4.19
N PRO J 143 1.64 -45.76 4.68
CA PRO J 143 1.47 -47.02 5.44
C PRO J 143 0.65 -46.85 6.70
N LEU J 144 0.82 -45.74 7.42
CA LEU J 144 0.05 -45.52 8.64
C LEU J 144 -1.43 -45.32 8.33
N ASN J 145 -1.73 -44.57 7.27
CA ASN J 145 -3.12 -44.40 6.86
C ASN J 145 -3.73 -45.70 6.37
N ALA J 146 -2.93 -46.55 5.70
CA ALA J 146 -3.40 -47.86 5.30
C ALA J 146 -3.72 -48.72 6.52
N MET J 147 -2.89 -48.62 7.56
CA MET J 147 -3.15 -49.38 8.78
C MET J 147 -4.38 -48.87 9.49
N ASP J 148 -4.57 -47.55 9.52
CA ASP J 148 -5.75 -46.99 10.16
C ASP J 148 -7.02 -47.36 9.42
N ARG J 149 -6.95 -47.43 8.08
CA ARG J 149 -8.11 -47.86 7.32
C ARG J 149 -8.39 -49.35 7.50
N MET J 150 -7.33 -50.16 7.66
CA MET J 150 -7.55 -51.57 7.99
C MET J 150 -8.22 -51.70 9.35
N ARG J 151 -7.80 -50.88 10.31
CA ARG J 151 -8.42 -50.90 11.64
C ARG J 151 -9.88 -50.49 11.58
N GLY J 152 -10.19 -49.46 10.80
CA GLY J 152 -11.56 -49.01 10.67
C GLY J 152 -12.45 -50.06 10.02
N GLU J 153 -11.98 -50.66 8.93
CA GLU J 153 -12.75 -51.67 8.24
C GLU J 153 -12.77 -53.01 8.97
N GLN J 154 -11.88 -53.22 9.93
CA GLN J 154 -11.91 -54.42 10.76
C GLN J 154 -12.78 -54.25 11.99
N ARG J 155 -12.89 -53.02 12.50
CA ARG J 155 -13.78 -52.73 13.61
C ARG J 155 -15.19 -52.36 13.18
N ARG J 156 -15.42 -52.14 11.88
CA ARG J 156 -16.75 -51.82 11.39
C ARG J 156 -17.48 -53.05 10.85
N ILE J 157 -16.85 -53.82 9.96
CA ILE J 157 -17.50 -54.98 9.35
C ILE J 157 -17.17 -56.24 10.13
N GLY J 190 -20.49 -49.45 -25.42
CA GLY J 190 -20.81 -50.76 -25.94
C GLY J 190 -19.64 -51.72 -25.92
N GLY J 191 -19.17 -52.05 -24.72
CA GLY J 191 -18.05 -52.95 -24.56
C GLY J 191 -16.71 -52.30 -24.32
N GLY J 192 -16.67 -50.99 -24.09
CA GLY J 192 -15.43 -50.29 -23.84
C GLY J 192 -15.19 -50.03 -22.36
N GLY J 193 -13.95 -49.70 -22.04
CA GLY J 193 -13.58 -49.40 -20.67
C GLY J 193 -13.43 -50.66 -19.83
N GLY J 194 -14.54 -51.31 -19.54
CA GLY J 194 -14.54 -52.54 -18.78
C GLY J 194 -15.40 -53.61 -19.41
N GLY J 195 -16.36 -54.13 -18.66
CA GLY J 195 -17.21 -55.18 -19.17
C GLY J 195 -18.39 -54.67 -19.95
N GLY J 196 -19.57 -55.08 -19.55
CA GLY J 196 -20.80 -54.70 -20.21
C GLY J 196 -21.86 -55.76 -20.05
N TRP J 197 -23.09 -55.33 -19.77
CA TRP J 197 -24.13 -56.29 -19.44
C TRP J 197 -25.38 -56.13 -20.29
N TRP J 198 -25.76 -54.89 -20.59
CA TRP J 198 -26.84 -54.58 -21.52
C TRP J 198 -28.16 -55.16 -21.05
N ARG J 199 -28.84 -54.48 -20.07
CA ARG J 199 -30.23 -54.60 -19.65
C ARG J 199 -30.57 -56.00 -19.12
N GLU J 200 -29.79 -56.41 -18.12
CA GLU J 200 -30.01 -57.68 -17.43
C GLU J 200 -29.57 -57.67 -15.96
N ASP J 201 -28.36 -57.18 -15.77
CA ASP J 201 -27.71 -56.99 -14.47
C ASP J 201 -26.76 -55.84 -14.70
N ASP J 202 -26.21 -55.31 -13.60
CA ASP J 202 -25.26 -54.18 -13.52
C ASP J 202 -25.53 -53.12 -14.60
N PRO J 203 -26.74 -52.55 -14.65
CA PRO J 203 -27.10 -51.76 -15.85
C PRO J 203 -26.27 -50.49 -16.01
N TYR J 204 -25.87 -49.89 -14.89
CA TYR J 204 -25.07 -48.68 -14.91
C TYR J 204 -23.59 -49.04 -14.76
N TRP J 205 -23.15 -49.94 -15.64
CA TRP J 205 -21.74 -50.30 -15.74
C TRP J 205 -20.84 -49.24 -16.39
N PRO J 206 -21.28 -48.40 -17.36
CA PRO J 206 -20.34 -47.39 -17.88
C PRO J 206 -19.86 -46.38 -16.86
N LEU J 207 -20.65 -46.14 -15.80
CA LEU J 207 -20.27 -45.14 -14.80
C LEU J 207 -19.31 -45.68 -13.74
N ARG J 208 -19.08 -47.00 -13.72
CA ARG J 208 -18.08 -47.57 -12.84
C ARG J 208 -16.69 -47.04 -13.18
N ASP J 209 -15.88 -46.80 -12.16
CA ASP J 209 -14.51 -46.35 -12.36
C ASP J 209 -13.66 -47.53 -12.82
N TRP J 210 -13.35 -47.58 -14.11
CA TRP J 210 -12.56 -48.65 -14.68
C TRP J 210 -11.07 -48.37 -14.67
N GLY J 211 -10.65 -47.17 -14.28
CA GLY J 211 -9.25 -46.77 -14.24
C GLY J 211 -8.84 -45.86 -15.36
N ASP J 212 -9.64 -45.73 -16.41
CA ASP J 212 -9.31 -44.89 -17.55
C ASP J 212 -10.15 -43.61 -17.53
N HIS J 213 -9.75 -42.67 -18.38
CA HIS J 213 -10.53 -41.46 -18.57
C HIS J 213 -11.84 -41.80 -19.30
N PRO J 214 -12.92 -41.08 -18.99
CA PRO J 214 -14.18 -41.31 -19.71
C PRO J 214 -14.11 -41.07 -21.21
N MET J 215 -13.26 -40.14 -21.65
CA MET J 215 -13.18 -39.75 -23.05
C MET J 215 -12.11 -40.50 -23.82
N ARG J 216 -11.63 -41.64 -23.29
CA ARG J 216 -10.57 -42.38 -23.97
C ARG J 216 -11.05 -42.99 -25.28
N TRP J 217 -12.19 -43.67 -25.25
CA TRP J 217 -12.69 -44.26 -26.48
C TRP J 217 -13.21 -43.22 -27.44
N TRP J 218 -13.67 -42.08 -26.92
CA TRP J 218 -14.08 -40.98 -27.78
C TRP J 218 -12.90 -40.36 -28.51
N THR J 219 -11.78 -40.15 -27.82
CA THR J 219 -10.62 -39.57 -28.51
C THR J 219 -9.96 -40.60 -29.42
N LEU J 220 -10.03 -41.89 -29.09
CA LEU J 220 -9.49 -42.91 -30.00
C LEU J 220 -10.35 -43.04 -31.25
N ALA J 221 -11.68 -42.98 -31.09
CA ALA J 221 -12.57 -43.00 -32.24
C ALA J 221 -12.39 -41.76 -33.09
N PHE J 222 -12.20 -40.59 -32.47
CA PHE J 222 -11.98 -39.38 -33.25
C PHE J 222 -10.65 -39.43 -33.98
N ALA J 223 -9.62 -40.01 -33.36
CA ALA J 223 -8.35 -40.21 -34.06
C ALA J 223 -8.51 -41.11 -35.27
N ALA J 224 -9.27 -42.21 -35.11
CA ALA J 224 -9.50 -43.13 -36.22
C ALA J 224 -10.27 -42.47 -37.36
N ILE J 225 -11.36 -41.77 -37.04
CA ILE J 225 -12.13 -41.14 -38.11
C ILE J 225 -11.38 -39.96 -38.73
N MET J 226 -10.53 -39.26 -37.96
CA MET J 226 -9.76 -38.17 -38.54
C MET J 226 -8.70 -38.71 -39.50
N ALA J 227 -7.99 -39.77 -39.11
CA ALA J 227 -7.00 -40.36 -40.00
C ALA J 227 -7.65 -40.93 -41.25
N ALA J 228 -8.77 -41.64 -41.09
CA ALA J 228 -9.46 -42.22 -42.25
C ALA J 228 -10.03 -41.15 -43.16
N GLY J 229 -10.64 -40.11 -42.60
CA GLY J 229 -11.18 -39.05 -43.42
C GLY J 229 -10.11 -38.24 -44.12
N GLY J 230 -8.98 -38.01 -43.45
CA GLY J 230 -7.89 -37.30 -44.10
C GLY J 230 -7.28 -38.09 -45.24
N LEU J 231 -7.05 -39.40 -45.04
CA LEU J 231 -6.52 -40.23 -46.10
C LEU J 231 -7.50 -40.32 -47.28
N ALA J 232 -8.78 -40.49 -46.99
CA ALA J 232 -9.78 -40.59 -48.05
C ALA J 232 -9.92 -39.28 -48.81
N THR J 233 -9.90 -38.14 -48.11
CA THR J 233 -10.02 -36.86 -48.77
C THR J 233 -8.80 -36.55 -49.63
N SER J 234 -7.60 -36.89 -49.14
CA SER J 234 -6.41 -36.65 -49.94
C SER J 234 -6.35 -37.56 -51.16
N VAL J 235 -6.82 -38.80 -51.03
CA VAL J 235 -6.89 -39.69 -52.18
C VAL J 235 -7.91 -39.17 -53.19
N ALA J 236 -9.08 -38.71 -52.71
CA ALA J 236 -10.15 -38.32 -53.61
C ALA J 236 -9.85 -37.00 -54.32
N THR J 237 -9.21 -36.06 -53.64
CA THR J 237 -8.99 -34.74 -54.23
C THR J 237 -7.57 -34.53 -54.75
N GLY J 238 -6.55 -34.86 -53.95
CA GLY J 238 -5.18 -34.56 -54.29
C GLY J 238 -4.54 -33.52 -53.40
N TYR J 239 -5.33 -32.81 -52.59
CA TYR J 239 -4.78 -31.90 -51.61
C TYR J 239 -4.06 -32.68 -50.52
N VAL J 240 -2.96 -32.11 -50.02
CA VAL J 240 -2.15 -32.80 -49.02
C VAL J 240 -2.37 -32.26 -47.61
N GLU J 241 -3.04 -31.12 -47.47
CA GLU J 241 -3.49 -30.69 -46.15
C GLU J 241 -4.44 -31.68 -45.47
N PRO J 242 -5.41 -32.32 -46.14
CA PRO J 242 -6.21 -33.34 -45.43
C PRO J 242 -5.40 -34.50 -44.85
N VAL J 243 -4.35 -34.97 -45.52
CA VAL J 243 -3.61 -36.10 -44.95
C VAL J 243 -2.62 -35.59 -43.91
N GLN J 244 -2.02 -34.42 -44.14
CA GLN J 244 -1.03 -33.89 -43.19
C GLN J 244 -1.68 -33.44 -41.88
N ALA J 245 -2.84 -32.78 -41.96
CA ALA J 245 -3.62 -32.40 -40.80
C ALA J 245 -4.62 -33.47 -40.39
N GLY J 246 -4.51 -34.66 -40.98
CA GLY J 246 -5.33 -35.82 -40.73
C GLY J 246 -4.59 -36.77 -39.83
N LEU J 247 -3.83 -37.70 -40.43
CA LEU J 247 -3.01 -38.66 -39.69
C LEU J 247 -2.07 -37.99 -38.69
N GLY J 248 -1.59 -36.78 -39.00
CA GLY J 248 -0.70 -36.08 -38.08
C GLY J 248 -1.36 -35.73 -36.77
N ALA J 249 -2.64 -35.36 -36.80
CA ALA J 249 -3.38 -35.10 -35.57
C ALA J 249 -3.96 -36.38 -34.99
N GLY J 250 -4.27 -37.36 -35.84
CA GLY J 250 -4.77 -38.63 -35.35
C GLY J 250 -3.74 -39.41 -34.55
N SER J 251 -2.47 -39.31 -34.92
CA SER J 251 -1.41 -39.94 -34.14
C SER J 251 -1.28 -39.30 -32.76
N LEU J 252 -1.37 -37.96 -32.70
CA LEU J 252 -1.33 -37.28 -31.42
C LEU J 252 -2.54 -37.63 -30.55
N LEU J 253 -3.71 -37.73 -31.17
CA LEU J 253 -4.90 -38.11 -30.41
C LEU J 253 -4.84 -39.57 -29.96
N ALA J 254 -4.24 -40.45 -30.77
CA ALA J 254 -4.07 -41.84 -30.36
C ALA J 254 -3.07 -41.96 -29.22
N LEU J 255 -1.99 -41.18 -29.26
CA LEU J 255 -1.05 -41.15 -28.14
C LEU J 255 -1.70 -40.60 -26.88
N ALA J 256 -2.53 -39.56 -27.03
CA ALA J 256 -3.27 -39.04 -25.88
C ALA J 256 -4.26 -40.07 -25.34
N GLY J 257 -4.93 -40.82 -26.21
CA GLY J 257 -5.82 -41.87 -25.76
C GLY J 257 -5.09 -43.02 -25.09
N ALA J 258 -3.88 -43.32 -25.54
CA ALA J 258 -3.04 -44.28 -24.84
C ALA J 258 -2.63 -43.78 -23.47
N ALA J 259 -2.29 -42.49 -23.38
CA ALA J 259 -1.88 -41.91 -22.10
C ALA J 259 -3.05 -41.75 -21.14
N MET J 260 -4.28 -41.70 -21.65
CA MET J 260 -5.47 -41.57 -20.83
C MET J 260 -6.04 -42.91 -20.38
N SER J 261 -5.36 -44.02 -20.68
CA SER J 261 -5.86 -45.32 -20.26
C SER J 261 -5.69 -45.56 -18.77
N ASP J 262 -4.82 -44.80 -18.10
CA ASP J 262 -4.72 -44.78 -16.65
C ASP J 262 -4.80 -43.32 -16.23
N ALA J 263 -6.02 -42.82 -16.05
CA ALA J 263 -6.26 -41.41 -15.75
C ALA J 263 -6.23 -41.14 -14.25
N ARG J 264 -5.17 -41.61 -13.60
CA ARG J 264 -4.90 -41.28 -12.21
C ARG J 264 -3.44 -40.85 -12.03
N CYS J 265 -2.73 -40.57 -13.11
CA CYS J 265 -1.31 -40.30 -13.07
C CYS J 265 -0.97 -39.08 -13.92
N VAL J 266 0.30 -38.69 -13.82
CA VAL J 266 0.82 -37.62 -14.66
C VAL J 266 0.70 -37.91 -16.15
N PRO J 267 0.95 -39.15 -16.64
CA PRO J 267 0.59 -39.44 -18.04
C PRO J 267 -0.88 -39.24 -18.36
N GLY J 268 -1.80 -39.54 -17.43
CA GLY J 268 -3.21 -39.30 -17.70
C GLY J 268 -3.53 -37.81 -17.83
N ALA J 269 -2.99 -36.99 -16.93
CA ALA J 269 -3.21 -35.55 -17.02
C ALA J 269 -2.58 -34.98 -18.28
N LEU J 270 -1.37 -35.42 -18.63
CA LEU J 270 -0.72 -34.95 -19.84
C LEU J 270 -1.46 -35.41 -21.09
N GLY J 271 -2.04 -36.61 -21.07
CA GLY J 271 -2.80 -37.08 -22.21
C GLY J 271 -4.08 -36.29 -22.43
N VAL J 272 -4.80 -35.98 -21.34
CA VAL J 272 -6.03 -35.21 -21.52
C VAL J 272 -5.70 -33.77 -21.95
N LYS J 273 -4.57 -33.22 -21.48
CA LYS J 273 -4.19 -31.88 -21.93
C LYS J 273 -3.75 -31.89 -23.39
N LEU J 274 -3.01 -32.90 -23.82
CA LEU J 274 -2.61 -33.00 -25.22
C LEU J 274 -3.81 -33.19 -26.14
N ALA J 275 -4.77 -34.02 -25.73
CA ALA J 275 -5.97 -34.23 -26.54
C ALA J 275 -6.79 -32.95 -26.64
N TRP J 276 -6.93 -32.21 -25.54
CA TRP J 276 -7.63 -30.93 -25.61
C TRP J 276 -6.89 -29.94 -26.50
N ALA J 277 -5.56 -29.91 -26.43
CA ALA J 277 -4.79 -28.99 -27.27
C ALA J 277 -4.97 -29.32 -28.75
N VAL J 278 -4.97 -30.60 -29.11
CA VAL J 278 -5.15 -31.00 -30.50
C VAL J 278 -6.56 -30.64 -30.99
N CYS J 279 -7.58 -30.93 -30.17
CA CYS J 279 -8.95 -30.63 -30.60
C CYS J 279 -9.20 -29.12 -30.67
N ALA J 280 -8.61 -28.35 -29.74
CA ALA J 280 -8.74 -26.91 -29.79
C ALA J 280 -8.02 -26.33 -31.00
N LEU J 281 -6.87 -26.91 -31.38
CA LEU J 281 -6.17 -26.48 -32.59
C LEU J 281 -6.99 -26.78 -33.84
N ILE J 282 -7.68 -27.93 -33.85
CA ILE J 282 -8.55 -28.28 -34.98
C ILE J 282 -9.69 -27.27 -35.09
N VAL J 283 -10.33 -26.94 -33.95
CA VAL J 283 -11.42 -25.97 -33.95
C VAL J 283 -10.92 -24.60 -34.39
N LEU J 284 -9.76 -24.19 -33.88
CA LEU J 284 -9.19 -22.89 -34.23
C LEU J 284 -8.90 -22.80 -35.72
N LYS J 285 -8.26 -23.83 -36.28
CA LYS J 285 -7.95 -23.82 -37.71
C LYS J 285 -9.21 -23.80 -38.55
N GLU J 286 -10.21 -24.60 -38.14
CA GLU J 286 -11.44 -24.69 -38.90
C GLU J 286 -12.23 -23.38 -38.91
N VAL J 287 -12.29 -22.70 -37.75
CA VAL J 287 -13.09 -21.48 -37.68
C VAL J 287 -12.31 -20.20 -37.96
N SER J 288 -10.98 -20.28 -38.10
CA SER J 288 -10.18 -19.11 -38.43
C SER J 288 -9.62 -19.18 -39.84
N VAL J 289 -8.90 -20.25 -40.17
CA VAL J 289 -8.25 -20.36 -41.47
C VAL J 289 -9.13 -21.11 -42.46
N GLY J 290 -9.65 -22.26 -42.06
CA GLY J 290 -10.43 -23.11 -42.95
C GLY J 290 -9.60 -24.24 -43.51
N TRP J 291 -10.24 -25.03 -44.38
CA TRP J 291 -9.63 -26.19 -44.99
C TRP J 291 -9.28 -25.87 -46.45
N GLN J 292 -8.04 -26.17 -46.84
CA GLN J 292 -7.53 -25.81 -48.15
C GLN J 292 -8.33 -26.48 -49.27
N HIS J 293 -8.63 -27.78 -49.10
CA HIS J 293 -9.42 -28.50 -50.09
C HIS J 293 -10.85 -27.99 -50.16
N LYS J 294 -11.30 -27.23 -49.17
CA LYS J 294 -12.62 -26.61 -49.21
C LYS J 294 -12.58 -25.20 -49.78
N ARG J 295 -11.46 -24.79 -50.37
CA ARG J 295 -11.38 -23.50 -51.02
C ARG J 295 -12.26 -23.48 -52.28
N LYS J 296 -13.04 -22.41 -52.44
CA LYS J 296 -13.96 -22.28 -53.55
C LYS J 296 -13.70 -20.97 -54.28
N ARG J 297 -14.47 -20.73 -55.36
CA ARG J 297 -14.25 -19.57 -56.21
C ARG J 297 -14.64 -18.28 -55.52
N ARG J 298 -15.83 -18.24 -54.93
CA ARG J 298 -16.33 -17.02 -54.33
C ARG J 298 -15.77 -16.82 -52.93
N LEU J 299 -15.59 -15.54 -52.55
CA LEU J 299 -15.13 -15.23 -51.20
C LEU J 299 -16.16 -15.62 -50.15
N ALA J 300 -17.45 -15.42 -50.45
CA ALA J 300 -18.50 -15.88 -49.56
C ALA J 300 -18.65 -17.39 -49.56
N ALA J 301 -18.17 -18.06 -50.61
CA ALA J 301 -18.19 -19.52 -50.65
C ALA J 301 -16.98 -20.14 -49.97
N SER J 302 -15.88 -19.40 -49.82
CA SER J 302 -14.72 -19.90 -49.08
C SER J 302 -15.11 -20.14 -47.63
N ALA J 303 -15.42 -19.06 -46.88
CA ALA J 303 -16.17 -19.03 -45.63
C ALA J 303 -15.76 -20.11 -44.64
N PRO J 304 -14.62 -19.93 -43.90
CA PRO J 304 -14.06 -20.98 -43.03
C PRO J 304 -15.04 -21.78 -42.16
N ARG J 305 -16.00 -21.08 -41.54
CA ARG J 305 -17.17 -21.70 -40.90
C ARG J 305 -16.83 -22.69 -39.80
N LEU J 306 -17.81 -23.54 -39.45
CA LEU J 306 -17.63 -24.60 -38.46
C LEU J 306 -18.45 -25.80 -38.93
N GLU J 307 -17.77 -26.77 -39.55
CA GLU J 307 -18.43 -27.95 -40.09
C GLU J 307 -18.42 -29.07 -39.04
N LEU J 308 -18.69 -30.29 -39.47
CA LEU J 308 -18.85 -31.42 -38.56
C LEU J 308 -17.55 -31.77 -37.83
N THR J 309 -16.40 -31.63 -38.49
CA THR J 309 -15.13 -31.92 -37.84
C THR J 309 -14.85 -30.92 -36.71
N GLY J 310 -15.07 -29.62 -36.97
CA GLY J 310 -14.92 -28.64 -35.92
C GLY J 310 -15.92 -28.81 -34.79
N LEU J 311 -17.15 -29.21 -35.14
CA LEU J 311 -18.16 -29.49 -34.12
C LEU J 311 -17.75 -30.67 -33.25
N ALA J 312 -17.22 -31.73 -33.86
CA ALA J 312 -16.78 -32.90 -33.10
C ALA J 312 -15.59 -32.57 -32.21
N ALA J 313 -14.64 -31.77 -32.71
CA ALA J 313 -13.49 -31.40 -31.91
C ALA J 313 -13.89 -30.48 -30.74
N ALA J 314 -14.83 -29.57 -30.98
CA ALA J 314 -15.32 -28.72 -29.89
C ALA J 314 -16.11 -29.52 -28.87
N ALA J 315 -16.86 -30.52 -29.33
CA ALA J 315 -17.57 -31.40 -28.42
C ALA J 315 -16.62 -32.23 -27.57
N LEU J 316 -15.52 -32.70 -28.17
CA LEU J 316 -14.49 -33.40 -27.39
C LEU J 316 -13.83 -32.47 -26.39
N CYS J 317 -13.57 -31.22 -26.79
CA CYS J 317 -13.01 -30.23 -25.87
C CYS J 317 -13.92 -30.03 -24.67
N ALA J 318 -15.21 -29.82 -24.93
CA ALA J 318 -16.18 -29.65 -23.86
C ALA J 318 -16.30 -30.92 -23.01
N GLY J 319 -16.16 -32.09 -23.63
CA GLY J 319 -16.17 -33.33 -22.87
C GLY J 319 -15.00 -33.44 -21.92
N TYR J 320 -13.81 -33.04 -22.36
CA TYR J 320 -12.64 -33.04 -21.47
C TYR J 320 -12.85 -32.07 -20.31
N MET J 321 -13.29 -30.84 -20.61
CA MET J 321 -13.51 -29.84 -19.57
C MET J 321 -14.58 -30.28 -18.57
N LEU J 322 -15.65 -30.92 -19.05
CA LEU J 322 -16.76 -31.28 -18.19
C LEU J 322 -16.60 -32.65 -17.54
N THR J 323 -15.63 -33.46 -17.95
CA THR J 323 -15.35 -34.71 -17.24
C THR J 323 -14.16 -34.55 -16.30
N ASP J 324 -12.97 -34.24 -16.83
CA ASP J 324 -11.79 -34.15 -15.97
C ASP J 324 -10.67 -33.45 -16.74
N MET J 325 -10.17 -32.35 -16.19
CA MET J 325 -8.94 -31.74 -16.65
C MET J 325 -8.03 -31.32 -15.51
N SER J 326 -8.53 -31.28 -14.27
CA SER J 326 -7.71 -30.92 -13.12
C SER J 326 -6.60 -31.94 -12.92
N GLY J 327 -5.43 -31.45 -12.50
CA GLY J 327 -4.22 -32.22 -12.56
C GLY J 327 -3.19 -31.39 -13.30
N LEU J 328 -1.95 -31.41 -12.82
CA LEU J 328 -0.90 -30.46 -13.26
C LEU J 328 -1.37 -29.02 -13.12
N GLY J 329 -2.07 -28.74 -12.02
CA GLY J 329 -2.46 -27.38 -11.70
C GLY J 329 -1.37 -26.57 -11.05
N GLU J 330 -0.24 -27.21 -10.72
CA GLU J 330 0.91 -26.48 -10.21
C GLU J 330 1.60 -25.67 -11.30
N VAL J 331 1.39 -26.03 -12.57
CA VAL J 331 1.99 -25.32 -13.70
C VAL J 331 1.06 -24.16 -14.02
N ALA J 332 1.47 -22.96 -13.63
CA ALA J 332 0.75 -21.73 -13.95
C ALA J 332 1.78 -20.62 -14.12
N LEU J 333 1.30 -19.40 -14.28
CA LEU J 333 2.20 -18.25 -14.35
C LEU J 333 2.84 -18.03 -12.97
N PRO J 334 4.08 -17.54 -12.93
CA PRO J 334 4.77 -17.41 -11.65
C PRO J 334 4.09 -16.38 -10.77
N PRO J 335 4.10 -16.58 -9.44
CA PRO J 335 3.32 -15.69 -8.55
C PRO J 335 3.90 -14.28 -8.50
N ASN J 336 2.99 -13.32 -8.51
CA ASN J 336 3.32 -11.91 -8.51
C ASN J 336 3.74 -11.44 -7.12
N PRO J 337 4.42 -10.30 -7.03
CA PRO J 337 4.60 -9.65 -5.71
C PRO J 337 3.29 -9.22 -5.06
N GLY J 338 2.21 -9.07 -5.83
CA GLY J 338 0.92 -8.83 -5.24
C GLY J 338 0.32 -10.03 -4.53
N ALA J 339 0.72 -11.26 -4.90
CA ALA J 339 0.29 -12.45 -4.15
C ALA J 339 0.88 -12.47 -2.76
N VAL J 340 2.15 -12.11 -2.66
CA VAL J 340 2.91 -12.30 -1.44
C VAL J 340 2.99 -11.03 -0.63
N PHE J 341 2.15 -10.04 -0.93
CA PHE J 341 2.13 -8.82 -0.11
C PHE J 341 1.63 -9.13 1.30
N LYS J 342 0.59 -9.95 1.41
CA LYS J 342 0.04 -10.33 2.70
C LYS J 342 0.45 -11.74 3.12
N SER J 343 1.42 -12.33 2.43
CA SER J 343 1.89 -13.65 2.81
C SER J 343 2.65 -13.58 4.14
N PRO J 344 2.46 -14.55 5.04
CA PRO J 344 3.17 -14.53 6.31
C PRO J 344 4.62 -14.96 6.23
N ASP J 345 5.10 -15.36 5.05
CA ASP J 345 6.45 -15.87 4.88
C ASP J 345 7.34 -14.77 4.34
N VAL J 346 8.25 -14.29 5.18
CA VAL J 346 9.21 -13.27 4.76
C VAL J 346 10.14 -13.82 3.70
N ALA J 347 10.56 -15.08 3.85
CA ALA J 347 11.45 -15.70 2.86
C ALA J 347 10.77 -15.81 1.50
N TYR J 348 9.50 -16.22 1.47
CA TYR J 348 8.78 -16.33 0.20
C TYR J 348 8.53 -14.97 -0.42
N ARG J 349 8.16 -13.99 0.41
CA ARG J 349 7.95 -12.63 -0.10
C ARG J 349 9.23 -12.06 -0.68
N ALA J 350 10.36 -12.28 -0.02
CA ALA J 350 11.64 -11.79 -0.52
C ALA J 350 12.08 -12.54 -1.77
N SER J 351 11.77 -13.84 -1.86
CA SER J 351 12.08 -14.59 -3.08
C SER J 351 11.31 -14.06 -4.28
N VAL J 352 10.02 -13.76 -4.09
CA VAL J 352 9.23 -13.19 -5.18
C VAL J 352 9.70 -11.77 -5.50
N TRP J 353 10.04 -10.99 -4.47
CA TRP J 353 10.63 -9.66 -4.63
C TRP J 353 11.88 -9.70 -5.50
N GLN J 354 12.78 -10.64 -5.20
CA GLN J 354 14.05 -10.72 -5.91
C GLN J 354 13.87 -11.26 -7.32
N LYS J 355 12.96 -12.22 -7.50
CA LYS J 355 12.72 -12.79 -8.83
C LYS J 355 12.05 -11.79 -9.76
N TRP J 356 11.19 -10.91 -9.23
CA TRP J 356 10.49 -9.95 -10.06
C TRP J 356 11.24 -8.65 -10.23
N GLY J 357 12.53 -8.61 -9.88
CA GLY J 357 13.38 -7.48 -10.16
C GLY J 357 13.45 -6.43 -9.07
N TYR J 358 12.62 -6.53 -8.03
CA TYR J 358 12.61 -5.48 -7.02
C TYR J 358 13.75 -5.70 -6.02
N GLY J 359 13.68 -6.79 -5.25
CA GLY J 359 14.85 -7.27 -4.53
C GLY J 359 15.34 -6.43 -3.37
N GLN J 360 15.71 -5.19 -3.66
CA GLN J 360 16.31 -4.28 -2.69
C GLN J 360 15.30 -3.31 -2.07
N VAL J 361 14.02 -3.44 -2.40
CA VAL J 361 13.00 -2.64 -1.76
C VAL J 361 12.86 -3.08 -0.31
N GLN J 362 12.80 -2.11 0.61
CA GLN J 362 12.72 -2.41 2.02
C GLN J 362 11.40 -3.11 2.36
N MET J 363 11.50 -4.20 3.12
CA MET J 363 10.32 -5.02 3.39
C MET J 363 9.50 -4.44 4.54
N ARG J 364 10.16 -4.02 5.62
CA ARG J 364 9.53 -3.38 6.79
C ARG J 364 8.47 -4.27 7.42
N VAL J 365 8.73 -5.57 7.47
CA VAL J 365 7.81 -6.51 8.08
C VAL J 365 8.50 -7.24 9.22
N TYR K 274 9.82 -91.52 -41.34
CA TYR K 274 9.98 -90.58 -42.45
C TYR K 274 9.41 -89.23 -42.06
N ALA K 275 10.25 -88.20 -42.06
CA ALA K 275 9.80 -86.84 -41.79
C ALA K 275 10.27 -85.85 -42.84
N ASP K 276 11.03 -86.28 -43.85
CA ASP K 276 11.28 -85.45 -45.01
C ASP K 276 10.17 -85.56 -46.04
N GLU K 277 9.04 -86.17 -45.69
CA GLU K 277 7.82 -86.14 -46.47
C GLU K 277 7.17 -84.76 -46.49
N TRP K 278 7.64 -83.83 -45.65
CA TRP K 278 7.14 -82.47 -45.62
C TRP K 278 8.24 -81.43 -45.79
N GLY K 279 9.43 -81.83 -46.23
CA GLY K 279 10.54 -80.90 -46.30
C GLY K 279 11.18 -80.60 -44.97
N PHE K 280 10.90 -81.39 -43.93
CA PHE K 280 11.44 -81.17 -42.60
C PHE K 280 12.78 -81.85 -42.39
N SER K 281 13.48 -82.11 -43.50
CA SER K 281 14.81 -82.72 -43.66
C SER K 281 15.35 -83.44 -42.43
N ARG K 282 16.27 -82.80 -41.73
CA ARG K 282 16.75 -83.34 -40.48
C ARG K 282 15.68 -83.12 -39.41
N VAL K 283 15.14 -84.21 -38.85
CA VAL K 283 14.12 -84.17 -37.82
C VAL K 283 14.73 -84.67 -36.51
N GLY K 284 14.11 -84.30 -35.40
CA GLY K 284 14.59 -84.68 -34.09
C GLY K 284 13.81 -85.85 -33.49
N ALA K 285 14.54 -86.74 -32.82
CA ALA K 285 13.90 -87.96 -32.31
C ALA K 285 13.10 -87.72 -31.04
N ASP K 286 13.78 -87.42 -29.93
CA ASP K 286 13.14 -87.24 -28.63
C ASP K 286 14.12 -86.60 -27.66
N PHE K 287 13.61 -85.71 -26.81
CA PHE K 287 14.42 -84.98 -25.85
C PHE K 287 14.00 -85.30 -24.43
N PRO K 288 14.93 -85.56 -23.52
CA PRO K 288 14.56 -85.79 -22.12
C PRO K 288 14.14 -84.50 -21.46
N PRO K 289 13.25 -84.56 -20.47
CA PRO K 289 12.80 -83.34 -19.79
C PRO K 289 13.80 -82.89 -18.73
N GLY K 290 13.41 -81.85 -18.00
CA GLY K 290 14.19 -81.35 -16.88
C GLY K 290 15.29 -80.37 -17.23
N SER K 291 15.45 -80.03 -18.51
CA SER K 291 16.57 -79.23 -18.97
C SER K 291 16.13 -77.80 -19.29
N HIS K 292 17.07 -76.87 -19.09
CA HIS K 292 16.83 -75.47 -19.41
C HIS K 292 17.72 -75.04 -20.58
N PRO K 293 17.17 -74.24 -21.51
CA PRO K 293 17.93 -73.90 -22.73
C PRO K 293 19.24 -73.17 -22.48
N SER K 294 19.27 -72.26 -21.50
CA SER K 294 20.51 -71.57 -21.15
C SER K 294 21.58 -72.52 -20.65
N LEU K 295 21.17 -73.71 -20.19
CA LEU K 295 22.07 -74.81 -19.87
C LEU K 295 23.02 -75.12 -21.01
N PHE K 296 22.58 -75.00 -22.25
CA PHE K 296 23.43 -75.36 -23.37
C PHE K 296 24.36 -74.22 -23.80
N SER K 297 24.29 -73.06 -23.14
CA SER K 297 25.19 -71.96 -23.48
C SER K 297 26.65 -72.32 -23.22
N GLN K 298 26.90 -73.21 -22.25
CA GLN K 298 28.25 -73.69 -21.98
C GLN K 298 28.81 -74.53 -23.12
N LEU K 299 27.96 -75.00 -24.03
CA LEU K 299 28.47 -75.67 -25.23
C LEU K 299 29.04 -74.68 -26.23
N LEU K 300 28.71 -73.40 -26.11
CA LEU K 300 29.21 -72.39 -27.03
C LEU K 300 30.46 -71.73 -26.46
N PRO K 301 31.58 -71.76 -27.15
CA PRO K 301 32.78 -71.07 -26.64
C PRO K 301 32.61 -69.56 -26.61
N GLN K 302 33.42 -68.93 -25.76
CA GLN K 302 33.29 -67.49 -25.50
C GLN K 302 33.74 -66.62 -26.67
N ALA K 303 34.35 -67.21 -27.70
CA ALA K 303 34.76 -66.44 -28.87
C ALA K 303 33.56 -65.93 -29.65
N LEU K 304 32.44 -66.64 -29.61
CA LEU K 304 31.25 -66.20 -30.34
C LEU K 304 30.55 -65.05 -29.64
N PHE K 305 30.71 -64.93 -28.33
CA PHE K 305 30.08 -63.87 -27.55
C PHE K 305 30.93 -62.60 -27.53
N ALA K 306 31.34 -62.13 -28.69
CA ALA K 306 32.25 -60.99 -28.79
C ALA K 306 31.57 -59.87 -29.57
N PHE K 307 32.32 -58.79 -29.78
CA PHE K 307 31.86 -57.64 -30.56
C PHE K 307 32.76 -57.52 -31.77
N ASP K 308 32.22 -57.83 -32.95
CA ASP K 308 32.88 -57.58 -34.21
C ASP K 308 32.25 -56.34 -34.83
N ALA K 309 32.99 -55.23 -34.80
CA ALA K 309 32.47 -53.97 -35.31
C ALA K 309 32.23 -54.04 -36.81
N ARG K 310 33.11 -54.74 -37.53
CA ARG K 310 32.91 -54.94 -38.96
C ARG K 310 31.63 -55.72 -39.24
N ALA K 311 31.36 -56.75 -38.44
CA ALA K 311 30.15 -57.54 -38.63
C ALA K 311 28.90 -56.73 -38.28
N ALA K 312 28.97 -55.89 -37.24
CA ALA K 312 27.84 -55.04 -36.90
C ALA K 312 27.56 -54.01 -37.99
N VAL K 313 28.62 -53.37 -38.51
CA VAL K 313 28.45 -52.39 -39.57
C VAL K 313 27.93 -53.04 -40.84
N ALA K 314 28.41 -54.26 -41.15
CA ALA K 314 27.88 -54.99 -42.31
C ALA K 314 26.42 -55.37 -42.11
N ALA K 315 26.05 -55.79 -40.90
CA ALA K 315 24.68 -56.18 -40.60
C ALA K 315 23.71 -55.01 -40.69
N VAL K 316 24.18 -53.79 -40.38
CA VAL K 316 23.31 -52.64 -40.58
C VAL K 316 23.32 -52.19 -42.04
N ALA K 317 24.48 -52.28 -42.71
CA ALA K 317 24.67 -51.60 -43.98
C ALA K 317 24.14 -52.40 -45.17
N VAL K 318 24.35 -53.72 -45.17
CA VAL K 318 23.94 -54.53 -46.33
C VAL K 318 22.42 -54.52 -46.56
N PRO K 319 21.56 -54.75 -45.56
CA PRO K 319 20.13 -54.55 -45.81
C PRO K 319 19.76 -53.10 -46.10
N LEU K 320 20.47 -52.13 -45.49
CA LEU K 320 20.24 -50.74 -45.83
C LEU K 320 20.68 -50.44 -47.25
N ALA K 321 21.77 -51.09 -47.72
CA ALA K 321 22.17 -50.94 -49.12
C ALA K 321 21.12 -51.52 -50.06
N ALA K 322 20.53 -52.66 -49.69
CA ALA K 322 19.47 -53.24 -50.52
C ALA K 322 18.23 -52.35 -50.55
N MET K 323 17.86 -51.78 -49.41
CA MET K 323 16.72 -50.86 -49.36
C MET K 323 17.00 -49.60 -50.18
N ALA K 324 18.22 -49.07 -50.08
CA ALA K 324 18.58 -47.88 -50.86
C ALA K 324 18.60 -48.17 -52.35
N ALA K 325 19.09 -49.35 -52.74
CA ALA K 325 19.07 -49.73 -54.15
C ALA K 325 17.64 -49.87 -54.67
N GLY K 326 16.76 -50.50 -53.89
CA GLY K 326 15.37 -50.61 -54.29
C GLY K 326 14.67 -49.27 -54.41
N TYR K 327 14.93 -48.37 -53.46
CA TYR K 327 14.28 -47.06 -53.52
C TYR K 327 14.86 -46.19 -54.63
N GLY K 328 16.16 -46.32 -54.93
CA GLY K 328 16.72 -45.64 -56.07
C GLY K 328 16.15 -46.15 -57.38
N TRP K 329 15.90 -47.46 -57.45
CA TRP K 329 15.19 -48.00 -58.61
C TRP K 329 13.78 -47.42 -58.69
N LEU K 330 13.09 -47.31 -57.55
CA LEU K 330 11.73 -46.79 -57.55
C LEU K 330 11.67 -45.35 -58.02
N TRP K 331 12.63 -44.53 -57.61
CA TRP K 331 12.69 -43.17 -58.13
C TRP K 331 13.20 -43.12 -59.57
N TYR K 332 13.89 -44.17 -60.03
CA TYR K 332 14.22 -44.26 -61.45
C TYR K 332 12.97 -44.47 -62.28
N MET K 333 12.25 -45.57 -62.05
CA MET K 333 11.05 -45.92 -62.80
C MET K 333 9.88 -46.05 -61.83
N HIS K 334 9.01 -45.02 -61.80
CA HIS K 334 7.90 -45.02 -60.84
C HIS K 334 6.71 -45.83 -61.36
N SER K 335 6.10 -45.39 -62.45
CA SER K 335 4.91 -46.01 -63.01
C SER K 335 5.11 -46.55 -64.42
N ILE K 336 6.21 -46.16 -65.08
CA ILE K 336 6.55 -46.73 -66.39
C ILE K 336 7.01 -48.17 -66.31
N ALA K 337 7.25 -48.67 -65.10
CA ALA K 337 7.71 -50.01 -64.82
C ALA K 337 6.57 -51.01 -64.86
N PRO K 338 6.84 -52.27 -65.19
CA PRO K 338 5.81 -53.30 -65.12
C PRO K 338 5.50 -53.68 -63.67
N VAL K 339 4.36 -54.37 -63.53
CA VAL K 339 3.89 -54.79 -62.22
C VAL K 339 4.86 -55.77 -61.58
N TRP K 340 5.39 -56.72 -62.37
CA TRP K 340 6.31 -57.71 -61.81
C TRP K 340 7.65 -57.08 -61.42
N GLN K 341 8.11 -56.10 -62.20
CA GLN K 341 9.32 -55.38 -61.82
C GLN K 341 9.12 -54.58 -60.53
N GLN K 342 7.95 -53.95 -60.39
CA GLN K 342 7.62 -53.27 -59.15
C GLN K 342 7.54 -54.24 -57.98
N ALA K 343 6.99 -55.43 -58.21
CA ALA K 343 6.88 -56.45 -57.16
C ALA K 343 8.25 -56.95 -56.73
N LEU K 344 9.15 -57.16 -57.69
CA LEU K 344 10.51 -57.61 -57.35
C LEU K 344 11.26 -56.54 -56.57
N CYS K 345 11.13 -55.27 -56.97
CA CYS K 345 11.77 -54.19 -56.23
C CYS K 345 11.19 -54.04 -54.83
N ALA K 346 9.87 -54.19 -54.69
CA ALA K 346 9.23 -54.14 -53.38
C ALA K 346 9.65 -55.31 -52.50
N ALA K 347 9.84 -56.49 -53.09
CA ALA K 347 10.32 -57.64 -52.34
C ALA K 347 11.75 -57.40 -51.84
N LEU K 348 12.59 -56.78 -52.67
CA LEU K 348 13.94 -56.44 -52.24
C LEU K 348 13.94 -55.45 -51.08
N ILE K 349 13.09 -54.41 -51.18
CA ILE K 349 13.00 -53.41 -50.11
C ILE K 349 12.47 -54.04 -48.82
N GLY K 350 11.46 -54.92 -48.94
CA GLY K 350 10.92 -55.57 -47.76
C GLY K 350 11.89 -56.52 -47.10
N THR K 351 12.68 -57.24 -47.89
CA THR K 351 13.70 -58.13 -47.32
C THR K 351 14.80 -57.32 -46.63
N GLY K 352 15.21 -56.21 -47.22
CA GLY K 352 16.17 -55.33 -46.54
C GLY K 352 15.62 -54.78 -45.24
N TYR K 353 14.36 -54.39 -45.23
CA TYR K 353 13.80 -53.89 -43.96
C TYR K 353 13.58 -55.02 -42.96
N ALA K 354 13.39 -56.25 -43.43
CA ALA K 354 13.32 -57.37 -42.49
C ALA K 354 14.66 -57.62 -41.84
N GLY K 355 15.75 -57.46 -42.60
CA GLY K 355 17.08 -57.50 -42.00
C GLY K 355 17.32 -56.39 -41.00
N LEU K 356 16.87 -55.17 -41.34
CA LEU K 356 16.99 -54.05 -40.41
C LEU K 356 16.13 -54.26 -39.17
N PHE K 357 14.96 -54.88 -39.32
CA PHE K 357 14.12 -55.21 -38.19
C PHE K 357 14.73 -56.30 -37.33
N LYS K 358 15.49 -57.22 -37.94
CA LYS K 358 16.26 -58.18 -37.15
C LYS K 358 17.33 -57.49 -36.33
N VAL K 359 17.98 -56.47 -36.93
CA VAL K 359 18.94 -55.65 -36.19
C VAL K 359 18.26 -54.95 -35.01
N ALA K 360 17.07 -54.40 -35.25
CA ALA K 360 16.30 -53.76 -34.19
C ALA K 360 15.86 -54.75 -33.11
N HIS K 361 15.57 -55.99 -33.51
CA HIS K 361 15.22 -57.04 -32.55
C HIS K 361 16.40 -57.40 -31.67
N GLU K 362 17.60 -57.44 -32.26
CA GLU K 362 18.81 -57.63 -31.47
C GLU K 362 19.04 -56.46 -30.51
N CYS K 363 18.75 -55.24 -30.98
CA CYS K 363 18.87 -54.07 -30.10
C CYS K 363 17.85 -54.13 -28.96
N ALA K 364 16.65 -54.64 -29.24
CA ALA K 364 15.64 -54.83 -28.19
C ALA K 364 16.09 -55.88 -27.19
N MET K 365 16.77 -56.92 -27.65
CA MET K 365 17.25 -57.98 -26.76
C MET K 365 18.55 -57.62 -26.07
N MET K 366 19.03 -56.37 -26.20
CA MET K 366 20.23 -55.86 -25.53
C MET K 366 21.46 -56.70 -25.85
N ARG K 367 21.63 -57.06 -27.12
CA ARG K 367 22.77 -57.90 -27.50
C ARG K 367 23.38 -57.47 -28.82
N PHE K 368 23.11 -56.26 -29.31
CA PHE K 368 23.75 -55.75 -30.50
C PHE K 368 24.99 -54.93 -30.17
N ILE K 369 24.81 -53.83 -29.43
CA ILE K 369 25.90 -53.02 -28.91
C ILE K 369 25.69 -52.87 -27.41
N PRO K 370 26.13 -53.84 -26.59
CA PRO K 370 25.98 -53.70 -25.14
C PRO K 370 26.86 -52.61 -24.53
N GLN K 371 27.87 -52.13 -25.25
CA GLN K 371 28.72 -51.06 -24.73
C GLN K 371 27.96 -49.75 -24.64
N MET K 372 27.07 -49.48 -25.59
CA MET K 372 26.32 -48.22 -25.66
C MET K 372 24.83 -48.53 -25.62
N PRO K 373 24.24 -48.68 -24.42
CA PRO K 373 22.79 -48.94 -24.34
C PRO K 373 21.93 -47.83 -24.90
N GLY K 374 22.35 -46.56 -24.77
CA GLY K 374 21.58 -45.48 -25.33
C GLY K 374 21.53 -45.50 -26.85
N LEU K 375 22.67 -45.74 -27.49
CA LEU K 375 22.69 -45.87 -28.94
C LEU K 375 21.95 -47.13 -29.38
N GLN K 376 22.05 -48.21 -28.59
CA GLN K 376 21.33 -49.44 -28.91
C GLN K 376 19.82 -49.21 -28.91
N ALA K 377 19.31 -48.51 -27.88
CA ALA K 377 17.88 -48.24 -27.79
C ALA K 377 17.43 -47.27 -28.87
N ALA K 378 18.22 -46.23 -29.15
CA ALA K 378 17.87 -45.28 -30.20
C ALA K 378 17.84 -45.95 -31.57
N LEU K 379 18.83 -46.81 -31.84
CA LEU K 379 18.88 -47.53 -33.11
C LEU K 379 17.72 -48.50 -33.25
N GLY K 380 17.39 -49.23 -32.18
CA GLY K 380 16.27 -50.15 -32.23
C GLY K 380 14.94 -49.45 -32.44
N THR K 381 14.73 -48.33 -31.75
CA THR K 381 13.49 -47.58 -31.92
C THR K 381 13.40 -46.95 -33.30
N LEU K 382 14.51 -46.44 -33.82
CA LEU K 382 14.51 -45.83 -35.14
C LEU K 382 14.34 -46.87 -36.24
N LEU K 383 14.83 -48.09 -36.04
CA LEU K 383 14.66 -49.15 -37.03
C LEU K 383 13.36 -49.91 -36.89
N MET K 384 12.65 -49.77 -35.76
CA MET K 384 11.32 -50.36 -35.61
C MET K 384 10.20 -49.39 -35.89
N ALA K 385 10.47 -48.08 -35.90
CA ALA K 385 9.45 -47.11 -36.27
C ALA K 385 8.86 -47.29 -37.68
N PRO K 386 9.63 -47.61 -38.74
CA PRO K 386 8.97 -47.88 -40.04
C PRO K 386 8.06 -49.09 -40.05
N ALA K 387 8.25 -50.05 -39.15
CA ALA K 387 7.37 -51.21 -39.09
C ALA K 387 6.12 -50.97 -38.27
N LEU K 388 5.96 -49.76 -37.73
CA LEU K 388 4.88 -49.42 -36.79
C LEU K 388 4.88 -50.35 -35.58
N TYR K 389 6.08 -50.67 -35.10
CA TYR K 389 6.27 -51.52 -33.94
C TYR K 389 6.90 -50.73 -32.81
N SER K 390 6.70 -51.21 -31.60
CA SER K 390 7.24 -50.59 -30.39
C SER K 390 8.39 -51.46 -29.86
N LEU K 391 9.52 -50.82 -29.58
CA LEU K 391 10.64 -51.57 -28.98
C LEU K 391 10.35 -52.12 -27.59
N PRO K 392 9.81 -51.35 -26.61
CA PRO K 392 9.56 -51.98 -25.30
C PRO K 392 8.46 -53.03 -25.35
N SER K 393 7.39 -52.77 -26.10
CA SER K 393 6.33 -53.76 -26.24
C SER K 393 6.83 -55.00 -26.97
N TRP K 394 7.70 -54.82 -27.97
CA TRP K 394 8.26 -55.96 -28.70
C TRP K 394 9.13 -56.82 -27.79
N ARG K 395 10.03 -56.19 -27.02
CA ARG K 395 10.89 -56.98 -26.16
C ARG K 395 10.10 -57.61 -25.01
N LEU K 396 9.03 -56.96 -24.56
CA LEU K 396 8.17 -57.54 -23.53
C LEU K 396 7.44 -58.77 -24.06
N HIS K 397 6.84 -58.67 -25.24
CA HIS K 397 6.09 -59.79 -25.80
C HIS K 397 7.02 -60.92 -26.21
N HIS K 398 8.22 -60.61 -26.69
CA HIS K 398 9.13 -61.69 -27.07
C HIS K 398 9.78 -62.33 -25.86
N LEU K 399 9.99 -61.59 -24.77
CA LEU K 399 10.41 -62.24 -23.52
C LEU K 399 9.32 -63.13 -22.97
N HIS K 400 8.05 -62.71 -23.11
CA HIS K 400 6.93 -63.57 -22.73
C HIS K 400 6.90 -64.83 -23.58
N HIS K 401 7.14 -64.70 -24.89
CA HIS K 401 7.17 -65.86 -25.78
C HIS K 401 8.34 -66.79 -25.45
N LEU K 402 9.49 -66.22 -25.09
CA LEU K 402 10.64 -67.03 -24.72
C LEU K 402 10.39 -67.78 -23.42
N LEU K 403 9.75 -67.13 -22.44
CA LEU K 403 9.46 -67.79 -21.17
C LEU K 403 8.31 -68.79 -21.29
N HIS K 404 7.45 -68.65 -22.29
CA HIS K 404 6.32 -69.55 -22.47
C HIS K 404 6.35 -70.23 -23.84
N THR K 405 7.53 -70.68 -24.27
CA THR K 405 7.68 -71.25 -25.59
C THR K 405 6.93 -72.58 -25.70
N ASN K 406 6.10 -72.69 -26.74
CA ASN K 406 5.33 -73.91 -27.06
C ASN K 406 4.44 -74.35 -25.89
N MET K 407 3.87 -73.38 -25.17
CA MET K 407 3.06 -73.66 -24.01
C MET K 407 1.65 -73.18 -24.29
N LEU K 408 0.68 -74.06 -24.09
CA LEU K 408 -0.69 -73.80 -24.51
C LEU K 408 -1.36 -72.75 -23.61
N TRP K 409 -2.23 -71.96 -24.23
CA TRP K 409 -3.12 -70.98 -23.62
C TRP K 409 -2.38 -69.82 -22.95
N GLN K 410 -1.07 -69.70 -23.12
CA GLN K 410 -0.38 -68.63 -22.41
C GLN K 410 0.59 -67.83 -23.26
N ASP K 411 1.15 -68.43 -24.32
CA ASP K 411 2.21 -67.74 -25.04
C ASP K 411 1.67 -66.57 -25.86
N VAL K 412 0.51 -66.75 -26.51
CA VAL K 412 -0.22 -65.71 -27.26
C VAL K 412 0.65 -65.09 -28.35
N TRP K 413 1.74 -64.44 -27.97
CA TRP K 413 2.69 -63.81 -28.91
C TRP K 413 3.49 -64.90 -29.60
N GLY K 414 2.86 -65.51 -30.59
CA GLY K 414 3.45 -66.63 -31.29
C GLY K 414 2.36 -67.31 -32.09
N TRP K 415 2.78 -68.35 -32.82
CA TRP K 415 1.85 -69.07 -33.68
C TRP K 415 1.09 -70.12 -32.85
N HIS K 416 0.23 -69.60 -31.98
CA HIS K 416 -0.63 -70.45 -31.18
C HIS K 416 -1.68 -71.08 -32.10
N PRO K 417 -1.75 -72.39 -32.19
CA PRO K 417 -2.65 -73.02 -33.16
C PRO K 417 -4.10 -72.98 -32.71
N LEU K 418 -4.99 -73.16 -33.68
CA LEU K 418 -6.41 -73.27 -33.39
C LEU K 418 -6.69 -74.70 -32.95
N THR K 419 -6.95 -74.88 -31.67
CA THR K 419 -7.19 -76.20 -31.12
C THR K 419 -8.63 -76.63 -31.39
N LYS K 420 -8.83 -77.93 -31.62
CA LYS K 420 -10.14 -78.50 -31.95
C LYS K 420 -11.17 -78.27 -30.85
N VAL K 421 -10.70 -78.03 -29.62
CA VAL K 421 -11.60 -77.64 -28.54
C VAL K 421 -12.21 -76.26 -28.80
N GLU K 422 -11.38 -75.31 -29.22
CA GLU K 422 -11.90 -73.97 -29.50
C GLU K 422 -12.69 -73.93 -30.79
N LEU K 423 -12.27 -74.70 -31.80
CA LEU K 423 -13.07 -74.83 -33.01
C LEU K 423 -14.40 -75.48 -32.70
N ALA K 424 -14.40 -76.42 -31.75
CA ALA K 424 -15.64 -77.03 -31.26
C ALA K 424 -16.51 -76.02 -30.52
N ASP K 425 -15.89 -75.14 -29.73
CA ASP K 425 -16.63 -74.08 -29.05
C ASP K 425 -17.31 -73.14 -30.04
N GLU K 426 -16.55 -72.61 -30.99
CA GLU K 426 -17.17 -71.76 -32.01
C GLU K 426 -17.91 -72.55 -33.10
N MET K 427 -18.00 -73.88 -32.89
CA MET K 427 -18.72 -74.77 -33.76
C MET K 427 -20.05 -75.26 -33.17
N VAL K 428 -20.19 -75.31 -31.84
CA VAL K 428 -21.44 -75.76 -31.23
C VAL K 428 -22.01 -74.65 -30.35
N ARG K 429 -21.16 -73.97 -29.58
CA ARG K 429 -21.58 -72.87 -28.71
C ARG K 429 -22.01 -71.65 -29.50
N SER K 430 -21.59 -71.53 -30.77
CA SER K 430 -22.09 -70.51 -31.67
C SER K 430 -23.19 -71.03 -32.58
N GLY K 431 -23.62 -72.28 -32.41
CA GLY K 431 -24.69 -72.84 -33.21
C GLY K 431 -24.24 -73.89 -34.21
N GLY K 432 -24.46 -73.63 -35.50
CA GLY K 432 -24.04 -74.52 -36.54
C GLY K 432 -22.60 -74.29 -36.97
N SER K 433 -22.31 -74.52 -38.26
CA SER K 433 -20.95 -74.34 -38.78
C SER K 433 -20.60 -72.89 -39.04
N GLY K 434 -21.58 -71.98 -39.02
CA GLY K 434 -21.31 -70.58 -39.24
C GLY K 434 -20.80 -69.90 -37.98
N GLY K 435 -20.44 -68.64 -38.15
CA GLY K 435 -19.94 -67.83 -37.06
C GLY K 435 -18.90 -66.85 -37.56
N ALA K 436 -18.73 -65.77 -36.80
CA ALA K 436 -17.72 -64.77 -37.14
C ALA K 436 -16.31 -65.36 -37.03
N ALA K 437 -16.04 -66.07 -35.94
CA ALA K 437 -14.74 -66.72 -35.77
C ALA K 437 -14.66 -68.08 -36.45
N MET K 438 -15.74 -68.55 -37.07
CA MET K 438 -15.68 -69.72 -37.93
C MET K 438 -15.59 -69.35 -39.41
N ALA K 439 -15.80 -68.08 -39.75
CA ALA K 439 -15.52 -67.57 -41.08
C ALA K 439 -14.18 -66.87 -41.15
N ALA K 440 -13.81 -66.10 -40.12
CA ALA K 440 -12.49 -65.47 -40.09
C ALA K 440 -11.38 -66.51 -40.01
N ALA K 441 -11.56 -67.55 -39.20
CA ALA K 441 -10.54 -68.59 -39.13
C ALA K 441 -10.50 -69.40 -40.42
N ARG K 442 -11.66 -69.69 -41.01
CA ARG K 442 -11.71 -70.38 -42.29
C ARG K 442 -11.16 -69.53 -43.44
N LEU K 443 -11.09 -68.22 -43.27
CA LEU K 443 -10.42 -67.37 -44.25
C LEU K 443 -8.93 -67.26 -44.00
N VAL K 444 -8.49 -67.22 -42.73
CA VAL K 444 -7.09 -67.01 -42.42
C VAL K 444 -6.31 -68.32 -42.50
N LEU K 445 -6.66 -69.29 -41.65
CA LEU K 445 -5.88 -70.53 -41.60
C LEU K 445 -6.42 -71.60 -42.55
N THR K 446 -6.70 -71.21 -43.80
CA THR K 446 -6.82 -72.15 -44.91
C THR K 446 -6.31 -71.57 -46.22
N THR K 447 -5.74 -70.37 -46.22
CA THR K 447 -5.47 -69.59 -47.40
C THR K 447 -4.06 -69.01 -47.24
N PRO K 448 -3.37 -68.67 -48.34
CA PRO K 448 -2.07 -67.99 -48.22
C PRO K 448 -2.05 -66.67 -47.44
N ILE K 449 -3.20 -66.07 -47.09
CA ILE K 449 -3.20 -64.93 -46.17
C ILE K 449 -2.70 -65.35 -44.78
N LYS K 450 -2.69 -66.66 -44.50
CA LYS K 450 -2.01 -67.20 -43.33
C LYS K 450 -0.53 -66.80 -43.29
N LEU K 451 0.11 -66.64 -44.46
CA LEU K 451 1.49 -66.18 -44.52
C LEU K 451 1.62 -64.67 -44.34
N PHE K 452 0.55 -63.98 -43.96
CA PHE K 452 0.60 -62.56 -43.62
C PHE K 452 -0.08 -62.28 -42.29
N ALA K 453 -0.18 -63.29 -41.41
CA ALA K 453 -0.85 -63.13 -40.11
C ALA K 453 -0.05 -62.29 -39.13
N SER K 454 1.20 -61.96 -39.46
CA SER K 454 1.95 -61.02 -38.64
C SER K 454 1.33 -59.63 -38.64
N VAL K 455 0.48 -59.31 -39.63
CA VAL K 455 -0.32 -58.10 -39.55
C VAL K 455 -1.29 -58.16 -38.37
N GLY K 456 -1.93 -59.31 -38.20
CA GLY K 456 -2.78 -59.50 -37.02
C GLY K 456 -2.00 -59.49 -35.72
N HIS K 457 -0.80 -60.06 -35.75
CA HIS K 457 0.08 -59.98 -34.57
C HIS K 457 0.48 -58.54 -34.27
N TRP K 458 0.71 -57.74 -35.31
CA TRP K 458 1.07 -56.33 -35.14
C TRP K 458 -0.11 -55.54 -34.57
N LEU K 459 -1.33 -55.84 -35.03
CA LEU K 459 -2.51 -55.21 -34.46
C LEU K 459 -2.69 -55.60 -33.00
N ARG K 460 -2.42 -56.87 -32.68
CA ARG K 460 -2.48 -57.32 -31.29
C ARG K 460 -1.37 -56.72 -30.43
N SER K 461 -0.25 -56.32 -31.04
CA SER K 461 0.90 -55.87 -30.27
C SER K 461 0.71 -54.49 -29.65
N TRP K 462 -0.28 -53.72 -30.10
CA TRP K 462 -0.53 -52.41 -29.52
C TRP K 462 -1.15 -52.49 -28.14
N ASP K 463 -1.63 -53.68 -27.72
CA ASP K 463 -2.27 -53.92 -26.43
C ASP K 463 -3.46 -52.98 -26.22
N GLY K 464 -4.20 -52.73 -27.29
CA GLY K 464 -5.34 -51.84 -27.25
C GLY K 464 -5.01 -50.41 -26.92
N LEU K 465 -3.71 -50.03 -27.02
CA LEU K 465 -3.19 -48.78 -26.49
C LEU K 465 -3.58 -48.59 -25.03
N ASP K 466 -3.48 -49.66 -24.25
CA ASP K 466 -3.93 -49.68 -22.87
C ASP K 466 -2.71 -49.77 -21.95
N LEU K 467 -2.56 -48.78 -21.08
CA LEU K 467 -1.45 -48.77 -20.13
C LEU K 467 -1.68 -49.68 -18.94
N ARG K 468 -2.93 -50.06 -18.67
CA ARG K 468 -3.25 -50.89 -17.51
C ARG K 468 -2.72 -52.31 -17.63
N HIS K 469 -2.33 -52.75 -18.83
CA HIS K 469 -1.63 -54.01 -18.97
C HIS K 469 -0.23 -53.96 -18.38
N PHE K 470 0.35 -52.78 -18.25
CA PHE K 470 1.77 -52.63 -17.97
C PHE K 470 1.99 -52.24 -16.51
N HIS K 471 3.24 -52.37 -16.09
CA HIS K 471 3.66 -51.90 -14.78
C HIS K 471 3.56 -50.38 -14.72
N PRO K 472 3.07 -49.81 -13.61
CA PRO K 472 3.00 -48.34 -13.51
C PRO K 472 4.34 -47.65 -13.48
N ALA K 473 5.42 -48.37 -13.23
CA ALA K 473 6.76 -47.78 -13.22
C ALA K 473 7.38 -47.71 -14.61
N SER K 474 6.71 -48.22 -15.65
CA SER K 474 7.21 -48.17 -17.01
C SER K 474 6.28 -47.44 -17.95
N TYR K 475 5.43 -46.55 -17.42
CA TYR K 475 4.42 -45.89 -18.24
C TYR K 475 5.06 -44.95 -19.25
N VAL K 476 6.10 -44.22 -18.84
CA VAL K 476 6.77 -43.29 -19.75
C VAL K 476 7.49 -44.05 -20.86
N GLU K 477 8.12 -45.20 -20.52
CA GLU K 477 8.80 -45.99 -21.55
C GLU K 477 7.81 -46.57 -22.54
N VAL K 478 6.69 -47.08 -22.03
CA VAL K 478 5.70 -47.67 -22.92
C VAL K 478 5.07 -46.59 -23.79
N LEU K 479 4.81 -45.41 -23.23
CA LEU K 479 4.24 -44.31 -24.01
C LEU K 479 5.20 -43.83 -25.09
N SER K 480 6.49 -43.71 -24.77
CA SER K 480 7.47 -43.30 -25.78
C SER K 480 7.64 -44.37 -26.86
N GLY K 481 7.63 -45.65 -26.45
CA GLY K 481 7.71 -46.74 -27.40
C GLY K 481 6.50 -46.82 -28.31
N TRP K 482 5.33 -46.41 -27.81
CA TRP K 482 4.17 -46.29 -28.69
C TRP K 482 4.23 -45.05 -29.55
N ALA K 483 4.82 -43.97 -29.03
CA ALA K 483 4.79 -42.68 -29.71
C ALA K 483 5.73 -42.66 -30.91
N ALA K 484 6.85 -43.38 -30.86
CA ALA K 484 7.78 -43.32 -31.99
C ALA K 484 7.21 -43.92 -33.27
N PRO K 485 6.56 -45.11 -33.27
CA PRO K 485 5.78 -45.50 -34.46
C PRO K 485 4.62 -44.56 -34.75
N LEU K 486 4.01 -43.97 -33.72
CA LEU K 486 2.96 -42.99 -33.97
C LEU K 486 3.53 -41.72 -34.60
N ALA K 487 4.75 -41.34 -34.19
CA ALA K 487 5.43 -40.23 -34.85
C ALA K 487 5.73 -40.57 -36.31
N PHE K 488 6.14 -41.81 -36.58
CA PHE K 488 6.37 -42.23 -37.97
C PHE K 488 5.09 -42.16 -38.78
N ALA K 489 4.01 -42.76 -38.28
CA ALA K 489 2.74 -42.79 -39.02
C ALA K 489 2.08 -41.42 -39.11
N GLY K 490 2.45 -40.48 -38.26
CA GLY K 490 1.88 -39.15 -38.34
C GLY K 490 2.73 -38.16 -39.10
N LEU K 491 4.00 -38.48 -39.34
CA LEU K 491 4.89 -37.57 -40.06
C LEU K 491 5.33 -38.12 -41.41
N VAL K 492 5.94 -39.31 -41.44
CA VAL K 492 6.52 -39.82 -42.67
C VAL K 492 5.44 -40.29 -43.63
N LEU K 493 4.44 -41.01 -43.12
CA LEU K 493 3.36 -41.49 -43.98
C LEU K 493 2.53 -40.38 -44.64
N PRO K 494 2.14 -39.29 -43.96
CA PRO K 494 1.54 -38.18 -44.71
C PRO K 494 2.47 -37.57 -45.75
N ALA K 495 3.78 -37.61 -45.52
CA ALA K 495 4.72 -37.14 -46.54
C ALA K 495 4.77 -38.10 -47.73
N VAL K 496 4.56 -39.40 -47.49
CA VAL K 496 4.54 -40.36 -48.59
C VAL K 496 3.27 -40.21 -49.42
N VAL K 497 2.11 -40.09 -48.76
CA VAL K 497 0.87 -39.88 -49.51
C VAL K 497 0.86 -38.51 -50.16
N SER K 498 1.54 -37.53 -49.57
CA SER K 498 1.65 -36.19 -50.16
C SER K 498 2.64 -36.12 -51.31
N ALA K 499 3.40 -37.19 -51.55
CA ALA K 499 4.41 -37.24 -52.60
C ALA K 499 4.18 -38.45 -53.51
N GLY K 500 2.95 -38.60 -53.98
CA GLY K 500 2.67 -39.69 -54.89
C GLY K 500 1.29 -40.30 -54.78
N GLY K 501 0.52 -39.92 -53.76
CA GLY K 501 -0.84 -40.40 -53.64
C GLY K 501 -0.89 -41.88 -53.28
N LEU K 502 -1.98 -42.54 -53.68
CA LEU K 502 -2.14 -43.95 -53.40
C LEU K 502 -1.16 -44.81 -54.20
N SER K 503 -0.91 -44.41 -55.46
CA SER K 503 0.07 -45.13 -56.28
C SER K 503 1.47 -44.98 -55.72
N GLY K 504 1.78 -43.82 -55.16
CA GLY K 504 3.05 -43.58 -54.50
C GLY K 504 3.13 -44.03 -53.07
N PHE K 505 2.06 -44.62 -52.55
CA PHE K 505 2.02 -45.17 -51.20
C PHE K 505 1.99 -46.68 -51.17
N VAL K 506 1.27 -47.31 -52.11
CA VAL K 506 1.25 -48.77 -52.18
C VAL K 506 2.62 -49.30 -52.60
N SER K 507 3.21 -48.70 -53.64
CA SER K 507 4.47 -49.19 -54.18
C SER K 507 5.68 -48.81 -53.32
N CYS K 508 5.56 -47.77 -52.49
CA CYS K 508 6.70 -47.29 -51.72
C CYS K 508 6.72 -47.81 -50.28
N TYR K 509 5.56 -47.90 -49.64
CA TYR K 509 5.50 -48.35 -48.24
C TYR K 509 4.70 -49.62 -48.05
N LEU K 510 3.52 -49.73 -48.67
CA LEU K 510 2.61 -50.82 -48.34
C LEU K 510 3.12 -52.17 -48.84
N ALA K 511 3.62 -52.22 -50.07
CA ALA K 511 4.18 -53.47 -50.58
C ALA K 511 5.45 -53.91 -49.84
N PRO K 512 6.43 -53.03 -49.54
CA PRO K 512 7.52 -53.47 -48.64
C PRO K 512 7.05 -53.87 -47.25
N TRP K 513 6.04 -53.20 -46.72
CA TRP K 513 5.46 -53.57 -45.43
C TRP K 513 4.87 -54.98 -45.47
N LEU K 514 4.14 -55.29 -46.56
CA LEU K 514 3.56 -56.61 -46.70
C LEU K 514 4.63 -57.68 -46.92
N VAL K 515 5.72 -57.34 -47.62
CA VAL K 515 6.80 -58.30 -47.82
C VAL K 515 7.51 -58.59 -46.50
N PHE K 516 7.76 -57.54 -45.70
CA PHE K 516 8.37 -57.73 -44.38
C PHE K 516 7.46 -58.55 -43.47
N HIS K 517 6.15 -58.30 -43.53
CA HIS K 517 5.23 -59.09 -42.71
C HIS K 517 5.14 -60.52 -43.20
N PHE K 518 5.29 -60.75 -44.51
CA PHE K 518 5.38 -62.12 -45.03
C PHE K 518 6.61 -62.82 -44.47
N TRP K 519 7.75 -62.13 -44.43
CA TRP K 519 8.97 -62.74 -43.90
C TRP K 519 8.84 -63.04 -42.41
N LEU K 520 8.26 -62.12 -41.66
CA LEU K 520 8.05 -62.33 -40.23
C LEU K 520 7.09 -63.50 -39.98
N SER K 521 6.00 -63.57 -40.75
CA SER K 521 5.05 -64.66 -40.62
C SER K 521 5.66 -66.00 -40.98
N VAL K 522 6.46 -66.03 -42.05
CA VAL K 522 7.07 -67.29 -42.49
C VAL K 522 8.09 -67.78 -41.45
N LEU K 523 8.94 -66.88 -40.94
CA LEU K 523 9.91 -67.28 -39.93
C LEU K 523 9.23 -67.75 -38.65
N SER K 524 8.21 -67.01 -38.19
CA SER K 524 7.52 -67.39 -36.96
C SER K 524 6.72 -68.67 -37.13
N LEU K 525 6.15 -68.90 -38.31
CA LEU K 525 5.36 -70.11 -38.55
C LEU K 525 6.25 -71.34 -38.71
N THR K 526 7.42 -71.18 -39.34
CA THR K 526 8.33 -72.32 -39.47
C THR K 526 9.16 -72.57 -38.23
N ALA K 527 9.22 -71.61 -37.30
CA ALA K 527 10.02 -71.83 -36.09
C ALA K 527 9.42 -72.89 -35.19
N HIS K 528 8.13 -72.79 -34.87
CA HIS K 528 7.53 -73.56 -33.78
C HIS K 528 6.20 -74.17 -34.20
N THR K 529 6.15 -74.79 -35.38
CA THR K 529 4.93 -75.46 -35.82
C THR K 529 5.32 -76.64 -36.70
N ALA K 530 5.03 -77.86 -36.25
CA ALA K 530 5.20 -79.04 -37.08
C ALA K 530 4.32 -80.16 -36.54
N PRO K 531 4.11 -81.23 -37.33
CA PRO K 531 3.42 -82.40 -36.80
C PRO K 531 4.15 -83.11 -35.67
N HIS K 532 5.48 -83.09 -35.66
CA HIS K 532 6.25 -83.78 -34.65
C HIS K 532 6.55 -82.91 -33.45
N ILE K 533 6.13 -81.66 -33.45
CA ILE K 533 6.29 -80.80 -32.28
C ILE K 533 4.93 -80.62 -31.60
N PRO K 534 4.81 -81.04 -30.34
CA PRO K 534 3.54 -80.90 -29.62
C PRO K 534 3.46 -79.60 -28.83
N TRP K 535 2.23 -79.21 -28.53
CA TRP K 535 1.94 -78.04 -27.72
C TRP K 535 1.23 -78.52 -26.46
N ARG K 536 1.89 -78.42 -25.32
CA ARG K 536 1.35 -78.90 -24.06
C ARG K 536 1.26 -77.76 -23.05
N ALA K 537 0.15 -77.71 -22.32
CA ALA K 537 -0.02 -76.72 -21.28
C ALA K 537 0.85 -77.07 -20.07
N GLU K 538 1.02 -76.08 -19.18
CA GLU K 538 1.88 -76.28 -18.02
C GLU K 538 1.25 -77.26 -17.05
N GLY K 539 2.08 -78.11 -16.46
CA GLY K 539 1.63 -79.18 -15.60
C GLY K 539 1.25 -80.45 -16.32
N ASP K 540 1.05 -80.39 -17.64
CA ASP K 540 0.75 -81.56 -18.44
C ASP K 540 2.01 -82.29 -18.92
N GLY K 541 3.17 -81.67 -18.76
CA GLY K 541 4.41 -82.27 -19.23
C GLY K 541 5.24 -81.30 -20.03
N TRP K 542 4.82 -80.04 -20.05
CA TRP K 542 5.57 -79.01 -20.77
C TRP K 542 6.90 -78.74 -20.07
N ASP K 543 7.96 -78.63 -20.85
CA ASP K 543 9.29 -78.35 -20.31
C ASP K 543 10.02 -77.39 -21.24
N ALA K 544 10.91 -76.59 -20.63
CA ALA K 544 11.61 -75.54 -21.38
C ALA K 544 12.57 -76.12 -22.41
N GLY K 545 13.36 -77.12 -22.02
CA GLY K 545 14.25 -77.76 -22.97
C GLY K 545 13.50 -78.52 -24.05
N ARG K 546 12.48 -79.28 -23.66
CA ARG K 546 11.66 -80.02 -24.62
C ARG K 546 10.89 -79.12 -25.56
N ALA K 547 10.68 -77.86 -25.19
CA ALA K 547 10.01 -76.91 -26.06
C ALA K 547 10.96 -76.04 -26.87
N ALA K 548 12.21 -75.86 -26.42
CA ALA K 548 13.16 -74.99 -27.10
C ALA K 548 14.13 -75.76 -27.99
N VAL K 549 14.88 -76.72 -27.44
CA VAL K 549 15.88 -77.41 -28.25
C VAL K 549 15.30 -78.71 -28.81
N ALA K 550 13.98 -78.86 -28.72
CA ALA K 550 13.28 -79.93 -29.42
C ALA K 550 12.05 -79.44 -30.14
N GLY K 551 11.56 -78.25 -29.83
CA GLY K 551 10.40 -77.70 -30.46
C GLY K 551 10.66 -76.57 -31.43
N THR K 552 11.89 -76.48 -31.91
CA THR K 552 12.31 -75.43 -32.83
C THR K 552 12.78 -76.05 -34.13
N VAL K 553 12.21 -75.58 -35.24
CA VAL K 553 12.65 -75.96 -36.57
C VAL K 553 13.46 -74.82 -37.14
N THR K 554 14.73 -75.06 -37.43
CA THR K 554 15.58 -74.04 -38.02
C THR K 554 15.32 -73.98 -39.52
N LEU K 555 14.84 -72.85 -39.99
CA LEU K 555 14.68 -72.62 -41.41
C LEU K 555 16.03 -72.35 -42.05
N ARG K 556 16.26 -72.96 -43.21
CA ARG K 556 17.51 -72.80 -43.94
C ARG K 556 17.22 -72.10 -45.26
N LEU K 557 17.96 -71.04 -45.52
CA LEU K 557 17.79 -70.17 -46.68
C LEU K 557 19.09 -70.11 -47.45
N PRO K 558 19.04 -69.72 -48.73
CA PRO K 558 20.29 -69.45 -49.46
C PRO K 558 21.07 -68.31 -48.82
N ARG K 559 22.39 -68.37 -48.98
CA ARG K 559 23.29 -67.44 -48.29
C ARG K 559 23.04 -65.95 -48.57
N PRO K 560 22.73 -65.50 -49.80
CA PRO K 560 22.32 -64.08 -49.94
C PRO K 560 21.06 -63.74 -49.15
N LEU K 561 20.10 -64.67 -49.06
CA LEU K 561 18.91 -64.42 -48.26
C LEU K 561 19.23 -64.41 -46.77
N GLU K 562 20.18 -65.23 -46.33
CA GLU K 562 20.57 -65.23 -44.92
C GLU K 562 21.32 -63.95 -44.57
N VAL K 563 22.13 -63.43 -45.50
CA VAL K 563 22.81 -62.17 -45.25
C VAL K 563 21.83 -61.01 -45.26
N LEU K 564 20.89 -61.00 -46.21
CA LEU K 564 19.92 -59.91 -46.31
C LEU K 564 18.93 -59.93 -45.16
N LEU K 565 18.55 -61.11 -44.68
CA LEU K 565 17.69 -61.25 -43.52
C LEU K 565 18.44 -61.16 -42.21
N ASN K 566 19.77 -60.98 -42.28
CA ASN K 566 20.63 -60.77 -41.11
C ASN K 566 20.58 -61.96 -40.15
N ASN K 567 20.55 -63.17 -40.72
CA ASN K 567 20.53 -64.43 -39.98
C ASN K 567 19.35 -64.50 -39.02
N ALA K 568 18.18 -64.07 -39.48
CA ALA K 568 16.98 -64.10 -38.65
C ALA K 568 16.33 -65.47 -38.61
N ASN K 569 16.76 -66.42 -39.44
CA ASN K 569 16.26 -67.78 -39.37
C ASN K 569 16.98 -68.62 -38.32
N TYR K 570 18.06 -68.11 -37.73
CA TYR K 570 18.79 -68.80 -36.68
C TYR K 570 18.39 -68.18 -35.34
N MET K 571 17.27 -68.65 -34.81
CA MET K 571 16.76 -68.19 -33.53
C MET K 571 17.03 -69.18 -32.40
N LEU K 572 17.39 -70.42 -32.73
CA LEU K 572 17.69 -71.41 -31.68
C LEU K 572 18.92 -71.05 -30.83
N PRO K 573 20.09 -70.67 -31.39
CA PRO K 573 21.19 -70.28 -30.49
C PRO K 573 20.91 -69.01 -29.71
N GLN K 574 20.11 -68.09 -30.28
CA GLN K 574 19.70 -66.92 -29.52
C GLN K 574 18.76 -67.28 -28.39
N ALA K 575 17.94 -68.32 -28.58
CA ALA K 575 17.10 -68.80 -27.49
C ALA K 575 17.93 -69.46 -26.39
N VAL K 576 18.91 -70.29 -26.76
CA VAL K 576 19.71 -70.98 -25.75
C VAL K 576 20.79 -70.10 -25.14
N ALA K 577 21.06 -68.92 -25.71
CA ALA K 577 22.06 -68.02 -25.17
C ALA K 577 21.65 -66.59 -25.52
N PRO K 578 20.91 -65.93 -24.63
CA PRO K 578 20.39 -64.60 -24.97
C PRO K 578 21.39 -63.47 -24.70
N GLY K 579 22.64 -63.69 -25.07
CA GLY K 579 23.65 -62.65 -25.08
C GLY K 579 24.56 -62.87 -26.27
N LEU K 580 24.26 -63.92 -27.02
CA LEU K 580 25.05 -64.26 -28.19
C LEU K 580 24.68 -63.33 -29.34
N PRO K 581 25.63 -62.60 -29.93
CA PRO K 581 25.28 -61.64 -30.98
C PRO K 581 24.86 -62.33 -32.27
N MET K 582 24.22 -61.52 -33.13
CA MET K 582 23.55 -62.04 -34.31
C MET K 582 24.52 -62.61 -35.34
N TRP K 583 25.70 -62.00 -35.49
CA TRP K 583 26.62 -62.42 -36.53
C TRP K 583 27.30 -63.75 -36.21
N SER K 584 27.27 -64.18 -34.96
CA SER K 584 27.84 -65.46 -34.55
C SER K 584 26.80 -66.57 -34.50
N ALA K 585 25.56 -66.29 -34.87
CA ALA K 585 24.47 -67.26 -34.81
C ALA K 585 24.64 -68.47 -35.73
N PRO K 586 25.05 -68.35 -37.00
CA PRO K 586 25.27 -69.59 -37.78
C PRO K 586 26.42 -70.44 -37.28
N ALA K 587 27.50 -69.81 -36.79
CA ALA K 587 28.60 -70.56 -36.22
C ALA K 587 28.19 -71.28 -34.95
N ALA K 588 27.44 -70.59 -34.08
CA ALA K 588 26.96 -71.20 -32.85
C ALA K 588 25.94 -72.29 -33.15
N TYR K 589 25.14 -72.14 -34.21
CA TYR K 589 24.24 -73.21 -34.59
C TYR K 589 24.98 -74.40 -35.15
N ALA K 590 26.09 -74.17 -35.85
CA ALA K 590 26.94 -75.28 -36.29
C ALA K 590 27.51 -76.01 -35.08
N VAL K 591 27.93 -75.27 -34.06
CA VAL K 591 28.42 -75.88 -32.82
C VAL K 591 27.33 -76.70 -32.15
N LEU K 592 26.11 -76.15 -32.08
CA LEU K 592 25.00 -76.85 -31.42
C LEU K 592 24.55 -78.08 -32.22
N ALA K 593 24.62 -78.02 -33.55
CA ALA K 593 24.26 -79.18 -34.35
C ALA K 593 25.34 -80.25 -34.30
N ALA K 594 26.60 -79.85 -34.10
CA ALA K 594 27.65 -80.84 -33.90
C ALA K 594 27.57 -81.46 -32.51
N ARG K 595 27.09 -80.70 -31.51
CA ARG K 595 27.06 -81.19 -30.13
C ARG K 595 25.80 -82.00 -29.82
N LEU K 596 24.63 -81.38 -29.97
CA LEU K 596 23.38 -82.03 -29.58
C LEU K 596 23.07 -83.23 -30.48
N GLY K 597 23.10 -83.06 -31.80
CA GLY K 597 22.90 -84.19 -32.68
C GLY K 597 21.41 -84.48 -32.83
N PRO K 598 20.95 -85.75 -32.78
CA PRO K 598 19.52 -86.05 -33.01
C PRO K 598 18.40 -85.20 -32.42
N TYR K 599 18.64 -84.19 -31.60
CA TYR K 599 17.53 -83.45 -30.99
C TYR K 599 17.05 -82.25 -31.80
N LEU K 600 17.74 -81.86 -32.86
CA LEU K 600 17.43 -80.62 -33.57
C LEU K 600 16.60 -80.90 -34.82
N THR K 601 15.84 -79.92 -35.26
CA THR K 601 15.07 -80.06 -36.48
C THR K 601 15.47 -78.95 -37.44
N GLU K 602 15.71 -79.32 -38.70
CA GLU K 602 16.02 -78.35 -39.75
C GLU K 602 15.02 -78.50 -40.89
N ALA K 603 14.87 -77.44 -41.67
CA ALA K 603 14.01 -77.48 -42.83
C ALA K 603 14.46 -76.44 -43.85
N SER K 604 14.72 -76.88 -45.08
CA SER K 604 15.04 -75.95 -46.14
C SER K 604 13.79 -75.19 -46.57
N MET K 605 14.00 -73.97 -47.05
CA MET K 605 12.90 -73.13 -47.52
C MET K 605 12.48 -73.58 -48.91
N SER K 606 11.22 -73.94 -49.06
CA SER K 606 10.73 -74.46 -50.33
C SER K 606 9.22 -74.26 -50.39
N LEU K 607 8.64 -74.57 -51.56
CA LEU K 607 7.19 -74.54 -51.71
C LEU K 607 6.51 -75.64 -50.92
N LYS K 608 7.22 -76.73 -50.61
CA LYS K 608 6.62 -77.84 -49.89
C LYS K 608 6.20 -77.44 -48.49
N LEU K 609 7.07 -76.74 -47.77
CA LEU K 609 6.76 -76.28 -46.43
C LEU K 609 5.59 -75.30 -46.44
N LEU K 610 5.57 -74.37 -47.40
CA LEU K 610 4.51 -73.39 -47.47
C LEU K 610 3.17 -74.03 -47.82
N THR K 611 3.15 -74.96 -48.78
CA THR K 611 1.88 -75.59 -49.14
C THR K 611 1.41 -76.54 -48.03
N ASN K 612 2.33 -77.12 -47.26
CA ASN K 612 1.91 -77.95 -46.13
C ASN K 612 1.34 -77.08 -45.01
N HIS K 613 1.99 -75.96 -44.70
CA HIS K 613 1.49 -75.05 -43.68
C HIS K 613 0.16 -74.42 -44.08
N VAL K 614 -0.07 -74.25 -45.38
CA VAL K 614 -1.30 -73.61 -45.84
C VAL K 614 -2.45 -74.61 -45.91
N THR K 615 -2.22 -75.77 -46.54
CA THR K 615 -3.31 -76.69 -46.85
C THR K 615 -3.45 -77.84 -45.87
N ARG K 616 -2.38 -78.25 -45.18
CA ARG K 616 -2.43 -79.44 -44.35
C ARG K 616 -2.44 -79.14 -42.85
N TRP K 617 -1.47 -78.37 -42.36
CA TRP K 617 -1.33 -78.14 -40.92
C TRP K 617 -2.12 -76.90 -40.55
N GLN K 618 -3.38 -77.10 -40.17
CA GLN K 618 -4.23 -75.97 -39.84
C GLN K 618 -4.84 -76.07 -38.44
N ILE K 619 -5.30 -77.25 -38.03
CA ILE K 619 -5.97 -77.43 -36.75
C ILE K 619 -5.15 -78.39 -35.90
N TYR K 620 -4.93 -78.02 -34.64
CA TYR K 620 -4.14 -78.80 -33.70
C TYR K 620 -5.08 -79.49 -32.73
N ASP K 621 -5.35 -80.76 -32.94
CA ASP K 621 -6.01 -81.49 -31.86
C ASP K 621 -5.08 -81.68 -30.67
N GLU K 622 -5.60 -81.43 -29.48
CA GLU K 622 -4.72 -81.60 -28.35
C GLU K 622 -4.80 -83.05 -27.85
N GLU K 623 -4.53 -84.00 -28.74
CA GLU K 623 -4.50 -85.42 -28.36
C GLU K 623 -3.27 -86.16 -28.86
N ALA K 624 -2.82 -85.95 -30.10
CA ALA K 624 -1.60 -86.60 -30.57
C ALA K 624 -0.78 -85.68 -31.48
N HIS K 625 -0.77 -84.38 -31.17
CA HIS K 625 -0.19 -83.29 -31.97
C HIS K 625 -0.41 -83.46 -33.46
N THR K 626 -1.64 -83.76 -33.86
CA THR K 626 -1.93 -84.06 -35.25
C THR K 626 -2.54 -82.83 -35.91
N TYR K 627 -1.70 -81.89 -36.36
CA TYR K 627 -2.12 -80.83 -37.27
C TYR K 627 -2.81 -81.43 -38.50
N ARG K 628 -4.06 -81.04 -38.71
CA ARG K 628 -4.96 -81.60 -39.72
C ARG K 628 -5.65 -80.48 -40.49
N PRO K 629 -6.17 -80.80 -41.69
CA PRO K 629 -7.01 -79.83 -42.41
C PRO K 629 -8.22 -79.41 -41.59
N MET K 630 -8.71 -78.20 -41.89
CA MET K 630 -9.79 -77.60 -41.11
C MET K 630 -11.06 -78.43 -41.18
N GLU K 631 -11.46 -78.82 -42.40
CA GLU K 631 -12.70 -79.55 -42.63
C GLU K 631 -12.70 -80.88 -41.90
N GLU K 632 -11.68 -81.73 -42.09
CA GLU K 632 -11.55 -83.03 -41.45
C GLU K 632 -11.79 -83.04 -39.93
N VAL K 633 -11.34 -81.98 -39.24
CA VAL K 633 -11.61 -81.82 -37.82
C VAL K 633 -13.02 -81.29 -37.57
N VAL K 634 -13.45 -80.31 -38.39
CA VAL K 634 -14.80 -79.76 -38.32
C VAL K 634 -15.83 -80.87 -38.45
N ASP K 635 -15.64 -81.74 -39.43
CA ASP K 635 -16.37 -82.99 -39.66
C ASP K 635 -16.61 -83.78 -38.38
N GLU K 636 -15.55 -83.99 -37.59
CA GLU K 636 -15.67 -84.63 -36.30
C GLU K 636 -16.59 -83.83 -35.37
N ILE K 637 -16.26 -82.58 -35.10
CA ILE K 637 -17.06 -81.80 -34.15
C ILE K 637 -18.42 -81.37 -34.72
N GLU K 638 -18.67 -81.70 -35.99
CA GLU K 638 -19.83 -81.27 -36.76
C GLU K 638 -20.87 -82.37 -36.88
N ALA K 639 -20.46 -83.51 -37.46
CA ALA K 639 -21.33 -84.67 -37.65
C ALA K 639 -21.45 -85.45 -36.35
N ASP K 640 -20.69 -85.05 -35.34
CA ASP K 640 -20.77 -85.59 -34.00
C ASP K 640 -21.02 -84.38 -33.11
N LEU K 641 -20.82 -84.55 -31.79
CA LEU K 641 -21.12 -83.55 -30.77
C LEU K 641 -22.62 -83.23 -30.78
N GLN K 642 -23.03 -82.25 -31.56
CA GLN K 642 -24.45 -81.90 -31.67
C GLN K 642 -25.26 -82.96 -32.42
N GLN K 643 -24.59 -83.98 -32.95
CA GLN K 643 -25.24 -85.04 -33.69
C GLN K 643 -24.76 -86.42 -33.20
N PHE L 71 0.96 -53.43 -0.60
CA PHE L 71 1.53 -54.22 0.49
C PHE L 71 0.60 -54.21 1.70
N ILE L 72 0.19 -53.00 2.10
CA ILE L 72 -0.60 -52.80 3.30
C ILE L 72 -2.03 -52.52 2.87
N SER L 73 -2.42 -53.14 1.75
CA SER L 73 -3.71 -53.02 1.07
C SER L 73 -4.88 -53.09 2.07
N PRO L 74 -5.58 -51.98 2.29
CA PRO L 74 -6.70 -51.99 3.24
C PRO L 74 -8.04 -52.26 2.57
N MET L 75 -8.28 -53.53 2.20
CA MET L 75 -9.56 -53.99 1.65
C MET L 75 -9.96 -53.22 0.41
N THR L 76 -10.79 -52.19 0.61
CA THR L 76 -11.13 -51.16 -0.36
C THR L 76 -9.87 -50.68 -1.07
N PRO L 77 -9.86 -50.64 -2.40
CA PRO L 77 -8.71 -50.06 -3.11
C PRO L 77 -8.58 -48.58 -2.76
N TYR L 78 -7.38 -48.18 -2.35
CA TYR L 78 -7.07 -46.82 -1.95
C TYR L 78 -7.49 -45.81 -3.01
N VAL L 79 -8.42 -44.94 -2.64
CA VAL L 79 -8.90 -43.88 -3.50
C VAL L 79 -8.13 -42.62 -3.11
N PRO L 80 -7.18 -42.17 -3.95
CA PRO L 80 -6.44 -40.95 -3.63
C PRO L 80 -7.36 -39.73 -3.50
N GLU L 81 -7.15 -38.98 -2.43
CA GLU L 81 -7.97 -37.82 -2.11
C GLU L 81 -7.18 -36.58 -2.51
N GLU L 82 -7.43 -36.11 -3.73
CA GLU L 82 -6.77 -34.92 -4.23
C GLU L 82 -7.33 -33.68 -3.54
N GLU L 83 -6.58 -32.59 -3.63
CA GLU L 83 -7.03 -31.33 -3.08
C GLU L 83 -8.24 -30.82 -3.85
N PRO L 84 -9.17 -30.15 -3.18
CA PRO L 84 -10.34 -29.59 -3.89
C PRO L 84 -9.91 -28.50 -4.86
N THR L 85 -10.61 -28.44 -5.99
CA THR L 85 -10.34 -27.45 -7.03
C THR L 85 -11.39 -26.36 -7.11
N ARG L 86 -12.59 -26.61 -6.61
CA ARG L 86 -13.65 -25.62 -6.50
C ARG L 86 -13.95 -25.36 -5.03
N THR L 87 -14.35 -24.14 -4.72
CA THR L 87 -14.81 -23.83 -3.38
C THR L 87 -16.09 -24.62 -3.10
N PRO L 88 -16.25 -25.18 -1.90
CA PRO L 88 -17.51 -25.83 -1.56
C PRO L 88 -18.65 -24.85 -1.65
N PRO L 89 -19.84 -25.31 -2.05
CA PRO L 89 -20.98 -24.40 -2.20
C PRO L 89 -21.38 -23.80 -0.86
N SER L 90 -21.95 -22.60 -0.92
CA SER L 90 -22.23 -21.82 0.27
C SER L 90 -23.31 -22.49 1.11
N ILE L 91 -23.32 -22.16 2.41
CA ILE L 91 -24.27 -22.76 3.33
C ILE L 91 -25.68 -22.25 3.10
N LYS L 92 -25.84 -21.14 2.37
CA LYS L 92 -27.15 -20.63 2.01
C LYS L 92 -27.65 -21.13 0.67
N ASP L 93 -26.87 -21.99 0.00
CA ASP L 93 -27.27 -22.47 -1.31
C ASP L 93 -28.47 -23.42 -1.22
N THR L 94 -29.18 -23.53 -2.33
CA THR L 94 -30.25 -24.53 -2.43
C THR L 94 -29.86 -25.73 -3.28
N GLY L 95 -29.01 -25.52 -4.29
CA GLY L 95 -28.59 -26.59 -5.17
C GLY L 95 -29.59 -26.99 -6.22
N THR L 96 -30.71 -26.27 -6.33
CA THR L 96 -31.83 -26.70 -7.17
C THR L 96 -32.17 -25.70 -8.26
N LEU L 97 -31.23 -24.83 -8.64
CA LEU L 97 -31.36 -23.74 -9.62
C LEU L 97 -32.28 -22.63 -9.14
N ARG L 98 -32.92 -22.77 -7.98
CA ARG L 98 -33.71 -21.71 -7.40
C ARG L 98 -32.77 -20.65 -6.83
N PRO L 99 -33.17 -19.37 -6.89
CA PRO L 99 -32.38 -18.33 -6.21
C PRO L 99 -32.29 -18.59 -4.72
N ALA L 100 -31.11 -18.35 -4.17
CA ALA L 100 -30.94 -18.37 -2.73
C ALA L 100 -31.65 -17.17 -2.12
N SER L 101 -31.73 -17.17 -0.78
CA SER L 101 -32.36 -16.06 -0.10
C SER L 101 -31.50 -14.81 -0.22
N GLU L 102 -32.08 -13.67 0.16
CA GLU L 102 -31.37 -12.40 0.03
C GLU L 102 -30.16 -12.34 0.95
N TRP L 103 -30.37 -12.45 2.26
CA TRP L 103 -29.26 -12.51 3.20
C TRP L 103 -29.27 -13.75 4.07
N TYR L 104 -30.39 -14.10 4.69
CA TYR L 104 -30.40 -15.17 5.67
C TYR L 104 -31.08 -16.41 5.11
N PRO L 105 -30.45 -17.58 5.22
CA PRO L 105 -30.92 -18.77 4.50
C PRO L 105 -32.15 -19.45 5.09
N GLN L 106 -32.81 -18.83 6.08
CA GLN L 106 -34.16 -19.13 6.55
C GLN L 106 -34.21 -20.44 7.35
N TRP L 107 -33.17 -21.27 7.30
CA TRP L 107 -33.19 -22.40 8.21
C TRP L 107 -32.65 -22.06 9.59
N MET L 108 -31.98 -20.92 9.73
CA MET L 108 -31.42 -20.52 11.02
C MET L 108 -32.50 -20.33 12.08
N GLN L 109 -33.69 -19.88 11.66
CA GLN L 109 -34.81 -19.73 12.58
C GLN L 109 -35.25 -21.07 13.17
N TYR L 110 -34.96 -22.18 12.50
CA TYR L 110 -35.27 -23.50 13.03
C TYR L 110 -34.08 -24.12 13.75
N ARG L 111 -32.99 -23.36 13.89
CA ARG L 111 -31.85 -23.77 14.71
C ARG L 111 -31.73 -22.87 15.92
N ARG L 112 -31.03 -23.37 16.93
CA ARG L 112 -30.79 -22.58 18.13
C ARG L 112 -29.83 -21.44 17.84
N ARG L 113 -30.00 -20.35 18.60
CA ARG L 113 -29.01 -19.29 18.62
C ARG L 113 -27.69 -19.83 19.19
N GLU L 114 -26.61 -19.09 18.91
CA GLU L 114 -25.21 -19.38 19.28
C GLU L 114 -24.75 -20.79 18.88
N ASP L 115 -25.51 -21.44 18.01
CA ASP L 115 -25.06 -22.56 17.21
C ASP L 115 -25.18 -22.26 15.72
N ASN L 116 -25.80 -21.12 15.37
CA ASN L 116 -25.80 -20.54 14.04
C ASN L 116 -24.55 -19.72 13.76
N TYR L 117 -23.48 -19.94 14.53
CA TYR L 117 -22.21 -19.27 14.28
C TYR L 117 -21.67 -19.64 12.90
N VAL L 118 -21.97 -20.84 12.42
CA VAL L 118 -21.56 -21.25 11.07
C VAL L 118 -22.66 -20.78 10.11
N PHE L 119 -22.64 -19.51 9.87
CA PHE L 119 -23.15 -18.79 8.72
C PHE L 119 -22.13 -17.75 8.27
N TRP L 120 -21.43 -17.14 9.21
CA TRP L 120 -20.26 -16.34 8.96
C TRP L 120 -19.00 -17.19 8.91
N GLN L 121 -19.01 -18.36 9.54
CA GLN L 121 -17.94 -19.33 9.40
C GLN L 121 -18.02 -20.09 8.07
N ASP L 122 -19.05 -19.82 7.26
CA ASP L 122 -19.04 -20.22 5.87
C ASP L 122 -18.43 -19.14 4.98
N LYS L 123 -18.73 -17.87 5.28
CA LYS L 123 -18.11 -16.75 4.57
C LYS L 123 -16.61 -16.73 4.78
N PHE L 124 -16.16 -16.75 6.04
CA PHE L 124 -14.81 -17.20 6.32
C PHE L 124 -14.70 -18.66 5.90
N MET L 125 -13.56 -19.03 5.33
CA MET L 125 -13.19 -20.33 4.75
C MET L 125 -13.96 -20.66 3.47
N ARG L 126 -14.90 -19.83 3.04
CA ARG L 126 -15.29 -19.84 1.64
C ARG L 126 -14.68 -18.69 0.85
N CYS L 127 -14.25 -17.63 1.53
CA CYS L 127 -13.67 -16.50 0.83
C CYS L 127 -12.40 -15.94 1.45
N SER L 128 -12.01 -16.34 2.65
CA SER L 128 -10.80 -15.80 3.27
C SER L 128 -9.75 -16.85 3.58
N THR L 129 -10.12 -17.92 4.30
CA THR L 129 -9.11 -18.76 4.94
C THR L 129 -8.96 -20.15 4.34
N ASP L 130 -9.96 -20.68 3.63
CA ASP L 130 -9.81 -21.99 3.02
C ASP L 130 -9.98 -21.92 1.51
N ILE L 131 -9.32 -20.96 0.88
CA ILE L 131 -9.34 -20.88 -0.59
C ILE L 131 -8.57 -22.06 -1.16
N PRO L 132 -9.14 -22.84 -2.07
CA PRO L 132 -8.36 -23.83 -2.80
C PRO L 132 -7.29 -23.14 -3.65
N TRP L 133 -6.12 -23.78 -3.74
CA TRP L 133 -5.04 -23.18 -4.50
C TRP L 133 -5.24 -23.28 -6.00
N ALA L 134 -6.19 -24.11 -6.45
CA ALA L 134 -6.55 -24.13 -7.87
C ALA L 134 -7.33 -22.90 -8.28
N GLU L 135 -7.93 -22.19 -7.33
CA GLU L 135 -8.63 -20.94 -7.61
C GLU L 135 -7.74 -19.72 -7.46
N LYS L 136 -6.51 -19.89 -6.97
CA LYS L 136 -5.54 -18.82 -6.90
C LYS L 136 -4.53 -18.88 -8.05
N ARG L 137 -4.76 -19.75 -9.02
CA ARG L 137 -3.85 -19.89 -10.15
C ARG L 137 -3.90 -18.65 -11.02
N TRP L 138 -2.73 -18.15 -11.41
CA TRP L 138 -2.63 -17.03 -12.33
C TRP L 138 -2.42 -17.57 -13.73
N THR L 139 -3.33 -17.22 -14.65
CA THR L 139 -3.30 -17.68 -16.02
C THR L 139 -3.75 -16.54 -16.92
N LEU L 140 -3.65 -16.77 -18.24
CA LEU L 140 -4.08 -15.76 -19.21
C LEU L 140 -5.59 -15.56 -19.15
N PHE L 141 -6.35 -16.65 -19.00
CA PHE L 141 -7.80 -16.52 -18.91
C PHE L 141 -8.21 -15.77 -17.66
N SER L 142 -7.56 -16.05 -16.52
CA SER L 142 -7.89 -15.33 -15.30
C SER L 142 -7.46 -13.87 -15.39
N THR L 143 -6.37 -13.59 -16.11
CA THR L 143 -5.96 -12.21 -16.36
C THR L 143 -7.02 -11.46 -17.17
N VAL L 144 -7.59 -12.11 -18.18
CA VAL L 144 -8.68 -11.49 -18.95
C VAL L 144 -9.93 -11.35 -18.09
N TRP L 145 -10.26 -12.38 -17.30
CA TRP L 145 -11.47 -12.40 -16.50
C TRP L 145 -11.45 -11.40 -15.35
N TYR L 146 -10.25 -11.03 -14.88
CA TYR L 146 -10.16 -9.96 -13.88
C TYR L 146 -10.75 -8.66 -14.41
N LEU L 147 -10.61 -8.40 -15.71
CA LEU L 147 -11.19 -7.19 -16.28
C LEU L 147 -12.71 -7.23 -16.26
N VAL L 148 -13.30 -8.39 -16.57
CA VAL L 148 -14.75 -8.54 -16.50
C VAL L 148 -15.24 -8.33 -15.07
N GLN L 149 -14.55 -8.94 -14.10
CA GLN L 149 -14.96 -8.81 -12.70
C GLN L 149 -14.76 -7.38 -12.20
N GLN L 150 -13.68 -6.73 -12.63
CA GLN L 150 -13.44 -5.34 -12.23
C GLN L 150 -14.48 -4.40 -12.81
N LEU L 151 -14.85 -4.60 -14.07
CA LEU L 151 -15.92 -3.81 -14.67
C LEU L 151 -17.25 -4.08 -13.97
N ARG L 152 -17.48 -5.31 -13.53
CA ARG L 152 -18.69 -5.63 -12.80
C ARG L 152 -18.73 -4.95 -11.44
N PHE L 153 -17.62 -4.95 -10.71
CA PHE L 153 -17.66 -4.52 -9.32
C PHE L 153 -17.35 -3.04 -9.13
N VAL L 154 -16.26 -2.55 -9.70
CA VAL L 154 -15.87 -1.15 -9.54
C VAL L 154 -16.08 -0.33 -10.80
N GLY L 155 -16.56 -0.93 -11.89
CA GLY L 155 -16.75 -0.21 -13.12
C GLY L 155 -18.20 0.00 -13.51
N THR L 156 -19.11 -0.70 -12.83
CA THR L 156 -20.54 -0.59 -13.04
C THR L 156 -21.20 -0.14 -11.74
N PRO L 157 -22.13 0.82 -11.81
CA PRO L 157 -22.76 1.32 -10.58
C PRO L 157 -23.58 0.24 -9.89
N PRO L 158 -23.57 0.25 -8.55
CA PRO L 158 -24.37 -0.73 -7.80
C PRO L 158 -25.86 -0.61 -8.00
N ALA L 159 -26.36 0.55 -8.44
CA ALA L 159 -27.79 0.68 -8.74
C ALA L 159 -28.18 -0.17 -9.95
N LEU L 160 -27.41 -0.06 -11.03
CA LEU L 160 -27.67 -0.90 -12.20
C LEU L 160 -27.38 -2.36 -11.91
N ARG L 161 -26.37 -2.63 -11.07
CA ARG L 161 -26.12 -4.00 -10.64
C ARG L 161 -27.30 -4.54 -9.84
N TYR L 162 -27.94 -3.70 -9.04
CA TYR L 162 -29.08 -4.11 -8.23
C TYR L 162 -30.30 -4.42 -9.10
N VAL L 163 -30.58 -3.57 -10.09
CA VAL L 163 -31.75 -3.85 -10.93
C VAL L 163 -31.50 -5.08 -11.82
N ALA L 164 -30.26 -5.28 -12.27
CA ALA L 164 -29.94 -6.51 -12.99
C ALA L 164 -30.01 -7.73 -12.09
N PHE L 165 -29.65 -7.58 -10.82
CA PHE L 165 -29.76 -8.66 -9.83
C PHE L 165 -31.22 -9.05 -9.60
N LEU L 166 -32.10 -8.05 -9.51
CA LEU L 166 -33.53 -8.34 -9.37
C LEU L 166 -34.08 -9.06 -10.60
N GLY L 167 -33.69 -8.60 -11.80
CA GLY L 167 -34.13 -9.27 -13.02
C GLY L 167 -33.65 -10.70 -13.11
N TRP L 168 -32.39 -10.94 -12.74
CA TRP L 168 -31.84 -12.29 -12.76
C TRP L 168 -32.51 -13.17 -11.72
N ARG L 169 -32.87 -12.61 -10.55
CA ARG L 169 -33.59 -13.38 -9.54
C ARG L 169 -34.96 -13.82 -10.04
N ALA L 170 -35.69 -12.90 -10.68
CA ALA L 170 -37.01 -13.25 -11.21
C ALA L 170 -36.91 -14.30 -12.31
N LEU L 171 -35.94 -14.13 -13.22
CA LEU L 171 -35.73 -15.11 -14.29
C LEU L 171 -35.35 -16.47 -13.74
N MET L 172 -34.51 -16.50 -12.70
CA MET L 172 -34.10 -17.77 -12.12
C MET L 172 -35.24 -18.45 -11.38
N PHE L 173 -36.13 -17.68 -10.75
CA PHE L 173 -37.33 -18.26 -10.17
C PHE L 173 -38.21 -18.89 -11.24
N GLN L 174 -38.37 -18.20 -12.38
CA GLN L 174 -39.17 -18.75 -13.47
C GLN L 174 -38.55 -20.03 -14.05
N VAL L 175 -37.22 -20.05 -14.22
CA VAL L 175 -36.59 -21.24 -14.74
C VAL L 175 -36.57 -22.37 -13.72
N TYR L 176 -36.62 -22.05 -12.42
CA TYR L 176 -36.76 -23.10 -11.41
C TYR L 176 -38.15 -23.72 -11.45
N ALA L 177 -39.19 -22.89 -11.64
CA ALA L 177 -40.53 -23.44 -11.79
C ALA L 177 -40.63 -24.32 -13.03
N ALA L 178 -39.99 -23.89 -14.13
CA ALA L 178 -39.96 -24.70 -15.34
C ALA L 178 -39.25 -26.03 -15.11
N HIS L 179 -38.12 -26.00 -14.38
CA HIS L 179 -37.38 -27.24 -14.12
C HIS L 179 -38.15 -28.15 -13.18
N LYS L 180 -38.89 -27.60 -12.22
CA LYS L 180 -39.71 -28.41 -11.33
C LYS L 180 -40.83 -29.11 -12.09
N ALA L 181 -41.49 -28.39 -13.00
CA ALA L 181 -42.51 -29.02 -13.83
C ALA L 181 -41.91 -30.09 -14.74
N LEU L 182 -40.71 -29.83 -15.28
CA LEU L 182 -40.03 -30.82 -16.10
C LEU L 182 -39.67 -32.07 -15.30
N VAL L 183 -39.27 -31.89 -14.04
CA VAL L 183 -38.94 -33.04 -13.19
C VAL L 183 -40.19 -33.86 -12.89
N LEU L 184 -41.32 -33.20 -12.63
CA LEU L 184 -42.57 -33.93 -12.41
C LEU L 184 -42.99 -34.70 -13.66
N TRP L 185 -42.83 -34.10 -14.84
CA TRP L 185 -43.12 -34.82 -16.07
C TRP L 185 -42.14 -35.98 -16.28
N GLN L 186 -40.88 -35.82 -15.86
CA GLN L 186 -39.94 -36.93 -15.94
C GLN L 186 -40.29 -38.05 -14.97
N CYS L 187 -40.94 -37.71 -13.85
CA CYS L 187 -41.48 -38.74 -12.97
C CYS L 187 -42.61 -39.52 -13.64
N LYS L 188 -43.48 -38.80 -14.37
CA LYS L 188 -44.55 -39.49 -15.10
C LYS L 188 -43.98 -40.39 -16.20
N LEU L 189 -42.94 -39.90 -16.90
CA LEU L 189 -42.25 -40.71 -17.90
C LEU L 189 -41.53 -41.90 -17.25
N ASP L 190 -41.01 -41.71 -16.04
CA ASP L 190 -40.41 -42.79 -15.27
C ASP L 190 -41.42 -43.90 -15.01
N ALA L 191 -42.63 -43.53 -14.60
CA ALA L 191 -43.68 -44.52 -14.38
C ALA L 191 -44.08 -45.22 -15.68
N GLY L 192 -44.18 -44.46 -16.77
CA GLY L 192 -44.52 -45.06 -18.06
C GLY L 192 -43.48 -46.06 -18.54
N LEU L 193 -42.21 -45.67 -18.47
CA LEU L 193 -41.13 -46.58 -18.87
C LEU L 193 -40.98 -47.75 -17.90
N ALA L 194 -41.36 -47.58 -16.63
CA ALA L 194 -41.33 -48.69 -15.70
C ALA L 194 -42.50 -49.66 -15.88
N ARG L 195 -43.58 -49.21 -16.51
CA ARG L 195 -44.64 -50.15 -16.90
C ARG L 195 -44.26 -50.88 -18.19
N ILE L 196 -43.80 -50.15 -19.21
CA ILE L 196 -43.32 -50.82 -20.42
C ILE L 196 -41.93 -51.36 -20.17
N GLY L 197 -41.84 -52.62 -19.74
CA GLY L 197 -40.58 -53.21 -19.35
C GLY L 197 -40.73 -54.15 -18.17
N SER L 198 -41.77 -53.92 -17.37
CA SER L 198 -42.17 -54.86 -16.34
C SER L 198 -43.64 -55.24 -16.51
N GLY L 199 -44.20 -55.02 -17.70
CA GLY L 199 -45.54 -55.47 -17.97
C GLY L 199 -46.57 -54.48 -17.48
N GLY L 200 -47.16 -54.76 -16.32
CA GLY L 200 -48.02 -53.77 -15.70
C GLY L 200 -47.82 -53.67 -14.20
N ALA L 201 -46.93 -54.50 -13.64
CA ALA L 201 -46.75 -54.57 -12.20
C ALA L 201 -46.17 -53.29 -11.61
N THR L 202 -44.90 -53.02 -11.90
CA THR L 202 -44.25 -51.80 -11.40
C THR L 202 -44.74 -50.61 -12.21
N ALA L 203 -45.47 -49.70 -11.55
CA ALA L 203 -45.91 -48.47 -12.19
C ALA L 203 -45.58 -47.24 -11.35
N THR L 204 -44.79 -47.39 -10.30
CA THR L 204 -44.39 -46.27 -9.46
C THR L 204 -43.21 -45.53 -10.07
N PHE L 205 -42.57 -44.67 -9.29
CA PHE L 205 -41.39 -43.94 -9.71
C PHE L 205 -40.57 -43.59 -8.48
N SER L 206 -39.27 -43.42 -8.68
CA SER L 206 -38.35 -43.22 -7.56
C SER L 206 -38.34 -41.76 -7.15
N LYS L 207 -38.82 -41.48 -5.94
CA LYS L 207 -38.83 -40.11 -5.43
C LYS L 207 -37.43 -39.61 -5.12
N THR L 208 -36.53 -40.52 -4.72
CA THR L 208 -35.14 -40.15 -4.54
C THR L 208 -34.50 -39.76 -5.88
N MET L 209 -34.83 -40.47 -6.94
CA MET L 209 -34.35 -40.08 -8.26
C MET L 209 -34.99 -38.78 -8.71
N ALA L 210 -36.24 -38.51 -8.30
CA ALA L 210 -36.87 -37.24 -8.60
C ALA L 210 -36.11 -36.08 -7.96
N LEU L 211 -35.77 -36.23 -6.68
CA LEU L 211 -34.96 -35.21 -6.01
C LEU L 211 -33.56 -35.14 -6.58
N ARG L 212 -33.03 -36.27 -7.06
CA ARG L 212 -31.72 -36.27 -7.70
C ARG L 212 -31.73 -35.49 -9.01
N ARG L 213 -32.79 -35.63 -9.81
CA ARG L 213 -32.94 -34.82 -11.01
C ARG L 213 -33.13 -33.35 -10.66
N LEU L 214 -33.86 -33.07 -9.58
CA LEU L 214 -34.10 -31.68 -9.20
C LEU L 214 -32.83 -31.00 -8.70
N HIS L 215 -31.96 -31.74 -8.00
CA HIS L 215 -30.74 -31.17 -7.45
C HIS L 215 -29.55 -31.29 -8.39
N TRP L 216 -29.78 -31.70 -9.64
CA TRP L 216 -28.76 -31.75 -10.70
C TRP L 216 -27.60 -32.68 -10.34
N ARG L 217 -27.91 -33.76 -9.64
CA ARG L 217 -26.88 -34.71 -9.22
C ARG L 217 -26.68 -35.84 -10.21
N ASN L 218 -27.33 -35.78 -11.37
CA ASN L 218 -27.30 -36.86 -12.34
C ASN L 218 -26.60 -36.41 -13.62
N SER L 219 -25.75 -37.27 -14.13
CA SER L 219 -25.17 -37.08 -15.44
C SER L 219 -26.17 -37.49 -16.53
N PRO L 220 -26.03 -36.95 -17.74
CA PRO L 220 -26.88 -37.40 -18.85
C PRO L 220 -26.72 -38.88 -19.16
N LEU L 221 -25.51 -39.43 -19.00
CA LEU L 221 -25.32 -40.87 -19.17
C LEU L 221 -26.09 -41.65 -18.10
N ALA L 222 -26.07 -41.16 -16.86
CA ALA L 222 -26.83 -41.82 -15.79
C ALA L 222 -28.34 -41.75 -16.06
N GLU L 223 -28.81 -40.60 -16.56
CA GLU L 223 -30.22 -40.48 -16.92
C GLU L 223 -30.62 -41.44 -18.02
N ALA L 224 -29.79 -41.54 -19.07
CA ALA L 224 -30.10 -42.44 -20.18
C ALA L 224 -30.05 -43.91 -19.74
N LEU L 225 -29.05 -44.26 -18.92
CA LEU L 225 -28.94 -45.63 -18.44
C LEU L 225 -30.12 -46.01 -17.54
N TYR L 226 -30.55 -45.08 -16.67
CA TYR L 226 -31.71 -45.36 -15.83
C TYR L 226 -32.99 -45.49 -16.65
N ALA L 227 -33.16 -44.62 -17.66
CA ALA L 227 -34.35 -44.70 -18.49
C ALA L 227 -34.42 -46.00 -19.28
N LEU L 228 -33.29 -46.43 -19.82
CA LEU L 228 -33.20 -47.68 -20.56
C LEU L 228 -33.47 -48.86 -19.64
N ASN L 229 -32.92 -48.76 -18.42
CA ASN L 229 -33.11 -49.80 -17.40
C ASN L 229 -34.58 -49.95 -17.05
N LEU L 230 -35.29 -48.84 -16.87
CA LEU L 230 -36.73 -48.90 -16.66
C LEU L 230 -37.43 -49.50 -17.87
N TYR L 231 -37.07 -49.05 -19.08
CA TYR L 231 -37.78 -49.45 -20.29
C TYR L 231 -37.65 -50.93 -20.58
N LYS L 232 -36.59 -51.59 -20.14
CA LYS L 232 -36.47 -53.02 -20.43
C LYS L 232 -36.23 -53.97 -19.28
N THR L 233 -36.18 -53.51 -18.03
CA THR L 233 -36.38 -54.50 -16.99
C THR L 233 -37.21 -53.99 -15.84
N GLY L 234 -37.63 -52.74 -15.81
CA GLY L 234 -38.31 -52.20 -14.65
C GLY L 234 -37.31 -51.69 -13.63
N ARG L 235 -37.43 -52.17 -12.39
CA ARG L 235 -36.49 -51.90 -11.30
C ARG L 235 -36.34 -50.40 -11.03
N VAL L 236 -37.44 -49.82 -10.54
CA VAL L 236 -37.49 -48.38 -10.27
C VAL L 236 -36.45 -47.99 -9.23
N HIS L 237 -36.34 -48.77 -8.16
CA HIS L 237 -35.50 -48.41 -7.02
C HIS L 237 -34.06 -48.88 -7.17
N LEU L 238 -33.63 -49.19 -8.40
CA LEU L 238 -32.24 -49.46 -8.71
C LEU L 238 -31.71 -48.23 -9.46
N LEU L 239 -30.88 -47.45 -8.79
CA LEU L 239 -30.52 -46.14 -9.28
C LEU L 239 -29.06 -46.10 -9.77
N PRO L 240 -28.75 -45.24 -10.72
CA PRO L 240 -27.36 -45.05 -11.14
C PRO L 240 -26.57 -44.34 -10.05
N PRO L 241 -25.23 -44.44 -10.06
CA PRO L 241 -24.43 -43.72 -9.07
C PRO L 241 -24.55 -42.21 -9.24
N VAL L 242 -24.41 -41.50 -8.13
CA VAL L 242 -24.45 -40.04 -8.14
C VAL L 242 -23.23 -39.50 -8.84
N ALA L 243 -23.43 -38.50 -9.71
CA ALA L 243 -22.31 -37.92 -10.45
C ALA L 243 -21.44 -37.07 -9.52
N LYS L 244 -20.13 -37.25 -9.64
CA LYS L 244 -19.19 -36.47 -8.87
C LYS L 244 -19.18 -35.02 -9.36
N PRO L 245 -18.78 -34.07 -8.50
CA PRO L 245 -18.62 -32.69 -8.98
C PRO L 245 -17.52 -32.58 -10.02
N ILE L 246 -17.75 -31.71 -10.99
CA ILE L 246 -16.79 -31.49 -12.07
C ILE L 246 -15.62 -30.67 -11.52
N PRO L 247 -14.39 -31.16 -11.61
CA PRO L 247 -13.25 -30.36 -11.14
C PRO L 247 -12.96 -29.22 -12.11
N ARG L 248 -12.26 -28.22 -11.57
CA ARG L 248 -11.93 -27.04 -12.36
C ARG L 248 -10.89 -27.39 -13.41
N PRO L 249 -11.14 -27.12 -14.69
CA PRO L 249 -10.15 -27.45 -15.71
C PRO L 249 -8.94 -26.51 -15.66
N THR L 250 -7.76 -27.09 -15.88
CA THR L 250 -6.51 -26.33 -15.90
C THR L 250 -5.70 -26.74 -17.12
N PHE L 251 -5.22 -25.75 -17.87
CA PHE L 251 -4.29 -25.98 -18.98
C PHE L 251 -3.12 -25.03 -18.80
N PHE L 252 -2.17 -25.44 -17.96
CA PHE L 252 -0.89 -24.77 -17.76
C PHE L 252 -1.02 -23.27 -17.50
N TRP L 253 -0.51 -22.45 -18.41
CA TRP L 253 -0.60 -21.01 -18.29
C TRP L 253 -1.79 -20.42 -19.04
N LEU L 254 -2.54 -21.23 -19.80
CA LEU L 254 -3.68 -20.72 -20.55
C LEU L 254 -4.87 -20.47 -19.64
N PHE L 255 -5.37 -21.52 -19.00
CA PHE L 255 -6.38 -21.36 -17.95
C PHE L 255 -6.13 -22.35 -16.82
N ARG M 169 -61.28 21.68 -15.87
CA ARG M 169 -61.58 20.65 -14.87
C ARG M 169 -60.37 19.77 -14.61
N ALA M 170 -59.92 19.06 -15.63
CA ALA M 170 -58.84 18.09 -15.50
C ALA M 170 -57.50 18.80 -15.72
N LEU M 171 -56.75 18.99 -14.64
CA LEU M 171 -55.41 19.54 -14.71
C LEU M 171 -54.34 18.46 -14.85
N LEU M 172 -54.73 17.19 -14.89
CA LEU M 172 -53.81 16.07 -14.94
C LEU M 172 -53.05 15.96 -16.26
N LEU M 173 -53.49 16.67 -17.30
CA LEU M 173 -52.79 16.65 -18.58
C LEU M 173 -51.42 17.30 -18.44
N LEU M 174 -50.52 16.94 -19.39
CA LEU M 174 -49.09 17.25 -19.36
C LEU M 174 -48.48 16.75 -18.05
N PRO M 175 -48.29 15.44 -17.89
CA PRO M 175 -48.01 14.82 -16.58
C PRO M 175 -46.57 14.92 -16.09
N PHE M 176 -46.20 16.12 -15.63
CA PHE M 176 -44.93 16.30 -14.95
C PHE M 176 -44.85 15.49 -13.66
N SER M 177 -45.99 15.32 -12.97
CA SER M 177 -46.02 14.47 -11.79
C SER M 177 -45.75 13.01 -12.15
N ALA M 178 -46.29 12.54 -13.28
CA ALA M 178 -46.05 11.16 -13.68
C ALA M 178 -44.62 10.96 -14.17
N VAL M 179 -44.00 11.98 -14.77
CA VAL M 179 -42.60 11.79 -15.17
C VAL M 179 -41.66 11.94 -13.98
N GLY M 180 -42.06 12.66 -12.93
CA GLY M 180 -41.29 12.69 -11.71
C GLY M 180 -41.52 11.50 -10.80
N GLY M 181 -42.64 10.79 -11.00
CA GLY M 181 -42.88 9.57 -10.24
C GLY M 181 -41.89 8.47 -10.56
N ALA M 182 -41.32 8.48 -11.77
CA ALA M 182 -40.25 7.56 -12.11
C ALA M 182 -39.01 7.81 -11.24
N VAL M 183 -38.66 9.09 -11.05
CA VAL M 183 -37.53 9.44 -10.19
C VAL M 183 -37.85 9.12 -8.74
N ALA M 184 -39.11 9.35 -8.33
CA ALA M 184 -39.51 9.01 -6.95
C ALA M 184 -39.43 7.51 -6.69
N ALA M 185 -39.88 6.70 -7.65
CA ALA M 185 -39.77 5.24 -7.51
C ALA M 185 -38.32 4.78 -7.57
N TRP M 186 -37.50 5.44 -8.39
CA TRP M 186 -36.07 5.13 -8.43
C TRP M 186 -35.41 5.41 -7.09
N GLN M 187 -35.76 6.52 -6.45
CA GLN M 187 -35.21 6.83 -5.13
C GLN M 187 -35.74 5.87 -4.07
N GLY M 188 -37.01 5.46 -4.18
CA GLY M 188 -37.58 4.54 -3.21
C GLY M 188 -37.13 3.11 -3.38
N LEU M 189 -36.59 2.75 -4.54
CA LEU M 189 -36.06 1.41 -4.74
C LEU M 189 -34.85 1.16 -3.84
N PHE M 190 -33.99 2.15 -3.69
CA PHE M 190 -32.83 2.06 -2.81
C PHE M 190 -33.24 2.52 -1.42
N ASN M 191 -32.24 2.79 -0.56
CA ASN M 191 -32.36 3.14 0.87
C ASN M 191 -33.32 2.22 1.64
N SER M 192 -33.45 0.97 1.20
CA SER M 192 -34.24 -0.05 1.86
C SER M 192 -33.34 -1.18 2.31
N GLN M 193 -33.91 -2.06 3.15
CA GLN M 193 -33.15 -3.19 3.66
C GLN M 193 -32.78 -4.17 2.57
N ARG M 194 -33.59 -4.24 1.49
CA ARG M 194 -33.22 -5.08 0.36
C ARG M 194 -31.96 -4.56 -0.33
N TYR M 195 -31.86 -3.23 -0.51
CA TYR M 195 -30.66 -2.67 -1.12
C TYR M 195 -29.45 -2.77 -0.19
N GLU M 196 -29.67 -2.64 1.12
CA GLU M 196 -28.57 -2.85 2.07
C GLU M 196 -28.08 -4.30 2.04
N ASN M 197 -29.01 -5.26 1.95
CA ASN M 197 -28.63 -6.67 1.83
C ASN M 197 -27.89 -6.93 0.52
N PHE M 198 -28.32 -6.29 -0.57
CA PHE M 198 -27.62 -6.46 -1.84
C PHE M 198 -26.22 -5.87 -1.77
N LEU M 199 -26.07 -4.72 -1.11
CA LEU M 199 -24.74 -4.12 -0.96
C LEU M 199 -23.83 -4.99 -0.12
N MET M 200 -24.35 -5.59 0.95
CA MET M 200 -23.54 -6.48 1.78
C MET M 200 -23.17 -7.75 1.03
N SER M 201 -24.09 -8.27 0.20
CA SER M 201 -23.77 -9.41 -0.65
C SER M 201 -22.70 -9.07 -1.68
N GLU M 202 -22.79 -7.87 -2.27
CA GLU M 202 -21.76 -7.42 -3.20
C GLU M 202 -20.42 -7.23 -2.50
N GLY M 203 -20.43 -6.78 -1.25
CA GLY M 203 -19.20 -6.71 -0.49
C GLY M 203 -18.60 -8.07 -0.24
N GLU M 204 -19.45 -9.06 0.04
CA GLU M 204 -18.97 -10.44 0.18
C GLU M 204 -18.37 -10.95 -1.12
N ARG M 205 -19.02 -10.67 -2.27
CA ARG M 205 -18.50 -11.13 -3.55
C ARG M 205 -17.20 -10.42 -3.92
N ILE M 206 -17.11 -9.12 -3.62
CA ILE M 206 -15.89 -8.36 -3.86
C ILE M 206 -14.75 -8.90 -3.01
N TRP M 207 -15.03 -9.20 -1.75
CA TRP M 207 -14.04 -9.78 -0.85
C TRP M 207 -13.56 -11.15 -1.36
N ALA M 208 -14.50 -11.98 -1.80
CA ALA M 208 -14.14 -13.29 -2.34
C ALA M 208 -13.29 -13.16 -3.60
N TRP M 209 -13.69 -12.30 -4.52
CA TRP M 209 -12.96 -12.14 -5.78
C TRP M 209 -11.59 -11.51 -5.56
N ARG M 210 -11.49 -10.60 -4.58
CA ARG M 210 -10.21 -9.97 -4.25
C ARG M 210 -9.26 -10.98 -3.62
N ASN M 211 -9.78 -11.92 -2.82
CA ASN M 211 -8.91 -12.97 -2.31
C ASN M 211 -8.55 -13.98 -3.39
N ARG M 212 -9.48 -14.24 -4.33
CA ARG M 212 -9.19 -15.19 -5.40
C ARG M 212 -8.08 -14.69 -6.31
N SER M 213 -8.15 -13.42 -6.72
CA SER M 213 -7.30 -12.99 -7.84
C SER M 213 -5.86 -12.74 -7.40
N GLU M 214 -5.64 -11.62 -6.70
CA GLU M 214 -4.41 -11.31 -5.96
C GLU M 214 -3.11 -11.22 -6.78
N ASN M 215 -3.16 -11.63 -8.05
CA ASN M 215 -2.03 -11.62 -8.99
C ASN M 215 -2.34 -10.82 -10.23
N GLU M 216 -3.54 -11.03 -10.76
CA GLU M 216 -4.01 -10.27 -11.90
C GLU M 216 -4.16 -8.80 -11.55
N ARG M 217 -4.53 -8.49 -10.31
CA ARG M 217 -4.63 -7.10 -9.90
C ARG M 217 -3.26 -6.43 -9.86
N TRP M 218 -2.22 -7.16 -9.43
CA TRP M 218 -0.88 -6.57 -9.45
C TRP M 218 -0.36 -6.47 -10.87
N PHE M 219 -0.69 -7.45 -11.71
CA PHE M 219 -0.30 -7.39 -13.11
C PHE M 219 -0.93 -6.21 -13.81
N TRP M 220 -2.22 -5.95 -13.56
CA TRP M 220 -2.93 -4.87 -14.22
C TRP M 220 -2.66 -3.50 -13.60
N GLU M 221 -2.24 -3.44 -12.34
CA GLU M 221 -1.99 -2.16 -11.70
C GLU M 221 -0.53 -1.73 -11.73
N VAL M 222 0.41 -2.67 -11.84
CA VAL M 222 1.83 -2.37 -11.79
C VAL M 222 2.54 -2.79 -13.07
N PHE M 223 2.30 -4.03 -13.51
CA PHE M 223 3.18 -4.62 -14.51
C PHE M 223 2.75 -4.28 -15.94
N ALA M 224 1.43 -4.33 -16.23
CA ALA M 224 0.96 -4.46 -17.60
C ALA M 224 1.34 -3.27 -18.47
N TRP M 225 1.24 -2.06 -17.94
CA TRP M 225 1.67 -0.90 -18.73
C TRP M 225 3.16 -0.62 -18.52
N ASP M 226 3.57 -0.40 -17.27
CA ASP M 226 4.88 0.16 -16.98
C ASP M 226 6.02 -0.79 -17.34
N ARG M 227 5.81 -2.11 -17.20
CA ARG M 227 6.89 -3.06 -17.44
C ARG M 227 6.60 -4.02 -18.57
N LEU M 228 5.46 -3.93 -19.24
CA LEU M 228 5.19 -4.77 -20.40
C LEU M 228 4.92 -3.98 -21.66
N ILE M 229 3.98 -3.04 -21.62
CA ILE M 229 3.50 -2.39 -22.85
C ILE M 229 4.26 -1.11 -23.16
N PHE M 230 4.48 -0.27 -22.14
CA PHE M 230 5.16 1.00 -22.35
C PHE M 230 6.61 0.87 -22.84
N PRO M 231 7.48 -0.01 -22.31
CA PRO M 231 8.82 -0.15 -22.93
C PRO M 231 8.77 -0.59 -24.39
N ILE M 232 7.86 -1.52 -24.72
CA ILE M 232 7.69 -1.95 -26.10
C ILE M 232 7.26 -0.79 -26.97
N LEU M 233 6.29 0.00 -26.48
CA LEU M 233 5.78 1.12 -27.25
C LEU M 233 6.84 2.19 -27.48
N VAL M 234 7.63 2.51 -26.45
CA VAL M 234 8.63 3.56 -26.64
C VAL M 234 9.79 3.07 -27.50
N ILE M 235 10.16 1.78 -27.42
CA ILE M 235 11.24 1.29 -28.28
C ILE M 235 10.79 1.26 -29.73
N VAL M 236 9.58 0.75 -29.99
CA VAL M 236 9.04 0.73 -31.35
C VAL M 236 8.85 2.14 -31.89
N ALA M 237 8.37 3.05 -31.05
CA ALA M 237 8.17 4.44 -31.45
C ALA M 237 9.50 5.13 -31.77
N TRP M 238 10.53 4.91 -30.94
CA TRP M 238 11.83 5.50 -31.20
C TRP M 238 12.43 4.97 -32.49
N GLU M 239 12.35 3.65 -32.71
CA GLU M 239 12.92 3.08 -33.92
C GLU M 239 12.11 3.47 -35.16
N TYR M 240 10.83 3.76 -34.99
CA TYR M 240 10.03 4.26 -36.10
C TYR M 240 10.33 5.73 -36.39
N LEU M 241 10.72 6.49 -35.37
CA LEU M 241 10.93 7.93 -35.53
C LEU M 241 12.33 8.26 -36.05
N VAL M 242 13.37 7.83 -35.33
CA VAL M 242 14.74 8.28 -35.57
C VAL M 242 15.26 7.74 -36.90
N PRO M 243 16.24 8.39 -37.53
CA PRO M 243 16.73 7.90 -38.83
C PRO M 243 17.51 6.61 -38.69
N ASN M 244 17.75 5.98 -39.84
CA ASN M 244 18.52 4.74 -39.88
C ASN M 244 20.00 5.05 -39.69
N HIS M 245 20.37 5.37 -38.45
CA HIS M 245 21.73 5.73 -38.07
C HIS M 245 22.14 4.84 -36.92
N LEU M 246 23.44 4.53 -36.84
CA LEU M 246 23.91 3.65 -35.78
C LEU M 246 23.74 4.31 -34.42
N VAL M 247 24.07 5.60 -34.31
CA VAL M 247 23.96 6.30 -33.03
C VAL M 247 22.50 6.41 -32.62
N TRP M 248 21.63 6.82 -33.54
CA TRP M 248 20.23 7.04 -33.21
C TRP M 248 19.45 5.75 -33.04
N ALA M 249 19.89 4.65 -33.64
CA ALA M 249 19.16 3.40 -33.55
C ALA M 249 19.69 2.46 -32.47
N VAL M 250 20.95 2.61 -32.06
CA VAL M 250 21.52 1.70 -31.07
C VAL M 250 22.05 2.48 -29.86
N LEU M 251 23.02 3.35 -30.10
CA LEU M 251 23.80 3.92 -29.00
C LEU M 251 23.02 4.95 -28.19
N ALA M 252 22.33 5.86 -28.85
CA ALA M 252 21.48 6.82 -28.12
C ALA M 252 20.32 6.16 -27.39
N PRO M 253 19.54 5.22 -27.97
CA PRO M 253 18.55 4.51 -27.13
C PRO M 253 19.18 3.68 -26.03
N LEU M 254 20.38 3.13 -26.23
CA LEU M 254 21.08 2.43 -25.16
C LEU M 254 21.34 3.35 -23.98
N ALA M 255 21.90 4.54 -24.27
CA ALA M 255 22.18 5.51 -23.21
C ALA M 255 20.91 6.00 -22.54
N LEU M 256 19.86 6.26 -23.32
CA LEU M 256 18.63 6.79 -22.75
C LEU M 256 17.90 5.75 -21.92
N LEU M 257 17.89 4.48 -22.36
CA LEU M 257 17.28 3.43 -21.57
C LEU M 257 18.08 3.15 -20.29
N THR M 258 19.42 3.19 -20.39
CA THR M 258 20.25 3.02 -19.20
C THR M 258 20.00 4.12 -18.18
N TRP M 259 19.90 5.36 -18.64
CA TRP M 259 19.66 6.48 -17.73
C TRP M 259 18.25 6.45 -17.16
N MET M 260 17.26 6.07 -17.97
CA MET M 260 15.87 6.10 -17.52
C MET M 260 15.52 4.93 -16.61
N SER M 261 16.16 3.78 -16.78
CA SER M 261 15.80 2.60 -16.02
C SER M 261 16.84 2.18 -14.98
N GLY M 262 18.05 2.75 -15.01
CA GLY M 262 19.08 2.37 -14.06
C GLY M 262 19.76 1.06 -14.36
N ARG M 263 19.45 0.42 -15.48
CA ARG M 263 20.01 -0.88 -15.85
C ARG M 263 20.52 -0.82 -17.28
N LEU M 264 21.77 -1.20 -17.47
CA LEU M 264 22.33 -1.29 -18.81
C LEU M 264 21.71 -2.50 -19.54
N PRO M 265 21.33 -2.34 -20.81
CA PRO M 265 20.73 -3.47 -21.53
C PRO M 265 21.73 -4.57 -21.86
N THR M 266 21.99 -5.40 -20.86
CA THR M 266 22.78 -6.62 -21.02
C THR M 266 22.02 -7.58 -21.95
N PRO M 267 22.73 -8.48 -22.69
CA PRO M 267 22.04 -9.52 -23.45
C PRO M 267 21.04 -10.40 -22.69
N ALA M 268 21.05 -10.38 -21.37
CA ALA M 268 20.04 -11.05 -20.55
C ALA M 268 18.78 -10.20 -20.35
N THR M 269 18.75 -8.99 -20.90
CA THR M 269 17.65 -8.04 -20.73
C THR M 269 16.86 -7.92 -22.02
N PRO M 270 15.52 -7.96 -21.98
CA PRO M 270 14.73 -7.88 -23.22
C PRO M 270 14.86 -6.55 -23.96
N GLU M 271 15.26 -5.47 -23.28
CA GLU M 271 15.47 -4.20 -23.97
C GLU M 271 16.63 -4.29 -24.94
N PHE M 272 17.67 -5.06 -24.61
CA PHE M 272 18.76 -5.28 -25.54
C PHE M 272 18.28 -5.99 -26.79
N TRP M 273 17.40 -6.97 -26.65
CA TRP M 273 16.92 -7.70 -27.81
C TRP M 273 15.94 -6.87 -28.64
N MET M 274 15.15 -6.01 -27.98
CA MET M 274 14.31 -5.08 -28.73
C MET M 274 15.14 -4.07 -29.50
N LEU M 275 16.22 -3.56 -28.90
CA LEU M 275 17.12 -2.67 -29.61
C LEU M 275 17.96 -3.39 -30.65
N ALA M 276 18.12 -4.71 -30.52
CA ALA M 276 18.86 -5.46 -31.52
C ALA M 276 17.99 -5.77 -32.73
N TYR M 277 16.71 -6.08 -32.51
CA TYR M 277 15.83 -6.34 -33.64
C TYR M 277 15.29 -5.06 -34.26
N PHE M 278 14.51 -4.28 -33.50
CA PHE M 278 13.87 -3.09 -34.03
C PHE M 278 14.86 -1.97 -34.33
N GLY M 279 16.06 -2.07 -33.78
CA GLY M 279 17.14 -1.10 -33.92
C GLY M 279 18.12 -1.59 -34.96
N PHE M 280 19.17 -2.30 -34.52
CA PHE M 280 20.25 -2.76 -35.39
C PHE M 280 19.74 -3.52 -36.61
N TYR M 281 18.86 -4.50 -36.42
CA TYR M 281 18.46 -5.35 -37.54
C TYR M 281 17.54 -4.64 -38.52
N ARG M 282 16.54 -3.91 -38.02
CA ARG M 282 15.58 -3.28 -38.92
C ARG M 282 16.11 -2.04 -39.61
N LYS M 283 17.09 -1.35 -39.02
CA LYS M 283 17.50 -0.04 -39.52
C LYS M 283 18.92 -0.02 -40.07
N VAL M 284 19.92 -0.42 -39.29
CA VAL M 284 21.30 -0.26 -39.75
C VAL M 284 21.91 -1.52 -40.33
N TRP M 285 21.25 -2.68 -40.17
CA TRP M 285 21.77 -3.91 -40.74
C TRP M 285 21.81 -3.93 -42.27
N PRO M 286 20.79 -3.40 -43.02
CA PRO M 286 20.98 -3.24 -44.49
C PRO M 286 22.25 -2.53 -44.92
N ASP M 287 22.51 -1.37 -44.31
CA ASP M 287 23.74 -0.62 -44.58
C ASP M 287 24.98 -1.44 -44.22
N ALA M 288 24.94 -2.07 -43.03
CA ALA M 288 26.04 -2.93 -42.60
C ALA M 288 26.25 -4.08 -43.57
N ALA M 289 25.17 -4.70 -44.03
CA ALA M 289 25.20 -5.78 -45.00
C ALA M 289 25.86 -5.37 -46.31
N ALA M 290 25.45 -4.22 -46.85
CA ALA M 290 26.02 -3.71 -48.10
C ALA M 290 27.52 -3.45 -47.95
N TRP M 291 27.89 -2.73 -46.89
CA TRP M 291 29.30 -2.43 -46.61
C TRP M 291 30.11 -3.70 -46.41
N LEU M 292 29.53 -4.69 -45.72
CA LEU M 292 30.22 -5.93 -45.42
C LEU M 292 30.43 -6.77 -46.68
N GLN M 293 29.39 -6.92 -47.49
CA GLN M 293 29.49 -7.69 -48.72
C GLN M 293 30.38 -6.99 -49.74
N GLY M 294 30.59 -5.68 -49.57
CA GLY M 294 31.51 -5.01 -50.46
C GLY M 294 32.89 -4.72 -49.92
N TYR M 295 33.15 -5.04 -48.65
CA TYR M 295 34.49 -4.80 -48.11
C TYR M 295 35.11 -6.02 -47.42
N VAL M 296 34.32 -6.76 -46.63
CA VAL M 296 34.87 -7.81 -45.78
C VAL M 296 34.77 -9.16 -46.47
N VAL M 297 33.59 -9.48 -47.01
CA VAL M 297 33.34 -10.71 -47.74
C VAL M 297 34.33 -10.91 -48.89
N PRO M 298 34.68 -9.88 -49.72
CA PRO M 298 35.82 -10.09 -50.63
C PRO M 298 37.15 -10.19 -49.91
N LEU M 299 37.34 -9.41 -48.84
CA LEU M 299 38.57 -9.53 -48.05
C LEU M 299 38.70 -10.90 -47.40
N MET M 300 37.59 -11.59 -47.15
CA MET M 300 37.62 -12.98 -46.71
C MET M 300 37.85 -13.94 -47.85
N GLY M 301 37.90 -13.47 -49.09
CA GLY M 301 38.17 -14.31 -50.25
C GLY M 301 36.95 -14.89 -50.91
N PHE M 302 35.77 -14.58 -50.40
CA PHE M 302 34.54 -15.25 -50.82
C PHE M 302 33.91 -14.47 -51.95
N ALA M 303 32.67 -14.82 -52.29
CA ALA M 303 31.91 -14.23 -53.38
C ALA M 303 32.65 -14.28 -54.72
N ASP N 10 23.34 40.03 -17.89
CA ASP N 10 23.58 39.39 -19.17
C ASP N 10 24.92 39.80 -19.72
N LEU N 11 25.21 41.09 -19.58
CA LEU N 11 26.38 41.74 -20.12
C LEU N 11 26.69 42.92 -19.20
N PRO N 12 27.74 43.72 -19.45
CA PRO N 12 27.90 44.97 -18.70
C PRO N 12 26.65 45.85 -18.70
N GLU N 13 26.55 46.68 -17.66
CA GLU N 13 25.30 47.36 -17.32
C GLU N 13 24.77 48.30 -18.41
N PRO N 14 25.53 49.40 -18.86
CA PRO N 14 24.87 50.64 -19.33
C PRO N 14 23.63 50.52 -20.19
N ARG N 15 23.74 49.87 -21.35
CA ARG N 15 22.60 49.43 -22.14
C ARG N 15 22.95 48.13 -22.84
N LEU N 16 21.93 47.29 -23.02
CA LEU N 16 22.09 46.11 -23.85
C LEU N 16 22.01 46.44 -25.33
N ALA N 17 21.51 47.63 -25.68
CA ALA N 17 21.41 48.05 -27.07
C ALA N 17 22.75 48.46 -27.66
N ALA N 18 23.76 48.69 -26.82
CA ALA N 18 25.09 49.05 -27.29
C ALA N 18 26.10 47.92 -27.11
N VAL N 19 26.04 47.19 -26.00
CA VAL N 19 27.01 46.13 -25.77
C VAL N 19 26.76 44.94 -26.68
N MET N 20 25.54 44.75 -27.21
CA MET N 20 25.33 43.66 -28.16
C MET N 20 25.97 43.96 -29.52
N PRO N 21 25.78 45.12 -30.16
CA PRO N 21 26.60 45.40 -31.35
C PRO N 21 28.08 45.51 -31.06
N ASP N 22 28.46 45.97 -29.85
CA ASP N 22 29.88 46.01 -29.52
C ASP N 22 30.47 44.61 -29.42
N ALA N 23 29.71 43.65 -28.87
CA ALA N 23 30.17 42.27 -28.79
C ALA N 23 30.22 41.62 -30.17
N VAL N 24 29.25 41.93 -31.04
CA VAL N 24 29.28 41.40 -32.39
C VAL N 24 30.48 41.95 -33.16
N TYR N 25 30.75 43.25 -33.02
CA TYR N 25 31.91 43.86 -33.67
C TYR N 25 33.21 43.30 -33.11
N ALA N 26 33.28 43.10 -31.79
CA ALA N 26 34.48 42.53 -31.18
C ALA N 26 34.70 41.09 -31.64
N LEU N 27 33.64 40.31 -31.78
CA LEU N 27 33.77 38.96 -32.30
C LEU N 27 34.26 38.96 -33.74
N VAL N 28 33.72 39.84 -34.58
CA VAL N 28 34.13 39.90 -35.99
C VAL N 28 35.59 40.34 -36.11
N GLN N 29 35.98 41.38 -35.36
CA GLN N 29 37.35 41.87 -35.44
C GLN N 29 38.35 40.91 -34.79
N GLY N 30 37.94 40.20 -33.73
CA GLY N 30 38.82 39.18 -33.18
C GLY N 30 38.99 37.99 -34.11
N THR N 31 37.92 37.61 -34.81
CA THR N 31 38.04 36.57 -35.82
C THR N 31 38.91 37.02 -36.99
N HIS N 32 38.84 38.31 -37.37
CA HIS N 32 39.73 38.83 -38.40
C HIS N 32 41.18 38.86 -37.93
N LYS N 33 41.41 39.21 -36.66
CA LYS N 33 42.77 39.29 -36.15
C LYS N 33 43.35 37.91 -35.86
N LEU N 34 42.50 36.89 -35.74
CA LEU N 34 43.00 35.52 -35.64
C LEU N 34 43.14 34.87 -37.01
N GLY N 35 42.33 35.30 -37.99
CA GLY N 35 42.57 34.89 -39.36
C GLY N 35 43.87 35.47 -39.89
N GLU N 36 44.11 36.74 -39.61
CA GLU N 36 45.45 37.30 -39.71
C GLU N 36 46.30 36.76 -38.57
N TYR N 37 47.63 36.88 -38.71
CA TYR N 37 48.65 36.37 -37.77
C TYR N 37 48.71 34.84 -37.80
N ALA N 38 47.76 34.20 -38.48
CA ALA N 38 47.80 32.79 -38.84
C ALA N 38 48.19 32.63 -40.31
N HIS N 39 47.69 33.53 -41.16
CA HIS N 39 48.16 33.66 -42.54
C HIS N 39 49.37 34.59 -42.64
N ASP N 40 50.08 34.80 -41.54
CA ASP N 40 51.40 35.38 -41.52
C ASP N 40 52.38 34.46 -40.80
N LEU N 41 51.95 33.26 -40.46
CA LEU N 41 52.74 32.19 -39.86
C LEU N 41 52.70 30.91 -40.69
N VAL N 42 51.58 30.63 -41.35
CA VAL N 42 51.52 29.58 -42.34
C VAL N 42 51.71 30.14 -43.75
N PHE N 43 51.82 31.47 -43.86
CA PHE N 43 52.12 32.17 -45.10
C PHE N 43 52.70 33.55 -44.78
N PRO N 44 53.95 33.62 -44.28
CA PRO N 44 54.50 34.90 -43.78
C PRO N 44 54.65 35.92 -44.88
N PRO N 45 54.77 37.22 -44.54
CA PRO N 45 54.81 38.25 -45.59
C PRO N 45 56.17 38.40 -46.28
N THR N 46 56.10 38.41 -47.60
CA THR N 46 57.13 38.66 -48.60
C THR N 46 57.10 40.18 -48.83
N PRO N 47 57.88 40.78 -49.78
CA PRO N 47 57.71 42.21 -50.11
C PRO N 47 56.29 42.74 -50.38
N GLU N 48 55.30 41.85 -50.52
CA GLU N 48 53.89 42.22 -50.49
C GLU N 48 53.53 43.10 -49.29
N ASP N 49 54.21 42.89 -48.15
CA ASP N 49 53.97 43.74 -46.97
C ASP N 49 54.30 45.22 -47.21
N LEU N 50 55.14 45.51 -48.20
CA LEU N 50 55.36 46.89 -48.63
C LEU N 50 54.67 47.22 -49.95
N ARG N 51 54.27 46.22 -50.72
CA ARG N 51 53.65 46.48 -52.02
C ARG N 51 52.15 46.72 -51.90
N LYS N 52 51.45 45.84 -51.19
CA LYS N 52 50.00 45.98 -51.03
C LYS N 52 49.62 46.92 -49.89
N LEU N 53 50.57 47.35 -49.08
CA LEU N 53 50.32 48.36 -48.07
C LEU N 53 50.65 49.76 -48.54
N GLU N 54 51.37 49.87 -49.65
CA GLU N 54 51.61 51.13 -50.34
C GLU N 54 50.78 51.14 -51.63
N GLN N 55 50.86 52.26 -52.36
CA GLN N 55 50.32 52.41 -53.71
C GLN N 55 48.81 52.25 -53.74
N GLN N 56 48.31 51.03 -53.53
CA GLN N 56 46.87 50.81 -53.47
C GLN N 56 46.23 51.38 -52.21
N VAL N 57 47.04 51.70 -51.20
CA VAL N 57 46.55 52.40 -50.02
C VAL N 57 46.75 53.90 -50.15
N ASN N 58 47.88 54.31 -50.73
CA ASN N 58 48.12 55.73 -50.97
C ASN N 58 47.17 56.30 -52.02
N ALA N 59 46.67 55.46 -52.93
CA ALA N 59 45.67 55.92 -53.88
C ALA N 59 44.35 56.24 -53.19
N THR N 60 44.00 55.46 -52.17
CA THR N 60 42.79 55.73 -51.40
C THR N 60 42.92 56.97 -50.52
N ILE N 61 44.14 57.41 -50.22
CA ILE N 61 44.35 58.63 -49.47
C ILE N 61 44.07 59.80 -50.40
N PRO N 62 43.10 60.66 -50.07
CA PRO N 62 42.74 61.76 -50.98
C PRO N 62 43.64 62.97 -50.83
N ARG N 63 43.28 64.06 -51.50
CA ARG N 63 43.94 65.34 -51.28
C ARG N 63 43.63 65.88 -49.88
N GLU N 64 44.21 67.04 -49.58
CA GLU N 64 44.14 67.77 -48.32
C GLU N 64 44.90 67.07 -47.19
N PHE N 65 45.36 65.84 -47.44
CA PHE N 65 46.27 65.14 -46.56
C PHE N 65 47.70 65.22 -47.07
N ASP N 66 47.92 65.81 -48.24
CA ASP N 66 49.28 65.93 -48.77
C ASP N 66 50.14 66.83 -47.90
N ARG N 67 49.56 67.91 -47.36
CA ARG N 67 50.30 68.81 -46.50
C ARG N 67 50.74 68.12 -45.21
N VAL N 68 49.82 67.41 -44.55
CA VAL N 68 50.18 66.76 -43.29
C VAL N 68 51.10 65.56 -43.55
N ARG N 69 50.94 64.89 -44.69
CA ARG N 69 51.83 63.78 -45.05
C ARG N 69 53.24 64.29 -45.30
N GLN N 70 53.37 65.47 -45.91
CA GLN N 70 54.70 66.05 -46.10
C GLN N 70 55.28 66.55 -44.79
N ARG N 71 54.45 67.19 -43.95
CA ARG N 71 54.96 67.81 -42.74
C ARG N 71 55.36 66.77 -41.70
N TYR N 72 54.40 65.95 -41.24
CA TYR N 72 54.67 65.05 -40.13
C TYR N 72 55.68 63.98 -40.54
N ALA N 73 55.51 63.37 -41.72
CA ALA N 73 56.36 62.28 -42.13
C ALA N 73 57.61 62.85 -42.78
N GLU N 74 58.73 62.78 -42.06
CA GLU N 74 60.10 62.97 -42.52
C GLU N 74 60.45 64.41 -42.89
N GLY N 75 59.46 65.31 -42.90
CA GLY N 75 59.74 66.70 -43.22
C GLY N 75 59.78 67.62 -42.02
N LYS N 76 59.15 67.21 -40.92
CA LYS N 76 59.04 68.01 -39.70
C LYS N 76 58.62 67.05 -38.58
N ILE N 77 58.21 67.60 -37.44
CA ILE N 77 57.63 66.82 -36.36
C ILE N 77 56.23 67.35 -36.10
N ALA N 78 55.39 66.50 -35.49
CA ALA N 78 54.00 66.88 -35.31
C ALA N 78 53.43 66.52 -33.95
N ASN N 79 54.28 66.23 -32.96
CA ASN N 79 53.92 66.02 -31.54
C ASN N 79 52.93 64.84 -31.50
N ASP N 80 51.91 64.85 -30.63
CA ASP N 80 50.83 63.88 -30.65
C ASP N 80 49.48 64.52 -30.87
N GLU N 81 49.14 65.54 -30.08
CA GLU N 81 47.86 66.23 -30.25
C GLU N 81 47.88 67.20 -31.42
N GLN N 82 49.06 67.76 -31.74
CA GLN N 82 49.18 68.59 -32.94
C GLN N 82 48.97 67.75 -34.20
N LEU N 83 49.49 66.53 -34.21
CA LEU N 83 49.25 65.60 -35.31
C LEU N 83 47.77 65.25 -35.43
N SER N 84 47.11 64.99 -34.29
CA SER N 84 45.69 64.68 -34.31
C SER N 84 44.86 65.88 -34.74
N SER N 85 45.26 67.09 -34.31
CA SER N 85 44.55 68.29 -34.73
C SER N 85 44.68 68.54 -36.23
N GLU N 86 45.88 68.33 -36.77
CA GLU N 86 46.06 68.51 -38.22
C GLU N 86 45.32 67.45 -39.01
N LEU N 87 45.28 66.22 -38.49
CA LEU N 87 44.50 65.17 -39.16
C LEU N 87 43.01 65.47 -39.13
N GLU N 88 42.52 66.02 -38.00
CA GLU N 88 41.12 66.44 -37.93
C GLU N 88 40.82 67.57 -38.91
N ASP N 89 41.74 68.54 -39.03
CA ASP N 89 41.55 69.64 -39.97
C ASP N 89 41.53 69.16 -41.42
N ALA N 90 42.45 68.24 -41.76
CA ALA N 90 42.47 67.68 -43.10
C ALA N 90 41.22 66.87 -43.40
N SER N 91 40.77 66.08 -42.43
CA SER N 91 39.54 65.29 -42.60
C SER N 91 38.33 66.19 -42.79
N PHE N 92 38.27 67.30 -42.06
CA PHE N 92 37.13 68.20 -42.23
C PHE N 92 37.18 68.98 -43.54
N ASN N 93 38.40 69.31 -44.01
CA ASN N 93 38.52 69.89 -45.35
C ASN N 93 38.03 68.93 -46.42
N TRP N 94 38.40 67.66 -46.30
CA TRP N 94 37.93 66.65 -47.24
C TRP N 94 36.42 66.45 -47.14
N TYR N 95 35.88 66.51 -45.93
CA TYR N 95 34.44 66.37 -45.71
C TYR N 95 33.66 67.49 -46.37
N ARG N 96 34.14 68.74 -46.21
CA ARG N 96 33.50 69.87 -46.86
C ARG N 96 33.61 69.78 -48.38
N ARG N 97 34.76 69.34 -48.88
CA ARG N 97 34.93 69.14 -50.32
C ARG N 97 33.97 68.10 -50.86
N GLN N 98 33.75 67.01 -50.12
CA GLN N 98 32.84 65.98 -50.60
C GLN N 98 31.39 66.39 -50.47
N LEU N 99 31.04 67.23 -49.49
CA LEU N 99 29.69 67.80 -49.45
C LEU N 99 29.43 68.68 -50.67
N ARG N 100 30.40 69.52 -51.02
CA ARG N 100 30.28 70.35 -52.21
C ARG N 100 30.20 69.50 -53.48
N THR N 101 30.98 68.42 -53.53
CA THR N 101 30.93 67.50 -54.66
C THR N 101 29.59 66.77 -54.73
N SER N 102 28.95 66.56 -53.58
CA SER N 102 27.65 65.90 -53.57
C SER N 102 26.55 66.82 -54.08
N VAL N 103 26.60 68.11 -53.75
CA VAL N 103 25.49 68.97 -54.20
C VAL N 103 25.78 69.67 -55.52
N VAL N 104 26.87 70.43 -55.61
CA VAL N 104 27.12 71.18 -56.85
C VAL N 104 28.13 70.48 -57.75
N GLY N 105 28.66 69.34 -57.33
CA GLY N 105 29.56 68.58 -58.17
C GLY N 105 31.02 68.88 -57.94
N ALA N 106 31.83 68.10 -58.65
CA ALA N 106 33.26 68.31 -58.73
C ALA N 106 33.53 69.46 -59.69
N THR N 107 34.76 69.58 -60.17
CA THR N 107 35.05 70.62 -61.17
C THR N 107 34.40 70.27 -62.50
N ASP N 108 33.07 70.36 -62.55
CA ASP N 108 32.26 70.13 -63.73
C ASP N 108 30.92 70.81 -63.51
N GLU N 109 30.14 70.90 -64.58
CA GLU N 109 28.88 71.62 -64.51
C GLU N 109 27.82 70.82 -63.75
N GLU N 110 26.68 71.47 -63.52
CA GLU N 110 25.58 70.83 -62.80
C GLU N 110 24.87 69.78 -63.65
N LEU N 111 24.88 69.98 -64.98
CA LEU N 111 24.30 69.04 -65.93
C LEU N 111 25.11 67.75 -66.02
N GLU N 112 26.20 67.66 -65.27
CA GLU N 112 26.93 66.42 -65.10
C GLU N 112 26.95 66.02 -63.64
N ASP N 113 26.82 67.02 -62.75
CA ASP N 113 26.70 66.74 -61.33
C ASP N 113 25.46 65.92 -60.99
N VAL N 114 24.36 66.12 -61.70
CA VAL N 114 23.15 65.35 -61.40
C VAL N 114 22.60 64.62 -62.63
N ALA N 115 22.41 65.34 -63.73
CA ALA N 115 21.65 64.94 -64.90
C ALA N 115 22.14 63.62 -65.48
N VAL N 116 23.44 63.41 -65.46
CA VAL N 116 24.03 62.18 -65.97
C VAL N 116 24.56 61.30 -64.85
N ARG N 117 24.74 61.86 -63.66
CA ARG N 117 25.30 61.07 -62.57
C ARG N 117 24.20 60.46 -61.70
N LYS N 118 23.33 61.28 -61.11
CA LYS N 118 22.25 60.78 -60.27
C LYS N 118 21.27 59.99 -61.13
N LEU N 119 20.66 60.64 -62.14
CA LEU N 119 20.03 59.90 -63.22
C LEU N 119 21.11 59.07 -63.88
N ARG N 120 21.01 57.74 -63.84
CA ARG N 120 22.13 56.94 -64.32
C ARG N 120 22.15 56.81 -65.84
N LEU N 121 22.20 57.96 -66.53
CA LEU N 121 22.51 57.99 -67.94
C LEU N 121 24.01 57.87 -68.10
N GLU N 122 24.48 57.99 -69.36
CA GLU N 122 25.88 57.82 -69.71
C GLU N 122 26.33 56.44 -69.23
N PRO N 123 26.15 55.41 -70.06
CA PRO N 123 26.55 54.07 -69.62
C PRO N 123 28.06 53.99 -69.48
N PRO N 124 28.57 53.12 -68.54
CA PRO N 124 30.01 53.07 -68.23
C PRO N 124 30.90 52.79 -69.43
N ALA N 125 32.08 53.41 -69.45
CA ALA N 125 32.98 53.35 -70.60
C ALA N 125 33.54 51.94 -70.72
N LEU N 126 33.09 51.21 -71.74
CA LEU N 126 33.56 49.86 -72.01
C LEU N 126 34.25 49.76 -73.36
N GLN N 127 33.67 50.36 -74.41
CA GLN N 127 34.29 50.36 -75.72
C GLN N 127 35.60 51.15 -75.73
N ALA N 128 35.55 52.39 -75.21
CA ALA N 128 36.75 53.22 -75.18
C ALA N 128 37.78 52.67 -74.20
N SER N 129 37.34 52.27 -73.01
CA SER N 129 38.26 51.75 -72.01
C SER N 129 38.78 50.36 -72.34
N LEU N 130 38.18 49.67 -73.31
CA LEU N 130 38.72 48.39 -73.72
C LEU N 130 39.59 48.52 -74.96
N GLN N 131 39.26 49.44 -75.88
CA GLN N 131 40.05 49.56 -77.10
C GLN N 131 41.24 50.50 -76.92
N GLU N 132 41.01 51.70 -76.40
CA GLU N 132 42.08 52.67 -76.27
C GLU N 132 43.05 52.31 -75.15
N ARG N 133 42.54 51.70 -74.08
CA ARG N 133 43.37 51.38 -72.91
C ARG N 133 43.83 49.93 -72.91
N ALA N 134 42.89 48.99 -72.94
CA ALA N 134 43.23 47.56 -72.90
C ALA N 134 43.48 47.02 -74.30
N PRO O 141 56.62 -12.53 -60.79
CA PRO O 141 56.88 -13.85 -61.40
C PRO O 141 55.78 -14.27 -62.36
N TRP O 142 54.83 -13.35 -62.62
CA TRP O 142 53.71 -13.56 -63.53
C TRP O 142 52.87 -14.76 -63.10
N SER O 143 52.93 -15.84 -63.88
CA SER O 143 52.21 -17.06 -63.53
C SER O 143 52.92 -17.90 -62.48
N SER O 144 54.14 -17.51 -62.07
CA SER O 144 54.86 -18.20 -61.01
C SER O 144 54.77 -17.49 -59.66
N VAL O 145 53.96 -16.44 -59.56
CA VAL O 145 53.50 -15.95 -58.25
C VAL O 145 52.73 -17.05 -57.55
N LEU O 146 52.06 -17.90 -58.33
CA LEU O 146 51.39 -19.08 -57.81
C LEU O 146 52.42 -20.07 -57.27
N LEU O 147 53.59 -20.15 -57.91
CA LEU O 147 54.67 -20.95 -57.36
C LEU O 147 55.23 -20.34 -56.08
N GLY O 148 55.20 -19.01 -55.96
CA GLY O 148 55.55 -18.37 -54.69
C GLY O 148 54.59 -18.72 -53.57
N CYS O 149 53.29 -18.72 -53.88
CA CYS O 149 52.29 -19.17 -52.90
C CYS O 149 52.46 -20.65 -52.59
N VAL O 150 52.89 -21.44 -53.57
CA VAL O 150 53.20 -22.85 -53.34
C VAL O 150 54.37 -23.00 -52.38
N ALA O 151 55.39 -22.16 -52.53
CA ALA O 151 56.50 -22.13 -51.58
C ALA O 151 56.03 -21.71 -50.19
N ALA O 152 55.05 -20.80 -50.12
CA ALA O 152 54.46 -20.44 -48.84
C ALA O 152 53.78 -21.62 -48.17
N THR O 153 53.02 -22.38 -48.95
CA THR O 153 52.38 -23.57 -48.39
C THR O 153 53.42 -24.62 -47.99
N TYR O 154 54.52 -24.70 -48.74
CA TYR O 154 55.60 -25.61 -48.36
C TYR O 154 56.25 -25.17 -47.05
N LEU O 155 56.30 -23.85 -46.80
CA LEU O 155 56.71 -23.36 -45.48
C LEU O 155 55.67 -23.69 -44.42
N ARG O 156 54.38 -23.71 -44.78
CA ARG O 156 53.36 -24.17 -43.85
C ARG O 156 53.57 -25.64 -43.49
N ALA O 157 54.10 -26.43 -44.41
CA ALA O 157 54.40 -27.84 -44.13
C ALA O 157 55.56 -28.01 -43.17
N ALA O 158 56.39 -26.97 -42.97
CA ALA O 158 57.56 -27.10 -42.10
C ALA O 158 57.16 -27.31 -40.65
N GLY O 159 56.14 -26.58 -40.19
CA GLY O 159 55.68 -26.70 -38.81
C GLY O 159 54.95 -28.00 -38.54
N LEU O 173 50.48 -36.86 -28.94
CA LEU O 173 50.77 -37.75 -30.05
C LEU O 173 49.73 -38.86 -30.14
N LEU O 174 49.45 -39.50 -29.01
CA LEU O 174 48.55 -40.65 -28.96
C LEU O 174 47.08 -40.26 -28.90
N CYS O 175 46.77 -38.96 -28.84
CA CYS O 175 45.39 -38.52 -28.85
C CYS O 175 44.87 -38.44 -30.28
N TRP O 176 43.56 -38.20 -30.41
CA TRP O 176 42.91 -38.23 -31.71
C TRP O 176 43.22 -36.98 -32.55
N ARG O 177 43.60 -35.87 -31.92
CA ARG O 177 43.81 -34.62 -32.66
C ARG O 177 45.06 -34.70 -33.54
N HIS O 178 46.14 -35.26 -33.01
CA HIS O 178 47.34 -35.45 -33.83
C HIS O 178 47.11 -36.47 -34.93
N GLN O 179 46.28 -37.48 -34.67
CA GLN O 179 45.90 -38.43 -35.72
C GLN O 179 45.10 -37.74 -36.82
N ARG O 180 44.20 -36.83 -36.45
CA ARG O 180 43.44 -36.06 -37.44
C ARG O 180 44.34 -35.17 -38.26
N LEU O 181 45.32 -34.52 -37.61
CA LEU O 181 46.28 -33.68 -38.34
C LEU O 181 47.13 -34.50 -39.29
N ALA O 182 47.57 -35.69 -38.86
CA ALA O 182 48.36 -36.56 -39.72
C ALA O 182 47.54 -37.09 -40.89
N LEU O 183 46.26 -37.39 -40.65
CA LEU O 183 45.38 -37.82 -41.73
C LEU O 183 45.17 -36.71 -42.75
N THR O 184 45.03 -35.46 -42.28
CA THR O 184 44.89 -34.33 -43.19
C THR O 184 46.17 -34.10 -43.99
N ALA O 185 47.33 -34.28 -43.36
CA ALA O 185 48.59 -34.16 -44.10
C ALA O 185 48.74 -35.27 -45.15
N ALA O 186 48.31 -36.49 -44.81
CA ALA O 186 48.31 -37.58 -45.78
C ALA O 186 47.37 -37.28 -46.95
N ALA O 187 46.20 -36.71 -46.66
CA ALA O 187 45.29 -36.29 -47.72
C ALA O 187 45.90 -35.21 -48.60
N TYR O 188 46.67 -34.28 -48.01
CA TYR O 188 47.38 -33.28 -48.80
C TYR O 188 48.39 -33.93 -49.72
N GLY O 189 49.15 -34.89 -49.20
CA GLY O 189 50.13 -35.58 -50.03
C GLY O 189 49.50 -36.31 -51.20
N MET O 190 48.40 -37.03 -50.93
CA MET O 190 47.71 -37.76 -51.99
C MET O 190 47.11 -36.81 -53.03
N VAL O 191 46.48 -35.72 -52.58
CA VAL O 191 45.88 -34.76 -53.52
C VAL O 191 46.97 -34.07 -54.36
N ALA O 192 48.09 -33.70 -53.73
CA ALA O 192 49.16 -33.02 -54.44
C ALA O 192 49.82 -33.93 -55.47
N VAL O 193 50.01 -35.21 -55.15
CA VAL O 193 50.63 -36.09 -56.14
C VAL O 193 49.61 -36.60 -57.17
N LEU O 194 48.31 -36.50 -56.90
CA LEU O 194 47.33 -37.01 -57.85
C LEU O 194 46.82 -35.94 -58.81
N THR O 195 46.70 -34.69 -58.37
CA THR O 195 46.15 -33.64 -59.23
C THR O 195 47.12 -33.15 -60.29
N GLN O 196 48.40 -33.48 -60.17
CA GLN O 196 49.40 -33.02 -61.14
C GLN O 196 49.57 -34.02 -62.27
N SER O 257 37.70 -23.75 -28.99
CA SER O 257 36.95 -24.04 -30.21
C SER O 257 36.48 -22.76 -30.89
N VAL O 258 35.18 -22.56 -30.93
CA VAL O 258 34.59 -21.37 -31.54
C VAL O 258 34.31 -20.29 -30.48
N SER O 259 34.91 -20.42 -29.30
CA SER O 259 34.70 -19.49 -28.20
C SER O 259 35.85 -18.50 -28.01
N THR O 260 36.73 -18.38 -29.00
CA THR O 260 37.84 -17.43 -28.94
C THR O 260 38.02 -16.81 -30.32
N VAL O 261 38.61 -15.60 -30.34
CA VAL O 261 38.72 -14.85 -31.60
C VAL O 261 39.71 -15.53 -32.54
N ALA O 262 40.83 -16.02 -32.00
CA ALA O 262 41.76 -16.79 -32.80
C ALA O 262 41.10 -18.04 -33.36
N GLY O 263 40.23 -18.66 -32.57
CA GLY O 263 39.43 -19.76 -33.07
C GLY O 263 38.51 -19.36 -34.20
N LEU O 264 37.96 -18.14 -34.13
CA LEU O 264 37.13 -17.63 -35.21
C LEU O 264 37.92 -17.51 -36.51
N LEU O 265 39.13 -16.96 -36.42
CA LEU O 265 39.98 -16.84 -37.60
C LEU O 265 40.37 -18.21 -38.16
N LEU O 266 40.70 -19.16 -37.28
CA LEU O 266 41.04 -20.52 -37.70
C LEU O 266 39.90 -21.26 -38.39
N THR O 267 38.71 -21.25 -37.77
CA THR O 267 37.51 -21.80 -38.38
C THR O 267 37.22 -21.17 -39.72
N THR O 268 37.30 -19.83 -39.77
CA THR O 268 37.10 -19.13 -41.03
C THR O 268 38.09 -19.64 -42.05
N THR O 269 39.39 -19.69 -41.70
CA THR O 269 40.40 -20.22 -42.61
C THR O 269 40.05 -21.61 -43.18
N ILE O 270 39.67 -22.52 -42.28
CA ILE O 270 39.28 -23.89 -42.64
C ILE O 270 38.14 -23.88 -43.65
N VAL O 271 37.07 -23.15 -43.34
CA VAL O 271 35.88 -23.04 -44.19
C VAL O 271 36.24 -22.51 -45.58
N VAL O 272 37.01 -21.39 -45.59
CA VAL O 272 37.30 -20.69 -46.84
C VAL O 272 38.12 -21.59 -47.73
N SER O 273 39.20 -22.12 -47.15
CA SER O 273 40.13 -22.94 -47.91
C SER O 273 39.50 -24.24 -48.36
N LEU O 274 38.54 -24.77 -47.58
CA LEU O 274 37.78 -25.94 -48.02
C LEU O 274 36.96 -25.60 -49.26
N TYR O 275 36.27 -24.46 -49.23
CA TYR O 275 35.55 -24.00 -50.42
C TYR O 275 36.50 -23.73 -51.59
N GLY O 276 37.71 -23.27 -51.30
CA GLY O 276 38.71 -23.04 -52.32
C GLY O 276 39.17 -24.29 -53.02
N LEU O 277 39.54 -25.30 -52.24
CA LEU O 277 39.90 -26.61 -52.82
C LEU O 277 38.73 -27.20 -53.59
N PHE O 278 37.52 -27.07 -53.05
CA PHE O 278 36.34 -27.64 -53.69
C PHE O 278 35.89 -26.84 -54.92
N ALA O 279 36.40 -25.63 -55.08
CA ALA O 279 36.10 -24.82 -56.26
C ALA O 279 37.19 -24.88 -57.32
N ALA O 280 38.43 -25.21 -56.95
CA ALA O 280 39.51 -25.29 -57.94
C ALA O 280 39.91 -26.72 -58.25
N VAL O 281 40.34 -27.50 -57.25
CA VAL O 281 40.89 -28.83 -57.53
C VAL O 281 39.77 -29.81 -57.87
N PHE O 282 38.65 -29.75 -57.15
CA PHE O 282 37.53 -30.63 -57.45
C PHE O 282 36.86 -30.29 -58.78
N ALA O 283 36.85 -29.02 -59.14
CA ALA O 283 36.27 -28.58 -60.41
C ALA O 283 37.31 -28.65 -61.52
N ALA O 309 52.41 -23.53 -67.86
CA ALA O 309 52.39 -23.28 -66.44
C ALA O 309 50.97 -23.27 -65.89
N ALA O 310 50.10 -24.07 -66.49
CA ALA O 310 48.70 -24.11 -66.07
C ALA O 310 48.51 -24.90 -64.78
N GLY O 311 49.39 -25.86 -64.48
CA GLY O 311 49.24 -26.69 -63.30
C GLY O 311 49.51 -25.98 -61.99
N LEU O 312 50.07 -24.77 -62.04
CA LEU O 312 50.27 -24.00 -60.83
C LEU O 312 48.94 -23.52 -60.26
N ARG O 313 47.93 -23.36 -61.11
CA ARG O 313 46.58 -23.05 -60.65
C ARG O 313 45.97 -24.19 -59.84
N ARG O 314 46.45 -25.42 -60.02
CA ARG O 314 46.04 -26.53 -59.19
C ARG O 314 46.97 -26.76 -58.01
N LEU O 315 48.25 -26.45 -58.16
CA LEU O 315 49.19 -26.61 -57.04
C LEU O 315 48.92 -25.59 -55.93
N ALA O 316 48.66 -24.34 -56.30
CA ALA O 316 48.40 -23.30 -55.30
C ALA O 316 47.09 -23.53 -54.57
N ALA O 317 46.17 -24.26 -55.18
CA ALA O 317 44.92 -24.63 -54.51
C ALA O 317 45.04 -25.94 -53.75
N GLY O 318 45.96 -26.82 -54.16
CA GLY O 318 46.30 -27.98 -53.34
C GLY O 318 46.95 -27.58 -52.04
N GLY O 319 47.74 -26.51 -52.05
CA GLY O 319 48.32 -25.98 -50.82
C GLY O 319 47.31 -25.43 -49.84
N LEU O 320 46.09 -25.13 -50.30
CA LEU O 320 45.04 -24.67 -49.40
C LEU O 320 44.63 -25.76 -48.42
N LEU O 321 44.76 -27.03 -48.80
CA LEU O 321 44.46 -28.09 -47.86
C LEU O 321 45.55 -28.19 -46.79
N LEU O 322 46.80 -27.88 -47.15
CA LEU O 322 47.85 -27.74 -46.15
C LEU O 322 47.57 -26.59 -45.19
N THR O 323 47.06 -25.49 -45.72
CA THR O 323 46.65 -24.37 -44.87
C THR O 323 45.53 -24.80 -43.91
N ALA O 324 44.55 -25.55 -44.41
CA ALA O 324 43.48 -26.06 -43.57
C ALA O 324 44.00 -27.03 -42.51
N ALA O 325 44.99 -27.85 -42.87
CA ALA O 325 45.61 -28.76 -41.91
C ALA O 325 46.34 -27.98 -40.81
N ALA O 326 47.04 -26.91 -41.18
CA ALA O 326 47.72 -26.08 -40.19
C ALA O 326 46.72 -25.40 -39.26
N SER O 327 45.60 -24.93 -39.80
CA SER O 327 44.61 -24.27 -38.96
C SER O 327 43.84 -25.25 -38.08
N HIS O 328 43.62 -26.49 -38.56
CA HIS O 328 43.02 -27.49 -37.68
C HIS O 328 44.02 -27.96 -36.62
N GLY O 329 45.31 -27.88 -36.91
CA GLY O 329 46.30 -28.09 -35.87
C GLY O 329 46.27 -26.99 -34.83
N LEU O 330 46.19 -25.74 -35.26
CA LEU O 330 46.11 -24.62 -34.34
C LEU O 330 44.74 -24.47 -33.68
N PHE O 331 43.75 -25.25 -34.12
CA PHE O 331 42.41 -25.19 -33.53
C PHE O 331 42.42 -25.65 -32.07
N ASP O 332 43.39 -26.46 -31.68
CA ASP O 332 43.54 -26.93 -30.31
C ASP O 332 44.73 -26.28 -29.60
N PHE O 333 45.19 -25.14 -30.10
CA PHE O 333 46.35 -24.43 -29.53
C PHE O 333 46.03 -23.86 -28.15
N PRO O 370 46.51 -30.78 -24.96
CA PRO O 370 47.31 -30.15 -26.03
C PRO O 370 48.29 -29.10 -25.49
N ASN O 371 49.57 -29.43 -25.51
CA ASN O 371 50.59 -28.49 -25.05
C ASN O 371 50.81 -27.40 -26.10
N PRO O 372 50.91 -26.13 -25.68
CA PRO O 372 51.14 -25.04 -26.65
C PRO O 372 52.49 -25.10 -27.34
N THR O 373 53.48 -25.77 -26.75
CA THR O 373 54.79 -25.86 -27.39
C THR O 373 54.78 -26.76 -28.61
N ILE O 374 53.79 -27.63 -28.74
CA ILE O 374 53.64 -28.44 -29.95
C ILE O 374 53.23 -27.56 -31.13
N TYR O 375 52.35 -26.59 -30.88
CA TYR O 375 51.81 -25.74 -31.93
C TYR O 375 52.50 -24.38 -32.06
N SER O 376 53.47 -24.08 -31.20
CA SER O 376 54.17 -22.80 -31.28
C SER O 376 54.95 -22.66 -32.58
N LEU O 377 55.71 -23.69 -32.95
CA LEU O 377 56.47 -23.63 -34.21
C LEU O 377 55.55 -23.66 -35.42
N LEU O 378 54.42 -24.37 -35.33
CA LEU O 378 53.41 -24.33 -36.37
C LEU O 378 52.84 -22.92 -36.54
N ASN O 379 52.61 -22.24 -35.41
CA ASN O 379 52.13 -20.86 -35.45
C ASN O 379 53.16 -19.92 -36.08
N LEU O 380 54.44 -20.12 -35.75
CA LEU O 380 55.49 -19.27 -36.32
C LEU O 380 55.61 -19.47 -37.82
N GLY O 381 55.60 -20.73 -38.28
CA GLY O 381 55.61 -20.97 -39.72
C GLY O 381 54.36 -20.46 -40.41
N PHE O 382 53.20 -20.58 -39.74
CA PHE O 382 51.94 -20.09 -40.26
C PHE O 382 51.98 -18.58 -40.48
N VAL O 383 52.45 -17.83 -39.47
CA VAL O 383 52.47 -16.37 -39.60
C VAL O 383 53.55 -15.92 -40.59
N ALA O 384 54.70 -16.62 -40.65
CA ALA O 384 55.74 -16.21 -41.58
C ALA O 384 55.31 -16.44 -43.03
N ALA O 385 54.71 -17.59 -43.32
CA ALA O 385 54.23 -17.82 -44.67
C ALA O 385 52.96 -17.04 -44.98
N ALA O 386 52.19 -16.64 -43.97
CA ALA O 386 51.09 -15.70 -44.20
C ALA O 386 51.63 -14.34 -44.62
N VAL O 387 52.73 -13.90 -44.01
CA VAL O 387 53.39 -12.66 -44.44
C VAL O 387 53.92 -12.82 -45.87
N LEU O 388 54.48 -14.00 -46.18
CA LEU O 388 55.01 -14.20 -47.53
C LEU O 388 53.90 -14.21 -48.59
N GLN O 389 52.77 -14.83 -48.29
CA GLN O 389 51.62 -14.79 -49.20
C GLN O 389 51.05 -13.38 -49.31
N SER O 390 50.98 -12.65 -48.19
CA SER O 390 50.50 -11.27 -48.18
C SER O 390 51.50 -10.32 -48.82
N TYR O 391 52.71 -10.76 -49.10
CA TYR O 391 53.62 -10.04 -49.98
C TYR O 391 53.36 -10.39 -51.44
N PHE O 392 53.37 -11.70 -51.74
CA PHE O 392 53.32 -12.17 -53.13
C PHE O 392 52.01 -11.81 -53.81
N LEU O 393 50.88 -12.16 -53.19
CA LEU O 393 49.58 -11.90 -53.80
C LEU O 393 49.26 -10.41 -53.82
N TYR O 394 49.76 -9.65 -52.83
CA TYR O 394 49.46 -8.21 -52.79
C TYR O 394 50.23 -7.46 -53.87
N ILE O 395 51.49 -7.86 -54.13
CA ILE O 395 52.25 -7.21 -55.20
C ILE O 395 52.04 -7.88 -56.54
N ALA O 396 51.27 -8.97 -56.60
CA ALA O 396 50.95 -9.60 -57.87
C ALA O 396 50.23 -8.70 -58.88
N PRO O 397 49.19 -7.93 -58.54
CA PRO O 397 48.58 -7.08 -59.58
C PRO O 397 49.48 -5.97 -60.08
N ALA O 398 50.34 -5.41 -59.22
CA ALA O 398 51.23 -4.35 -59.64
C ALA O 398 52.47 -4.84 -60.36
N TRP O 399 52.73 -6.15 -60.33
CA TRP O 399 53.91 -6.72 -61.00
C TRP O 399 53.59 -7.31 -62.36
N GLY O 400 52.33 -7.25 -62.80
CA GLY O 400 52.00 -7.66 -64.16
C GLY O 400 50.86 -8.65 -64.28
N VAL O 401 50.77 -9.61 -63.36
CA VAL O 401 49.73 -10.63 -63.45
C VAL O 401 48.41 -10.06 -62.96
N ASN O 402 47.32 -10.66 -63.42
CA ASN O 402 45.97 -10.23 -63.05
C ASN O 402 45.32 -11.25 -62.14
N VAL O 403 44.54 -10.75 -61.19
CA VAL O 403 43.90 -11.59 -60.19
C VAL O 403 42.39 -11.68 -60.37
N ASN O 404 41.75 -10.67 -60.98
CA ASN O 404 40.29 -10.61 -61.05
C ASN O 404 39.69 -11.65 -61.99
N TRP O 405 40.51 -12.33 -62.80
CA TRP O 405 40.02 -13.17 -63.88
C TRP O 405 39.21 -14.35 -63.36
N ASP O 406 39.84 -15.21 -62.56
CA ASP O 406 39.19 -16.40 -62.01
C ASP O 406 38.81 -16.12 -60.56
N THR O 407 37.52 -15.87 -60.32
CA THR O 407 37.09 -15.53 -58.97
C THR O 407 37.18 -16.74 -58.03
N ALA O 408 36.63 -17.89 -58.45
CA ALA O 408 36.51 -19.04 -57.57
C ALA O 408 37.85 -19.69 -57.30
N LEU O 409 38.83 -19.43 -58.15
CA LEU O 409 40.19 -19.90 -57.92
C LEU O 409 40.96 -18.86 -57.12
N TRP O 410 40.98 -17.60 -57.59
CA TRP O 410 41.85 -16.55 -57.09
C TRP O 410 41.44 -16.02 -55.71
N GLY O 411 40.17 -16.16 -55.32
CA GLY O 411 39.68 -15.61 -54.08
C GLY O 411 40.23 -16.19 -52.79
N PRO O 412 40.07 -17.51 -52.59
CA PRO O 412 40.43 -18.11 -51.28
C PRO O 412 41.89 -17.97 -50.88
N MET O 413 42.84 -17.85 -51.81
CA MET O 413 44.21 -17.62 -51.37
C MET O 413 44.38 -16.23 -50.77
N TYR O 414 43.77 -15.22 -51.40
CA TYR O 414 43.75 -13.88 -50.82
C TYR O 414 43.04 -13.87 -49.47
N GLY O 415 41.94 -14.61 -49.37
CA GLY O 415 41.20 -14.68 -48.12
C GLY O 415 41.99 -15.31 -47.00
N THR O 416 42.66 -16.44 -47.28
CA THR O 416 43.42 -17.11 -46.22
C THR O 416 44.67 -16.33 -45.87
N ALA O 417 45.23 -15.57 -46.82
CA ALA O 417 46.32 -14.67 -46.48
C ALA O 417 45.86 -13.55 -45.56
N PHE O 418 44.67 -13.01 -45.80
CA PHE O 418 44.08 -11.99 -44.92
C PHE O 418 43.86 -12.53 -43.50
N LEU O 419 43.17 -13.66 -43.40
CA LEU O 419 42.93 -14.30 -42.10
C LEU O 419 44.23 -14.68 -41.42
N GLY O 420 45.22 -15.14 -42.17
CA GLY O 420 46.54 -15.41 -41.63
C GLY O 420 47.23 -14.19 -41.06
N LEU O 421 47.08 -13.04 -41.72
CA LEU O 421 47.70 -11.81 -41.20
C LEU O 421 46.98 -11.33 -39.93
N VAL O 422 45.64 -11.32 -39.95
CA VAL O 422 44.91 -10.93 -38.75
C VAL O 422 45.03 -11.98 -37.65
N TYR O 423 45.45 -13.20 -37.99
CA TYR O 423 45.84 -14.17 -36.97
C TYR O 423 47.17 -13.79 -36.34
N GLY O 424 48.10 -13.28 -37.13
CA GLY O 424 49.36 -12.84 -36.57
C GLY O 424 49.22 -11.52 -35.85
N LEU O 425 48.03 -10.92 -35.93
CA LEU O 425 47.72 -9.76 -35.08
C LEU O 425 46.86 -10.10 -33.85
N VAL O 426 45.94 -11.06 -33.97
CA VAL O 426 45.08 -11.44 -32.86
C VAL O 426 45.75 -12.49 -31.97
N ALA O 427 46.80 -13.14 -32.46
CA ALA O 427 47.54 -14.13 -31.67
C ALA O 427 48.70 -13.49 -30.93
N LEU O 428 49.57 -12.77 -31.67
CA LEU O 428 50.75 -12.06 -31.16
C LEU O 428 50.43 -11.21 -29.94
N THR O 429 49.40 -10.38 -30.05
CA THR O 429 48.81 -9.72 -28.90
C THR O 429 47.60 -10.54 -28.49
N LYS O 430 47.54 -10.93 -27.20
CA LYS O 430 46.55 -11.85 -26.62
C LYS O 430 45.12 -11.65 -27.09
N PHE O 431 44.71 -10.38 -27.20
CA PHE O 431 43.42 -9.96 -27.76
C PHE O 431 42.24 -10.55 -27.00
N ASP O 432 41.65 -11.64 -27.52
CA ASP O 432 40.55 -12.42 -26.95
C ASP O 432 39.23 -11.66 -27.05
N TRP O 433 38.12 -12.32 -26.71
CA TRP O 433 36.82 -11.65 -26.71
C TRP O 433 36.72 -10.58 -25.63
N SER O 434 37.56 -10.64 -24.60
CA SER O 434 37.53 -9.66 -23.52
C SER O 434 37.91 -8.28 -24.03
N SER O 435 38.94 -8.18 -24.87
CA SER O 435 39.33 -6.87 -25.40
C SER O 435 38.30 -6.35 -26.41
N VAL O 436 37.65 -7.25 -27.15
CA VAL O 436 36.58 -6.85 -28.06
C VAL O 436 35.41 -6.27 -27.28
N VAL O 437 35.01 -6.94 -26.21
CA VAL O 437 33.91 -6.46 -25.36
C VAL O 437 34.29 -5.16 -24.68
N ASP O 438 35.55 -5.03 -24.24
CA ASP O 438 36.02 -3.80 -23.62
C ASP O 438 36.01 -2.63 -24.60
N ALA O 439 36.43 -2.87 -25.84
CA ALA O 439 36.42 -1.81 -26.85
C ALA O 439 34.99 -1.42 -27.23
N VAL O 440 34.10 -2.40 -27.36
CA VAL O 440 32.70 -2.11 -27.67
C VAL O 440 32.07 -1.31 -26.53
N LEU O 441 32.35 -1.70 -25.29
CA LEU O 441 31.82 -0.98 -24.12
C LEU O 441 32.40 0.43 -24.03
N ARG O 442 33.67 0.61 -24.38
CA ARG O 442 34.26 1.95 -24.35
C ARG O 442 33.65 2.85 -25.42
N VAL O 443 33.45 2.33 -26.63
CA VAL O 443 32.83 3.11 -27.69
C VAL O 443 31.39 3.48 -27.33
N ALA O 444 30.64 2.50 -26.82
CA ALA O 444 29.25 2.74 -26.41
C ALA O 444 29.18 3.69 -25.23
N CYS O 445 30.15 3.63 -24.32
CA CYS O 445 30.17 4.53 -23.17
C CYS O 445 30.48 5.95 -23.58
N TRP O 446 31.44 6.14 -24.50
CA TRP O 446 31.74 7.48 -24.99
C TRP O 446 30.55 8.07 -25.75
N PHE O 447 29.92 7.25 -26.60
CA PHE O 447 28.71 7.72 -27.29
C PHE O 447 27.58 7.97 -26.30
N ALA O 448 27.55 7.24 -25.19
CA ALA O 448 26.54 7.46 -24.16
C ALA O 448 26.75 8.80 -23.47
N GLU O 449 27.99 9.14 -23.12
CA GLU O 449 28.26 10.44 -22.50
C GLU O 449 27.99 11.58 -23.48
N LEU O 450 28.31 11.38 -24.77
CA LEU O 450 27.97 12.37 -25.77
C LEU O 450 26.46 12.55 -25.89
N THR O 451 25.70 11.46 -25.84
CA THR O 451 24.25 11.53 -25.91
C THR O 451 23.67 12.24 -24.69
N MET O 452 24.19 11.94 -23.49
CA MET O 452 23.72 12.62 -22.29
C MET O 452 24.03 14.10 -22.32
N TRP O 453 25.23 14.48 -22.79
CA TRP O 453 25.56 15.89 -22.91
C TRP O 453 24.67 16.59 -23.93
N PHE O 454 24.41 15.94 -25.07
CA PHE O 454 23.55 16.51 -26.10
C PHE O 454 22.13 16.71 -25.57
N TRP O 455 21.61 15.73 -24.83
CA TRP O 455 20.28 15.85 -24.25
C TRP O 455 20.21 16.98 -23.24
N ASP O 456 21.15 17.00 -22.28
CA ASP O 456 21.14 18.01 -21.23
C ASP O 456 21.43 19.41 -21.75
N THR O 457 22.09 19.53 -22.91
CA THR O 457 22.42 20.85 -23.43
C THR O 457 21.38 21.36 -24.43
N PHE O 458 20.72 20.48 -25.18
CA PHE O 458 19.84 20.93 -26.25
C PHE O 458 18.40 20.46 -26.12
N VAL O 459 18.15 19.25 -25.62
CA VAL O 459 16.80 18.71 -25.69
C VAL O 459 16.02 19.05 -24.43
N TRP O 460 16.47 18.56 -23.28
CA TRP O 460 15.80 18.87 -22.03
C TRP O 460 16.80 18.69 -20.90
N LYS O 461 16.95 19.73 -20.08
CA LYS O 461 17.79 19.66 -18.90
C LYS O 461 17.37 18.51 -18.00
N PHE O 462 18.35 17.76 -17.51
CA PHE O 462 18.06 16.62 -16.65
C PHE O 462 17.50 17.04 -15.30
N SER O 463 17.77 18.27 -14.85
CA SER O 463 17.12 18.79 -13.66
C SER O 463 15.64 19.06 -13.89
N TRP O 464 15.26 19.29 -15.15
CA TRP O 464 13.84 19.41 -15.51
C TRP O 464 13.20 18.06 -15.74
N SER O 465 13.92 17.13 -16.38
CA SER O 465 13.35 15.84 -16.73
C SER O 465 13.20 14.93 -15.52
N GLU O 466 14.21 14.89 -14.64
CA GLU O 466 14.18 13.99 -13.50
C GLU O 466 13.24 14.51 -12.43
N LYS O 467 13.08 13.74 -11.37
CA LYS O 467 12.17 14.09 -10.27
C LYS O 467 13.01 14.67 -9.14
N THR O 468 12.85 15.97 -8.89
CA THR O 468 13.49 16.59 -7.74
C THR O 468 12.90 16.04 -6.45
N ARG O 469 13.76 15.47 -5.63
CA ARG O 469 13.38 14.90 -4.34
C ARG O 469 13.43 16.00 -3.28
N ARG O 470 13.21 15.59 -2.02
CA ARG O 470 13.22 16.48 -0.85
C ARG O 470 12.16 17.56 -1.02
N ALA O 471 10.90 17.13 -1.09
CA ALA O 471 9.78 18.07 -1.23
C ALA O 471 9.17 18.36 0.14
N PRO P 86 25.67 -86.56 -30.46
CA PRO P 86 26.89 -86.66 -29.65
C PRO P 86 26.72 -86.09 -28.25
N LEU P 87 25.50 -86.10 -27.71
CA LEU P 87 25.31 -85.60 -26.35
C LEU P 87 24.65 -86.62 -25.45
N SER P 88 23.63 -87.36 -25.96
CA SER P 88 22.90 -88.45 -25.31
C SER P 88 22.00 -87.96 -24.17
N PRO P 89 20.78 -88.53 -24.05
CA PRO P 89 19.84 -88.05 -23.02
C PRO P 89 20.36 -88.19 -21.62
N GLU P 90 21.09 -89.27 -21.34
CA GLU P 90 21.67 -89.46 -20.01
C GLU P 90 22.58 -88.31 -19.66
N ASP P 91 23.44 -87.89 -20.59
CA ASP P 91 24.36 -86.80 -20.29
C ASP P 91 23.69 -85.43 -20.31
N ILE P 92 22.59 -85.24 -21.03
CA ILE P 92 21.80 -84.01 -20.82
C ILE P 92 21.29 -83.95 -19.39
N MET P 93 20.77 -85.08 -18.88
CA MET P 93 20.32 -85.13 -17.49
C MET P 93 21.47 -84.88 -16.52
N ARG P 94 22.66 -85.44 -16.82
CA ARG P 94 23.83 -85.17 -15.98
C ARG P 94 24.19 -83.68 -15.98
N LEU P 95 24.17 -83.04 -17.16
CA LEU P 95 24.47 -81.60 -17.25
C LEU P 95 23.50 -80.78 -16.40
N VAL P 96 22.21 -81.17 -16.42
CA VAL P 96 21.24 -80.57 -15.52
C VAL P 96 21.66 -80.73 -14.07
N GLN P 97 22.08 -81.95 -13.70
CA GLN P 97 22.55 -82.22 -12.33
C GLN P 97 23.72 -81.31 -11.94
N GLN P 98 24.67 -81.13 -12.87
CA GLN P 98 25.81 -80.25 -12.66
C GLN P 98 25.39 -78.82 -12.33
N HIS P 99 24.62 -78.21 -13.24
CA HIS P 99 24.08 -76.87 -13.02
C HIS P 99 23.35 -76.75 -11.69
N GLU P 100 22.42 -77.69 -11.46
CA GLU P 100 21.56 -77.75 -10.28
C GLU P 100 22.35 -77.72 -8.98
N ASP P 101 23.30 -78.64 -8.80
CA ASP P 101 24.01 -78.66 -7.52
C ASP P 101 25.13 -77.64 -7.45
N VAL P 102 25.60 -77.12 -8.60
CA VAL P 102 26.58 -76.03 -8.55
C VAL P 102 25.93 -74.76 -8.02
N ALA P 103 24.67 -74.52 -8.38
CA ALA P 103 23.92 -73.40 -7.80
C ALA P 103 23.81 -73.54 -6.28
N ALA P 104 23.58 -74.76 -5.80
CA ALA P 104 23.50 -75.06 -4.38
C ALA P 104 24.81 -74.74 -3.67
N ALA P 105 25.92 -75.26 -4.20
CA ALA P 105 27.27 -74.97 -3.75
C ALA P 105 27.56 -73.47 -3.65
N ALA P 106 27.19 -72.75 -4.72
CA ALA P 106 27.37 -71.31 -4.78
C ALA P 106 26.62 -70.61 -3.66
N GLU P 107 25.35 -70.96 -3.47
CA GLU P 107 24.55 -70.37 -2.40
C GLU P 107 25.14 -70.67 -1.02
N SER P 108 25.61 -71.91 -0.83
CA SER P 108 26.17 -72.31 0.45
C SER P 108 27.41 -71.49 0.80
N GLU P 109 28.33 -71.33 -0.16
CA GLU P 109 29.52 -70.55 0.15
C GLU P 109 29.20 -69.06 0.24
N GLN P 110 28.24 -68.56 -0.53
CA GLN P 110 27.81 -67.18 -0.39
C GLN P 110 27.10 -66.91 0.93
N LEU P 111 26.67 -67.96 1.62
CA LEU P 111 26.14 -67.83 2.98
C LEU P 111 27.18 -68.06 4.07
N VAL P 112 28.23 -68.84 3.80
CA VAL P 112 29.25 -69.09 4.83
C VAL P 112 30.30 -67.97 4.87
N ALA P 113 30.55 -67.33 3.71
CA ALA P 113 31.63 -66.36 3.56
C ALA P 113 31.57 -65.18 4.54
N GLN P 114 30.37 -64.82 4.98
CA GLN P 114 30.23 -63.73 5.94
C GLN P 114 30.80 -64.10 7.30
N PHE P 115 30.74 -65.38 7.69
CA PHE P 115 31.29 -65.82 8.96
C PHE P 115 32.67 -66.45 8.83
N ARG P 116 33.11 -66.74 7.60
CA ARG P 116 34.42 -67.35 7.38
C ARG P 116 35.56 -66.48 7.89
N ASP P 117 35.42 -65.16 7.75
CA ASP P 117 36.55 -64.27 8.04
C ASP P 117 36.67 -63.98 9.53
N ASP P 118 35.57 -63.58 10.17
CA ASP P 118 35.60 -63.07 11.55
C ASP P 118 34.56 -63.79 12.40
N PRO P 119 34.81 -65.06 12.75
CA PRO P 119 33.82 -65.80 13.57
C PRO P 119 33.61 -65.21 14.95
N GLN P 120 34.66 -64.62 15.55
CA GLN P 120 34.51 -63.94 16.83
C GLN P 120 33.56 -62.76 16.76
N GLY P 121 33.34 -62.20 15.56
CA GLY P 121 32.34 -61.16 15.38
C GLY P 121 30.93 -61.64 15.64
N LEU P 122 30.71 -62.96 15.67
CA LEU P 122 29.41 -63.49 16.06
C LEU P 122 29.18 -63.44 17.56
N TYR P 123 30.22 -63.24 18.37
CA TYR P 123 30.04 -63.07 19.79
C TYR P 123 30.47 -61.71 20.31
N GLU P 124 31.60 -61.18 19.83
CA GLU P 124 32.14 -59.91 20.29
C GLU P 124 31.46 -58.70 19.66
N TYR P 125 30.28 -58.89 19.08
CA TYR P 125 29.56 -57.77 18.45
C TYR P 125 29.10 -56.75 19.48
N VAL P 126 28.71 -57.20 20.68
CA VAL P 126 28.31 -56.27 21.73
C VAL P 126 29.50 -55.44 22.20
N ASN P 127 30.65 -56.08 22.40
CA ASN P 127 31.85 -55.36 22.82
C ASN P 127 32.33 -54.41 21.73
N ARG P 128 32.21 -54.81 20.48
CA ARG P 128 32.62 -53.93 19.38
C ARG P 128 31.68 -52.74 19.24
N ALA P 129 30.37 -52.93 19.46
CA ALA P 129 29.46 -51.81 19.44
C ALA P 129 29.68 -50.88 20.64
N TYR P 130 30.04 -51.44 21.79
CA TYR P 130 30.40 -50.62 22.95
C TYR P 130 31.66 -49.80 22.66
N ALA P 131 32.65 -50.41 22.00
CA ALA P 131 33.85 -49.67 21.62
C ALA P 131 33.55 -48.62 20.56
N GLU P 132 32.56 -48.88 19.69
CA GLU P 132 32.09 -47.86 18.77
C GLU P 132 31.47 -46.68 19.51
N GLY P 133 30.73 -46.97 20.58
CA GLY P 133 30.21 -45.94 21.44
C GLY P 133 28.96 -45.29 20.89
N PRO P 134 28.53 -44.19 21.51
CA PRO P 134 27.31 -43.52 21.06
C PRO P 134 27.48 -42.85 19.70
N ARG P 135 26.37 -42.77 18.97
CA ARG P 135 26.32 -42.13 17.67
C ARG P 135 25.53 -40.83 17.79
N ARG P 136 26.11 -39.73 17.35
CA ARG P 136 25.39 -38.47 17.35
C ARG P 136 24.31 -38.49 16.28
N VAL P 137 23.05 -38.33 16.69
CA VAL P 137 21.92 -38.44 15.77
C VAL P 137 21.91 -37.20 14.87
N THR P 138 22.26 -37.38 13.60
CA THR P 138 22.39 -36.28 12.65
C THR P 138 21.05 -36.17 11.86
N THR P 139 20.05 -35.91 12.62
CA THR P 139 18.80 -35.53 12.00
C THR P 139 18.59 -34.03 12.15
N PRO P 140 17.88 -33.38 11.23
CA PRO P 140 17.68 -31.91 11.35
C PRO P 140 16.96 -31.48 12.62
N ILE P 141 16.01 -32.29 13.12
CA ILE P 141 15.32 -31.93 14.36
C ILE P 141 16.29 -31.97 15.55
N SER P 142 17.12 -33.02 15.62
CA SER P 142 18.11 -33.09 16.71
C SER P 142 19.19 -32.02 16.56
N LEU P 143 19.54 -31.67 15.32
CA LEU P 143 20.50 -30.59 15.09
C LEU P 143 19.93 -29.25 15.54
N LEU P 144 18.65 -29.00 15.27
CA LEU P 144 18.01 -27.79 15.76
C LEU P 144 17.90 -27.80 17.28
N GLN P 145 17.66 -28.97 17.87
CA GLN P 145 17.65 -29.09 19.32
C GLN P 145 19.01 -28.74 19.93
N GLU P 146 20.08 -29.25 19.33
CA GLU P 146 21.42 -28.91 19.79
C GLU P 146 21.77 -27.45 19.56
N GLU P 147 21.23 -26.86 18.48
CA GLU P 147 21.52 -25.45 18.19
C GLU P 147 20.79 -24.52 19.13
N ILE P 148 19.56 -24.88 19.55
CA ILE P 148 18.78 -23.98 20.39
C ILE P 148 19.01 -24.29 21.86
N THR P 149 18.63 -25.50 22.30
CA THR P 149 18.71 -25.83 23.72
C THR P 149 20.10 -26.28 24.14
N GLY P 150 20.92 -26.78 23.21
CA GLY P 150 22.19 -27.36 23.55
C GLY P 150 22.12 -28.83 23.90
N ALA P 151 20.93 -29.42 23.95
CA ALA P 151 20.78 -30.84 24.25
C ALA P 151 21.17 -31.68 23.04
N VAL P 152 22.01 -32.68 23.26
CA VAL P 152 22.51 -33.54 22.20
C VAL P 152 21.75 -34.86 22.24
N THR P 153 21.12 -35.21 21.12
CA THR P 153 20.46 -36.50 20.98
C THR P 153 21.50 -37.54 20.54
N GLU P 154 21.59 -38.62 21.29
CA GLU P 154 22.53 -39.70 20.97
C GLU P 154 21.77 -41.02 20.83
N SER P 155 22.21 -41.84 19.89
CA SER P 155 21.65 -43.16 19.66
C SER P 155 22.72 -44.22 19.89
N TYR P 156 22.28 -45.45 20.00
CA TYR P 156 23.16 -46.57 20.24
C TYR P 156 22.85 -47.71 19.27
N PRO P 157 23.83 -48.54 18.93
CA PRO P 157 23.54 -49.72 18.11
C PRO P 157 22.63 -50.69 18.85
N ALA P 158 22.03 -51.60 18.09
CA ALA P 158 21.04 -52.53 18.64
C ALA P 158 21.67 -53.50 19.63
N ALA P 159 22.95 -53.85 19.43
CA ALA P 159 23.63 -54.77 20.34
C ALA P 159 23.75 -54.17 21.75
N VAL P 160 24.28 -52.95 21.85
CA VAL P 160 24.37 -52.33 23.16
C VAL P 160 23.01 -51.84 23.64
N ALA P 161 22.04 -51.66 22.72
CA ALA P 161 20.67 -51.38 23.14
C ALA P 161 20.09 -52.55 23.92
N ASN P 162 20.24 -53.76 23.39
CA ASN P 162 19.77 -54.94 24.09
C ASN P 162 20.64 -55.29 25.29
N ASP P 163 21.90 -54.87 25.30
CA ASP P 163 22.71 -55.03 26.51
C ASP P 163 22.26 -54.08 27.61
N ILE P 164 21.86 -52.85 27.25
CA ILE P 164 21.30 -51.91 28.22
C ILE P 164 19.97 -52.45 28.75
N ILE P 165 19.14 -53.01 27.86
CA ILE P 165 17.87 -53.60 28.28
C ILE P 165 18.11 -54.77 29.22
N GLY P 166 19.07 -55.63 28.88
CA GLY P 166 19.35 -56.79 29.69
C GLY P 166 18.28 -57.85 29.54
N MET P 167 17.82 -58.41 30.66
CA MET P 167 16.69 -59.33 30.63
C MET P 167 15.44 -58.64 30.12
N GLY P 168 15.18 -57.42 30.59
CA GLY P 168 14.04 -56.66 30.14
C GLY P 168 13.00 -56.50 31.22
N SER P 169 11.73 -56.44 30.83
CA SER P 169 10.63 -56.40 31.79
C SER P 169 10.09 -57.80 32.08
N TRP P 170 10.97 -58.74 32.41
CA TRP P 170 10.52 -60.08 32.76
C TRP P 170 9.91 -60.06 34.16
N ARG P 171 8.83 -60.83 34.34
CA ARG P 171 8.18 -60.87 35.64
C ARG P 171 9.01 -61.59 36.68
N LEU P 172 9.85 -62.54 36.25
CA LEU P 172 10.71 -63.30 37.15
C LEU P 172 12.19 -63.02 36.89
N LYS P 173 12.52 -61.79 36.52
CA LYS P 173 13.90 -61.45 36.19
C LYS P 173 14.80 -61.37 37.41
N ASP P 174 14.24 -61.32 38.62
CA ASP P 174 15.05 -61.17 39.82
C ASP P 174 15.40 -62.50 40.48
N ASP P 175 14.58 -63.53 40.27
CA ASP P 175 14.83 -64.83 40.87
C ASP P 175 15.70 -65.74 40.01
N VAL P 176 16.01 -65.34 38.78
CA VAL P 176 16.73 -66.22 37.87
C VAL P 176 18.23 -66.14 38.12
N ASP P 177 18.94 -67.14 37.63
CA ASP P 177 20.39 -67.19 37.74
C ASP P 177 21.02 -66.16 36.79
N PRO P 178 22.20 -65.64 37.14
CA PRO P 178 22.91 -64.75 36.19
C PRO P 178 23.23 -65.38 34.85
N VAL P 179 23.55 -66.68 34.81
CA VAL P 179 23.83 -67.35 33.53
C VAL P 179 22.59 -67.40 32.66
N ILE P 180 21.45 -67.77 33.26
CA ILE P 180 20.19 -67.82 32.52
C ILE P 180 19.78 -66.42 32.07
N GLU P 181 20.00 -65.41 32.92
CA GLU P 181 19.66 -64.04 32.55
C GLU P 181 20.52 -63.55 31.39
N PHE P 182 21.83 -63.85 31.42
CA PHE P 182 22.71 -63.46 30.32
C PHE P 182 22.31 -64.16 29.02
N LEU P 183 21.98 -65.45 29.09
CA LEU P 183 21.59 -66.18 27.90
C LEU P 183 20.27 -65.66 27.34
N VAL P 184 19.29 -65.39 28.20
CA VAL P 184 18.01 -64.86 27.73
C VAL P 184 18.18 -63.49 27.10
N ALA P 185 18.99 -62.64 27.73
CA ALA P 185 19.28 -61.31 27.19
C ALA P 185 19.93 -61.41 25.81
N ARG P 186 20.91 -62.32 25.67
CA ARG P 186 21.62 -62.46 24.40
C ARG P 186 20.70 -62.97 23.30
N LEU P 187 19.90 -64.01 23.59
CA LEU P 187 19.05 -64.58 22.54
C LEU P 187 17.90 -63.65 22.17
N GLU P 188 17.29 -63.00 23.17
CA GLU P 188 16.22 -62.04 22.88
C GLU P 188 16.76 -60.83 22.13
N GLY P 189 17.98 -60.38 22.47
CA GLY P 189 18.58 -59.29 21.73
C GLY P 189 18.91 -59.67 20.30
N CYS P 190 19.37 -60.91 20.09
CA CYS P 190 19.60 -61.39 18.73
C CYS P 190 18.31 -61.42 17.93
N TRP P 191 17.21 -61.86 18.56
CA TRP P 191 15.91 -61.82 17.89
C TRP P 191 15.51 -60.39 17.52
N ARG P 192 15.52 -59.49 18.50
CA ARG P 192 15.03 -58.14 18.30
C ARG P 192 15.96 -57.31 17.41
N GLU P 193 17.20 -57.74 17.22
CA GLU P 193 18.13 -57.03 16.34
C GLU P 193 18.15 -57.59 14.93
N ILE P 194 18.36 -58.91 14.78
CA ILE P 194 18.44 -59.50 13.44
C ILE P 194 17.07 -59.52 12.78
N LEU P 195 16.03 -59.88 13.53
CA LEU P 195 14.70 -60.04 12.97
C LEU P 195 13.83 -58.80 13.15
N ASP P 196 14.45 -57.62 13.17
CA ASP P 196 13.70 -56.38 13.26
C ASP P 196 12.88 -56.16 11.98
N THR P 197 11.81 -55.37 12.13
CA THR P 197 10.80 -55.01 11.13
C THR P 197 9.95 -56.19 10.67
N ASP P 198 10.17 -57.41 11.19
CA ASP P 198 9.27 -58.51 10.92
C ASP P 198 8.98 -59.35 12.16
N LEU P 199 9.55 -59.01 13.31
CA LEU P 199 9.30 -59.74 14.55
C LEU P 199 7.96 -59.30 15.13
N CYS P 200 6.98 -60.19 15.13
CA CYS P 200 5.69 -59.92 15.74
C CYS P 200 5.59 -60.66 17.06
N LEU P 201 4.70 -60.19 17.92
CA LEU P 201 4.33 -60.98 19.08
C LEU P 201 3.34 -62.04 18.67
N TYR P 202 3.51 -63.25 19.22
CA TYR P 202 2.61 -64.35 18.91
C TYR P 202 1.18 -64.00 19.32
N PRO P 203 0.18 -64.48 18.57
CA PRO P 203 -1.22 -64.14 18.88
C PRO P 203 -1.60 -64.52 20.31
N ARG P 204 -2.16 -63.55 21.03
CA ARG P 204 -2.41 -63.69 22.46
C ARG P 204 -3.48 -64.74 22.75
N GLU P 205 -4.39 -65.00 21.81
CA GLU P 205 -5.41 -66.02 22.00
C GLU P 205 -4.84 -67.44 22.02
N LYS P 206 -3.59 -67.63 21.60
CA LYS P 206 -2.98 -68.94 21.60
C LYS P 206 -2.23 -69.25 22.88
N TRP P 207 -1.55 -68.26 23.48
CA TRP P 207 -0.74 -68.54 24.66
C TRP P 207 -1.01 -67.58 25.81
N LYS P 208 -1.34 -66.33 25.51
CA LYS P 208 -1.47 -65.32 26.56
C LYS P 208 -2.87 -65.21 27.13
N GLU P 209 -3.90 -65.43 26.32
CA GLU P 209 -5.26 -65.38 26.82
C GLU P 209 -5.59 -66.57 27.71
N GLN P 210 -4.82 -67.65 27.61
CA GLN P 210 -4.94 -68.78 28.51
C GLN P 210 -4.06 -68.64 29.75
N GLY P 211 -3.35 -67.53 29.87
CA GLY P 211 -2.53 -67.30 31.04
C GLY P 211 -1.24 -68.09 31.11
N TRP P 212 -0.71 -68.55 29.97
CA TRP P 212 0.51 -69.33 29.96
C TRP P 212 1.77 -68.49 29.84
N ASP P 213 1.63 -67.16 29.80
CA ASP P 213 2.81 -66.30 29.79
C ASP P 213 3.54 -66.33 31.12
N LEU P 214 2.82 -66.63 32.20
CA LEU P 214 3.43 -66.67 33.54
C LEU P 214 2.55 -67.57 34.40
N VAL P 215 2.99 -68.81 34.62
CA VAL P 215 2.24 -69.79 35.38
C VAL P 215 2.97 -70.09 36.69
N ASP P 216 2.19 -70.23 37.75
CA ASP P 216 2.68 -70.49 39.09
C ASP P 216 2.03 -71.76 39.63
N SER P 217 2.81 -72.58 40.34
CA SER P 217 2.33 -73.89 40.79
C SER P 217 1.22 -73.75 41.83
N MET P 218 1.34 -72.79 42.73
CA MET P 218 0.35 -72.62 43.78
C MET P 218 -0.91 -71.91 43.28
N ASP P 219 -0.87 -71.30 42.11
CA ASP P 219 -2.03 -70.62 41.52
C ASP P 219 -2.20 -71.13 40.09
N PRO P 220 -2.75 -72.35 39.92
CA PRO P 220 -2.94 -72.87 38.57
C PRO P 220 -4.15 -72.32 37.86
N HIS P 221 -5.11 -71.73 38.59
CA HIS P 221 -6.36 -71.25 38.02
C HIS P 221 -6.36 -69.76 37.78
N GLN P 222 -5.21 -69.08 37.97
CA GLN P 222 -5.05 -67.65 37.76
C GLN P 222 -6.04 -66.83 38.58
N GLU P 223 -6.23 -67.23 39.85
CA GLU P 223 -7.14 -66.51 40.74
C GLU P 223 -6.56 -65.19 41.23
N LEU P 224 -5.26 -64.95 41.04
CA LEU P 224 -4.61 -63.73 41.49
C LEU P 224 -4.22 -62.81 40.33
N GLU P 225 -4.81 -63.05 39.15
CA GLU P 225 -4.59 -62.23 37.95
C GLU P 225 -3.11 -62.17 37.54
N GLY P 226 -2.42 -63.30 37.69
CA GLY P 226 -1.02 -63.37 37.31
C GLY P 226 -0.06 -62.70 38.26
N PHE P 227 -0.51 -62.32 39.46
CA PHE P 227 0.33 -61.69 40.46
C PHE P 227 0.72 -62.64 41.59
N SER P 228 0.62 -63.95 41.35
CA SER P 228 0.89 -64.93 42.39
C SER P 228 2.37 -64.98 42.77
N TYR P 229 3.26 -64.62 41.82
CA TYR P 229 4.69 -64.73 42.04
C TYR P 229 5.17 -63.83 43.17
N ALA P 230 4.49 -62.71 43.41
CA ALA P 230 4.77 -61.86 44.55
C ALA P 230 3.64 -61.85 45.58
N ASP P 231 2.44 -62.30 45.21
CA ASP P 231 1.34 -62.35 46.14
C ASP P 231 1.40 -63.55 47.08
N ILE P 232 2.07 -64.63 46.68
CA ILE P 232 2.10 -65.85 47.46
C ILE P 232 3.54 -66.11 47.90
N PRO P 233 3.81 -66.29 49.19
CA PRO P 233 5.16 -66.65 49.61
C PRO P 233 5.51 -68.07 49.20
N ASP P 234 6.81 -68.32 49.09
CA ASP P 234 7.28 -69.64 48.68
C ASP P 234 6.92 -70.69 49.73
N PRO P 235 6.54 -71.90 49.32
CA PRO P 235 6.12 -72.93 50.27
C PRO P 235 7.21 -73.30 51.27
N ALA P 236 6.77 -73.67 52.46
CA ALA P 236 7.68 -74.27 53.43
C ALA P 236 8.03 -75.68 52.99
N LYS P 237 9.15 -76.19 53.54
CA LYS P 237 9.61 -77.53 53.24
C LYS P 237 8.59 -78.56 53.71
N GLY P 238 8.25 -79.50 52.83
CA GLY P 238 7.27 -80.52 53.14
C GLY P 238 5.83 -80.08 52.92
N GLU P 239 5.50 -78.87 53.36
CA GLU P 239 4.19 -78.24 53.19
C GLU P 239 3.74 -78.31 51.73
N ALA P 240 2.45 -78.60 51.54
CA ALA P 240 1.86 -78.78 50.23
C ALA P 240 2.12 -77.58 49.32
N GLY P 241 2.48 -77.87 48.07
CA GLY P 241 2.96 -76.90 47.13
C GLY P 241 4.48 -76.95 46.92
N TYR P 242 5.21 -77.47 47.90
CA TYR P 242 6.65 -77.56 47.78
C TYR P 242 7.05 -78.71 46.84
N PRO P 243 8.01 -78.49 45.94
CA PRO P 243 8.65 -77.20 45.58
C PRO P 243 7.78 -76.42 44.60
N ARG P 244 7.79 -75.09 44.67
CA ARG P 244 6.99 -74.28 43.77
C ARG P 244 7.67 -74.14 42.42
N LEU P 245 6.90 -74.33 41.35
CA LEU P 245 7.41 -74.21 39.99
C LEU P 245 6.77 -73.00 39.31
N GLN P 246 7.60 -72.13 38.76
CA GLN P 246 7.12 -70.94 38.05
C GLN P 246 7.72 -70.90 36.66
N LEU P 247 6.87 -70.76 35.64
CA LEU P 247 7.32 -70.75 34.25
C LEU P 247 6.88 -69.47 33.58
N GLU P 248 7.84 -68.74 33.02
CA GLU P 248 7.55 -67.57 32.19
C GLU P 248 7.92 -67.87 30.74
N ASN P 249 7.01 -67.55 29.83
CA ASN P 249 7.19 -67.83 28.41
C ASN P 249 7.15 -66.55 27.60
N ARG P 250 7.93 -66.54 26.52
CA ARG P 250 7.94 -65.46 25.54
C ARG P 250 7.92 -66.10 24.17
N VAL P 251 6.83 -65.93 23.44
CA VAL P 251 6.65 -66.51 22.11
C VAL P 251 6.53 -65.40 21.10
N TYR P 252 7.33 -65.47 20.04
CA TYR P 252 7.36 -64.48 18.97
C TYR P 252 7.12 -65.16 17.63
N CYS P 253 6.86 -64.36 16.61
CA CYS P 253 6.76 -64.85 15.24
C CYS P 253 7.65 -63.96 14.40
N SER P 254 7.92 -64.39 13.16
CA SER P 254 8.71 -63.59 12.24
C SER P 254 8.32 -63.97 10.81
N LYS P 255 9.06 -63.44 9.84
CA LYS P 255 8.78 -63.77 8.43
C LYS P 255 9.17 -65.21 8.12
N VAL P 256 10.35 -65.64 8.58
CA VAL P 256 10.84 -66.98 8.30
C VAL P 256 10.58 -67.95 9.43
N PHE P 257 10.17 -67.47 10.60
CA PHE P 257 10.00 -68.31 11.78
C PHE P 257 8.56 -68.24 12.28
N ARG P 258 7.95 -69.41 12.44
CA ARG P 258 6.57 -69.48 12.90
C ARG P 258 6.45 -69.39 14.42
N LYS P 259 7.51 -69.73 15.16
CA LYS P 259 7.48 -69.66 16.62
C LYS P 259 8.89 -69.56 17.14
N LEU P 260 9.20 -68.46 17.81
CA LEU P 260 10.45 -68.29 18.55
C LEU P 260 10.10 -68.26 20.02
N HIS P 261 10.42 -69.35 20.74
CA HIS P 261 9.89 -69.59 22.07
C HIS P 261 11.03 -69.64 23.08
N VAL P 262 10.93 -68.81 24.11
CA VAL P 262 11.83 -68.85 25.26
C VAL P 262 10.99 -69.20 26.48
N GLU P 263 11.40 -70.23 27.21
CA GLU P 263 10.72 -70.65 28.42
C GLU P 263 11.74 -70.68 29.56
N VAL P 264 11.43 -69.99 30.65
CA VAL P 264 12.26 -69.98 31.84
C VAL P 264 11.46 -70.58 32.99
N GLY P 265 11.96 -71.66 33.55
CA GLY P 265 11.30 -72.35 34.65
C GLY P 265 12.17 -72.34 35.89
N LEU P 266 11.54 -72.09 37.03
CA LEU P 266 12.22 -72.00 38.30
C LEU P 266 11.54 -72.91 39.32
N ARG P 267 12.35 -73.45 40.23
CA ARG P 267 11.85 -74.29 41.30
C ARG P 267 12.63 -73.98 42.57
N GLN P 268 12.04 -74.38 43.71
CA GLN P 268 12.60 -74.03 45.01
C GLN P 268 13.88 -74.78 45.34
N ASP P 269 14.10 -75.94 44.75
CA ASP P 269 15.27 -76.75 45.05
C ASP P 269 16.50 -76.31 44.26
N GLY P 270 16.53 -75.07 43.79
CA GLY P 270 17.67 -74.54 43.07
C GLY P 270 17.72 -74.90 41.61
N LEU P 271 16.70 -75.55 41.09
CA LEU P 271 16.74 -75.99 39.71
C LEU P 271 16.15 -74.88 38.84
N GLN P 272 16.87 -74.52 37.79
CA GLN P 272 16.38 -73.57 36.80
C GLN P 272 16.58 -74.14 35.40
N VAL P 273 15.61 -73.88 34.52
CA VAL P 273 15.60 -74.46 33.18
C VAL P 273 15.34 -73.35 32.17
N LEU P 274 16.21 -73.26 31.16
CA LEU P 274 16.02 -72.38 30.01
C LEU P 274 15.79 -73.25 28.78
N HIS P 275 14.73 -72.95 28.03
CA HIS P 275 14.33 -73.74 26.86
C HIS P 275 14.03 -72.78 25.72
N VAL P 276 14.94 -72.70 24.75
CA VAL P 276 14.83 -71.77 23.64
C VAL P 276 14.75 -72.57 22.35
N VAL P 277 13.63 -72.46 21.64
CA VAL P 277 13.44 -73.18 20.39
C VAL P 277 12.94 -72.22 19.33
N VAL P 278 13.61 -72.21 18.17
CA VAL P 278 13.23 -71.41 17.03
C VAL P 278 12.77 -72.35 15.92
N TYR P 279 11.53 -72.15 15.46
CA TYR P 279 10.88 -72.99 14.48
C TYR P 279 10.78 -72.27 13.15
N PRO P 280 11.38 -72.78 12.07
CA PRO P 280 11.04 -72.26 10.74
C PRO P 280 9.63 -72.69 10.32
N ARG P 281 9.08 -71.94 9.37
CA ARG P 281 7.75 -72.25 8.85
C ARG P 281 7.79 -73.53 8.01
N TYR P 282 6.60 -73.97 7.60
CA TYR P 282 6.51 -75.13 6.72
C TYR P 282 6.57 -74.71 5.25
N SER P 283 7.54 -73.86 4.94
CA SER P 283 7.87 -73.53 3.57
C SER P 283 9.37 -73.36 3.37
N TYR P 284 10.18 -73.60 4.39
CA TYR P 284 11.62 -73.38 4.34
C TYR P 284 12.33 -74.69 4.66
N ASP P 285 13.39 -74.97 3.92
CA ASP P 285 14.24 -76.13 4.19
C ASP P 285 15.29 -75.74 5.23
N MET P 286 14.81 -75.49 6.44
CA MET P 286 15.61 -74.89 7.49
C MET P 286 15.51 -75.70 8.78
N PRO P 287 16.64 -75.93 9.45
CA PRO P 287 16.60 -76.69 10.70
C PRO P 287 16.00 -75.88 11.85
N ILE P 288 15.56 -76.62 12.87
CA ILE P 288 14.97 -76.04 14.06
C ILE P 288 16.07 -75.79 15.08
N PHE P 289 16.18 -74.57 15.57
CA PHE P 289 17.21 -74.26 16.55
C PHE P 289 16.73 -74.63 17.94
N GLY P 290 17.58 -75.30 18.72
CA GLY P 290 17.22 -75.70 20.06
C GLY P 290 18.29 -75.48 21.09
N MET P 291 17.89 -75.09 22.30
CA MET P 291 18.82 -74.91 23.40
C MET P 291 18.09 -75.23 24.70
N ASP P 292 18.76 -75.98 25.57
CA ASP P 292 18.22 -76.34 26.88
C ASP P 292 19.35 -76.24 27.90
N ILE P 293 19.17 -75.37 28.89
CA ILE P 293 20.13 -75.16 29.96
C ILE P 293 19.45 -75.55 31.26
N VAL P 294 19.88 -76.65 31.87
CA VAL P 294 19.32 -77.15 33.11
C VAL P 294 20.40 -77.03 34.18
N MET P 295 20.11 -76.29 35.24
CA MET P 295 21.06 -76.10 36.33
C MET P 295 20.39 -76.44 37.66
N VAL P 296 21.21 -76.97 38.57
CA VAL P 296 20.76 -77.33 39.91
C VAL P 296 21.57 -76.53 40.91
N ASP P 297 20.89 -75.70 41.71
CA ASP P 297 21.47 -74.92 42.80
C ASP P 297 22.60 -74.01 42.33
N GLY P 298 22.42 -73.42 41.15
CA GLY P 298 23.39 -72.49 40.61
C GLY P 298 24.53 -73.11 39.84
N ARG P 299 24.61 -74.44 39.80
CA ARG P 299 25.64 -75.14 39.03
C ARG P 299 24.98 -75.77 37.80
N VAL P 300 25.57 -75.52 36.64
CA VAL P 300 24.98 -76.01 35.39
C VAL P 300 25.23 -77.50 35.28
N THR P 301 24.16 -78.27 35.12
CA THR P 301 24.26 -79.72 35.02
C THR P 301 24.08 -80.23 33.59
N LEU P 302 23.28 -79.55 32.78
CA LEU P 302 23.08 -79.93 31.39
C LEU P 302 23.04 -78.67 30.52
N ALA P 303 23.70 -78.72 29.37
CA ALA P 303 23.74 -77.58 28.47
C ALA P 303 23.76 -78.12 27.05
N VAL P 304 22.63 -77.96 26.35
CA VAL P 304 22.46 -78.50 25.01
C VAL P 304 22.17 -77.36 24.05
N VAL P 305 22.93 -77.30 22.96
CA VAL P 305 22.63 -76.41 21.85
C VAL P 305 22.75 -77.20 20.56
N ASP P 306 21.79 -76.99 19.64
CA ASP P 306 21.71 -77.82 18.45
C ASP P 306 20.96 -77.07 17.36
N CYS P 307 21.30 -77.39 16.12
CA CYS P 307 20.48 -77.08 14.95
C CYS P 307 19.92 -78.42 14.48
N CYS P 308 18.77 -78.78 15.05
CA CYS P 308 18.17 -80.09 14.76
C CYS P 308 17.64 -80.11 13.33
N PRO P 309 18.05 -81.08 12.52
CA PRO P 309 17.62 -81.12 11.12
C PRO P 309 16.15 -81.50 10.97
N VAL P 310 15.63 -81.24 9.78
CA VAL P 310 14.25 -81.55 9.43
C VAL P 310 14.16 -82.51 8.25
N ARG P 311 15.28 -82.90 7.66
CA ARG P 311 15.27 -83.77 6.49
C ARG P 311 15.08 -85.22 6.92
N ALA P 312 14.90 -86.09 5.92
CA ALA P 312 14.68 -87.51 6.18
C ALA P 312 15.95 -88.23 6.59
N ASP P 313 17.11 -87.81 6.08
CA ASP P 313 18.37 -88.48 6.35
C ASP P 313 19.10 -87.92 7.58
N LEU P 314 18.44 -87.02 8.33
CA LEU P 314 18.95 -86.47 9.60
C LEU P 314 20.28 -85.74 9.40
N LYS P 315 20.43 -85.06 8.27
CA LYS P 315 21.64 -84.31 7.97
C LYS P 315 21.28 -82.88 7.61
N LEU P 316 22.21 -81.97 7.86
CA LEU P 316 21.99 -80.56 7.62
C LEU P 316 22.55 -80.17 6.26
N GLN P 317 22.32 -78.91 5.89
CA GLN P 317 22.90 -78.37 4.68
C GLN P 317 24.39 -78.12 4.89
N PRO P 318 25.17 -78.08 3.79
CA PRO P 318 26.61 -77.81 3.92
C PRO P 318 26.95 -76.50 4.60
N HIS P 319 26.12 -75.45 4.43
CA HIS P 319 26.42 -74.20 5.13
C HIS P 319 26.24 -74.35 6.63
N TYR P 320 25.21 -75.08 7.06
CA TYR P 320 25.01 -75.33 8.48
C TYR P 320 26.14 -76.17 9.06
N MET P 321 26.56 -77.23 8.35
CA MET P 321 27.67 -78.05 8.83
C MET P 321 28.97 -77.26 8.93
N GLU P 322 29.27 -76.46 7.89
CA GLU P 322 30.49 -75.66 7.90
C GLU P 322 30.46 -74.62 9.00
N THR P 323 29.32 -73.94 9.19
CA THR P 323 29.21 -72.92 10.23
C THR P 323 29.33 -73.53 11.62
N MET P 324 28.68 -74.67 11.87
CA MET P 324 28.75 -75.31 13.17
C MET P 324 30.17 -75.80 13.48
N ALA P 325 30.84 -76.41 12.49
CA ALA P 325 32.21 -76.86 12.70
C ALA P 325 33.16 -75.70 12.93
N LEU P 326 33.00 -74.61 12.16
CA LEU P 326 33.85 -73.44 12.32
C LEU P 326 33.65 -72.78 13.67
N LEU P 327 32.40 -72.69 14.14
CA LEU P 327 32.13 -72.08 15.44
C LEU P 327 32.62 -72.95 16.58
N GLN P 328 32.51 -74.28 16.44
CA GLN P 328 33.06 -75.18 17.45
C GLN P 328 34.57 -75.05 17.53
N ARG P 329 35.24 -74.98 16.37
CA ARG P 329 36.69 -74.77 16.36
C ARG P 329 37.07 -73.40 16.94
N THR P 330 36.25 -72.39 16.69
CA THR P 330 36.57 -71.04 17.14
C THR P 330 36.41 -70.90 18.65
N PHE P 331 35.32 -71.42 19.21
CA PHE P 331 34.96 -71.12 20.59
C PHE P 331 35.17 -72.27 21.57
N LEU P 332 34.98 -73.53 21.15
CA LEU P 332 35.21 -74.63 22.07
C LEU P 332 36.69 -74.80 22.36
N GLU P 333 37.53 -74.68 21.33
CA GLU P 333 38.98 -74.69 21.42
C GLU P 333 39.53 -75.96 22.04
N GLY P 334 39.51 -76.04 23.37
CA GLY P 334 40.05 -77.20 24.06
C GLY P 334 39.01 -78.25 24.40
N THR P 335 39.00 -78.68 25.67
CA THR P 335 38.08 -79.67 26.24
C THR P 335 38.17 -81.04 25.56
N ASP P 336 37.37 -82.00 26.05
CA ASP P 336 37.36 -83.31 25.44
C ASP P 336 36.59 -83.27 24.11
N PRO P 337 37.02 -84.02 23.10
CA PRO P 337 36.43 -83.86 21.76
C PRO P 337 35.06 -84.49 21.59
N ALA P 338 34.72 -85.54 22.33
CA ALA P 338 33.44 -86.21 22.08
C ALA P 338 32.29 -85.47 22.76
N LEU P 339 32.26 -85.49 24.10
CA LEU P 339 31.32 -84.75 24.95
C LEU P 339 29.87 -84.92 24.51
N ARG P 340 29.48 -86.17 24.24
CA ARG P 340 28.14 -86.48 23.74
C ARG P 340 27.72 -87.82 24.34
N ARG P 341 26.88 -87.76 25.38
CA ARG P 341 26.41 -88.99 25.98
C ARG P 341 25.35 -89.68 25.13
N ILE P 342 24.58 -88.91 24.36
CA ILE P 342 23.45 -89.37 23.53
C ILE P 342 22.50 -90.20 24.38
N PRO P 343 21.69 -89.58 25.26
CA PRO P 343 20.89 -90.32 26.24
C PRO P 343 19.60 -90.96 25.69
N GLU P 344 19.74 -91.65 24.55
CA GLU P 344 18.75 -92.53 23.92
C GLU P 344 17.50 -91.80 23.40
N TRP P 345 17.39 -90.48 23.57
CA TRP P 345 16.27 -89.74 23.00
C TRP P 345 16.67 -88.69 21.98
N GLY P 346 17.90 -88.18 22.03
CA GLY P 346 18.34 -87.22 21.06
C GLY P 346 18.76 -87.79 19.73
N SER P 347 18.95 -89.12 19.65
CA SER P 347 19.50 -89.75 18.45
C SER P 347 18.58 -89.63 17.24
N LYS P 348 17.31 -89.34 17.44
CA LYS P 348 16.39 -89.13 16.33
C LYS P 348 16.30 -87.67 15.90
N ILE P 349 16.92 -86.74 16.63
CA ILE P 349 16.75 -85.32 16.30
C ILE P 349 18.08 -84.57 16.28
N PHE P 350 19.13 -85.15 16.84
CA PHE P 350 20.39 -84.42 16.99
C PHE P 350 21.16 -84.39 15.67
N SER P 351 21.75 -83.23 15.39
CA SER P 351 22.65 -83.09 14.26
C SER P 351 23.97 -83.79 14.56
N PRO P 352 24.76 -84.11 13.52
CA PRO P 352 26.10 -84.67 13.78
C PRO P 352 27.03 -83.76 14.56
N LEU P 353 26.81 -82.44 14.51
CA LEU P 353 27.61 -81.49 15.28
C LEU P 353 26.85 -80.90 16.45
N ALA P 354 25.84 -81.61 16.94
CA ALA P 354 25.06 -81.13 18.09
C ALA P 354 25.90 -81.16 19.35
N LEU P 355 25.68 -80.18 20.23
CA LEU P 355 26.43 -80.07 21.47
C LEU P 355 25.50 -80.36 22.64
N CYS P 356 25.90 -81.31 23.48
CA CYS P 356 25.15 -81.65 24.70
C CYS P 356 26.20 -81.97 25.76
N ILE P 357 26.48 -81.00 26.63
CA ILE P 357 27.56 -81.11 27.59
C ILE P 357 26.99 -81.07 29.01
N THR P 358 27.81 -81.53 29.95
CA THR P 358 27.63 -81.24 31.36
C THR P 358 28.79 -80.35 31.77
N PRO P 359 28.57 -79.05 31.96
CA PRO P 359 29.69 -78.12 32.16
C PRO P 359 30.39 -78.35 33.49
N SER P 360 31.71 -78.50 33.42
CA SER P 360 32.56 -78.72 34.59
C SER P 360 33.63 -77.63 34.56
N GLY P 361 33.31 -76.47 35.13
CA GLY P 361 34.24 -75.36 35.16
C GLY P 361 33.67 -74.10 34.55
N PRO P 362 34.01 -72.96 35.16
CA PRO P 362 33.59 -71.67 34.58
C PRO P 362 34.15 -71.42 33.20
N GLU P 363 35.35 -71.92 32.91
CA GLU P 363 35.93 -71.76 31.57
C GLU P 363 35.12 -72.52 30.53
N GLU P 364 34.72 -73.76 30.83
CA GLU P 364 33.91 -74.54 29.90
C GLU P 364 32.51 -73.94 29.76
N LEU P 365 31.95 -73.43 30.86
CA LEU P 365 30.65 -72.77 30.80
C LEU P 365 30.71 -71.51 29.94
N ALA P 366 31.78 -70.72 30.09
CA ALA P 366 31.95 -69.52 29.28
C ALA P 366 32.13 -69.86 27.81
N ALA P 367 32.91 -70.91 27.52
CA ALA P 367 33.10 -71.34 26.13
C ALA P 367 31.79 -71.80 25.53
N PHE P 368 30.97 -72.55 26.29
CA PHE P 368 29.67 -72.98 25.79
C PHE P 368 28.75 -71.78 25.55
N ALA P 369 28.74 -70.81 26.46
CA ALA P 369 27.88 -69.65 26.29
C ALA P 369 28.27 -68.84 25.06
N LYS P 370 29.58 -68.64 24.86
CA LYS P 370 30.06 -67.96 23.65
C LYS P 370 29.66 -68.72 22.39
N TYR P 371 29.84 -70.04 22.39
CA TYR P 371 29.52 -70.84 21.21
C TYR P 371 28.03 -70.81 20.91
N ALA P 372 27.23 -70.83 21.94
CA ALA P 372 25.80 -70.87 21.76
C ALA P 372 25.26 -69.52 21.25
N VAL P 373 25.75 -68.42 21.82
CA VAL P 373 25.36 -67.10 21.33
C VAL P 373 25.81 -66.91 19.88
N ALA P 374 27.04 -67.34 19.57
CA ALA P 374 27.55 -67.22 18.20
C ALA P 374 26.76 -68.08 17.22
N LEU P 375 26.39 -69.30 17.62
CA LEU P 375 25.62 -70.17 16.74
C LEU P 375 24.22 -69.63 16.52
N HIS P 376 23.61 -69.07 17.56
CA HIS P 376 22.29 -68.45 17.39
C HIS P 376 22.36 -67.24 16.47
N ARG P 377 23.40 -66.42 16.61
CA ARG P 377 23.55 -65.26 15.73
C ARG P 377 23.79 -65.69 14.29
N ALA P 378 24.59 -66.74 14.08
CA ALA P 378 24.82 -67.25 12.72
C ALA P 378 23.53 -67.81 12.13
N TYR P 379 22.75 -68.54 12.93
CA TYR P 379 21.47 -69.08 12.46
C TYR P 379 20.52 -67.96 12.05
N LEU P 380 20.41 -66.92 12.87
CA LEU P 380 19.53 -65.80 12.55
C LEU P 380 20.04 -64.99 11.36
N THR P 381 21.36 -64.88 11.20
CA THR P 381 21.92 -64.17 10.07
C THR P 381 21.68 -64.92 8.76
N MET P 382 21.83 -66.25 8.78
CA MET P 382 21.46 -67.05 7.62
C MET P 382 19.96 -67.14 7.41
N SER P 383 19.14 -66.73 8.39
CA SER P 383 17.71 -66.66 8.16
C SER P 383 17.31 -65.49 7.27
N LEU P 384 18.18 -64.50 7.07
CA LEU P 384 17.79 -63.30 6.35
C LEU P 384 17.59 -63.55 4.87
N ASN P 385 18.42 -64.40 4.27
CA ASN P 385 18.39 -64.65 2.83
C ASN P 385 17.63 -65.92 2.47
N ALA P 386 16.91 -66.52 3.41
CA ALA P 386 16.17 -67.74 3.14
C ALA P 386 14.97 -67.46 2.24
N VAL P 387 14.75 -68.34 1.28
CA VAL P 387 13.69 -68.22 0.29
C VAL P 387 12.68 -69.33 0.52
N PRO P 388 11.39 -69.04 0.63
CA PRO P 388 10.40 -70.10 0.85
C PRO P 388 10.26 -71.02 -0.35
N VAL P 389 9.86 -72.26 -0.07
CA VAL P 389 9.70 -73.30 -1.08
C VAL P 389 8.21 -73.39 -1.42
N VAL P 390 7.87 -73.15 -2.68
CA VAL P 390 6.49 -73.21 -3.15
C VAL P 390 6.35 -74.35 -4.13
N ALA P 391 5.14 -74.89 -4.22
CA ALA P 391 4.87 -76.07 -5.04
C ALA P 391 3.49 -75.94 -5.65
N GLY P 392 2.99 -77.04 -6.20
CA GLY P 392 1.70 -77.06 -6.85
C GLY P 392 1.81 -77.43 -8.31
N PRO P 393 1.50 -76.49 -9.19
CA PRO P 393 1.68 -76.73 -10.63
C PRO P 393 3.15 -76.71 -11.01
N GLY P 394 3.44 -77.33 -12.14
CA GLY P 394 4.80 -77.36 -12.67
C GLY P 394 5.63 -78.54 -12.22
N ASP P 395 6.02 -78.57 -10.96
CA ASP P 395 6.93 -79.60 -10.46
C ASP P 395 6.45 -80.10 -9.11
N ARG P 396 6.86 -81.33 -8.78
CA ARG P 396 6.43 -82.01 -7.57
C ARG P 396 7.56 -82.29 -6.58
N ARG P 397 8.82 -82.06 -6.96
CA ARG P 397 9.92 -82.23 -6.01
C ARG P 397 9.86 -81.18 -4.91
N GLU P 398 9.32 -80.00 -5.21
CA GLU P 398 9.08 -79.01 -4.17
C GLU P 398 8.00 -79.46 -3.20
N ALA P 399 6.96 -80.14 -3.71
CA ALA P 399 5.95 -80.71 -2.83
C ALA P 399 6.52 -81.82 -1.97
N ALA P 400 7.43 -82.63 -2.53
CA ALA P 400 8.12 -83.64 -1.74
C ALA P 400 8.99 -83.01 -0.65
N ARG P 401 9.65 -81.89 -0.99
CA ARG P 401 10.44 -81.16 0.00
C ARG P 401 9.57 -80.60 1.10
N LEU P 402 8.40 -80.07 0.75
CA LEU P 402 7.47 -79.54 1.76
C LEU P 402 6.95 -80.65 2.67
N GLN P 403 6.64 -81.82 2.09
CA GLN P 403 6.22 -82.95 2.92
C GLN P 403 7.35 -83.43 3.83
N GLU P 404 8.59 -83.39 3.33
CA GLU P 404 9.73 -83.74 4.16
C GLU P 404 9.92 -82.75 5.31
N ILE P 405 9.69 -81.46 5.03
CA ILE P 405 9.79 -80.44 6.07
C ILE P 405 8.74 -80.66 7.15
N GLN P 406 7.49 -80.91 6.72
CA GLN P 406 6.41 -81.16 7.67
C GLN P 406 6.66 -82.43 8.49
N ASP P 407 7.15 -83.48 7.84
CA ASP P 407 7.46 -84.71 8.56
C ASP P 407 8.59 -84.47 9.56
N GLY P 408 9.63 -83.74 9.17
CA GLY P 408 10.73 -83.51 10.09
C GLY P 408 10.32 -82.68 11.29
N GLN P 409 9.46 -81.68 11.06
CA GLN P 409 8.96 -80.89 12.19
C GLN P 409 8.06 -81.72 13.08
N LYS P 410 7.23 -82.58 12.50
CA LYS P 410 6.39 -83.47 13.31
C LYS P 410 7.24 -84.46 14.10
N ARG P 411 8.32 -84.97 13.50
CA ARG P 411 9.22 -85.88 14.19
C ARG P 411 9.92 -85.19 15.36
N PHE P 412 10.37 -83.95 15.16
CA PHE P 412 10.99 -83.19 16.24
C PHE P 412 9.99 -82.91 17.36
N CYS P 413 8.76 -82.53 17.02
CA CYS P 413 7.76 -82.27 18.03
C CYS P 413 7.38 -83.53 18.80
N ASP P 414 7.25 -84.66 18.12
CA ASP P 414 6.92 -85.91 18.79
C ASP P 414 8.06 -86.39 19.67
N ASN P 415 9.31 -86.23 19.21
CA ASN P 415 10.46 -86.62 20.01
C ASN P 415 10.59 -85.75 21.25
N GLN P 416 10.24 -84.47 21.14
CA GLN P 416 10.20 -83.61 22.32
C GLN P 416 8.96 -83.87 23.18
N LEU P 417 7.93 -84.51 22.63
CA LEU P 417 6.75 -84.84 23.42
C LEU P 417 6.90 -86.16 24.17
N VAL P 418 7.76 -87.06 23.69
CA VAL P 418 7.97 -88.35 24.36
C VAL P 418 9.11 -88.22 25.35
N ASN P 419 9.46 -86.98 25.68
CA ASN P 419 10.54 -86.60 26.59
C ASN P 419 10.12 -86.79 28.09
N LYS P 420 8.97 -87.43 28.34
CA LYS P 420 8.36 -87.50 29.66
C LYS P 420 9.13 -88.36 30.67
N LYS P 421 10.23 -89.00 30.29
CA LYS P 421 11.17 -89.60 31.24
C LYS P 421 12.20 -88.61 31.77
N THR P 422 11.97 -87.33 31.46
CA THR P 422 12.86 -86.19 31.64
C THR P 422 11.95 -85.01 31.88
N ARG P 423 12.34 -83.81 31.41
CA ARG P 423 11.84 -82.46 31.75
C ARG P 423 10.38 -82.39 32.18
N ARG P 424 9.51 -83.24 31.62
CA ARG P 424 8.12 -83.31 32.07
C ARG P 424 7.98 -83.65 33.55
N VAL P 425 9.03 -84.18 34.19
CA VAL P 425 8.99 -84.39 35.64
C VAL P 425 9.02 -83.08 36.42
N LEU P 426 9.49 -82.00 35.80
CA LEU P 426 9.38 -80.69 36.43
C LEU P 426 7.93 -80.23 36.46
N GLU P 427 7.15 -80.68 35.48
CA GLU P 427 5.70 -80.60 35.50
C GLU P 427 5.15 -81.71 36.39
N VAL P 428 3.86 -82.01 36.26
CA VAL P 428 3.03 -82.90 37.08
C VAL P 428 2.68 -82.21 38.40
N ALA P 429 3.62 -81.42 38.93
CA ALA P 429 3.29 -80.47 40.00
C ALA P 429 2.20 -79.50 39.56
N MET P 430 2.22 -79.08 38.31
CA MET P 430 1.08 -78.34 37.73
C MET P 430 0.16 -79.32 37.00
N GLY P 431 -0.24 -80.39 37.69
CA GLY P 431 -1.15 -81.36 37.12
C GLY P 431 -0.63 -82.18 35.95
N VAL P 432 -1.38 -83.21 35.56
CA VAL P 432 -1.03 -84.02 34.39
C VAL P 432 -1.82 -83.60 33.16
N GLU P 433 -3.12 -83.34 33.31
CA GLU P 433 -3.92 -82.87 32.19
C GLU P 433 -3.53 -81.46 31.78
N TRP P 434 -3.14 -80.61 32.74
CA TRP P 434 -2.62 -79.30 32.38
C TRP P 434 -1.25 -79.41 31.73
N THR P 435 -0.45 -80.39 32.15
CA THR P 435 0.82 -80.67 31.49
C THR P 435 0.60 -81.05 30.02
N GLU P 436 -0.39 -81.89 29.75
CA GLU P 436 -0.70 -82.24 28.37
C GLU P 436 -1.22 -81.03 27.59
N ALA P 437 -2.12 -80.25 28.19
CA ALA P 437 -2.68 -79.07 27.54
C ALA P 437 -1.66 -77.94 27.39
N TYR P 438 -0.52 -78.03 28.05
CA TYR P 438 0.57 -77.09 27.79
C TYR P 438 1.55 -77.63 26.76
N MET P 439 1.90 -78.91 26.87
CA MET P 439 2.89 -79.53 26.01
C MET P 439 2.42 -79.59 24.57
N SER P 440 1.16 -79.98 24.35
CA SER P 440 0.68 -80.12 22.99
C SER P 440 0.38 -78.76 22.34
N GLN P 441 -0.10 -77.79 23.11
CA GLN P 441 -0.58 -76.53 22.55
C GLN P 441 0.55 -75.55 22.37
N LEU P 442 1.36 -75.36 23.39
CA LEU P 442 2.51 -74.48 23.29
C LEU P 442 3.76 -75.30 22.99
N MET P 443 4.90 -74.61 22.92
CA MET P 443 6.21 -75.18 22.62
C MET P 443 6.22 -76.04 21.36
N PHE P 444 6.11 -77.35 21.52
CA PHE P 444 6.14 -78.27 20.37
C PHE P 444 4.71 -78.51 19.91
N ASP P 445 4.27 -77.71 18.94
CA ASP P 445 2.94 -77.83 18.35
C ASP P 445 3.09 -77.88 16.83
N PHE P 446 2.43 -78.85 16.21
CA PHE P 446 2.48 -79.06 14.77
C PHE P 446 1.07 -79.03 14.20
N ASP P 447 0.89 -78.33 13.09
CA ASP P 447 -0.40 -78.27 12.42
C ASP P 447 -0.22 -77.88 10.95
N PRO P 448 -0.79 -78.64 10.02
CA PRO P 448 -0.66 -78.28 8.61
C PRO P 448 -1.44 -77.03 8.23
N LYS P 449 -2.53 -76.73 8.93
CA LYS P 449 -3.46 -75.69 8.50
C LYS P 449 -3.26 -74.34 9.16
N TYR P 450 -2.51 -74.28 10.28
CA TYR P 450 -2.36 -73.04 11.03
C TYR P 450 -0.94 -72.52 10.87
N GLU P 451 -0.80 -71.43 10.11
CA GLU P 451 0.43 -70.67 10.04
C GLU P 451 0.19 -69.32 10.69
N PRO P 452 0.97 -68.94 11.70
CA PRO P 452 0.73 -67.67 12.40
C PRO P 452 0.96 -66.48 11.49
N PRO P 453 0.08 -65.48 11.54
CA PRO P 453 0.29 -64.29 10.73
C PRO P 453 1.46 -63.46 11.25
N TYR P 454 2.05 -62.69 10.35
CA TYR P 454 3.18 -61.84 10.68
C TYR P 454 3.00 -60.49 10.00
N PHE P 455 3.60 -59.47 10.59
CA PHE P 455 3.55 -58.11 10.05
C PHE P 455 4.98 -57.71 9.69
N ASP P 456 5.30 -57.80 8.40
CA ASP P 456 6.58 -57.32 7.89
C ASP P 456 6.40 -55.85 7.53
N ALA P 457 6.82 -54.97 8.44
CA ALA P 457 6.75 -53.54 8.17
C ALA P 457 7.68 -53.18 7.01
N SER P 458 9.00 -53.27 7.23
CA SER P 458 10.06 -53.00 6.27
C SER P 458 10.02 -51.59 5.68
N PHE P 459 9.18 -50.70 6.20
CA PHE P 459 9.17 -49.30 5.79
C PHE P 459 9.67 -48.37 6.88
N GLU P 460 9.83 -48.88 8.11
CA GLU P 460 10.51 -48.11 9.15
C GLU P 460 11.95 -47.83 8.76
N LYS P 461 12.56 -48.73 7.98
CA LYS P 461 13.87 -48.46 7.39
C LYS P 461 13.81 -47.24 6.48
N LEU P 462 12.76 -47.13 5.67
CA LEU P 462 12.60 -45.96 4.80
C LEU P 462 12.38 -44.69 5.60
N TYR P 463 11.57 -44.77 6.67
CA TYR P 463 11.30 -43.58 7.48
C TYR P 463 12.55 -43.12 8.22
N THR P 464 13.32 -44.07 8.78
CA THR P 464 14.57 -43.71 9.46
C THR P 464 15.60 -43.18 8.47
N TYR P 465 15.66 -43.76 7.28
CA TYR P 465 16.58 -43.27 6.26
C TYR P 465 16.25 -41.86 5.84
N PHE P 466 14.96 -41.54 5.68
CA PHE P 466 14.60 -40.19 5.27
C PHE P 466 14.56 -39.20 6.43
N ASP P 467 14.60 -39.68 7.66
CA ASP P 467 14.88 -38.78 8.77
C ASP P 467 16.37 -38.49 8.88
N GLU P 468 17.22 -39.45 8.52
CA GLU P 468 18.66 -39.19 8.52
C GLU P 468 19.08 -38.33 7.33
N ASN P 469 18.50 -38.57 6.15
CA ASN P 469 18.89 -37.89 4.92
C ASN P 469 17.64 -37.35 4.22
N PRO P 470 17.10 -36.23 4.70
CA PRO P 470 15.86 -35.71 4.13
C PRO P 470 16.10 -34.75 2.96
N SER P 471 15.00 -34.39 2.31
CA SER P 471 15.00 -33.36 1.27
C SER P 471 14.16 -32.19 1.76
N PHE P 472 14.67 -30.97 1.56
CA PHE P 472 14.12 -29.80 2.23
C PHE P 472 13.34 -28.87 1.31
N GLY P 473 13.28 -29.15 0.01
CA GLY P 473 12.45 -28.38 -0.90
C GLY P 473 13.23 -27.33 -1.68
N GLU P 474 12.55 -26.78 -2.69
CA GLU P 474 13.18 -25.84 -3.60
C GLU P 474 13.52 -24.52 -2.93
N MET P 475 12.66 -24.06 -2.01
CA MET P 475 12.93 -22.82 -1.31
C MET P 475 14.18 -22.94 -0.42
N ALA P 476 14.31 -24.07 0.27
CA ALA P 476 15.52 -24.30 1.06
C ALA P 476 16.74 -24.50 0.18
N ASP P 477 16.56 -25.06 -1.02
CA ASP P 477 17.67 -25.13 -1.98
C ASP P 477 18.12 -23.74 -2.40
N GLU P 478 17.18 -22.83 -2.65
CA GLU P 478 17.52 -21.45 -2.99
C GLU P 478 18.22 -20.75 -1.83
N ALA P 479 17.75 -20.97 -0.60
CA ALA P 479 18.38 -20.37 0.56
C ALA P 479 19.79 -20.91 0.76
N MET P 480 20.00 -22.21 0.54
CA MET P 480 21.34 -22.77 0.65
C MET P 480 22.24 -22.28 -0.48
N GLU P 481 21.68 -22.03 -1.66
CA GLU P 481 22.47 -21.43 -2.75
C GLU P 481 22.92 -20.03 -2.38
N LEU P 482 22.03 -19.24 -1.78
CA LEU P 482 22.39 -17.90 -1.32
C LEU P 482 23.47 -17.96 -0.24
N GLU P 483 23.34 -18.91 0.69
CA GLU P 483 24.33 -19.06 1.74
C GLU P 483 25.68 -19.49 1.19
N ARG P 484 25.69 -20.42 0.23
CA ARG P 484 26.94 -20.87 -0.38
C ARG P 484 27.61 -19.74 -1.16
N GLY P 485 26.82 -18.93 -1.87
CA GLY P 485 27.39 -17.77 -2.54
C GLY P 485 27.95 -16.75 -1.57
N ALA P 486 27.28 -16.57 -0.43
CA ALA P 486 27.79 -15.65 0.58
C ALA P 486 29.11 -16.13 1.17
N GLU P 487 29.20 -17.42 1.49
CA GLU P 487 30.46 -17.94 2.03
C GLU P 487 31.56 -17.94 0.98
N ALA P 488 31.22 -18.14 -0.29
CA ALA P 488 32.22 -18.06 -1.35
C ALA P 488 32.74 -16.65 -1.52
N GLU P 489 31.85 -15.65 -1.45
CA GLU P 489 32.28 -14.27 -1.60
C GLU P 489 32.87 -13.67 -0.33
N ARG P 490 32.70 -14.33 0.82
CA ARG P 490 33.24 -13.82 2.07
C ARG P 490 34.53 -14.54 2.49
N ALA P 491 34.51 -15.86 2.59
CA ALA P 491 35.69 -16.62 2.99
C ALA P 491 36.70 -16.71 1.86
N ALA Q 100 -73.67 -31.50 64.55
CA ALA Q 100 -73.46 -31.63 63.11
C ALA Q 100 -74.75 -31.33 62.35
N TRP Q 101 -75.82 -31.05 63.09
CA TRP Q 101 -77.11 -30.69 62.52
C TRP Q 101 -77.58 -29.33 63.03
N ARG Q 102 -76.65 -28.51 63.54
CA ARG Q 102 -76.89 -27.23 64.20
C ARG Q 102 -77.76 -27.41 65.44
N GLY Q 103 -79.07 -27.19 65.30
CA GLY Q 103 -79.97 -27.21 66.43
C GLY Q 103 -81.43 -27.22 66.03
N PRO Q 104 -81.90 -26.15 65.38
CA PRO Q 104 -83.29 -26.12 64.90
C PRO Q 104 -83.49 -27.05 63.71
N GLY Q 105 -83.82 -28.31 63.98
CA GLY Q 105 -83.94 -29.32 62.94
C GLY Q 105 -84.95 -28.99 61.85
N GLU Q 106 -85.95 -28.17 62.17
CA GLU Q 106 -86.87 -27.63 61.17
C GLU Q 106 -86.71 -26.12 61.14
N VAL Q 107 -86.44 -25.58 59.96
CA VAL Q 107 -86.23 -24.15 59.75
C VAL Q 107 -87.26 -23.65 58.76
N GLY Q 108 -87.97 -22.58 59.12
CA GLY Q 108 -88.91 -21.96 58.21
C GLY Q 108 -88.23 -21.27 57.05
N ASP Q 109 -89.01 -21.05 55.99
CA ASP Q 109 -88.48 -20.46 54.76
C ASP Q 109 -88.02 -19.02 54.97
N GLU Q 110 -88.72 -18.27 55.83
CA GLU Q 110 -88.31 -16.92 56.18
C GLU Q 110 -86.92 -16.91 56.81
N ASP Q 111 -86.71 -17.79 57.80
CA ASP Q 111 -85.41 -17.89 58.44
C ASP Q 111 -84.34 -18.37 57.47
N LYS Q 112 -84.69 -19.32 56.58
CA LYS Q 112 -83.74 -19.82 55.61
C LYS Q 112 -83.26 -18.72 54.66
N ALA Q 113 -84.19 -17.91 54.15
CA ALA Q 113 -83.78 -16.88 53.20
C ALA Q 113 -83.07 -15.71 53.89
N VAL Q 114 -83.49 -15.32 55.09
CA VAL Q 114 -82.77 -14.26 55.78
C VAL Q 114 -81.38 -14.74 56.19
N GLY Q 115 -81.23 -16.02 56.54
CA GLY Q 115 -79.91 -16.57 56.77
C GLY Q 115 -79.08 -16.64 55.50
N CYS Q 116 -79.71 -16.92 54.37
CA CYS Q 116 -78.99 -16.95 53.09
C CYS Q 116 -78.42 -15.57 52.74
N LEU Q 117 -79.20 -14.52 52.99
CA LEU Q 117 -78.68 -13.18 52.76
C LEU Q 117 -77.62 -12.81 53.79
N LEU Q 118 -77.86 -13.13 55.06
CA LEU Q 118 -76.97 -12.67 56.12
C LEU Q 118 -75.66 -13.43 56.16
N GLY Q 119 -75.64 -14.70 55.74
CA GLY Q 119 -74.39 -15.44 55.67
C GLY Q 119 -73.46 -14.87 54.60
N ALA Q 120 -74.03 -14.51 53.45
CA ALA Q 120 -73.26 -13.82 52.42
C ALA Q 120 -72.78 -12.46 52.93
N ALA Q 121 -73.63 -11.75 53.67
CA ALA Q 121 -73.25 -10.47 54.26
C ALA Q 121 -72.05 -10.61 55.20
N VAL Q 122 -72.14 -11.54 56.15
CA VAL Q 122 -71.08 -11.67 57.14
C VAL Q 122 -69.81 -12.23 56.52
N GLY Q 123 -69.94 -13.12 55.51
CA GLY Q 123 -68.76 -13.61 54.83
C GLY Q 123 -68.04 -12.52 54.05
N ASN Q 124 -68.79 -11.68 53.33
CA ASN Q 124 -68.17 -10.62 52.56
C ASN Q 124 -67.57 -9.55 53.47
N VAL Q 125 -68.22 -9.25 54.60
CA VAL Q 125 -67.65 -8.27 55.52
C VAL Q 125 -66.42 -8.84 56.22
N LEU Q 126 -66.46 -10.11 56.61
CA LEU Q 126 -65.37 -10.72 57.37
C LEU Q 126 -64.13 -10.91 56.50
N ALA Q 127 -64.31 -11.32 55.25
CA ALA Q 127 -63.18 -11.63 54.39
C ALA Q 127 -62.82 -10.49 53.44
N ALA Q 128 -63.35 -9.29 53.68
CA ALA Q 128 -63.06 -8.15 52.81
C ALA Q 128 -61.58 -7.74 52.76
N PRO Q 129 -60.84 -7.58 53.87
CA PRO Q 129 -59.44 -7.15 53.73
C PRO Q 129 -58.47 -8.23 53.27
N TYR Q 130 -58.94 -9.47 53.05
CA TYR Q 130 -58.06 -10.57 52.65
C TYR Q 130 -58.22 -10.94 51.19
N GLN Q 131 -58.69 -10.01 50.35
CA GLN Q 131 -58.79 -10.26 48.93
C GLN Q 131 -57.41 -10.18 48.29
N GLY Q 132 -57.03 -11.25 47.59
CA GLY Q 132 -55.74 -11.32 46.94
C GLY Q 132 -54.63 -11.89 47.78
N ASP Q 133 -54.80 -11.97 49.10
CA ASP Q 133 -53.80 -12.57 49.96
C ASP Q 133 -53.91 -14.10 49.91
N ARG Q 134 -52.80 -14.76 50.22
CA ARG Q 134 -52.75 -16.20 50.24
C ARG Q 134 -53.00 -16.72 51.65
N HIS Q 135 -53.27 -18.02 51.75
CA HIS Q 135 -53.70 -18.61 53.01
C HIS Q 135 -52.59 -18.59 54.05
N PHE Q 136 -51.35 -18.85 53.63
CA PHE Q 136 -50.24 -18.84 54.59
C PHE Q 136 -49.92 -17.43 55.06
N GLU Q 137 -50.20 -16.41 54.23
CA GLU Q 137 -50.07 -15.04 54.70
C GLU Q 137 -51.21 -14.66 55.63
N VAL Q 138 -52.42 -15.15 55.35
CA VAL Q 138 -53.59 -14.79 56.15
C VAL Q 138 -53.52 -15.41 57.54
N ILE Q 139 -53.13 -16.69 57.63
CA ILE Q 139 -53.07 -17.35 58.93
C ILE Q 139 -51.93 -16.85 59.80
N ARG Q 140 -50.98 -16.09 59.23
CA ARG Q 140 -49.96 -15.42 60.02
C ARG Q 140 -50.28 -13.97 60.30
N LEU Q 141 -51.09 -13.32 59.44
CA LEU Q 141 -51.59 -12.00 59.77
C LEU Q 141 -52.59 -12.07 60.92
N ARG Q 142 -53.53 -12.99 60.85
CA ARG Q 142 -54.53 -13.20 61.90
C ARG Q 142 -54.19 -14.53 62.59
N ARG Q 143 -53.34 -14.46 63.60
CA ARG Q 143 -52.88 -15.67 64.27
C ARG Q 143 -53.95 -16.27 65.18
N ASN Q 144 -54.93 -15.47 65.59
CA ASN Q 144 -56.05 -15.96 66.39
C ASN Q 144 -57.22 -16.43 65.54
N GLY Q 145 -57.08 -16.43 64.23
CA GLY Q 145 -58.15 -16.82 63.33
C GLY Q 145 -58.95 -15.63 62.86
N VAL Q 146 -59.61 -15.82 61.71
CA VAL Q 146 -60.46 -14.77 61.13
C VAL Q 146 -61.85 -14.99 61.72
N THR Q 147 -62.03 -14.49 62.94
CA THR Q 147 -63.28 -14.67 63.67
C THR Q 147 -64.02 -13.38 63.95
N ASP Q 148 -63.41 -12.23 63.69
CA ASP Q 148 -64.04 -10.94 63.94
C ASP Q 148 -63.77 -10.03 62.75
N PHE Q 149 -64.62 -9.02 62.61
CA PHE Q 149 -64.48 -8.07 61.51
C PHE Q 149 -63.24 -7.20 61.73
N TRP Q 150 -62.48 -7.00 60.66
CA TRP Q 150 -61.22 -6.24 60.74
C TRP Q 150 -61.48 -4.76 60.52
N LYS Q 151 -60.82 -3.94 61.34
CA LYS Q 151 -61.04 -2.50 61.33
C LYS Q 151 -59.91 -1.71 60.67
N TYR Q 152 -58.79 -2.35 60.32
CA TYR Q 152 -57.58 -1.65 59.91
C TYR Q 152 -57.07 -2.19 58.57
N ASP Q 153 -57.95 -2.29 57.58
CA ASP Q 153 -57.49 -2.61 56.23
C ASP Q 153 -56.68 -1.44 55.68
N ILE Q 154 -55.51 -1.73 55.11
CA ILE Q 154 -54.57 -0.72 54.66
C ILE Q 154 -54.30 -0.81 53.17
N GLY Q 155 -55.10 -1.57 52.43
CA GLY Q 155 -54.83 -1.85 51.03
C GLY Q 155 -55.10 -0.71 50.07
N ALA Q 156 -55.35 -1.05 48.80
CA ALA Q 156 -55.61 -0.09 47.73
C ALA Q 156 -56.85 0.75 48.03
N GLN Q 157 -57.99 0.08 48.18
CA GLN Q 157 -59.22 0.72 48.63
C GLN Q 157 -59.54 0.17 50.01
N PRO Q 158 -59.05 0.83 51.10
CA PRO Q 158 -59.30 0.34 52.45
C PRO Q 158 -60.77 0.19 52.79
N VAL Q 159 -61.20 -1.06 52.99
CA VAL Q 159 -62.58 -1.32 53.34
C VAL Q 159 -62.80 -0.88 54.78
N GLN Q 160 -63.83 -0.07 55.00
CA GLN Q 160 -64.13 0.41 56.34
C GLN Q 160 -64.69 -0.73 57.19
N TYR Q 161 -64.75 -0.48 58.49
CA TYR Q 161 -65.25 -1.47 59.43
C TYR Q 161 -66.72 -1.76 59.15
N GLY Q 162 -67.06 -3.04 59.06
CA GLY Q 162 -68.43 -3.45 58.81
C GLY Q 162 -68.92 -3.26 57.39
N GLN Q 163 -68.03 -3.02 56.44
CA GLN Q 163 -68.40 -2.73 55.06
C GLN Q 163 -68.20 -3.96 54.19
N TYR Q 164 -69.18 -4.24 53.34
CA TYR Q 164 -69.06 -5.31 52.36
C TYR Q 164 -68.54 -4.74 51.03
N THR Q 165 -68.22 -5.65 50.11
CA THR Q 165 -67.64 -5.26 48.84
C THR Q 165 -68.67 -5.35 47.71
N GLY Q 166 -68.20 -5.13 46.49
CA GLY Q 166 -69.05 -5.14 45.32
C GLY Q 166 -69.63 -6.50 44.98
N ASP Q 167 -68.99 -7.58 45.44
CA ASP Q 167 -69.55 -8.91 45.22
C ASP Q 167 -70.85 -9.09 45.99
N PHE Q 168 -70.87 -8.71 47.27
CA PHE Q 168 -72.12 -8.77 48.00
C PHE Q 168 -73.08 -7.68 47.56
N ALA Q 169 -72.57 -6.56 47.04
CA ALA Q 169 -73.46 -5.57 46.44
C ALA Q 169 -74.21 -6.15 45.25
N ASN Q 170 -73.51 -6.90 44.39
CA ASN Q 170 -74.15 -7.55 43.26
C ASN Q 170 -75.10 -8.65 43.71
N LEU Q 171 -74.74 -9.39 44.75
CA LEU Q 171 -75.65 -10.42 45.27
C LEU Q 171 -76.93 -9.80 45.82
N LEU Q 172 -76.81 -8.70 46.56
CA LEU Q 172 -77.97 -8.01 47.10
C LEU Q 172 -78.83 -7.43 45.98
N ALA Q 173 -78.20 -6.86 44.94
CA ALA Q 173 -78.93 -6.34 43.80
C ALA Q 173 -79.66 -7.45 43.05
N VAL Q 174 -79.01 -8.61 42.90
CA VAL Q 174 -79.65 -9.76 42.26
C VAL Q 174 -80.85 -10.23 43.07
N ALA Q 175 -80.71 -10.30 44.40
CA ALA Q 175 -81.80 -10.74 45.26
C ALA Q 175 -82.98 -9.76 45.21
N THR Q 176 -82.70 -8.45 45.25
CA THR Q 176 -83.77 -7.47 45.23
C THR Q 176 -84.47 -7.44 43.87
N SER Q 177 -83.71 -7.50 42.77
CA SER Q 177 -84.32 -7.51 41.45
C SER Q 177 -85.13 -8.77 41.20
N LEU Q 178 -84.63 -9.92 41.68
CA LEU Q 178 -85.37 -11.16 41.54
C LEU Q 178 -86.64 -11.15 42.38
N SER Q 179 -86.58 -10.57 43.59
CA SER Q 179 -87.79 -10.46 44.40
C SER Q 179 -88.80 -9.51 43.78
N ALA Q 180 -88.33 -8.47 43.10
CA ALA Q 180 -89.26 -7.55 42.44
C ALA Q 180 -89.90 -8.20 41.21
N SER Q 181 -89.10 -8.87 40.38
CA SER Q 181 -89.58 -9.39 39.11
C SER Q 181 -90.16 -10.79 39.20
N ARG Q 182 -90.08 -11.43 40.37
CA ARG Q 182 -90.55 -12.81 40.60
C ARG Q 182 -89.90 -13.79 39.62
N GLY Q 183 -88.60 -13.63 39.43
CA GLY Q 183 -87.87 -14.44 38.48
C GLY Q 183 -86.59 -13.75 38.06
N VAL Q 184 -86.18 -14.02 36.82
CA VAL Q 184 -84.98 -13.41 36.25
C VAL Q 184 -85.39 -12.66 34.99
N GLU Q 185 -85.25 -11.35 35.02
CA GLU Q 185 -85.41 -10.50 33.83
C GLU Q 185 -84.13 -9.69 33.68
N PRO Q 186 -83.29 -9.96 32.68
CA PRO Q 186 -81.98 -9.28 32.59
C PRO Q 186 -82.04 -7.75 32.58
N ALA Q 187 -83.08 -7.15 32.01
CA ALA Q 187 -83.15 -5.68 31.98
C ALA Q 187 -83.28 -5.09 33.39
N HIS Q 188 -84.24 -5.59 34.17
CA HIS Q 188 -84.39 -5.13 35.55
C HIS Q 188 -83.23 -5.58 36.41
N LEU Q 189 -82.64 -6.75 36.11
CA LEU Q 189 -81.47 -7.21 36.85
C LEU Q 189 -80.30 -6.25 36.67
N LEU Q 190 -80.05 -5.81 35.43
CA LEU Q 190 -79.00 -4.84 35.20
C LEU Q 190 -79.35 -3.46 35.74
N GLY Q 191 -80.64 -3.11 35.74
CA GLY Q 191 -81.05 -1.86 36.36
C GLY Q 191 -80.74 -1.84 37.85
N ALA Q 192 -81.06 -2.92 38.56
CA ALA Q 192 -80.74 -2.99 39.98
C ALA Q 192 -79.24 -3.10 40.23
N LEU Q 193 -78.52 -3.80 39.34
CA LEU Q 193 -77.07 -3.91 39.46
C LEU Q 193 -76.40 -2.56 39.31
N THR Q 194 -76.86 -1.76 38.33
CA THR Q 194 -76.29 -0.43 38.14
C THR Q 194 -76.74 0.53 39.24
N ARG Q 195 -77.94 0.36 39.78
CA ARG Q 195 -78.38 1.20 40.89
C ARG Q 195 -77.58 0.91 42.14
N ALA Q 196 -77.17 -0.34 42.36
CA ALA Q 196 -76.29 -0.68 43.46
C ALA Q 196 -74.83 -0.44 43.14
N TYR Q 197 -74.50 -0.04 41.91
CA TYR Q 197 -73.14 0.24 41.50
C TYR Q 197 -72.82 1.73 41.49
N ALA Q 198 -73.75 2.57 41.00
CA ALA Q 198 -73.54 4.01 40.93
C ALA Q 198 -74.02 4.69 42.20
N GLU Q 199 -73.37 4.34 43.31
CA GLU Q 199 -73.70 4.89 44.62
C GLU Q 199 -72.73 5.97 45.08
N GLY Q 200 -71.79 6.36 44.25
CA GLY Q 200 -70.83 7.40 44.59
C GLY Q 200 -69.42 7.02 44.18
N GLY Q 201 -68.57 8.03 44.04
CA GLY Q 201 -67.18 7.81 43.66
C GLY Q 201 -66.57 9.07 43.07
N SER Q 202 -65.60 8.85 42.19
CA SER Q 202 -64.91 9.94 41.50
C SER Q 202 -64.77 9.57 40.03
N SER Q 203 -65.41 10.33 39.15
CA SER Q 203 -65.45 9.99 37.73
C SER Q 203 -64.11 10.27 37.05
N VAL Q 204 -63.11 9.44 37.34
CA VAL Q 204 -61.79 9.57 36.74
C VAL Q 204 -61.32 8.22 36.24
N SER Q 215 -63.59 7.96 32.34
CA SER Q 215 -64.33 8.01 33.60
C SER Q 215 -64.62 6.61 34.14
N GLY Q 216 -63.69 6.08 34.94
CA GLY Q 216 -63.89 4.80 35.58
C GLY Q 216 -64.77 4.83 36.80
N PHE Q 217 -65.15 6.04 37.25
CA PHE Q 217 -66.17 6.35 38.25
C PHE Q 217 -65.72 6.03 39.68
N LEU Q 218 -64.61 5.28 39.83
CA LEU Q 218 -63.99 4.94 41.10
C LEU Q 218 -65.01 4.40 42.11
N PRO Q 219 -65.46 3.14 41.97
CA PRO Q 219 -66.58 2.65 42.77
C PRO Q 219 -66.29 2.65 44.27
N ALA Q 220 -67.35 2.84 45.05
CA ALA Q 220 -67.21 2.98 46.51
C ALA Q 220 -66.68 1.71 47.14
N ARG Q 221 -67.14 0.56 46.66
CA ARG Q 221 -66.68 -0.73 47.17
C ARG Q 221 -65.75 -1.40 46.18
N ARG Q 222 -65.01 -2.39 46.66
CA ARG Q 222 -64.09 -3.13 45.81
C ARG Q 222 -64.87 -3.98 44.81
N TYR Q 223 -64.45 -3.91 43.55
CA TYR Q 223 -65.10 -4.64 42.47
C TYR Q 223 -64.07 -5.45 41.69
N SER Q 224 -64.52 -6.58 41.14
CA SER Q 224 -63.69 -7.35 40.24
C SER Q 224 -63.42 -6.54 38.97
N PRO Q 225 -62.26 -6.73 38.34
CA PRO Q 225 -61.97 -5.98 37.10
C PRO Q 225 -62.96 -6.26 35.97
N TYR Q 226 -63.33 -7.54 35.79
CA TYR Q 226 -64.32 -7.87 34.77
C TYR Q 226 -65.70 -7.32 35.13
N ASP Q 227 -66.04 -7.33 36.42
CA ASP Q 227 -67.32 -6.77 36.86
C ASP Q 227 -67.37 -5.27 36.61
N ARG Q 228 -66.29 -4.56 36.92
CA ARG Q 228 -66.22 -3.14 36.65
C ARG Q 228 -66.29 -2.84 35.16
N LEU Q 229 -65.60 -3.66 34.34
CA LEU Q 229 -65.65 -3.48 32.90
C LEU Q 229 -67.05 -3.71 32.34
N VAL Q 230 -67.73 -4.75 32.82
CA VAL Q 230 -69.08 -5.06 32.34
C VAL Q 230 -70.06 -3.95 32.72
N MET Q 231 -69.99 -3.48 33.97
CA MET Q 231 -70.89 -2.42 34.40
C MET Q 231 -70.58 -1.10 33.68
N ASP Q 232 -69.31 -0.81 33.43
CA ASP Q 232 -68.96 0.40 32.68
C ASP Q 232 -69.40 0.29 31.22
N ALA Q 233 -69.34 -0.91 30.64
CA ALA Q 233 -69.79 -1.10 29.27
C ALA Q 233 -71.30 -0.93 29.16
N VAL Q 234 -72.06 -1.53 30.08
CA VAL Q 234 -73.51 -1.39 30.01
C VAL Q 234 -73.98 -0.02 30.47
N LEU Q 235 -73.13 0.75 31.16
CA LEU Q 235 -73.43 2.15 31.43
C LEU Q 235 -72.88 3.08 30.35
N ALA Q 236 -72.09 2.55 29.40
CA ALA Q 236 -71.54 3.34 28.31
C ALA Q 236 -72.29 3.13 27.00
N GLY Q 237 -73.52 2.62 27.06
CA GLY Q 237 -74.35 2.47 25.89
C GLY Q 237 -74.20 1.17 25.13
N THR Q 238 -73.22 0.34 25.48
CA THR Q 238 -73.05 -0.95 24.84
C THR Q 238 -74.17 -1.88 25.27
N ASP Q 239 -74.80 -2.54 24.29
CA ASP Q 239 -75.92 -3.43 24.57
C ASP Q 239 -75.45 -4.65 25.36
N PRO Q 240 -76.20 -5.07 26.40
CA PRO Q 240 -75.78 -6.18 27.26
C PRO Q 240 -76.02 -7.58 26.68
N LEU Q 241 -75.65 -7.76 25.41
CA LEU Q 241 -75.57 -9.09 24.82
C LEU Q 241 -74.30 -9.31 24.01
N LYS Q 242 -73.65 -8.25 23.53
CA LYS Q 242 -72.38 -8.37 22.82
C LYS Q 242 -71.26 -8.35 23.84
N VAL Q 243 -71.07 -9.50 24.49
CA VAL Q 243 -69.98 -9.65 25.46
C VAL Q 243 -68.59 -9.46 24.84
N PRO Q 244 -68.22 -10.14 23.74
CA PRO Q 244 -66.83 -10.00 23.27
C PRO Q 244 -66.54 -8.67 22.57
N GLU Q 245 -67.53 -7.83 22.35
CA GLU Q 245 -67.30 -6.54 21.69
C GLU Q 245 -66.43 -5.62 22.55
N LEU Q 246 -66.68 -5.60 23.85
CA LEU Q 246 -65.87 -4.81 24.77
C LEU Q 246 -65.30 -5.60 25.94
N ALA Q 247 -65.73 -6.85 26.13
CA ALA Q 247 -65.19 -7.69 27.20
C ALA Q 247 -63.90 -8.37 26.81
N GLU Q 248 -63.54 -8.38 25.53
CA GLU Q 248 -62.25 -8.87 25.09
C GLU Q 248 -61.20 -7.76 25.04
N ARG Q 249 -61.44 -6.65 25.75
CA ARG Q 249 -60.37 -5.69 26.02
C ARG Q 249 -59.37 -6.36 26.95
N TYR Q 250 -58.11 -6.40 26.53
CA TYR Q 250 -57.07 -7.29 27.07
C TYR Q 250 -57.64 -8.70 26.96
N LEU Q 251 -57.67 -9.49 28.04
CA LEU Q 251 -58.25 -10.83 28.08
C LEU Q 251 -57.71 -11.76 27.00
N ALA Q 252 -58.17 -11.56 25.76
CA ALA Q 252 -57.52 -12.22 24.62
C ALA Q 252 -56.10 -11.68 24.44
N GLU Q 253 -55.92 -10.36 24.60
CA GLU Q 253 -54.58 -9.81 24.59
C GLU Q 253 -53.79 -10.23 25.83
N THR Q 254 -54.47 -10.50 26.94
CA THR Q 254 -53.78 -11.07 28.10
C THR Q 254 -53.33 -12.51 27.83
N THR Q 255 -54.12 -13.28 27.09
CA THR Q 255 -53.69 -14.62 26.68
C THR Q 255 -52.53 -14.55 25.70
N ARG Q 256 -52.56 -13.57 24.80
CA ARG Q 256 -51.43 -13.37 23.89
C ARG Q 256 -50.20 -12.87 24.64
N ARG Q 257 -50.39 -12.17 25.75
CA ARG Q 257 -49.27 -11.71 26.57
C ARG Q 257 -48.81 -12.75 27.58
N HIS Q 258 -49.58 -13.81 27.78
CA HIS Q 258 -49.17 -14.87 28.69
C HIS Q 258 -48.11 -15.77 28.08
N ALA Q 259 -47.73 -15.55 26.82
CA ALA Q 259 -46.84 -16.41 26.05
C ALA Q 259 -45.44 -16.51 26.62
N SER Q 260 -45.04 -15.60 27.51
CA SER Q 260 -43.68 -15.65 28.06
C SER Q 260 -43.68 -15.40 29.57
N SER Q 261 -44.77 -15.72 30.25
CA SER Q 261 -44.86 -15.55 31.69
C SER Q 261 -45.93 -16.46 32.24
N SER Q 262 -45.69 -17.02 33.42
CA SER Q 262 -46.60 -17.95 34.08
C SER Q 262 -46.86 -17.49 35.51
N SER Q 263 -47.17 -16.21 35.66
CA SER Q 263 -47.27 -15.60 36.98
C SER Q 263 -48.54 -16.07 37.71
N ASP Q 264 -48.49 -15.99 39.03
CA ASP Q 264 -49.66 -16.08 39.88
C ASP Q 264 -50.12 -14.70 40.37
N ARG Q 265 -49.58 -13.65 39.78
CA ARG Q 265 -49.95 -12.28 40.14
C ARG Q 265 -51.41 -12.02 39.76
N PRO Q 266 -52.16 -11.30 40.59
CA PRO Q 266 -53.59 -11.06 40.28
C PRO Q 266 -53.85 -10.36 38.96
N ASP Q 267 -52.92 -9.52 38.51
CA ASP Q 267 -53.05 -8.88 37.20
C ASP Q 267 -53.06 -9.88 36.06
N ARG Q 268 -52.50 -11.07 36.26
CA ARG Q 268 -52.55 -12.13 35.26
C ARG Q 268 -53.58 -13.20 35.59
N GLU Q 269 -54.50 -12.93 36.53
CA GLU Q 269 -55.57 -13.88 36.79
C GLU Q 269 -56.57 -13.86 35.63
N PRO Q 270 -57.10 -15.04 35.24
CA PRO Q 270 -58.01 -15.07 34.08
C PRO Q 270 -59.38 -14.49 34.39
N HIS Q 271 -59.47 -13.17 34.47
CA HIS Q 271 -60.73 -12.49 34.69
C HIS Q 271 -61.44 -12.29 33.35
N GLY Q 272 -62.67 -12.78 33.25
CA GLY Q 272 -63.42 -12.66 32.02
C GLY Q 272 -64.77 -13.35 32.12
N PRO Q 273 -65.26 -13.88 31.00
CA PRO Q 273 -66.54 -14.63 31.04
C PRO Q 273 -66.48 -15.91 31.86
N SER Q 274 -65.29 -16.44 32.14
CA SER Q 274 -65.14 -17.60 33.01
C SER Q 274 -64.71 -17.21 34.41
N ASP Q 275 -65.17 -16.05 34.89
CA ASP Q 275 -64.82 -15.57 36.22
C ASP Q 275 -65.70 -16.24 37.26
N LEU Q 276 -65.56 -15.80 38.51
CA LEU Q 276 -66.34 -16.30 39.63
C LEU Q 276 -67.53 -15.44 39.97
N GLY Q 277 -67.68 -14.27 39.33
CA GLY Q 277 -68.81 -13.40 39.60
C GLY Q 277 -70.13 -13.94 39.13
N ALA Q 278 -70.11 -14.87 38.17
CA ALA Q 278 -71.32 -15.56 37.77
C ALA Q 278 -71.87 -16.42 38.90
N ALA Q 279 -70.98 -17.16 39.56
CA ALA Q 279 -71.37 -18.08 40.62
C ALA Q 279 -71.44 -17.42 41.99
N ALA Q 280 -70.90 -16.22 42.15
CA ALA Q 280 -70.93 -15.55 43.45
C ALA Q 280 -72.31 -15.02 43.78
N ARG Q 281 -73.13 -14.72 42.76
CA ARG Q 281 -74.43 -14.11 42.96
C ARG Q 281 -75.58 -15.02 42.54
N ALA Q 282 -75.31 -16.30 42.29
CA ALA Q 282 -76.35 -17.23 41.84
C ALA Q 282 -77.09 -17.91 42.98
N ALA Q 283 -76.63 -17.75 44.21
CA ALA Q 283 -77.33 -18.33 45.35
C ALA Q 283 -78.74 -17.79 45.59
N PRO Q 284 -79.04 -16.48 45.47
CA PRO Q 284 -80.45 -16.06 45.53
C PRO Q 284 -81.33 -16.68 44.45
N ILE Q 285 -80.79 -16.82 43.24
CA ILE Q 285 -81.53 -17.47 42.15
C ILE Q 285 -81.82 -18.92 42.50
N GLY Q 286 -80.81 -19.61 43.06
CA GLY Q 286 -81.01 -20.99 43.46
C GLY Q 286 -82.02 -21.16 44.58
N LEU Q 287 -82.00 -20.26 45.56
CA LEU Q 287 -82.95 -20.37 46.67
C LEU Q 287 -84.37 -20.02 46.23
N ALA Q 288 -84.52 -19.09 45.28
CA ALA Q 288 -85.85 -18.78 44.77
C ALA Q 288 -86.40 -19.91 43.91
N TYR Q 289 -85.55 -20.48 43.04
CA TYR Q 289 -85.95 -21.57 42.17
C TYR Q 289 -85.73 -22.94 42.81
N ARG Q 290 -85.81 -23.00 44.14
CA ARG Q 290 -85.52 -24.22 44.87
C ARG Q 290 -86.57 -25.30 44.64
N ARG Q 291 -87.85 -24.94 44.74
CA ARG Q 291 -88.93 -25.91 44.61
C ARG Q 291 -89.60 -25.83 43.25
N ALA Q 292 -89.03 -25.07 42.31
CA ALA Q 292 -89.57 -24.94 40.96
C ALA Q 292 -88.88 -25.87 39.97
N GLY Q 293 -88.16 -26.86 40.46
CA GLY Q 293 -87.48 -27.81 39.58
C GLY Q 293 -86.07 -27.39 39.25
N GLY Q 294 -85.41 -28.25 38.48
CA GLY Q 294 -84.01 -28.03 38.12
C GLY Q 294 -83.80 -27.37 36.77
N GLU Q 295 -84.58 -27.80 35.77
CA GLU Q 295 -84.42 -27.26 34.41
C GLU Q 295 -84.80 -25.77 34.37
N ARG Q 296 -85.87 -25.40 35.07
CA ARG Q 296 -86.26 -23.99 35.14
C ARG Q 296 -85.21 -23.17 35.88
N LEU Q 297 -84.56 -23.75 36.89
CA LEU Q 297 -83.44 -23.09 37.56
C LEU Q 297 -82.26 -22.89 36.61
N LEU Q 298 -81.96 -23.88 35.78
CA LEU Q 298 -80.89 -23.74 34.79
C LEU Q 298 -81.21 -22.64 33.79
N ALA Q 299 -82.46 -22.57 33.35
CA ALA Q 299 -82.87 -21.50 32.44
C ALA Q 299 -82.78 -20.13 33.11
N ALA Q 300 -83.15 -20.06 34.39
CA ALA Q 300 -83.05 -18.80 35.12
C ALA Q 300 -81.61 -18.36 35.28
N VAL Q 301 -80.69 -19.30 35.54
CA VAL Q 301 -79.28 -18.96 35.66
C VAL Q 301 -78.74 -18.47 34.31
N ARG Q 302 -79.10 -19.16 33.23
CA ARG Q 302 -78.65 -18.74 31.89
C ARG Q 302 -79.23 -17.37 31.52
N ARG Q 303 -80.44 -17.06 31.99
CA ARG Q 303 -80.96 -15.71 31.82
C ARG Q 303 -80.19 -14.70 32.67
N SER Q 304 -79.74 -15.12 33.86
CA SER Q 304 -79.07 -14.20 34.76
C SER Q 304 -77.67 -13.83 34.28
N LEU Q 305 -76.96 -14.76 33.65
CA LEU Q 305 -75.61 -14.48 33.19
C LEU Q 305 -75.54 -14.15 31.71
N GLU Q 306 -76.63 -13.65 31.12
CA GLU Q 306 -76.65 -13.41 29.69
C GLU Q 306 -75.84 -12.18 29.28
N PHE Q 307 -75.50 -11.29 30.21
CA PHE Q 307 -74.82 -10.05 29.88
C PHE Q 307 -73.36 -10.01 30.30
N SER Q 308 -72.93 -10.86 31.23
CA SER Q 308 -71.57 -10.84 31.72
C SER Q 308 -70.80 -12.12 31.43
N HIS Q 309 -71.36 -13.29 31.79
CA HIS Q 309 -70.66 -14.57 31.69
C HIS Q 309 -71.45 -15.52 30.81
N PRO Q 310 -71.21 -15.52 29.50
CA PRO Q 310 -71.90 -16.45 28.60
C PRO Q 310 -71.17 -17.75 28.32
N THR Q 311 -69.99 -17.98 28.91
CA THR Q 311 -69.23 -19.18 28.65
C THR Q 311 -69.83 -20.39 29.35
N PRO Q 312 -69.66 -21.59 28.78
CA PRO Q 312 -70.14 -22.81 29.46
C PRO Q 312 -69.48 -23.04 30.81
N LEU Q 313 -68.23 -22.62 31.00
CA LEU Q 313 -67.57 -22.78 32.30
C LEU Q 313 -68.24 -21.91 33.38
N GLY Q 314 -68.48 -20.64 33.08
CA GLY Q 314 -69.19 -19.79 34.02
C GLY Q 314 -70.62 -20.25 34.24
N LEU Q 315 -71.27 -20.73 33.17
CA LEU Q 315 -72.61 -21.27 33.28
C LEU Q 315 -72.64 -22.48 34.22
N ASP Q 316 -71.68 -23.39 34.09
CA ASP Q 316 -71.63 -24.58 34.94
C ASP Q 316 -71.31 -24.21 36.38
N ALA Q 317 -70.41 -23.22 36.59
CA ALA Q 317 -70.08 -22.78 37.94
C ALA Q 317 -71.31 -22.21 38.66
N ALA Q 318 -72.00 -21.29 38.00
CA ALA Q 318 -73.21 -20.72 38.58
C ALA Q 318 -74.30 -21.77 38.73
N HIS Q 319 -74.36 -22.74 37.80
CA HIS Q 319 -75.35 -23.80 37.88
C HIS Q 319 -75.14 -24.68 39.10
N VAL Q 320 -73.89 -25.10 39.34
CA VAL Q 320 -73.50 -25.87 40.51
C VAL Q 320 -73.86 -25.11 41.78
N VAL Q 321 -73.50 -23.83 41.84
CA VAL Q 321 -73.75 -23.03 43.05
C VAL Q 321 -75.25 -22.88 43.29
N ALA Q 322 -76.01 -22.51 42.25
CA ALA Q 322 -77.44 -22.30 42.38
C ALA Q 322 -78.18 -23.59 42.72
N ALA Q 323 -77.78 -24.69 42.08
CA ALA Q 323 -78.37 -26.00 42.35
C ALA Q 323 -78.11 -26.44 43.78
N ALA Q 324 -76.88 -26.19 44.27
CA ALA Q 324 -76.55 -26.47 45.65
C ALA Q 324 -77.40 -25.64 46.61
N ALA Q 325 -77.60 -24.36 46.27
CA ALA Q 325 -78.44 -23.47 47.06
C ALA Q 325 -79.87 -23.97 47.13
N ALA Q 326 -80.43 -24.33 45.98
CA ALA Q 326 -81.76 -24.93 45.84
C ALA Q 326 -81.91 -26.17 46.71
N TRP Q 327 -80.97 -27.10 46.54
CA TRP Q 327 -80.94 -28.33 47.33
C TRP Q 327 -80.91 -28.05 48.82
N CYS Q 328 -80.02 -27.15 49.27
CA CYS Q 328 -79.87 -26.77 50.66
C CYS Q 328 -81.16 -26.20 51.23
N GLY Q 329 -81.80 -25.29 50.46
CA GLY Q 329 -83.13 -24.81 50.79
C GLY Q 329 -84.15 -25.91 50.96
N ARG Q 330 -84.08 -26.95 50.12
CA ARG Q 330 -85.06 -28.05 50.23
C ARG Q 330 -84.83 -28.89 51.47
N GLN Q 331 -83.60 -29.39 51.67
CA GLN Q 331 -83.35 -30.22 52.85
C GLN Q 331 -83.31 -29.37 54.11
N GLN Q 332 -83.46 -30.03 55.25
CA GLN Q 332 -83.48 -29.36 56.54
C GLN Q 332 -82.39 -29.92 57.44
N PRO Q 333 -81.83 -29.10 58.35
CA PRO Q 333 -80.73 -29.59 59.20
C PRO Q 333 -81.19 -30.58 60.27
N GLY Q 334 -81.58 -31.78 59.85
CA GLY Q 334 -82.00 -32.81 60.78
C GLY Q 334 -81.22 -34.08 60.63
N ASP Q 335 -81.91 -35.17 60.32
CA ASP Q 335 -81.28 -36.47 60.11
C ASP Q 335 -80.39 -36.42 58.87
N ALA Q 336 -79.40 -37.31 58.84
CA ALA Q 336 -78.38 -37.34 57.80
C ALA Q 336 -78.90 -37.84 56.46
N VAL Q 337 -80.18 -38.17 56.34
CA VAL Q 337 -80.75 -38.55 55.05
C VAL Q 337 -80.71 -37.37 54.09
N GLY Q 338 -81.05 -36.17 54.58
CA GLY Q 338 -80.94 -34.97 53.77
C GLY Q 338 -79.67 -34.21 54.07
N ALA Q 339 -79.15 -34.39 55.29
CA ALA Q 339 -77.93 -33.69 55.72
C ALA Q 339 -76.73 -34.58 55.40
N THR Q 340 -76.31 -34.55 54.13
CA THR Q 340 -75.14 -35.34 53.75
C THR Q 340 -74.38 -34.65 52.62
N PRO Q 341 -73.14 -34.23 52.88
CA PRO Q 341 -72.32 -33.63 51.82
C PRO Q 341 -72.03 -34.57 50.67
N ALA Q 342 -71.90 -35.87 50.94
CA ALA Q 342 -71.71 -36.85 49.87
C ALA Q 342 -72.94 -36.90 48.97
N ALA Q 343 -74.14 -36.82 49.55
CA ALA Q 343 -75.36 -36.81 48.78
C ALA Q 343 -75.48 -35.53 47.96
N LEU Q 344 -75.09 -34.39 48.53
CA LEU Q 344 -75.07 -33.15 47.76
C LEU Q 344 -74.12 -33.23 46.59
N LEU Q 345 -72.91 -33.76 46.81
CA LEU Q 345 -71.94 -33.90 45.73
C LEU Q 345 -72.42 -34.87 44.66
N SER Q 346 -73.03 -35.98 45.07
CA SER Q 346 -73.56 -36.95 44.11
C SER Q 346 -74.69 -36.36 43.28
N HIS Q 347 -75.58 -35.59 43.92
CA HIS Q 347 -76.66 -34.93 43.19
C HIS Q 347 -76.12 -33.91 42.19
N LEU Q 348 -75.13 -33.11 42.63
CA LEU Q 348 -74.54 -32.11 41.73
C LEU Q 348 -73.82 -32.78 40.56
N LEU Q 349 -73.08 -33.86 40.82
CA LEU Q 349 -72.35 -34.55 39.77
C LEU Q 349 -73.32 -35.23 38.80
N ASN Q 350 -74.39 -35.83 39.30
CA ASN Q 350 -75.30 -36.59 38.45
C ASN Q 350 -76.24 -35.69 37.65
N ASP Q 351 -76.62 -34.52 38.17
CA ASP Q 351 -77.63 -33.72 37.52
C ASP Q 351 -77.14 -32.40 36.96
N VAL Q 352 -76.10 -31.80 37.54
CA VAL Q 352 -75.68 -30.45 37.22
C VAL Q 352 -74.34 -30.42 36.50
N ALA Q 353 -73.40 -31.28 36.90
CA ALA Q 353 -72.05 -31.26 36.36
C ALA Q 353 -72.04 -31.90 34.98
N VAL Q 354 -71.81 -31.10 33.94
CA VAL Q 354 -71.68 -31.59 32.58
C VAL Q 354 -70.26 -31.40 32.05
N THR Q 355 -69.62 -30.27 32.36
CA THR Q 355 -68.30 -29.98 31.83
C THR Q 355 -67.22 -30.82 32.50
N ALA Q 356 -66.11 -30.97 31.79
CA ALA Q 356 -65.06 -31.92 32.18
C ALA Q 356 -64.32 -31.46 33.43
N GLU Q 357 -63.86 -30.20 33.44
CA GLU Q 357 -63.09 -29.69 34.58
C GLU Q 357 -63.95 -29.58 35.83
N GLN Q 358 -65.21 -29.11 35.68
CA GLN Q 358 -66.15 -29.08 36.80
C GLN Q 358 -66.39 -30.47 37.36
N CYS Q 359 -66.61 -31.44 36.47
CA CYS Q 359 -66.80 -32.83 36.90
C CYS Q 359 -65.58 -33.32 37.65
N GLY Q 360 -64.38 -33.09 37.11
CA GLY Q 360 -63.17 -33.59 37.73
C GLY Q 360 -62.90 -32.97 39.09
N LYS Q 361 -63.16 -31.67 39.22
CA LYS Q 361 -63.00 -31.01 40.51
C LYS Q 361 -64.01 -31.54 41.53
N LEU Q 362 -65.24 -31.80 41.11
CA LEU Q 362 -66.23 -32.32 42.06
C LEU Q 362 -65.93 -33.76 42.46
N ARG Q 363 -65.38 -34.58 41.56
CA ARG Q 363 -64.96 -35.93 41.95
C ARG Q 363 -63.73 -35.88 42.85
N LEU Q 364 -62.78 -34.98 42.55
CA LEU Q 364 -61.64 -34.75 43.42
C LEU Q 364 -62.07 -34.30 44.81
N LEU Q 365 -63.20 -33.60 44.90
CA LEU Q 365 -63.80 -33.29 46.19
C LEU Q 365 -64.35 -34.54 46.87
N ARG Q 366 -65.18 -35.30 46.14
CA ARG Q 366 -65.82 -36.52 46.63
C ARG Q 366 -64.85 -37.53 47.21
N ASP Q 367 -63.78 -37.85 46.46
CA ASP Q 367 -62.74 -38.80 46.86
C ASP Q 367 -62.15 -38.46 48.23
N ASN Q 368 -61.69 -37.22 48.35
CA ASN Q 368 -61.23 -36.55 49.55
C ASN Q 368 -62.43 -36.06 50.34
N LEU Q 369 -62.30 -34.91 51.02
CA LEU Q 369 -63.32 -34.29 51.88
C LEU Q 369 -63.46 -35.07 53.19
N PHE Q 370 -62.44 -34.93 54.02
CA PHE Q 370 -62.52 -35.22 55.44
C PHE Q 370 -63.41 -34.18 56.14
N GLN Q 371 -63.93 -34.53 57.30
CA GLN Q 371 -64.77 -33.64 58.08
C GLN Q 371 -63.93 -32.97 59.16
N LEU Q 372 -63.93 -31.64 59.17
CA LEU Q 372 -63.17 -30.89 60.16
C LEU Q 372 -63.82 -31.00 61.54
N ASP Q 373 -62.98 -31.20 62.56
CA ASP Q 373 -63.47 -31.23 63.93
C ASP Q 373 -63.83 -29.82 64.37
N GLU Q 374 -64.59 -29.74 65.48
CA GLU Q 374 -64.91 -28.46 66.07
C GLU Q 374 -63.64 -27.80 66.59
N VAL Q 375 -63.42 -26.55 66.21
CA VAL Q 375 -62.16 -25.85 66.44
C VAL Q 375 -62.41 -24.72 67.43
N THR Q 376 -61.59 -24.67 68.48
CA THR Q 376 -61.63 -23.63 69.49
C THR Q 376 -60.40 -22.72 69.43
N ASP Q 377 -59.21 -23.31 69.47
CA ASP Q 377 -57.96 -22.56 69.36
C ASP Q 377 -57.56 -22.52 67.89
N TRP Q 378 -57.82 -21.38 67.24
CA TRP Q 378 -57.49 -21.25 65.83
C TRP Q 378 -55.98 -21.16 65.61
N ARG Q 379 -55.25 -20.65 66.59
CA ARG Q 379 -53.79 -20.63 66.51
C ARG Q 379 -53.23 -22.05 66.48
N ALA Q 380 -53.80 -22.95 67.30
CA ALA Q 380 -53.38 -24.34 67.27
C ALA Q 380 -53.90 -25.06 66.03
N PHE Q 381 -55.08 -24.66 65.53
CA PHE Q 381 -55.64 -25.31 64.36
C PHE Q 381 -54.84 -24.99 63.10
N TYR Q 382 -54.38 -23.75 62.95
CA TYR Q 382 -53.63 -23.35 61.77
C TYR Q 382 -52.29 -24.05 61.66
N ALA Q 383 -51.75 -24.56 62.76
CA ALA Q 383 -50.52 -25.35 62.76
C ALA Q 383 -50.83 -26.84 62.95
N GLY Q 384 -51.92 -27.32 62.36
CA GLY Q 384 -52.36 -28.67 62.58
C GLY Q 384 -52.47 -29.50 61.30
N PRO Q 385 -52.53 -30.82 61.46
CA PRO Q 385 -52.64 -31.69 60.29
C PRO Q 385 -53.96 -31.53 59.54
N GLN Q 386 -55.04 -31.17 60.24
CA GLN Q 386 -56.32 -30.96 59.56
C GLN Q 386 -56.25 -29.76 58.62
N TRP Q 387 -55.68 -28.66 59.10
CA TRP Q 387 -55.51 -27.49 58.24
C TRP Q 387 -54.47 -27.75 57.16
N ALA Q 388 -53.47 -28.59 57.44
CA ALA Q 388 -52.51 -28.97 56.40
C ALA Q 388 -53.19 -29.74 55.27
N ARG Q 389 -54.05 -30.71 55.62
CA ARG Q 389 -54.77 -31.46 54.61
C ARG Q 389 -55.76 -30.59 53.85
N LEU Q 390 -56.43 -29.67 54.56
CA LEU Q 390 -57.35 -28.75 53.91
C LEU Q 390 -56.64 -27.84 52.92
N THR Q 391 -55.46 -27.32 53.30
CA THR Q 391 -54.69 -26.48 52.39
C THR Q 391 -54.13 -27.28 51.22
N ALA Q 392 -53.76 -28.55 51.44
CA ALA Q 392 -53.31 -29.39 50.34
C ALA Q 392 -54.43 -29.64 49.33
N LEU Q 393 -55.63 -29.94 49.81
CA LEU Q 393 -56.77 -30.14 48.91
C LEU Q 393 -57.14 -28.82 48.21
N PHE Q 394 -57.07 -27.71 48.93
CA PHE Q 394 -57.38 -26.41 48.35
C PHE Q 394 -56.36 -26.02 47.29
N SER Q 395 -55.09 -26.37 47.50
CA SER Q 395 -54.07 -26.14 46.49
C SER Q 395 -54.19 -27.09 45.31
N ARG Q 396 -54.78 -28.27 45.53
CA ARG Q 396 -55.07 -29.14 44.40
C ARG Q 396 -56.26 -28.64 43.60
N LEU Q 397 -57.23 -28.00 44.25
CA LEU Q 397 -58.43 -27.50 43.59
C LEU Q 397 -58.29 -26.06 43.08
N SER Q 398 -57.21 -25.36 43.42
CA SER Q 398 -57.04 -23.98 43.00
C SER Q 398 -55.56 -23.70 42.71
N PHE Q 399 -55.31 -22.86 41.72
CA PHE Q 399 -53.94 -22.56 41.32
C PHE Q 399 -53.35 -21.50 42.25
N HIS Q 400 -52.38 -21.92 43.08
CA HIS Q 400 -51.61 -21.04 43.97
C HIS Q 400 -52.51 -20.26 44.92
N GLY Q 401 -53.62 -20.86 45.34
CA GLY Q 401 -54.55 -20.21 46.22
C GLY Q 401 -55.51 -19.24 45.57
N LEU Q 402 -55.50 -19.12 44.25
CA LEU Q 402 -56.36 -18.18 43.53
C LEU Q 402 -57.26 -18.99 42.60
N ALA Q 403 -58.52 -19.15 43.00
CA ALA Q 403 -59.51 -19.88 42.21
C ALA Q 403 -60.33 -18.88 41.38
N THR Q 404 -59.64 -18.27 40.41
CA THR Q 404 -60.30 -17.30 39.54
C THR Q 404 -61.27 -17.96 38.56
N ALA Q 405 -60.94 -19.17 38.10
CA ALA Q 405 -61.84 -19.89 37.21
C ALA Q 405 -63.09 -20.32 37.95
N GLY Q 406 -64.18 -20.46 37.19
CA GLY Q 406 -65.47 -20.75 37.80
C GLY Q 406 -65.52 -22.12 38.44
N SER Q 407 -64.91 -23.13 37.79
CA SER Q 407 -64.89 -24.48 38.33
C SER Q 407 -64.07 -24.55 39.61
N GLU Q 408 -62.90 -23.93 39.60
CA GLU Q 408 -62.06 -23.92 40.78
C GLU Q 408 -62.74 -23.18 41.91
N PHE Q 409 -63.41 -22.07 41.61
CA PHE Q 409 -64.08 -21.30 42.64
C PHE Q 409 -65.25 -22.08 43.25
N ALA Q 410 -66.06 -22.74 42.42
CA ALA Q 410 -67.18 -23.52 42.94
C ALA Q 410 -66.69 -24.71 43.74
N SER Q 411 -65.61 -25.36 43.29
CA SER Q 411 -65.04 -26.47 44.05
C SER Q 411 -64.47 -26.01 45.38
N VAL Q 412 -63.85 -24.83 45.41
CA VAL Q 412 -63.32 -24.28 46.66
C VAL Q 412 -64.47 -23.93 47.62
N VAL Q 413 -65.54 -23.35 47.09
CA VAL Q 413 -66.71 -23.02 47.91
C VAL Q 413 -67.33 -24.28 48.51
N LEU Q 414 -67.48 -25.32 47.68
CA LEU Q 414 -68.04 -26.57 48.17
C LEU Q 414 -67.11 -27.26 49.17
N LEU Q 415 -65.79 -27.13 48.96
CA LEU Q 415 -64.83 -27.68 49.93
C LEU Q 415 -64.96 -26.99 51.28
N ALA Q 416 -65.03 -25.65 51.27
CA ALA Q 416 -65.15 -24.91 52.53
C ALA Q 416 -66.50 -25.12 53.20
N LEU Q 417 -67.54 -25.41 52.42
CA LEU Q 417 -68.85 -25.64 53.02
C LEU Q 417 -68.98 -27.06 53.58
N LEU Q 418 -68.50 -28.07 52.84
CA LEU Q 418 -68.74 -29.46 53.21
C LEU Q 418 -67.67 -30.04 54.12
N SER Q 419 -66.45 -29.47 54.12
CA SER Q 419 -65.41 -29.98 55.00
C SER Q 419 -65.68 -29.68 56.46
N SER Q 420 -66.52 -28.70 56.73
CA SER Q 420 -66.93 -28.33 58.08
C SER Q 420 -68.44 -28.45 58.20
N TRP Q 421 -68.99 -29.57 57.73
CA TRP Q 421 -70.43 -29.79 57.70
C TRP Q 421 -70.99 -29.82 59.12
N GLY Q 422 -72.07 -29.07 59.32
CA GLY Q 422 -72.67 -28.93 60.63
C GLY Q 422 -72.20 -27.75 61.44
N ARG Q 423 -71.14 -27.06 61.00
CA ARG Q 423 -70.63 -25.87 61.67
C ARG Q 423 -70.48 -24.77 60.64
N PRO Q 424 -71.57 -24.07 60.32
CA PRO Q 424 -71.52 -23.00 59.30
C PRO Q 424 -70.60 -21.85 59.67
N GLU Q 425 -70.49 -21.52 60.95
CA GLU Q 425 -69.55 -20.46 61.37
C GLU Q 425 -68.11 -20.88 61.08
N GLN Q 426 -67.78 -22.14 61.37
CA GLN Q 426 -66.47 -22.67 61.02
C GLN Q 426 -66.26 -22.67 59.51
N ALA Q 427 -67.32 -22.95 58.74
CA ALA Q 427 -67.23 -22.90 57.29
C ALA Q 427 -66.91 -21.50 56.78
N VAL Q 428 -67.59 -20.49 57.32
CA VAL Q 428 -67.36 -19.12 56.91
C VAL Q 428 -65.97 -18.65 57.30
N ILE Q 429 -65.51 -19.02 58.51
CA ILE Q 429 -64.18 -18.64 58.95
C ILE Q 429 -63.11 -19.32 58.10
N VAL Q 430 -63.32 -20.59 57.74
CA VAL Q 430 -62.37 -21.31 56.90
C VAL Q 430 -62.30 -20.69 55.51
N ALA Q 431 -63.46 -20.34 54.94
CA ALA Q 431 -63.47 -19.70 53.62
C ALA Q 431 -62.86 -18.32 53.65
N ALA Q 432 -62.98 -17.61 54.79
CA ALA Q 432 -62.31 -16.32 54.92
C ALA Q 432 -60.81 -16.47 55.05
N SER Q 433 -60.36 -17.51 55.77
CA SER Q 433 -58.94 -17.73 55.99
C SER Q 433 -58.26 -18.46 54.84
N LEU Q 434 -59.02 -18.93 53.85
CA LEU Q 434 -58.41 -19.57 52.70
C LEU Q 434 -57.73 -18.57 51.77
N GLY Q 435 -58.04 -17.27 51.90
CA GLY Q 435 -57.38 -16.26 51.12
C GLY Q 435 -57.84 -16.27 49.66
N GLY Q 436 -57.00 -15.69 48.81
CA GLY Q 436 -57.30 -15.57 47.39
C GLY Q 436 -58.46 -14.64 47.14
N HIS Q 437 -59.53 -15.17 46.55
CA HIS Q 437 -60.79 -14.42 46.41
C HIS Q 437 -61.66 -14.65 47.65
N ALA Q 438 -61.10 -14.20 48.78
CA ALA Q 438 -61.71 -14.43 50.09
C ALA Q 438 -63.10 -13.82 50.26
N PRO Q 439 -63.38 -12.56 49.91
CA PRO Q 439 -64.74 -12.05 50.18
C PRO Q 439 -65.82 -12.74 49.38
N ALA Q 440 -65.58 -13.02 48.09
CA ALA Q 440 -66.57 -13.72 47.29
C ALA Q 440 -66.72 -15.18 47.73
N THR Q 441 -65.59 -15.83 48.07
CA THR Q 441 -65.67 -17.23 48.51
C THR Q 441 -66.41 -17.34 49.84
N ALA Q 442 -66.11 -16.47 50.80
CA ALA Q 442 -66.82 -16.48 52.07
C ALA Q 442 -68.28 -16.06 51.92
N GLN Q 443 -68.57 -15.16 50.98
CA GLN Q 443 -69.96 -14.79 50.72
C GLN Q 443 -70.74 -15.96 50.16
N THR Q 444 -70.16 -16.72 49.23
CA THR Q 444 -70.86 -17.87 48.68
C THR Q 444 -71.02 -18.98 49.70
N VAL Q 445 -69.98 -19.20 50.54
CA VAL Q 445 -70.07 -20.22 51.58
C VAL Q 445 -71.13 -19.85 52.61
N GLY Q 446 -71.16 -18.58 53.02
CA GLY Q 446 -72.20 -18.12 53.93
C GLY Q 446 -73.59 -18.16 53.33
N ALA Q 447 -73.71 -17.89 52.03
CA ALA Q 447 -75.00 -17.99 51.36
C ALA Q 447 -75.50 -19.43 51.31
N LEU Q 448 -74.62 -20.38 51.01
CA LEU Q 448 -75.01 -21.78 51.04
C LEU Q 448 -75.35 -22.24 52.47
N ALA Q 449 -74.56 -21.81 53.45
CA ALA Q 449 -74.83 -22.15 54.84
C ALA Q 449 -76.12 -21.50 55.34
N GLY Q 450 -76.52 -20.37 54.74
CA GLY Q 450 -77.78 -19.76 55.10
C GLY Q 450 -78.97 -20.39 54.41
N THR Q 451 -78.79 -20.85 53.17
CA THR Q 451 -79.81 -21.68 52.53
C THR Q 451 -79.99 -23.00 53.27
N LEU Q 452 -78.96 -23.46 53.99
CA LEU Q 452 -79.11 -24.65 54.80
C LEU Q 452 -79.75 -24.34 56.16
N TYR Q 453 -79.13 -23.45 56.94
CA TYR Q 453 -79.57 -23.13 58.29
C TYR Q 453 -80.05 -21.68 58.34
N GLY Q 454 -81.09 -21.44 59.13
CA GLY Q 454 -81.66 -20.11 59.24
C GLY Q 454 -80.83 -19.19 60.12
N GLN Q 455 -81.40 -18.02 60.39
CA GLN Q 455 -80.72 -16.99 61.19
C GLN Q 455 -80.76 -17.40 62.66
N SER Q 456 -79.89 -18.37 62.99
CA SER Q 456 -79.60 -18.68 64.38
C SER Q 456 -78.13 -18.99 64.64
N TRP Q 457 -77.31 -19.24 63.60
CA TRP Q 457 -75.91 -19.57 63.78
C TRP Q 457 -74.99 -18.37 63.67
N VAL Q 458 -75.50 -17.22 63.24
CA VAL Q 458 -74.70 -16.01 63.12
C VAL Q 458 -74.39 -15.52 64.53
N PRO Q 459 -73.12 -15.40 64.90
CA PRO Q 459 -72.78 -14.97 66.26
C PRO Q 459 -73.12 -13.51 66.50
N GLU Q 460 -73.32 -13.19 67.78
CA GLU Q 460 -73.66 -11.82 68.16
C GLU Q 460 -72.52 -10.85 67.89
N ARG Q 461 -71.27 -11.34 67.85
CA ARG Q 461 -70.16 -10.47 67.45
C ARG Q 461 -70.29 -10.03 66.00
N TRP Q 462 -70.65 -10.96 65.11
CA TRP Q 462 -70.86 -10.60 63.71
C TRP Q 462 -72.11 -9.76 63.53
N TRP Q 463 -73.15 -10.02 64.33
CA TRP Q 463 -74.35 -9.20 64.30
C TRP Q 463 -74.05 -7.75 64.70
N ARG Q 464 -73.31 -7.57 65.79
CA ARG Q 464 -72.96 -6.22 66.25
C ARG Q 464 -71.97 -5.56 65.30
N GLY Q 465 -71.05 -6.32 64.71
CA GLY Q 465 -70.14 -5.74 63.74
C GLY Q 465 -70.83 -5.31 62.46
N LEU Q 466 -71.82 -6.10 62.02
CA LEU Q 466 -72.63 -5.70 60.87
C LEU Q 466 -73.45 -4.46 61.18
N GLY Q 467 -74.00 -4.39 62.40
CA GLY Q 467 -74.81 -3.25 62.77
C GLY Q 467 -74.04 -1.99 63.05
N GLU Q 468 -72.82 -2.09 63.58
CA GLU Q 468 -72.07 -0.92 64.03
C GLU Q 468 -71.09 -0.41 62.98
N GLY Q 469 -71.11 -0.96 61.78
CA GLY Q 469 -70.20 -0.56 60.72
C GLY Q 469 -70.70 0.64 59.95
N VAL Q 470 -69.97 0.96 58.87
CA VAL Q 470 -70.40 2.04 57.99
C VAL Q 470 -71.62 1.63 57.17
N GLU Q 471 -71.70 0.35 56.80
CA GLU Q 471 -72.91 -0.19 56.18
C GLU Q 471 -73.70 -0.98 57.22
N GLY Q 472 -74.22 -0.25 58.20
CA GLY Q 472 -74.86 -0.85 59.34
C GLY Q 472 -76.25 -0.30 59.58
N GLU Q 473 -76.88 -0.86 60.61
CA GLU Q 473 -78.23 -0.51 61.05
C GLU Q 473 -79.21 -0.65 59.90
N ALA Q 474 -79.36 0.41 59.12
CA ALA Q 474 -80.24 0.39 57.95
C ALA Q 474 -79.76 -0.64 56.93
N GLY Q 475 -78.45 -0.78 56.76
CA GLY Q 475 -77.94 -1.78 55.83
C GLY Q 475 -78.21 -3.21 56.28
N ARG Q 476 -78.02 -3.48 57.57
CA ARG Q 476 -78.29 -4.82 58.10
C ARG Q 476 -79.77 -5.16 58.01
N GLU Q 477 -80.64 -4.22 58.38
CA GLU Q 477 -82.08 -4.50 58.25
C GLU Q 477 -82.53 -4.52 56.80
N ALA Q 478 -81.83 -3.84 55.89
CA ALA Q 478 -82.14 -3.95 54.47
C ALA Q 478 -81.75 -5.31 53.93
N VAL Q 479 -80.64 -5.86 54.41
CA VAL Q 479 -80.26 -7.24 54.06
C VAL Q 479 -81.30 -8.21 54.59
N VAL Q 480 -81.77 -7.98 55.82
CA VAL Q 480 -82.82 -8.82 56.41
C VAL Q 480 -84.12 -8.72 55.60
N GLN Q 481 -84.48 -7.51 55.17
CA GLN Q 481 -85.68 -7.32 54.37
C GLN Q 481 -85.55 -7.93 52.98
N ALA Q 482 -84.35 -7.90 52.40
CA ALA Q 482 -84.12 -8.60 51.14
C ALA Q 482 -84.29 -10.11 51.31
N GLY Q 483 -83.82 -10.64 52.44
CA GLY Q 483 -84.08 -12.05 52.75
C GLY Q 483 -85.57 -12.33 52.92
N ARG Q 484 -86.30 -11.43 53.57
CA ARG Q 484 -87.74 -11.58 53.73
C ARG Q 484 -88.45 -11.59 52.39
N ALA Q 485 -88.05 -10.69 51.48
CA ALA Q 485 -88.66 -10.64 50.16
C ALA Q 485 -88.28 -11.86 49.34
N LEU Q 486 -87.07 -12.39 49.54
CA LEU Q 486 -86.66 -13.60 48.83
C LEU Q 486 -87.46 -14.82 49.31
N ALA Q 487 -87.77 -14.87 50.61
CA ALA Q 487 -88.64 -15.93 51.11
C ALA Q 487 -90.07 -15.76 50.61
N ALA Q 488 -90.55 -14.52 50.56
CA ALA Q 488 -91.94 -14.23 50.26
C ALA Q 488 -92.24 -14.18 48.76
N VAL Q 489 -91.22 -14.13 47.91
CA VAL Q 489 -91.47 -14.03 46.47
C VAL Q 489 -91.97 -15.39 45.96
N GLU Q 490 -92.97 -15.34 45.09
CA GLU Q 490 -93.54 -16.52 44.48
C GLU Q 490 -93.30 -16.46 42.97
N LEU Q 491 -93.18 -17.63 42.35
CA LEU Q 491 -92.85 -17.72 40.94
C LEU Q 491 -93.74 -18.65 40.14
N ALA Q 492 -94.36 -19.66 40.78
CA ALA Q 492 -95.29 -20.60 40.12
C ALA Q 492 -94.65 -21.28 38.91
N ASP Q 493 -93.39 -21.70 39.08
CA ASP Q 493 -92.58 -22.31 38.02
C ASP Q 493 -92.45 -21.39 36.81
N GLY Q 494 -91.87 -20.22 37.05
CA GLY Q 494 -91.62 -19.25 36.00
C GLY Q 494 -92.68 -18.16 35.89
N LEU Q 495 -92.31 -16.93 36.22
CA LEU Q 495 -93.19 -15.78 36.07
C LEU Q 495 -92.39 -14.50 35.90
N ALA R 33 -27.35 -30.27 16.25
CA ALA R 33 -27.11 -28.83 16.29
C ALA R 33 -28.26 -28.11 16.99
N ALA R 34 -29.01 -28.87 17.79
CA ALA R 34 -30.12 -28.39 18.62
C ALA R 34 -31.19 -27.68 17.77
N VAL R 35 -31.81 -28.47 16.90
CA VAL R 35 -32.89 -27.98 16.05
C VAL R 35 -34.20 -28.03 16.83
N ASP R 36 -34.97 -26.95 16.80
CA ASP R 36 -36.28 -26.93 17.44
C ASP R 36 -37.24 -27.80 16.65
N LYS R 37 -37.34 -29.06 17.06
CA LYS R 37 -38.13 -30.04 16.33
C LYS R 37 -39.62 -29.74 16.39
N ALA R 38 -40.07 -29.07 17.46
CA ALA R 38 -41.48 -28.66 17.54
C ALA R 38 -41.81 -27.62 16.48
N LYS R 39 -40.95 -26.61 16.33
CA LYS R 39 -41.14 -25.60 15.28
C LYS R 39 -41.05 -26.23 13.90
N VAL R 40 -40.08 -27.14 13.71
CA VAL R 40 -39.92 -27.81 12.42
C VAL R 40 -41.17 -28.61 12.08
N LEU R 41 -41.71 -29.34 13.06
CA LEU R 41 -42.91 -30.15 12.84
C LEU R 41 -44.12 -29.27 12.55
N GLU R 42 -44.25 -28.13 13.24
CA GLU R 42 -45.37 -27.23 12.99
C GLU R 42 -45.33 -26.66 11.57
N ASP R 43 -44.14 -26.20 11.14
CA ASP R 43 -44.04 -25.67 9.78
C ASP R 43 -44.18 -26.76 8.72
N VAL R 44 -43.71 -27.98 9.02
CA VAL R 44 -43.88 -29.09 8.08
C VAL R 44 -45.35 -29.43 7.91
N ARG R 45 -46.09 -29.49 9.02
CA ARG R 45 -47.53 -29.71 8.98
C ARG R 45 -48.24 -28.61 8.19
N SER R 46 -47.82 -27.35 8.41
CA SER R 46 -48.42 -26.23 7.69
C SER R 46 -48.18 -26.35 6.18
N ILE R 47 -46.97 -26.75 5.78
CA ILE R 47 -46.66 -26.89 4.36
C ILE R 47 -47.48 -28.01 3.73
N ILE R 48 -47.53 -29.17 4.39
CA ILE R 48 -48.29 -30.33 3.92
C ILE R 48 -49.76 -29.96 3.71
N SER R 49 -50.36 -29.32 4.72
CA SER R 49 -51.76 -28.89 4.66
C SER R 49 -51.98 -27.87 3.55
N THR R 50 -51.13 -26.84 3.50
CA THR R 50 -51.20 -25.78 2.49
C THR R 50 -51.18 -26.33 1.08
N GLN R 51 -50.26 -27.25 0.79
CA GLN R 51 -50.22 -27.88 -0.53
C GLN R 51 -51.49 -28.70 -0.80
N LEU R 52 -51.84 -29.60 0.12
CA LEU R 52 -52.95 -30.52 -0.14
C LEU R 52 -54.31 -29.84 -0.16
N GLY R 53 -54.70 -29.23 0.96
CA GLY R 53 -55.98 -28.56 1.06
C GLY R 53 -56.58 -28.67 2.45
N THR R 54 -56.12 -29.64 3.23
CA THR R 54 -56.57 -29.85 4.60
C THR R 54 -56.19 -28.70 5.53
N GLU R 55 -56.79 -28.65 6.71
CA GLU R 55 -56.41 -27.68 7.74
C GLU R 55 -55.20 -28.17 8.51
N LEU R 56 -54.70 -27.31 9.39
CA LEU R 56 -53.54 -27.64 10.22
C LEU R 56 -53.90 -28.76 11.19
N GLU R 57 -55.18 -28.97 11.46
CA GLU R 57 -55.57 -29.99 12.42
C GLU R 57 -55.36 -31.39 11.86
N LYS R 58 -55.94 -31.64 10.68
CA LYS R 58 -55.86 -32.90 9.95
C LYS R 58 -54.43 -33.39 9.76
N VAL R 59 -53.49 -32.47 9.52
CA VAL R 59 -52.09 -32.84 9.47
C VAL R 59 -51.55 -33.07 10.89
N ALA R 60 -51.62 -34.28 11.31
CA ALA R 60 -51.11 -34.76 12.58
C ALA R 60 -49.74 -35.41 12.38
N PRO R 61 -48.87 -35.38 13.41
CA PRO R 61 -47.55 -36.05 13.32
C PRO R 61 -47.58 -37.49 12.83
N GLU R 62 -48.36 -38.35 13.49
CA GLU R 62 -48.39 -39.77 13.12
C GLU R 62 -49.13 -40.04 11.81
N ALA R 63 -49.86 -39.05 11.27
CA ALA R 63 -50.62 -39.27 10.05
C ALA R 63 -49.69 -39.57 8.88
N LYS R 64 -50.07 -40.56 8.09
CA LYS R 64 -49.36 -40.91 6.87
C LYS R 64 -49.86 -40.00 5.76
N PHE R 65 -48.98 -39.65 4.83
CA PHE R 65 -49.40 -38.90 3.65
C PHE R 65 -50.46 -39.66 2.86
N VAL R 66 -50.35 -41.00 2.85
CA VAL R 66 -51.30 -41.87 2.17
C VAL R 66 -52.72 -41.63 2.69
N ASP R 67 -52.85 -41.43 4.01
CA ASP R 67 -54.13 -41.12 4.64
C ASP R 67 -54.70 -39.84 4.07
N LEU R 68 -53.85 -38.83 3.92
CA LEU R 68 -54.29 -37.57 3.35
C LEU R 68 -54.62 -37.68 1.88
N GLY R 69 -54.23 -38.78 1.23
CA GLY R 69 -54.61 -38.97 -0.16
C GLY R 69 -53.78 -38.16 -1.12
N ALA R 70 -52.57 -37.80 -0.74
CA ALA R 70 -51.60 -37.26 -1.68
C ALA R 70 -51.05 -38.40 -2.51
N ASP R 71 -51.13 -38.28 -3.83
CA ASP R 71 -50.61 -39.31 -4.72
C ASP R 71 -49.07 -39.34 -4.67
N LEU R 73 -46.76 -38.52 -7.01
CA LEU R 73 -46.28 -37.26 -7.54
C LEU R 73 -46.61 -36.10 -6.61
N ASP R 74 -47.74 -36.21 -5.90
CA ASP R 74 -48.12 -35.16 -4.95
C ASP R 74 -47.21 -35.14 -3.73
N THR R 75 -46.88 -36.31 -3.20
CA THR R 75 -45.87 -36.47 -2.15
C THR R 75 -44.53 -35.88 -2.59
N VAL R 76 -44.18 -36.11 -3.85
CA VAL R 76 -42.94 -35.53 -4.39
C VAL R 76 -43.03 -34.01 -4.43
N GLU R 77 -44.18 -33.47 -4.85
CA GLU R 77 -44.41 -32.03 -4.84
C GLU R 77 -44.35 -31.46 -3.43
N ILE R 78 -44.83 -32.22 -2.45
CA ILE R 78 -44.77 -31.80 -1.05
C ILE R 78 -43.33 -31.76 -0.56
N MET R 79 -42.52 -32.75 -0.96
CA MET R 79 -41.10 -32.72 -0.62
C MET R 79 -40.39 -31.53 -1.26
N MET R 80 -40.76 -31.22 -2.50
CA MET R 80 -40.24 -30.02 -3.16
C MET R 80 -40.63 -28.74 -2.42
N ALA R 81 -41.87 -28.66 -1.96
CA ALA R 81 -42.30 -27.48 -1.21
C ALA R 81 -41.58 -27.37 0.11
N LEU R 82 -41.35 -28.51 0.77
CA LEU R 82 -40.58 -28.51 2.01
C LEU R 82 -39.16 -28.02 1.77
N GLU R 83 -38.54 -28.47 0.66
CA GLU R 83 -37.21 -27.99 0.29
C GLU R 83 -37.21 -26.50 0.05
N GLU R 84 -38.24 -26.00 -0.66
CA GLU R 84 -38.32 -24.57 -0.96
C GLU R 84 -38.53 -23.75 0.31
N LYS R 85 -39.36 -24.25 1.23
CA LYS R 85 -39.66 -23.48 2.44
C LYS R 85 -38.47 -23.46 3.38
N PHE R 86 -37.79 -24.59 3.57
CA PHE R 86 -36.70 -24.65 4.53
C PHE R 86 -35.35 -24.29 3.91
N GLU R 87 -35.30 -24.08 2.58
CA GLU R 87 -34.09 -23.69 1.85
C GLU R 87 -32.94 -24.67 2.09
N ILE R 88 -33.26 -25.95 2.14
CA ILE R 88 -32.28 -27.00 2.39
C ILE R 88 -32.41 -28.05 1.30
N ALA R 89 -31.40 -28.91 1.23
CA ALA R 89 -31.37 -30.04 0.31
C ALA R 89 -31.88 -31.27 1.05
N LEU R 90 -32.98 -31.84 0.57
CA LEU R 90 -33.52 -33.04 1.20
C LEU R 90 -32.61 -34.24 0.93
N GLU R 91 -32.53 -35.12 1.92
CA GLU R 91 -31.68 -36.30 1.80
C GLU R 91 -32.34 -37.27 0.84
N GLU R 92 -31.90 -37.25 -0.43
CA GLU R 92 -32.45 -38.03 -1.53
C GLU R 92 -32.64 -39.49 -1.16
N GLU R 93 -31.53 -40.19 -0.90
CA GLU R 93 -31.57 -41.55 -0.40
C GLU R 93 -32.27 -41.57 0.94
N GLY R 94 -33.47 -42.14 0.98
CA GLY R 94 -34.36 -42.02 2.12
C GLY R 94 -35.63 -41.23 1.86
N ALA R 95 -35.74 -40.56 0.72
CA ALA R 95 -36.99 -39.89 0.37
C ALA R 95 -38.06 -40.88 -0.05
N GLU R 96 -37.67 -42.08 -0.48
CA GLU R 96 -38.65 -43.14 -0.73
C GLU R 96 -39.22 -43.69 0.57
N LYS R 97 -38.63 -43.36 1.71
CA LYS R 97 -39.01 -43.89 3.01
C LYS R 97 -39.56 -42.79 3.92
N ILE R 98 -40.10 -41.72 3.33
CA ILE R 98 -40.78 -40.67 4.09
C ILE R 98 -42.25 -41.04 4.11
N ALA R 99 -42.71 -41.58 5.23
CA ALA R 99 -44.07 -42.08 5.37
C ALA R 99 -44.93 -41.19 6.26
N THR R 100 -44.47 -40.91 7.48
CA THR R 100 -45.24 -40.09 8.41
C THR R 100 -44.82 -38.63 8.30
N VAL R 101 -45.72 -37.75 8.74
CA VAL R 101 -45.39 -36.35 8.96
C VAL R 101 -44.27 -36.23 9.97
N GLN R 102 -44.27 -37.10 10.99
CA GLN R 102 -43.18 -37.13 11.95
C GLN R 102 -41.86 -37.54 11.28
N ASP R 103 -41.91 -38.50 10.34
CA ASP R 103 -40.70 -38.88 9.62
C ASP R 103 -40.19 -37.75 8.74
N ALA R 104 -41.11 -37.05 8.06
CA ALA R 104 -40.71 -35.92 7.23
C ALA R 104 -40.08 -34.81 8.06
N ALA R 105 -40.70 -34.49 9.21
CA ALA R 105 -40.14 -33.47 10.09
C ALA R 105 -38.82 -33.92 10.72
N ASP R 106 -38.67 -35.22 11.00
CA ASP R 106 -37.43 -35.71 11.59
C ASP R 106 -36.28 -35.68 10.59
N MET R 107 -36.53 -36.10 9.35
CA MET R 107 -35.51 -36.00 8.32
C MET R 107 -35.16 -34.55 8.02
N ILE R 108 -36.17 -33.68 7.98
CA ILE R 108 -35.92 -32.26 7.75
C ILE R 108 -35.11 -31.66 8.88
N ALA R 109 -35.47 -31.97 10.14
CA ALA R 109 -34.75 -31.43 11.29
C ALA R 109 -33.32 -31.94 11.35
N ALA R 110 -33.10 -33.21 10.98
CA ALA R 110 -31.74 -33.74 10.87
C ALA R 110 -30.96 -33.00 9.81
N GLN R 111 -31.60 -32.65 8.69
CA GLN R 111 -30.92 -31.89 7.65
C GLN R 111 -30.62 -30.45 8.09
N ILE R 112 -31.53 -29.84 8.86
CA ILE R 112 -31.28 -28.50 9.39
C ILE R 112 -30.11 -28.53 10.36
N ALA R 113 -30.01 -29.60 11.16
CA ALA R 113 -28.87 -29.76 12.06
C ALA R 113 -27.57 -30.00 11.29
N ALA R 114 -27.63 -30.77 10.21
CA ALA R 114 -26.43 -31.10 9.46
C ALA R 114 -26.01 -30.00 8.48
N LYS R 115 -26.89 -29.04 8.19
CA LYS R 115 -26.54 -27.94 7.30
C LYS R 115 -25.43 -27.10 7.88
N GLY R 116 -25.56 -26.73 9.15
CA GLY R 116 -24.50 -26.02 9.80
C GLY R 116 -23.34 -26.91 10.16
N ASN R 117 -22.23 -26.78 9.43
CA ASN R 117 -21.05 -27.61 9.65
C ASN R 117 -19.82 -26.99 9.00
N ARG S 24 -66.98 48.25 -59.27
CA ARG S 24 -66.11 47.21 -58.76
C ARG S 24 -65.91 46.13 -59.80
N GLU S 25 -64.65 45.94 -60.22
CA GLU S 25 -64.33 45.04 -61.31
C GLU S 25 -64.51 43.58 -60.89
N ALA S 26 -64.73 42.73 -61.89
CA ALA S 26 -65.00 41.31 -61.68
C ALA S 26 -63.82 40.42 -62.07
N ILE S 27 -63.22 40.66 -63.24
CA ILE S 27 -62.08 39.90 -63.77
C ILE S 27 -62.37 38.41 -63.80
N PRO S 28 -63.10 37.92 -64.81
CA PRO S 28 -63.52 36.51 -64.85
C PRO S 28 -62.34 35.54 -64.78
N ALA S 29 -62.60 34.37 -64.21
CA ALA S 29 -61.55 33.42 -63.84
C ALA S 29 -60.75 32.89 -65.03
N GLU S 30 -61.31 32.97 -66.24
CA GLU S 30 -60.56 32.57 -67.43
C GLU S 30 -59.36 33.49 -67.68
N LEU S 31 -59.36 34.69 -67.12
CA LEU S 31 -58.21 35.58 -67.16
C LEU S 31 -57.40 35.52 -65.88
N LEU S 32 -57.72 34.60 -64.96
CA LEU S 32 -57.00 34.46 -63.70
C LEU S 32 -56.47 33.07 -63.43
N LEU S 33 -56.98 32.04 -64.10
CA LEU S 33 -56.57 30.67 -63.86
C LEU S 33 -55.70 30.17 -65.01
N VAL S 34 -54.81 29.24 -64.69
CA VAL S 34 -53.87 28.69 -65.66
C VAL S 34 -54.52 27.49 -66.34
N LYS S 35 -54.58 27.53 -67.67
CA LYS S 35 -55.07 26.40 -68.45
C LYS S 35 -53.89 25.54 -68.89
N GLU S 36 -53.32 24.83 -67.93
CA GLU S 36 -52.21 23.92 -68.19
C GLU S 36 -52.75 22.52 -68.43
N ASP S 37 -52.43 21.95 -69.58
CA ASP S 37 -52.82 20.58 -69.91
C ASP S 37 -51.64 19.65 -69.68
N PRO S 38 -51.68 18.70 -68.72
CA PRO S 38 -50.59 17.72 -68.60
C PRO S 38 -50.45 16.72 -69.73
N SER S 39 -50.47 17.17 -70.98
CA SER S 39 -50.14 16.35 -72.13
C SER S 39 -49.02 16.94 -72.97
N LYS S 40 -49.03 18.25 -73.17
CA LYS S 40 -47.98 18.94 -73.92
C LYS S 40 -46.68 19.06 -73.13
N LEU S 41 -46.69 18.74 -71.84
CA LEU S 41 -45.49 18.77 -71.05
C LEU S 41 -44.48 17.73 -71.56
N PRO S 42 -43.19 18.00 -71.42
CA PRO S 42 -42.19 17.00 -71.82
C PRO S 42 -42.25 15.78 -70.92
N ALA S 43 -41.70 14.67 -71.42
CA ALA S 43 -41.75 13.40 -70.72
C ALA S 43 -40.91 13.47 -69.45
N GLY S 44 -41.47 12.97 -68.34
CA GLY S 44 -40.80 12.97 -67.06
C GLY S 44 -41.00 14.22 -66.24
N VAL S 45 -41.59 15.28 -66.82
CA VAL S 45 -41.82 16.50 -66.08
C VAL S 45 -42.92 16.31 -65.04
N LEU S 46 -44.02 15.66 -65.43
CA LEU S 46 -45.12 15.40 -64.51
C LEU S 46 -44.71 14.35 -63.49
N GLN S 47 -44.62 14.76 -62.23
CA GLN S 47 -44.15 13.88 -61.17
C GLN S 47 -45.21 12.84 -60.82
N THR S 48 -44.79 11.58 -60.71
CA THR S 48 -45.68 10.52 -60.30
C THR S 48 -45.84 10.54 -58.78
N ARG S 49 -46.76 9.69 -58.29
CA ARG S 49 -47.03 9.64 -56.86
C ARG S 49 -45.86 9.07 -56.08
N GLU S 50 -45.18 8.07 -56.65
CA GLU S 50 -44.00 7.50 -56.00
C GLU S 50 -42.86 8.52 -55.93
N GLN S 51 -42.68 9.30 -57.01
CA GLN S 51 -41.66 10.35 -57.01
C GLN S 51 -42.00 11.45 -56.01
N LEU S 52 -43.29 11.82 -55.92
CA LEU S 52 -43.70 12.82 -54.95
C LEU S 52 -43.51 12.33 -53.52
N LYS S 53 -43.80 11.04 -53.27
CA LYS S 53 -43.58 10.47 -51.95
C LYS S 53 -42.10 10.44 -51.58
N GLN S 54 -41.25 10.08 -52.55
CA GLN S 54 -39.81 10.09 -52.31
C GLN S 54 -39.29 11.50 -52.03
N ALA S 55 -39.79 12.49 -52.78
CA ALA S 55 -39.40 13.88 -52.56
C ALA S 55 -39.84 14.36 -51.18
N GLN S 56 -41.05 13.99 -50.77
CA GLN S 56 -41.54 14.38 -49.46
C GLN S 56 -40.73 13.73 -48.35
N ARG S 57 -40.36 12.46 -48.52
CA ARG S 57 -39.51 11.78 -47.54
C ARG S 57 -38.14 12.45 -47.44
N ASP S 58 -37.57 12.84 -48.58
CA ASP S 58 -36.27 13.50 -48.58
C ASP S 58 -36.34 14.87 -47.91
N ILE S 59 -37.43 15.62 -48.15
CA ILE S 59 -37.61 16.91 -47.50
C ILE S 59 -37.77 16.73 -45.99
N ASN S 60 -38.55 15.73 -45.57
CA ASN S 60 -38.75 15.47 -44.14
C ASN S 60 -37.45 15.05 -43.46
N TRP S 61 -36.64 14.24 -44.12
CA TRP S 61 -35.37 13.84 -43.52
C TRP S 61 -34.38 15.00 -43.48
N ALA S 62 -34.34 15.82 -44.53
CA ALA S 62 -33.43 16.97 -44.54
C ALA S 62 -33.87 18.05 -43.55
N GLY S 63 -35.13 18.06 -43.16
CA GLY S 63 -35.59 19.03 -42.18
C GLY S 63 -35.30 18.68 -40.74
N LYS S 64 -34.75 17.49 -40.47
CA LYS S 64 -34.47 17.08 -39.11
C LYS S 64 -33.15 16.33 -38.95
N ARG S 65 -32.32 16.27 -40.00
CA ARG S 65 -31.12 15.43 -39.97
C ARG S 65 -30.08 15.97 -38.98
N GLU S 66 -29.78 17.26 -39.05
CA GLU S 66 -28.79 17.85 -38.16
C GLU S 66 -29.28 17.83 -36.71
N GLN S 67 -30.59 18.06 -36.51
CA GLN S 67 -31.16 17.98 -35.18
C GLN S 67 -31.05 16.57 -34.61
N VAL S 68 -31.30 15.55 -35.45
CA VAL S 68 -31.20 14.17 -35.00
C VAL S 68 -29.77 13.81 -34.63
N PHE S 69 -28.80 14.23 -35.45
CA PHE S 69 -27.40 13.91 -35.15
C PHE S 69 -26.90 14.63 -33.89
N ALA S 70 -27.27 15.91 -33.73
CA ALA S 70 -26.90 16.64 -32.52
C ALA S 70 -27.55 16.03 -31.29
N ALA S 71 -28.81 15.59 -31.42
CA ALA S 71 -29.49 14.92 -30.32
C ALA S 71 -28.84 13.59 -29.98
N VAL S 72 -28.32 12.87 -30.97
CA VAL S 72 -27.65 11.60 -30.70
C VAL S 72 -26.34 11.83 -29.94
N ALA S 73 -25.56 12.84 -30.36
CA ALA S 73 -24.31 13.14 -29.66
C ALA S 73 -24.58 13.62 -28.22
N ALA S 74 -25.55 14.52 -28.06
CA ALA S 74 -25.90 14.99 -26.72
C ALA S 74 -26.50 13.86 -25.87
N GLY S 75 -27.21 12.91 -26.50
CA GLY S 75 -27.73 11.78 -25.77
C GLY S 75 -26.64 10.85 -25.29
N TRP S 76 -25.58 10.68 -26.09
CA TRP S 76 -24.43 9.90 -25.63
C TRP S 76 -23.77 10.56 -24.43
N HIS S 77 -23.57 11.87 -24.49
CA HIS S 77 -22.98 12.58 -23.35
C HIS S 77 -23.88 12.51 -22.12
N LEU S 78 -25.20 12.62 -22.32
CA LEU S 78 -26.15 12.52 -21.22
C LEU S 78 -26.20 11.12 -20.64
N ALA S 79 -26.01 10.09 -21.47
CA ALA S 79 -25.96 8.71 -20.97
C ALA S 79 -24.73 8.51 -20.11
N SER S 80 -23.58 9.07 -20.52
CA SER S 80 -22.39 9.01 -19.68
C SER S 80 -22.60 9.72 -18.35
N PHE S 81 -23.24 10.91 -18.39
CA PHE S 81 -23.49 11.65 -17.16
C PHE S 81 -24.48 10.92 -16.25
N ALA S 82 -25.49 10.26 -16.83
CA ALA S 82 -26.44 9.50 -16.03
C ALA S 82 -25.81 8.25 -15.43
N LEU S 83 -24.85 7.64 -16.14
CA LEU S 83 -24.08 6.55 -15.56
C LEU S 83 -23.26 7.02 -14.36
N ASN S 84 -22.64 8.20 -14.48
CA ASN S 84 -21.93 8.78 -13.34
C ASN S 84 -22.88 9.11 -12.19
N LEU S 85 -24.10 9.55 -12.51
CA LEU S 85 -25.09 9.82 -11.48
C LEU S 85 -25.51 8.54 -10.76
N ALA S 86 -25.65 7.44 -11.51
CA ALA S 86 -25.97 6.16 -10.88
C ALA S 86 -24.80 5.65 -10.04
N PHE S 87 -23.57 6.00 -10.42
CA PHE S 87 -22.43 5.76 -9.54
C PHE S 87 -22.60 6.53 -8.23
N TRP S 88 -23.00 7.81 -8.34
CA TRP S 88 -23.26 8.71 -7.23
C TRP S 88 -22.05 8.89 -6.32
N GLY S 89 -21.97 8.15 -5.22
CA GLY S 89 -20.94 8.40 -4.23
C GLY S 89 -19.85 7.35 -4.11
N VAL S 90 -19.61 6.88 -2.90
CA VAL S 90 -18.53 5.93 -2.61
C VAL S 90 -19.09 4.52 -2.33
N GLU S 91 -20.40 4.40 -2.08
CA GLU S 91 -21.01 3.15 -1.67
C GLU S 91 -20.92 2.10 -2.78
N GLY S 92 -20.69 0.86 -2.38
CA GLY S 92 -20.52 -0.24 -3.29
C GLY S 92 -19.10 -0.48 -3.75
N MET S 93 -18.15 0.40 -3.38
CA MET S 93 -16.79 0.30 -3.82
C MET S 93 -15.88 -0.08 -2.66
N PRO S 94 -15.02 -1.08 -2.84
CA PRO S 94 -14.10 -1.46 -1.77
C PRO S 94 -12.97 -0.47 -1.65
N PRO S 95 -12.35 -0.35 -0.49
CA PRO S 95 -11.09 0.40 -0.40
C PRO S 95 -9.99 -0.32 -1.15
N ASP S 96 -9.10 0.46 -1.75
CA ASP S 96 -8.06 -0.06 -2.61
C ASP S 96 -6.69 0.29 -2.03
N ARG S 97 -5.83 -0.71 -1.87
CA ARG S 97 -4.50 -0.45 -1.36
C ARG S 97 -3.58 0.14 -2.41
N TYR S 98 -3.93 0.00 -3.70
CA TYR S 98 -3.16 0.63 -4.75
C TYR S 98 -3.57 2.07 -4.99
N TRP S 99 -4.79 2.45 -4.60
CA TRP S 99 -5.30 3.80 -4.80
C TRP S 99 -5.89 4.32 -3.49
N PRO S 100 -5.06 4.80 -2.57
CA PRO S 100 -5.60 5.55 -1.42
C PRO S 100 -6.17 6.88 -1.87
N THR S 101 -6.98 7.48 -1.00
CA THR S 101 -7.67 8.71 -1.34
C THR S 101 -6.76 9.93 -1.35
N SER S 102 -5.51 9.80 -0.93
CA SER S 102 -4.61 10.93 -0.89
C SER S 102 -3.41 10.72 -1.81
N PRO S 103 -3.15 11.65 -2.73
CA PRO S 103 -1.96 11.53 -3.59
C PRO S 103 -0.65 11.57 -2.84
N ARG S 104 -0.62 12.22 -1.67
CA ARG S 104 0.59 12.18 -0.85
C ARG S 104 0.84 10.80 -0.28
N ILE S 105 -0.23 10.04 0.01
CA ILE S 105 -0.07 8.63 0.35
C ILE S 105 0.42 7.84 -0.85
N ARG S 106 -0.19 8.09 -2.01
CA ARG S 106 0.13 7.31 -3.21
C ARG S 106 1.58 7.48 -3.62
N LEU S 107 2.05 8.73 -3.67
CA LEU S 107 3.45 9.02 -3.90
C LEU S 107 4.17 9.04 -2.55
N GLN S 108 5.40 9.55 -2.53
CA GLN S 108 6.16 9.67 -1.29
C GLN S 108 6.58 11.13 -1.18
N ILE S 109 5.70 11.95 -0.62
CA ILE S 109 5.92 13.40 -0.53
C ILE S 109 5.85 13.80 0.94
N ARG S 110 7.01 14.17 1.53
CA ARG S 110 7.03 14.63 2.93
C ARG S 110 7.77 15.94 2.96
N PRO S 111 7.35 16.85 3.83
CA PRO S 111 8.13 18.07 4.05
C PRO S 111 9.44 17.77 4.78
N GLY S 112 10.50 18.50 4.41
CA GLY S 112 11.73 18.28 5.13
C GLY S 112 12.36 19.55 5.69
N ARG S 113 13.66 19.51 6.07
CA ARG S 113 14.35 20.63 6.72
C ARG S 113 14.23 21.98 5.98
N TYR S 114 14.34 21.97 4.64
CA TYR S 114 14.25 23.23 3.88
C TYR S 114 12.81 23.48 3.48
N GLY S 115 12.29 24.66 3.85
CA GLY S 115 10.94 25.05 3.55
C GLY S 115 10.03 25.18 4.76
N ASN S 116 10.12 24.25 5.71
CA ASN S 116 9.20 24.32 6.86
C ASN S 116 9.71 25.33 7.87
N MET S 117 8.82 26.25 8.24
CA MET S 117 9.12 27.28 9.22
C MET S 117 7.90 27.44 10.12
N ASP S 118 8.14 27.99 11.32
CA ASP S 118 7.14 28.09 12.37
C ASP S 118 5.84 28.78 11.92
N GLY S 119 5.97 29.92 11.24
CA GLY S 119 4.84 30.63 10.69
C GLY S 119 3.99 29.81 9.72
N GLY S 120 4.65 28.82 9.10
CA GLY S 120 3.94 27.91 8.21
C GLY S 120 2.81 27.16 8.90
N GLN S 121 2.93 26.93 10.21
CA GLN S 121 1.82 26.35 10.96
C GLN S 121 0.61 27.29 10.96
N ARG S 122 0.85 28.60 11.09
CA ARG S 122 -0.25 29.57 11.06
C ARG S 122 -0.89 29.60 9.68
N VAL S 123 -0.06 29.58 8.65
CA VAL S 123 -0.58 29.65 7.31
C VAL S 123 -1.36 28.38 6.99
N TYR S 124 -0.82 27.24 7.43
CA TYR S 124 -1.49 25.95 7.28
C TYR S 124 -2.85 25.93 7.99
N MET S 125 -2.90 26.51 9.19
CA MET S 125 -4.16 26.62 9.93
C MET S 125 -5.18 27.44 9.14
N ASP S 126 -4.74 28.56 8.57
CA ASP S 126 -5.66 29.41 7.81
C ASP S 126 -6.14 28.72 6.53
N TYR S 127 -5.24 28.07 5.81
CA TYR S 127 -5.64 27.32 4.61
C TYR S 127 -6.57 26.17 4.93
N LEU S 128 -6.32 25.47 6.04
CA LEU S 128 -7.19 24.38 6.44
C LEU S 128 -8.56 24.88 6.89
N ALA S 129 -8.61 26.04 7.55
CA ALA S 129 -9.88 26.65 7.90
C ALA S 129 -10.68 27.02 6.66
N ARG S 130 -10.02 27.62 5.67
CA ARG S 130 -10.71 27.98 4.44
C ARG S 130 -11.15 26.75 3.65
N SER S 131 -10.33 25.68 3.65
CA SER S 131 -10.66 24.47 2.91
C SER S 131 -11.81 23.71 3.57
N GLU S 132 -11.83 23.67 4.91
CA GLU S 132 -12.96 23.10 5.62
C GLU S 132 -14.21 23.96 5.47
N GLY S 133 -14.02 25.27 5.27
CA GLY S 133 -15.13 26.15 5.00
C GLY S 133 -15.56 27.03 6.15
N VAL S 134 -14.65 27.32 7.09
CA VAL S 134 -15.03 28.12 8.24
C VAL S 134 -14.32 29.49 8.16
N PRO S 135 -15.04 30.60 8.36
CA PRO S 135 -14.39 31.94 8.34
C PRO S 135 -13.90 32.39 9.71
N LEU S 136 -12.80 31.80 10.17
CA LEU S 136 -12.21 32.15 11.46
C LEU S 136 -10.82 32.75 11.34
N ASN S 137 -10.02 32.26 10.41
CA ASN S 137 -8.69 32.81 10.15
C ASN S 137 -8.24 32.52 8.73
N ASP T 17 -6.99 90.70 -50.06
CA ASP T 17 -6.81 92.10 -49.69
C ASP T 17 -6.42 92.25 -48.23
N SER T 18 -6.72 91.21 -47.43
CA SER T 18 -6.36 91.23 -46.02
C SER T 18 -4.85 91.25 -45.84
N VAL T 19 -4.12 90.46 -46.63
CA VAL T 19 -2.67 90.55 -46.64
C VAL T 19 -2.23 91.86 -47.29
N GLU T 20 -3.00 92.37 -48.25
CA GLU T 20 -2.65 93.60 -48.95
C GLU T 20 -2.85 94.82 -48.06
N GLN T 21 -3.74 94.74 -47.07
CA GLN T 21 -3.84 95.84 -46.11
C GLN T 21 -2.93 95.63 -44.90
N GLU T 22 -2.73 94.39 -44.45
CA GLU T 22 -1.94 94.16 -43.24
C GLU T 22 -0.45 94.29 -43.53
N PHE T 23 0.03 93.68 -44.61
CA PHE T 23 1.44 93.72 -44.95
C PHE T 23 1.76 94.66 -46.11
N GLY T 24 0.76 95.24 -46.76
CA GLY T 24 1.02 96.14 -47.87
C GLY T 24 1.54 97.51 -47.48
N GLY T 25 1.91 97.68 -46.20
CA GLY T 25 2.49 98.92 -45.74
C GLY T 25 3.98 99.02 -46.01
N ASP T 26 4.74 98.00 -45.63
CA ASP T 26 6.18 98.02 -45.85
C ASP T 26 6.67 96.79 -46.60
N TYR T 27 5.92 96.33 -47.61
CA TYR T 27 6.27 95.13 -48.35
C TYR T 27 5.95 95.35 -49.82
N SER T 28 6.67 94.62 -50.68
CA SER T 28 6.49 94.73 -52.12
C SER T 28 5.39 93.79 -52.59
N GLU T 29 5.03 93.88 -53.87
CA GLU T 29 4.07 92.94 -54.43
C GLU T 29 4.67 91.55 -54.58
N ALA T 30 5.99 91.44 -54.72
CA ALA T 30 6.64 90.14 -54.68
C ALA T 30 6.46 89.49 -53.31
N SER T 31 6.66 90.28 -52.23
CA SER T 31 6.41 89.77 -50.89
C SER T 31 4.93 89.48 -50.66
N LEU T 32 4.04 90.25 -51.30
CA LEU T 32 2.62 89.99 -51.13
C LEU T 32 2.19 88.70 -51.83
N GLU T 33 2.76 88.42 -53.01
CA GLU T 33 2.54 87.11 -53.64
C GLU T 33 3.16 86.00 -52.80
N TYR T 34 4.30 86.28 -52.16
CA TYR T 34 4.95 85.32 -51.27
C TYR T 34 4.05 84.96 -50.09
N ILE T 35 3.43 85.95 -49.47
CA ILE T 35 2.52 85.70 -48.34
C ILE T 35 1.22 85.05 -48.85
N ARG T 36 0.72 85.50 -50.00
CA ARG T 36 -0.54 84.98 -50.55
C ARG T 36 -0.43 83.51 -50.93
N ALA T 37 0.75 83.07 -51.34
CA ALA T 37 0.93 81.71 -51.85
C ALA T 37 1.22 80.70 -50.77
N LEU T 38 0.74 80.92 -49.55
CA LEU T 38 0.93 79.98 -48.45
C LEU T 38 -0.39 79.51 -47.86
N GLY T 39 -1.48 79.58 -48.62
CA GLY T 39 -2.78 79.20 -48.13
C GLY T 39 -3.46 80.35 -47.43
N PRO T 40 -4.48 80.05 -46.64
CA PRO T 40 -5.20 81.10 -45.91
C PRO T 40 -4.42 81.53 -44.68
N LYS T 41 -5.04 82.41 -43.90
CA LYS T 41 -4.51 82.78 -42.59
C LYS T 41 -4.72 81.63 -41.61
N LYS T 42 -4.22 81.83 -40.38
CA LYS T 42 -4.33 80.82 -39.32
C LYS T 42 -5.77 80.40 -39.10
N GLY T 43 -6.07 79.16 -39.42
CA GLY T 43 -7.41 78.64 -39.28
C GLY T 43 -7.43 77.36 -38.46
N ALA T 44 -8.22 76.38 -38.88
CA ALA T 44 -8.34 75.10 -38.20
C ALA T 44 -7.01 74.39 -37.98
N PRO T 45 -6.08 74.25 -39.00
CA PRO T 45 -4.78 73.61 -38.71
C PRO T 45 -3.92 74.39 -37.73
N PHE T 46 -4.28 75.63 -37.44
CA PHE T 46 -3.53 76.46 -36.51
C PHE T 46 -4.40 76.79 -35.29
N ALA T 47 -5.35 75.90 -34.98
CA ALA T 47 -6.15 75.92 -33.75
C ALA T 47 -7.13 77.09 -33.68
N GLU T 48 -7.16 77.93 -34.69
CA GLU T 48 -8.19 78.96 -34.81
C GLU T 48 -9.43 78.31 -35.43
N VAL T 49 -10.44 79.12 -35.74
CA VAL T 49 -11.65 78.62 -36.37
C VAL T 49 -11.65 79.06 -37.84
N ASP T 50 -12.14 78.17 -38.70
CA ASP T 50 -12.10 78.43 -40.14
C ASP T 50 -13.18 79.43 -40.53
N PRO T 51 -12.91 80.28 -41.53
CA PRO T 51 -13.95 81.18 -42.05
C PRO T 51 -15.13 80.44 -42.67
N ALA T 52 -14.88 79.29 -43.32
CA ALA T 52 -15.92 78.45 -43.89
C ALA T 52 -16.96 78.08 -42.86
N GLU T 53 -16.54 77.45 -41.76
CA GLU T 53 -17.48 77.05 -40.73
C GLU T 53 -17.95 78.25 -39.91
N GLN T 54 -17.14 79.30 -39.81
CA GLN T 54 -17.52 80.47 -39.03
C GLN T 54 -18.66 81.23 -39.69
N ALA T 55 -18.63 81.34 -41.02
CA ALA T 55 -19.69 82.05 -41.74
C ALA T 55 -21.00 81.26 -41.72
N ALA T 56 -20.94 79.96 -41.46
CA ALA T 56 -22.10 79.10 -41.53
C ALA T 56 -22.43 78.47 -40.17
N ALA T 57 -21.94 79.02 -39.07
CA ALA T 57 -22.36 78.49 -37.79
C ALA T 57 -23.38 79.37 -37.08
N LEU T 58 -22.93 80.54 -36.60
CA LEU T 58 -23.79 81.53 -35.96
C LEU T 58 -24.40 82.59 -36.89
N PRO T 59 -23.68 83.20 -37.85
CA PRO T 59 -24.29 84.27 -38.69
C PRO T 59 -25.50 83.82 -39.52
N PRO T 60 -25.77 82.49 -39.71
CA PRO T 60 -27.12 82.11 -40.14
C PRO T 60 -28.27 82.66 -39.30
N SER T 61 -28.02 82.98 -38.02
CA SER T 61 -29.05 83.62 -37.21
C SER T 61 -29.31 85.04 -37.71
N GLN T 62 -30.58 85.45 -37.65
CA GLN T 62 -31.04 86.79 -37.99
C GLN T 62 -31.78 87.32 -36.76
N ALA T 63 -32.45 88.47 -36.89
CA ALA T 63 -33.17 89.07 -35.78
C ALA T 63 -34.43 88.26 -35.47
N GLU T 64 -34.24 87.11 -34.81
CA GLU T 64 -35.28 86.12 -34.54
C GLU T 64 -35.99 85.69 -35.83
N CYS T 65 -35.20 85.55 -36.90
CA CYS T 65 -35.63 85.16 -38.24
C CYS T 65 -36.85 85.95 -38.72
N GLU T 66 -36.80 87.26 -38.48
CA GLU T 66 -37.90 88.20 -38.72
C GLU T 66 -39.17 87.76 -37.99
N ALA T 67 -39.05 87.54 -36.68
CA ALA T 67 -40.16 87.24 -35.76
C ALA T 67 -40.91 85.98 -36.20
N ALA T 68 -40.19 84.85 -36.09
CA ALA T 68 -40.69 83.51 -36.42
C ALA T 68 -41.14 83.43 -37.88
N LYS T 69 -40.30 83.97 -38.77
CA LYS T 69 -40.53 84.01 -40.22
C LYS T 69 -41.85 84.67 -40.55
N ALA T 70 -42.04 85.91 -40.05
CA ALA T 70 -43.33 86.57 -40.14
C ALA T 70 -43.75 86.91 -41.57
N VAL T 71 -42.79 87.04 -42.49
CA VAL T 71 -43.11 87.32 -43.89
C VAL T 71 -43.92 86.20 -44.51
N LEU T 72 -43.68 84.96 -44.09
CA LEU T 72 -44.55 83.84 -44.45
C LEU T 72 -45.65 83.62 -43.42
N GLU T 73 -45.37 83.92 -42.15
CA GLU T 73 -46.26 83.54 -41.07
C GLU T 73 -47.55 84.36 -41.08
N ASN T 74 -47.43 85.69 -41.23
CA ASN T 74 -48.63 86.54 -41.24
C ASN T 74 -49.51 86.22 -42.44
N TYR T 75 -48.89 86.02 -43.61
CA TYR T 75 -49.62 85.63 -44.81
C TYR T 75 -50.32 84.29 -44.61
N LYS T 76 -49.61 83.31 -44.04
CA LYS T 76 -50.17 81.98 -43.87
C LYS T 76 -51.28 81.96 -42.83
N ARG T 77 -51.10 82.70 -41.73
CA ARG T 77 -52.16 82.82 -40.73
C ARG T 77 -53.39 83.49 -41.32
N ASP T 78 -53.19 84.53 -42.13
CA ASP T 78 -54.31 85.21 -42.78
C ASP T 78 -55.08 84.27 -43.70
N ILE T 79 -54.38 83.57 -44.60
CA ILE T 79 -55.08 82.74 -45.57
C ILE T 79 -55.68 81.50 -44.90
N ASP T 80 -54.97 80.92 -43.93
CA ASP T 80 -55.48 79.72 -43.27
C ASP T 80 -56.68 80.03 -42.38
N ALA T 81 -56.68 81.19 -41.72
CA ALA T 81 -57.86 81.58 -40.96
C ALA T 81 -59.00 82.01 -41.87
N LEU T 82 -58.68 82.55 -43.05
CA LEU T 82 -59.72 82.86 -44.03
C LEU T 82 -60.34 81.59 -44.59
N LYS T 83 -59.58 80.49 -44.64
CA LYS T 83 -60.14 79.21 -45.07
C LYS T 83 -61.14 78.61 -44.06
N THR T 84 -61.53 79.26 -42.97
CA THR T 84 -62.49 78.67 -42.05
C THR T 84 -63.87 78.74 -42.70
N TYR T 85 -64.23 77.65 -43.37
CA TYR T 85 -65.56 77.39 -43.92
C TYR T 85 -65.53 75.96 -44.45
N ARG T 86 -66.65 75.54 -44.98
CA ARG T 86 -66.62 74.38 -45.85
C ARG T 86 -66.62 74.86 -47.29
N PRO T 87 -65.68 74.37 -48.13
CA PRO T 87 -65.53 74.93 -49.48
C PRO T 87 -66.73 74.73 -50.38
N SER T 88 -67.17 73.49 -50.53
CA SER T 88 -68.33 73.19 -51.37
C SER T 88 -69.07 72.00 -50.79
N GLU T 89 -70.36 71.92 -51.09
CA GLU T 89 -71.20 70.82 -50.67
C GLU T 89 -71.84 70.05 -51.82
N GLN T 90 -71.66 70.52 -53.07
CA GLN T 90 -72.18 69.77 -54.21
C GLN T 90 -71.35 68.52 -54.46
N GLU T 91 -70.03 68.60 -54.30
CA GLU T 91 -69.13 67.49 -54.50
C GLU T 91 -68.84 66.72 -53.23
N ARG T 92 -69.64 66.91 -52.18
CA ARG T 92 -69.43 66.19 -50.93
C ARG T 92 -69.87 64.73 -51.03
N ALA T 93 -70.65 64.37 -52.05
CA ALA T 93 -71.04 62.97 -52.22
C ALA T 93 -69.84 62.11 -52.58
N ALA T 94 -68.89 62.66 -53.34
CA ALA T 94 -67.62 61.97 -53.57
C ALA T 94 -66.84 61.83 -52.27
N ILE T 95 -66.93 62.81 -51.37
CA ILE T 95 -66.25 62.71 -50.08
C ILE T 95 -66.89 61.63 -49.23
N ASP T 96 -68.20 61.48 -49.30
CA ASP T 96 -68.88 60.40 -48.57
C ASP T 96 -68.55 59.04 -49.16
N ALA T 97 -68.47 58.95 -50.50
CA ALA T 97 -68.07 57.71 -51.14
C ALA T 97 -66.64 57.34 -50.77
N ARG T 98 -65.76 58.34 -50.67
CA ARG T 98 -64.37 58.08 -50.31
C ARG T 98 -64.21 57.76 -48.82
N ARG T 99 -65.04 58.34 -47.95
CA ARG T 99 -64.98 57.95 -46.54
C ARG T 99 -65.57 56.56 -46.32
N ALA T 100 -66.47 56.13 -47.21
CA ALA T 100 -66.85 54.71 -47.21
C ALA T 100 -65.73 53.85 -47.78
N LEU T 101 -64.98 54.38 -48.75
CA LEU T 101 -63.84 53.67 -49.31
C LEU T 101 -62.73 53.45 -48.29
N ALA T 102 -62.58 54.38 -47.35
CA ALA T 102 -61.60 54.21 -46.29
C ALA T 102 -62.00 53.12 -45.30
N LEU T 103 -63.27 52.74 -45.25
CA LEU T 103 -63.73 51.67 -44.37
C LEU T 103 -64.03 50.37 -45.10
N GLU T 104 -64.46 50.44 -46.35
CA GLU T 104 -64.74 49.25 -47.16
C GLU T 104 -63.47 48.90 -47.95
N ALA T 105 -62.45 48.51 -47.19
CA ALA T 105 -61.12 48.25 -47.75
C ALA T 105 -60.27 47.49 -46.74
N THR T 106 -59.70 46.38 -47.18
CA THR T 106 -58.51 45.84 -46.54
C THR T 106 -57.35 46.79 -46.79
N PRO T 107 -56.35 46.83 -45.89
CA PRO T 107 -55.13 47.61 -46.19
C PRO T 107 -54.45 47.23 -47.50
N GLU T 108 -54.52 45.96 -47.90
CA GLU T 108 -54.05 45.56 -49.22
C GLU T 108 -54.85 46.25 -50.32
N GLU T 109 -56.18 46.34 -50.14
CA GLU T 109 -57.02 47.04 -51.12
C GLU T 109 -56.71 48.53 -51.16
N LEU T 110 -56.43 49.13 -50.00
CA LEU T 110 -56.07 50.54 -49.97
C LEU T 110 -54.74 50.80 -50.68
N THR T 111 -53.76 49.92 -50.46
CA THR T 111 -52.51 50.04 -51.20
C THR T 111 -52.73 49.83 -52.69
N TRP T 112 -53.64 48.93 -53.05
CA TRP T 112 -53.98 48.72 -54.46
C TRP T 112 -54.57 49.98 -55.08
N LEU T 113 -55.42 50.69 -54.33
CA LEU T 113 -55.97 51.95 -54.82
C LEU T 113 -54.89 53.02 -54.94
N LYS T 114 -53.93 53.03 -54.01
CA LYS T 114 -52.81 53.97 -54.11
C LYS T 114 -51.95 53.71 -55.35
N MET T 115 -51.66 52.44 -55.64
CA MET T 115 -50.92 52.14 -56.87
C MET T 115 -51.75 52.42 -58.11
N ARG T 116 -53.08 52.27 -58.03
CA ARG T 116 -53.94 52.64 -59.13
C ARG T 116 -53.86 54.14 -59.42
N GLU T 117 -53.86 54.96 -58.38
CA GLU T 117 -53.72 56.40 -58.55
C GLU T 117 -52.34 56.76 -59.13
N TYR T 118 -51.28 56.12 -58.62
CA TYR T 118 -49.93 56.40 -59.09
C TYR T 118 -49.75 56.00 -60.56
N TYR T 119 -50.25 54.84 -60.94
CA TYR T 119 -50.13 54.40 -62.33
C TYR T 119 -51.12 55.10 -63.25
N ALA T 120 -52.17 55.70 -62.70
CA ALA T 120 -53.03 56.56 -63.51
C ALA T 120 -52.35 57.88 -63.82
N THR T 121 -51.72 58.50 -62.83
CA THR T 121 -51.04 59.77 -63.09
C THR T 121 -49.70 59.59 -63.80
N GLN T 122 -49.11 58.39 -63.76
CA GLN T 122 -47.91 58.14 -64.54
C GLN T 122 -48.22 58.06 -66.02
N ARG T 123 -49.35 57.46 -66.38
CA ARG T 123 -49.75 57.34 -67.77
C ARG T 123 -51.22 57.74 -67.95
#